data_9CE8
#
_entry.id   9CE8
#
_cell.length_a   1.00
_cell.length_b   1.00
_cell.length_c   1.00
_cell.angle_alpha   90.00
_cell.angle_beta   90.00
_cell.angle_gamma   90.00
#
_symmetry.space_group_name_H-M   'P 1'
#
loop_
_entity.id
_entity.type
_entity.pdbx_description
1 polymer 'Proteasome subunit alpha'
2 polymer 'Proteasome subunit beta'
3 non-polymer '[(1~{R})-1-[2-[[2,5-bis(chloranyl)phenyl]carbonylamino]ethanoylamino]-3-methyl-butyl]boronic acid'
#
loop_
_entity_poly.entity_id
_entity_poly.type
_entity_poly.pdbx_seq_one_letter_code
_entity_poly.pdbx_strand_id
1 'polypeptide(L)'
;MSFPYFISPEQAMRERSELARKGIARAKSVVALAYAGGVLFVAENPSRSLQKISELYDRVGFAAAGKFNEFDNLRRGGIQ
FADTRGYAYDRRDVTGRQLANVYAQTLGTIFTEQAKPYEVELCVAEVAHYGETKRPELYRITYDGSIADEPHFVVMGGTT
EPIANALKESYAENASLTDALRIAVAALRAGSADTSGGDQPTLGVASLEVAVLDANRPRRAFRRITGSALQALLVDQESP
QSDGESSG
;
A,B,C,D,E,F,G,H,I,J,K,L,M,N
2 'polypeptide(L)'
;TTIVALKYPGGVVMAGDRRSTQGNMISGRDVRKVYITDDYTATGIAGTAAVAVEFARLYAVELEHYEKLEGVPLTFAGKI
NRLAIMVRGNLAAAMQGLLALPLLAGYDIHASDPQSAGRIVSFDAAGGWNIEEEGYQAVGSGSLFAKSSMKKLYSQVTDG
DSGLRVAVEALYDAADDDSATGGPDLVRGIFPTAVIIDADGAVDVPESRIAELARAIIESRSGADTFGSDGGEK
;
O,P,Q,R,S,T,U,V,W,X,Y,Z,a,b
#
# COMPACT_ATOMS: atom_id res chain seq x y z
N SER A 8 57.66 -27.32 43.60
CA SER A 8 57.51 -28.66 43.04
C SER A 8 56.06 -29.11 43.09
N PRO A 9 55.56 -29.64 41.98
CA PRO A 9 54.17 -30.14 41.96
C PRO A 9 53.91 -31.24 42.99
N GLU A 10 54.91 -32.10 43.25
CA GLU A 10 54.71 -33.19 44.20
C GLU A 10 54.35 -32.66 45.59
N GLN A 11 55.08 -31.65 46.06
CA GLN A 11 54.82 -31.12 47.39
C GLN A 11 53.43 -30.47 47.46
N ALA A 12 53.03 -29.76 46.41
CA ALA A 12 51.71 -29.14 46.41
C ALA A 12 50.61 -30.19 46.44
N MET A 13 50.73 -31.23 45.60
CA MET A 13 49.73 -32.28 45.60
C MET A 13 49.67 -33.01 46.94
N ARG A 14 50.84 -33.28 47.53
CA ARG A 14 50.87 -33.96 48.83
C ARG A 14 50.22 -33.10 49.91
N GLU A 15 50.51 -31.81 49.93
CA GLU A 15 49.93 -30.92 50.93
C GLU A 15 48.42 -30.81 50.76
N ARG A 16 47.94 -30.70 49.52
CA ARG A 16 46.51 -30.61 49.29
C ARG A 16 45.81 -31.92 49.69
N SER A 17 46.41 -33.06 49.35
CA SER A 17 45.84 -34.34 49.75
C SER A 17 45.81 -34.48 51.26
N GLU A 18 46.85 -34.02 51.95
CA GLU A 18 46.88 -34.09 53.41
C GLU A 18 45.80 -33.20 54.02
N LEU A 19 45.59 -32.01 53.46
CA LEU A 19 44.53 -31.13 53.94
C LEU A 19 43.16 -31.79 53.77
N ALA A 20 42.92 -32.37 52.59
CA ALA A 20 41.64 -33.04 52.35
C ALA A 20 41.46 -34.23 53.28
N ARG A 21 42.54 -34.98 53.53
CA ARG A 21 42.46 -36.13 54.42
C ARG A 21 42.12 -35.71 55.84
N LYS A 22 42.76 -34.64 56.33
CA LYS A 22 42.44 -34.15 57.67
C LYS A 22 40.98 -33.67 57.75
N GLY A 23 40.54 -32.93 56.72
CA GLY A 23 39.16 -32.46 56.72
C GLY A 23 38.16 -33.59 56.74
N ILE A 24 38.43 -34.66 55.97
CA ILE A 24 37.55 -35.82 55.99
C ILE A 24 37.61 -36.51 57.35
N ALA A 25 38.81 -36.61 57.93
CA ALA A 25 38.99 -37.36 59.17
C ALA A 25 38.31 -36.69 60.35
N ARG A 26 38.20 -35.36 60.34
CA ARG A 26 37.58 -34.65 61.45
C ARG A 26 36.07 -34.49 61.29
N ALA A 27 35.42 -35.38 60.54
CA ALA A 27 33.99 -35.31 60.27
C ALA A 27 33.28 -36.54 60.84
N LYS A 28 31.96 -36.54 60.71
CA LYS A 28 31.13 -37.64 61.20
C LYS A 28 31.08 -38.75 60.15
N SER A 29 30.30 -39.79 60.43
CA SER A 29 30.24 -40.99 59.61
C SER A 29 28.87 -41.17 58.99
N VAL A 30 28.85 -41.55 57.71
CA VAL A 30 27.63 -41.86 56.98
C VAL A 30 27.76 -43.27 56.41
N VAL A 31 26.69 -44.04 56.47
CA VAL A 31 26.71 -45.45 56.07
C VAL A 31 25.56 -45.72 55.13
N ALA A 32 25.85 -46.35 54.00
CA ALA A 32 24.82 -46.71 53.03
C ALA A 32 24.87 -48.23 52.82
N LEU A 33 23.72 -48.87 52.98
CA LEU A 33 23.60 -50.31 52.90
C LEU A 33 22.57 -50.69 51.84
N ALA A 34 22.69 -51.91 51.33
CA ALA A 34 21.76 -52.46 50.36
C ALA A 34 21.01 -53.62 51.00
N TYR A 35 19.68 -53.54 51.01
CA TYR A 35 18.82 -54.58 51.55
C TYR A 35 17.77 -54.95 50.50
N ALA A 36 16.92 -55.92 50.85
CA ALA A 36 15.94 -56.46 49.91
C ALA A 36 15.02 -55.38 49.35
N GLY A 37 14.65 -54.40 50.18
CA GLY A 37 13.79 -53.33 49.72
C GLY A 37 14.46 -52.22 48.96
N GLY A 38 15.78 -52.18 48.96
CA GLY A 38 16.51 -51.16 48.23
C GLY A 38 17.78 -50.70 48.91
N VAL A 39 17.89 -49.39 49.13
CA VAL A 39 19.07 -48.77 49.73
C VAL A 39 18.66 -48.01 50.97
N LEU A 40 19.47 -48.14 52.03
CA LEU A 40 19.23 -47.47 53.31
C LEU A 40 20.41 -46.58 53.65
N PHE A 41 20.13 -45.32 53.98
CA PHE A 41 21.14 -44.35 54.40
C PHE A 41 20.97 -44.04 55.87
N VAL A 42 22.05 -44.14 56.64
CA VAL A 42 22.07 -43.85 58.06
C VAL A 42 23.21 -42.89 58.36
N ALA A 43 22.90 -41.78 59.03
CA ALA A 43 23.89 -40.79 59.41
C ALA A 43 23.61 -40.32 60.83
N GLU A 44 24.66 -39.82 61.48
CA GLU A 44 24.55 -39.25 62.82
C GLU A 44 24.52 -37.73 62.69
N ASN A 45 23.32 -37.15 62.77
CA ASN A 45 23.16 -35.71 62.62
C ASN A 45 22.18 -35.18 63.66
N PRO A 46 22.63 -34.35 64.60
CA PRO A 46 21.71 -33.84 65.62
C PRO A 46 20.75 -32.79 65.09
N SER A 47 21.20 -31.94 64.16
CA SER A 47 20.36 -30.86 63.66
C SER A 47 19.21 -31.39 62.81
N ARG A 48 18.03 -30.80 62.99
CA ARG A 48 16.84 -31.15 62.22
C ARG A 48 16.64 -30.27 61.00
N SER A 49 17.47 -29.25 60.81
CA SER A 49 17.33 -28.34 59.67
C SER A 49 18.35 -28.58 58.57
N LEU A 50 19.54 -29.04 58.91
CA LEU A 50 20.59 -29.33 57.94
C LEU A 50 20.65 -30.84 57.71
N GLN A 51 20.53 -31.24 56.46
CA GLN A 51 20.44 -32.65 56.09
C GLN A 51 21.62 -33.06 55.23
N LYS A 52 22.02 -34.32 55.38
CA LYS A 52 23.13 -34.89 54.63
C LYS A 52 22.70 -35.90 53.57
N ILE A 53 21.48 -36.43 53.66
CA ILE A 53 20.95 -37.39 52.70
C ILE A 53 19.83 -36.72 51.93
N SER A 54 19.86 -36.85 50.60
CA SER A 54 18.90 -36.17 49.76
C SER A 54 18.53 -37.04 48.56
N GLU A 55 17.53 -36.58 47.82
CA GLU A 55 17.05 -37.25 46.62
C GLU A 55 17.48 -36.44 45.39
N LEU A 56 18.03 -37.13 44.40
CA LEU A 56 18.45 -36.48 43.16
C LEU A 56 17.41 -36.59 42.05
N TYR A 57 16.83 -37.77 41.87
CA TYR A 57 15.82 -37.99 40.85
C TYR A 57 14.85 -39.05 41.37
N ASP A 58 14.09 -39.64 40.45
CA ASP A 58 13.05 -40.59 40.83
C ASP A 58 13.62 -41.79 41.58
N ARG A 59 14.73 -42.35 41.09
CA ARG A 59 15.32 -43.55 41.70
C ARG A 59 16.78 -43.34 42.07
N VAL A 60 17.20 -42.11 42.31
CA VAL A 60 18.59 -41.80 42.63
C VAL A 60 18.66 -41.10 43.98
N GLY A 61 19.61 -41.51 44.81
CA GLY A 61 19.80 -40.91 46.12
C GLY A 61 21.24 -40.47 46.32
N PHE A 62 21.40 -39.42 47.10
CA PHE A 62 22.69 -38.75 47.29
C PHE A 62 23.02 -38.69 48.77
N ALA A 63 24.26 -39.04 49.11
CA ALA A 63 24.76 -38.91 50.47
C ALA A 63 26.13 -38.25 50.43
N ALA A 64 26.46 -37.50 51.48
CA ALA A 64 27.69 -36.74 51.52
C ALA A 64 28.23 -36.66 52.94
N ALA A 65 29.55 -36.58 53.05
CA ALA A 65 30.23 -36.38 54.32
C ALA A 65 31.26 -35.26 54.17
N GLY A 66 31.31 -34.37 55.15
CA GLY A 66 32.25 -33.27 55.13
C GLY A 66 31.65 -31.94 55.53
N LYS A 67 32.04 -30.87 54.84
CA LYS A 67 31.53 -29.53 55.14
C LYS A 67 30.18 -29.33 54.45
N PHE A 68 29.20 -28.85 55.20
CA PHE A 68 27.83 -28.75 54.69
C PHE A 68 27.75 -27.82 53.49
N ASN A 69 28.32 -26.62 53.61
CA ASN A 69 28.26 -25.64 52.53
C ASN A 69 29.05 -26.08 51.30
N GLU A 70 29.90 -27.10 51.41
CA GLU A 70 30.67 -27.57 50.27
C GLU A 70 29.92 -28.60 49.44
N PHE A 71 29.20 -29.54 50.08
CA PHE A 71 28.43 -30.50 49.31
C PHE A 71 27.00 -30.07 49.03
N ASP A 72 26.51 -29.01 49.68
CA ASP A 72 25.20 -28.48 49.32
C ASP A 72 25.19 -27.97 47.88
N ASN A 73 26.26 -27.28 47.48
CA ASN A 73 26.37 -26.80 46.11
C ASN A 73 26.43 -27.97 45.12
N LEU A 74 27.15 -29.02 45.46
CA LEU A 74 27.22 -30.20 44.60
C LEU A 74 25.85 -30.85 44.44
N ARG A 75 25.10 -30.96 45.55
CA ARG A 75 23.75 -31.51 45.47
C ARG A 75 22.84 -30.68 44.58
N ARG A 76 22.90 -29.36 44.71
CA ARG A 76 22.09 -28.49 43.85
C ARG A 76 22.46 -28.66 42.38
N GLY A 77 23.75 -28.72 42.09
CA GLY A 77 24.19 -28.91 40.71
C GLY A 77 23.72 -30.24 40.13
N GLY A 78 23.77 -31.30 40.95
CA GLY A 78 23.30 -32.59 40.48
C GLY A 78 21.82 -32.59 40.15
N ILE A 79 21.02 -31.93 41.01
CA ILE A 79 19.58 -31.83 40.72
C ILE A 79 19.35 -31.08 39.43
N GLN A 80 20.10 -29.99 39.20
CA GLN A 80 19.95 -29.24 37.96
C GLN A 80 20.26 -30.09 36.74
N PHE A 81 21.37 -30.84 36.79
CA PHE A 81 21.74 -31.70 35.67
C PHE A 81 20.66 -32.73 35.39
N ALA A 82 20.14 -33.36 36.45
CA ALA A 82 19.15 -34.42 36.27
C ALA A 82 17.85 -33.87 35.66
N ASP A 83 17.37 -32.72 36.15
CA ASP A 83 16.13 -32.19 35.62
C ASP A 83 16.29 -31.73 34.17
N THR A 84 17.42 -31.10 33.85
CA THR A 84 17.61 -30.66 32.47
C THR A 84 17.73 -31.85 31.53
N ARG A 85 18.43 -32.91 31.93
CA ARG A 85 18.52 -34.09 31.07
C ARG A 85 17.18 -34.80 30.94
N GLY A 86 16.40 -34.88 32.03
CA GLY A 86 15.10 -35.51 31.94
C GLY A 86 14.15 -34.77 31.01
N TYR A 87 14.18 -33.45 31.06
CA TYR A 87 13.37 -32.69 30.10
C TYR A 87 13.95 -32.76 28.69
N ALA A 88 15.26 -32.95 28.56
CA ALA A 88 15.89 -32.97 27.25
C ALA A 88 15.47 -34.19 26.44
N TYR A 89 15.58 -35.38 27.03
CA TYR A 89 15.26 -36.61 26.32
C TYR A 89 14.04 -37.33 26.90
N ASP A 90 14.11 -37.73 28.16
CA ASP A 90 13.04 -38.47 28.83
C ASP A 90 13.43 -38.70 30.29
N ARG A 91 12.43 -39.06 31.10
CA ARG A 91 12.69 -39.35 32.51
C ARG A 91 13.40 -40.69 32.70
N ARG A 92 13.15 -41.64 31.81
CA ARG A 92 13.73 -42.98 31.93
C ARG A 92 15.13 -43.08 31.34
N ASP A 93 15.66 -41.99 30.79
CA ASP A 93 17.00 -41.98 30.22
C ASP A 93 18.04 -41.42 31.20
N VAL A 94 17.68 -41.26 32.46
CA VAL A 94 18.58 -40.71 33.48
C VAL A 94 19.01 -41.84 34.40
N THR A 95 20.32 -41.99 34.56
CA THR A 95 20.91 -43.04 35.39
C THR A 95 21.92 -42.42 36.36
N GLY A 96 22.27 -43.19 37.39
CA GLY A 96 23.19 -42.71 38.40
C GLY A 96 24.63 -42.65 37.95
N ARG A 97 25.00 -43.44 36.95
CA ARG A 97 26.38 -43.45 36.47
C ARG A 97 26.76 -42.10 35.86
N GLN A 98 25.84 -41.49 35.11
CA GLN A 98 26.10 -40.17 34.54
C GLN A 98 26.30 -39.13 35.64
N LEU A 99 25.48 -39.18 36.68
CA LEU A 99 25.64 -38.25 37.80
C LEU A 99 26.97 -38.46 38.50
N ALA A 100 27.35 -39.73 38.71
CA ALA A 100 28.64 -40.02 39.32
C ALA A 100 29.80 -39.51 38.48
N ASN A 101 29.72 -39.67 37.16
CA ASN A 101 30.77 -39.16 36.28
C ASN A 101 30.85 -37.64 36.34
N VAL A 102 29.70 -36.97 36.37
CA VAL A 102 29.70 -35.50 36.44
C VAL A 102 30.31 -35.06 37.76
N TYR A 103 29.96 -35.73 38.85
CA TYR A 103 30.53 -35.39 40.16
C TYR A 103 32.03 -35.61 40.17
N ALA A 104 32.50 -36.70 39.57
CA ALA A 104 33.93 -36.97 39.53
C ALA A 104 34.67 -35.91 38.74
N GLN A 105 34.13 -35.51 37.60
CA GLN A 105 34.77 -34.45 36.80
C GLN A 105 34.81 -33.14 37.56
N THR A 106 33.69 -32.77 38.20
CA THR A 106 33.66 -31.51 38.96
C THR A 106 34.65 -31.53 40.11
N LEU A 107 34.72 -32.64 40.86
CA LEU A 107 35.64 -32.73 41.99
C LEU A 107 37.09 -32.71 41.53
N GLY A 108 37.39 -33.38 40.42
CA GLY A 108 38.75 -33.33 39.89
C GLY A 108 39.14 -31.92 39.46
N THR A 109 38.24 -31.22 38.79
CA THR A 109 38.53 -29.85 38.37
C THR A 109 38.73 -28.94 39.58
N ILE A 110 37.91 -29.11 40.62
CA ILE A 110 38.06 -28.31 41.83
C ILE A 110 39.40 -28.61 42.51
N PHE A 111 39.74 -29.89 42.63
CA PHE A 111 41.00 -30.26 43.27
C PHE A 111 42.20 -29.77 42.49
N THR A 112 42.08 -29.67 41.16
CA THR A 112 43.22 -29.26 40.35
C THR A 112 43.39 -27.74 40.32
N GLU A 113 42.31 -27.01 40.07
CA GLU A 113 42.40 -25.58 39.78
C GLU A 113 42.16 -24.69 41.00
N GLN A 114 41.19 -25.02 41.85
CA GLN A 114 40.83 -24.13 42.94
C GLN A 114 41.95 -24.03 43.97
N ALA A 115 42.00 -22.89 44.67
CA ALA A 115 43.05 -22.65 45.64
C ALA A 115 42.96 -23.64 46.81
N LYS A 116 41.76 -23.91 47.29
CA LYS A 116 41.56 -24.83 48.41
C LYS A 116 40.71 -26.01 47.96
N PRO A 117 41.17 -27.25 48.12
CA PRO A 117 40.37 -28.40 47.71
C PRO A 117 39.16 -28.60 48.61
N TYR A 118 38.14 -29.24 48.03
CA TYR A 118 36.92 -29.54 48.78
C TYR A 118 37.14 -30.73 49.69
N GLU A 119 36.70 -30.61 50.93
CA GLU A 119 36.79 -31.69 51.92
C GLU A 119 35.44 -32.41 51.99
N VAL A 120 35.18 -33.21 50.96
CA VAL A 120 33.90 -33.90 50.83
C VAL A 120 34.13 -35.35 50.39
N GLU A 121 33.15 -36.19 50.70
CA GLU A 121 33.09 -37.56 50.23
C GLU A 121 31.66 -37.85 49.81
N LEU A 122 31.46 -38.30 48.57
CA LEU A 122 30.13 -38.42 48.01
C LEU A 122 29.77 -39.87 47.71
N CYS A 123 28.48 -40.19 47.83
CA CYS A 123 27.96 -41.50 47.50
C CYS A 123 26.65 -41.34 46.72
N VAL A 124 26.54 -42.07 45.61
CA VAL A 124 25.35 -42.05 44.76
C VAL A 124 24.77 -43.45 44.72
N ALA A 125 23.48 -43.58 45.00
CA ALA A 125 22.81 -44.87 45.00
C ALA A 125 21.66 -44.89 44.01
N GLU A 126 21.49 -46.01 43.31
CA GLU A 126 20.43 -46.16 42.34
C GLU A 126 19.75 -47.52 42.51
N VAL A 127 18.42 -47.54 42.36
CA VAL A 127 17.64 -48.76 42.45
C VAL A 127 16.93 -49.00 41.12
N ALA A 128 16.26 -50.14 41.00
CA ALA A 128 15.58 -50.50 39.76
C ALA A 128 14.23 -49.81 39.64
N HIS A 129 13.70 -49.80 38.43
CA HIS A 129 12.39 -49.23 38.18
C HIS A 129 11.29 -50.14 38.71
N TYR A 130 10.07 -49.61 38.77
CA TYR A 130 8.94 -50.37 39.29
C TYR A 130 8.63 -51.55 38.40
N GLY A 131 8.35 -52.70 39.02
CA GLY A 131 8.03 -53.89 38.27
C GLY A 131 9.22 -54.58 37.62
N GLU A 132 10.44 -54.31 38.10
CA GLU A 132 11.64 -54.89 37.52
C GLU A 132 12.55 -55.39 38.64
N THR A 133 13.43 -56.33 38.28
CA THR A 133 14.40 -56.91 39.20
C THR A 133 15.80 -56.54 38.75
N LYS A 134 16.56 -55.89 39.62
CA LYS A 134 17.92 -55.48 39.31
C LYS A 134 18.65 -55.16 40.61
N ARG A 135 19.94 -55.44 40.61
CA ARG A 135 20.76 -55.15 41.79
C ARG A 135 20.97 -53.65 41.93
N PRO A 136 20.79 -53.09 43.13
CA PRO A 136 21.09 -51.66 43.33
C PRO A 136 22.56 -51.37 43.11
N GLU A 137 22.84 -50.16 42.64
CA GLU A 137 24.20 -49.72 42.34
C GLU A 137 24.62 -48.61 43.28
N LEU A 138 25.85 -48.72 43.81
CA LEU A 138 26.42 -47.74 44.72
C LEU A 138 27.76 -47.27 44.19
N TYR A 139 27.93 -45.96 44.05
CA TYR A 139 29.17 -45.36 43.59
C TYR A 139 29.72 -44.40 44.64
N ARG A 140 31.02 -44.47 44.86
CA ARG A 140 31.71 -43.63 45.83
C ARG A 140 32.68 -42.72 45.10
N ILE A 141 32.65 -41.43 45.45
CA ILE A 141 33.50 -40.41 44.83
C ILE A 141 34.28 -39.69 45.92
N THR A 142 35.57 -39.54 45.71
CA THR A 142 36.47 -38.92 46.68
C THR A 142 36.80 -37.49 46.25
N TYR A 143 37.64 -36.83 47.05
CA TYR A 143 37.92 -35.41 46.83
C TYR A 143 38.73 -35.19 45.55
N ASP A 144 39.65 -36.10 45.24
CA ASP A 144 40.53 -35.91 44.09
C ASP A 144 39.86 -36.24 42.78
N GLY A 145 38.66 -36.84 42.79
CA GLY A 145 37.95 -37.19 41.57
C GLY A 145 37.89 -38.68 41.29
N SER A 146 38.48 -39.52 42.13
CA SER A 146 38.40 -40.96 41.91
C SER A 146 36.99 -41.46 42.14
N ILE A 147 36.55 -42.38 41.27
CA ILE A 147 35.21 -42.95 41.33
C ILE A 147 35.34 -44.46 41.41
N ALA A 148 34.60 -45.07 42.34
CA ALA A 148 34.64 -46.51 42.54
C ALA A 148 33.22 -47.04 42.68
N ASP A 149 33.05 -48.32 42.38
CA ASP A 149 31.77 -49.01 42.48
C ASP A 149 31.84 -50.01 43.62
N GLU A 150 30.86 -49.94 44.52
CA GLU A 150 30.79 -50.78 45.70
C GLU A 150 29.56 -51.67 45.63
N PRO A 151 29.70 -52.98 45.76
CA PRO A 151 28.55 -53.89 45.58
C PRO A 151 27.70 -54.06 46.83
N HIS A 152 28.28 -53.87 48.02
CA HIS A 152 27.60 -54.22 49.27
C HIS A 152 27.27 -53.00 50.12
N PHE A 153 28.26 -52.19 50.50
CA PHE A 153 28.01 -51.08 51.40
C PHE A 153 29.06 -50.01 51.20
N VAL A 154 28.73 -48.80 51.64
CA VAL A 154 29.65 -47.66 51.61
C VAL A 154 29.69 -47.01 52.98
N VAL A 155 30.89 -46.75 53.48
CA VAL A 155 31.09 -46.06 54.76
C VAL A 155 32.02 -44.88 54.49
N MET A 156 31.58 -43.67 54.84
CA MET A 156 32.38 -42.46 54.61
C MET A 156 32.47 -41.63 55.88
N GLY A 157 33.57 -40.89 56.00
CA GLY A 157 33.73 -39.93 57.07
C GLY A 157 34.25 -40.50 58.37
N GLY A 158 35.09 -39.73 59.05
CA GLY A 158 35.68 -40.15 60.31
C GLY A 158 36.58 -41.37 60.18
N THR A 159 36.69 -42.12 61.27
CA THR A 159 37.47 -43.35 61.31
C THR A 159 36.57 -44.49 60.87
N THR A 160 36.74 -44.92 59.61
CA THR A 160 35.85 -45.91 59.01
C THR A 160 36.32 -47.34 59.20
N GLU A 161 37.56 -47.57 59.67
CA GLU A 161 38.07 -48.93 59.76
C GLU A 161 37.28 -49.80 60.73
N PRO A 162 37.01 -49.40 61.98
CA PRO A 162 36.19 -50.27 62.83
C PRO A 162 34.78 -50.47 62.29
N ILE A 163 34.19 -49.42 61.71
CA ILE A 163 32.84 -49.56 61.16
C ILE A 163 32.86 -50.52 59.97
N ALA A 164 33.88 -50.39 59.11
CA ALA A 164 33.98 -51.27 57.95
C ALA A 164 34.17 -52.72 58.38
N ASN A 165 35.02 -52.95 59.39
CA ASN A 165 35.23 -54.31 59.87
C ASN A 165 33.95 -54.89 60.46
N ALA A 166 33.23 -54.11 61.27
CA ALA A 166 31.99 -54.59 61.87
C ALA A 166 30.95 -54.90 60.79
N LEU A 167 30.82 -54.03 59.79
CA LEU A 167 29.88 -54.28 58.71
C LEU A 167 30.26 -55.51 57.91
N LYS A 168 31.56 -55.69 57.64
CA LYS A 168 32.00 -56.84 56.87
C LYS A 168 31.72 -58.14 57.63
N GLU A 169 31.96 -58.13 58.95
CA GLU A 169 31.70 -59.33 59.72
C GLU A 169 30.20 -59.59 59.91
N SER A 170 29.38 -58.54 59.89
CA SER A 170 27.96 -58.67 60.21
C SER A 170 27.05 -58.54 59.00
N TYR A 171 27.57 -58.27 57.81
CA TYR A 171 26.71 -58.07 56.64
C TYR A 171 26.01 -59.37 56.26
N ALA A 172 24.72 -59.27 55.96
CA ALA A 172 23.91 -60.38 55.50
C ALA A 172 23.08 -59.94 54.31
N GLU A 173 23.15 -60.69 53.22
CA GLU A 173 22.43 -60.35 52.01
C GLU A 173 20.95 -60.65 52.15
N ASN A 174 20.13 -59.90 51.42
CA ASN A 174 18.67 -60.07 51.40
C ASN A 174 18.08 -59.96 52.81
N ALA A 175 18.60 -59.03 53.60
CA ALA A 175 18.11 -58.81 54.95
C ALA A 175 16.85 -57.95 54.93
N SER A 176 16.15 -57.95 56.07
CA SER A 176 14.96 -57.13 56.22
C SER A 176 15.34 -55.71 56.60
N LEU A 177 14.34 -54.84 56.65
CA LEU A 177 14.57 -53.44 56.96
C LEU A 177 15.00 -53.27 58.43
N THR A 178 14.29 -53.91 59.35
CA THR A 178 14.62 -53.78 60.77
C THR A 178 15.99 -54.36 61.08
N ASP A 179 16.28 -55.54 60.53
CA ASP A 179 17.56 -56.19 60.77
C ASP A 179 18.71 -55.36 60.22
N ALA A 180 18.54 -54.83 59.00
CA ALA A 180 19.58 -54.00 58.40
C ALA A 180 19.79 -52.71 59.21
N LEU A 181 18.69 -52.10 59.67
CA LEU A 181 18.81 -50.89 60.47
C LEU A 181 19.54 -51.16 61.78
N ARG A 182 19.19 -52.27 62.45
CA ARG A 182 19.86 -52.60 63.70
C ARG A 182 21.34 -52.90 63.48
N ILE A 183 21.65 -53.60 62.39
CA ILE A 183 23.04 -53.94 62.09
C ILE A 183 23.83 -52.67 61.80
N ALA A 184 23.26 -51.75 61.02
CA ALA A 184 23.93 -50.49 60.73
C ALA A 184 24.15 -49.67 61.99
N VAL A 185 23.15 -49.63 62.87
CA VAL A 185 23.27 -48.87 64.12
C VAL A 185 24.37 -49.47 65.00
N ALA A 186 24.39 -50.81 65.11
CA ALA A 186 25.44 -51.45 65.90
C ALA A 186 26.82 -51.18 65.31
N ALA A 187 26.95 -51.24 63.98
CA ALA A 187 28.24 -50.98 63.36
C ALA A 187 28.68 -49.53 63.58
N LEU A 188 27.74 -48.58 63.50
CA LEU A 188 28.08 -47.18 63.69
C LEU A 188 28.45 -46.88 65.15
N ARG A 189 27.81 -47.58 66.10
CA ARG A 189 28.12 -47.35 67.50
C ARG A 189 29.57 -47.72 67.81
N ALA A 190 30.05 -48.81 67.25
CA ALA A 190 31.43 -49.25 67.48
C ALA A 190 32.41 -48.37 66.72
N LEU A 203 22.54 -43.44 70.54
CA LEU A 203 21.98 -43.16 69.23
C LEU A 203 20.48 -43.47 69.23
N GLY A 204 19.69 -42.55 69.76
CA GLY A 204 18.25 -42.71 69.85
C GLY A 204 17.54 -42.03 68.71
N VAL A 205 16.34 -41.53 68.99
CA VAL A 205 15.60 -40.76 67.99
C VAL A 205 16.39 -39.51 67.61
N ALA A 206 16.98 -38.85 68.59
CA ALA A 206 17.81 -37.68 68.33
C ALA A 206 19.18 -38.10 67.78
N SER A 207 19.80 -37.18 67.06
CA SER A 207 21.13 -37.38 66.48
C SER A 207 21.15 -38.57 65.52
N LEU A 208 20.05 -38.79 64.79
CA LEU A 208 19.96 -39.88 63.84
C LEU A 208 19.19 -39.42 62.61
N GLU A 209 19.71 -39.73 61.43
CA GLU A 209 19.04 -39.44 60.16
C GLU A 209 18.99 -40.71 59.34
N VAL A 210 17.78 -41.17 59.04
CA VAL A 210 17.55 -42.42 58.33
C VAL A 210 16.69 -42.15 57.10
N ALA A 211 17.13 -42.66 55.95
CA ALA A 211 16.37 -42.52 54.71
C ALA A 211 16.42 -43.84 53.95
N VAL A 212 15.43 -44.04 53.08
CA VAL A 212 15.35 -45.27 52.29
C VAL A 212 14.95 -44.94 50.86
N LEU A 213 15.40 -45.78 49.93
CA LEU A 213 14.97 -45.74 48.54
C LEU A 213 14.07 -46.95 48.32
N ASP A 214 12.75 -46.72 48.32
CA ASP A 214 11.80 -47.83 48.28
C ASP A 214 11.61 -48.28 46.83
N ALA A 215 12.16 -49.45 46.50
CA ALA A 215 12.02 -49.97 45.14
C ALA A 215 10.59 -50.37 44.81
N ASN A 216 9.73 -50.53 45.80
CA ASN A 216 8.34 -50.92 45.59
C ASN A 216 7.44 -49.72 45.29
N ARG A 217 7.93 -48.50 45.48
CA ARG A 217 7.12 -47.33 45.19
C ARG A 217 6.95 -47.15 43.69
N PRO A 218 5.80 -46.62 43.24
CA PRO A 218 5.55 -46.52 41.79
C PRO A 218 6.53 -45.65 41.03
N ARG A 219 6.65 -44.37 41.41
CA ARG A 219 7.45 -43.42 40.66
C ARG A 219 8.63 -42.88 41.46
N ARG A 220 8.39 -42.30 42.62
CA ARG A 220 9.44 -41.75 43.46
C ARG A 220 9.73 -42.70 44.62
N ALA A 221 11.02 -43.00 44.82
CA ALA A 221 11.42 -44.05 45.75
C ALA A 221 11.99 -43.52 47.06
N PHE A 222 12.39 -42.26 47.12
CA PHE A 222 13.05 -41.72 48.31
C PHE A 222 12.02 -41.36 49.37
N ARG A 223 12.28 -41.79 50.61
CA ARG A 223 11.43 -41.39 51.73
C ARG A 223 12.22 -41.46 53.04
N ARG A 224 11.90 -40.54 53.94
CA ARG A 224 12.53 -40.43 55.24
C ARG A 224 11.72 -41.16 56.31
N ILE A 225 12.42 -41.71 57.29
CA ILE A 225 11.79 -42.37 58.43
C ILE A 225 12.22 -41.61 59.68
N THR A 226 11.33 -40.78 60.21
CA THR A 226 11.61 -39.98 61.40
C THR A 226 10.38 -39.95 62.29
N GLY A 227 10.63 -39.76 63.58
CA GLY A 227 9.54 -39.65 64.55
C GLY A 227 9.22 -40.94 65.28
N SER A 228 7.93 -41.22 65.45
CA SER A 228 7.51 -42.41 66.18
C SER A 228 7.86 -43.68 65.40
N ALA A 229 7.81 -43.62 64.07
CA ALA A 229 8.13 -44.80 63.26
C ALA A 229 9.58 -45.23 63.45
N LEU A 230 10.50 -44.26 63.54
CA LEU A 230 11.90 -44.58 63.75
C LEU A 230 12.11 -45.29 65.08
N GLN A 231 11.46 -44.81 66.14
CA GLN A 231 11.58 -45.47 67.44
C GLN A 231 10.95 -46.85 67.42
N ALA A 232 9.81 -46.99 66.72
CA ALA A 232 9.17 -48.30 66.61
C ALA A 232 10.06 -49.30 65.89
N LEU A 233 10.76 -48.84 64.84
CA LEU A 233 11.67 -49.71 64.10
C LEU A 233 13.03 -49.87 64.78
N LEU A 234 13.32 -49.09 65.81
CA LEU A 234 14.59 -49.18 66.50
C LEU A 234 14.50 -50.13 67.70
N SER B 8 52.90 -22.85 51.49
CA SER B 8 52.05 -23.94 51.94
C SER B 8 50.65 -23.45 52.27
N PRO B 9 49.63 -24.16 51.77
CA PRO B 9 48.24 -23.76 52.08
C PRO B 9 47.93 -23.75 53.56
N GLU B 10 48.52 -24.67 54.34
CA GLU B 10 48.24 -24.73 55.77
C GLU B 10 48.60 -23.42 56.45
N GLN B 11 49.79 -22.89 56.16
CA GLN B 11 50.22 -21.65 56.81
C GLN B 11 49.33 -20.48 56.43
N ALA B 12 48.92 -20.41 55.16
CA ALA B 12 48.04 -19.33 54.73
C ALA B 12 46.68 -19.41 55.43
N MET B 13 46.09 -20.61 55.49
CA MET B 13 44.81 -20.75 56.17
C MET B 13 44.93 -20.43 57.66
N ARG B 14 46.01 -20.89 58.29
CA ARG B 14 46.20 -20.61 59.71
C ARG B 14 46.35 -19.11 59.97
N GLU B 15 47.13 -18.42 59.13
CA GLU B 15 47.32 -16.98 59.30
C GLU B 15 46.01 -16.22 59.09
N ARG B 16 45.24 -16.60 58.07
CA ARG B 16 43.96 -15.93 57.82
C ARG B 16 42.98 -16.17 58.97
N SER B 17 42.93 -17.41 59.47
CA SER B 17 42.07 -17.71 60.61
C SER B 17 42.49 -16.92 61.84
N GLU B 18 43.80 -16.79 62.06
CA GLU B 18 44.28 -16.02 63.22
C GLU B 18 43.91 -14.54 63.08
N LEU B 19 44.03 -13.99 61.87
CA LEU B 19 43.64 -12.61 61.64
C LEU B 19 42.14 -12.42 61.93
N ALA B 20 41.31 -13.32 61.42
CA ALA B 20 39.88 -13.23 61.66
C ALA B 20 39.56 -13.36 63.16
N ARG B 21 40.25 -14.27 63.84
CA ARG B 21 40.02 -14.46 65.27
C ARG B 21 40.39 -13.21 66.06
N LYS B 22 41.53 -12.58 65.74
CA LYS B 22 41.89 -11.33 66.42
C LYS B 22 40.87 -10.23 66.13
N GLY B 23 40.44 -10.11 64.88
CA GLY B 23 39.46 -9.09 64.55
C GLY B 23 38.14 -9.28 65.30
N ILE B 24 37.70 -10.54 65.42
CA ILE B 24 36.50 -10.82 66.20
C ILE B 24 36.73 -10.52 67.66
N ALA B 25 37.90 -10.88 68.19
CA ALA B 25 38.16 -10.75 69.62
C ALA B 25 38.26 -9.29 70.06
N ARG B 26 38.69 -8.40 69.18
CA ARG B 26 38.81 -6.99 69.54
C ARG B 26 37.53 -6.19 69.30
N ALA B 27 36.38 -6.85 69.31
CA ALA B 27 35.10 -6.21 69.04
C ALA B 27 34.19 -6.30 70.27
N LYS B 28 33.01 -5.68 70.16
CA LYS B 28 32.04 -5.69 71.24
C LYS B 28 31.20 -6.96 71.17
N SER B 29 30.21 -7.06 72.06
CA SER B 29 29.41 -8.27 72.22
C SER B 29 27.96 -8.01 71.86
N VAL B 30 27.36 -8.97 71.15
CA VAL B 30 25.95 -8.95 70.79
C VAL B 30 25.31 -10.24 71.28
N VAL B 31 24.10 -10.14 71.83
CA VAL B 31 23.43 -11.27 72.45
C VAL B 31 22.01 -11.38 71.91
N ALA B 32 21.63 -12.57 71.47
CA ALA B 32 20.29 -12.81 70.97
C ALA B 32 19.66 -13.92 71.80
N LEU B 33 18.47 -13.65 72.34
CA LEU B 33 17.76 -14.56 73.22
C LEU B 33 16.38 -14.86 72.66
N ALA B 34 15.83 -15.99 73.08
CA ALA B 34 14.48 -16.40 72.69
C ALA B 34 13.59 -16.40 73.93
N TYR B 35 12.49 -15.64 73.86
CA TYR B 35 11.53 -15.56 74.95
C TYR B 35 10.13 -15.84 74.39
N ALA B 36 9.14 -15.82 75.28
CA ALA B 36 7.77 -16.19 74.91
C ALA B 36 7.23 -15.33 73.77
N GLY B 37 7.58 -14.05 73.75
CA GLY B 37 7.11 -13.17 72.70
C GLY B 37 7.88 -13.24 71.39
N GLY B 38 9.03 -13.90 71.39
CA GLY B 38 9.81 -14.03 70.17
C GLY B 38 11.30 -14.02 70.40
N VAL B 39 12.00 -13.12 69.70
CA VAL B 39 13.46 -13.00 69.77
C VAL B 39 13.82 -11.60 70.20
N LEU B 40 14.82 -11.50 71.09
CA LEU B 40 15.31 -10.24 71.61
C LEU B 40 16.78 -10.09 71.30
N PHE B 41 17.16 -8.94 70.72
CA PHE B 41 18.55 -8.63 70.41
C PHE B 41 19.02 -7.49 71.31
N VAL B 42 20.16 -7.69 71.96
CA VAL B 42 20.76 -6.71 72.85
C VAL B 42 22.23 -6.52 72.46
N ALA B 43 22.62 -5.27 72.23
CA ALA B 43 24.00 -4.95 71.88
C ALA B 43 24.43 -3.70 72.64
N GLU B 44 25.74 -3.55 72.81
CA GLU B 44 26.32 -2.37 73.45
C GLU B 44 26.86 -1.46 72.35
N ASN B 45 26.10 -0.42 72.02
CA ASN B 45 26.48 0.50 70.95
C ASN B 45 26.20 1.94 71.38
N PRO B 46 27.23 2.76 71.55
CA PRO B 46 26.99 4.16 71.97
C PRO B 46 26.41 5.02 70.87
N SER B 47 26.82 4.81 69.62
CA SER B 47 26.38 5.66 68.52
C SER B 47 24.89 5.44 68.23
N ARG B 48 24.19 6.53 67.95
CA ARG B 48 22.78 6.48 67.59
C ARG B 48 22.55 6.48 66.08
N SER B 49 23.60 6.58 65.28
CA SER B 49 23.45 6.59 63.84
C SER B 49 23.86 5.29 63.17
N LEU B 50 24.81 4.56 63.74
CA LEU B 50 25.27 3.29 63.21
C LEU B 50 24.64 2.17 64.02
N GLN B 51 23.96 1.25 63.34
CA GLN B 51 23.18 0.20 63.99
C GLN B 51 23.75 -1.17 63.62
N LYS B 52 23.64 -2.10 64.58
CA LYS B 52 24.10 -3.47 64.39
C LYS B 52 22.97 -4.49 64.25
N ILE B 53 21.76 -4.14 64.65
CA ILE B 53 20.60 -5.02 64.55
C ILE B 53 19.65 -4.45 63.51
N SER B 54 19.18 -5.30 62.61
CA SER B 54 18.35 -4.83 61.50
C SER B 54 17.29 -5.87 61.18
N GLU B 55 16.36 -5.48 60.31
CA GLU B 55 15.29 -6.34 59.83
C GLU B 55 15.57 -6.73 58.38
N LEU B 56 15.42 -8.02 58.08
CA LEU B 56 15.64 -8.53 56.73
C LEU B 56 14.34 -8.68 55.96
N TYR B 57 13.31 -9.23 56.59
CA TYR B 57 12.01 -9.42 55.95
C TYR B 57 10.94 -9.31 57.03
N ASP B 58 9.74 -9.82 56.72
CA ASP B 58 8.60 -9.65 57.62
C ASP B 58 8.85 -10.30 58.97
N ARG B 59 9.42 -11.51 58.99
CA ARG B 59 9.65 -12.24 60.23
C ARG B 59 11.10 -12.66 60.40
N VAL B 60 12.04 -11.95 59.78
CA VAL B 60 13.46 -12.30 59.83
C VAL B 60 14.23 -11.12 60.39
N GLY B 61 15.17 -11.41 61.29
CA GLY B 61 16.00 -10.39 61.89
C GLY B 61 17.47 -10.75 61.77
N PHE B 62 18.30 -9.71 61.67
CA PHE B 62 19.72 -9.85 61.38
C PHE B 62 20.52 -9.15 62.47
N ALA B 63 21.57 -9.83 62.96
CA ALA B 63 22.49 -9.23 63.91
C ALA B 63 23.92 -9.55 63.47
N ALA B 64 24.84 -8.65 63.78
CA ALA B 64 26.22 -8.79 63.32
C ALA B 64 27.18 -8.21 64.35
N ALA B 65 28.37 -8.79 64.38
CA ALA B 65 29.46 -8.30 65.21
C ALA B 65 30.74 -8.21 64.38
N GLY B 66 31.47 -7.11 64.54
CA GLY B 66 32.71 -6.90 63.81
C GLY B 66 32.85 -5.51 63.23
N LYS B 67 33.38 -5.42 62.01
CA LYS B 67 33.58 -4.13 61.36
C LYS B 67 32.28 -3.69 60.68
N PHE B 68 31.89 -2.44 60.92
CA PHE B 68 30.59 -1.96 60.46
C PHE B 68 30.49 -2.00 58.94
N ASN B 69 31.49 -1.45 58.26
CA ASN B 69 31.47 -1.42 56.79
C ASN B 69 31.56 -2.79 56.16
N GLU B 70 31.92 -3.82 56.93
CA GLU B 70 32.00 -5.17 56.39
C GLU B 70 30.67 -5.91 56.43
N PHE B 71 29.90 -5.77 57.51
CA PHE B 71 28.60 -6.43 57.56
C PHE B 71 27.45 -5.56 57.05
N ASP B 72 27.68 -4.26 56.83
CA ASP B 72 26.65 -3.44 56.20
C ASP B 72 26.36 -3.93 54.79
N ASN B 73 27.41 -4.27 54.03
CA ASN B 73 27.25 -4.80 52.69
C ASN B 73 26.49 -6.12 52.70
N LEU B 74 26.81 -6.99 53.67
CA LEU B 74 26.11 -8.26 53.80
C LEU B 74 24.62 -8.05 54.09
N ARG B 75 24.31 -7.10 54.98
CA ARG B 75 22.91 -6.80 55.28
C ARG B 75 22.17 -6.31 54.04
N ARG B 76 22.79 -5.41 53.27
CA ARG B 76 22.15 -4.91 52.05
C ARG B 76 21.91 -6.05 51.05
N GLY B 77 22.91 -6.92 50.88
CA GLY B 77 22.72 -8.05 49.98
C GLY B 77 21.61 -8.98 50.41
N GLY B 78 21.50 -9.23 51.72
CA GLY B 78 20.42 -10.08 52.21
C GLY B 78 19.05 -9.48 51.96
N ILE B 79 18.91 -8.17 52.15
CA ILE B 79 17.64 -7.52 51.86
C ILE B 79 17.31 -7.64 50.37
N GLN B 80 18.31 -7.46 49.51
CA GLN B 80 18.06 -7.60 48.08
C GLN B 80 17.58 -9.00 47.71
N PHE B 81 18.25 -10.03 48.25
CA PHE B 81 17.84 -11.41 47.98
C PHE B 81 16.42 -11.65 48.43
N ALA B 82 16.07 -11.20 49.64
CA ALA B 82 14.74 -11.46 50.19
C ALA B 82 13.65 -10.78 49.37
N ASP B 83 13.86 -9.51 48.97
CA ASP B 83 12.83 -8.82 48.20
C ASP B 83 12.67 -9.43 46.81
N THR B 84 13.78 -9.79 46.16
CA THR B 84 13.66 -10.39 44.84
C THR B 84 12.97 -11.76 44.91
N ARG B 85 13.27 -12.57 45.93
CA ARG B 85 12.60 -13.86 46.05
C ARG B 85 11.13 -13.69 46.40
N GLY B 86 10.80 -12.72 47.26
CA GLY B 86 9.41 -12.49 47.60
C GLY B 86 8.58 -12.06 46.40
N TYR B 87 9.14 -11.19 45.57
CA TYR B 87 8.43 -10.82 44.34
C TYR B 87 8.43 -11.96 43.33
N ALA B 88 9.44 -12.84 43.37
CA ALA B 88 9.52 -13.92 42.40
C ALA B 88 8.40 -14.95 42.59
N TYR B 89 8.21 -15.43 43.82
CA TYR B 89 7.21 -16.46 44.09
C TYR B 89 6.09 -15.96 44.98
N ASP B 90 6.40 -15.53 46.19
CA ASP B 90 5.42 -15.07 47.18
C ASP B 90 6.15 -14.60 48.43
N ARG B 91 5.43 -13.85 49.26
CA ARG B 91 6.00 -13.37 50.51
C ARG B 91 6.13 -14.49 51.55
N ARG B 92 5.24 -15.48 51.51
CA ARG B 92 5.25 -16.56 52.47
C ARG B 92 6.20 -17.69 52.12
N ASP B 93 6.91 -17.58 51.00
CA ASP B 93 7.87 -18.60 50.57
C ASP B 93 9.30 -18.23 50.94
N VAL B 94 9.49 -17.22 51.79
CA VAL B 94 10.80 -16.76 52.21
C VAL B 94 11.03 -17.20 53.65
N THR B 95 12.15 -17.89 53.88
CA THR B 95 12.51 -18.38 55.21
C THR B 95 13.93 -17.97 55.53
N GLY B 96 14.28 -18.07 56.83
CA GLY B 96 15.59 -17.66 57.28
C GLY B 96 16.69 -18.63 56.93
N ARG B 97 16.36 -19.91 56.69
CA ARG B 97 17.37 -20.90 56.35
C ARG B 97 18.02 -20.58 55.01
N GLN B 98 17.24 -20.12 54.04
CA GLN B 98 17.80 -19.74 52.75
C GLN B 98 18.76 -18.56 52.89
N LEU B 99 18.38 -17.57 53.69
CA LEU B 99 19.27 -16.43 53.93
C LEU B 99 20.55 -16.86 54.62
N ALA B 100 20.44 -17.76 55.60
CA ALA B 100 21.63 -18.27 56.28
C ALA B 100 22.54 -19.02 55.32
N ASN B 101 21.96 -19.83 54.43
CA ASN B 101 22.77 -20.54 53.45
C ASN B 101 23.47 -19.58 52.50
N VAL B 102 22.76 -18.53 52.05
CA VAL B 102 23.37 -17.56 51.16
C VAL B 102 24.52 -16.84 51.86
N TYR B 103 24.31 -16.48 53.12
CA TYR B 103 25.37 -15.81 53.89
C TYR B 103 26.57 -16.74 54.06
N ALA B 104 26.33 -18.01 54.34
CA ALA B 104 27.43 -18.96 54.50
C ALA B 104 28.22 -19.10 53.21
N GLN B 105 27.53 -19.22 52.07
CA GLN B 105 28.23 -19.32 50.78
C GLN B 105 29.05 -18.07 50.50
N THR B 106 28.47 -16.89 50.72
CA THR B 106 29.19 -15.64 50.47
C THR B 106 30.42 -15.52 51.36
N LEU B 107 30.27 -15.85 52.66
CA LEU B 107 31.39 -15.74 53.58
C LEU B 107 32.49 -16.75 53.23
N GLY B 108 32.12 -17.96 52.84
CA GLY B 108 33.11 -18.93 52.42
C GLY B 108 33.87 -18.48 51.19
N THR B 109 33.15 -17.94 50.20
CA THR B 109 33.81 -17.45 48.99
C THR B 109 34.75 -16.29 49.30
N ILE B 110 34.33 -15.38 50.20
CA ILE B 110 35.19 -14.27 50.59
C ILE B 110 36.43 -14.76 51.31
N PHE B 111 36.26 -15.71 52.24
CA PHE B 111 37.40 -16.23 53.00
C PHE B 111 38.36 -16.99 52.09
N THR B 112 37.86 -17.60 51.02
CA THR B 112 38.72 -18.40 50.16
C THR B 112 39.46 -17.54 49.13
N GLU B 113 38.74 -16.65 48.45
CA GLU B 113 39.29 -15.94 47.30
C GLU B 113 39.84 -14.56 47.63
N GLN B 114 39.18 -13.79 48.48
CA GLN B 114 39.59 -12.41 48.72
C GLN B 114 40.94 -12.35 49.43
N ALA B 115 41.66 -11.25 49.21
CA ALA B 115 42.98 -11.10 49.81
C ALA B 115 42.91 -11.03 51.32
N LYS B 116 41.92 -10.30 51.86
CA LYS B 116 41.76 -10.15 53.31
C LYS B 116 40.41 -10.72 53.72
N PRO B 117 40.38 -11.66 54.67
CA PRO B 117 39.09 -12.22 55.11
C PRO B 117 38.28 -11.20 55.90
N TYR B 118 36.96 -11.40 55.88
CA TYR B 118 36.05 -10.54 56.61
C TYR B 118 36.07 -10.90 58.10
N GLU B 119 36.15 -9.88 58.95
CA GLU B 119 36.13 -10.07 60.39
C GLU B 119 34.72 -9.78 60.92
N VAL B 120 33.82 -10.74 60.65
CA VAL B 120 32.41 -10.59 61.00
C VAL B 120 31.89 -11.89 61.61
N GLU B 121 30.82 -11.74 62.39
CA GLU B 121 30.06 -12.86 62.94
C GLU B 121 28.58 -12.52 62.79
N LEU B 122 27.82 -13.41 62.15
CA LEU B 122 26.44 -13.11 61.79
C LEU B 122 25.46 -14.02 62.52
N CYS B 123 24.27 -13.48 62.79
CA CYS B 123 23.19 -14.24 63.41
C CYS B 123 21.89 -13.90 62.70
N VAL B 124 21.12 -14.93 62.34
CA VAL B 124 19.83 -14.78 61.67
C VAL B 124 18.77 -15.40 62.57
N ALA B 125 17.70 -14.65 62.84
CA ALA B 125 16.62 -15.12 63.68
C ALA B 125 15.29 -15.09 62.92
N GLU B 126 14.48 -16.12 63.14
CA GLU B 126 13.17 -16.21 62.49
C GLU B 126 12.12 -16.64 63.51
N VAL B 127 10.93 -16.04 63.40
CA VAL B 127 9.79 -16.36 64.25
C VAL B 127 8.66 -16.89 63.39
N ALA B 128 7.59 -17.34 64.04
CA ALA B 128 6.45 -17.92 63.35
C ALA B 128 5.53 -16.84 62.79
N HIS B 129 4.67 -17.24 61.86
CA HIS B 129 3.70 -16.33 61.27
C HIS B 129 2.56 -16.04 62.27
N TYR B 130 1.76 -15.03 61.94
CA TYR B 130 0.67 -14.64 62.82
C TYR B 130 -0.36 -15.75 62.93
N GLY B 131 -0.85 -15.97 64.14
CA GLY B 131 -1.85 -17.00 64.36
C GLY B 131 -1.33 -18.42 64.34
N GLU B 132 -0.03 -18.61 64.54
CA GLU B 132 0.58 -19.94 64.49
C GLU B 132 1.53 -20.10 65.67
N THR B 133 1.78 -21.37 66.03
CA THR B 133 2.69 -21.72 67.12
C THR B 133 3.88 -22.47 66.54
N LYS B 134 5.08 -21.95 66.80
CA LYS B 134 6.30 -22.58 66.29
C LYS B 134 7.48 -22.02 67.08
N ARG B 135 8.48 -22.87 67.28
CA ARG B 135 9.68 -22.45 67.99
C ARG B 135 10.51 -21.52 67.11
N PRO B 136 10.98 -20.39 67.64
CA PRO B 136 11.87 -19.52 66.86
C PRO B 136 13.18 -20.22 66.52
N GLU B 137 13.74 -19.86 65.37
CA GLU B 137 14.97 -20.46 64.87
C GLU B 137 16.09 -19.43 64.86
N LEU B 138 17.27 -19.84 65.34
CA LEU B 138 18.46 -18.99 65.39
C LEU B 138 19.61 -19.70 64.69
N TYR B 139 20.23 -19.03 63.73
CA TYR B 139 21.37 -19.55 63.00
C TYR B 139 22.57 -18.63 63.18
N ARG B 140 23.74 -19.23 63.41
CA ARG B 140 24.98 -18.50 63.59
C ARG B 140 25.94 -18.83 62.45
N ILE B 141 26.54 -17.80 61.87
CA ILE B 141 27.46 -17.94 60.74
C ILE B 141 28.77 -17.27 61.11
N THR B 142 29.88 -17.97 60.86
CA THR B 142 31.21 -17.49 61.19
C THR B 142 31.92 -16.99 59.93
N TYR B 143 33.17 -16.55 60.11
CA TYR B 143 33.91 -15.92 59.02
C TYR B 143 34.26 -16.92 57.92
N ASP B 144 34.57 -18.15 58.30
CA ASP B 144 35.02 -19.14 57.31
C ASP B 144 33.86 -19.75 56.52
N GLY B 145 32.62 -19.50 56.92
CA GLY B 145 31.46 -20.04 56.23
C GLY B 145 30.71 -21.12 56.98
N SER B 146 31.16 -21.49 58.17
CA SER B 146 30.46 -22.50 58.96
C SER B 146 29.12 -21.96 59.44
N ILE B 147 28.09 -22.79 59.38
CA ILE B 147 26.74 -22.44 59.79
C ILE B 147 26.28 -23.42 60.84
N ALA B 148 25.72 -22.90 61.94
CA ALA B 148 25.23 -23.73 63.03
C ALA B 148 23.86 -23.25 63.47
N ASP B 149 23.10 -24.16 64.09
CA ASP B 149 21.77 -23.88 64.59
C ASP B 149 21.81 -23.90 66.12
N GLU B 150 21.30 -22.84 66.74
CA GLU B 150 21.30 -22.67 68.18
C GLU B 150 19.87 -22.64 68.69
N PRO B 151 19.51 -23.48 69.66
CA PRO B 151 18.11 -23.55 70.10
C PRO B 151 17.73 -22.52 71.15
N HIS B 152 18.70 -22.03 71.92
CA HIS B 152 18.41 -21.19 73.08
C HIS B 152 18.89 -19.76 72.92
N PHE B 153 20.19 -19.55 72.70
CA PHE B 153 20.72 -18.20 72.64
C PHE B 153 21.98 -18.18 71.79
N VAL B 154 22.33 -16.97 71.34
CA VAL B 154 23.55 -16.74 70.57
C VAL B 154 24.30 -15.57 71.18
N VAL B 155 25.60 -15.74 71.40
CA VAL B 155 26.48 -14.69 71.91
C VAL B 155 27.65 -14.58 70.95
N MET B 156 27.88 -13.37 70.41
CA MET B 156 28.96 -13.14 69.46
C MET B 156 29.79 -11.94 69.87
N GLY B 157 31.07 -11.97 69.48
CA GLY B 157 31.95 -10.84 69.66
C GLY B 157 32.60 -10.74 71.02
N GLY B 158 33.86 -10.30 71.04
CA GLY B 158 34.62 -10.16 72.27
C GLY B 158 34.86 -11.49 72.98
N THR B 159 35.00 -11.41 74.30
CA THR B 159 35.20 -12.58 75.15
C THR B 159 33.82 -13.10 75.54
N THR B 160 33.38 -14.17 74.89
CA THR B 160 32.03 -14.67 75.08
C THR B 160 31.91 -15.73 76.17
N GLU B 161 33.04 -16.25 76.67
CA GLU B 161 32.97 -17.34 77.65
C GLU B 161 32.27 -16.94 78.95
N PRO B 162 32.61 -15.84 79.62
CA PRO B 162 31.84 -15.48 80.82
C PRO B 162 30.39 -15.18 80.52
N ILE B 163 30.11 -14.53 79.40
CA ILE B 163 28.72 -14.23 79.06
C ILE B 163 27.95 -15.52 78.79
N ALA B 164 28.59 -16.46 78.08
CA ALA B 164 27.94 -17.73 77.78
C ALA B 164 27.67 -18.51 79.06
N ASN B 165 28.63 -18.53 79.98
CA ASN B 165 28.43 -19.23 81.24
C ASN B 165 27.30 -18.61 82.05
N ALA B 166 27.27 -17.28 82.13
CA ALA B 166 26.22 -16.61 82.88
C ALA B 166 24.85 -16.88 82.26
N LEU B 167 24.75 -16.81 80.94
CA LEU B 167 23.48 -17.09 80.27
C LEU B 167 23.05 -18.53 80.48
N LYS B 168 23.99 -19.47 80.40
CA LYS B 168 23.65 -20.87 80.60
C LYS B 168 23.16 -21.13 82.01
N GLU B 169 23.79 -20.50 83.01
CA GLU B 169 23.36 -20.69 84.39
C GLU B 169 22.04 -19.98 84.67
N SER B 170 21.75 -18.89 83.96
CA SER B 170 20.60 -18.06 84.27
C SER B 170 19.46 -18.18 83.26
N TYR B 171 19.62 -18.95 82.19
CA TYR B 171 18.57 -19.03 81.18
C TYR B 171 17.33 -19.71 81.73
N ALA B 172 16.17 -19.14 81.41
CA ALA B 172 14.87 -19.70 81.80
C ALA B 172 13.95 -19.65 80.60
N GLU B 173 13.34 -20.79 80.27
CA GLU B 173 12.46 -20.88 79.12
C GLU B 173 11.11 -20.21 79.41
N ASN B 174 10.47 -19.72 78.36
CA ASN B 174 9.16 -19.08 78.44
C ASN B 174 9.17 -17.90 79.42
N ALA B 175 10.25 -17.14 79.40
CA ALA B 175 10.37 -15.99 80.28
C ALA B 175 9.64 -14.78 79.69
N SER B 176 9.43 -13.77 80.54
CA SER B 176 8.79 -12.55 80.10
C SER B 176 9.80 -11.62 79.46
N LEU B 177 9.30 -10.50 78.91
CA LEU B 177 10.17 -9.55 78.24
C LEU B 177 11.09 -8.84 79.22
N THR B 178 10.54 -8.36 80.34
CA THR B 178 11.35 -7.65 81.32
C THR B 178 12.39 -8.57 81.97
N ASP B 179 11.98 -9.79 82.32
CA ASP B 179 12.91 -10.73 82.95
C ASP B 179 14.02 -11.11 82.00
N ALA B 180 13.69 -11.37 80.73
CA ALA B 180 14.70 -11.71 79.74
C ALA B 180 15.66 -10.54 79.51
N LEU B 181 15.13 -9.32 79.44
CA LEU B 181 15.98 -8.15 79.25
C LEU B 181 16.93 -7.97 80.42
N ARG B 182 16.43 -8.12 81.65
CA ARG B 182 17.27 -7.97 82.83
C ARG B 182 18.34 -9.07 82.87
N ILE B 183 17.96 -10.30 82.52
CA ILE B 183 18.91 -11.40 82.52
C ILE B 183 20.01 -11.16 81.49
N ALA B 184 19.62 -10.72 80.29
CA ALA B 184 20.60 -10.42 79.25
C ALA B 184 21.54 -9.30 79.65
N VAL B 185 20.99 -8.25 80.29
CA VAL B 185 21.82 -7.14 80.73
C VAL B 185 22.80 -7.59 81.80
N ALA B 186 22.34 -8.40 82.76
CA ALA B 186 23.23 -8.91 83.79
C ALA B 186 24.32 -9.79 83.19
N ALA B 187 23.96 -10.64 82.23
CA ALA B 187 24.97 -11.50 81.59
C ALA B 187 25.99 -10.68 80.81
N LEU B 188 25.54 -9.63 80.12
CA LEU B 188 26.46 -8.79 79.36
C LEU B 188 27.37 -7.97 80.26
N ARG B 189 26.87 -7.56 81.43
CA ARG B 189 27.70 -6.77 82.34
C ARG B 189 28.90 -7.58 82.83
N ALA B 190 28.68 -8.86 83.13
CA ALA B 190 29.75 -9.72 83.60
C ALA B 190 30.69 -10.10 82.46
N LEU B 203 25.53 0.36 82.00
CA LEU B 203 24.70 0.09 80.83
C LEU B 203 23.31 0.66 81.01
N GLY B 204 23.18 1.97 80.80
CA GLY B 204 21.91 2.66 80.95
C GLY B 204 21.20 2.82 79.63
N VAL B 205 20.47 3.94 79.51
CA VAL B 205 19.82 4.25 78.24
C VAL B 205 20.85 4.42 77.15
N ALA B 206 21.95 5.10 77.45
CA ALA B 206 23.04 5.26 76.50
C ALA B 206 23.85 3.97 76.37
N SER B 207 24.52 3.83 75.23
CA SER B 207 25.37 2.68 74.94
C SER B 207 24.59 1.36 75.00
N LEU B 208 23.33 1.38 74.58
CA LEU B 208 22.49 0.19 74.58
C LEU B 208 21.60 0.20 73.35
N GLU B 209 21.53 -0.94 72.67
CA GLU B 209 20.65 -1.13 71.51
C GLU B 209 19.82 -2.38 71.72
N VAL B 210 18.50 -2.21 71.78
CA VAL B 210 17.56 -3.29 72.07
C VAL B 210 16.54 -3.36 70.95
N ALA B 211 16.32 -4.57 70.42
CA ALA B 211 15.32 -4.78 69.39
C ALA B 211 14.57 -6.08 69.67
N VAL B 212 13.35 -6.19 69.15
CA VAL B 212 12.53 -7.37 69.36
C VAL B 212 11.84 -7.76 68.06
N LEU B 213 11.58 -9.05 67.91
CA LEU B 213 10.77 -9.60 66.83
C LEU B 213 9.44 -10.03 67.45
N ASP B 214 8.41 -9.19 67.29
CA ASP B 214 7.14 -9.43 67.97
C ASP B 214 6.32 -10.44 67.17
N ALA B 215 6.19 -11.65 67.69
CA ALA B 215 5.42 -12.69 67.01
C ALA B 215 3.93 -12.39 67.01
N ASN B 216 3.46 -11.48 67.86
CA ASN B 216 2.06 -11.12 67.93
C ASN B 216 1.66 -10.05 66.91
N ARG B 217 2.63 -9.42 66.26
CA ARG B 217 2.31 -8.41 65.26
C ARG B 217 1.74 -9.06 64.00
N PRO B 218 0.81 -8.38 63.31
CA PRO B 218 0.15 -9.00 62.15
C PRO B 218 1.08 -9.38 61.00
N ARG B 219 1.82 -8.41 60.46
CA ARG B 219 2.63 -8.65 59.28
C ARG B 219 4.12 -8.47 59.54
N ARG B 220 4.54 -7.30 60.04
CA ARG B 220 5.94 -7.03 60.32
C ARG B 220 6.19 -7.13 61.81
N ALA B 221 7.24 -7.88 62.18
CA ALA B 221 7.48 -8.24 63.57
C ALA B 221 8.61 -7.46 64.23
N PHE B 222 9.48 -6.83 63.45
CA PHE B 222 10.65 -6.16 63.99
C PHE B 222 10.27 -4.78 64.55
N ARG B 223 10.74 -4.50 65.77
CA ARG B 223 10.55 -3.16 66.35
C ARG B 223 11.63 -2.88 67.38
N ARG B 224 12.02 -1.62 67.46
CA ARG B 224 13.05 -1.15 68.38
C ARG B 224 12.41 -0.58 69.64
N ILE B 225 13.13 -0.75 70.76
CA ILE B 225 12.71 -0.19 72.05
C ILE B 225 13.80 0.76 72.48
N THR B 226 13.56 2.06 72.33
CA THR B 226 14.52 3.10 72.71
C THR B 226 13.78 4.26 73.35
N GLY B 227 14.49 4.99 74.21
CA GLY B 227 13.93 6.17 74.84
C GLY B 227 13.38 5.92 76.23
N SER B 228 12.22 6.51 76.53
CA SER B 228 11.64 6.38 77.87
C SER B 228 11.17 4.96 78.12
N ALA B 229 10.71 4.26 77.07
CA ALA B 229 10.24 2.89 77.24
C ALA B 229 11.36 1.96 77.67
N LEU B 230 12.56 2.16 77.12
CA LEU B 230 13.70 1.33 77.51
C LEU B 230 14.05 1.52 78.97
N GLN B 231 14.04 2.77 79.45
CA GLN B 231 14.31 3.03 80.86
C GLN B 231 13.21 2.45 81.75
N ALA B 232 11.95 2.56 81.31
CA ALA B 232 10.85 2.00 82.08
C ALA B 232 10.97 0.48 82.19
N LEU B 233 11.40 -0.18 81.12
CA LEU B 233 11.58 -1.62 81.14
C LEU B 233 12.89 -2.06 81.78
N LEU B 234 13.80 -1.13 82.03
CA LEU B 234 15.10 -1.46 82.63
C LEU B 234 15.03 -1.34 84.15
N SER C 8 -58.67 27.21 -42.29
CA SER C 8 -58.18 28.58 -42.16
C SER C 8 -57.89 28.93 -40.71
N PRO C 9 -56.73 29.53 -40.46
CA PRO C 9 -56.40 29.93 -39.08
C PRO C 9 -57.39 30.91 -38.48
N GLU C 10 -57.96 31.81 -39.29
CA GLU C 10 -58.90 32.79 -38.77
C GLU C 10 -60.10 32.12 -38.13
N GLN C 11 -60.68 31.12 -38.80
CA GLN C 11 -61.86 30.45 -38.26
C GLN C 11 -61.54 29.72 -36.97
N ALA C 12 -60.37 29.07 -36.91
CA ALA C 12 -59.98 28.37 -35.70
C ALA C 12 -59.80 29.33 -34.53
N MET C 13 -59.10 30.45 -34.76
CA MET C 13 -58.92 31.42 -33.69
C MET C 13 -60.25 32.02 -33.25
N ARG C 14 -61.13 32.32 -34.20
CA ARG C 14 -62.43 32.88 -33.85
C ARG C 14 -63.26 31.90 -33.03
N GLU C 15 -63.26 30.62 -33.43
CA GLU C 15 -64.02 29.62 -32.69
C GLU C 15 -63.46 29.42 -31.28
N ARG C 16 -62.13 29.38 -31.14
CA ARG C 16 -61.54 29.23 -29.81
C ARG C 16 -61.83 30.43 -28.93
N SER C 17 -61.74 31.64 -29.50
CA SER C 17 -62.07 32.84 -28.74
C SER C 17 -63.53 32.84 -28.31
N GLU C 18 -64.43 32.39 -29.20
CA GLU C 18 -65.84 32.33 -28.85
C GLU C 18 -66.10 31.32 -27.73
N LEU C 19 -65.43 30.17 -27.78
CA LEU C 19 -65.55 29.18 -26.72
C LEU C 19 -65.08 29.76 -25.38
N ALA C 20 -63.93 30.43 -25.38
CA ALA C 20 -63.41 31.03 -24.16
C ALA C 20 -64.35 32.11 -23.65
N ARG C 21 -64.91 32.92 -24.55
CA ARG C 21 -65.83 33.97 -24.15
C ARG C 21 -67.09 33.40 -23.51
N LYS C 22 -67.65 32.34 -24.10
CA LYS C 22 -68.83 31.71 -23.49
C LYS C 22 -68.49 31.12 -22.12
N GLY C 23 -67.34 30.45 -22.01
CA GLY C 23 -66.96 29.89 -20.73
C GLY C 23 -66.79 30.95 -19.65
N ILE C 24 -66.20 32.09 -20.01
CA ILE C 24 -66.07 33.19 -19.05
C ILE C 24 -67.44 33.75 -18.72
N ALA C 25 -68.32 33.88 -19.71
CA ALA C 25 -69.61 34.53 -19.51
C ALA C 25 -70.54 33.70 -18.63
N ARG C 26 -70.40 32.38 -18.64
CA ARG C 26 -71.26 31.53 -17.84
C ARG C 26 -70.71 31.29 -16.42
N ALA C 27 -69.89 32.20 -15.91
CA ALA C 27 -69.26 32.05 -14.61
C ALA C 27 -69.71 33.17 -13.67
N LYS C 28 -69.25 33.09 -12.42
CA LYS C 28 -69.58 34.08 -11.41
C LYS C 28 -68.63 35.27 -11.52
N SER C 29 -68.77 36.23 -10.60
CA SER C 29 -68.05 37.49 -10.65
C SER C 29 -67.12 37.63 -9.46
N VAL C 30 -65.90 38.13 -9.73
CA VAL C 30 -64.91 38.42 -8.71
C VAL C 30 -64.49 39.87 -8.85
N VAL C 31 -64.32 40.56 -7.73
CA VAL C 31 -64.05 42.00 -7.73
C VAL C 31 -62.86 42.27 -6.82
N ALA C 32 -61.88 43.01 -7.32
CA ALA C 32 -60.72 43.39 -6.54
C ALA C 32 -60.64 44.91 -6.51
N LEU C 33 -60.54 45.47 -5.30
CA LEU C 33 -60.53 46.90 -5.07
C LEU C 33 -59.27 47.29 -4.32
N ALA C 34 -58.89 48.57 -4.45
CA ALA C 34 -57.76 49.13 -3.74
C ALA C 34 -58.25 50.18 -2.75
N TYR C 35 -57.92 50.00 -1.48
CA TYR C 35 -58.29 50.93 -0.43
C TYR C 35 -57.05 51.32 0.36
N ALA C 36 -57.23 52.19 1.36
CA ALA C 36 -56.10 52.75 2.11
C ALA C 36 -55.26 51.65 2.76
N GLY C 37 -55.90 50.59 3.24
CA GLY C 37 -55.16 49.51 3.87
C GLY C 37 -54.52 48.51 2.92
N GLY C 38 -54.86 48.56 1.64
CA GLY C 38 -54.27 47.66 0.67
C GLY C 38 -55.22 47.23 -0.42
N VAL C 39 -55.37 45.92 -0.59
CA VAL C 39 -56.21 45.34 -1.64
C VAL C 39 -57.25 44.44 -1.00
N LEU C 40 -58.48 44.52 -1.50
CA LEU C 40 -59.61 43.74 -1.02
C LEU C 40 -60.18 42.90 -2.15
N PHE C 41 -60.35 41.60 -1.91
CA PHE C 41 -60.94 40.68 -2.87
C PHE C 41 -62.29 40.22 -2.36
N VAL C 42 -63.31 40.32 -3.21
CA VAL C 42 -64.67 39.91 -2.89
C VAL C 42 -65.19 39.01 -4.01
N ALA C 43 -65.67 37.82 -3.63
CA ALA C 43 -66.22 36.88 -4.59
C ALA C 43 -67.50 36.27 -4.02
N GLU C 44 -68.35 35.78 -4.91
CA GLU C 44 -69.58 35.09 -4.51
C GLU C 44 -69.35 33.59 -4.66
N ASN C 45 -69.07 32.92 -3.53
CA ASN C 45 -68.78 31.50 -3.54
C ASN C 45 -69.50 30.81 -2.38
N PRO C 46 -70.47 29.93 -2.66
CA PRO C 46 -71.18 29.27 -1.56
C PRO C 46 -70.35 28.21 -0.86
N SER C 47 -69.51 27.48 -1.60
CA SER C 47 -68.75 26.38 -1.01
C SER C 47 -67.67 26.92 -0.06
N ARG C 48 -67.50 26.23 1.07
CA ARG C 48 -66.47 26.56 2.05
C ARG C 48 -65.19 25.77 1.86
N SER C 49 -65.15 24.84 0.92
CA SER C 49 -63.95 24.04 0.70
C SER C 49 -63.17 24.44 -0.54
N LEU C 50 -63.84 24.95 -1.56
CA LEU C 50 -63.18 25.39 -2.79
C LEU C 50 -63.08 26.91 -2.77
N GLN C 51 -61.86 27.42 -2.93
CA GLN C 51 -61.58 28.85 -2.80
C GLN C 51 -61.09 29.41 -4.12
N LYS C 52 -61.43 30.68 -4.37
CA LYS C 52 -61.01 31.38 -5.57
C LYS C 52 -59.95 32.46 -5.33
N ILE C 53 -59.77 32.88 -4.09
CA ILE C 53 -58.77 33.89 -3.73
C ILE C 53 -57.69 33.22 -2.90
N SER C 54 -56.43 33.48 -3.24
CA SER C 54 -55.33 32.80 -2.58
C SER C 54 -54.14 33.75 -2.45
N GLU C 55 -53.14 33.30 -1.70
CA GLU C 55 -51.89 34.03 -1.50
C GLU C 55 -50.78 33.36 -2.28
N LEU C 56 -49.99 34.16 -2.99
CA LEU C 56 -48.87 33.67 -3.78
C LEU C 56 -47.55 33.80 -3.04
N TYR C 57 -47.31 34.94 -2.41
CA TYR C 57 -46.07 35.18 -1.67
C TYR C 57 -46.40 36.13 -0.52
N ASP C 58 -45.36 36.76 0.04
CA ASP C 58 -45.53 37.59 1.23
C ASP C 58 -46.47 38.75 0.98
N ARG C 59 -46.33 39.42 -0.17
CA ARG C 59 -47.14 40.59 -0.48
C ARG C 59 -47.87 40.47 -1.82
N VAL C 60 -48.13 39.24 -2.28
CA VAL C 60 -48.76 39.01 -3.57
C VAL C 60 -50.03 38.20 -3.34
N GLY C 61 -51.10 38.59 -4.03
CA GLY C 61 -52.37 37.90 -3.93
C GLY C 61 -52.90 37.55 -5.31
N PHE C 62 -53.63 36.44 -5.37
CA PHE C 62 -54.08 35.85 -6.62
C PHE C 62 -55.60 35.68 -6.57
N ALA C 63 -56.27 36.08 -7.66
CA ALA C 63 -57.70 35.86 -7.81
C ALA C 63 -57.97 35.31 -9.21
N ALA C 64 -59.01 34.49 -9.33
CA ALA C 64 -59.31 33.82 -10.58
C ALA C 64 -60.82 33.65 -10.75
N ALA C 65 -61.24 33.65 -12.00
CA ALA C 65 -62.63 33.38 -12.36
C ALA C 65 -62.67 32.36 -13.50
N GLY C 66 -63.58 31.39 -13.38
CA GLY C 66 -63.72 30.36 -14.39
C GLY C 66 -63.86 28.96 -13.83
N LYS C 67 -63.22 27.98 -14.47
CA LYS C 67 -63.29 26.60 -14.02
C LYS C 67 -62.26 26.37 -12.92
N PHE C 68 -62.70 25.75 -11.82
CA PHE C 68 -61.86 25.60 -10.64
C PHE C 68 -60.61 24.78 -10.94
N ASN C 69 -60.80 23.61 -11.56
CA ASN C 69 -59.67 22.74 -11.86
C ASN C 69 -58.72 23.33 -12.89
N GLU C 70 -59.11 24.39 -13.59
CA GLU C 70 -58.24 25.02 -14.58
C GLU C 70 -57.32 26.06 -13.96
N PHE C 71 -57.81 26.89 -13.03
CA PHE C 71 -56.94 27.87 -12.40
C PHE C 71 -56.27 27.36 -11.12
N ASP C 72 -56.70 26.22 -10.58
CA ASP C 72 -55.98 25.63 -9.45
C ASP C 72 -54.56 25.26 -9.85
N ASN C 73 -54.39 24.68 -11.04
CA ASN C 73 -53.07 24.33 -11.53
C ASN C 73 -52.20 25.58 -11.73
N LEU C 74 -52.80 26.65 -12.26
CA LEU C 74 -52.07 27.90 -12.42
C LEU C 74 -51.61 28.46 -11.08
N ARG C 75 -52.48 28.42 -10.07
CA ARG C 75 -52.11 28.89 -8.74
C ARG C 75 -50.95 28.08 -8.17
N ARG C 76 -51.00 26.75 -8.31
CA ARG C 76 -49.92 25.91 -7.80
C ARG C 76 -48.60 26.24 -8.52
N GLY C 77 -48.65 26.40 -9.84
CA GLY C 77 -47.45 26.76 -10.58
C GLY C 77 -46.87 28.09 -10.16
N GLY C 78 -47.74 29.07 -9.91
CA GLY C 78 -47.25 30.37 -9.46
C GLY C 78 -46.57 30.30 -8.11
N ILE C 79 -47.13 29.51 -7.18
CA ILE C 79 -46.49 29.34 -5.88
C ILE C 79 -45.13 28.69 -6.04
N GLN C 80 -45.04 27.68 -6.92
CA GLN C 80 -43.75 27.03 -7.15
C GLN C 80 -42.70 28.00 -7.68
N PHE C 81 -43.08 28.82 -8.67
CA PHE C 81 -42.16 29.80 -9.24
C PHE C 81 -41.69 30.77 -8.16
N ALA C 82 -42.62 31.28 -7.35
CA ALA C 82 -42.26 32.28 -6.33
C ALA C 82 -41.31 31.70 -5.29
N ASP C 83 -41.58 30.48 -4.80
CA ASP C 83 -40.71 29.91 -3.78
C ASP C 83 -39.32 29.59 -4.34
N THR C 84 -39.26 29.07 -5.56
CA THR C 84 -37.95 28.77 -6.13
C THR C 84 -37.14 30.04 -6.38
N ARG C 85 -37.80 31.11 -6.85
CA ARG C 85 -37.07 32.37 -7.06
C ARG C 85 -36.65 32.99 -5.73
N GLY C 86 -37.50 32.92 -4.71
CA GLY C 86 -37.13 33.47 -3.42
C GLY C 86 -35.94 32.75 -2.80
N TYR C 87 -35.90 31.43 -2.92
CA TYR C 87 -34.72 30.71 -2.45
C TYR C 87 -33.50 30.94 -3.35
N ALA C 88 -33.74 31.23 -4.64
CA ALA C 88 -32.63 31.40 -5.57
C ALA C 88 -31.82 32.67 -5.25
N TYR C 89 -32.50 33.80 -5.10
CA TYR C 89 -31.82 35.07 -4.86
C TYR C 89 -32.12 35.65 -3.49
N ASP C 90 -33.38 35.94 -3.19
CA ASP C 90 -33.81 36.54 -1.94
C ASP C 90 -35.33 36.67 -1.93
N ARG C 91 -35.88 36.89 -0.73
CA ARG C 91 -37.33 37.06 -0.60
C ARG C 91 -37.78 38.42 -1.12
N ARG C 92 -36.92 39.44 -1.02
CA ARG C 92 -37.28 40.79 -1.43
C ARG C 92 -37.08 41.04 -2.92
N ASP C 93 -36.61 40.05 -3.67
CA ASP C 93 -36.40 40.18 -5.10
C ASP C 93 -37.56 39.60 -5.91
N VAL C 94 -38.69 39.31 -5.26
CA VAL C 94 -39.85 38.73 -5.92
C VAL C 94 -40.93 39.81 -6.01
N THR C 95 -41.43 40.03 -7.22
CA THR C 95 -42.46 41.03 -7.49
C THR C 95 -43.60 40.41 -8.26
N GLY C 96 -44.74 41.10 -8.29
CA GLY C 96 -45.91 40.59 -8.96
C GLY C 96 -45.85 40.69 -10.47
N ARG C 97 -45.03 41.60 -11.01
CA ARG C 97 -44.91 41.73 -12.46
C ARG C 97 -44.33 40.48 -13.09
N GLN C 98 -43.34 39.86 -12.45
CA GLN C 98 -42.77 38.62 -12.96
C GLN C 98 -43.80 37.50 -12.98
N LEU C 99 -44.60 37.40 -11.91
CA LEU C 99 -45.66 36.40 -11.88
C LEU C 99 -46.69 36.63 -12.97
N ALA C 100 -47.07 37.90 -13.17
CA ALA C 100 -48.01 38.23 -14.24
C ALA C 100 -47.46 37.86 -15.61
N ASN C 101 -46.17 38.15 -15.84
CA ASN C 101 -45.56 37.79 -17.12
C ASN C 101 -45.54 36.28 -17.32
N VAL C 102 -45.22 35.53 -16.27
CA VAL C 102 -45.20 34.07 -16.38
C VAL C 102 -46.59 33.55 -16.68
N TYR C 103 -47.60 34.09 -16.01
CA TYR C 103 -48.98 33.67 -16.26
C TYR C 103 -49.40 34.00 -17.69
N ALA C 104 -49.02 35.17 -18.19
CA ALA C 104 -49.36 35.55 -19.56
C ALA C 104 -48.71 34.60 -20.56
N GLN C 105 -47.43 34.27 -20.36
CA GLN C 105 -46.75 33.33 -21.26
C GLN C 105 -47.41 31.96 -21.23
N THR C 106 -47.72 31.45 -20.04
CA THR C 106 -48.36 30.14 -19.93
C THR C 106 -49.72 30.12 -20.60
N LEU C 107 -50.53 31.17 -20.37
CA LEU C 107 -51.86 31.22 -20.96
C LEU C 107 -51.79 31.34 -22.48
N GLY C 108 -50.84 32.14 -23.00
CA GLY C 108 -50.67 32.22 -24.44
C GLY C 108 -50.27 30.89 -25.05
N THR C 109 -49.34 30.18 -24.41
CA THR C 109 -48.92 28.88 -24.91
C THR C 109 -50.07 27.88 -24.89
N ILE C 110 -50.88 27.90 -23.82
CA ILE C 110 -52.03 27.01 -23.74
C ILE C 110 -53.05 27.33 -24.82
N PHE C 111 -53.33 28.63 -25.03
CA PHE C 111 -54.30 29.03 -26.03
C PHE C 111 -53.82 28.69 -27.44
N THR C 112 -52.51 28.69 -27.66
CA THR C 112 -51.98 28.44 -29.00
C THR C 112 -51.89 26.95 -29.31
N GLU C 113 -51.32 26.17 -28.39
CA GLU C 113 -50.98 24.78 -28.67
C GLU C 113 -52.03 23.77 -28.22
N GLN C 114 -52.62 23.96 -27.05
CA GLN C 114 -53.53 22.95 -26.51
C GLN C 114 -54.80 22.83 -27.35
N ALA C 115 -55.40 21.65 -27.32
CA ALA C 115 -56.59 21.40 -28.11
C ALA C 115 -57.76 22.26 -27.65
N LYS C 116 -57.94 22.42 -26.34
CA LYS C 116 -59.03 23.21 -25.79
C LYS C 116 -58.45 24.37 -24.97
N PRO C 117 -58.82 25.61 -25.27
CA PRO C 117 -58.30 26.74 -24.50
C PRO C 117 -58.86 26.77 -23.09
N TYR C 118 -58.10 27.39 -22.19
CA TYR C 118 -58.52 27.53 -20.81
C TYR C 118 -59.54 28.65 -20.68
N GLU C 119 -60.62 28.39 -19.95
CA GLU C 119 -61.66 29.38 -19.70
C GLU C 119 -61.45 30.00 -18.32
N VAL C 120 -60.43 30.87 -18.25
CA VAL C 120 -60.03 31.48 -16.99
C VAL C 120 -59.76 32.97 -17.19
N GLU C 121 -59.87 33.71 -16.10
CA GLU C 121 -59.49 35.12 -16.04
C GLU C 121 -58.74 35.34 -14.73
N LEU C 122 -57.53 35.88 -14.81
CA LEU C 122 -56.65 35.96 -13.65
C LEU C 122 -56.38 37.41 -13.25
N CYS C 123 -56.18 37.61 -11.95
CA CYS C 123 -55.82 38.92 -11.41
C CYS C 123 -54.73 38.74 -10.36
N VAL C 124 -53.68 39.56 -10.46
CA VAL C 124 -52.55 39.53 -9.53
C VAL C 124 -52.47 40.89 -8.86
N ALA C 125 -52.41 40.90 -7.53
CA ALA C 125 -52.34 42.13 -6.77
C ALA C 125 -51.08 42.16 -5.90
N GLU C 126 -50.45 43.33 -5.81
CA GLU C 126 -49.24 43.49 -5.01
C GLU C 126 -49.33 44.78 -4.21
N VAL C 127 -48.85 44.72 -2.96
CA VAL C 127 -48.81 45.88 -2.07
C VAL C 127 -47.37 46.17 -1.70
N ALA C 128 -47.17 47.28 -0.98
CA ALA C 128 -45.83 47.70 -0.60
C ALA C 128 -45.32 46.93 0.61
N HIS C 129 -44.01 47.00 0.83
CA HIS C 129 -43.39 46.36 1.98
C HIS C 129 -43.69 47.14 3.26
N TYR C 130 -43.40 46.52 4.39
CA TYR C 130 -43.67 47.15 5.68
C TYR C 130 -42.81 48.40 5.86
N GLY C 131 -43.41 49.45 6.39
CA GLY C 131 -42.69 50.68 6.61
C GLY C 131 -42.42 51.50 5.37
N GLU C 132 -43.17 51.28 4.29
CA GLU C 132 -42.95 51.99 3.03
C GLU C 132 -44.30 52.45 2.48
N THR C 133 -44.24 53.48 1.62
CA THR C 133 -45.42 54.04 0.97
C THR C 133 -45.31 53.81 -0.53
N LYS C 134 -46.31 53.14 -1.09
CA LYS C 134 -46.33 52.85 -2.52
C LYS C 134 -47.74 52.47 -2.93
N ARG C 135 -48.09 52.83 -4.15
CA ARG C 135 -49.42 52.50 -4.68
C ARG C 135 -49.50 51.01 -4.97
N PRO C 136 -50.58 50.33 -4.56
CA PRO C 136 -50.75 48.92 -4.92
C PRO C 136 -50.90 48.75 -6.43
N GLU C 137 -50.42 47.61 -6.92
CA GLU C 137 -50.44 47.29 -8.34
C GLU C 137 -51.39 46.13 -8.61
N LEU C 138 -52.22 46.27 -9.65
CA LEU C 138 -53.18 45.26 -10.06
C LEU C 138 -52.97 44.94 -11.54
N TYR C 139 -52.80 43.66 -11.84
CA TYR C 139 -52.62 43.19 -13.21
C TYR C 139 -53.71 42.18 -13.56
N ARG C 140 -54.27 42.32 -14.76
CA ARG C 140 -55.32 41.44 -15.25
C ARG C 140 -54.80 40.66 -16.46
N ILE C 141 -55.03 39.36 -16.45
CA ILE C 141 -54.58 38.46 -17.51
C ILE C 141 -55.79 37.71 -18.06
N THR C 142 -55.91 37.65 -19.38
CA THR C 142 -57.03 37.01 -20.06
C THR C 142 -56.60 35.65 -20.61
N TYR C 143 -57.53 34.98 -21.27
CA TYR C 143 -57.30 33.61 -21.73
C TYR C 143 -56.27 33.56 -22.85
N ASP C 144 -56.27 34.56 -23.73
CA ASP C 144 -55.36 34.53 -24.88
C ASP C 144 -53.94 34.93 -24.53
N GLY C 145 -53.70 35.44 -23.33
CA GLY C 145 -52.37 35.85 -22.91
C GLY C 145 -52.17 37.35 -22.79
N SER C 146 -53.19 38.15 -23.07
CA SER C 146 -53.07 39.60 -22.93
C SER C 146 -52.95 39.98 -21.46
N ILE C 147 -52.07 40.93 -21.17
CA ILE C 147 -51.82 41.41 -19.82
C ILE C 147 -52.04 42.91 -19.79
N ALA C 148 -52.79 43.38 -18.79
CA ALA C 148 -53.08 44.80 -18.64
C ALA C 148 -52.90 45.21 -17.19
N ASP C 149 -52.65 46.51 -17.00
CA ASP C 149 -52.47 47.09 -15.68
C ASP C 149 -53.66 47.99 -15.36
N GLU C 150 -54.27 47.77 -14.21
CA GLU C 150 -55.45 48.50 -13.76
C GLU C 150 -55.13 49.30 -12.51
N PRO C 151 -55.37 50.61 -12.51
CA PRO C 151 -54.97 51.43 -11.36
C PRO C 151 -55.97 51.44 -10.21
N HIS C 152 -57.25 51.18 -10.49
CA HIS C 152 -58.31 51.37 -9.50
C HIS C 152 -58.97 50.07 -9.08
N PHE C 153 -59.53 49.30 -10.01
CA PHE C 153 -60.25 48.10 -9.64
C PHE C 153 -60.25 47.12 -10.80
N VAL C 154 -60.52 45.86 -10.48
CA VAL C 154 -60.64 44.79 -11.47
C VAL C 154 -61.93 44.03 -11.22
N VAL C 155 -62.70 43.80 -12.28
CA VAL C 155 -63.94 43.02 -12.22
C VAL C 155 -63.84 41.93 -13.29
N MET C 156 -63.97 40.67 -12.89
CA MET C 156 -63.88 39.55 -13.82
C MET C 156 -65.07 38.62 -13.66
N GLY C 157 -65.41 37.94 -14.76
CA GLY C 157 -66.42 36.90 -14.74
C GLY C 157 -67.85 37.39 -14.86
N GLY C 158 -68.67 36.63 -15.57
CA GLY C 158 -70.06 36.97 -15.79
C GLY C 158 -70.24 38.25 -16.59
N THR C 159 -71.37 38.91 -16.34
CA THR C 159 -71.70 40.19 -16.99
C THR C 159 -71.11 41.30 -16.13
N THR C 160 -69.98 41.85 -16.56
CA THR C 160 -69.25 42.83 -15.76
C THR C 160 -69.64 44.27 -16.05
N GLU C 161 -70.42 44.52 -17.10
CA GLU C 161 -70.75 45.91 -17.45
C GLU C 161 -71.54 46.64 -16.37
N PRO C 162 -72.64 46.11 -15.84
CA PRO C 162 -73.31 46.84 -14.74
C PRO C 162 -72.44 46.99 -13.52
N ILE C 163 -71.67 45.96 -13.18
CA ILE C 163 -70.79 46.06 -12.00
C ILE C 163 -69.72 47.11 -12.24
N ALA C 164 -69.15 47.13 -13.44
CA ALA C 164 -68.11 48.12 -13.76
C ALA C 164 -68.68 49.53 -13.70
N ASN C 165 -69.88 49.73 -14.24
CA ASN C 165 -70.49 51.05 -14.21
C ASN C 165 -70.77 51.49 -12.78
N ALA C 166 -71.32 50.59 -11.95
CA ALA C 166 -71.60 50.93 -10.56
C ALA C 166 -70.32 51.26 -9.80
N LEU C 167 -69.27 50.48 -10.00
CA LEU C 167 -68.00 50.76 -9.34
C LEU C 167 -67.41 52.08 -9.80
N LYS C 168 -67.48 52.37 -11.10
CA LYS C 168 -66.95 53.61 -11.61
C LYS C 168 -67.70 54.81 -11.05
N GLU C 169 -69.02 54.71 -10.94
CA GLU C 169 -69.80 55.81 -10.39
C GLU C 169 -69.60 55.95 -8.88
N SER C 170 -69.30 54.85 -8.18
CA SER C 170 -69.26 54.86 -6.73
C SER C 170 -67.85 54.78 -6.15
N TYR C 171 -66.82 54.64 -6.98
CA TYR C 171 -65.47 54.49 -6.46
C TYR C 171 -65.00 55.77 -5.76
N ALA C 172 -64.37 55.60 -4.60
CA ALA C 172 -63.80 56.70 -3.84
C ALA C 172 -62.41 56.30 -3.37
N GLU C 173 -61.43 57.16 -3.65
CA GLU C 173 -60.05 56.87 -3.28
C GLU C 173 -59.83 57.06 -1.79
N ASN C 174 -58.87 56.32 -1.24
CA ASN C 174 -58.49 56.39 0.17
C ASN C 174 -59.68 56.11 1.08
N ALA C 175 -60.52 55.15 0.69
CA ALA C 175 -61.68 54.79 1.47
C ALA C 175 -61.29 53.85 2.61
N SER C 176 -62.21 53.69 3.57
CA SER C 176 -61.99 52.79 4.68
C SER C 176 -62.37 51.36 4.28
N LEU C 177 -62.08 50.42 5.19
CA LEU C 177 -62.36 49.02 4.92
C LEU C 177 -63.87 48.75 4.85
N THR C 178 -64.62 49.26 5.82
CA THR C 178 -66.06 49.02 5.85
C THR C 178 -66.75 49.68 4.66
N ASP C 179 -66.37 50.91 4.35
CA ASP C 179 -66.99 51.63 3.23
C ASP C 179 -66.68 50.92 1.91
N ALA C 180 -65.43 50.50 1.71
CA ALA C 180 -65.07 49.80 0.49
C ALA C 180 -65.80 48.46 0.38
N LEU C 181 -65.92 47.74 1.49
CA LEU C 181 -66.65 46.47 1.47
C LEU C 181 -68.11 46.67 1.12
N ARG C 182 -68.75 47.68 1.72
CA ARG C 182 -70.15 47.96 1.42
C ARG C 182 -70.33 48.38 -0.04
N ILE C 183 -69.40 49.20 -0.55
CA ILE C 183 -69.50 49.64 -1.94
C ILE C 183 -69.34 48.47 -2.88
N ALA C 184 -68.37 47.59 -2.61
CA ALA C 184 -68.17 46.41 -3.44
C ALA C 184 -69.39 45.49 -3.41
N VAL C 185 -69.98 45.30 -2.22
CA VAL C 185 -71.16 44.45 -2.11
C VAL C 185 -72.33 45.05 -2.88
N ALA C 186 -72.54 46.35 -2.77
CA ALA C 186 -73.61 47.00 -3.52
C ALA C 186 -73.38 46.88 -5.02
N ALA C 187 -72.13 47.06 -5.47
CA ALA C 187 -71.84 46.95 -6.90
C ALA C 187 -72.07 45.52 -7.39
N LEU C 188 -71.69 44.53 -6.60
CA LEU C 188 -71.87 43.14 -6.99
C LEU C 188 -73.33 42.74 -7.01
N ARG C 189 -74.15 43.30 -6.11
CA ARG C 189 -75.56 42.97 -6.07
C ARG C 189 -76.26 43.40 -7.36
N ALA C 190 -75.91 44.57 -7.87
CA ALA C 190 -76.51 45.09 -9.10
C ALA C 190 -75.96 44.35 -10.31
N LEU C 203 -76.81 38.43 -0.29
CA LEU C 203 -75.37 38.23 -0.09
C LEU C 203 -75.01 38.44 1.37
N GLY C 204 -75.26 37.42 2.20
CA GLY C 204 -74.99 37.48 3.61
C GLY C 204 -73.65 36.85 3.96
N VAL C 205 -73.59 36.24 5.15
CA VAL C 205 -72.39 35.51 5.54
C VAL C 205 -72.14 34.37 4.57
N ALA C 206 -73.19 33.65 4.19
CA ALA C 206 -73.07 32.58 3.22
C ALA C 206 -72.91 33.13 1.81
N SER C 207 -72.32 32.32 0.94
CA SER C 207 -72.10 32.67 -0.47
C SER C 207 -71.27 33.94 -0.62
N LEU C 208 -70.30 34.14 0.27
CA LEU C 208 -69.43 35.31 0.22
C LEU C 208 -68.02 34.91 0.62
N GLU C 209 -67.04 35.36 -0.15
CA GLU C 209 -65.63 35.13 0.15
C GLU C 209 -64.90 36.47 0.11
N VAL C 210 -64.33 36.87 1.25
CA VAL C 210 -63.68 38.17 1.41
C VAL C 210 -62.26 37.94 1.90
N ALA C 211 -61.29 38.58 1.23
CA ALA C 211 -59.90 38.50 1.64
C ALA C 211 -59.26 39.87 1.53
N VAL C 212 -58.18 40.10 2.29
CA VAL C 212 -57.49 41.37 2.28
C VAL C 212 -55.98 41.15 2.28
N LEU C 213 -55.26 42.09 1.69
CA LEU C 213 -53.81 42.15 1.75
C LEU C 213 -53.45 43.31 2.67
N ASP C 214 -53.11 43.00 3.92
CA ASP C 214 -52.89 44.03 4.93
C ASP C 214 -51.47 44.59 4.79
N ALA C 215 -51.37 45.82 4.29
CA ALA C 215 -50.06 46.45 4.13
C ALA C 215 -49.40 46.79 5.46
N ASN C 216 -50.16 46.79 6.55
CA ASN C 216 -49.62 47.10 7.86
C ASN C 216 -49.03 45.87 8.56
N ARG C 217 -49.24 44.68 8.03
CA ARG C 217 -48.68 43.48 8.63
C ARG C 217 -47.17 43.42 8.40
N PRO C 218 -46.41 42.87 9.35
CA PRO C 218 -44.95 42.88 9.24
C PRO C 218 -44.40 42.14 8.02
N ARG C 219 -44.71 40.85 7.88
CA ARG C 219 -44.12 40.03 6.83
C ARG C 219 -45.16 39.51 5.85
N ARG C 220 -46.19 38.80 6.32
CA ARG C 220 -47.22 38.25 5.46
C ARG C 220 -48.48 39.11 5.55
N ALA C 221 -49.02 39.48 4.40
CA ALA C 221 -50.09 40.47 4.33
C ALA C 221 -51.47 39.87 4.06
N PHE C 222 -51.54 38.64 3.57
CA PHE C 222 -52.82 38.05 3.19
C PHE C 222 -53.56 37.52 4.42
N ARG C 223 -54.85 37.85 4.50
CA ARG C 223 -55.69 37.30 5.57
C ARG C 223 -57.14 37.31 5.14
N ARG C 224 -57.87 36.29 5.60
CA ARG C 224 -59.28 36.12 5.29
C ARG C 224 -60.15 36.69 6.41
N ILE C 225 -61.32 37.20 6.03
CA ILE C 225 -62.31 37.70 6.98
C ILE C 225 -63.56 36.87 6.80
N THR C 226 -63.79 35.93 7.72
CA THR C 226 -64.96 35.05 7.67
C THR C 226 -65.51 34.86 9.07
N GLY C 227 -66.81 34.58 9.16
CA GLY C 227 -67.44 34.30 10.43
C GLY C 227 -68.14 35.50 11.03
N SER C 228 -68.01 35.66 12.35
CA SER C 228 -68.69 36.77 13.03
C SER C 228 -68.11 38.11 12.62
N ALA C 229 -66.82 38.18 12.34
CA ALA C 229 -66.19 39.43 11.93
C ALA C 229 -66.77 39.94 10.61
N LEU C 230 -67.03 39.03 9.67
CA LEU C 230 -67.61 39.44 8.39
C LEU C 230 -69.00 40.04 8.58
N GLN C 231 -69.83 39.42 9.43
CA GLN C 231 -71.15 39.96 9.70
C GLN C 231 -71.06 41.30 10.43
N ALA C 232 -70.11 41.43 11.36
CA ALA C 232 -69.93 42.69 12.07
C ALA C 232 -69.53 43.80 11.11
N LEU C 233 -68.67 43.49 10.14
CA LEU C 233 -68.25 44.48 9.16
C LEU C 233 -69.26 44.68 8.04
N LEU C 234 -70.27 43.83 7.94
CA LEU C 234 -71.27 43.94 6.88
C LEU C 234 -72.46 44.77 7.36
N SER D 8 -53.36 24.06 -50.45
CA SER D 8 -52.36 24.74 -51.25
C SER D 8 -51.49 25.64 -50.38
N PRO D 9 -50.16 25.56 -50.57
CA PRO D 9 -49.27 26.42 -49.80
C PRO D 9 -49.52 27.90 -49.99
N GLU D 10 -49.92 28.32 -51.20
CA GLU D 10 -50.17 29.72 -51.47
C GLU D 10 -51.23 30.29 -50.55
N GLN D 11 -52.35 29.57 -50.41
CA GLN D 11 -53.44 30.06 -49.59
C GLN D 11 -53.03 30.15 -48.13
N ALA D 12 -52.28 29.17 -47.63
CA ALA D 12 -51.82 29.20 -46.25
C ALA D 12 -50.90 30.38 -46.00
N MET D 13 -49.92 30.60 -46.90
CA MET D 13 -49.02 31.73 -46.74
C MET D 13 -49.77 33.05 -46.81
N ARG D 14 -50.71 33.17 -47.73
CA ARG D 14 -51.49 34.40 -47.85
C ARG D 14 -52.31 34.67 -46.60
N GLU D 15 -52.95 33.63 -46.06
CA GLU D 15 -53.75 33.80 -44.85
C GLU D 15 -52.89 34.18 -43.66
N ARG D 16 -51.73 33.54 -43.51
CA ARG D 16 -50.83 33.87 -42.40
C ARG D 16 -50.31 35.31 -42.53
N SER D 17 -49.94 35.71 -43.75
CA SER D 17 -49.48 37.08 -43.97
C SER D 17 -50.58 38.08 -43.67
N GLU D 18 -51.83 37.76 -44.05
CA GLU D 18 -52.95 38.66 -43.76
C GLU D 18 -53.19 38.78 -42.26
N LEU D 19 -53.10 37.65 -41.53
CA LEU D 19 -53.24 37.70 -40.08
C LEU D 19 -52.16 38.58 -39.45
N ALA D 20 -50.91 38.40 -39.88
CA ALA D 20 -49.82 39.21 -39.34
C ALA D 20 -50.01 40.68 -39.67
N ARG D 21 -50.48 40.97 -40.89
CA ARG D 21 -50.70 42.36 -41.30
C ARG D 21 -51.79 43.01 -40.46
N LYS D 22 -52.89 42.29 -40.21
CA LYS D 22 -53.95 42.84 -39.35
C LYS D 22 -53.43 43.07 -37.93
N GLY D 23 -52.69 42.10 -37.39
CA GLY D 23 -52.15 42.26 -36.05
C GLY D 23 -51.23 43.46 -35.93
N ILE D 24 -50.38 43.69 -36.94
CA ILE D 24 -49.52 44.86 -36.95
C ILE D 24 -50.35 46.13 -37.08
N ALA D 25 -51.38 46.10 -37.93
CA ALA D 25 -52.15 47.30 -38.22
C ALA D 25 -52.98 47.76 -37.02
N ARG D 26 -53.39 46.84 -36.15
CA ARG D 26 -54.20 47.20 -35.00
C ARG D 26 -53.36 47.55 -33.77
N ALA D 27 -52.11 47.99 -33.97
CA ALA D 27 -51.20 48.31 -32.88
C ALA D 27 -50.83 49.79 -32.92
N LYS D 28 -50.05 50.20 -31.92
CA LYS D 28 -49.60 51.58 -31.81
C LYS D 28 -48.34 51.79 -32.66
N SER D 29 -47.79 53.00 -32.61
CA SER D 29 -46.68 53.40 -33.46
C SER D 29 -45.42 53.67 -32.65
N VAL D 30 -44.28 53.20 -33.15
CA VAL D 30 -42.97 53.45 -32.56
C VAL D 30 -42.09 54.08 -33.63
N VAL D 31 -41.29 55.07 -33.24
CA VAL D 31 -40.48 55.84 -34.17
C VAL D 31 -39.05 55.91 -33.65
N ALA D 32 -38.09 55.59 -34.51
CA ALA D 32 -36.69 55.67 -34.16
C ALA D 32 -36.00 56.62 -35.14
N LEU D 33 -35.29 57.60 -34.59
CA LEU D 33 -34.63 58.64 -35.35
C LEU D 33 -33.14 58.67 -35.03
N ALA D 34 -32.36 59.22 -35.96
CA ALA D 34 -30.92 59.38 -35.78
C ALA D 34 -30.61 60.87 -35.73
N TYR D 35 -29.96 61.30 -34.65
CA TYR D 35 -29.56 62.69 -34.47
C TYR D 35 -28.08 62.73 -34.12
N ALA D 36 -27.55 63.94 -33.95
CA ALA D 36 -26.12 64.14 -33.73
C ALA D 36 -25.61 63.37 -32.51
N GLY D 37 -26.42 63.29 -31.45
CA GLY D 37 -26.01 62.57 -30.26
C GLY D 37 -26.19 61.07 -30.31
N GLY D 38 -26.88 60.55 -31.32
CA GLY D 38 -27.06 59.12 -31.45
C GLY D 38 -28.41 58.72 -32.01
N VAL D 39 -29.12 57.86 -31.28
CA VAL D 39 -30.42 57.33 -31.69
C VAL D 39 -31.45 57.67 -30.63
N LEU D 40 -32.64 58.08 -31.08
CA LEU D 40 -33.74 58.44 -30.21
C LEU D 40 -34.95 57.56 -30.52
N PHE D 41 -35.53 56.96 -29.49
CA PHE D 41 -36.72 56.12 -29.60
C PHE D 41 -37.90 56.83 -28.93
N VAL D 42 -39.01 56.95 -29.66
CA VAL D 42 -40.23 57.57 -29.17
C VAL D 42 -41.40 56.63 -29.42
N ALA D 43 -42.16 56.33 -28.36
CA ALA D 43 -43.34 55.48 -28.47
C ALA D 43 -44.47 56.07 -27.64
N GLU D 44 -45.69 55.71 -28.01
CA GLU D 44 -46.88 56.12 -27.27
C GLU D 44 -47.33 54.96 -26.39
N ASN D 45 -46.99 55.03 -25.10
CA ASN D 45 -47.31 53.97 -24.17
C ASN D 45 -47.81 54.56 -22.85
N PRO D 46 -49.08 54.34 -22.50
CA PRO D 46 -49.58 54.91 -21.24
C PRO D 46 -49.07 54.19 -20.00
N SER D 47 -48.89 52.88 -20.07
CA SER D 47 -48.47 52.10 -18.91
C SER D 47 -47.03 52.43 -18.52
N ARG D 48 -46.77 52.54 -17.22
CA ARG D 48 -45.43 52.77 -16.69
C ARG D 48 -44.72 51.49 -16.30
N SER D 49 -45.37 50.34 -16.39
CA SER D 49 -44.75 49.07 -16.01
C SER D 49 -44.33 48.23 -17.20
N LEU D 50 -45.04 48.31 -18.32
CA LEU D 50 -44.71 47.57 -19.53
C LEU D 50 -44.02 48.50 -20.51
N GLN D 51 -42.83 48.10 -20.96
CA GLN D 51 -41.98 48.93 -21.79
C GLN D 51 -41.77 48.28 -23.16
N LYS D 52 -41.63 49.14 -24.18
CA LYS D 52 -41.41 48.70 -25.55
C LYS D 52 -40.00 48.96 -26.05
N ILE D 53 -39.25 49.85 -25.40
CA ILE D 53 -37.88 50.17 -25.77
C ILE D 53 -36.95 49.64 -24.70
N SER D 54 -35.88 48.96 -25.10
CA SER D 54 -34.99 48.32 -24.15
C SER D 54 -33.55 48.39 -24.65
N GLU D 55 -32.63 48.00 -23.79
CA GLU D 55 -31.21 47.94 -24.10
C GLU D 55 -30.78 46.48 -24.24
N LEU D 56 -30.03 46.19 -25.29
CA LEU D 56 -29.53 44.84 -25.55
C LEU D 56 -28.09 44.66 -25.06
N TYR D 57 -27.23 45.62 -25.34
CA TYR D 57 -25.83 45.54 -24.92
C TYR D 57 -25.34 46.97 -24.67
N ASP D 58 -24.02 47.15 -24.65
CA ASP D 58 -23.44 48.43 -24.31
C ASP D 58 -23.86 49.54 -25.28
N ARG D 59 -23.85 49.25 -26.58
CA ARG D 59 -24.18 50.23 -27.60
C ARG D 59 -25.29 49.77 -28.53
N VAL D 60 -26.17 48.87 -28.07
CA VAL D 60 -27.23 48.32 -28.89
C VAL D 60 -28.56 48.59 -28.21
N GLY D 61 -29.55 49.01 -29.00
CA GLY D 61 -30.88 49.28 -28.49
C GLY D 61 -31.93 48.56 -29.30
N PHE D 62 -33.02 48.19 -28.62
CA PHE D 62 -34.06 47.35 -29.19
C PHE D 62 -35.40 48.05 -29.05
N ALA D 63 -36.17 48.04 -30.14
CA ALA D 63 -37.54 48.56 -30.14
C ALA D 63 -38.46 47.56 -30.83
N ALA D 64 -39.71 47.52 -30.39
CA ALA D 64 -40.66 46.54 -30.90
C ALA D 64 -42.06 47.12 -30.93
N ALA D 65 -42.85 46.62 -31.88
CA ALA D 65 -44.26 46.97 -31.99
C ALA D 65 -45.09 45.70 -32.17
N GLY D 66 -46.21 45.62 -31.46
CA GLY D 66 -47.08 44.46 -31.55
C GLY D 66 -47.56 43.96 -30.20
N LYS D 67 -47.62 42.64 -30.03
CA LYS D 67 -48.08 42.05 -28.79
C LYS D 67 -46.94 41.99 -27.79
N PHE D 68 -47.19 42.44 -26.56
CA PHE D 68 -46.12 42.57 -25.57
C PHE D 68 -45.49 41.23 -25.24
N ASN D 69 -46.32 40.22 -24.95
CA ASN D 69 -45.81 38.91 -24.59
C ASN D 69 -45.11 38.21 -25.74
N GLU D 70 -45.25 38.70 -26.97
CA GLU D 70 -44.59 38.09 -28.11
C GLU D 70 -43.18 38.63 -28.33
N PHE D 71 -42.96 39.93 -28.17
CA PHE D 71 -41.61 40.47 -28.33
C PHE D 71 -40.82 40.52 -27.03
N ASP D 72 -41.46 40.31 -25.88
CA ASP D 72 -40.70 40.20 -24.63
C ASP D 72 -39.77 38.99 -24.66
N ASN D 73 -40.27 37.86 -25.18
CA ASN D 73 -39.44 36.68 -25.31
C ASN D 73 -38.27 36.91 -26.27
N LEU D 74 -38.52 37.60 -27.37
CA LEU D 74 -37.46 37.93 -28.31
C LEU D 74 -36.39 38.81 -27.67
N ARG D 75 -36.82 39.81 -26.88
CA ARG D 75 -35.87 40.67 -26.19
C ARG D 75 -35.01 39.87 -25.21
N ARG D 76 -35.63 38.97 -24.44
CA ARG D 76 -34.86 38.15 -23.51
C ARG D 76 -33.86 37.27 -24.24
N GLY D 77 -34.27 36.66 -25.34
CA GLY D 77 -33.35 35.84 -26.12
C GLY D 77 -32.18 36.62 -26.67
N GLY D 78 -32.45 37.85 -27.14
CA GLY D 78 -31.36 38.68 -27.65
C GLY D 78 -30.36 39.05 -26.58
N ILE D 79 -30.84 39.36 -25.36
CA ILE D 79 -29.93 39.65 -24.27
C ILE D 79 -29.08 38.42 -23.94
N GLN D 80 -29.69 37.23 -23.94
CA GLN D 80 -28.94 36.02 -23.66
C GLN D 80 -27.83 35.81 -24.70
N PHE D 81 -28.16 35.96 -25.99
CA PHE D 81 -27.17 35.79 -27.04
C PHE D 81 -26.02 36.77 -26.86
N ALA D 82 -26.34 38.04 -26.59
CA ALA D 82 -25.30 39.05 -26.48
C ALA D 82 -24.36 38.79 -25.30
N ASP D 83 -24.92 38.43 -24.14
CA ASP D 83 -24.07 38.19 -22.98
C ASP D 83 -23.20 36.95 -23.18
N THR D 84 -23.76 35.88 -23.76
CA THR D 84 -22.95 34.69 -23.98
C THR D 84 -21.84 34.95 -25.00
N ARG D 85 -22.13 35.71 -26.06
CA ARG D 85 -21.07 36.01 -27.03
C ARG D 85 -20.02 36.94 -26.43
N GLY D 86 -20.44 37.91 -25.63
CA GLY D 86 -19.47 38.81 -25.00
C GLY D 86 -18.53 38.08 -24.06
N TYR D 87 -19.07 37.13 -23.28
CA TYR D 87 -18.19 36.33 -22.44
C TYR D 87 -17.37 35.33 -23.27
N ALA D 88 -17.88 34.91 -24.42
CA ALA D 88 -17.17 33.92 -25.23
C ALA D 88 -15.88 34.49 -25.81
N TYR D 89 -15.95 35.66 -26.45
CA TYR D 89 -14.78 36.25 -27.09
C TYR D 89 -14.34 37.55 -26.44
N ASP D 90 -15.21 38.56 -26.42
CA ASP D 90 -14.91 39.87 -25.88
C ASP D 90 -16.16 40.75 -25.97
N ARG D 91 -16.14 41.85 -25.22
CA ARG D 91 -17.26 42.80 -25.25
C ARG D 91 -17.28 43.61 -26.54
N ARG D 92 -16.10 43.86 -27.12
CA ARG D 92 -16.00 44.69 -28.32
C ARG D 92 -16.23 43.90 -29.61
N ASP D 93 -16.48 42.60 -29.51
CA ASP D 93 -16.73 41.76 -30.68
C ASP D 93 -18.22 41.55 -30.93
N VAL D 94 -19.08 42.31 -30.26
CA VAL D 94 -20.52 42.18 -30.39
C VAL D 94 -21.04 43.37 -31.18
N THR D 95 -21.79 43.09 -32.24
CA THR D 95 -22.35 44.12 -33.11
C THR D 95 -23.85 43.87 -33.30
N GLY D 96 -24.54 44.89 -33.79
CA GLY D 96 -25.98 44.80 -33.98
C GLY D 96 -26.39 43.97 -35.17
N ARG D 97 -25.50 43.82 -36.16
CA ARG D 97 -25.85 43.03 -37.34
C ARG D 97 -26.05 41.56 -36.99
N GLN D 98 -25.24 41.01 -36.09
CA GLN D 98 -25.42 39.64 -35.65
C GLN D 98 -26.75 39.45 -34.95
N LEU D 99 -27.11 40.41 -34.08
CA LEU D 99 -28.41 40.33 -33.41
C LEU D 99 -29.56 40.41 -34.40
N ALA D 100 -29.44 41.30 -35.40
CA ALA D 100 -30.48 41.40 -36.42
C ALA D 100 -30.61 40.11 -37.21
N ASN D 101 -29.48 39.48 -37.55
CA ASN D 101 -29.54 38.21 -38.28
C ASN D 101 -30.18 37.12 -37.43
N VAL D 102 -29.85 37.07 -36.14
CA VAL D 102 -30.45 36.07 -35.26
C VAL D 102 -31.95 36.28 -35.17
N TYR D 103 -32.38 37.54 -35.03
CA TYR D 103 -33.80 37.85 -34.96
C TYR D 103 -34.51 37.46 -36.25
N ALA D 104 -33.88 37.73 -37.40
CA ALA D 104 -34.48 37.37 -38.69
C ALA D 104 -34.64 35.87 -38.81
N GLN D 105 -33.61 35.11 -38.42
CA GLN D 105 -33.72 33.64 -38.49
C GLN D 105 -34.81 33.13 -37.57
N THR D 106 -34.87 33.64 -36.34
CA THR D 106 -35.91 33.19 -35.40
C THR D 106 -37.30 33.52 -35.91
N LEU D 107 -37.49 34.73 -36.44
CA LEU D 107 -38.81 35.13 -36.93
C LEU D 107 -39.21 34.31 -38.15
N GLY D 108 -38.26 34.03 -39.05
CA GLY D 108 -38.56 33.18 -40.19
C GLY D 108 -38.95 31.77 -39.77
N THR D 109 -38.23 31.20 -38.81
CA THR D 109 -38.56 29.86 -38.33
C THR D 109 -39.93 29.83 -37.67
N ILE D 110 -40.25 30.87 -36.90
CA ILE D 110 -41.57 30.95 -36.26
C ILE D 110 -42.67 31.07 -37.30
N PHE D 111 -42.47 31.93 -38.31
CA PHE D 111 -43.48 32.12 -39.34
C PHE D 111 -43.67 30.86 -40.18
N THR D 112 -42.62 30.05 -40.32
CA THR D 112 -42.72 28.86 -41.17
C THR D 112 -43.34 27.69 -40.42
N GLU D 113 -42.86 27.42 -39.20
CA GLU D 113 -43.21 26.18 -38.50
C GLU D 113 -44.36 26.34 -37.50
N GLN D 114 -44.40 27.44 -36.75
CA GLN D 114 -45.39 27.57 -35.69
C GLN D 114 -46.80 27.68 -36.27
N ALA D 115 -47.78 27.26 -35.47
CA ALA D 115 -49.17 27.26 -35.91
C ALA D 115 -49.67 28.68 -36.15
N LYS D 116 -49.32 29.61 -35.27
CA LYS D 116 -49.74 31.01 -35.39
C LYS D 116 -48.52 31.90 -35.53
N PRO D 117 -48.44 32.72 -36.57
CA PRO D 117 -47.28 33.61 -36.73
C PRO D 117 -47.27 34.72 -35.69
N TYR D 118 -46.08 35.23 -35.41
CA TYR D 118 -45.91 36.33 -34.46
C TYR D 118 -46.30 37.64 -35.12
N GLU D 119 -47.08 38.45 -34.41
CA GLU D 119 -47.49 39.77 -34.88
C GLU D 119 -46.59 40.83 -34.24
N VAL D 120 -45.36 40.90 -34.75
CA VAL D 120 -44.35 41.79 -34.20
C VAL D 120 -43.60 42.49 -35.33
N GLU D 121 -43.02 43.64 -34.99
CA GLU D 121 -42.12 44.37 -35.86
C GLU D 121 -40.96 44.87 -35.01
N LEU D 122 -39.73 44.54 -35.42
CA LEU D 122 -38.56 44.79 -34.59
C LEU D 122 -37.62 45.79 -35.23
N CYS D 123 -36.93 46.56 -34.38
CA CYS D 123 -35.92 47.51 -34.83
C CYS D 123 -34.71 47.42 -33.92
N VAL D 124 -33.52 47.33 -34.51
CA VAL D 124 -32.26 47.26 -33.78
C VAL D 124 -31.42 48.47 -34.17
N ALA D 125 -30.92 49.19 -33.17
CA ALA D 125 -30.11 50.38 -33.40
C ALA D 125 -28.74 50.22 -32.75
N GLU D 126 -27.71 50.69 -33.44
CA GLU D 126 -26.33 50.63 -32.94
C GLU D 126 -25.63 51.95 -33.18
N VAL D 127 -24.83 52.36 -32.19
CA VAL D 127 -24.04 53.59 -32.27
C VAL D 127 -22.56 53.24 -32.18
N ALA D 128 -21.71 54.24 -32.35
CA ALA D 128 -20.26 54.03 -32.34
C ALA D 128 -19.73 53.96 -30.91
N HIS D 129 -18.51 53.44 -30.77
CA HIS D 129 -17.86 53.36 -29.48
C HIS D 129 -17.37 54.74 -29.04
N TYR D 130 -16.99 54.84 -27.77
CA TYR D 130 -16.54 56.10 -27.22
C TYR D 130 -15.24 56.55 -27.89
N GLY D 131 -15.16 57.85 -28.19
CA GLY D 131 -13.98 58.37 -28.83
C GLY D 131 -13.84 58.06 -30.30
N GLU D 132 -14.92 57.70 -30.97
CA GLU D 132 -14.88 57.34 -32.38
C GLU D 132 -16.02 58.01 -33.12
N THR D 133 -15.86 58.15 -34.43
CA THR D 133 -16.86 58.76 -35.31
C THR D 133 -17.36 57.70 -36.28
N LYS D 134 -18.67 57.48 -36.29
CA LYS D 134 -19.28 56.49 -37.17
C LYS D 134 -20.77 56.75 -37.25
N ARG D 135 -21.35 56.49 -38.41
CA ARG D 135 -22.78 56.66 -38.61
C ARG D 135 -23.55 55.59 -37.84
N PRO D 136 -24.60 55.95 -37.11
CA PRO D 136 -25.42 54.93 -36.45
C PRO D 136 -26.13 54.04 -37.48
N GLU D 137 -26.35 52.79 -37.09
CA GLU D 137 -26.96 51.80 -37.95
C GLU D 137 -28.32 51.39 -37.41
N LEU D 138 -29.32 51.33 -38.30
CA LEU D 138 -30.68 50.95 -37.95
C LEU D 138 -31.13 49.80 -38.84
N TYR D 139 -31.59 48.72 -38.23
CA TYR D 139 -32.09 47.55 -38.95
C TYR D 139 -33.54 47.28 -38.56
N ARG D 140 -34.36 46.98 -39.57
CA ARG D 140 -35.77 46.68 -39.38
C ARG D 140 -36.04 45.24 -39.76
N ILE D 141 -36.77 44.53 -38.91
CA ILE D 141 -37.09 43.11 -39.12
C ILE D 141 -38.61 42.95 -39.04
N THR D 142 -39.17 42.25 -40.01
CA THR D 142 -40.61 42.03 -40.11
C THR D 142 -40.97 40.62 -39.63
N TYR D 143 -42.26 40.31 -39.69
CA TYR D 143 -42.76 39.06 -39.15
C TYR D 143 -42.27 37.86 -39.94
N ASP D 144 -42.16 37.99 -41.26
CA ASP D 144 -41.79 36.86 -42.10
C ASP D 144 -40.30 36.56 -42.08
N GLY D 145 -39.48 37.44 -41.51
CA GLY D 145 -38.05 37.25 -41.44
C GLY D 145 -37.24 38.17 -42.33
N SER D 146 -37.88 39.06 -43.09
CA SER D 146 -37.15 40.00 -43.93
C SER D 146 -36.41 41.01 -43.06
N ILE D 147 -35.19 41.33 -43.47
CA ILE D 147 -34.33 42.26 -42.76
C ILE D 147 -33.90 43.36 -43.72
N ALA D 148 -34.03 44.61 -43.29
CA ALA D 148 -33.67 45.75 -44.11
C ALA D 148 -32.85 46.74 -43.29
N ASP D 149 -32.06 47.55 -43.99
CA ASP D 149 -31.22 48.58 -43.38
C ASP D 149 -31.77 49.95 -43.75
N GLU D 150 -32.00 50.79 -42.73
CA GLU D 150 -32.56 52.11 -42.89
C GLU D 150 -31.55 53.16 -42.47
N PRO D 151 -31.24 54.14 -43.33
CA PRO D 151 -30.19 55.11 -43.01
C PRO D 151 -30.65 56.28 -42.15
N HIS D 152 -31.94 56.62 -42.21
CA HIS D 152 -32.43 57.85 -41.60
C HIS D 152 -33.38 57.60 -40.43
N PHE D 153 -34.47 56.87 -40.64
CA PHE D 153 -35.45 56.69 -39.58
C PHE D 153 -36.22 55.40 -39.82
N VAL D 154 -36.85 54.92 -38.74
CA VAL D 154 -37.71 53.74 -38.78
C VAL D 154 -39.03 54.07 -38.12
N VAL D 155 -40.14 53.72 -38.78
CA VAL D 155 -41.47 53.89 -38.23
C VAL D 155 -42.19 52.55 -38.33
N MET D 156 -42.68 52.04 -37.19
CA MET D 156 -43.36 50.75 -37.16
C MET D 156 -44.69 50.85 -36.44
N GLY D 157 -45.62 49.99 -36.83
CA GLY D 157 -46.88 49.86 -36.13
C GLY D 157 -47.94 50.84 -36.57
N GLY D 158 -49.20 50.37 -36.61
CA GLY D 158 -50.32 51.20 -37.02
C GLY D 158 -50.23 51.67 -38.46
N THR D 159 -50.85 52.82 -38.73
CA THR D 159 -50.83 53.44 -40.05
C THR D 159 -49.60 54.33 -40.13
N THR D 160 -48.57 53.85 -40.80
CA THR D 160 -47.28 54.54 -40.84
C THR D 160 -47.14 55.51 -42.00
N GLU D 161 -48.05 55.49 -42.97
CA GLU D 161 -47.90 56.34 -44.15
C GLU D 161 -47.91 57.83 -43.82
N PRO D 162 -48.89 58.37 -43.09
CA PRO D 162 -48.80 59.80 -42.76
C PRO D 162 -47.58 60.13 -41.91
N ILE D 163 -47.22 59.26 -40.96
CA ILE D 163 -46.05 59.54 -40.14
C ILE D 163 -44.79 59.52 -41.00
N ALA D 164 -44.69 58.55 -41.90
CA ALA D 164 -43.53 58.47 -42.79
C ALA D 164 -43.43 59.70 -43.68
N ASN D 165 -44.55 60.14 -44.24
CA ASN D 165 -44.54 61.34 -45.07
C ASN D 165 -44.13 62.56 -44.29
N ALA D 166 -44.67 62.74 -43.09
CA ALA D 166 -44.31 63.90 -42.27
C ALA D 166 -42.83 63.87 -41.90
N LEU D 167 -42.32 62.70 -41.52
CA LEU D 167 -40.89 62.59 -41.18
C LEU D 167 -40.02 62.87 -42.39
N LYS D 168 -40.40 62.36 -43.56
CA LYS D 168 -39.62 62.58 -44.77
C LYS D 168 -39.59 64.07 -45.14
N GLU D 169 -40.72 64.75 -45.00
CA GLU D 169 -40.76 66.17 -45.32
C GLU D 169 -40.04 67.01 -44.27
N SER D 170 -39.99 66.54 -43.02
CA SER D 170 -39.46 67.35 -41.93
C SER D 170 -38.10 66.88 -41.42
N TYR D 171 -37.55 65.80 -41.95
CA TYR D 171 -36.27 65.29 -41.45
C TYR D 171 -35.14 66.26 -41.74
N ALA D 172 -34.28 66.48 -40.75
CA ALA D 172 -33.10 67.31 -40.90
C ALA D 172 -31.92 66.60 -40.27
N GLU D 173 -30.83 66.48 -41.02
CA GLU D 173 -29.65 65.79 -40.54
C GLU D 173 -28.87 66.65 -39.53
N ASN D 174 -28.17 65.96 -38.63
CA ASN D 174 -27.35 66.62 -37.61
C ASN D 174 -28.17 67.57 -36.76
N ALA D 175 -29.39 67.17 -36.43
CA ALA D 175 -30.27 67.99 -35.61
C ALA D 175 -29.93 67.83 -34.13
N SER D 176 -30.45 68.75 -33.32
CA SER D 176 -30.26 68.69 -31.88
C SER D 176 -31.28 67.74 -31.25
N LEU D 177 -31.12 67.51 -29.95
CA LEU D 177 -32.00 66.61 -29.23
C LEU D 177 -33.41 67.18 -29.12
N THR D 178 -33.53 68.45 -28.73
CA THR D 178 -34.85 69.06 -28.57
C THR D 178 -35.57 69.17 -29.91
N ASP D 179 -34.86 69.59 -30.96
CA ASP D 179 -35.48 69.72 -32.28
C ASP D 179 -35.94 68.37 -32.81
N ALA D 180 -35.10 67.34 -32.65
CA ALA D 180 -35.48 66.01 -33.11
C ALA D 180 -36.68 65.48 -32.33
N LEU D 181 -36.70 65.71 -31.01
CA LEU D 181 -37.83 65.26 -30.20
C LEU D 181 -39.12 65.95 -30.62
N ARG D 182 -39.06 67.27 -30.84
CA ARG D 182 -40.24 68.00 -31.27
C ARG D 182 -40.71 67.55 -32.64
N ILE D 183 -39.78 67.30 -33.56
CA ILE D 183 -40.13 66.85 -34.89
C ILE D 183 -40.78 65.47 -34.83
N ALA D 184 -40.22 64.56 -34.03
CA ALA D 184 -40.81 63.24 -33.89
C ALA D 184 -42.20 63.30 -33.27
N VAL D 185 -42.38 64.16 -32.26
CA VAL D 185 -43.69 64.30 -31.62
C VAL D 185 -44.71 64.85 -32.62
N ALA D 186 -44.32 65.86 -33.39
CA ALA D 186 -45.24 66.40 -34.40
C ALA D 186 -45.58 65.36 -35.45
N ALA D 187 -44.60 64.57 -35.89
CA ALA D 187 -44.87 63.54 -36.89
C ALA D 187 -45.81 62.47 -36.33
N LEU D 188 -45.61 62.08 -35.07
CA LEU D 188 -46.45 61.05 -34.46
C LEU D 188 -47.88 61.56 -34.22
N ARG D 189 -48.03 62.86 -33.93
CA ARG D 189 -49.36 63.39 -33.70
C ARG D 189 -50.22 63.31 -34.96
N ALA D 190 -49.62 63.59 -36.11
CA ALA D 190 -50.34 63.54 -37.37
C ALA D 190 -50.58 62.10 -37.80
N LEU D 203 -50.30 64.41 -26.37
CA LEU D 203 -49.09 63.65 -26.06
C LEU D 203 -48.21 64.43 -25.09
N GLY D 204 -48.55 64.37 -23.81
CA GLY D 204 -47.82 65.07 -22.78
C GLY D 204 -46.82 64.17 -22.09
N VAL D 205 -46.61 64.42 -20.80
CA VAL D 205 -45.75 63.55 -20.01
C VAL D 205 -46.31 62.13 -19.98
N ALA D 206 -47.62 62.00 -19.81
CA ALA D 206 -48.27 60.71 -19.84
C ALA D 206 -48.39 60.18 -21.27
N SER D 207 -48.50 58.86 -21.38
CA SER D 207 -48.65 58.18 -22.66
C SER D 207 -47.48 58.47 -23.61
N LEU D 208 -46.27 58.60 -23.05
CA LEU D 208 -45.08 58.87 -23.85
C LEU D 208 -43.90 58.10 -23.27
N GLU D 209 -43.14 57.45 -24.13
CA GLU D 209 -41.93 56.73 -23.74
C GLU D 209 -40.78 57.19 -24.64
N VAL D 210 -39.77 57.79 -24.04
CA VAL D 210 -38.64 58.37 -24.76
C VAL D 210 -37.34 57.76 -24.23
N ALA D 211 -36.49 57.29 -25.14
CA ALA D 211 -35.19 56.75 -24.76
C ALA D 211 -34.14 57.22 -25.75
N VAL D 212 -32.88 57.24 -25.31
CA VAL D 212 -31.78 57.69 -26.14
C VAL D 212 -30.59 56.76 -25.98
N LEU D 213 -29.79 56.66 -27.03
CA LEU D 213 -28.51 55.96 -27.02
C LEU D 213 -27.43 57.04 -27.07
N ASP D 214 -26.84 57.37 -25.92
CA ASP D 214 -25.91 58.48 -25.84
C ASP D 214 -24.52 58.02 -26.30
N ALA D 215 -24.10 58.48 -27.48
CA ALA D 215 -22.80 58.11 -28.00
C ALA D 215 -21.65 58.73 -27.21
N ASN D 216 -21.93 59.75 -26.40
CA ASN D 216 -20.90 60.40 -25.60
C ASN D 216 -20.66 59.72 -24.27
N ARG D 217 -21.49 58.75 -23.89
CA ARG D 217 -21.29 58.04 -22.63
C ARG D 217 -20.11 57.08 -22.76
N PRO D 218 -19.36 56.87 -21.67
CA PRO D 218 -18.15 56.04 -21.75
C PRO D 218 -18.38 54.60 -22.17
N ARG D 219 -19.20 53.86 -21.42
CA ARG D 219 -19.38 52.44 -21.68
C ARG D 219 -20.81 52.09 -22.08
N ARG D 220 -21.81 52.44 -21.28
CA ARG D 220 -23.20 52.15 -21.57
C ARG D 220 -23.90 53.39 -22.08
N ALA D 221 -24.60 53.27 -23.21
CA ALA D 221 -25.15 54.41 -23.92
C ALA D 221 -26.65 54.59 -23.75
N PHE D 222 -27.36 53.57 -23.31
CA PHE D 222 -28.82 53.64 -23.22
C PHE D 222 -29.25 54.38 -21.96
N ARG D 223 -30.19 55.31 -22.12
CA ARG D 223 -30.76 56.00 -20.97
C ARG D 223 -32.15 56.52 -21.31
N ARG D 224 -33.03 56.51 -20.31
CA ARG D 224 -34.40 56.96 -20.44
C ARG D 224 -34.54 58.40 -19.98
N ILE D 225 -35.46 59.13 -20.61
CA ILE D 225 -35.78 60.51 -20.25
C ILE D 225 -37.25 60.53 -19.85
N THR D 226 -37.51 60.57 -18.54
CA THR D 226 -38.87 60.59 -18.02
C THR D 226 -38.94 61.54 -16.84
N GLY D 227 -40.14 62.07 -16.61
CA GLY D 227 -40.36 62.96 -15.47
C GLY D 227 -40.29 64.42 -15.80
N SER D 228 -39.66 65.20 -14.93
CA SER D 228 -39.58 66.65 -15.14
C SER D 228 -38.68 66.99 -16.33
N ALA D 229 -37.65 66.18 -16.57
CA ALA D 229 -36.75 66.44 -17.69
C ALA D 229 -37.48 66.32 -19.03
N LEU D 230 -38.38 65.34 -19.14
CA LEU D 230 -39.14 65.18 -20.38
C LEU D 230 -40.03 66.39 -20.65
N GLN D 231 -40.69 66.90 -19.61
CA GLN D 231 -41.51 68.10 -19.78
C GLN D 231 -40.66 69.32 -20.10
N ALA D 232 -39.49 69.43 -19.48
CA ALA D 232 -38.60 70.54 -19.77
C ALA D 232 -38.13 70.51 -21.22
N LEU D 233 -37.84 69.31 -21.74
CA LEU D 233 -37.42 69.17 -23.12
C LEU D 233 -38.57 69.19 -24.11
N LEU D 234 -39.81 69.11 -23.64
CA LEU D 234 -40.98 69.11 -24.52
C LEU D 234 -41.50 70.53 -24.72
N SER E 8 -52.82 14.64 -54.46
CA SER E 8 -51.95 14.10 -55.50
C SER E 8 -50.56 14.71 -55.42
N PRO E 9 -49.53 13.86 -55.50
CA PRO E 9 -48.15 14.39 -55.47
C PRO E 9 -47.84 15.35 -56.60
N GLU E 10 -48.43 15.14 -57.79
CA GLU E 10 -48.15 16.01 -58.92
C GLU E 10 -48.54 17.46 -58.61
N GLN E 11 -49.73 17.66 -58.04
CA GLN E 11 -50.20 19.01 -57.75
C GLN E 11 -49.32 19.69 -56.71
N ALA E 12 -48.91 18.93 -55.69
CA ALA E 12 -48.04 19.50 -54.66
C ALA E 12 -46.68 19.91 -55.24
N MET E 13 -46.07 19.04 -56.05
CA MET E 13 -44.80 19.38 -56.65
C MET E 13 -44.93 20.58 -57.59
N ARG E 14 -46.00 20.63 -58.37
CA ARG E 14 -46.21 21.75 -59.28
C ARG E 14 -46.39 23.06 -58.52
N GLU E 15 -47.17 23.03 -57.43
CA GLU E 15 -47.39 24.24 -56.64
C GLU E 15 -46.09 24.71 -55.99
N ARG E 16 -45.30 23.78 -55.44
CA ARG E 16 -44.04 24.16 -54.82
C ARG E 16 -43.07 24.73 -55.85
N SER E 17 -43.00 24.10 -57.02
CA SER E 17 -42.13 24.61 -58.09
C SER E 17 -42.57 26.00 -58.53
N GLU E 18 -43.89 26.23 -58.62
CA GLU E 18 -44.39 27.55 -59.01
C GLU E 18 -44.04 28.60 -57.96
N LEU E 19 -44.17 28.25 -56.67
CA LEU E 19 -43.79 29.16 -55.61
C LEU E 19 -42.32 29.53 -55.70
N ALA E 20 -41.45 28.52 -55.89
CA ALA E 20 -40.03 28.77 -56.01
C ALA E 20 -39.72 29.62 -57.23
N ARG E 21 -40.41 29.36 -58.34
CA ARG E 21 -40.18 30.14 -59.56
C ARG E 21 -40.57 31.60 -59.36
N LYS E 22 -41.71 31.85 -58.73
CA LYS E 22 -42.10 33.24 -58.44
C LYS E 22 -41.10 33.91 -57.53
N GLY E 23 -40.66 33.21 -56.46
CA GLY E 23 -39.69 33.80 -55.56
C GLY E 23 -38.38 34.15 -56.24
N ILE E 24 -37.92 33.28 -57.14
CA ILE E 24 -36.71 33.58 -57.91
C ILE E 24 -36.96 34.75 -58.85
N ALA E 25 -38.14 34.80 -59.48
CA ALA E 25 -38.41 35.80 -60.50
C ALA E 25 -38.53 37.20 -59.90
N ARG E 26 -38.97 37.31 -58.65
CA ARG E 26 -39.12 38.62 -58.02
C ARG E 26 -37.86 39.10 -57.33
N ALA E 27 -36.68 38.62 -57.75
CA ALA E 27 -35.41 38.96 -57.13
C ALA E 27 -34.52 39.70 -58.12
N LYS E 28 -33.35 40.12 -57.63
CA LYS E 28 -32.38 40.83 -58.46
C LYS E 28 -31.51 39.83 -59.23
N SER E 29 -30.53 40.34 -59.96
CA SER E 29 -29.71 39.53 -60.86
C SER E 29 -28.26 39.52 -60.40
N VAL E 30 -27.64 38.34 -60.47
CA VAL E 30 -26.22 38.15 -60.16
C VAL E 30 -25.58 37.48 -61.38
N VAL E 31 -24.37 37.93 -61.72
CA VAL E 31 -23.69 37.47 -62.92
C VAL E 31 -22.26 37.07 -62.56
N ALA E 32 -21.86 35.88 -62.99
CA ALA E 32 -20.51 35.39 -62.76
C ALA E 32 -19.87 35.09 -64.10
N LEU E 33 -18.69 35.66 -64.33
CA LEU E 33 -17.96 35.55 -65.59
C LEU E 33 -16.58 34.97 -65.34
N ALA E 34 -16.01 34.39 -66.39
CA ALA E 34 -14.65 33.85 -66.34
C ALA E 34 -13.77 34.66 -67.28
N TYR E 35 -12.69 35.22 -66.75
CA TYR E 35 -11.73 36.00 -67.52
C TYR E 35 -10.33 35.45 -67.26
N ALA E 36 -9.34 36.05 -67.92
CA ALA E 36 -7.97 35.55 -67.87
C ALA E 36 -7.43 35.49 -66.45
N GLY E 37 -7.80 36.46 -65.60
CA GLY E 37 -7.34 36.46 -64.23
C GLY E 37 -8.10 35.56 -63.28
N GLY E 38 -9.24 35.02 -63.71
CA GLY E 38 -10.01 34.12 -62.86
C GLY E 38 -11.50 34.25 -63.04
N VAL E 39 -12.21 34.48 -61.93
CA VAL E 39 -13.66 34.59 -61.92
C VAL E 39 -14.06 35.94 -61.34
N LEU E 40 -15.06 36.57 -61.97
CA LEU E 40 -15.58 37.87 -61.56
C LEU E 40 -17.05 37.76 -61.24
N PHE E 41 -17.45 38.26 -60.06
CA PHE E 41 -18.84 38.27 -59.62
C PHE E 41 -19.34 39.72 -59.59
N VAL E 42 -20.48 39.97 -60.23
CA VAL E 42 -21.10 41.28 -60.28
C VAL E 42 -22.56 41.14 -59.87
N ALA E 43 -22.98 41.95 -58.89
CA ALA E 43 -24.35 41.95 -58.43
C ALA E 43 -24.81 43.38 -58.21
N GLU E 44 -26.13 43.58 -58.25
CA GLU E 44 -26.72 44.89 -57.99
C GLU E 44 -27.28 44.88 -56.56
N ASN E 45 -26.54 45.47 -55.64
CA ASN E 45 -26.92 45.49 -54.24
C ASN E 45 -26.66 46.87 -53.64
N PRO E 46 -27.73 47.59 -53.24
CA PRO E 46 -27.50 48.93 -52.67
C PRO E 46 -26.93 48.89 -51.26
N SER E 47 -27.33 47.93 -50.45
CA SER E 47 -26.89 47.88 -49.06
C SER E 47 -25.41 47.54 -48.97
N ARG E 48 -24.71 48.22 -48.05
CA ARG E 48 -23.30 47.97 -47.79
C ARG E 48 -23.06 47.00 -46.64
N SER E 49 -24.11 46.55 -45.96
CA SER E 49 -23.96 45.64 -44.84
C SER E 49 -24.34 44.20 -45.17
N LEU E 50 -25.29 44.00 -46.08
CA LEU E 50 -25.71 42.67 -46.50
C LEU E 50 -25.07 42.35 -47.84
N GLN E 51 -24.36 41.22 -47.90
CA GLN E 51 -23.58 40.83 -49.07
C GLN E 51 -24.11 39.55 -49.67
N LYS E 52 -24.00 39.44 -51.00
CA LYS E 52 -24.44 38.27 -51.74
C LYS E 52 -23.30 37.42 -52.28
N ILE E 53 -22.09 37.96 -52.35
CA ILE E 53 -20.91 37.25 -52.84
C ILE E 53 -19.97 37.03 -51.66
N SER E 54 -19.46 35.81 -51.51
CA SER E 54 -18.64 35.47 -50.37
C SER E 54 -17.56 34.48 -50.77
N GLU E 55 -16.64 34.25 -49.85
CA GLU E 55 -15.55 33.30 -50.03
C GLU E 55 -15.81 32.06 -49.18
N LEU E 56 -15.64 30.88 -49.77
CA LEU E 56 -15.84 29.62 -49.07
C LEU E 56 -14.52 29.03 -48.56
N TYR E 57 -13.49 29.04 -49.39
CA TYR E 57 -12.19 28.50 -49.02
C TYR E 57 -11.12 29.29 -49.75
N ASP E 58 -9.92 28.73 -49.84
CA ASP E 58 -8.79 29.44 -50.42
C ASP E 58 -9.04 29.82 -51.88
N ARG E 59 -9.59 28.89 -52.67
CA ARG E 59 -9.81 29.13 -54.09
C ARG E 59 -11.25 28.88 -54.50
N VAL E 60 -12.21 29.01 -53.58
CA VAL E 60 -13.61 28.75 -53.84
C VAL E 60 -14.41 30.00 -53.53
N GLY E 61 -15.35 30.34 -54.41
CA GLY E 61 -16.20 31.49 -54.21
C GLY E 61 -17.66 31.12 -54.37
N PHE E 62 -18.50 31.83 -53.62
CA PHE E 62 -19.93 31.52 -53.51
C PHE E 62 -20.75 32.73 -53.89
N ALA E 63 -21.78 32.52 -54.70
CA ALA E 63 -22.73 33.56 -55.07
C ALA E 63 -24.14 33.02 -54.93
N ALA E 64 -25.08 33.88 -54.60
CA ALA E 64 -26.45 33.46 -54.34
C ALA E 64 -27.43 34.55 -54.76
N ALA E 65 -28.62 34.12 -55.17
CA ALA E 65 -29.73 35.00 -55.50
C ALA E 65 -30.99 34.52 -54.80
N GLY E 66 -31.74 35.45 -54.23
CA GLY E 66 -32.97 35.11 -53.54
C GLY E 66 -33.14 35.81 -52.21
N LYS E 67 -33.67 35.09 -51.22
CA LYS E 67 -33.88 35.65 -49.89
C LYS E 67 -32.59 35.58 -49.08
N PHE E 68 -32.22 36.70 -48.46
CA PHE E 68 -30.92 36.79 -47.80
C PHE E 68 -30.81 35.79 -46.65
N ASN E 69 -31.82 35.75 -45.78
CA ASN E 69 -31.79 34.83 -44.64
C ASN E 69 -31.85 33.37 -45.04
N GLU E 70 -32.20 33.07 -46.28
CA GLU E 70 -32.25 31.69 -46.74
C GLU E 70 -30.91 31.17 -47.25
N PHE E 71 -30.15 31.98 -47.98
CA PHE E 71 -28.84 31.53 -48.43
C PHE E 71 -27.70 31.89 -47.47
N ASP E 72 -27.95 32.75 -46.48
CA ASP E 72 -26.93 32.99 -45.46
C ASP E 72 -26.63 31.71 -44.67
N ASN E 73 -27.67 30.95 -44.33
CA ASN E 73 -27.48 29.68 -43.64
C ASN E 73 -26.70 28.69 -44.50
N LEU E 74 -27.01 28.64 -45.80
CA LEU E 74 -26.29 27.76 -46.71
C LEU E 74 -24.81 28.13 -46.79
N ARG E 75 -24.52 29.44 -46.86
CA ARG E 75 -23.13 29.88 -46.88
C ARG E 75 -22.39 29.48 -45.61
N ARG E 76 -23.02 29.66 -44.46
CA ARG E 76 -22.39 29.27 -43.20
C ARG E 76 -22.11 27.77 -43.15
N GLY E 77 -23.09 26.96 -43.59
CA GLY E 77 -22.89 25.52 -43.63
C GLY E 77 -21.76 25.11 -44.55
N GLY E 78 -21.65 25.76 -45.70
CA GLY E 78 -20.57 25.45 -46.62
C GLY E 78 -19.20 25.76 -46.04
N ILE E 79 -19.09 26.90 -45.35
CA ILE E 79 -17.82 27.23 -44.68
C ILE E 79 -17.48 26.19 -43.63
N GLN E 80 -18.48 25.76 -42.86
CA GLN E 80 -18.22 24.73 -41.84
C GLN E 80 -17.72 23.44 -42.47
N PHE E 81 -18.37 22.98 -43.55
CA PHE E 81 -17.93 21.76 -44.22
C PHE E 81 -16.50 21.88 -44.71
N ALA E 82 -16.18 23.02 -45.34
CA ALA E 82 -14.84 23.18 -45.92
C ALA E 82 -13.77 23.20 -44.84
N ASP E 83 -14.00 23.91 -43.74
CA ASP E 83 -12.98 23.96 -42.70
C ASP E 83 -12.80 22.62 -42.02
N THR E 84 -13.89 21.89 -41.77
CA THR E 84 -13.75 20.58 -41.13
C THR E 84 -13.04 19.60 -42.06
N ARG E 85 -13.33 19.62 -43.36
CA ARG E 85 -12.64 18.73 -44.28
C ARG E 85 -11.17 19.10 -44.43
N GLY E 86 -10.86 20.40 -44.47
CA GLY E 86 -9.48 20.83 -44.57
C GLY E 86 -8.65 20.41 -43.37
N TYR E 87 -9.22 20.52 -42.17
CA TYR E 87 -8.51 20.02 -40.99
C TYR E 87 -8.48 18.50 -40.95
N ALA E 88 -9.48 17.83 -41.55
CA ALA E 88 -9.54 16.38 -41.50
C ALA E 88 -8.40 15.74 -42.30
N TYR E 89 -8.21 16.16 -43.55
CA TYR E 89 -7.20 15.56 -44.40
C TYR E 89 -6.08 16.54 -44.76
N ASP E 90 -6.42 17.65 -45.42
CA ASP E 90 -5.45 18.65 -45.88
C ASP E 90 -6.20 19.80 -46.54
N ARG E 91 -5.49 20.92 -46.69
CA ARG E 91 -6.08 22.08 -47.35
C ARG E 91 -6.20 21.88 -48.86
N ARG E 92 -5.30 21.11 -49.45
CA ARG E 92 -5.27 20.91 -50.90
C ARG E 92 -6.22 19.80 -51.34
N ASP E 93 -6.92 19.13 -50.42
CA ASP E 93 -7.85 18.08 -50.75
C ASP E 93 -9.30 18.57 -50.82
N VAL E 94 -9.51 19.89 -50.83
CA VAL E 94 -10.84 20.49 -50.86
C VAL E 94 -11.07 21.07 -52.25
N THR E 95 -12.18 20.68 -52.87
CA THR E 95 -12.53 21.14 -54.20
C THR E 95 -13.96 21.65 -54.20
N GLY E 96 -14.32 22.39 -55.25
CA GLY E 96 -15.64 22.97 -55.35
C GLY E 96 -16.73 21.98 -55.72
N ARG E 97 -16.37 20.86 -56.35
CA ARG E 97 -17.36 19.86 -56.72
C ARG E 97 -18.01 19.24 -55.49
N GLN E 98 -17.22 18.97 -54.45
CA GLN E 98 -17.78 18.42 -53.22
C GLN E 98 -18.76 19.40 -52.58
N LEU E 99 -18.41 20.70 -52.55
CA LEU E 99 -19.31 21.70 -52.01
C LEU E 99 -20.59 21.79 -52.82
N ALA E 100 -20.47 21.74 -54.15
CA ALA E 100 -21.66 21.76 -55.02
C ALA E 100 -22.55 20.55 -54.76
N ASN E 101 -21.96 19.37 -54.59
CA ASN E 101 -22.74 18.18 -54.30
C ASN E 101 -23.45 18.29 -52.96
N VAL E 102 -22.76 18.82 -51.95
CA VAL E 102 -23.38 18.98 -50.63
C VAL E 102 -24.54 19.96 -50.72
N TYR E 103 -24.35 21.06 -51.45
CA TYR E 103 -25.42 22.04 -51.62
C TYR E 103 -26.61 21.43 -52.34
N ALA E 104 -26.35 20.62 -53.38
CA ALA E 104 -27.43 19.98 -54.12
C ALA E 104 -28.22 19.04 -53.22
N GLN E 105 -27.52 18.23 -52.41
CA GLN E 105 -28.21 17.31 -51.51
C GLN E 105 -29.05 18.07 -50.49
N THR E 106 -28.48 19.14 -49.90
CA THR E 106 -29.23 19.91 -48.91
C THR E 106 -30.46 20.56 -49.52
N LEU E 107 -30.32 21.13 -50.72
CA LEU E 107 -31.46 21.79 -51.37
C LEU E 107 -32.52 20.78 -51.75
N GLY E 108 -32.12 19.61 -52.24
CA GLY E 108 -33.11 18.58 -52.53
C GLY E 108 -33.86 18.11 -51.31
N THR E 109 -33.15 17.91 -50.20
CA THR E 109 -33.80 17.50 -48.96
C THR E 109 -34.77 18.57 -48.46
N ILE E 110 -34.37 19.84 -48.56
CA ILE E 110 -35.25 20.93 -48.15
C ILE E 110 -36.49 20.99 -49.03
N PHE E 111 -36.30 20.88 -50.35
CA PHE E 111 -37.44 20.94 -51.27
C PHE E 111 -38.38 19.76 -51.08
N THR E 112 -37.86 18.61 -50.65
CA THR E 112 -38.70 17.43 -50.50
C THR E 112 -39.45 17.43 -49.16
N GLU E 113 -38.74 17.68 -48.06
CA GLU E 113 -39.30 17.48 -46.73
C GLU E 113 -39.88 18.74 -46.10
N GLN E 114 -39.23 19.88 -46.25
CA GLN E 114 -39.67 21.09 -45.55
C GLN E 114 -41.02 21.57 -46.07
N ALA E 115 -41.76 22.25 -45.20
CA ALA E 115 -43.09 22.74 -45.57
C ALA E 115 -43.03 23.77 -46.68
N LYS E 116 -42.06 24.68 -46.62
CA LYS E 116 -41.91 25.72 -47.63
C LYS E 116 -40.56 25.58 -48.31
N PRO E 117 -40.51 25.47 -49.63
CA PRO E 117 -39.22 25.35 -50.32
C PRO E 117 -38.42 26.65 -50.27
N TYR E 118 -37.10 26.50 -50.38
CA TYR E 118 -36.22 27.66 -50.39
C TYR E 118 -36.24 28.32 -51.76
N GLU E 119 -36.34 29.65 -51.75
CA GLU E 119 -36.32 30.44 -52.98
C GLU E 119 -34.92 31.01 -53.19
N VAL E 120 -34.01 30.13 -53.60
CA VAL E 120 -32.60 30.48 -53.76
C VAL E 120 -32.06 29.90 -55.06
N GLU E 121 -31.00 30.53 -55.55
CA GLU E 121 -30.23 30.03 -56.69
C GLU E 121 -28.76 30.22 -56.35
N LEU E 122 -27.97 29.15 -56.43
CA LEU E 122 -26.59 29.17 -55.94
C LEU E 122 -25.60 28.95 -57.08
N CYS E 123 -24.43 29.57 -56.95
CA CYS E 123 -23.34 29.39 -57.90
C CYS E 123 -22.03 29.22 -57.13
N VAL E 124 -21.25 28.22 -57.51
CA VAL E 124 -19.96 27.93 -56.89
C VAL E 124 -18.88 28.04 -57.96
N ALA E 125 -17.84 28.81 -57.69
CA ALA E 125 -16.75 29.01 -58.64
C ALA E 125 -15.43 28.57 -58.02
N GLU E 126 -14.59 27.94 -58.85
CA GLU E 126 -13.28 27.47 -58.40
C GLU E 126 -12.22 27.82 -59.44
N VAL E 127 -11.05 28.22 -58.96
CA VAL E 127 -9.91 28.54 -59.82
C VAL E 127 -8.76 27.60 -59.50
N ALA E 128 -7.69 27.70 -60.28
CA ALA E 128 -6.54 26.83 -60.11
C ALA E 128 -5.63 27.32 -58.98
N HIS E 129 -4.75 26.42 -58.53
CA HIS E 129 -3.79 26.76 -57.49
C HIS E 129 -2.67 27.64 -58.06
N TYR E 130 -1.89 28.22 -57.16
CA TYR E 130 -0.81 29.11 -57.57
C TYR E 130 0.25 28.34 -58.36
N GLY E 131 0.73 28.96 -59.43
CA GLY E 131 1.74 28.32 -60.25
C GLY E 131 1.24 27.22 -61.15
N GLU E 132 -0.05 27.17 -61.43
CA GLU E 132 -0.64 26.12 -62.24
C GLU E 132 -1.59 26.73 -63.27
N THR E 133 -1.83 25.98 -64.35
CA THR E 133 -2.74 26.40 -65.41
C THR E 133 -3.91 25.43 -65.46
N LYS E 134 -5.12 25.97 -65.34
CA LYS E 134 -6.33 25.15 -65.36
C LYS E 134 -7.53 26.06 -65.61
N ARG E 135 -8.50 25.52 -66.31
CA ARG E 135 -9.73 26.27 -66.60
C ARG E 135 -10.56 26.42 -65.33
N PRO E 136 -11.05 27.61 -65.01
CA PRO E 136 -11.96 27.76 -63.86
C PRO E 136 -13.24 26.98 -64.06
N GLU E 137 -13.81 26.51 -62.95
CA GLU E 137 -15.02 25.71 -62.96
C GLU E 137 -16.17 26.47 -62.29
N LEU E 138 -17.34 26.44 -62.94
CA LEU E 138 -18.54 27.10 -62.44
C LEU E 138 -19.67 26.10 -62.37
N TYR E 139 -20.30 25.99 -61.20
CA TYR E 139 -21.42 25.10 -60.98
C TYR E 139 -22.64 25.89 -60.54
N ARG E 140 -23.80 25.57 -61.09
CA ARG E 140 -25.06 26.22 -60.78
C ARG E 140 -26.00 25.22 -60.12
N ILE E 141 -26.61 25.62 -59.02
CA ILE E 141 -27.52 24.77 -58.26
C ILE E 141 -28.85 25.50 -58.10
N THR E 142 -29.95 24.79 -58.37
CA THR E 142 -31.29 25.34 -58.32
C THR E 142 -32.00 24.90 -57.04
N TYR E 143 -33.25 25.34 -56.90
CA TYR E 143 -33.99 25.11 -55.67
C TYR E 143 -34.32 23.64 -55.47
N ASP E 144 -34.62 22.92 -56.55
CA ASP E 144 -35.03 21.52 -56.44
C ASP E 144 -33.87 20.57 -56.21
N GLY E 145 -32.63 21.04 -56.34
CA GLY E 145 -31.46 20.19 -56.16
C GLY E 145 -30.69 19.87 -57.43
N SER E 146 -31.15 20.34 -58.58
CA SER E 146 -30.43 20.09 -59.82
C SER E 146 -29.11 20.84 -59.84
N ILE E 147 -28.07 20.18 -60.33
CA ILE E 147 -26.72 20.73 -60.40
C ILE E 147 -26.24 20.66 -61.84
N ALA E 148 -25.70 21.78 -62.33
CA ALA E 148 -25.22 21.85 -63.70
C ALA E 148 -23.85 22.52 -63.72
N ASP E 149 -23.09 22.23 -64.78
CA ASP E 149 -21.76 22.80 -64.98
C ASP E 149 -21.80 23.76 -66.17
N GLU E 150 -21.33 24.97 -65.95
CA GLU E 150 -21.33 26.03 -66.95
C GLU E 150 -19.91 26.41 -67.31
N PRO E 151 -19.54 26.39 -68.60
CA PRO E 151 -18.14 26.64 -68.97
C PRO E 151 -17.79 28.12 -69.11
N HIS E 152 -18.77 28.97 -69.39
CA HIS E 152 -18.50 30.36 -69.75
C HIS E 152 -19.00 31.35 -68.71
N PHE E 153 -20.31 31.34 -68.41
CA PHE E 153 -20.86 32.33 -67.50
C PHE E 153 -22.11 31.78 -66.84
N VAL E 154 -22.48 32.41 -65.72
CA VAL E 154 -23.70 32.07 -64.99
C VAL E 154 -24.47 33.35 -64.72
N VAL E 155 -25.77 33.33 -65.00
CA VAL E 155 -26.66 34.45 -64.72
C VAL E 155 -27.85 33.90 -63.91
N MET E 156 -28.09 34.47 -62.73
CA MET E 156 -29.16 34.02 -61.86
C MET E 156 -30.03 35.19 -61.40
N GLY E 157 -31.30 34.90 -61.14
CA GLY E 157 -32.19 35.87 -60.55
C GLY E 157 -32.85 36.80 -61.53
N GLY E 158 -34.12 37.14 -61.28
CA GLY E 158 -34.89 38.01 -62.14
C GLY E 158 -35.11 37.45 -63.53
N THR E 159 -35.27 38.36 -64.49
CA THR E 159 -35.45 37.99 -65.89
C THR E 159 -34.07 37.88 -66.53
N THR E 160 -33.60 36.65 -66.71
CA THR E 160 -32.24 36.41 -67.17
C THR E 160 -32.12 36.30 -68.69
N GLU E 161 -33.24 36.21 -69.41
CA GLU E 161 -33.15 36.00 -70.86
C GLU E 161 -32.46 37.15 -71.58
N PRO E 162 -32.84 38.42 -71.40
CA PRO E 162 -32.08 39.48 -72.09
C PRO E 162 -30.63 39.54 -71.67
N ILE E 163 -30.35 39.32 -70.37
CA ILE E 163 -28.96 39.36 -69.92
C ILE E 163 -28.18 38.20 -70.53
N ALA E 164 -28.78 37.02 -70.59
CA ALA E 164 -28.12 35.87 -71.18
C ALA E 164 -27.84 36.09 -72.66
N ASN E 165 -28.81 36.65 -73.38
CA ASN E 165 -28.61 36.93 -74.80
C ASN E 165 -27.49 37.95 -75.01
N ALA E 166 -27.49 39.02 -74.22
CA ALA E 166 -26.45 40.03 -74.36
C ALA E 166 -25.07 39.46 -74.05
N LEU E 167 -24.97 38.65 -72.99
CA LEU E 167 -23.69 38.04 -72.65
C LEU E 167 -23.23 37.08 -73.74
N LYS E 168 -24.16 36.28 -74.28
CA LYS E 168 -23.80 35.34 -75.33
C LYS E 168 -23.31 36.06 -76.57
N GLU E 169 -23.96 37.17 -76.94
CA GLU E 169 -23.53 37.91 -78.12
C GLU E 169 -22.23 38.67 -77.87
N SER E 170 -21.95 39.05 -76.63
CA SER E 170 -20.81 39.91 -76.32
C SER E 170 -19.66 39.19 -75.62
N TYR E 171 -19.81 37.91 -75.29
CA TYR E 171 -18.75 37.22 -74.56
C TYR E 171 -17.50 37.07 -75.41
N ALA E 172 -16.35 37.32 -74.80
CA ALA E 172 -15.05 37.16 -75.44
C ALA E 172 -14.12 36.45 -74.48
N GLU E 173 -13.49 35.37 -74.97
CA GLU E 173 -12.59 34.59 -74.13
C GLU E 173 -11.27 35.31 -73.92
N ASN E 174 -10.63 35.01 -72.79
CA ASN E 174 -9.32 35.58 -72.44
C ASN E 174 -9.36 37.10 -72.43
N ALA E 175 -10.45 37.67 -71.94
CA ALA E 175 -10.60 39.12 -71.88
C ALA E 175 -9.89 39.67 -70.65
N SER E 176 -9.69 40.99 -70.64
CA SER E 176 -9.07 41.66 -69.52
C SER E 176 -10.11 41.95 -68.43
N LEU E 177 -9.61 42.46 -67.30
CA LEU E 177 -10.50 42.73 -66.18
C LEU E 177 -11.44 43.89 -66.49
N THR E 178 -10.90 44.99 -67.03
CA THR E 178 -11.73 46.15 -67.33
C THR E 178 -12.75 45.85 -68.41
N ASP E 179 -12.33 45.15 -69.47
CA ASP E 179 -13.24 44.82 -70.55
C ASP E 179 -14.35 43.89 -70.07
N ALA E 180 -14.00 42.89 -69.27
CA ALA E 180 -15.01 41.97 -68.75
C ALA E 180 -15.97 42.70 -67.82
N LEU E 181 -15.46 43.60 -66.98
CA LEU E 181 -16.33 44.36 -66.09
C LEU E 181 -17.30 45.24 -66.87
N ARG E 182 -16.79 45.92 -67.91
CA ARG E 182 -17.66 46.77 -68.72
C ARG E 182 -18.70 45.95 -69.46
N ILE E 183 -18.30 44.78 -69.98
CA ILE E 183 -19.24 43.92 -70.70
C ILE E 183 -20.33 43.42 -69.75
N ALA E 184 -19.94 42.99 -68.55
CA ALA E 184 -20.91 42.54 -67.57
C ALA E 184 -21.87 43.64 -67.17
N VAL E 185 -21.35 44.87 -66.97
CA VAL E 185 -22.20 45.99 -66.60
C VAL E 185 -23.18 46.31 -67.72
N ALA E 186 -22.71 46.32 -68.97
CA ALA E 186 -23.60 46.57 -70.10
C ALA E 186 -24.68 45.49 -70.20
N ALA E 187 -24.30 44.23 -70.01
CA ALA E 187 -25.28 43.14 -70.09
C ALA E 187 -26.31 43.26 -68.97
N LEU E 188 -25.87 43.63 -67.76
CA LEU E 188 -26.80 43.76 -66.64
C LEU E 188 -27.73 44.95 -66.81
N ARG E 189 -27.25 46.02 -67.44
CA ARG E 189 -28.09 47.20 -67.64
C ARG E 189 -29.28 46.87 -68.53
N ALA E 190 -29.05 46.09 -69.59
CA ALA E 190 -30.10 45.72 -70.51
C ALA E 190 -31.03 44.67 -69.89
N LEU E 203 -26.03 52.48 -62.79
CA LEU E 203 -25.21 51.54 -62.05
C LEU E 203 -23.82 52.12 -61.82
N GLY E 204 -23.71 52.98 -60.82
CA GLY E 204 -22.46 53.64 -60.48
C GLY E 204 -21.74 52.93 -59.36
N VAL E 205 -21.02 53.71 -58.55
CA VAL E 205 -20.37 53.14 -57.37
C VAL E 205 -21.40 52.55 -56.43
N ALA E 206 -22.52 53.25 -56.24
CA ALA E 206 -23.60 52.75 -55.41
C ALA E 206 -24.39 51.67 -56.14
N SER E 207 -25.04 50.81 -55.36
CA SER E 207 -25.87 49.72 -55.88
C SER E 207 -25.08 48.77 -56.77
N LEU E 208 -23.81 48.54 -56.43
CA LEU E 208 -22.96 47.64 -57.19
C LEU E 208 -22.06 46.87 -56.23
N GLU E 209 -21.95 45.56 -56.45
CA GLU E 209 -21.08 44.69 -55.66
C GLU E 209 -20.23 43.88 -56.63
N VAL E 210 -18.91 44.08 -56.56
CA VAL E 210 -17.95 43.45 -57.47
C VAL E 210 -16.91 42.69 -56.65
N ALA E 211 -16.67 41.44 -57.02
CA ALA E 211 -15.67 40.62 -56.36
C ALA E 211 -14.90 39.82 -57.40
N VAL E 212 -13.67 39.43 -57.07
CA VAL E 212 -12.83 38.66 -57.98
C VAL E 212 -12.13 37.54 -57.23
N LEU E 213 -11.85 36.46 -57.95
CA LEU E 213 -11.02 35.36 -57.47
C LEU E 213 -9.68 35.46 -58.20
N ASP E 214 -8.67 36.01 -57.54
CA ASP E 214 -7.40 36.29 -58.21
C ASP E 214 -6.55 35.02 -58.23
N ALA E 215 -6.41 34.42 -59.43
CA ALA E 215 -5.61 33.21 -59.56
C ALA E 215 -4.13 33.45 -59.35
N ASN E 216 -3.69 34.71 -59.41
CA ASN E 216 -2.29 35.05 -59.23
C ASN E 216 -1.90 35.23 -57.77
N ARG E 217 -2.88 35.27 -56.86
CA ARG E 217 -2.57 35.42 -55.45
C ARG E 217 -1.97 34.12 -54.89
N PRO E 218 -1.06 34.21 -53.92
CA PRO E 218 -0.38 33.00 -53.43
C PRO E 218 -1.30 31.96 -52.80
N ARG E 219 -2.04 32.34 -51.76
CA ARG E 219 -2.85 31.38 -51.02
C ARG E 219 -4.35 31.67 -51.11
N ARG E 220 -4.79 32.87 -50.75
CA ARG E 220 -6.20 33.24 -50.79
C ARG E 220 -6.45 34.12 -52.00
N ALA E 221 -7.48 33.76 -52.78
CA ALA E 221 -7.73 34.38 -54.07
C ALA E 221 -8.88 35.37 -54.08
N PHE E 222 -9.76 35.34 -53.08
CA PHE E 222 -10.94 36.19 -53.08
C PHE E 222 -10.59 37.60 -52.63
N ARG E 223 -11.08 38.60 -53.37
CA ARG E 223 -10.90 39.98 -52.96
C ARG E 223 -12.00 40.85 -53.58
N ARG E 224 -12.41 41.86 -52.83
CA ARG E 224 -13.46 42.79 -53.24
C ARG E 224 -12.84 44.05 -53.84
N ILE E 225 -13.54 44.64 -54.80
CA ILE E 225 -13.15 45.89 -55.44
C ILE E 225 -14.27 46.89 -55.16
N THR E 226 -14.04 47.79 -54.21
CA THR E 226 -15.01 48.80 -53.84
C THR E 226 -14.31 50.12 -53.58
N GLY E 227 -15.04 51.22 -53.77
CA GLY E 227 -14.50 52.54 -53.50
C GLY E 227 -13.95 53.25 -54.72
N SER E 228 -12.81 53.93 -54.56
CA SER E 228 -12.24 54.68 -55.67
C SER E 228 -11.73 53.76 -56.78
N ALA E 229 -11.25 52.57 -56.42
CA ALA E 229 -10.76 51.64 -57.42
C ALA E 229 -11.88 51.18 -58.35
N LEU E 230 -13.08 50.95 -57.81
CA LEU E 230 -14.21 50.54 -58.65
C LEU E 230 -14.57 51.63 -59.66
N GLN E 231 -14.58 52.89 -59.22
CA GLN E 231 -14.86 53.99 -60.14
C GLN E 231 -13.76 54.14 -61.18
N ALA E 232 -12.51 53.96 -60.76
CA ALA E 232 -11.39 54.04 -61.71
C ALA E 232 -11.49 52.95 -62.77
N LEU E 233 -11.90 51.75 -62.38
CA LEU E 233 -12.05 50.65 -63.32
C LEU E 233 -13.37 50.71 -64.09
N LEU E 234 -14.30 51.57 -63.69
CA LEU E 234 -15.58 51.68 -64.37
C LEU E 234 -15.53 52.75 -65.46
N SER F 8 -57.46 6.09 -51.31
CA SER F 8 -57.28 4.71 -51.74
C SER F 8 -55.82 4.43 -52.06
N PRO F 9 -55.31 3.30 -51.54
CA PRO F 9 -53.92 2.94 -51.85
C PRO F 9 -53.64 2.75 -53.33
N GLU F 10 -54.62 2.26 -54.09
CA GLU F 10 -54.42 2.04 -55.53
C GLU F 10 -54.07 3.33 -56.24
N GLN F 11 -54.82 4.40 -55.96
CA GLN F 11 -54.57 5.67 -56.64
C GLN F 11 -53.21 6.23 -56.28
N ALA F 12 -52.81 6.12 -55.01
CA ALA F 12 -51.50 6.61 -54.59
C ALA F 12 -50.37 5.84 -55.29
N MET F 13 -50.47 4.51 -55.32
CA MET F 13 -49.45 3.71 -55.99
C MET F 13 -49.40 4.02 -57.48
N ARG F 14 -50.56 4.16 -58.11
CA ARG F 14 -50.59 4.48 -59.54
C ARG F 14 -49.97 5.84 -59.82
N GLU F 15 -50.28 6.84 -59.00
CA GLU F 15 -49.72 8.17 -59.20
C GLU F 15 -48.21 8.17 -58.99
N ARG F 16 -47.72 7.48 -57.96
CA ARG F 16 -46.28 7.40 -57.73
C ARG F 16 -45.57 6.68 -58.86
N SER F 17 -46.15 5.57 -59.34
CA SER F 17 -45.57 4.86 -60.47
C SER F 17 -45.54 5.72 -61.72
N GLU F 18 -46.60 6.49 -61.96
CA GLU F 18 -46.63 7.38 -63.12
C GLU F 18 -45.56 8.47 -63.01
N LEU F 19 -45.38 9.03 -61.82
CA LEU F 19 -44.33 10.03 -61.61
C LEU F 19 -42.95 9.44 -61.90
N ALA F 20 -42.69 8.24 -61.37
CA ALA F 20 -41.41 7.60 -61.60
C ALA F 20 -41.22 7.28 -63.08
N ARG F 21 -42.27 6.84 -63.76
CA ARG F 21 -42.18 6.53 -65.18
C ARG F 21 -41.87 7.78 -66.00
N LYS F 22 -42.52 8.90 -65.70
CA LYS F 22 -42.21 10.15 -66.40
C LYS F 22 -40.78 10.58 -66.14
N GLY F 23 -40.33 10.50 -64.88
CA GLY F 23 -38.96 10.88 -64.57
C GLY F 23 -37.94 10.04 -65.30
N ILE F 24 -38.18 8.73 -65.40
CA ILE F 24 -37.29 7.86 -66.16
C ILE F 24 -37.35 8.20 -67.64
N ALA F 25 -38.55 8.49 -68.16
CA ALA F 25 -38.72 8.70 -69.59
C ALA F 25 -38.08 9.99 -70.07
N ARG F 26 -37.98 11.00 -69.20
CA ARG F 26 -37.38 12.27 -69.59
C ARG F 26 -35.87 12.31 -69.36
N ALA F 27 -35.21 11.16 -69.35
CA ALA F 27 -33.77 11.06 -69.09
C ALA F 27 -33.05 10.50 -70.31
N LYS F 28 -31.72 10.44 -70.21
CA LYS F 28 -30.89 9.91 -71.28
C LYS F 28 -30.80 8.39 -71.20
N SER F 29 -30.01 7.80 -72.07
CA SER F 29 -29.93 6.34 -72.21
C SER F 29 -28.55 5.84 -71.84
N VAL F 30 -28.51 4.73 -71.11
CA VAL F 30 -27.28 4.03 -70.74
C VAL F 30 -27.39 2.59 -71.20
N VAL F 31 -26.30 2.05 -71.73
CA VAL F 31 -26.30 0.72 -72.34
C VAL F 31 -25.13 -0.08 -71.78
N ALA F 32 -25.40 -1.29 -71.31
CA ALA F 32 -24.37 -2.18 -70.81
C ALA F 32 -24.39 -3.46 -71.61
N LEU F 33 -23.23 -3.84 -72.15
CA LEU F 33 -23.08 -5.00 -73.01
C LEU F 33 -22.04 -5.95 -72.43
N ALA F 34 -22.14 -7.21 -72.83
CA ALA F 34 -21.19 -8.24 -72.42
C ALA F 34 -20.43 -8.71 -73.66
N TYR F 35 -19.10 -8.62 -73.60
CA TYR F 35 -18.22 -9.05 -74.68
C TYR F 35 -17.16 -9.99 -74.11
N ALA F 36 -16.30 -10.49 -75.00
CA ALA F 36 -15.31 -11.51 -74.62
C ALA F 36 -14.41 -11.01 -73.49
N GLY F 37 -14.05 -9.73 -73.50
CA GLY F 37 -13.20 -9.19 -72.45
C GLY F 37 -13.89 -8.84 -71.16
N GLY F 38 -15.22 -8.82 -71.13
CA GLY F 38 -15.94 -8.52 -69.93
C GLY F 38 -17.23 -7.75 -70.16
N VAL F 39 -17.37 -6.61 -69.49
CA VAL F 39 -18.57 -5.78 -69.56
C VAL F 39 -18.18 -4.38 -70.03
N LEU F 40 -18.99 -3.82 -70.91
CA LEU F 40 -18.77 -2.48 -71.47
C LEU F 40 -19.97 -1.60 -71.17
N PHE F 41 -19.70 -0.41 -70.62
CA PHE F 41 -20.74 0.58 -70.32
C PHE F 41 -20.57 1.77 -71.25
N VAL F 42 -21.67 2.16 -71.91
CA VAL F 42 -21.69 3.31 -72.81
C VAL F 42 -22.86 4.21 -72.43
N ALA F 43 -22.56 5.49 -72.23
CA ALA F 43 -23.58 6.47 -71.90
C ALA F 43 -23.32 7.74 -72.68
N GLU F 44 -24.38 8.54 -72.86
CA GLU F 44 -24.28 9.84 -73.53
C GLU F 44 -24.28 10.92 -72.45
N ASN F 45 -23.09 11.43 -72.14
CA ASN F 45 -22.95 12.44 -71.09
C ASN F 45 -21.98 13.53 -71.55
N PRO F 46 -22.46 14.77 -71.73
CA PRO F 46 -21.54 15.83 -72.19
C PRO F 46 -20.60 16.31 -71.09
N SER F 47 -21.06 16.35 -69.85
CA SER F 47 -20.24 16.88 -68.76
C SER F 47 -19.06 15.94 -68.46
N ARG F 48 -17.90 16.54 -68.20
CA ARG F 48 -16.71 15.79 -67.82
C ARG F 48 -16.50 15.69 -66.32
N SER F 49 -17.36 16.34 -65.52
CA SER F 49 -17.22 16.31 -64.07
C SER F 49 -18.22 15.39 -63.39
N LEU F 50 -19.42 15.25 -63.95
CA LEU F 50 -20.46 14.39 -63.40
C LEU F 50 -20.49 13.08 -64.19
N GLN F 51 -20.35 11.96 -63.48
CA GLN F 51 -20.23 10.65 -64.11
C GLN F 51 -21.40 9.76 -63.72
N LYS F 52 -21.79 8.89 -64.64
CA LYS F 52 -22.89 7.94 -64.44
C LYS F 52 -22.43 6.50 -64.27
N ILE F 53 -21.21 6.18 -64.67
CA ILE F 53 -20.65 4.83 -64.55
C ILE F 53 -19.54 4.87 -63.51
N SER F 54 -19.56 3.91 -62.59
CA SER F 54 -18.59 3.91 -61.49
C SER F 54 -18.21 2.48 -61.14
N GLU F 55 -17.20 2.37 -60.27
CA GLU F 55 -16.72 1.10 -59.77
C GLU F 55 -17.15 0.93 -58.32
N LEU F 56 -17.67 -0.25 -57.99
CA LEU F 56 -18.11 -0.55 -56.63
C LEU F 56 -17.06 -1.33 -55.85
N TYR F 57 -16.45 -2.33 -56.47
CA TYR F 57 -15.43 -3.15 -55.82
C TYR F 57 -14.45 -3.62 -56.89
N ASP F 58 -13.68 -4.65 -56.56
CA ASP F 58 -12.61 -5.11 -57.46
C ASP F 58 -13.17 -5.56 -58.80
N ARG F 59 -14.26 -6.32 -58.80
CA ARG F 59 -14.84 -6.86 -60.02
C ARG F 59 -16.31 -6.49 -60.19
N VAL F 60 -16.76 -5.39 -59.59
CA VAL F 60 -18.16 -4.97 -59.64
C VAL F 60 -18.24 -3.57 -60.24
N GLY F 61 -19.19 -3.37 -61.13
CA GLY F 61 -19.39 -2.08 -61.75
C GLY F 61 -20.84 -1.64 -61.64
N PHE F 62 -21.03 -0.32 -61.56
CA PHE F 62 -22.33 0.28 -61.27
C PHE F 62 -22.66 1.27 -62.38
N ALA F 63 -23.91 1.21 -62.87
CA ALA F 63 -24.41 2.17 -63.84
C ALA F 63 -25.80 2.62 -63.40
N ALA F 64 -26.15 3.87 -63.72
CA ALA F 64 -27.40 4.45 -63.27
C ALA F 64 -27.93 5.42 -64.31
N ALA F 65 -29.26 5.53 -64.34
CA ALA F 65 -29.95 6.49 -65.19
C ALA F 65 -31.01 7.23 -64.37
N GLY F 66 -31.08 8.54 -64.56
CA GLY F 66 -32.04 9.36 -63.83
C GLY F 66 -31.45 10.65 -63.28
N LYS F 67 -31.85 11.02 -62.07
CA LYS F 67 -31.36 12.24 -61.44
C LYS F 67 -30.03 11.98 -60.77
N PHE F 68 -29.05 12.85 -61.03
CA PHE F 68 -27.68 12.61 -60.58
C PHE F 68 -27.60 12.56 -59.05
N ASN F 69 -28.19 13.55 -58.38
CA ASN F 69 -28.15 13.61 -56.92
C ASN F 69 -28.92 12.47 -56.26
N GLU F 70 -29.75 11.75 -57.01
CA GLU F 70 -30.51 10.64 -56.44
C GLU F 70 -29.73 9.33 -56.47
N PHE F 71 -29.00 9.03 -57.54
CA PHE F 71 -28.21 7.81 -57.57
C PHE F 71 -26.79 7.99 -57.07
N ASP F 72 -26.33 9.22 -56.88
CA ASP F 72 -25.01 9.42 -56.27
C ASP F 72 -25.01 8.89 -54.83
N ASN F 73 -26.09 9.14 -54.09
CA ASN F 73 -26.20 8.62 -52.73
C ASN F 73 -26.22 7.10 -52.72
N LEU F 74 -26.94 6.50 -53.66
CA LEU F 74 -26.98 5.04 -53.76
C LEU F 74 -25.60 4.47 -54.05
N ARG F 75 -24.85 5.10 -54.95
CA ARG F 75 -23.49 4.65 -55.25
C ARG F 75 -22.60 4.72 -54.02
N ARG F 76 -22.67 5.83 -53.27
CA ARG F 76 -21.87 5.95 -52.06
C ARG F 76 -22.23 4.88 -51.04
N GLY F 77 -23.52 4.63 -50.85
CA GLY F 77 -23.94 3.58 -49.93
C GLY F 77 -23.45 2.21 -50.34
N GLY F 78 -23.50 1.91 -51.64
CA GLY F 78 -22.99 0.63 -52.11
C GLY F 78 -21.51 0.45 -51.86
N ILE F 79 -20.72 1.51 -52.08
CA ILE F 79 -19.30 1.43 -51.79
C ILE F 79 -19.06 1.18 -50.30
N GLN F 80 -19.82 1.86 -49.45
CA GLN F 80 -19.68 1.65 -48.01
C GLN F 80 -19.97 0.20 -47.62
N PHE F 81 -21.07 -0.36 -48.14
CA PHE F 81 -21.42 -1.74 -47.84
C PHE F 81 -20.31 -2.69 -48.28
N ALA F 82 -19.80 -2.50 -49.50
CA ALA F 82 -18.78 -3.40 -50.02
C ALA F 82 -17.50 -3.35 -49.22
N ASP F 83 -17.04 -2.15 -48.85
CA ASP F 83 -15.80 -2.06 -48.08
C ASP F 83 -15.95 -2.63 -46.68
N THR F 84 -17.09 -2.38 -46.03
CA THR F 84 -17.28 -2.93 -44.70
C THR F 84 -17.39 -4.45 -44.73
N ARG F 85 -18.06 -5.02 -45.74
CA ARG F 85 -18.13 -6.48 -45.83
C ARG F 85 -16.77 -7.08 -46.18
N GLY F 86 -16.01 -6.44 -47.06
CA GLY F 86 -14.69 -6.95 -47.39
C GLY F 86 -13.76 -6.97 -46.20
N TYR F 87 -13.79 -5.91 -45.38
CA TYR F 87 -12.99 -5.94 -44.16
C TYR F 87 -13.56 -6.91 -43.13
N ALA F 88 -14.88 -7.14 -43.15
CA ALA F 88 -15.50 -8.02 -42.16
C ALA F 88 -15.05 -9.47 -42.32
N TYR F 89 -15.13 -10.01 -43.54
CA TYR F 89 -14.79 -11.40 -43.79
C TYR F 89 -13.57 -11.57 -44.69
N ASP F 90 -13.64 -11.05 -45.91
CA ASP F 90 -12.56 -11.18 -46.89
C ASP F 90 -12.96 -10.43 -48.15
N ARG F 91 -11.97 -10.16 -49.00
CA ARG F 91 -12.22 -9.49 -50.27
C ARG F 91 -12.91 -10.41 -51.28
N ARG F 92 -12.64 -11.71 -51.21
CA ARG F 92 -13.19 -12.66 -52.16
C ARG F 92 -14.59 -13.14 -51.78
N ASP F 93 -15.14 -12.68 -50.67
CA ASP F 93 -16.48 -13.05 -50.23
C ASP F 93 -17.53 -12.01 -50.62
N VAL F 94 -17.19 -11.07 -51.49
CA VAL F 94 -18.10 -10.01 -51.93
C VAL F 94 -18.52 -10.30 -53.35
N THR F 95 -19.84 -10.32 -53.58
CA THR F 95 -20.39 -10.60 -54.90
C THR F 95 -21.42 -9.53 -55.25
N GLY F 96 -21.77 -9.46 -56.53
CA GLY F 96 -22.70 -8.46 -57.01
C GLY F 96 -24.15 -8.73 -56.64
N ARG F 97 -24.49 -9.99 -56.37
CA ARG F 97 -25.87 -10.32 -56.01
C ARG F 97 -26.27 -9.69 -54.69
N GLN F 98 -25.35 -9.68 -53.71
CA GLN F 98 -25.63 -9.04 -52.44
C GLN F 98 -25.86 -7.54 -52.60
N LEU F 99 -25.04 -6.89 -53.43
CA LEU F 99 -25.22 -5.47 -53.70
C LEU F 99 -26.55 -5.21 -54.39
N ALA F 100 -26.92 -6.05 -55.35
CA ALA F 100 -28.20 -5.90 -56.02
C ALA F 100 -29.37 -6.07 -55.05
N ASN F 101 -29.28 -7.04 -54.15
CA ASN F 101 -30.33 -7.23 -53.15
C ASN F 101 -30.44 -6.03 -52.21
N VAL F 102 -29.30 -5.48 -51.79
CA VAL F 102 -29.32 -4.31 -50.93
C VAL F 102 -29.95 -3.13 -51.64
N TYR F 103 -29.59 -2.93 -52.91
CA TYR F 103 -30.18 -1.85 -53.69
C TYR F 103 -31.68 -2.03 -53.86
N ALA F 104 -32.12 -3.26 -54.11
CA ALA F 104 -33.55 -3.52 -54.25
C ALA F 104 -34.30 -3.22 -52.97
N GLN F 105 -33.75 -3.64 -51.82
CA GLN F 105 -34.40 -3.35 -50.55
C GLN F 105 -34.47 -1.85 -50.29
N THR F 106 -33.37 -1.13 -50.53
CA THR F 106 -33.36 0.30 -50.31
C THR F 106 -34.36 1.01 -51.21
N LEU F 107 -34.41 0.64 -52.49
CA LEU F 107 -35.33 1.28 -53.42
C LEU F 107 -36.78 0.98 -53.06
N GLY F 108 -37.08 -0.25 -52.64
CA GLY F 108 -38.42 -0.57 -52.20
C GLY F 108 -38.84 0.22 -50.98
N THR F 109 -37.94 0.35 -50.01
CA THR F 109 -38.25 1.12 -48.81
C THR F 109 -38.47 2.59 -49.16
N ILE F 110 -37.66 3.14 -50.06
CA ILE F 110 -37.84 4.53 -50.48
C ILE F 110 -39.16 4.72 -51.20
N PHE F 111 -39.50 3.80 -52.11
CA PHE F 111 -40.75 3.91 -52.86
C PHE F 111 -41.96 3.76 -51.95
N THR F 112 -41.83 3.00 -50.86
CA THR F 112 -42.97 2.77 -49.99
C THR F 112 -43.16 3.91 -48.99
N GLU F 113 -42.09 4.33 -48.32
CA GLU F 113 -42.20 5.24 -47.18
C GLU F 113 -41.98 6.70 -47.54
N GLN F 114 -41.02 7.02 -48.40
CA GLN F 114 -40.68 8.41 -48.68
C GLN F 114 -41.81 9.12 -49.40
N ALA F 115 -41.87 10.44 -49.20
CA ALA F 115 -42.94 11.24 -49.81
C ALA F 115 -42.85 11.22 -51.33
N LYS F 116 -41.64 11.34 -51.87
CA LYS F 116 -41.43 11.36 -53.32
C LYS F 116 -40.56 10.18 -53.71
N PRO F 117 -41.01 9.33 -54.64
CA PRO F 117 -40.18 8.20 -55.07
C PRO F 117 -38.97 8.64 -55.86
N TYR F 118 -37.94 7.80 -55.84
CA TYR F 118 -36.72 8.07 -56.58
C TYR F 118 -36.93 7.73 -58.06
N GLU F 119 -36.49 8.63 -58.94
CA GLU F 119 -36.57 8.43 -60.38
C GLU F 119 -35.22 7.95 -60.89
N VAL F 120 -34.92 6.68 -60.61
CA VAL F 120 -33.64 6.08 -60.95
C VAL F 120 -33.84 4.70 -61.54
N GLU F 121 -32.85 4.26 -62.31
CA GLU F 121 -32.77 2.90 -62.83
C GLU F 121 -31.33 2.44 -62.68
N LEU F 122 -31.11 1.31 -62.02
CA LEU F 122 -29.77 0.87 -61.66
C LEU F 122 -29.39 -0.42 -62.36
N CYS F 123 -28.09 -0.56 -62.65
CA CYS F 123 -27.55 -1.79 -63.23
C CYS F 123 -26.25 -2.13 -62.53
N VAL F 124 -26.11 -3.40 -62.14
CA VAL F 124 -24.92 -3.91 -61.47
C VAL F 124 -24.32 -5.01 -62.35
N ALA F 125 -23.02 -4.90 -62.62
CA ALA F 125 -22.33 -5.87 -63.46
C ALA F 125 -21.18 -6.51 -62.69
N GLU F 126 -20.99 -7.81 -62.88
CA GLU F 126 -19.91 -8.55 -62.22
C GLU F 126 -19.22 -9.46 -63.23
N VAL F 127 -17.89 -9.54 -63.12
CA VAL F 127 -17.08 -10.41 -63.97
C VAL F 127 -16.36 -11.43 -63.09
N ALA F 128 -15.67 -12.37 -63.73
CA ALA F 128 -14.98 -13.43 -63.01
C ALA F 128 -13.64 -12.96 -62.47
N HIS F 129 -13.10 -13.73 -61.53
CA HIS F 129 -11.80 -13.42 -60.96
C HIS F 129 -10.68 -13.76 -61.95
N TYR F 130 -9.47 -13.29 -61.64
CA TYR F 130 -8.34 -13.52 -62.53
C TYR F 130 -8.00 -15.01 -62.60
N GLY F 131 -7.71 -15.47 -63.81
CA GLY F 131 -7.37 -16.87 -63.99
C GLY F 131 -8.54 -17.83 -63.95
N GLU F 132 -9.77 -17.34 -64.15
CA GLU F 132 -10.96 -18.18 -64.09
C GLU F 132 -11.86 -17.87 -65.27
N THR F 133 -12.72 -18.82 -65.60
CA THR F 133 -13.69 -18.70 -66.69
C THR F 133 -15.09 -18.72 -66.10
N LYS F 134 -15.87 -17.68 -66.37
CA LYS F 134 -17.24 -17.58 -65.87
C LYS F 134 -17.97 -16.52 -66.66
N ARG F 135 -19.26 -16.75 -66.86
CA ARG F 135 -20.10 -15.79 -67.57
C ARG F 135 -20.32 -14.55 -66.72
N PRO F 136 -20.17 -13.35 -67.28
CA PRO F 136 -20.50 -12.13 -66.53
C PRO F 136 -21.97 -12.07 -66.17
N GLU F 137 -22.27 -11.45 -65.04
CA GLU F 137 -23.62 -11.33 -64.53
C GLU F 137 -24.08 -9.88 -64.55
N LEU F 138 -25.30 -9.65 -65.02
CA LEU F 138 -25.89 -8.32 -65.09
C LEU F 138 -27.25 -8.33 -64.40
N TYR F 139 -27.43 -7.41 -63.45
CA TYR F 139 -28.67 -7.27 -62.71
C TYR F 139 -29.24 -5.87 -62.92
N ARG F 140 -30.55 -5.80 -63.13
CA ARG F 140 -31.26 -4.54 -63.35
C ARG F 140 -32.24 -4.32 -62.21
N ILE F 141 -32.23 -3.11 -61.64
CA ILE F 141 -33.10 -2.76 -60.52
C ILE F 141 -33.89 -1.51 -60.90
N THR F 142 -35.19 -1.55 -60.66
CA THR F 142 -36.10 -0.47 -61.00
C THR F 142 -36.45 0.35 -59.75
N TYR F 143 -37.30 1.36 -59.95
CA TYR F 143 -37.61 2.30 -58.87
C TYR F 143 -38.42 1.64 -57.75
N ASP F 144 -39.32 0.72 -58.10
CA ASP F 144 -40.19 0.11 -57.11
C ASP F 144 -39.50 -0.98 -56.30
N GLY F 145 -38.30 -1.40 -56.70
CA GLY F 145 -37.58 -2.45 -55.99
C GLY F 145 -37.48 -3.77 -56.71
N SER F 146 -38.06 -3.88 -57.90
CA SER F 146 -37.97 -5.12 -58.66
C SER F 146 -36.55 -5.34 -59.15
N ILE F 147 -36.09 -6.58 -59.07
CA ILE F 147 -34.74 -6.97 -59.47
C ILE F 147 -34.84 -8.08 -60.51
N ALA F 148 -34.11 -7.93 -61.60
CA ALA F 148 -34.11 -8.91 -62.68
C ALA F 148 -32.69 -9.20 -63.12
N ASP F 149 -32.51 -10.39 -63.71
CA ASP F 149 -31.22 -10.83 -64.23
C ASP F 149 -31.26 -10.86 -65.74
N GLU F 150 -30.30 -10.21 -66.38
CA GLU F 150 -30.22 -10.10 -67.83
C GLU F 150 -28.97 -10.81 -68.34
N PRO F 151 -29.10 -11.73 -69.28
CA PRO F 151 -27.93 -12.51 -69.71
C PRO F 151 -27.08 -11.84 -70.77
N HIS F 152 -27.68 -10.93 -71.57
CA HIS F 152 -27.01 -10.39 -72.75
C HIS F 152 -26.69 -8.90 -72.62
N PHE F 153 -27.71 -8.07 -72.40
CA PHE F 153 -27.47 -6.62 -72.37
C PHE F 153 -28.54 -5.95 -71.53
N VAL F 154 -28.24 -4.73 -71.10
CA VAL F 154 -29.16 -3.89 -70.34
C VAL F 154 -29.23 -2.52 -70.99
N VAL F 155 -30.43 -2.01 -71.20
CA VAL F 155 -30.66 -0.67 -71.74
C VAL F 155 -31.61 0.04 -70.79
N MET F 156 -31.20 1.20 -70.27
CA MET F 156 -32.00 1.97 -69.34
C MET F 156 -32.11 3.42 -69.77
N GLY F 157 -33.23 4.05 -69.40
CA GLY F 157 -33.40 5.47 -69.60
C GLY F 157 -33.93 5.86 -70.96
N GLY F 158 -34.79 6.87 -71.00
CA GLY F 158 -35.39 7.35 -72.24
C GLY F 158 -36.27 6.31 -72.92
N THR F 159 -36.36 6.44 -74.24
CA THR F 159 -37.12 5.50 -75.06
C THR F 159 -36.20 4.35 -75.45
N THR F 160 -36.36 3.22 -74.77
CA THR F 160 -35.45 2.10 -74.94
C THR F 160 -35.89 1.11 -76.01
N GLU F 161 -37.13 1.22 -76.51
CA GLU F 161 -37.62 0.23 -77.47
C GLU F 161 -36.83 0.18 -78.76
N PRO F 162 -36.57 1.30 -79.46
CA PRO F 162 -35.74 1.19 -80.67
C PRO F 162 -34.33 0.72 -80.37
N ILE F 163 -33.75 1.16 -79.25
CA ILE F 163 -32.39 0.72 -78.91
C ILE F 163 -32.39 -0.77 -78.61
N ALA F 164 -33.40 -1.24 -77.89
CA ALA F 164 -33.49 -2.66 -77.56
C ALA F 164 -33.66 -3.51 -78.82
N ASN F 165 -34.50 -3.05 -79.74
CA ASN F 165 -34.69 -3.78 -80.99
C ASN F 165 -33.41 -3.83 -81.80
N ALA F 166 -32.71 -2.70 -81.91
CA ALA F 166 -31.46 -2.67 -82.67
C ALA F 166 -30.43 -3.58 -82.05
N LEU F 167 -30.29 -3.55 -80.72
CA LEU F 167 -29.34 -4.41 -80.04
C LEU F 167 -29.70 -5.88 -80.22
N LYS F 168 -30.99 -6.21 -80.13
CA LYS F 168 -31.40 -7.60 -80.29
C LYS F 168 -31.11 -8.09 -81.70
N GLU F 169 -31.36 -7.25 -82.71
CA GLU F 169 -31.08 -7.67 -84.08
C GLU F 169 -29.59 -7.73 -84.37
N SER F 170 -28.78 -6.92 -83.68
CA SER F 170 -27.36 -6.80 -83.99
C SER F 170 -26.44 -7.45 -82.99
N TYR F 171 -26.96 -8.02 -81.90
CA TYR F 171 -26.09 -8.60 -80.88
C TYR F 171 -25.37 -9.83 -81.42
N ALA F 172 -24.08 -9.92 -81.10
CA ALA F 172 -23.26 -11.06 -81.47
C ALA F 172 -22.41 -11.46 -80.26
N GLU F 173 -22.47 -12.75 -79.91
CA GLU F 173 -21.74 -13.25 -78.75
C GLU F 173 -20.26 -13.37 -79.05
N ASN F 174 -19.44 -13.25 -78.00
CA ASN F 174 -17.99 -13.36 -78.09
C ASN F 174 -17.41 -12.37 -79.09
N ALA F 175 -17.96 -11.15 -79.10
CA ALA F 175 -17.48 -10.12 -80.00
C ALA F 175 -16.23 -9.44 -79.43
N SER F 176 -15.54 -8.70 -80.29
CA SER F 176 -14.37 -7.96 -79.88
C SER F 176 -14.77 -6.62 -79.27
N LEU F 177 -13.77 -5.91 -78.73
CA LEU F 177 -14.03 -4.63 -78.08
C LEU F 177 -14.48 -3.58 -79.09
N THR F 178 -13.76 -3.46 -80.22
CA THR F 178 -14.10 -2.45 -81.21
C THR F 178 -15.46 -2.73 -81.84
N ASP F 179 -15.72 -4.00 -82.18
CA ASP F 179 -17.01 -4.35 -82.79
C ASP F 179 -18.16 -4.09 -81.83
N ALA F 180 -18.00 -4.47 -80.56
CA ALA F 180 -19.05 -4.23 -79.58
C ALA F 180 -19.27 -2.73 -79.37
N LEU F 181 -18.19 -1.95 -79.32
CA LEU F 181 -18.34 -0.50 -79.16
C LEU F 181 -19.07 0.12 -80.34
N ARG F 182 -18.71 -0.29 -81.56
CA ARG F 182 -19.37 0.24 -82.74
C ARG F 182 -20.85 -0.16 -82.78
N ILE F 183 -21.15 -1.41 -82.39
CA ILE F 183 -22.53 -1.87 -82.38
C ILE F 183 -23.34 -1.10 -81.35
N ALA F 184 -22.78 -0.88 -80.16
CA ALA F 184 -23.47 -0.12 -79.13
C ALA F 184 -23.70 1.32 -79.57
N VAL F 185 -22.71 1.93 -80.21
CA VAL F 185 -22.86 3.31 -80.69
C VAL F 185 -23.95 3.40 -81.75
N ALA F 186 -23.96 2.44 -82.69
CA ALA F 186 -24.99 2.43 -83.72
C ALA F 186 -26.38 2.25 -83.10
N ALA F 187 -26.50 1.34 -82.12
CA ALA F 187 -27.79 1.13 -81.48
C ALA F 187 -28.25 2.37 -80.73
N LEU F 188 -27.33 3.06 -80.05
CA LEU F 188 -27.70 4.25 -79.31
C LEU F 188 -28.07 5.41 -80.23
N ARG F 189 -27.43 5.49 -81.40
CA ARG F 189 -27.76 6.56 -82.34
C ARG F 189 -29.20 6.46 -82.81
N ALA F 190 -29.66 5.25 -83.09
CA ALA F 190 -31.02 5.04 -83.55
C ALA F 190 -32.02 5.21 -82.41
N LEU F 203 -22.26 11.62 -82.12
CA LEU F 203 -21.68 10.99 -80.93
C LEU F 203 -20.19 10.78 -81.13
N GLY F 204 -19.41 11.84 -80.94
CA GLY F 204 -17.98 11.79 -81.11
C GLY F 204 -17.26 11.59 -79.78
N VAL F 205 -16.07 12.18 -79.68
CA VAL F 205 -15.35 12.15 -78.41
C VAL F 205 -16.15 12.84 -77.32
N ALA F 206 -16.75 13.98 -77.65
CA ALA F 206 -17.61 14.69 -76.71
C ALA F 206 -18.96 13.99 -76.56
N SER F 207 -19.59 14.23 -75.42
CA SER F 207 -20.91 13.67 -75.10
C SER F 207 -20.91 12.15 -75.14
N LEU F 208 -19.81 11.53 -74.72
CA LEU F 208 -19.70 10.08 -74.69
C LEU F 208 -18.92 9.66 -73.45
N GLU F 209 -19.42 8.65 -72.74
CA GLU F 209 -18.76 8.08 -71.58
C GLU F 209 -18.68 6.58 -71.76
N VAL F 210 -17.45 6.05 -71.82
CA VAL F 210 -17.20 4.63 -72.08
C VAL F 210 -16.34 4.07 -70.96
N ALA F 211 -16.76 2.93 -70.40
CA ALA F 211 -16.00 2.26 -69.37
C ALA F 211 -16.02 0.76 -69.62
N VAL F 212 -15.02 0.06 -69.08
CA VAL F 212 -14.91 -1.39 -69.26
C VAL F 212 -14.50 -2.04 -67.95
N LEU F 213 -14.94 -3.28 -67.78
CA LEU F 213 -14.51 -4.15 -66.69
C LEU F 213 -13.59 -5.19 -67.29
N ASP F 214 -12.27 -5.00 -67.15
CA ASP F 214 -11.30 -5.86 -67.80
C ASP F 214 -11.09 -7.13 -66.98
N ALA F 215 -11.62 -8.25 -67.48
CA ALA F 215 -11.46 -9.52 -66.77
C ALA F 215 -10.03 -10.02 -66.77
N ASN F 216 -9.16 -9.48 -67.63
CA ASN F 216 -7.78 -9.89 -67.70
C ASN F 216 -6.88 -9.16 -66.71
N ARG F 217 -7.40 -8.11 -66.07
CA ARG F 217 -6.61 -7.38 -65.09
C ARG F 217 -6.43 -8.20 -63.81
N PRO F 218 -5.29 -8.08 -63.13
CA PRO F 218 -5.03 -8.92 -61.96
C PRO F 218 -6.02 -8.75 -60.82
N ARG F 219 -6.16 -7.53 -60.29
CA ARG F 219 -6.98 -7.30 -59.10
C ARG F 219 -8.16 -6.40 -59.38
N ARG F 220 -7.94 -5.19 -59.90
CA ARG F 220 -9.00 -4.24 -60.20
C ARG F 220 -9.30 -4.24 -61.69
N ALA F 221 -10.57 -4.36 -62.05
CA ALA F 221 -10.96 -4.57 -63.43
C ALA F 221 -11.55 -3.34 -64.11
N PHE F 222 -11.97 -2.34 -63.35
CA PHE F 222 -12.64 -1.18 -63.92
C PHE F 222 -11.63 -0.20 -64.50
N ARG F 223 -11.90 0.26 -65.72
CA ARG F 223 -11.05 1.29 -66.32
C ARG F 223 -11.85 2.06 -67.37
N ARG F 224 -11.55 3.36 -67.47
CA ARG F 224 -12.20 4.27 -68.41
C ARG F 224 -11.37 4.41 -69.68
N ILE F 225 -12.07 4.60 -70.80
CA ILE F 225 -11.45 4.84 -72.10
C ILE F 225 -11.91 6.22 -72.56
N THR F 226 -11.02 7.21 -72.43
CA THR F 226 -11.33 8.58 -72.83
C THR F 226 -10.11 9.20 -73.49
N GLY F 227 -10.35 10.17 -74.37
CA GLY F 227 -9.29 10.88 -75.02
C GLY F 227 -8.94 10.37 -76.41
N SER F 228 -7.65 10.29 -76.72
CA SER F 228 -7.22 9.85 -78.03
C SER F 228 -7.54 8.37 -78.26
N ALA F 229 -7.48 7.56 -77.20
CA ALA F 229 -7.78 6.15 -77.34
C ALA F 229 -9.22 5.91 -77.76
N LEU F 230 -10.15 6.70 -77.22
CA LEU F 230 -11.55 6.55 -77.59
C LEU F 230 -11.76 6.86 -79.07
N GLN F 231 -11.13 7.92 -79.57
CA GLN F 231 -11.24 8.25 -80.98
C GLN F 231 -10.59 7.18 -81.85
N ALA F 232 -9.44 6.65 -81.40
CA ALA F 232 -8.79 5.58 -82.16
C ALA F 232 -9.65 4.34 -82.24
N LEU F 233 -10.35 4.01 -81.16
CA LEU F 233 -11.24 2.85 -81.15
C LEU F 233 -12.59 3.13 -81.78
N LEU F 234 -12.91 4.39 -82.07
CA LEU F 234 -14.19 4.75 -82.66
C LEU F 234 -14.09 4.80 -84.18
N SER G 8 -63.79 4.80 -43.35
CA SER G 8 -64.33 3.58 -42.76
C SER G 8 -63.30 2.45 -42.80
N PRO G 9 -63.14 1.75 -41.66
CA PRO G 9 -62.20 0.62 -41.64
C PRO G 9 -62.54 -0.47 -42.64
N GLU G 10 -63.83 -0.72 -42.89
CA GLU G 10 -64.22 -1.77 -43.83
C GLU G 10 -63.64 -1.53 -45.21
N GLN G 11 -63.77 -0.30 -45.72
CA GLN G 11 -63.28 0.00 -47.05
C GLN G 11 -61.76 -0.15 -47.14
N ALA G 12 -61.04 0.30 -46.10
CA ALA G 12 -59.59 0.16 -46.09
C ALA G 12 -59.18 -1.31 -46.10
N MET G 13 -59.80 -2.13 -45.25
CA MET G 13 -59.46 -3.54 -45.21
C MET G 13 -59.79 -4.21 -46.54
N ARG G 14 -60.94 -3.87 -47.13
CA ARG G 14 -61.33 -4.47 -48.41
C ARG G 14 -60.34 -4.09 -49.51
N GLU G 15 -59.93 -2.81 -49.56
CA GLU G 15 -58.98 -2.37 -50.57
C GLU G 15 -57.63 -3.04 -50.40
N ARG G 16 -57.15 -3.15 -49.15
CA ARG G 16 -55.87 -3.82 -48.93
C ARG G 16 -55.93 -5.28 -49.30
N SER G 17 -57.02 -5.96 -48.93
CA SER G 17 -57.19 -7.36 -49.30
C SER G 17 -57.24 -7.54 -50.82
N GLU G 18 -57.91 -6.62 -51.51
CA GLU G 18 -57.97 -6.70 -52.97
C GLU G 18 -56.60 -6.49 -53.60
N LEU G 19 -55.81 -5.55 -53.06
CA LEU G 19 -54.45 -5.34 -53.55
C LEU G 19 -53.61 -6.60 -53.36
N ALA G 20 -53.69 -7.20 -52.18
CA ALA G 20 -52.92 -8.42 -51.92
C ALA G 20 -53.38 -9.55 -52.82
N ARG G 21 -54.69 -9.67 -53.06
CA ARG G 21 -55.21 -10.72 -53.93
C ARG G 21 -54.71 -10.55 -55.35
N LYS G 22 -54.73 -9.31 -55.87
CA LYS G 22 -54.19 -9.08 -57.21
C LYS G 22 -52.71 -9.40 -57.29
N GLY G 23 -51.95 -8.97 -56.28
CA GLY G 23 -50.52 -9.26 -56.28
C GLY G 23 -50.22 -10.75 -56.26
N ILE G 24 -50.99 -11.51 -55.49
CA ILE G 24 -50.83 -12.96 -55.47
C ILE G 24 -51.24 -13.55 -56.82
N ALA G 25 -52.33 -13.04 -57.41
CA ALA G 25 -52.86 -13.62 -58.63
C ALA G 25 -51.95 -13.41 -59.83
N ARG G 26 -51.18 -12.32 -59.84
CA ARG G 26 -50.29 -12.03 -60.95
C ARG G 26 -48.91 -12.67 -60.79
N ALA G 27 -48.80 -13.75 -60.02
CA ALA G 27 -47.52 -14.41 -59.75
C ALA G 27 -47.53 -15.83 -60.29
N LYS G 28 -46.39 -16.51 -60.15
CA LYS G 28 -46.25 -17.88 -60.62
C LYS G 28 -46.75 -18.85 -59.55
N SER G 29 -46.60 -20.15 -59.80
CA SER G 29 -47.17 -21.18 -58.96
C SER G 29 -46.06 -22.02 -58.33
N VAL G 30 -46.23 -22.34 -57.04
CA VAL G 30 -45.33 -23.21 -56.30
C VAL G 30 -46.16 -24.34 -55.71
N VAL G 31 -45.63 -25.55 -55.75
CA VAL G 31 -46.36 -26.75 -55.32
C VAL G 31 -45.49 -27.56 -54.37
N ALA G 32 -46.05 -27.93 -53.22
CA ALA G 32 -45.35 -28.74 -52.24
C ALA G 32 -46.15 -30.01 -52.00
N LEU G 33 -45.49 -31.16 -52.15
CA LEU G 33 -46.11 -32.46 -52.03
C LEU G 33 -45.41 -33.29 -50.96
N ALA G 34 -46.13 -34.27 -50.44
CA ALA G 34 -45.59 -35.19 -49.45
C ALA G 34 -45.54 -36.59 -50.05
N TYR G 35 -44.35 -37.19 -50.06
CA TYR G 35 -44.14 -38.53 -50.58
C TYR G 35 -43.41 -39.36 -49.52
N ALA G 36 -43.19 -40.63 -49.85
CA ALA G 36 -42.61 -41.57 -48.89
C ALA G 36 -41.27 -41.10 -48.34
N GLY G 37 -40.45 -40.46 -49.19
CA GLY G 37 -39.15 -39.97 -48.75
C GLY G 37 -39.18 -38.65 -48.02
N GLY G 38 -40.29 -37.94 -48.02
CA GLY G 38 -40.39 -36.68 -47.32
C GLY G 38 -41.26 -35.66 -48.01
N VAL G 39 -40.70 -34.47 -48.26
CA VAL G 39 -41.41 -33.36 -48.87
C VAL G 39 -40.68 -32.93 -50.13
N LEU G 40 -41.44 -32.65 -51.19
CA LEU G 40 -40.91 -32.23 -52.48
C LEU G 40 -41.48 -30.87 -52.85
N PHE G 41 -40.60 -29.94 -53.20
CA PHE G 41 -40.99 -28.59 -53.64
C PHE G 41 -40.68 -28.44 -55.12
N VAL G 42 -41.68 -27.99 -55.88
CA VAL G 42 -41.54 -27.76 -57.32
C VAL G 42 -42.06 -26.36 -57.64
N ALA G 43 -41.22 -25.58 -58.33
CA ALA G 43 -41.59 -24.22 -58.73
C ALA G 43 -41.12 -23.99 -60.16
N GLU G 44 -41.76 -23.04 -60.83
CA GLU G 44 -41.39 -22.63 -62.18
C GLU G 44 -40.60 -21.33 -62.08
N ASN G 45 -39.28 -21.44 -62.16
CA ASN G 45 -38.40 -20.28 -62.03
C ASN G 45 -37.29 -20.34 -63.08
N PRO G 46 -37.27 -19.41 -64.04
CA PRO G 46 -36.22 -19.46 -65.07
C PRO G 46 -34.86 -19.03 -64.55
N SER G 47 -34.81 -18.06 -63.65
CA SER G 47 -33.53 -17.53 -63.16
C SER G 47 -32.80 -18.57 -62.30
N ARG G 48 -31.49 -18.65 -62.48
CA ARG G 48 -30.64 -19.54 -61.69
C ARG G 48 -30.01 -18.86 -60.50
N SER G 49 -30.21 -17.55 -60.33
CA SER G 49 -29.62 -16.83 -59.21
C SER G 49 -30.62 -16.50 -58.11
N LEU G 50 -31.88 -16.29 -58.45
CA LEU G 50 -32.92 -15.99 -57.48
C LEU G 50 -33.73 -17.25 -57.22
N GLN G 51 -33.84 -17.64 -55.95
CA GLN G 51 -34.45 -18.90 -55.56
C GLN G 51 -35.68 -18.63 -54.70
N LYS G 52 -36.68 -19.52 -54.83
CA LYS G 52 -37.91 -19.44 -54.06
C LYS G 52 -38.05 -20.50 -52.99
N ILE G 53 -37.26 -21.58 -53.06
CA ILE G 53 -37.28 -22.66 -52.08
C ILE G 53 -35.98 -22.63 -51.31
N SER G 54 -36.06 -22.71 -49.99
CA SER G 54 -34.88 -22.58 -49.15
C SER G 54 -34.99 -23.49 -47.94
N GLU G 55 -33.90 -23.60 -47.20
CA GLU G 55 -33.82 -24.39 -45.98
C GLU G 55 -33.76 -23.45 -44.78
N LEU G 56 -34.58 -23.74 -43.77
CA LEU G 56 -34.62 -22.95 -42.54
C LEU G 56 -33.77 -23.55 -41.43
N TYR G 57 -33.85 -24.86 -41.23
CA TYR G 57 -33.08 -25.54 -40.20
C TYR G 57 -32.80 -26.95 -40.68
N ASP G 58 -32.44 -27.84 -39.75
CA ASP G 58 -32.02 -29.19 -40.12
C ASP G 58 -33.12 -29.95 -40.84
N ARG G 59 -34.37 -29.86 -40.35
CA ARG G 59 -35.47 -30.60 -40.92
C ARG G 59 -36.64 -29.69 -41.31
N VAL G 60 -36.38 -28.42 -41.59
CA VAL G 60 -37.43 -27.45 -41.91
C VAL G 60 -37.13 -26.85 -43.28
N GLY G 61 -38.18 -26.73 -44.10
CA GLY G 61 -38.04 -26.15 -45.42
C GLY G 61 -39.05 -25.05 -45.64
N PHE G 62 -38.66 -24.07 -46.45
CA PHE G 62 -39.44 -22.85 -46.65
C PHE G 62 -39.71 -22.65 -48.13
N ALA G 63 -40.95 -22.33 -48.47
CA ALA G 63 -41.33 -21.99 -49.84
C ALA G 63 -42.18 -20.73 -49.81
N ALA G 64 -42.08 -19.95 -50.89
CA ALA G 64 -42.76 -18.66 -50.95
C ALA G 64 -43.20 -18.35 -52.37
N ALA G 65 -44.29 -17.61 -52.49
CA ALA G 65 -44.78 -17.11 -53.75
C ALA G 65 -45.11 -15.62 -53.63
N GLY G 66 -44.71 -14.85 -54.64
CA GLY G 66 -44.95 -13.42 -54.64
C GLY G 66 -43.76 -12.59 -55.07
N LYS G 67 -43.56 -11.45 -54.40
CA LYS G 67 -42.44 -10.58 -54.72
C LYS G 67 -41.17 -11.06 -54.03
N PHE G 68 -40.09 -11.16 -54.79
CA PHE G 68 -38.86 -11.76 -54.27
C PHE G 68 -38.30 -10.98 -53.09
N ASN G 69 -38.19 -9.66 -53.24
CA ASN G 69 -37.64 -8.83 -52.17
C ASN G 69 -38.54 -8.78 -50.94
N GLU G 70 -39.78 -9.22 -51.04
CA GLU G 70 -40.68 -9.22 -49.89
C GLU G 70 -40.55 -10.48 -49.04
N PHE G 71 -40.40 -11.65 -49.65
CA PHE G 71 -40.23 -12.86 -48.86
C PHE G 71 -38.77 -13.21 -48.57
N ASP G 72 -37.82 -12.56 -49.25
CA ASP G 72 -36.42 -12.76 -48.89
C ASP G 72 -36.14 -12.30 -47.47
N ASN G 73 -36.71 -11.15 -47.09
CA ASN G 73 -36.56 -10.65 -45.72
C ASN G 73 -37.19 -11.61 -44.71
N LEU G 74 -38.36 -12.16 -45.04
CA LEU G 74 -39.01 -13.13 -44.16
C LEU G 74 -38.15 -14.38 -43.98
N ARG G 75 -37.56 -14.87 -45.07
CA ARG G 75 -36.68 -16.03 -44.98
C ARG G 75 -35.48 -15.75 -44.09
N ARG G 76 -34.85 -14.58 -44.26
CA ARG G 76 -33.71 -14.24 -43.42
C ARG G 76 -34.09 -14.17 -41.94
N GLY G 77 -35.25 -13.54 -41.65
CA GLY G 77 -35.70 -13.48 -40.27
C GLY G 77 -35.98 -14.84 -39.67
N GLY G 78 -36.56 -15.75 -40.46
CA GLY G 78 -36.81 -17.09 -39.97
C GLY G 78 -35.53 -17.83 -39.64
N ILE G 79 -34.51 -17.69 -40.50
CA ILE G 79 -33.22 -18.32 -40.21
C ILE G 79 -32.62 -17.76 -38.92
N GLN G 80 -32.72 -16.44 -38.73
CA GLN G 80 -32.20 -15.84 -37.50
C GLN G 80 -32.90 -16.40 -36.27
N PHE G 81 -34.23 -16.48 -36.31
CA PHE G 81 -34.99 -17.01 -35.17
C PHE G 81 -34.56 -18.45 -34.87
N ALA G 82 -34.45 -19.28 -35.91
CA ALA G 82 -34.12 -20.69 -35.69
C ALA G 82 -32.73 -20.86 -35.11
N ASP G 83 -31.74 -20.12 -35.61
CA ASP G 83 -30.38 -20.29 -35.08
C ASP G 83 -30.28 -19.78 -33.66
N THR G 84 -30.94 -18.65 -33.34
CA THR G 84 -30.87 -18.15 -31.97
C THR G 84 -31.58 -19.09 -31.00
N ARG G 85 -32.71 -19.67 -31.40
CA ARG G 85 -33.39 -20.61 -30.51
C ARG G 85 -32.59 -21.90 -30.36
N GLY G 86 -31.97 -22.39 -31.44
CA GLY G 86 -31.17 -23.59 -31.34
C GLY G 86 -29.97 -23.42 -30.42
N TYR G 87 -29.31 -22.26 -30.49
CA TYR G 87 -28.23 -22.00 -29.54
C TYR G 87 -28.75 -21.74 -28.14
N ALA G 88 -29.98 -21.23 -28.01
CA ALA G 88 -30.53 -20.91 -26.69
C ALA G 88 -30.78 -22.15 -25.86
N TYR G 89 -31.47 -23.14 -26.43
CA TYR G 89 -31.82 -24.35 -25.69
C TYR G 89 -31.14 -25.60 -26.25
N ASP G 90 -31.41 -25.94 -27.51
CA ASP G 90 -30.87 -27.13 -28.17
C ASP G 90 -31.32 -27.15 -29.61
N ARG G 91 -30.66 -27.98 -30.41
CA ARG G 91 -31.03 -28.13 -31.82
C ARG G 91 -32.31 -28.94 -31.98
N ARG G 92 -32.59 -29.87 -31.06
CA ARG G 92 -33.76 -30.72 -31.16
C ARG G 92 -35.01 -30.09 -30.58
N ASP G 93 -34.92 -28.87 -30.05
CA ASP G 93 -36.07 -28.17 -29.50
C ASP G 93 -36.69 -27.18 -30.48
N VAL G 94 -36.31 -27.25 -31.75
CA VAL G 94 -36.81 -26.35 -32.78
C VAL G 94 -37.76 -27.12 -33.68
N THR G 95 -38.97 -26.59 -33.85
CA THR G 95 -40.00 -27.21 -34.66
C THR G 95 -40.56 -26.18 -35.64
N GLY G 96 -41.26 -26.69 -36.65
CA GLY G 96 -41.82 -25.82 -37.68
C GLY G 96 -43.04 -25.04 -37.25
N ARG G 97 -43.75 -25.52 -36.22
CA ARG G 97 -44.94 -24.81 -35.75
C ARG G 97 -44.58 -23.45 -35.17
N GLN G 98 -43.47 -23.37 -34.43
CA GLN G 98 -43.02 -22.09 -33.90
C GLN G 98 -42.68 -21.11 -35.01
N LEU G 99 -41.99 -21.58 -36.05
CA LEU G 99 -41.67 -20.73 -37.18
C LEU G 99 -42.93 -20.26 -37.89
N ALA G 100 -43.91 -21.15 -38.06
CA ALA G 100 -45.18 -20.77 -38.69
C ALA G 100 -45.91 -19.73 -37.86
N ASN G 101 -45.91 -19.88 -36.54
CA ASN G 101 -46.55 -18.88 -35.67
C ASN G 101 -45.85 -17.54 -35.76
N VAL G 102 -44.52 -17.55 -35.80
CA VAL G 102 -43.78 -16.29 -35.90
C VAL G 102 -44.09 -15.61 -37.24
N TYR G 103 -44.13 -16.39 -38.31
CA TYR G 103 -44.45 -15.83 -39.62
C TYR G 103 -45.87 -15.26 -39.65
N ALA G 104 -46.82 -15.96 -39.02
CA ALA G 104 -48.19 -15.47 -38.98
C ALA G 104 -48.28 -14.16 -38.21
N GLN G 105 -47.60 -14.06 -37.07
CA GLN G 105 -47.61 -12.82 -36.30
C GLN G 105 -46.99 -11.67 -37.09
N THR G 106 -45.85 -11.93 -37.74
CA THR G 106 -45.18 -10.88 -38.51
C THR G 106 -46.05 -10.42 -39.67
N LEU G 107 -46.68 -11.35 -40.40
CA LEU G 107 -47.52 -10.99 -41.53
C LEU G 107 -48.76 -10.23 -41.08
N GLY G 108 -49.36 -10.64 -39.95
CA GLY G 108 -50.50 -9.88 -39.43
C GLY G 108 -50.13 -8.48 -39.04
N THR G 109 -48.98 -8.31 -38.37
CA THR G 109 -48.53 -6.97 -37.99
C THR G 109 -48.26 -6.10 -39.21
N ILE G 110 -47.64 -6.69 -40.25
CA ILE G 110 -47.38 -5.94 -41.47
C ILE G 110 -48.68 -5.55 -42.16
N PHE G 111 -49.63 -6.47 -42.24
CA PHE G 111 -50.91 -6.18 -42.89
C PHE G 111 -51.70 -5.13 -42.12
N THR G 112 -51.52 -5.07 -40.79
CA THR G 112 -52.30 -4.13 -40.00
C THR G 112 -51.68 -2.74 -40.00
N GLU G 113 -50.37 -2.64 -39.76
CA GLU G 113 -49.72 -1.36 -39.50
C GLU G 113 -49.08 -0.74 -40.73
N GLN G 114 -48.41 -1.53 -41.57
CA GLN G 114 -47.66 -0.97 -42.68
C GLN G 114 -48.58 -0.33 -43.72
N ALA G 115 -48.04 0.66 -44.43
CA ALA G 115 -48.83 1.38 -45.42
C ALA G 115 -49.27 0.47 -46.57
N LYS G 116 -48.38 -0.40 -47.03
CA LYS G 116 -48.67 -1.30 -48.13
C LYS G 116 -48.53 -2.74 -47.66
N PRO G 117 -49.56 -3.58 -47.81
CA PRO G 117 -49.45 -4.97 -47.35
C PRO G 117 -48.51 -5.77 -48.24
N TYR G 118 -47.95 -6.83 -47.65
CA TYR G 118 -47.06 -7.72 -48.39
C TYR G 118 -47.86 -8.65 -49.28
N GLU G 119 -47.42 -8.80 -50.52
CA GLU G 119 -48.04 -9.70 -51.48
C GLU G 119 -47.25 -11.01 -51.54
N VAL G 120 -47.42 -11.81 -50.49
CA VAL G 120 -46.67 -13.06 -50.33
C VAL G 120 -47.60 -14.17 -49.87
N GLU G 121 -47.19 -15.40 -50.16
CA GLU G 121 -47.83 -16.60 -49.66
C GLU G 121 -46.74 -17.57 -49.23
N LEU G 122 -46.78 -18.03 -47.98
CA LEU G 122 -45.68 -18.81 -47.41
C LEU G 122 -46.12 -20.23 -47.08
N CYS G 123 -45.16 -21.16 -47.19
CA CYS G 123 -45.37 -22.55 -46.82
C CYS G 123 -44.17 -23.06 -46.05
N VAL G 124 -44.43 -23.72 -44.93
CA VAL G 124 -43.39 -24.29 -44.06
C VAL G 124 -43.61 -25.79 -44.00
N ALA G 125 -42.55 -26.56 -44.27
CA ALA G 125 -42.62 -28.01 -44.25
C ALA G 125 -41.64 -28.58 -43.24
N GLU G 126 -42.06 -29.63 -42.53
CA GLU G 126 -41.21 -30.28 -41.55
C GLU G 126 -41.32 -31.79 -41.68
N VAL G 127 -40.18 -32.47 -41.53
CA VAL G 127 -40.13 -33.93 -41.59
C VAL G 127 -39.62 -34.47 -40.25
N ALA G 128 -39.62 -35.79 -40.11
CA ALA G 128 -39.22 -36.42 -38.86
C ALA G 128 -37.70 -36.51 -38.75
N HIS G 129 -37.23 -36.75 -37.53
CA HIS G 129 -35.81 -36.91 -37.29
C HIS G 129 -35.32 -38.27 -37.80
N TYR G 130 -34.00 -38.42 -37.85
CA TYR G 130 -33.42 -39.66 -38.36
C TYR G 130 -33.75 -40.83 -37.44
N GLY G 131 -34.08 -41.97 -38.04
CA GLY G 131 -34.42 -43.14 -37.26
C GLY G 131 -35.78 -43.13 -36.61
N GLU G 132 -36.70 -42.29 -37.10
CA GLU G 132 -38.03 -42.16 -36.52
C GLU G 132 -39.08 -42.16 -37.62
N THR G 133 -40.30 -42.51 -37.24
CA THR G 133 -41.43 -42.54 -38.16
C THR G 133 -42.45 -41.49 -37.72
N LYS G 134 -42.80 -40.58 -38.62
CA LYS G 134 -43.75 -39.53 -38.32
C LYS G 134 -44.22 -38.90 -39.62
N ARG G 135 -45.48 -38.48 -39.63
CA ARG G 135 -46.05 -37.85 -40.81
C ARG G 135 -45.46 -36.46 -40.99
N PRO G 136 -45.04 -36.08 -42.20
CA PRO G 136 -44.58 -34.71 -42.43
C PRO G 136 -45.70 -33.70 -42.22
N GLU G 137 -45.32 -32.51 -41.78
CA GLU G 137 -46.27 -31.44 -41.48
C GLU G 137 -46.08 -30.28 -42.46
N LEU G 138 -47.19 -29.77 -42.98
CA LEU G 138 -47.18 -28.65 -43.92
C LEU G 138 -48.12 -27.56 -43.40
N TYR G 139 -47.59 -26.34 -43.30
CA TYR G 139 -48.34 -25.18 -42.84
C TYR G 139 -48.34 -24.12 -43.92
N ARG G 140 -49.50 -23.51 -44.15
CA ARG G 140 -49.68 -22.45 -45.14
C ARG G 140 -50.05 -21.16 -44.43
N ILE G 141 -49.38 -20.07 -44.80
CA ILE G 141 -49.59 -18.75 -44.21
C ILE G 141 -49.90 -17.76 -45.32
N THR G 142 -50.95 -16.97 -45.12
CA THR G 142 -51.40 -16.00 -46.09
C THR G 142 -50.96 -14.59 -45.70
N TYR G 143 -51.35 -13.61 -46.52
CA TYR G 143 -50.88 -12.24 -46.33
C TYR G 143 -51.46 -11.61 -45.07
N ASP G 144 -52.71 -11.93 -44.73
CA ASP G 144 -53.37 -11.30 -43.60
C ASP G 144 -52.95 -11.90 -42.27
N GLY G 145 -52.22 -13.01 -42.26
CA GLY G 145 -51.78 -13.66 -41.04
C GLY G 145 -52.48 -14.96 -40.72
N SER G 146 -53.42 -15.41 -41.54
CA SER G 146 -54.08 -16.68 -41.30
C SER G 146 -53.12 -17.84 -41.51
N ILE G 147 -53.20 -18.83 -40.63
CA ILE G 147 -52.33 -20.00 -40.66
C ILE G 147 -53.21 -21.25 -40.71
N ALA G 148 -52.89 -22.16 -41.63
CA ALA G 148 -53.64 -23.38 -41.80
C ALA G 148 -52.68 -24.56 -41.93
N ASP G 149 -53.19 -25.75 -41.60
CA ASP G 149 -52.45 -26.99 -41.68
C ASP G 149 -53.01 -27.85 -42.80
N GLU G 150 -52.13 -28.29 -43.69
CA GLU G 150 -52.51 -29.09 -44.85
C GLU G 150 -51.89 -30.47 -44.77
N PRO G 151 -52.69 -31.53 -44.87
CA PRO G 151 -52.15 -32.88 -44.67
C PRO G 151 -51.50 -33.49 -45.91
N HIS G 152 -51.92 -33.06 -47.10
CA HIS G 152 -51.51 -33.72 -48.34
C HIS G 152 -50.63 -32.86 -49.22
N PHE G 153 -51.07 -31.68 -49.62
CA PHE G 153 -50.30 -30.86 -50.54
C PHE G 153 -50.66 -29.40 -50.36
N VAL G 154 -49.76 -28.53 -50.84
CA VAL G 154 -49.97 -27.08 -50.81
C VAL G 154 -49.70 -26.53 -52.21
N VAL G 155 -50.60 -25.70 -52.72
CA VAL G 155 -50.43 -25.03 -54.01
C VAL G 155 -50.64 -23.54 -53.77
N MET G 156 -49.64 -22.73 -54.14
CA MET G 156 -49.72 -21.28 -53.94
C MET G 156 -49.39 -20.54 -55.23
N GLY G 157 -49.96 -19.35 -55.37
CA GLY G 157 -49.62 -18.46 -56.45
C GLY G 157 -50.36 -18.71 -57.74
N GLY G 158 -50.70 -17.63 -58.46
CA GLY G 158 -51.43 -17.72 -59.70
C GLY G 158 -52.83 -18.31 -59.54
N THR G 159 -53.30 -18.93 -60.63
CA THR G 159 -54.60 -19.59 -60.65
C THR G 159 -54.40 -21.02 -60.17
N THR G 160 -54.75 -21.30 -58.92
CA THR G 160 -54.49 -22.58 -58.29
C THR G 160 -55.62 -23.58 -58.45
N GLU G 161 -56.80 -23.15 -58.92
CA GLU G 161 -57.93 -24.07 -58.99
C GLU G 161 -57.70 -25.24 -59.94
N PRO G 162 -57.27 -25.06 -61.19
CA PRO G 162 -57.01 -26.25 -62.03
C PRO G 162 -55.89 -27.11 -61.46
N ILE G 163 -54.84 -26.50 -60.91
CA ILE G 163 -53.76 -27.30 -60.35
C ILE G 163 -54.25 -28.08 -59.14
N ALA G 164 -55.06 -27.44 -58.29
CA ALA G 164 -55.59 -28.13 -57.11
C ALA G 164 -56.48 -29.28 -57.52
N ASN G 165 -57.33 -29.08 -58.52
CA ASN G 165 -58.21 -30.14 -58.99
C ASN G 165 -57.40 -31.31 -59.55
N ALA G 166 -56.40 -31.01 -60.37
CA ALA G 166 -55.57 -32.08 -60.94
C ALA G 166 -54.83 -32.85 -59.87
N LEU G 167 -54.27 -32.14 -58.89
CA LEU G 167 -53.57 -32.80 -57.80
C LEU G 167 -54.52 -33.67 -56.97
N LYS G 168 -55.73 -33.15 -56.70
CA LYS G 168 -56.69 -33.91 -55.91
C LYS G 168 -57.11 -35.18 -56.64
N GLU G 169 -57.32 -35.08 -57.96
CA GLU G 169 -57.71 -36.27 -58.71
C GLU G 169 -56.55 -37.24 -58.89
N SER G 170 -55.31 -36.76 -58.89
CA SER G 170 -54.15 -37.59 -59.19
C SER G 170 -53.29 -37.92 -57.98
N TYR G 171 -53.60 -37.40 -56.80
CA TYR G 171 -52.75 -37.65 -55.64
C TYR G 171 -52.80 -39.11 -55.23
N ALA G 172 -51.63 -39.67 -54.93
CA ALA G 172 -51.50 -41.03 -54.44
C ALA G 172 -50.54 -41.04 -53.25
N GLU G 173 -50.98 -41.64 -52.15
CA GLU G 173 -50.18 -41.68 -50.94
C GLU G 173 -49.05 -42.70 -51.07
N ASN G 174 -47.96 -42.45 -50.34
CA ASN G 174 -46.79 -43.33 -50.32
C ASN G 174 -46.24 -43.56 -51.72
N ALA G 175 -46.23 -42.51 -52.53
CA ALA G 175 -45.70 -42.60 -53.89
C ALA G 175 -44.18 -42.50 -53.88
N SER G 176 -43.58 -42.87 -55.01
CA SER G 176 -42.15 -42.78 -55.17
C SER G 176 -41.75 -41.36 -55.60
N LEU G 177 -40.44 -41.13 -55.64
CA LEU G 177 -39.93 -39.80 -56.00
C LEU G 177 -40.23 -39.47 -57.46
N THR G 178 -39.94 -40.40 -58.37
CA THR G 178 -40.17 -40.14 -59.79
C THR G 178 -41.66 -39.97 -60.09
N ASP G 179 -42.50 -40.83 -59.53
CA ASP G 179 -43.93 -40.73 -59.77
C ASP G 179 -44.49 -39.43 -59.23
N ALA G 180 -44.08 -39.03 -58.02
CA ALA G 180 -44.55 -37.78 -57.45
C ALA G 180 -44.08 -36.59 -58.27
N LEU G 181 -42.82 -36.62 -58.74
CA LEU G 181 -42.33 -35.53 -59.57
C LEU G 181 -43.10 -35.42 -60.88
N ARG G 182 -43.36 -36.55 -61.52
CA ARG G 182 -44.12 -36.53 -62.77
C ARG G 182 -45.54 -36.05 -62.55
N ILE G 183 -46.16 -36.47 -61.45
CA ILE G 183 -47.53 -36.04 -61.15
C ILE G 183 -47.57 -34.55 -60.89
N ALA G 184 -46.60 -34.03 -60.12
CA ALA G 184 -46.54 -32.60 -59.86
C ALA G 184 -46.32 -31.80 -61.14
N VAL G 185 -45.44 -32.29 -62.01
CA VAL G 185 -45.17 -31.60 -63.28
C VAL G 185 -46.43 -31.58 -64.15
N ALA G 186 -47.13 -32.72 -64.23
CA ALA G 186 -48.36 -32.76 -65.01
C ALA G 186 -49.41 -31.82 -64.44
N ALA G 187 -49.54 -31.78 -63.11
CA ALA G 187 -50.52 -30.88 -62.50
C ALA G 187 -50.16 -29.42 -62.75
N LEU G 188 -48.88 -29.07 -62.68
CA LEU G 188 -48.46 -27.70 -62.91
C LEU G 188 -48.63 -27.29 -64.36
N ARG G 189 -48.45 -28.22 -65.30
CA ARG G 189 -48.60 -27.89 -66.71
C ARG G 189 -50.04 -27.49 -67.03
N ALA G 190 -51.01 -28.17 -66.43
CA ALA G 190 -52.41 -27.86 -66.67
C ALA G 190 -52.80 -26.60 -65.93
N LEU G 203 -41.84 -27.41 -69.81
CA LEU G 203 -41.19 -27.43 -68.50
C LEU G 203 -40.06 -28.45 -68.48
N GLY G 204 -38.91 -28.08 -69.03
CA GLY G 204 -37.77 -28.94 -69.11
C GLY G 204 -36.79 -28.70 -67.97
N VAL G 205 -35.50 -28.88 -68.26
CA VAL G 205 -34.47 -28.56 -67.28
C VAL G 205 -34.52 -27.08 -66.92
N ALA G 206 -34.69 -26.22 -67.92
CA ALA G 206 -34.82 -24.80 -67.69
C ALA G 206 -36.20 -24.46 -67.13
N SER G 207 -36.28 -23.33 -66.43
CA SER G 207 -37.52 -22.83 -65.85
C SER G 207 -38.13 -23.82 -64.87
N LEU G 208 -37.29 -24.55 -64.14
CA LEU G 208 -37.76 -25.52 -63.16
C LEU G 208 -36.85 -25.49 -61.94
N GLU G 209 -37.46 -25.48 -60.76
CA GLU G 209 -36.72 -25.53 -59.49
C GLU G 209 -37.31 -26.64 -58.64
N VAL G 210 -36.50 -27.65 -58.32
CA VAL G 210 -36.94 -28.83 -57.59
C VAL G 210 -36.05 -29.01 -56.37
N ALA G 211 -36.68 -29.19 -55.21
CA ALA G 211 -35.95 -29.44 -53.97
C ALA G 211 -36.65 -30.53 -53.18
N VAL G 212 -35.89 -31.20 -52.30
CA VAL G 212 -36.44 -32.27 -51.49
C VAL G 212 -35.92 -32.17 -50.06
N LEU G 213 -36.73 -32.64 -49.13
CA LEU G 213 -36.33 -32.80 -47.72
C LEU G 213 -36.17 -34.30 -47.48
N ASP G 214 -34.92 -34.77 -47.48
CA ASP G 214 -34.66 -36.20 -47.40
C ASP G 214 -34.70 -36.65 -45.95
N ALA G 215 -35.77 -37.39 -45.60
CA ALA G 215 -35.92 -37.87 -44.23
C ALA G 215 -34.88 -38.94 -43.88
N ASN G 216 -34.23 -39.53 -44.87
CA ASN G 216 -33.22 -40.56 -44.63
C ASN G 216 -31.84 -39.98 -44.37
N ARG G 217 -31.63 -38.69 -44.58
CA ARG G 217 -30.35 -38.08 -44.31
C ARG G 217 -30.11 -37.98 -42.81
N PRO G 218 -28.84 -38.11 -42.36
CA PRO G 218 -28.56 -38.12 -40.92
C PRO G 218 -28.96 -36.85 -40.18
N ARG G 219 -28.41 -35.70 -40.59
CA ARG G 219 -28.63 -34.45 -39.85
C ARG G 219 -29.38 -33.41 -40.68
N ARG G 220 -28.88 -33.05 -41.84
CA ARG G 220 -29.52 -32.06 -42.70
C ARG G 220 -30.25 -32.75 -43.84
N ALA G 221 -31.51 -32.37 -44.04
CA ALA G 221 -32.39 -33.08 -44.95
C ALA G 221 -32.63 -32.37 -46.28
N PHE G 222 -32.33 -31.07 -46.36
CA PHE G 222 -32.64 -30.31 -47.57
C PHE G 222 -31.58 -30.54 -48.64
N ARG G 223 -32.03 -30.79 -49.87
CA ARG G 223 -31.10 -30.91 -50.99
C ARG G 223 -31.82 -30.59 -52.29
N ARG G 224 -31.08 -29.98 -53.22
CA ARG G 224 -31.58 -29.60 -54.52
C ARG G 224 -31.25 -30.65 -55.57
N ILE G 225 -32.14 -30.79 -56.54
CA ILE G 225 -31.95 -31.71 -57.67
C ILE G 225 -31.94 -30.85 -58.92
N THR G 226 -30.75 -30.59 -59.48
CA THR G 226 -30.61 -29.79 -60.68
C THR G 226 -29.53 -30.39 -61.57
N GLY G 227 -29.65 -30.14 -62.87
CA GLY G 227 -28.66 -30.61 -63.82
C GLY G 227 -29.04 -31.90 -64.52
N SER G 228 -28.06 -32.80 -64.69
CA SER G 228 -28.33 -34.05 -65.39
C SER G 228 -29.26 -34.96 -64.59
N ALA G 229 -29.18 -34.91 -63.27
CA ALA G 229 -30.04 -35.74 -62.43
C ALA G 229 -31.50 -35.38 -62.62
N LEU G 230 -31.81 -34.08 -62.73
CA LEU G 230 -33.19 -33.66 -62.94
C LEU G 230 -33.74 -34.18 -64.26
N GLN G 231 -32.94 -34.12 -65.32
CA GLN G 231 -33.38 -34.65 -66.61
C GLN G 231 -33.53 -36.16 -66.56
N ALA G 232 -32.63 -36.85 -65.85
CA ALA G 232 -32.73 -38.29 -65.72
C ALA G 232 -34.01 -38.68 -64.97
N LEU G 233 -34.37 -37.93 -63.95
CA LEU G 233 -35.59 -38.20 -63.19
C LEU G 233 -36.85 -37.67 -63.87
N LEU G 234 -36.70 -36.86 -64.91
CA LEU G 234 -37.85 -36.30 -65.62
C LEU G 234 -38.26 -37.19 -66.79
N SER H 8 -67.03 11.78 -36.60
CA SER H 8 -67.79 11.62 -35.37
C SER H 8 -67.36 10.34 -34.64
N PRO H 9 -67.13 10.46 -33.33
CA PRO H 9 -66.77 9.25 -32.55
C PRO H 9 -67.83 8.16 -32.59
N GLU H 10 -69.12 8.54 -32.64
CA GLU H 10 -70.18 7.54 -32.65
C GLU H 10 -70.06 6.62 -33.85
N GLN H 11 -69.84 7.18 -35.03
CA GLN H 11 -69.75 6.36 -36.24
C GLN H 11 -68.54 5.43 -36.19
N ALA H 12 -67.41 5.92 -35.69
CA ALA H 12 -66.22 5.09 -35.57
C ALA H 12 -66.45 3.93 -34.61
N MET H 13 -67.03 4.21 -33.43
CA MET H 13 -67.30 3.14 -32.48
C MET H 13 -68.29 2.14 -33.04
N ARG H 14 -69.33 2.61 -33.72
CA ARG H 14 -70.32 1.71 -34.30
C ARG H 14 -69.69 0.83 -35.37
N GLU H 15 -68.86 1.40 -36.24
CA GLU H 15 -68.21 0.62 -37.28
C GLU H 15 -67.26 -0.42 -36.69
N ARG H 16 -66.48 -0.04 -35.68
CA ARG H 16 -65.57 -1.00 -35.05
C ARG H 16 -66.34 -2.13 -34.36
N SER H 17 -67.42 -1.77 -33.66
CA SER H 17 -68.25 -2.79 -33.02
C SER H 17 -68.86 -3.74 -34.05
N GLU H 18 -69.31 -3.19 -35.19
CA GLU H 18 -69.87 -4.03 -36.23
C GLU H 18 -68.83 -4.97 -36.83
N LEU H 19 -67.61 -4.47 -37.03
CA LEU H 19 -66.52 -5.33 -37.51
C LEU H 19 -66.24 -6.47 -36.54
N ALA H 20 -66.15 -6.13 -35.24
CA ALA H 20 -65.90 -7.17 -34.24
C ALA H 20 -67.04 -8.17 -34.19
N ARG H 21 -68.28 -7.69 -34.30
CA ARG H 21 -69.44 -8.58 -34.27
C ARG H 21 -69.42 -9.54 -35.46
N LYS H 22 -69.12 -9.04 -36.66
CA LYS H 22 -69.03 -9.92 -37.82
C LYS H 22 -67.91 -10.95 -37.65
N GLY H 23 -66.75 -10.50 -37.16
CA GLY H 23 -65.64 -11.43 -36.95
C GLY H 23 -65.98 -12.53 -35.96
N ILE H 24 -66.68 -12.17 -34.88
CA ILE H 24 -67.12 -13.18 -33.92
C ILE H 24 -68.15 -14.10 -34.55
N ALA H 25 -69.07 -13.55 -35.34
CA ALA H 25 -70.17 -14.33 -35.89
C ALA H 25 -69.71 -15.34 -36.93
N ARG H 26 -68.61 -15.05 -37.63
CA ARG H 26 -68.13 -15.97 -38.65
C ARG H 26 -67.14 -17.01 -38.10
N ALA H 27 -67.22 -17.31 -36.81
CA ALA H 27 -66.30 -18.23 -36.15
C ALA H 27 -67.07 -19.45 -35.62
N LYS H 28 -66.32 -20.40 -35.07
CA LYS H 28 -66.90 -21.62 -34.51
C LYS H 28 -67.35 -21.36 -33.07
N SER H 29 -67.84 -22.42 -32.41
CA SER H 29 -68.44 -22.31 -31.09
C SER H 29 -67.62 -23.06 -30.05
N VAL H 30 -67.46 -22.45 -28.88
CA VAL H 30 -66.80 -23.06 -27.73
C VAL H 30 -67.76 -23.01 -26.55
N VAL H 31 -67.80 -24.09 -25.78
CA VAL H 31 -68.76 -24.23 -24.69
C VAL H 31 -68.01 -24.66 -23.43
N ALA H 32 -68.26 -23.96 -22.33
CA ALA H 32 -67.67 -24.30 -21.05
C ALA H 32 -68.78 -24.55 -20.05
N LEU H 33 -68.72 -25.71 -19.40
CA LEU H 33 -69.73 -26.15 -18.46
C LEU H 33 -69.11 -26.44 -17.10
N ALA H 34 -69.94 -26.39 -16.07
CA ALA H 34 -69.51 -26.71 -14.70
C ALA H 34 -70.23 -27.98 -14.24
N TYR H 35 -69.46 -28.98 -13.84
CA TYR H 35 -69.99 -30.23 -13.35
C TYR H 35 -69.35 -30.55 -12.00
N ALA H 36 -69.76 -31.67 -11.40
CA ALA H 36 -69.33 -32.02 -10.05
C ALA H 36 -67.81 -32.12 -9.94
N GLY H 37 -67.15 -32.61 -10.99
CA GLY H 37 -65.70 -32.73 -10.96
C GLY H 37 -64.94 -31.46 -11.28
N GLY H 38 -65.62 -30.42 -11.76
CA GLY H 38 -64.97 -29.16 -12.05
C GLY H 38 -65.53 -28.45 -13.27
N VAL H 39 -64.66 -28.12 -14.22
CA VAL H 39 -65.03 -27.39 -15.43
C VAL H 39 -64.65 -28.22 -16.64
N LEU H 40 -65.54 -28.24 -17.64
CA LEU H 40 -65.34 -28.97 -18.87
C LEU H 40 -65.41 -28.01 -20.06
N PHE H 41 -64.41 -28.07 -20.93
CA PHE H 41 -64.35 -27.26 -22.14
C PHE H 41 -64.52 -28.15 -23.36
N VAL H 42 -65.46 -27.79 -24.24
CA VAL H 42 -65.73 -28.52 -25.47
C VAL H 42 -65.71 -27.54 -26.64
N ALA H 43 -64.92 -27.86 -27.67
CA ALA H 43 -64.83 -27.03 -28.86
C ALA H 43 -64.81 -27.94 -30.08
N GLU H 44 -65.20 -27.37 -31.22
CA GLU H 44 -65.17 -28.07 -32.50
C GLU H 44 -63.94 -27.59 -33.27
N ASN H 45 -62.88 -28.40 -33.25
CA ASN H 45 -61.64 -28.05 -33.91
C ASN H 45 -61.06 -29.25 -34.64
N PRO H 46 -60.99 -29.22 -35.97
CA PRO H 46 -60.45 -30.37 -36.70
C PRO H 46 -58.95 -30.51 -36.57
N SER H 47 -58.21 -29.40 -36.54
CA SER H 47 -56.76 -29.46 -36.50
C SER H 47 -56.26 -30.01 -35.16
N ARG H 48 -55.23 -30.86 -35.22
CA ARG H 48 -54.60 -31.42 -34.04
C ARG H 48 -53.38 -30.64 -33.58
N SER H 49 -52.98 -29.60 -34.31
CA SER H 49 -51.81 -28.82 -33.94
C SER H 49 -52.16 -27.46 -33.34
N LEU H 50 -53.27 -26.86 -33.75
CA LEU H 50 -53.72 -25.57 -33.23
C LEU H 50 -54.83 -25.82 -32.21
N GLN H 51 -54.65 -25.29 -30.99
CA GLN H 51 -55.55 -25.55 -29.89
C GLN H 51 -56.20 -24.25 -29.42
N LYS H 52 -57.44 -24.37 -28.95
CA LYS H 52 -58.21 -23.24 -28.45
C LYS H 52 -58.39 -23.24 -26.93
N ILE H 53 -58.18 -24.38 -26.27
CA ILE H 53 -58.30 -24.51 -24.83
C ILE H 53 -56.91 -24.73 -24.26
N SER H 54 -56.58 -24.00 -23.20
CA SER H 54 -55.23 -24.06 -22.63
C SER H 54 -55.29 -23.90 -21.12
N GLU H 55 -54.15 -24.12 -20.49
CA GLU H 55 -53.99 -23.97 -19.05
C GLU H 55 -53.18 -22.72 -18.76
N LEU H 56 -53.64 -21.92 -17.81
CA LEU H 56 -52.95 -20.69 -17.41
C LEU H 56 -52.09 -20.89 -16.17
N TYR H 57 -52.62 -21.57 -15.16
CA TYR H 57 -51.89 -21.82 -13.93
C TYR H 57 -52.37 -23.14 -13.35
N ASP H 58 -52.11 -23.37 -12.06
CA ASP H 58 -52.41 -24.66 -11.45
C ASP H 58 -53.90 -24.99 -11.51
N ARG H 59 -54.75 -24.00 -11.21
CA ARG H 59 -56.20 -24.22 -11.17
C ARG H 59 -56.96 -23.25 -12.07
N VAL H 60 -56.32 -22.73 -13.12
CA VAL H 60 -56.93 -21.76 -14.01
C VAL H 60 -56.90 -22.30 -15.43
N GLY H 61 -58.01 -22.14 -16.15
CA GLY H 61 -58.10 -22.58 -17.52
C GLY H 61 -58.61 -21.48 -18.42
N PHE H 62 -58.16 -21.51 -19.67
CA PHE H 62 -58.39 -20.44 -20.63
C PHE H 62 -59.04 -21.01 -21.87
N ALA H 63 -60.09 -20.35 -22.36
CA ALA H 63 -60.73 -20.71 -23.62
C ALA H 63 -60.95 -19.45 -24.45
N ALA H 64 -60.91 -19.60 -25.76
CA ALA H 64 -61.00 -18.46 -26.66
C ALA H 64 -61.72 -18.85 -27.94
N ALA H 65 -62.40 -17.86 -28.53
CA ALA H 65 -63.05 -18.00 -29.82
C ALA H 65 -62.69 -16.82 -30.71
N GLY H 66 -62.38 -17.10 -31.97
CA GLY H 66 -62.02 -16.06 -32.92
C GLY H 66 -60.80 -16.38 -33.76
N LYS H 67 -59.95 -15.39 -34.01
CA LYS H 67 -58.76 -15.60 -34.81
C LYS H 67 -57.65 -16.18 -33.96
N PHE H 68 -57.00 -17.24 -34.45
CA PHE H 68 -56.02 -17.97 -33.65
C PHE H 68 -54.84 -17.08 -33.27
N ASN H 69 -54.26 -16.39 -34.25
CA ASN H 69 -53.11 -15.53 -33.98
C ASN H 69 -53.43 -14.35 -33.10
N GLU H 70 -54.71 -14.04 -32.89
CA GLU H 70 -55.09 -12.92 -32.04
C GLU H 70 -55.20 -13.30 -30.58
N PHE H 71 -55.75 -14.48 -30.26
CA PHE H 71 -55.82 -14.89 -28.87
C PHE H 71 -54.62 -15.71 -28.41
N ASP H 72 -53.77 -16.18 -29.34
CA ASP H 72 -52.54 -16.83 -28.91
C ASP H 72 -51.64 -15.88 -28.14
N ASN H 73 -51.54 -14.62 -28.61
CA ASN H 73 -50.75 -13.61 -27.91
C ASN H 73 -51.34 -13.33 -26.53
N LEU H 74 -52.66 -13.26 -26.42
CA LEU H 74 -53.31 -13.04 -25.13
C LEU H 74 -53.01 -14.19 -24.17
N ARG H 75 -53.07 -15.43 -24.66
CA ARG H 75 -52.75 -16.58 -23.83
C ARG H 75 -51.32 -16.53 -23.32
N ARG H 76 -50.38 -16.19 -24.20
CA ARG H 76 -48.98 -16.10 -23.78
C ARG H 76 -48.80 -15.01 -22.72
N GLY H 77 -49.43 -13.85 -22.92
CA GLY H 77 -49.33 -12.78 -21.94
C GLY H 77 -49.91 -13.18 -20.59
N GLY H 78 -51.04 -13.90 -20.60
CA GLY H 78 -51.61 -14.35 -19.34
C GLY H 78 -50.72 -15.31 -18.59
N ILE H 79 -50.07 -16.23 -19.32
CA ILE H 79 -49.13 -17.14 -18.68
C ILE H 79 -47.96 -16.36 -18.07
N GLN H 80 -47.46 -15.37 -18.78
CA GLN H 80 -46.36 -14.56 -18.25
C GLN H 80 -46.77 -13.85 -16.96
N PHE H 81 -47.95 -13.23 -16.95
CA PHE H 81 -48.42 -12.54 -15.76
C PHE H 81 -48.54 -13.50 -14.59
N ALA H 82 -49.12 -14.69 -14.82
CA ALA H 82 -49.33 -15.63 -13.73
C ALA H 82 -48.01 -16.14 -13.15
N ASP H 83 -47.04 -16.46 -14.01
CA ASP H 83 -45.78 -16.97 -13.48
C ASP H 83 -45.00 -15.90 -12.74
N THR H 84 -45.01 -14.66 -13.26
CA THR H 84 -44.30 -13.60 -12.55
C THR H 84 -44.95 -13.29 -11.20
N ARG H 85 -46.29 -13.28 -11.14
CA ARG H 85 -46.94 -13.04 -9.86
C ARG H 85 -46.73 -14.19 -8.88
N GLY H 86 -46.75 -15.44 -9.38
CA GLY H 86 -46.51 -16.56 -8.50
C GLY H 86 -45.11 -16.55 -7.91
N TYR H 87 -44.12 -16.20 -8.71
CA TYR H 87 -42.77 -16.07 -8.16
C TYR H 87 -42.64 -14.83 -7.27
N ALA H 88 -43.45 -13.79 -7.53
CA ALA H 88 -43.34 -12.56 -6.76
C ALA H 88 -43.78 -12.75 -5.31
N TYR H 89 -44.96 -13.34 -5.10
CA TYR H 89 -45.49 -13.52 -3.76
C TYR H 89 -45.60 -14.98 -3.35
N ASP H 90 -46.37 -15.77 -4.08
CA ASP H 90 -46.61 -17.19 -3.77
C ASP H 90 -47.49 -17.78 -4.86
N ARG H 91 -47.52 -19.12 -4.91
CA ARG H 91 -48.37 -19.81 -5.87
C ARG H 91 -49.84 -19.74 -5.49
N ARG H 92 -50.14 -19.69 -4.19
CA ARG H 92 -51.52 -19.68 -3.71
C ARG H 92 -52.14 -18.29 -3.71
N ASP H 93 -51.40 -17.26 -4.11
CA ASP H 93 -51.91 -15.89 -4.16
C ASP H 93 -52.37 -15.50 -5.56
N VAL H 94 -52.50 -16.46 -6.47
CA VAL H 94 -52.91 -16.21 -7.85
C VAL H 94 -54.33 -16.71 -8.03
N THR H 95 -55.21 -15.83 -8.51
CA THR H 95 -56.60 -16.16 -8.74
C THR H 95 -57.01 -15.76 -10.16
N GLY H 96 -58.15 -16.29 -10.60
CA GLY H 96 -58.61 -16.03 -11.94
C GLY H 96 -59.20 -14.65 -12.14
N ARG H 97 -59.66 -14.01 -11.07
CA ARG H 97 -60.22 -12.67 -11.19
C ARG H 97 -59.18 -11.65 -11.64
N GLN H 98 -57.96 -11.76 -11.13
CA GLN H 98 -56.89 -10.87 -11.56
C GLN H 98 -56.58 -11.06 -13.04
N LEU H 99 -56.53 -12.31 -13.50
CA LEU H 99 -56.29 -12.57 -14.92
C LEU H 99 -57.42 -12.01 -15.77
N ALA H 100 -58.67 -12.18 -15.33
CA ALA H 100 -59.80 -11.62 -16.06
C ALA H 100 -59.72 -10.10 -16.14
N ASN H 101 -59.35 -9.45 -15.03
CA ASN H 101 -59.22 -7.99 -15.05
C ASN H 101 -58.11 -7.54 -15.99
N VAL H 102 -56.98 -8.27 -15.99
CA VAL H 102 -55.89 -7.91 -16.89
C VAL H 102 -56.32 -8.06 -18.35
N TYR H 103 -57.03 -9.15 -18.65
CA TYR H 103 -57.53 -9.36 -20.00
C TYR H 103 -58.51 -8.28 -20.41
N ALA H 104 -59.40 -7.88 -19.50
CA ALA H 104 -60.36 -6.82 -19.80
C ALA H 104 -59.65 -5.50 -20.10
N GLN H 105 -58.65 -5.16 -19.28
CA GLN H 105 -57.90 -3.92 -19.52
C GLN H 105 -57.18 -3.95 -20.86
N THR H 106 -56.52 -5.08 -21.16
CA THR H 106 -55.80 -5.20 -22.43
C THR H 106 -56.75 -5.10 -23.62
N LEU H 107 -57.89 -5.78 -23.55
CA LEU H 107 -58.84 -5.75 -24.65
C LEU H 107 -59.45 -4.37 -24.83
N GLY H 108 -59.74 -3.67 -23.73
CA GLY H 108 -60.24 -2.31 -23.84
C GLY H 108 -59.23 -1.38 -24.46
N THR H 109 -57.96 -1.50 -24.06
CA THR H 109 -56.92 -0.66 -24.64
C THR H 109 -56.74 -0.94 -26.13
N ILE H 110 -56.80 -2.21 -26.52
CA ILE H 110 -56.69 -2.57 -27.93
C ILE H 110 -57.86 -2.02 -28.72
N PHE H 111 -59.08 -2.16 -28.19
CA PHE H 111 -60.26 -1.68 -28.89
C PHE H 111 -60.26 -0.16 -29.01
N THR H 112 -59.65 0.53 -28.05
CA THR H 112 -59.67 1.99 -28.07
C THR H 112 -58.58 2.55 -28.98
N GLU H 113 -57.35 2.07 -28.84
CA GLU H 113 -56.20 2.70 -29.49
C GLU H 113 -55.81 2.06 -30.81
N GLN H 114 -55.84 0.73 -30.92
CA GLN H 114 -55.35 0.07 -32.12
C GLN H 114 -56.22 0.38 -33.32
N ALA H 115 -55.61 0.33 -34.50
CA ALA H 115 -56.33 0.64 -35.74
C ALA H 115 -57.44 -0.36 -36.00
N LYS H 116 -57.18 -1.64 -35.78
CA LYS H 116 -58.17 -2.70 -36.01
C LYS H 116 -58.46 -3.42 -34.71
N PRO H 117 -59.72 -3.49 -34.28
CA PRO H 117 -60.04 -4.19 -33.03
C PRO H 117 -59.85 -5.71 -33.16
N TYR H 118 -59.60 -6.33 -32.01
CA TYR H 118 -59.43 -7.79 -31.97
C TYR H 118 -60.79 -8.46 -32.03
N GLU H 119 -60.89 -9.50 -32.88
CA GLU H 119 -62.11 -10.28 -33.02
C GLU H 119 -61.97 -11.57 -32.19
N VAL H 120 -62.09 -11.40 -30.87
CA VAL H 120 -61.89 -12.49 -29.93
C VAL H 120 -62.97 -12.46 -28.86
N GLU H 121 -63.21 -13.63 -28.26
CA GLU H 121 -64.07 -13.78 -27.10
C GLU H 121 -63.38 -14.72 -26.13
N LEU H 122 -63.18 -14.29 -24.89
CA LEU H 122 -62.37 -15.03 -23.93
C LEU H 122 -63.20 -15.53 -22.76
N CYS H 123 -62.78 -16.69 -22.22
CA CYS H 123 -63.41 -17.26 -21.03
C CYS H 123 -62.32 -17.77 -20.10
N VAL H 124 -62.42 -17.42 -18.82
CA VAL H 124 -61.48 -17.84 -17.79
C VAL H 124 -62.25 -18.65 -16.75
N ALA H 125 -61.74 -19.85 -16.44
CA ALA H 125 -62.38 -20.72 -15.47
C ALA H 125 -61.42 -21.04 -14.32
N GLU H 126 -61.96 -21.08 -13.10
CA GLU H 126 -61.17 -21.38 -11.92
C GLU H 126 -61.92 -22.38 -11.03
N VAL H 127 -61.17 -23.31 -10.45
CA VAL H 127 -61.71 -24.32 -9.54
C VAL H 127 -61.06 -24.15 -8.18
N ALA H 128 -61.54 -24.92 -7.20
CA ALA H 128 -61.03 -24.82 -5.84
C ALA H 128 -59.73 -25.61 -5.68
N HIS H 129 -59.01 -25.32 -4.59
CA HIS H 129 -57.78 -26.03 -4.29
C HIS H 129 -58.08 -27.43 -3.77
N TYR H 130 -57.04 -28.26 -3.71
CA TYR H 130 -57.20 -29.64 -3.26
C TYR H 130 -57.65 -29.69 -1.80
N GLY H 131 -58.59 -30.58 -1.51
CA GLY H 131 -59.08 -30.72 -0.16
C GLY H 131 -60.02 -29.63 0.30
N GLU H 132 -60.63 -28.90 -0.63
CA GLU H 132 -61.52 -27.78 -0.29
C GLU H 132 -62.78 -27.87 -1.13
N THR H 133 -63.84 -27.24 -0.63
CA THR H 133 -65.13 -27.19 -1.32
C THR H 133 -65.43 -25.74 -1.68
N LYS H 134 -65.65 -25.49 -2.97
CA LYS H 134 -65.95 -24.15 -3.45
C LYS H 134 -66.55 -24.24 -4.85
N ARG H 135 -67.46 -23.32 -5.14
CA ARG H 135 -68.09 -23.29 -6.46
C ARG H 135 -67.09 -22.80 -7.50
N PRO H 136 -66.98 -23.47 -8.65
CA PRO H 136 -66.11 -22.96 -9.72
C PRO H 136 -66.60 -21.61 -10.24
N GLU H 137 -65.65 -20.80 -10.69
CA GLU H 137 -65.93 -19.45 -11.17
C GLU H 137 -65.63 -19.36 -12.67
N LEU H 138 -66.55 -18.76 -13.42
CA LEU H 138 -66.42 -18.56 -14.85
C LEU H 138 -66.59 -17.10 -15.19
N TYR H 139 -65.62 -16.53 -15.91
CA TYR H 139 -65.66 -15.14 -16.33
C TYR H 139 -65.59 -15.06 -17.85
N ARG H 140 -66.42 -14.20 -18.44
CA ARG H 140 -66.47 -14.00 -19.88
C ARG H 140 -66.03 -12.58 -20.20
N ILE H 141 -65.14 -12.44 -21.18
CA ILE H 141 -64.60 -11.15 -21.60
C ILE H 141 -64.85 -10.99 -23.09
N THR H 142 -65.36 -9.82 -23.48
CA THR H 142 -65.69 -9.51 -24.86
C THR H 142 -64.62 -8.62 -25.48
N TYR H 143 -64.82 -8.26 -26.75
CA TYR H 143 -63.82 -7.52 -27.50
C TYR H 143 -63.64 -6.10 -26.97
N ASP H 144 -64.73 -5.46 -26.52
CA ASP H 144 -64.65 -4.07 -26.08
C ASP H 144 -64.08 -3.92 -24.68
N GLY H 145 -63.92 -5.02 -23.94
CA GLY H 145 -63.38 -4.96 -22.60
C GLY H 145 -64.39 -5.26 -21.50
N SER H 146 -65.64 -5.52 -21.84
CA SER H 146 -66.64 -5.85 -20.84
C SER H 146 -66.35 -7.21 -20.21
N ILE H 147 -66.52 -7.30 -18.90
CA ILE H 147 -66.26 -8.52 -18.15
C ILE H 147 -67.52 -8.88 -17.38
N ALA H 148 -67.92 -10.16 -17.47
CA ALA H 148 -69.11 -10.65 -16.80
C ALA H 148 -68.81 -11.96 -16.10
N ASP H 149 -69.61 -12.27 -15.08
CA ASP H 149 -69.49 -13.50 -14.32
C ASP H 149 -70.70 -14.39 -14.61
N GLU H 150 -70.42 -15.63 -14.98
CA GLU H 150 -71.44 -16.61 -15.34
C GLU H 150 -71.44 -17.76 -14.35
N PRO H 151 -72.58 -18.08 -13.74
CA PRO H 151 -72.60 -19.12 -12.70
C PRO H 151 -72.70 -20.54 -13.23
N HIS H 152 -73.28 -20.72 -14.42
CA HIS H 152 -73.62 -22.05 -14.90
C HIS H 152 -72.80 -22.47 -16.13
N PHE H 153 -72.85 -21.69 -17.21
CA PHE H 153 -72.16 -22.10 -18.43
C PHE H 153 -71.83 -20.87 -19.26
N VAL H 154 -70.88 -21.06 -20.18
CA VAL H 154 -70.47 -20.02 -21.12
C VAL H 154 -70.48 -20.60 -22.53
N VAL H 155 -71.09 -19.89 -23.47
CA VAL H 155 -71.10 -20.27 -24.87
C VAL H 155 -70.62 -19.07 -25.68
N MET H 156 -69.57 -19.27 -26.48
CA MET H 156 -68.99 -18.20 -27.29
C MET H 156 -68.83 -18.64 -28.74
N GLY H 157 -68.89 -17.65 -29.63
CA GLY H 157 -68.60 -17.88 -31.03
C GLY H 157 -69.77 -18.39 -31.84
N GLY H 158 -69.88 -17.91 -33.09
CA GLY H 158 -70.95 -18.29 -33.99
C GLY H 158 -72.32 -17.86 -33.50
N THR H 159 -73.34 -18.62 -33.90
CA THR H 159 -74.72 -18.37 -33.50
C THR H 159 -74.96 -19.13 -32.20
N THR H 160 -74.95 -18.40 -31.09
CA THR H 160 -75.03 -19.01 -29.77
C THR H 160 -76.45 -19.16 -29.24
N GLU H 161 -77.44 -18.53 -29.89
CA GLU H 161 -78.80 -18.57 -29.37
C GLU H 161 -79.38 -19.98 -29.29
N PRO H 162 -79.36 -20.78 -30.36
CA PRO H 162 -79.89 -22.16 -30.20
C PRO H 162 -79.10 -22.97 -29.20
N ILE H 163 -77.76 -22.81 -29.17
CA ILE H 163 -76.97 -23.57 -28.21
C ILE H 163 -77.30 -23.14 -26.79
N ALA H 164 -77.45 -21.83 -26.58
CA ALA H 164 -77.79 -21.32 -25.25
C ALA H 164 -79.15 -21.82 -24.80
N ASN H 165 -80.13 -21.82 -25.71
CA ASN H 165 -81.46 -22.31 -25.36
C ASN H 165 -81.43 -23.79 -25.02
N ALA H 166 -80.72 -24.59 -25.82
CA ALA H 166 -80.64 -26.02 -25.54
C ALA H 166 -79.95 -26.29 -24.21
N LEU H 167 -78.86 -25.57 -23.93
CA LEU H 167 -78.16 -25.75 -22.65
C LEU H 167 -79.05 -25.33 -21.49
N LYS H 168 -79.77 -24.23 -21.63
CA LYS H 168 -80.64 -23.77 -20.56
C LYS H 168 -81.75 -24.77 -20.28
N GLU H 169 -82.32 -25.35 -21.34
CA GLU H 169 -83.39 -26.32 -21.13
C GLU H 169 -82.85 -27.66 -20.60
N SER H 170 -81.59 -27.99 -20.91
CA SER H 170 -81.05 -29.30 -20.58
C SER H 170 -80.03 -29.27 -19.43
N TYR H 171 -79.70 -28.11 -18.90
CA TYR H 171 -78.68 -28.05 -17.84
C TYR H 171 -79.16 -28.73 -16.58
N ALA H 172 -78.29 -29.53 -15.96
CA ALA H 172 -78.56 -30.18 -14.69
C ALA H 172 -77.35 -30.02 -13.79
N GLU H 173 -77.60 -29.55 -12.57
CA GLU H 173 -76.53 -29.31 -11.62
C GLU H 173 -76.02 -30.62 -11.03
N ASN H 174 -74.74 -30.62 -10.64
CA ASN H 174 -74.08 -31.78 -10.03
C ASN H 174 -74.17 -33.01 -10.93
N ALA H 175 -74.01 -32.80 -12.22
CA ALA H 175 -74.05 -33.90 -13.18
C ALA H 175 -72.71 -34.62 -13.23
N SER H 176 -72.73 -35.81 -13.84
CA SER H 176 -71.52 -36.59 -14.00
C SER H 176 -70.75 -36.13 -15.24
N LEU H 177 -69.56 -36.70 -15.42
CA LEU H 177 -68.72 -36.30 -16.55
C LEU H 177 -69.32 -36.77 -17.87
N THR H 178 -69.76 -38.03 -17.95
CA THR H 178 -70.32 -38.55 -19.18
C THR H 178 -71.63 -37.84 -19.55
N ASP H 179 -72.50 -37.62 -18.56
CA ASP H 179 -73.77 -36.95 -18.83
C ASP H 179 -73.54 -35.52 -19.28
N ALA H 180 -72.62 -34.81 -18.62
CA ALA H 180 -72.33 -33.43 -19.03
C ALA H 180 -71.74 -33.38 -20.42
N LEU H 181 -70.84 -34.31 -20.74
CA LEU H 181 -70.24 -34.36 -22.07
C LEU H 181 -71.30 -34.62 -23.14
N ARG H 182 -72.19 -35.57 -22.88
CA ARG H 182 -73.24 -35.87 -23.85
C ARG H 182 -74.19 -34.69 -24.01
N ILE H 183 -74.53 -34.02 -22.92
CA ILE H 183 -75.41 -32.86 -22.99
C ILE H 183 -74.76 -31.73 -23.78
N ALA H 184 -73.48 -31.48 -23.52
CA ALA H 184 -72.77 -30.45 -24.27
C ALA H 184 -72.69 -30.78 -25.75
N VAL H 185 -72.43 -32.04 -26.09
CA VAL H 185 -72.35 -32.45 -27.49
C VAL H 185 -73.70 -32.29 -28.17
N ALA H 186 -74.79 -32.69 -27.50
CA ALA H 186 -76.11 -32.52 -28.07
C ALA H 186 -76.44 -31.04 -28.28
N ALA H 187 -76.09 -30.20 -27.30
CA ALA H 187 -76.36 -28.77 -27.43
C ALA H 187 -75.56 -28.16 -28.58
N LEU H 188 -74.30 -28.57 -28.74
CA LEU H 188 -73.47 -28.04 -29.81
C LEU H 188 -73.95 -28.51 -31.18
N ARG H 189 -74.47 -29.74 -31.26
CA ARG H 189 -74.94 -30.24 -32.55
C ARG H 189 -76.11 -29.40 -33.07
N ALA H 190 -77.02 -29.01 -32.18
CA ALA H 190 -78.17 -28.21 -32.59
C ALA H 190 -77.75 -26.78 -32.87
N LEU H 203 -70.00 -35.21 -35.12
CA LEU H 203 -69.03 -34.82 -34.11
C LEU H 203 -68.47 -36.05 -33.41
N GLY H 204 -67.52 -36.72 -34.06
CA GLY H 204 -66.92 -37.91 -33.53
C GLY H 204 -65.60 -37.62 -32.83
N VAL H 205 -64.67 -38.57 -32.92
CA VAL H 205 -63.34 -38.35 -32.37
C VAL H 205 -62.67 -37.17 -33.07
N ALA H 206 -62.81 -37.10 -34.39
CA ALA H 206 -62.27 -35.99 -35.15
C ALA H 206 -63.13 -34.75 -34.97
N SER H 207 -62.50 -33.59 -35.19
CA SER H 207 -63.16 -32.28 -35.10
C SER H 207 -63.76 -32.05 -33.71
N LEU H 208 -63.09 -32.53 -32.68
CA LEU H 208 -63.56 -32.36 -31.30
C LEU H 208 -62.36 -32.13 -30.39
N GLU H 209 -62.47 -31.14 -29.52
CA GLU H 209 -61.45 -30.83 -28.52
C GLU H 209 -62.11 -30.75 -27.16
N VAL H 210 -61.71 -31.63 -26.25
CA VAL H 210 -62.31 -31.76 -24.92
C VAL H 210 -61.21 -31.64 -23.87
N ALA H 211 -61.44 -30.78 -22.88
CA ALA H 211 -60.50 -30.61 -21.77
C ALA H 211 -61.27 -30.50 -20.47
N VAL H 212 -60.60 -30.83 -19.37
CA VAL H 212 -61.22 -30.77 -18.05
C VAL H 212 -60.26 -30.16 -17.04
N LEU H 213 -60.82 -29.51 -16.03
CA LEU H 213 -60.08 -29.03 -14.87
C LEU H 213 -60.45 -29.93 -13.69
N ASP H 214 -59.58 -30.89 -13.38
CA ASP H 214 -59.90 -31.90 -12.38
C ASP H 214 -59.65 -31.34 -10.98
N ALA H 215 -60.72 -31.05 -10.23
CA ALA H 215 -60.58 -30.52 -8.89
C ALA H 215 -60.01 -31.53 -7.91
N ASN H 216 -60.02 -32.82 -8.27
CA ASN H 216 -59.50 -33.87 -7.41
C ASN H 216 -57.99 -34.07 -7.56
N ARG H 217 -57.37 -33.46 -8.56
CA ARG H 217 -55.93 -33.60 -8.75
C ARG H 217 -55.18 -32.81 -7.68
N PRO H 218 -54.01 -33.29 -7.25
CA PRO H 218 -53.30 -32.62 -6.14
C PRO H 218 -52.88 -31.19 -6.43
N ARG H 219 -52.09 -30.97 -7.48
CA ARG H 219 -51.54 -29.65 -7.75
C ARG H 219 -52.03 -29.05 -9.06
N ARG H 220 -51.86 -29.75 -10.18
CA ARG H 220 -52.28 -29.27 -11.49
C ARG H 220 -53.57 -29.97 -11.90
N ALA H 221 -54.57 -29.18 -12.31
CA ALA H 221 -55.91 -29.69 -12.54
C ALA H 221 -56.27 -29.86 -14.01
N PHE H 222 -55.53 -29.24 -14.93
CA PHE H 222 -55.88 -29.27 -16.34
C PHE H 222 -55.43 -30.57 -16.98
N ARG H 223 -56.32 -31.20 -17.75
CA ARG H 223 -55.95 -32.39 -18.50
C ARG H 223 -56.87 -32.55 -19.71
N ARG H 224 -56.31 -33.07 -20.80
CA ARG H 224 -57.02 -33.30 -22.04
C ARG H 224 -57.51 -34.73 -22.13
N ILE H 225 -58.65 -34.92 -22.78
CA ILE H 225 -59.23 -36.23 -23.04
C ILE H 225 -59.30 -36.41 -24.54
N THR H 226 -58.37 -37.17 -25.11
CA THR H 226 -58.32 -37.42 -26.54
C THR H 226 -57.95 -38.87 -26.80
N GLY H 227 -58.38 -39.38 -27.95
CA GLY H 227 -58.04 -40.73 -28.34
C GLY H 227 -59.12 -41.75 -28.03
N SER H 228 -58.70 -42.93 -27.56
CA SER H 228 -59.66 -43.99 -27.26
C SER H 228 -60.55 -43.63 -26.08
N ALA H 229 -60.01 -42.89 -25.11
CA ALA H 229 -60.81 -42.50 -23.95
C ALA H 229 -61.98 -41.62 -24.35
N LEU H 230 -61.76 -40.69 -25.28
CA LEU H 230 -62.82 -39.81 -25.73
C LEU H 230 -63.95 -40.62 -26.39
N GLN H 231 -63.60 -41.59 -27.22
CA GLN H 231 -64.62 -42.43 -27.86
C GLN H 231 -65.33 -43.29 -26.82
N ALA H 232 -64.60 -43.79 -25.82
CA ALA H 232 -65.23 -44.59 -24.77
C ALA H 232 -66.22 -43.76 -23.97
N LEU H 233 -65.88 -42.50 -23.70
CA LEU H 233 -66.78 -41.62 -22.97
C LEU H 233 -67.86 -41.00 -23.84
N LEU H 234 -67.76 -41.15 -25.16
CA LEU H 234 -68.76 -40.60 -26.07
C LEU H 234 -69.85 -41.62 -26.38
N SER I 8 -64.76 21.75 -36.12
CA SER I 8 -65.06 22.74 -35.09
C SER I 8 -64.97 22.12 -33.70
N PRO I 9 -64.29 22.80 -32.78
CA PRO I 9 -64.20 22.29 -31.40
C PRO I 9 -65.55 22.13 -30.73
N GLU I 10 -66.51 23.00 -31.03
CA GLU I 10 -67.82 22.91 -30.39
C GLU I 10 -68.49 21.58 -30.69
N GLN I 11 -68.47 21.16 -31.95
CA GLN I 11 -69.13 19.90 -32.31
C GLN I 11 -68.45 18.71 -31.66
N ALA I 12 -67.12 18.72 -31.59
CA ALA I 12 -66.40 17.62 -30.94
C ALA I 12 -66.74 17.55 -29.44
N MET I 13 -66.72 18.69 -28.76
CA MET I 13 -67.06 18.70 -27.34
C MET I 13 -68.50 18.25 -27.12
N ARG I 14 -69.42 18.72 -27.95
CA ARG I 14 -70.82 18.32 -27.81
C ARG I 14 -71.00 16.83 -28.03
N GLU I 15 -70.34 16.27 -29.05
CA GLU I 15 -70.46 14.84 -29.31
C GLU I 15 -69.87 14.02 -28.18
N ARG I 16 -68.71 14.42 -27.65
CA ARG I 16 -68.10 13.69 -26.54
C ARG I 16 -68.97 13.77 -25.29
N SER I 17 -69.53 14.95 -25.00
CA SER I 17 -70.43 15.08 -23.86
C SER I 17 -71.67 14.22 -24.03
N GLU I 18 -72.21 14.16 -25.24
CA GLU I 18 -73.38 13.32 -25.49
C GLU I 18 -73.06 11.85 -25.30
N LEU I 19 -71.89 11.41 -25.77
CA LEU I 19 -71.47 10.02 -25.56
C LEU I 19 -71.36 9.70 -24.08
N ALA I 20 -70.71 10.59 -23.32
CA ALA I 20 -70.58 10.37 -21.88
C ALA I 20 -71.93 10.36 -21.19
N ARG I 21 -72.84 11.24 -21.61
CA ARG I 21 -74.18 11.29 -21.01
C ARG I 21 -74.94 10.00 -21.28
N LYS I 22 -74.88 9.48 -22.51
CA LYS I 22 -75.54 8.22 -22.81
C LYS I 22 -74.94 7.08 -21.99
N GLY I 23 -73.61 7.03 -21.90
CA GLY I 23 -72.96 5.98 -21.12
C GLY I 23 -73.36 6.02 -19.67
N ILE I 24 -73.45 7.22 -19.09
CA ILE I 24 -73.91 7.35 -17.70
C ILE I 24 -75.37 6.94 -17.59
N ALA I 25 -76.20 7.33 -18.56
CA ALA I 25 -77.63 7.09 -18.47
C ALA I 25 -77.99 5.61 -18.59
N ARG I 26 -77.18 4.83 -19.29
CA ARG I 26 -77.46 3.41 -19.45
C ARG I 26 -76.85 2.56 -18.34
N ALA I 27 -76.61 3.12 -17.16
CA ALA I 27 -75.98 2.42 -16.05
C ALA I 27 -76.94 2.35 -14.87
N LYS I 28 -76.49 1.66 -13.82
CA LYS I 28 -77.28 1.50 -12.60
C LYS I 28 -77.09 2.71 -11.69
N SER I 29 -77.70 2.65 -10.51
CA SER I 29 -77.74 3.79 -9.60
C SER I 29 -76.99 3.47 -8.31
N VAL I 30 -76.22 4.44 -7.82
CA VAL I 30 -75.51 4.35 -6.55
C VAL I 30 -75.92 5.55 -5.71
N VAL I 31 -76.12 5.32 -4.41
CA VAL I 31 -76.64 6.34 -3.50
C VAL I 31 -75.75 6.40 -2.27
N ALA I 32 -75.31 7.60 -1.90
CA ALA I 32 -74.51 7.80 -0.71
C ALA I 32 -75.22 8.78 0.21
N LEU I 33 -75.42 8.37 1.47
CA LEU I 33 -76.14 9.15 2.45
C LEU I 33 -75.26 9.41 3.66
N ALA I 34 -75.61 10.45 4.40
CA ALA I 34 -74.93 10.81 5.64
C ALA I 34 -75.89 10.63 6.81
N TYR I 35 -75.50 9.81 7.78
CA TYR I 35 -76.28 9.56 8.98
C TYR I 35 -75.41 9.80 10.21
N ALA I 36 -76.02 9.62 11.39
CA ALA I 36 -75.34 9.93 12.65
C ALA I 36 -74.04 9.14 12.80
N GLY I 37 -74.01 7.90 12.35
CA GLY I 37 -72.82 7.08 12.46
C GLY I 37 -71.77 7.32 11.39
N GLY I 38 -72.10 8.06 10.35
CA GLY I 38 -71.13 8.35 9.31
C GLY I 38 -71.73 8.42 7.92
N VAL I 39 -71.18 7.65 6.99
CA VAL I 39 -71.60 7.62 5.60
C VAL I 39 -72.02 6.20 5.22
N LEU I 40 -73.12 6.10 4.48
CA LEU I 40 -73.67 4.82 4.03
C LEU I 40 -73.74 4.81 2.51
N PHE I 41 -73.20 3.76 1.89
CA PHE I 41 -73.23 3.56 0.46
C PHE I 41 -74.13 2.39 0.12
N VAL I 42 -75.08 2.61 -0.79
CA VAL I 42 -76.02 1.59 -1.25
C VAL I 42 -76.00 1.54 -2.77
N ALA I 43 -75.79 0.34 -3.32
CA ALA I 43 -75.79 0.15 -4.76
C ALA I 43 -76.54 -1.13 -5.10
N GLU I 44 -77.03 -1.20 -6.33
CA GLU I 44 -77.71 -2.39 -6.84
C GLU I 44 -76.73 -3.16 -7.72
N ASN I 45 -76.14 -4.22 -7.15
CA ASN I 45 -75.15 -5.02 -7.87
C ASN I 45 -75.39 -6.50 -7.62
N PRO I 46 -75.76 -7.26 -8.65
CA PRO I 46 -76.02 -8.70 -8.43
C PRO I 46 -74.74 -9.50 -8.23
N SER I 47 -73.66 -9.15 -8.91
CA SER I 47 -72.43 -9.92 -8.83
C SER I 47 -71.77 -9.77 -7.46
N ARG I 48 -71.26 -10.89 -6.94
CA ARG I 48 -70.54 -10.91 -5.67
C ARG I 48 -69.04 -10.78 -5.82
N SER I 49 -68.52 -10.74 -7.05
CA SER I 49 -67.09 -10.64 -7.28
C SER I 49 -66.65 -9.25 -7.71
N LEU I 50 -67.49 -8.52 -8.43
CA LEU I 50 -67.19 -7.17 -8.88
C LEU I 50 -67.89 -6.17 -7.97
N GLN I 51 -67.12 -5.25 -7.40
CA GLN I 51 -67.61 -4.31 -6.41
C GLN I 51 -67.50 -2.88 -6.92
N LYS I 52 -68.46 -2.05 -6.49
CA LYS I 52 -68.50 -0.64 -6.86
C LYS I 52 -68.14 0.31 -5.73
N ILE I 53 -68.18 -0.16 -4.48
CA ILE I 53 -67.86 0.65 -3.31
C ILE I 53 -66.57 0.10 -2.71
N SER I 54 -65.63 0.99 -2.39
CA SER I 54 -64.33 0.58 -1.91
C SER I 54 -63.81 1.56 -0.87
N GLU I 55 -62.72 1.19 -0.23
CA GLU I 55 -62.04 2.01 0.75
C GLU I 55 -60.74 2.55 0.15
N LEU I 56 -60.50 3.84 0.33
CA LEU I 56 -59.29 4.49 -0.16
C LEU I 56 -58.22 4.62 0.92
N TYR I 57 -58.60 5.04 2.12
CA TYR I 57 -57.67 5.20 3.22
C TYR I 57 -58.41 4.91 4.52
N ASP I 58 -57.85 5.36 5.64
CA ASP I 58 -58.42 5.05 6.94
C ASP I 58 -59.84 5.58 7.10
N ARG I 59 -60.08 6.82 6.66
CA ARG I 59 -61.39 7.46 6.82
C ARG I 59 -61.95 7.96 5.50
N VAL I 60 -61.54 7.37 4.38
CA VAL I 60 -61.97 7.81 3.06
C VAL I 60 -62.64 6.65 2.34
N GLY I 61 -63.77 6.92 1.69
CA GLY I 61 -64.48 5.90 0.94
C GLY I 61 -64.77 6.37 -0.47
N PHE I 62 -64.80 5.41 -1.38
CA PHE I 62 -64.91 5.67 -2.81
C PHE I 62 -66.11 4.93 -3.38
N ALA I 63 -66.90 5.63 -4.19
CA ALA I 63 -68.02 5.03 -4.91
C ALA I 63 -67.97 5.48 -6.37
N ALA I 64 -68.44 4.62 -7.26
CA ALA I 64 -68.36 4.88 -8.69
C ALA I 64 -69.56 4.28 -9.41
N ALA I 65 -69.94 4.94 -10.51
CA ALA I 65 -70.99 4.45 -11.40
C ALA I 65 -70.51 4.53 -12.84
N GLY I 66 -70.78 3.46 -13.60
CA GLY I 66 -70.37 3.42 -15.00
C GLY I 66 -69.74 2.10 -15.41
N LYS I 67 -68.70 2.15 -16.23
CA LYS I 67 -68.03 0.94 -16.70
C LYS I 67 -67.03 0.48 -15.66
N PHE I 68 -67.07 -0.82 -15.32
CA PHE I 68 -66.25 -1.34 -14.23
C PHE I 68 -64.76 -1.18 -14.51
N ASN I 69 -64.32 -1.59 -15.69
CA ASN I 69 -62.91 -1.50 -16.04
C ASN I 69 -62.42 -0.06 -16.16
N GLU I 70 -63.32 0.92 -16.22
CA GLU I 70 -62.91 2.31 -16.32
C GLU I 70 -62.67 2.95 -14.96
N PHE I 71 -63.50 2.66 -13.96
CA PHE I 71 -63.26 3.22 -12.64
C PHE I 71 -62.41 2.32 -11.74
N ASP I 72 -62.18 1.07 -12.12
CA ASP I 72 -61.24 0.24 -11.36
C ASP I 72 -59.83 0.82 -11.40
N ASN I 73 -59.41 1.31 -12.57
CA ASN I 73 -58.10 1.94 -12.69
C ASN I 73 -58.02 3.21 -11.85
N LEU I 74 -59.09 4.01 -11.83
CA LEU I 74 -59.12 5.21 -11.01
C LEU I 74 -59.01 4.87 -9.53
N ARG I 75 -59.72 3.83 -9.09
CA ARG I 75 -59.63 3.40 -7.69
C ARG I 75 -58.21 2.97 -7.33
N ARG I 76 -57.56 2.19 -8.20
CA ARG I 76 -56.19 1.77 -7.93
C ARG I 76 -55.25 2.96 -7.85
N GLY I 77 -55.40 3.93 -8.76
CA GLY I 77 -54.56 5.11 -8.72
C GLY I 77 -54.76 5.92 -7.45
N GLY I 78 -56.01 6.04 -7.01
CA GLY I 78 -56.26 6.77 -5.77
C GLY I 78 -55.62 6.11 -4.55
N ILE I 79 -55.69 4.77 -4.49
CA ILE I 79 -55.03 4.06 -3.39
C ILE I 79 -53.53 4.29 -3.43
N GLN I 80 -52.93 4.26 -4.63
CA GLN I 80 -51.50 4.51 -4.75
C GLN I 80 -51.13 5.90 -4.24
N PHE I 81 -51.89 6.92 -4.66
CA PHE I 81 -51.62 8.28 -4.21
C PHE I 81 -51.71 8.39 -2.70
N ALA I 82 -52.75 7.81 -2.11
CA ALA I 82 -52.95 7.93 -0.67
C ALA I 82 -51.83 7.25 0.12
N ASP I 83 -51.42 6.05 -0.30
CA ASP I 83 -50.37 5.36 0.44
C ASP I 83 -49.03 6.07 0.30
N THR I 84 -48.71 6.57 -0.90
CA THR I 84 -47.45 7.28 -1.05
C THR I 84 -47.43 8.57 -0.25
N ARG I 85 -48.55 9.31 -0.22
CA ARG I 85 -48.58 10.53 0.58
C ARG I 85 -48.53 10.23 2.07
N GLY I 86 -49.21 9.18 2.52
CA GLY I 86 -49.16 8.81 3.93
C GLY I 86 -47.76 8.44 4.38
N TYR I 87 -47.04 7.68 3.56
CA TYR I 87 -45.66 7.38 3.89
C TYR I 87 -44.76 8.61 3.76
N ALA I 88 -45.11 9.54 2.87
CA ALA I 88 -44.28 10.72 2.64
C ALA I 88 -44.24 11.64 3.86
N TYR I 89 -45.40 11.99 4.40
CA TYR I 89 -45.48 12.92 5.52
C TYR I 89 -46.02 12.26 6.78
N ASP I 90 -47.24 11.75 6.74
CA ASP I 90 -47.92 11.14 7.89
C ASP I 90 -49.27 10.61 7.46
N ARG I 91 -49.84 9.74 8.29
CA ARG I 91 -51.17 9.20 8.01
C ARG I 91 -52.26 10.22 8.25
N ARG I 92 -52.07 11.15 9.18
CA ARG I 92 -53.07 12.14 9.52
C ARG I 92 -53.06 13.36 8.60
N ASP I 93 -52.15 13.40 7.63
CA ASP I 93 -52.05 14.51 6.69
C ASP I 93 -52.76 14.21 5.38
N VAL I 94 -53.56 13.15 5.32
CA VAL I 94 -54.26 12.75 4.10
C VAL I 94 -55.74 13.07 4.28
N THR I 95 -56.30 13.81 3.33
CA THR I 95 -57.70 14.20 3.35
C THR I 95 -58.36 13.86 2.03
N GLY I 96 -59.69 13.87 2.03
CA GLY I 96 -60.44 13.52 0.84
C GLY I 96 -60.45 14.59 -0.23
N ARG I 97 -60.22 15.85 0.15
CA ARG I 97 -60.22 16.93 -0.82
C ARG I 97 -59.07 16.78 -1.81
N GLN I 98 -57.89 16.36 -1.34
CA GLN I 98 -56.78 16.13 -2.24
C GLN I 98 -57.08 15.01 -3.23
N LEU I 99 -57.68 13.93 -2.76
CA LEU I 99 -58.07 12.85 -3.65
C LEU I 99 -59.09 13.30 -4.68
N ALA I 100 -60.08 14.10 -4.25
CA ALA I 100 -61.07 14.62 -5.18
C ALA I 100 -60.42 15.52 -6.23
N ASN I 101 -59.46 16.36 -5.83
CA ASN I 101 -58.78 17.22 -6.78
C ASN I 101 -57.97 16.39 -7.78
N VAL I 102 -57.29 15.35 -7.30
CA VAL I 102 -56.52 14.50 -8.20
C VAL I 102 -57.44 13.80 -9.20
N TYR I 103 -58.58 13.30 -8.72
CA TYR I 103 -59.54 12.66 -9.60
C TYR I 103 -60.08 13.63 -10.64
N ALA I 104 -60.38 14.86 -10.22
CA ALA I 104 -60.87 15.87 -11.16
C ALA I 104 -59.84 16.18 -12.24
N GLN I 105 -58.58 16.34 -11.84
CA GLN I 105 -57.52 16.61 -12.82
C GLN I 105 -57.36 15.45 -13.80
N THR I 106 -57.36 14.22 -13.29
CA THR I 106 -57.21 13.06 -14.16
C THR I 106 -58.38 12.94 -15.13
N LEU I 107 -59.60 13.13 -14.64
CA LEU I 107 -60.77 13.03 -15.50
C LEU I 107 -60.80 14.13 -16.55
N GLY I 108 -60.41 15.35 -16.18
CA GLY I 108 -60.32 16.41 -17.16
C GLY I 108 -59.29 16.13 -18.23
N THR I 109 -58.13 15.63 -17.84
CA THR I 109 -57.10 15.29 -18.81
C THR I 109 -57.55 14.18 -19.75
N ILE I 110 -58.25 13.17 -19.20
CA ILE I 110 -58.76 12.09 -20.04
C ILE I 110 -59.81 12.60 -21.01
N PHE I 111 -60.73 13.45 -20.52
CA PHE I 111 -61.78 13.98 -21.38
C PHE I 111 -61.22 14.88 -22.47
N THR I 112 -60.09 15.55 -22.20
CA THR I 112 -59.54 16.48 -23.17
C THR I 112 -58.69 15.76 -24.22
N GLU I 113 -57.78 14.88 -23.78
CA GLU I 113 -56.76 14.32 -24.66
C GLU I 113 -57.12 12.96 -25.24
N GLN I 114 -57.72 12.07 -24.45
CA GLN I 114 -57.97 10.71 -24.91
C GLN I 114 -58.99 10.68 -26.03
N ALA I 115 -58.89 9.66 -26.88
CA ALA I 115 -59.79 9.54 -28.03
C ALA I 115 -61.23 9.32 -27.58
N LYS I 116 -61.45 8.50 -26.56
CA LYS I 116 -62.78 8.21 -26.07
C LYS I 116 -62.89 8.64 -24.60
N PRO I 117 -63.85 9.48 -24.25
CA PRO I 117 -63.98 9.91 -22.85
C PRO I 117 -64.46 8.77 -21.95
N TYR I 118 -64.12 8.89 -20.68
CA TYR I 118 -64.54 7.90 -19.69
C TYR I 118 -66.00 8.13 -19.31
N GLU I 119 -66.77 7.05 -19.27
CA GLU I 119 -68.17 7.10 -18.87
C GLU I 119 -68.29 6.68 -17.40
N VAL I 120 -67.88 7.59 -16.52
CA VAL I 120 -67.84 7.32 -15.09
C VAL I 120 -68.38 8.50 -14.31
N GLU I 121 -68.86 8.22 -13.10
CA GLU I 121 -69.27 9.23 -12.13
C GLU I 121 -68.72 8.81 -10.78
N LEU I 122 -67.97 9.70 -10.12
CA LEU I 122 -67.25 9.34 -8.91
C LEU I 122 -67.76 10.11 -7.69
N CYS I 123 -67.69 9.46 -6.53
CA CYS I 123 -68.06 10.09 -5.26
C CYS I 123 -67.02 9.72 -4.21
N VAL I 124 -66.54 10.72 -3.48
CA VAL I 124 -65.56 10.55 -2.42
C VAL I 124 -66.18 11.01 -1.11
N ALA I 125 -66.13 10.16 -0.08
CA ALA I 125 -66.70 10.48 1.23
C ALA I 125 -65.63 10.43 2.30
N GLU I 126 -65.69 11.37 3.24
CA GLU I 126 -64.75 11.44 4.34
C GLU I 126 -65.48 11.69 5.66
N VAL I 127 -65.02 11.02 6.72
CA VAL I 127 -65.58 11.20 8.05
C VAL I 127 -64.51 11.73 8.98
N ALA I 128 -64.88 12.03 10.22
CA ALA I 128 -63.96 12.60 11.19
C ALA I 128 -63.11 11.51 11.85
N HIS I 129 -62.03 11.93 12.48
CA HIS I 129 -61.15 11.01 13.18
C HIS I 129 -61.80 10.56 14.50
N TYR I 130 -61.21 9.53 15.10
CA TYR I 130 -61.76 8.98 16.34
C TYR I 130 -61.66 10.01 17.47
N GLY I 131 -62.73 10.09 18.25
CA GLY I 131 -62.76 11.02 19.36
C GLY I 131 -62.96 12.46 18.98
N GLU I 132 -63.51 12.73 17.79
CA GLU I 132 -63.71 14.10 17.32
C GLU I 132 -65.10 14.23 16.71
N THR I 133 -65.59 15.46 16.66
CA THR I 133 -66.90 15.78 16.10
C THR I 133 -66.70 16.65 14.88
N LYS I 134 -67.22 16.21 13.73
CA LYS I 134 -67.09 16.94 12.48
C LYS I 134 -68.11 16.41 11.49
N ARG I 135 -68.62 17.30 10.65
CA ARG I 135 -69.58 16.91 9.63
C ARG I 135 -68.89 16.11 8.53
N PRO I 136 -69.44 14.97 8.11
CA PRO I 136 -68.85 14.24 6.97
C PRO I 136 -68.90 15.07 5.70
N GLU I 137 -67.92 14.84 4.83
CA GLU I 137 -67.78 15.57 3.58
C GLU I 137 -68.00 14.63 2.40
N LEU I 138 -68.79 15.07 1.43
CA LEU I 138 -69.08 14.31 0.22
C LEU I 138 -68.76 15.16 -1.01
N TYR I 139 -67.95 14.61 -1.91
CA TYR I 139 -67.56 15.28 -3.14
C TYR I 139 -67.98 14.43 -4.34
N ARG I 140 -68.53 15.08 -5.35
CA ARG I 140 -68.98 14.43 -6.57
C ARG I 140 -68.15 14.92 -7.75
N ILE I 141 -67.66 14.00 -8.56
CA ILE I 141 -66.83 14.30 -9.71
C ILE I 141 -67.47 13.69 -10.96
N THR I 142 -67.57 14.48 -12.02
CA THR I 142 -68.19 14.06 -13.26
C THR I 142 -67.13 13.73 -14.31
N TYR I 143 -67.58 13.36 -15.50
CA TYR I 143 -66.68 12.88 -16.54
C TYR I 143 -65.78 13.99 -17.06
N ASP I 144 -66.30 15.22 -17.18
CA ASP I 144 -65.54 16.31 -17.75
C ASP I 144 -64.53 16.91 -16.79
N GLY I 145 -64.58 16.54 -15.51
CA GLY I 145 -63.65 17.06 -14.51
C GLY I 145 -64.26 18.01 -13.51
N SER I 146 -65.55 18.31 -13.61
CA SER I 146 -66.20 19.18 -12.65
C SER I 146 -66.27 18.51 -11.29
N ILE I 147 -66.02 19.29 -10.23
CA ILE I 147 -66.03 18.80 -8.85
C ILE I 147 -67.01 19.65 -8.06
N ALA I 148 -67.88 19.00 -7.29
CA ALA I 148 -68.87 19.68 -6.48
C ALA I 148 -68.90 19.07 -5.08
N ASP I 149 -69.37 19.87 -4.13
CA ASP I 149 -69.50 19.45 -2.74
C ASP I 149 -70.98 19.35 -2.38
N GLU I 150 -71.38 18.20 -1.85
CA GLU I 150 -72.75 17.91 -1.50
C GLU I 150 -72.89 17.72 0.00
N PRO I 151 -73.78 18.46 0.66
CA PRO I 151 -73.85 18.39 2.13
C PRO I 151 -74.69 17.24 2.66
N HIS I 152 -75.66 16.75 1.88
CA HIS I 152 -76.64 15.80 2.38
C HIS I 152 -76.51 14.42 1.75
N PHE I 153 -76.61 14.33 0.43
CA PHE I 153 -76.60 13.02 -0.22
C PHE I 153 -76.10 13.16 -1.66
N VAL I 154 -75.66 12.03 -2.21
CA VAL I 154 -75.22 11.96 -3.60
C VAL I 154 -75.93 10.79 -4.28
N VAL I 155 -76.48 11.04 -5.47
CA VAL I 155 -77.12 10.00 -6.28
C VAL I 155 -76.49 10.05 -7.67
N MET I 156 -75.94 8.92 -8.12
CA MET I 156 -75.28 8.85 -9.42
C MET I 156 -75.81 7.68 -10.23
N GLY I 157 -75.77 7.83 -11.56
CA GLY I 157 -76.08 6.75 -12.46
C GLY I 157 -77.56 6.57 -12.75
N GLY I 158 -77.87 6.23 -14.01
CA GLY I 158 -79.24 6.03 -14.43
C GLY I 158 -80.07 7.30 -14.37
N THR I 159 -81.38 7.11 -14.20
CA THR I 159 -82.33 8.22 -14.07
C THR I 159 -82.40 8.60 -12.59
N THR I 160 -81.72 9.69 -12.23
CA THR I 160 -81.60 10.08 -10.83
C THR I 160 -82.69 11.03 -10.37
N GLU I 161 -83.51 11.57 -11.27
CA GLU I 161 -84.50 12.56 -10.87
C GLU I 161 -85.54 12.01 -9.90
N PRO I 162 -86.20 10.87 -10.16
CA PRO I 162 -87.15 10.36 -9.16
C PRO I 162 -86.46 9.98 -7.85
N ILE I 163 -85.26 9.42 -7.92
CA ILE I 163 -84.56 9.06 -6.69
C ILE I 163 -84.20 10.31 -5.90
N ALA I 164 -83.73 11.34 -6.61
CA ALA I 164 -83.36 12.59 -5.94
C ALA I 164 -84.57 13.24 -5.29
N ASN I 165 -85.71 13.24 -5.99
CA ASN I 165 -86.93 13.82 -5.43
C ASN I 165 -87.39 13.04 -4.19
N ALA I 166 -87.37 11.71 -4.26
CA ALA I 166 -87.77 10.90 -3.11
C ALA I 166 -86.85 11.13 -1.93
N LEU I 167 -85.54 11.18 -2.17
CA LEU I 167 -84.59 11.42 -1.09
C LEU I 167 -84.78 12.81 -0.48
N LYS I 168 -85.01 13.81 -1.33
CA LYS I 168 -85.21 15.17 -0.83
C LYS I 168 -86.46 15.26 0.02
N GLU I 169 -87.54 14.60 -0.40
CA GLU I 169 -88.77 14.63 0.39
C GLU I 169 -88.66 13.80 1.66
N SER I 170 -87.82 12.76 1.66
CA SER I 170 -87.76 11.83 2.78
C SER I 170 -86.52 11.96 3.64
N TYR I 171 -85.57 12.84 3.28
CA TYR I 171 -84.34 12.94 4.04
C TYR I 171 -84.60 13.48 5.44
N ALA I 172 -83.96 12.85 6.43
CA ALA I 172 -84.04 13.29 7.82
C ALA I 172 -82.63 13.28 8.42
N GLU I 173 -82.25 14.40 9.03
CA GLU I 173 -80.91 14.53 9.60
C GLU I 173 -80.81 13.76 10.91
N ASN I 174 -79.58 13.31 11.21
CA ASN I 174 -79.29 12.59 12.45
C ASN I 174 -80.15 11.33 12.58
N ALA I 175 -80.37 10.64 11.46
CA ALA I 175 -81.17 9.42 11.46
C ALA I 175 -80.33 8.24 11.91
N SER I 176 -81.01 7.15 12.24
CA SER I 176 -80.35 5.92 12.64
C SER I 176 -79.93 5.12 11.41
N LEU I 177 -79.19 4.03 11.67
CA LEU I 177 -78.70 3.20 10.57
C LEU I 177 -79.84 2.48 9.86
N THR I 178 -80.74 1.86 10.63
CA THR I 178 -81.84 1.12 10.02
C THR I 178 -82.79 2.04 9.27
N ASP I 179 -83.12 3.19 9.87
CA ASP I 179 -84.02 4.13 9.21
C ASP I 179 -83.41 4.68 7.93
N ALA I 180 -82.13 5.03 7.97
CA ALA I 180 -81.46 5.52 6.76
C ALA I 180 -81.39 4.45 5.68
N LEU I 181 -81.11 3.21 6.07
CA LEU I 181 -81.07 2.12 5.10
C LEU I 181 -82.43 1.90 4.45
N ARG I 182 -83.49 1.90 5.26
CA ARG I 182 -84.84 1.71 4.72
C ARG I 182 -85.22 2.86 3.81
N ILE I 183 -84.87 4.09 4.19
CA ILE I 183 -85.20 5.26 3.37
C ILE I 183 -84.45 5.19 2.04
N ALA I 184 -83.17 4.83 2.07
CA ALA I 184 -82.39 4.70 0.84
C ALA I 184 -82.96 3.61 -0.05
N VAL I 185 -83.35 2.47 0.54
CA VAL I 185 -83.91 1.38 -0.25
C VAL I 185 -85.23 1.80 -0.90
N ALA I 186 -86.09 2.48 -0.13
CA ALA I 186 -87.34 2.97 -0.69
C ALA I 186 -87.10 3.97 -1.82
N ALA I 187 -86.15 4.88 -1.64
CA ALA I 187 -85.85 5.85 -2.69
C ALA I 187 -85.31 5.18 -3.94
N LEU I 188 -84.45 4.17 -3.77
CA LEU I 188 -83.89 3.47 -4.92
C LEU I 188 -84.93 2.64 -5.65
N ARG I 189 -85.91 2.08 -4.92
CA ARG I 189 -86.94 1.28 -5.56
C ARG I 189 -87.78 2.12 -6.51
N ALA I 190 -88.10 3.35 -6.12
CA ALA I 190 -88.90 4.24 -6.96
C ALA I 190 -88.06 4.79 -8.11
N LEU I 203 -85.57 -5.92 -4.18
CA LEU I 203 -84.24 -5.61 -3.66
C LEU I 203 -84.02 -6.29 -2.32
N GLY I 204 -83.70 -7.58 -2.36
CA GLY I 204 -83.48 -8.37 -1.16
C GLY I 204 -82.01 -8.46 -0.81
N VAL I 205 -81.62 -9.60 -0.25
CA VAL I 205 -80.21 -9.85 0.04
C VAL I 205 -79.41 -9.84 -1.25
N ALA I 206 -79.94 -10.46 -2.29
CA ALA I 206 -79.29 -10.47 -3.59
C ALA I 206 -79.47 -9.12 -4.29
N SER I 207 -78.54 -8.83 -5.21
CA SER I 207 -78.55 -7.60 -6.00
C SER I 207 -78.51 -6.36 -5.11
N LEU I 208 -77.78 -6.43 -4.00
CA LEU I 208 -77.64 -5.30 -3.09
C LEU I 208 -76.23 -5.26 -2.54
N GLU I 209 -75.64 -4.07 -2.54
CA GLU I 209 -74.31 -3.85 -1.96
C GLU I 209 -74.38 -2.68 -1.00
N VAL I 210 -74.10 -2.94 0.27
CA VAL I 210 -74.21 -1.96 1.34
C VAL I 210 -72.87 -1.85 2.06
N ALA I 211 -72.39 -0.62 2.24
CA ALA I 211 -71.15 -0.38 2.98
C ALA I 211 -71.33 0.83 3.87
N VAL I 212 -70.52 0.90 4.93
CA VAL I 212 -70.59 2.00 5.88
C VAL I 212 -69.18 2.45 6.26
N LEU I 213 -69.07 3.73 6.58
CA LEU I 213 -67.86 4.32 7.15
C LEU I 213 -68.14 4.59 8.63
N ASP I 214 -67.67 3.70 9.50
CA ASP I 214 -68.01 3.79 10.92
C ASP I 214 -67.10 4.81 11.60
N ALA I 215 -67.66 5.97 11.97
CA ALA I 215 -66.88 7.00 12.63
C ALA I 215 -66.47 6.61 14.04
N ASN I 216 -67.11 5.58 14.62
CA ASN I 216 -66.79 5.13 15.97
C ASN I 216 -65.64 4.13 15.99
N ARG I 217 -65.20 3.63 14.85
CA ARG I 217 -64.09 2.69 14.81
C ARG I 217 -62.78 3.42 15.11
N PRO I 218 -61.83 2.73 15.76
CA PRO I 218 -60.59 3.41 16.17
C PRO I 218 -59.74 3.95 15.02
N ARG I 219 -59.34 3.09 14.09
CA ARG I 219 -58.42 3.49 13.03
C ARG I 219 -59.05 3.38 11.64
N ARG I 220 -59.55 2.22 11.26
CA ARG I 220 -60.16 2.01 9.95
C ARG I 220 -61.68 2.00 10.09
N ALA I 221 -62.35 2.78 9.24
CA ALA I 221 -63.77 3.02 9.39
C ALA I 221 -64.64 2.27 8.39
N PHE I 222 -64.07 1.77 7.31
CA PHE I 222 -64.86 1.14 6.24
C PHE I 222 -65.20 -0.29 6.63
N ARG I 223 -66.47 -0.67 6.45
CA ARG I 223 -66.89 -2.05 6.66
C ARG I 223 -68.13 -2.35 5.86
N ARG I 224 -68.23 -3.59 5.38
CA ARG I 224 -69.34 -4.06 4.58
C ARG I 224 -70.37 -4.78 5.46
N ILE I 225 -71.63 -4.67 5.07
CA ILE I 225 -72.73 -5.36 5.74
C ILE I 225 -73.36 -6.28 4.71
N THR I 226 -73.06 -7.57 4.80
CA THR I 226 -73.60 -8.57 3.87
C THR I 226 -73.95 -9.84 4.64
N GLY I 227 -74.91 -10.59 4.10
CA GLY I 227 -75.30 -11.85 4.70
C GLY I 227 -76.51 -11.77 5.59
N SER I 228 -76.46 -12.47 6.73
CA SER I 228 -77.61 -12.49 7.64
C SER I 228 -77.83 -11.13 8.29
N ALA I 229 -76.76 -10.38 8.53
CA ALA I 229 -76.89 -9.06 9.15
C ALA I 229 -77.66 -8.11 8.25
N LEU I 230 -77.42 -8.17 6.94
CA LEU I 230 -78.14 -7.30 6.01
C LEU I 230 -79.64 -7.59 6.03
N GLN I 231 -80.01 -8.88 6.05
CA GLN I 231 -81.41 -9.24 6.11
C GLN I 231 -82.03 -8.83 7.44
N ALA I 232 -81.27 -8.98 8.53
CA ALA I 232 -81.77 -8.57 9.84
C ALA I 232 -82.01 -7.06 9.89
N LEU I 233 -81.14 -6.28 9.27
CA LEU I 233 -81.31 -4.84 9.23
C LEU I 233 -82.28 -4.37 8.16
N LEU I 234 -82.70 -5.26 7.26
CA LEU I 234 -83.63 -4.90 6.20
C LEU I 234 -85.07 -5.15 6.62
N SER J 8 63.95 -23.06 36.72
CA SER J 8 64.51 -23.60 35.48
C SER J 8 63.51 -24.51 34.77
N PRO J 9 63.36 -24.32 33.46
CA PRO J 9 62.43 -25.19 32.71
C PRO J 9 62.80 -26.66 32.77
N GLU J 10 64.09 -26.99 32.83
CA GLU J 10 64.51 -28.38 32.86
C GLU J 10 63.94 -29.10 34.08
N GLN J 11 64.04 -28.48 35.25
CA GLN J 11 63.55 -29.11 36.47
C GLN J 11 62.04 -29.31 36.43
N ALA J 12 61.32 -28.32 35.91
CA ALA J 12 59.86 -28.44 35.81
C ALA J 12 59.47 -29.58 34.87
N MET J 13 60.10 -29.64 33.69
CA MET J 13 59.79 -30.72 32.76
C MET J 13 60.14 -32.08 33.35
N ARG J 14 61.28 -32.18 34.02
CA ARG J 14 61.68 -33.45 34.63
C ARG J 14 60.70 -33.88 35.71
N GLU J 15 60.27 -32.94 36.56
CA GLU J 15 59.32 -33.26 37.62
C GLU J 15 57.98 -33.70 37.05
N ARG J 16 57.50 -33.00 36.02
CA ARG J 16 56.22 -33.37 35.41
C ARG J 16 56.32 -34.74 34.74
N SER J 17 57.42 -35.00 34.04
CA SER J 17 57.61 -36.32 33.43
C SER J 17 57.67 -37.41 34.48
N GLU J 18 58.33 -37.15 35.61
CA GLU J 18 58.40 -38.15 36.68
C GLU J 18 57.03 -38.41 37.27
N LEU J 19 56.22 -37.36 37.47
CA LEU J 19 54.87 -37.54 37.96
C LEU J 19 54.04 -38.39 37.01
N ALA J 20 54.12 -38.09 35.71
CA ALA J 20 53.39 -38.87 34.73
C ALA J 20 53.86 -40.32 34.69
N ARG J 21 55.17 -40.53 34.81
CA ARG J 21 55.72 -41.88 34.81
C ARG J 21 55.23 -42.69 36.01
N LYS J 22 55.23 -42.07 37.19
CA LYS J 22 54.69 -42.76 38.37
C LYS J 22 53.22 -43.08 38.21
N GLY J 23 52.43 -42.11 37.71
CA GLY J 23 51.02 -42.36 37.52
C GLY J 23 50.74 -43.50 36.55
N ILE J 24 51.52 -43.57 35.47
CA ILE J 24 51.39 -44.67 34.52
C ILE J 24 51.82 -45.99 35.18
N ALA J 25 52.89 -45.95 35.97
CA ALA J 25 53.45 -47.18 36.53
C ALA J 25 52.54 -47.79 37.58
N ARG J 26 51.75 -46.98 38.28
CA ARG J 26 50.86 -47.50 39.32
C ARG J 26 49.50 -47.90 38.78
N ALA J 27 49.39 -48.24 37.49
CA ALA J 27 48.14 -48.58 36.85
C ALA J 27 48.18 -50.03 36.36
N LYS J 28 47.05 -50.47 35.82
CA LYS J 28 46.93 -51.83 35.28
C LYS J 28 47.44 -51.87 33.85
N SER J 29 47.32 -53.04 33.21
CA SER J 29 47.89 -53.28 31.89
C SER J 29 46.79 -53.54 30.87
N VAL J 30 46.96 -52.95 29.68
CA VAL J 30 46.07 -53.16 28.54
C VAL J 30 46.93 -53.62 27.36
N VAL J 31 46.41 -54.59 26.61
CA VAL J 31 47.15 -55.22 25.53
C VAL J 31 46.29 -55.24 24.27
N ALA J 32 46.85 -54.78 23.16
CA ALA J 32 46.16 -54.79 21.88
C ALA J 32 46.99 -55.60 20.90
N LEU J 33 46.35 -56.58 20.26
CA LEU J 33 46.99 -57.50 19.34
C LEU J 33 46.30 -57.45 17.98
N ALA J 34 47.03 -57.85 16.95
CA ALA J 34 46.50 -57.93 15.59
C ALA J 34 46.48 -59.40 15.16
N TYR J 35 45.30 -59.88 14.78
CA TYR J 35 45.12 -61.25 14.31
C TYR J 35 44.40 -61.21 12.97
N ALA J 36 44.19 -62.41 12.39
CA ALA J 36 43.63 -62.52 11.05
C ALA J 36 42.27 -61.84 10.94
N GLY J 37 41.45 -61.90 11.99
CA GLY J 37 40.15 -61.27 11.95
C GLY J 37 40.13 -59.78 12.24
N GLY J 38 41.25 -59.22 12.70
CA GLY J 38 41.32 -57.80 12.98
C GLY J 38 42.17 -57.45 14.17
N VAL J 39 41.60 -56.71 15.11
CA VAL J 39 42.29 -56.24 16.31
C VAL J 39 41.55 -56.73 17.54
N LEU J 40 42.32 -57.18 18.54
CA LEU J 40 41.79 -57.69 19.80
C LEU J 40 42.34 -56.88 20.95
N PHE J 41 41.44 -56.41 21.82
CA PHE J 41 41.81 -55.65 23.02
C PHE J 41 41.51 -56.49 24.26
N VAL J 42 42.50 -56.62 25.13
CA VAL J 42 42.38 -57.37 26.38
C VAL J 42 42.86 -56.49 27.52
N ALA J 43 42.02 -56.34 28.56
CA ALA J 43 42.37 -55.57 29.73
C ALA J 43 41.90 -56.31 30.97
N GLU J 44 42.54 -56.00 32.10
CA GLU J 44 42.16 -56.56 33.39
C GLU J 44 41.35 -55.50 34.15
N ASN J 45 40.03 -55.67 34.14
CA ASN J 45 39.13 -54.72 34.78
C ASN J 45 38.03 -55.46 35.53
N PRO J 46 38.01 -55.36 36.87
CA PRO J 46 36.95 -56.07 37.61
C PRO J 46 35.58 -55.43 37.48
N SER J 47 35.51 -54.11 37.42
CA SER J 47 34.22 -53.43 37.37
C SER J 47 33.52 -53.67 36.05
N ARG J 48 32.20 -53.88 36.13
CA ARG J 48 31.36 -54.06 34.95
C ARG J 48 30.70 -52.78 34.46
N SER J 49 30.88 -51.67 35.17
CA SER J 49 30.27 -50.41 34.78
C SER J 49 31.25 -49.43 34.15
N LEU J 50 32.52 -49.47 34.56
CA LEU J 50 33.55 -48.60 34.01
C LEU J 50 34.38 -49.39 33.01
N GLN J 51 34.48 -48.86 31.78
CA GLN J 51 35.13 -49.56 30.68
C GLN J 51 36.33 -48.79 30.19
N LYS J 52 37.34 -49.54 29.73
CA LYS J 52 38.58 -48.96 29.21
C LYS J 52 38.72 -49.08 27.70
N ILE J 53 37.96 -49.96 27.06
CA ILE J 53 38.00 -50.17 25.62
C ILE J 53 36.68 -49.67 25.04
N SER J 54 36.76 -48.89 23.97
CA SER J 54 35.57 -48.27 23.39
C SER J 54 35.69 -48.19 21.88
N GLU J 55 34.59 -47.82 21.25
CA GLU J 55 34.52 -47.64 19.81
C GLU J 55 34.45 -46.15 19.49
N LEU J 56 35.25 -45.71 18.52
CA LEU J 56 35.27 -44.31 18.10
C LEU J 56 34.42 -44.07 16.85
N TYR J 57 34.53 -44.95 15.86
CA TYR J 57 33.78 -44.82 14.63
C TYR J 57 33.51 -46.21 14.09
N ASP J 58 33.16 -46.30 12.81
CA ASP J 58 32.77 -47.58 12.21
C ASP J 58 33.89 -48.61 12.29
N ARG J 59 35.12 -48.20 11.98
CA ARG J 59 36.25 -49.12 11.95
C ARG J 59 37.40 -48.65 12.83
N VAL J 60 37.13 -47.86 13.86
CA VAL J 60 38.15 -47.31 14.74
C VAL J 60 37.86 -47.73 16.17
N GLY J 61 38.90 -48.14 16.89
CA GLY J 61 38.76 -48.55 18.27
C GLY J 61 39.76 -47.84 19.14
N PHE J 62 39.36 -47.60 20.39
CA PHE J 62 40.12 -46.79 21.34
C PHE J 62 40.39 -47.59 22.60
N ALA J 63 41.63 -47.53 23.08
CA ALA J 63 42.01 -48.15 24.34
C ALA J 63 42.83 -47.15 25.15
N ALA J 64 42.74 -47.23 26.46
CA ALA J 64 43.39 -46.28 27.34
C ALA J 64 43.82 -46.95 28.64
N ALA J 65 44.92 -46.43 29.20
CA ALA J 65 45.41 -46.86 30.51
C ALA J 65 45.70 -45.64 31.37
N GLY J 66 45.30 -45.69 32.63
CA GLY J 66 45.52 -44.60 33.55
C GLY J 66 44.32 -44.26 34.40
N LYS J 67 44.08 -42.96 34.62
CA LYS J 67 42.95 -42.51 35.43
C LYS J 67 41.69 -42.46 34.57
N PHE J 68 40.61 -43.05 35.09
CA PHE J 68 39.39 -43.20 34.29
C PHE J 68 38.82 -41.84 33.89
N ASN J 69 38.67 -40.93 34.85
CA ASN J 69 38.11 -39.61 34.57
C ASN J 69 38.99 -38.77 33.66
N GLU J 70 40.25 -39.15 33.46
CA GLU J 70 41.14 -38.41 32.58
C GLU J 70 41.03 -38.83 31.12
N PHE J 71 40.91 -40.12 30.83
CA PHE J 71 40.75 -40.54 29.45
C PHE J 71 39.29 -40.65 29.00
N ASP J 72 38.34 -40.59 29.93
CA ASP J 72 36.93 -40.55 29.52
C ASP J 72 36.64 -39.28 28.72
N ASN J 73 37.19 -38.15 29.17
CA ASN J 73 37.02 -36.89 28.44
C ASN J 73 37.65 -36.96 27.05
N LEU J 74 38.84 -37.58 26.96
CA LEU J 74 39.50 -37.74 25.67
C LEU J 74 38.66 -38.61 24.72
N ARG J 75 38.09 -39.69 25.25
CA ARG J 75 37.23 -40.54 24.42
C ARG J 75 36.01 -39.78 23.91
N ARG J 76 35.37 -39.00 24.78
CA ARG J 76 34.21 -38.21 24.35
C ARG J 76 34.59 -37.20 23.27
N GLY J 77 35.73 -36.52 23.46
CA GLY J 77 36.18 -35.57 22.44
C GLY J 77 36.47 -36.23 21.11
N GLY J 78 37.07 -37.42 21.14
CA GLY J 78 37.34 -38.12 19.90
C GLY J 78 36.07 -38.51 19.16
N ILE J 79 35.06 -38.97 19.90
CA ILE J 79 33.77 -39.29 19.27
C ILE J 79 33.16 -38.05 18.64
N GLN J 80 33.24 -36.91 19.34
CA GLN J 80 32.69 -35.68 18.78
C GLN J 80 33.40 -35.30 17.48
N PHE J 81 34.74 -35.35 17.47
CA PHE J 81 35.49 -35.03 16.26
C PHE J 81 35.09 -35.93 15.10
N ALA J 82 34.99 -37.24 15.37
CA ALA J 82 34.69 -38.19 14.29
C ALA J 82 33.30 -37.97 13.72
N ASP J 83 32.30 -37.75 14.58
CA ASP J 83 30.95 -37.56 14.06
C ASP J 83 30.83 -36.25 13.29
N THR J 84 31.46 -35.18 13.78
CA THR J 84 31.37 -33.91 13.05
C THR J 84 32.09 -34.00 11.71
N ARG J 85 33.24 -34.67 11.64
CA ARG J 85 33.92 -34.82 10.36
C ARG J 85 33.15 -35.72 9.41
N GLY J 86 32.54 -36.80 9.92
CA GLY J 86 31.76 -37.67 9.08
C GLY J 86 30.56 -36.97 8.47
N TYR J 87 29.88 -36.14 9.26
CA TYR J 87 28.78 -35.35 8.69
C TYR J 87 29.30 -34.24 7.79
N ALA J 88 30.52 -33.74 8.03
CA ALA J 88 31.04 -32.64 7.23
C ALA J 88 31.32 -33.07 5.79
N TYR J 89 32.03 -34.17 5.59
CA TYR J 89 32.39 -34.62 4.26
C TYR J 89 31.74 -35.94 3.88
N ASP J 90 32.01 -37.01 4.64
CA ASP J 90 31.50 -38.35 4.37
C ASP J 90 31.97 -39.29 5.47
N ARG J 91 31.32 -40.45 5.54
CA ARG J 91 31.71 -41.46 6.52
C ARG J 91 33.01 -42.15 6.14
N ARG J 92 33.29 -42.28 4.85
CA ARG J 92 34.48 -42.98 4.37
C ARG J 92 35.71 -42.10 4.35
N ASP J 93 35.60 -40.83 4.72
CA ASP J 93 36.73 -39.91 4.75
C ASP J 93 37.34 -39.78 6.14
N VAL J 94 36.97 -40.66 7.07
CA VAL J 94 37.45 -40.61 8.45
C VAL J 94 38.44 -41.76 8.65
N THR J 95 39.63 -41.44 9.13
CA THR J 95 40.68 -42.43 9.36
C THR J 95 41.23 -42.26 10.76
N GLY J 96 41.95 -43.29 11.23
CA GLY J 96 42.49 -43.27 12.57
C GLY J 96 43.70 -42.37 12.74
N ARG J 97 44.41 -42.07 11.66
CA ARG J 97 45.58 -41.21 11.76
C ARG J 97 45.19 -39.79 12.19
N GLN J 98 44.07 -39.27 11.66
CA GLN J 98 43.61 -37.95 12.07
C GLN J 98 43.25 -37.92 13.55
N LEU J 99 42.58 -38.98 14.04
CA LEU J 99 42.25 -39.05 15.45
C LEU J 99 43.51 -39.12 16.31
N ALA J 100 44.49 -39.90 15.88
CA ALA J 100 45.77 -39.99 16.60
C ALA J 100 46.47 -38.64 16.65
N ASN J 101 46.47 -37.90 15.53
CA ASN J 101 47.09 -36.59 15.51
C ASN J 101 46.37 -35.61 16.44
N VAL J 102 45.03 -35.67 16.46
CA VAL J 102 44.27 -34.78 17.34
C VAL J 102 44.58 -35.11 18.79
N TYR J 103 44.64 -36.40 19.12
CA TYR J 103 44.96 -36.81 20.48
C TYR J 103 46.36 -36.36 20.88
N ALA J 104 47.32 -36.48 19.96
CA ALA J 104 48.69 -36.05 20.25
C ALA J 104 48.75 -34.56 20.52
N GLN J 105 48.06 -33.76 19.69
CA GLN J 105 48.05 -32.31 19.90
C GLN J 105 47.41 -31.95 21.24
N THR J 106 46.27 -32.59 21.56
CA THR J 106 45.60 -32.29 22.82
C THR J 106 46.47 -32.66 24.02
N LEU J 107 47.12 -33.83 23.96
CA LEU J 107 47.96 -34.27 25.08
C LEU J 107 49.17 -33.37 25.22
N GLY J 108 49.78 -32.95 24.10
CA GLY J 108 50.89 -32.03 24.20
C GLY J 108 50.50 -30.70 24.79
N THR J 109 49.34 -30.16 24.39
CA THR J 109 48.88 -28.90 24.95
C THR J 109 48.59 -29.02 26.44
N ILE J 110 47.99 -30.15 26.85
CA ILE J 110 47.73 -30.37 28.27
C ILE J 110 49.02 -30.47 29.06
N PHE J 111 50.00 -31.22 28.54
CA PHE J 111 51.27 -31.39 29.24
C PHE J 111 52.03 -30.08 29.32
N THR J 112 51.85 -29.20 28.34
CA THR J 112 52.61 -27.95 28.34
C THR J 112 51.96 -26.89 29.23
N GLU J 113 50.65 -26.68 29.09
CA GLU J 113 49.98 -25.55 29.72
C GLU J 113 49.32 -25.87 31.05
N GLN J 114 48.68 -27.03 31.19
CA GLN J 114 47.93 -27.33 32.40
C GLN J 114 48.84 -27.48 33.61
N ALA J 115 48.30 -27.20 34.78
CA ALA J 115 49.08 -27.27 36.01
C ALA J 115 49.54 -28.69 36.31
N LYS J 116 48.66 -29.67 36.11
CA LYS J 116 48.98 -31.07 36.36
C LYS J 116 48.86 -31.86 35.07
N PRO J 117 49.91 -32.58 34.66
CA PRO J 117 49.82 -33.36 33.42
C PRO J 117 48.90 -34.57 33.58
N TYR J 118 48.36 -35.01 32.45
CA TYR J 118 47.48 -36.18 32.44
C TYR J 118 48.31 -37.45 32.52
N GLU J 119 47.87 -38.37 33.38
CA GLU J 119 48.52 -39.67 33.54
C GLU J 119 47.75 -40.72 32.74
N VAL J 120 47.93 -40.66 31.42
CA VAL J 120 47.20 -41.52 30.49
C VAL J 120 48.14 -42.06 29.42
N GLU J 121 47.75 -43.20 28.87
CA GLU J 121 48.42 -43.79 27.71
C GLU J 121 47.33 -44.27 26.76
N LEU J 122 47.38 -43.83 25.50
CA LEU J 122 46.29 -44.06 24.55
C LEU J 122 46.74 -44.94 23.39
N CYS J 123 45.81 -45.74 22.87
CA CYS J 123 46.05 -46.57 21.70
C CYS J 123 44.84 -46.48 20.77
N VAL J 124 45.11 -46.26 19.49
CA VAL J 124 44.08 -46.16 18.46
C VAL J 124 44.31 -47.27 17.44
N ALA J 125 43.28 -48.05 17.15
CA ALA J 125 43.38 -49.15 16.20
C ALA J 125 42.39 -48.96 15.06
N GLU J 126 42.83 -49.30 13.85
CA GLU J 126 41.99 -49.17 12.66
C GLU J 126 42.12 -50.43 11.80
N VAL J 127 41.00 -50.87 11.24
CA VAL J 127 40.96 -52.02 10.34
C VAL J 127 40.47 -51.58 8.97
N ALA J 128 40.49 -52.50 8.02
CA ALA J 128 40.08 -52.20 6.65
C ALA J 128 38.56 -52.23 6.50
N HIS J 129 38.09 -51.64 5.40
CA HIS J 129 36.67 -51.62 5.10
C HIS J 129 36.21 -53.00 4.63
N TYR J 130 34.90 -53.18 4.56
CA TYR J 130 34.33 -54.46 4.16
C TYR J 130 34.68 -54.76 2.70
N GLY J 131 35.04 -56.00 2.43
CA GLY J 131 35.39 -56.40 1.08
C GLY J 131 36.75 -55.95 0.61
N GLU J 132 37.65 -55.61 1.52
CA GLU J 132 38.97 -55.11 1.17
C GLU J 132 40.03 -55.80 2.02
N THR J 133 41.26 -55.81 1.51
CA THR J 133 42.40 -56.39 2.21
C THR J 133 43.40 -55.30 2.54
N LYS J 134 43.72 -55.17 3.82
CA LYS J 134 44.66 -54.14 4.28
C LYS J 134 45.14 -54.50 5.68
N ARG J 135 46.38 -54.17 5.96
CA ARG J 135 46.96 -54.42 7.28
C ARG J 135 46.34 -53.48 8.30
N PRO J 136 45.92 -53.98 9.47
CA PRO J 136 45.44 -53.08 10.52
C PRO J 136 46.53 -52.16 11.01
N GLU J 137 46.13 -50.96 11.44
CA GLU J 137 47.06 -49.94 11.91
C GLU J 137 46.85 -49.68 13.40
N LEU J 138 47.97 -49.61 14.14
CA LEU J 138 47.95 -49.34 15.57
C LEU J 138 48.85 -48.17 15.88
N TYR J 139 48.30 -47.17 16.58
CA TYR J 139 49.04 -45.98 16.97
C TYR J 139 49.03 -45.85 18.49
N ARG J 140 50.17 -45.51 19.06
CA ARG J 140 50.34 -45.34 20.50
C ARG J 140 50.68 -43.88 20.80
N ILE J 141 49.99 -43.30 21.77
CA ILE J 141 50.18 -41.90 22.15
C ILE J 141 50.48 -41.85 23.65
N THR J 142 51.51 -41.09 24.02
CA THR J 142 51.95 -40.97 25.39
C THR J 142 51.49 -39.64 25.98
N TYR J 143 51.86 -39.41 27.25
CA TYR J 143 51.37 -38.25 27.97
C TYR J 143 51.93 -36.95 27.41
N ASP J 144 53.18 -36.95 26.97
CA ASP J 144 53.82 -35.73 26.50
C ASP J 144 53.40 -35.34 25.09
N GLY J 145 52.70 -36.21 24.37
CA GLY J 145 52.26 -35.93 23.01
C GLY J 145 52.97 -36.71 21.93
N SER J 146 53.93 -37.57 22.29
CA SER J 146 54.61 -38.37 21.30
C SER J 146 53.67 -39.41 20.70
N ILE J 147 53.76 -39.61 19.39
CA ILE J 147 52.92 -40.54 18.66
C ILE J 147 53.81 -41.51 17.91
N ALA J 148 53.51 -42.81 18.02
CA ALA J 148 54.29 -43.84 17.37
C ALA J 148 53.36 -44.83 16.70
N ASP J 149 53.90 -45.52 15.69
CA ASP J 149 53.16 -46.54 14.95
C ASP J 149 53.75 -47.91 15.26
N GLU J 150 52.89 -48.84 15.66
CA GLU J 150 53.28 -50.19 16.05
C GLU J 150 52.69 -51.20 15.08
N PRO J 151 53.50 -52.07 14.48
CA PRO J 151 52.98 -52.99 13.46
C PRO J 151 52.36 -54.26 14.02
N HIS J 152 52.77 -54.68 15.21
CA HIS J 152 52.40 -56.00 15.73
C HIS J 152 51.49 -55.92 16.96
N PHE J 153 51.93 -55.25 18.02
CA PHE J 153 51.14 -55.23 19.25
C PHE J 153 51.48 -53.99 20.05
N VAL J 154 50.57 -53.65 20.97
CA VAL J 154 50.75 -52.53 21.89
C VAL J 154 50.47 -53.01 23.30
N VAL J 155 51.36 -52.68 24.23
CA VAL J 155 51.19 -52.99 25.64
C VAL J 155 51.37 -51.69 26.43
N MET J 156 50.37 -51.32 27.23
CA MET J 156 50.41 -50.08 28.00
C MET J 156 50.07 -50.35 29.46
N GLY J 157 50.63 -49.52 30.34
CA GLY J 157 50.27 -49.54 31.74
C GLY J 157 51.03 -50.55 32.57
N GLY J 158 51.36 -50.17 33.81
CA GLY J 158 52.11 -51.03 34.71
C GLY J 158 53.50 -51.35 34.23
N THR J 159 53.99 -52.52 34.66
CA THR J 159 55.31 -53.00 34.25
C THR J 159 55.13 -53.81 32.97
N THR J 160 55.48 -53.20 31.85
CA THR J 160 55.24 -53.80 30.54
C THR J 160 56.39 -54.65 30.02
N GLU J 161 57.55 -54.59 30.66
CA GLU J 161 58.71 -55.32 30.13
C GLU J 161 58.49 -56.83 30.10
N PRO J 162 58.08 -57.51 31.18
CA PRO J 162 57.84 -58.95 31.05
C PRO J 162 56.74 -59.28 30.06
N ILE J 163 55.67 -58.47 30.02
CA ILE J 163 54.60 -58.74 29.07
C ILE J 163 55.09 -58.55 27.65
N ALA J 164 55.88 -57.51 27.41
CA ALA J 164 56.42 -57.27 26.08
C ALA J 164 57.34 -58.40 25.65
N ASN J 165 58.20 -58.87 26.56
CA ASN J 165 59.09 -59.97 26.23
C ASN J 165 58.31 -61.25 25.91
N ALA J 166 57.30 -61.56 26.72
CA ALA J 166 56.50 -62.75 26.48
C ALA J 166 55.76 -62.67 25.15
N LEU J 167 55.18 -61.50 24.85
CA LEU J 167 54.49 -61.33 23.58
C LEU J 167 55.45 -61.43 22.40
N LYS J 168 56.64 -60.85 22.53
CA LYS J 168 57.62 -60.91 21.45
C LYS J 168 58.06 -62.34 21.20
N GLU J 169 58.27 -63.11 22.27
CA GLU J 169 58.69 -64.50 22.09
C GLU J 169 57.55 -65.39 21.58
N SER J 170 56.30 -65.03 21.88
CA SER J 170 55.17 -65.88 21.58
C SER J 170 54.30 -65.38 20.43
N TYR J 171 54.59 -64.21 19.87
CA TYR J 171 53.74 -63.67 18.81
C TYR J 171 53.81 -64.53 17.56
N ALA J 172 52.65 -64.77 16.96
CA ALA J 172 52.55 -65.51 15.71
C ALA J 172 51.58 -64.78 14.79
N GLU J 173 52.03 -64.52 13.56
CA GLU J 173 51.21 -63.79 12.60
C GLU J 173 50.10 -64.68 12.04
N ASN J 174 49.01 -64.03 11.64
CA ASN J 174 47.85 -64.72 11.05
C ASN J 174 47.31 -65.80 11.97
N ALA J 175 47.28 -65.52 13.26
CA ALA J 175 46.77 -66.47 14.25
C ALA J 175 45.25 -66.41 14.30
N SER J 176 44.66 -67.44 14.93
CA SER J 176 43.22 -67.49 15.10
C SER J 176 42.81 -66.68 16.33
N LEU J 177 41.48 -66.56 16.51
CA LEU J 177 40.97 -65.78 17.62
C LEU J 177 41.27 -66.45 18.96
N THR J 178 41.00 -67.76 19.06
CA THR J 178 41.24 -68.46 20.32
C THR J 178 42.71 -68.50 20.67
N ASP J 179 43.57 -68.77 19.69
CA ASP J 179 45.00 -68.84 19.94
C ASP J 179 45.54 -67.48 20.37
N ALA J 180 45.11 -66.41 19.70
CA ALA J 180 45.56 -65.08 20.07
C ALA J 180 45.07 -64.70 21.46
N LEU J 181 43.82 -65.04 21.79
CA LEU J 181 43.30 -64.76 23.12
C LEU J 181 44.08 -65.49 24.20
N ARG J 182 44.37 -66.78 23.96
CA ARG J 182 45.13 -67.54 24.95
C ARG J 182 46.55 -67.00 25.09
N ILE J 183 47.17 -66.62 23.98
CA ILE J 183 48.53 -66.07 24.03
C ILE J 183 48.54 -64.75 24.80
N ALA J 184 47.56 -63.88 24.54
CA ALA J 184 47.47 -62.62 25.26
C ALA J 184 47.24 -62.83 26.74
N VAL J 185 46.38 -63.78 27.10
CA VAL J 185 46.11 -64.07 28.50
C VAL J 185 47.36 -64.60 29.19
N ALA J 186 48.09 -65.51 28.53
CA ALA J 186 49.33 -66.02 29.11
C ALA J 186 50.35 -64.91 29.29
N ALA J 187 50.48 -64.02 28.29
CA ALA J 187 51.44 -62.92 28.40
C ALA J 187 51.06 -61.97 29.53
N LEU J 188 49.76 -61.69 29.69
CA LEU J 188 49.32 -60.79 30.76
C LEU J 188 49.49 -61.41 32.13
N ARG J 189 49.34 -62.73 32.25
CA ARG J 189 49.50 -63.38 33.54
C ARG J 189 50.92 -63.23 34.05
N ALA J 190 51.90 -63.37 33.17
CA ALA J 190 53.30 -63.26 33.55
C ALA J 190 53.67 -61.80 33.80
N LEU J 203 42.73 -65.10 36.18
CA LEU J 203 42.09 -64.29 35.16
C LEU J 203 40.98 -65.09 34.48
N GLY J 204 39.83 -65.17 35.14
CA GLY J 204 38.69 -65.91 34.63
C GLY J 204 37.71 -65.01 33.92
N VAL J 205 36.42 -65.35 34.01
CA VAL J 205 35.37 -64.49 33.46
C VAL J 205 35.40 -63.14 34.12
N ALA J 206 35.56 -63.12 35.45
CA ALA J 206 35.67 -61.87 36.18
C ALA J 206 37.04 -61.24 35.99
N SER J 207 37.08 -59.91 36.18
CA SER J 207 38.31 -59.13 36.06
C SER J 207 38.94 -59.25 34.68
N LEU J 208 38.12 -59.35 33.64
CA LEU J 208 38.59 -59.47 32.27
C LEU J 208 37.68 -58.68 31.35
N GLU J 209 38.27 -57.90 30.45
CA GLU J 209 37.53 -57.14 29.45
C GLU J 209 38.14 -57.42 28.08
N VAL J 210 37.33 -58.01 27.20
CA VAL J 210 37.78 -58.44 25.87
C VAL J 210 36.89 -57.81 24.81
N ALA J 211 37.52 -57.20 23.81
CA ALA J 211 36.80 -56.59 22.70
C ALA J 211 37.50 -56.91 21.40
N VAL J 212 36.76 -56.88 20.29
CA VAL J 212 37.31 -57.17 18.97
C VAL J 212 36.78 -56.18 17.95
N LEU J 213 37.59 -55.93 16.93
CA LEU J 213 37.20 -55.16 15.75
C LEU J 213 37.05 -56.15 14.60
N ASP J 214 35.81 -56.54 14.30
CA ASP J 214 35.57 -57.59 13.32
C ASP J 214 35.62 -57.00 11.91
N ALA J 215 36.70 -57.32 11.17
CA ALA J 215 36.83 -56.82 9.81
C ALA J 215 35.82 -57.42 8.85
N ASN J 216 35.18 -58.53 9.24
CA ASN J 216 34.20 -59.19 8.39
C ASN J 216 32.79 -58.60 8.54
N ARG J 217 32.58 -57.73 9.53
CA ARG J 217 31.28 -57.12 9.71
C ARG J 217 31.01 -56.08 8.62
N PRO J 218 29.75 -55.91 8.20
CA PRO J 218 29.47 -55.00 7.08
C PRO J 218 29.83 -53.54 7.32
N ARG J 219 29.28 -52.94 8.36
CA ARG J 219 29.47 -51.51 8.61
C ARG J 219 30.20 -51.22 9.91
N ARG J 220 29.70 -51.71 11.04
CA ARG J 220 30.32 -51.48 12.34
C ARG J 220 31.08 -52.74 12.77
N ALA J 221 32.34 -52.55 13.18
CA ALA J 221 33.24 -53.67 13.43
C ALA J 221 33.47 -53.97 14.90
N PHE J 222 33.16 -53.04 15.80
CA PHE J 222 33.45 -53.21 17.21
C PHE J 222 32.40 -54.09 17.88
N ARG J 223 32.86 -55.07 18.66
CA ARG J 223 31.94 -55.89 19.43
C ARG J 223 32.67 -56.48 20.65
N ARG J 224 31.92 -56.62 21.74
CA ARG J 224 32.43 -57.15 23.00
C ARG J 224 32.12 -58.64 23.11
N ILE J 225 33.02 -59.36 23.78
CA ILE J 225 32.85 -60.78 24.06
C ILE J 225 32.83 -60.93 25.58
N THR J 226 31.65 -61.11 26.15
CA THR J 226 31.49 -61.27 27.58
C THR J 226 30.44 -62.33 27.87
N GLY J 227 30.56 -62.96 29.03
CA GLY J 227 29.59 -63.95 29.45
C GLY J 227 29.99 -65.38 29.16
N SER J 228 29.03 -66.20 28.71
CA SER J 228 29.32 -67.60 28.45
C SER J 228 30.26 -67.77 27.26
N ALA J 229 30.17 -66.88 26.27
CA ALA J 229 31.04 -66.97 25.11
C ALA J 229 32.51 -66.78 25.49
N LEU J 230 32.79 -65.85 26.41
CA LEU J 230 34.16 -65.63 26.85
C LEU J 230 34.73 -66.88 27.53
N GLN J 231 33.93 -67.53 28.38
CA GLN J 231 34.39 -68.75 29.03
C GLN J 231 34.57 -69.87 28.01
N ALA J 232 33.67 -69.97 27.03
CA ALA J 232 33.80 -70.99 26.00
C ALA J 232 35.08 -70.79 25.19
N LEU J 233 35.43 -69.54 24.89
CA LEU J 233 36.64 -69.25 24.14
C LEU J 233 37.89 -69.25 25.01
N LEU J 234 37.74 -69.30 26.33
CA LEU J 234 38.89 -69.31 27.23
C LEU J 234 39.32 -70.73 27.57
N SER K 8 67.04 -13.34 36.05
CA SER K 8 67.79 -12.66 35.00
C SER K 8 67.39 -13.18 33.62
N PRO K 9 67.14 -12.25 32.68
CA PRO K 9 66.80 -12.68 31.32
C PRO K 9 67.88 -13.52 30.65
N GLU K 10 69.15 -13.24 30.94
CA GLU K 10 70.24 -14.00 30.32
C GLU K 10 70.14 -15.48 30.64
N GLN K 11 69.91 -15.81 31.91
CA GLN K 11 69.84 -17.22 32.30
C GLN K 11 68.66 -17.91 31.66
N ALA K 12 67.51 -17.23 31.59
CA ALA K 12 66.34 -17.82 30.95
C ALA K 12 66.58 -18.09 29.47
N MET K 13 67.14 -17.11 28.75
CA MET K 13 67.43 -17.31 27.34
C MET K 13 68.45 -18.42 27.13
N ARG K 14 69.48 -18.47 27.96
CA ARG K 14 70.49 -19.52 27.84
C ARG K 14 69.89 -20.90 28.09
N GLU K 15 69.04 -21.03 29.11
CA GLU K 15 68.42 -22.31 29.40
C GLU K 15 67.48 -22.75 28.28
N ARG K 16 66.69 -21.82 27.74
CA ARG K 16 65.79 -22.16 26.64
C ARG K 16 66.57 -22.56 25.40
N SER K 17 67.65 -21.83 25.08
CA SER K 17 68.49 -22.19 23.94
C SER K 17 69.12 -23.56 24.14
N GLU K 18 69.57 -23.87 25.35
CA GLU K 18 70.16 -25.18 25.62
C GLU K 18 69.13 -26.29 25.46
N LEU K 19 67.90 -26.06 25.93
CA LEU K 19 66.83 -27.05 25.75
C LEU K 19 66.57 -27.29 24.27
N ALA K 20 66.47 -26.21 23.49
CA ALA K 20 66.22 -26.36 22.06
C ALA K 20 67.39 -27.07 21.38
N ARG K 21 68.62 -26.77 21.78
CA ARG K 21 69.78 -27.40 21.20
C ARG K 21 69.81 -28.90 21.49
N LYS K 22 69.49 -29.29 22.73
CA LYS K 22 69.42 -30.72 23.05
C LYS K 22 68.32 -31.41 22.25
N GLY K 23 67.14 -30.78 22.16
CA GLY K 23 66.06 -31.37 21.39
C GLY K 23 66.41 -31.56 19.94
N ILE K 24 67.09 -30.60 19.33
CA ILE K 24 67.55 -30.74 17.95
C ILE K 24 68.60 -31.83 17.85
N ALA K 25 69.51 -31.90 18.82
CA ALA K 25 70.63 -32.83 18.75
C ALA K 25 70.19 -34.28 18.89
N ARG K 26 69.10 -34.54 19.62
CA ARG K 26 68.63 -35.90 19.80
C ARG K 26 67.66 -36.35 18.70
N ALA K 27 67.74 -35.76 17.52
CA ALA K 27 66.83 -36.06 16.41
C ALA K 27 67.61 -36.64 15.24
N LYS K 28 66.88 -37.02 14.19
CA LYS K 28 67.47 -37.58 12.99
C LYS K 28 67.92 -36.46 12.05
N SER K 29 68.41 -36.84 10.88
CA SER K 29 69.01 -35.90 9.93
C SER K 29 68.20 -35.83 8.65
N VAL K 30 68.03 -34.61 8.14
CA VAL K 30 67.36 -34.34 6.88
C VAL K 30 68.31 -33.53 6.00
N VAL K 31 68.36 -33.86 4.71
CA VAL K 31 69.32 -33.25 3.79
C VAL K 31 68.58 -32.78 2.54
N ALA K 32 68.80 -31.53 2.16
CA ALA K 32 68.20 -30.97 0.96
C ALA K 32 69.32 -30.51 0.03
N LEU K 33 69.28 -30.98 -1.22
CA LEU K 33 70.29 -30.70 -2.21
C LEU K 33 69.66 -30.06 -3.44
N ALA K 34 70.48 -29.35 -4.20
CA ALA K 34 70.06 -28.71 -5.44
C ALA K 34 70.80 -29.38 -6.60
N TYR K 35 70.04 -29.90 -7.56
CA TYR K 35 70.58 -30.54 -8.75
C TYR K 35 69.94 -29.93 -9.99
N ALA K 36 70.38 -30.40 -11.16
CA ALA K 36 69.94 -29.81 -12.43
C ALA K 36 68.42 -29.84 -12.58
N GLY K 37 67.77 -30.89 -12.10
CA GLY K 37 66.33 -30.99 -12.20
C GLY K 37 65.55 -30.23 -11.16
N GLY K 38 66.21 -29.73 -10.11
CA GLY K 38 65.53 -28.98 -9.08
C GLY K 38 66.09 -29.20 -7.69
N VAL K 39 65.22 -29.58 -6.76
CA VAL K 39 65.59 -29.78 -5.36
C VAL K 39 65.24 -31.21 -4.96
N LEU K 40 66.13 -31.83 -4.20
CA LEU K 40 65.96 -33.21 -3.72
C LEU K 40 66.01 -33.22 -2.20
N PHE K 41 65.02 -33.86 -1.58
CA PHE K 41 64.95 -34.01 -0.12
C PHE K 41 65.15 -35.48 0.22
N VAL K 42 66.07 -35.74 1.15
CA VAL K 42 66.37 -37.09 1.63
C VAL K 42 66.34 -37.09 3.15
N ALA K 43 65.56 -38.00 3.72
CA ALA K 43 65.46 -38.14 5.16
C ALA K 43 65.47 -39.62 5.52
N GLU K 44 65.86 -39.91 6.77
CA GLU K 44 65.85 -41.27 7.29
C GLU K 44 64.61 -41.42 8.18
N ASN K 45 63.57 -42.05 7.63
CA ASN K 45 62.32 -42.22 8.36
C ASN K 45 61.77 -43.62 8.14
N PRO K 46 61.71 -44.45 9.19
CA PRO K 46 61.20 -45.81 9.00
C PRO K 46 59.69 -45.87 8.81
N SER K 47 58.94 -45.00 9.48
CA SER K 47 57.48 -45.05 9.41
C SER K 47 56.99 -44.63 8.02
N ARG K 48 55.98 -45.33 7.53
CA ARG K 48 55.34 -45.01 6.25
C ARG K 48 54.12 -44.13 6.39
N SER K 49 53.70 -43.82 7.62
CA SER K 49 52.51 -43.00 7.83
C SER K 49 52.84 -41.57 8.24
N LEU K 50 53.93 -41.35 8.95
CA LEU K 50 54.36 -40.03 9.38
C LEU K 50 55.47 -39.53 8.45
N GLN K 51 55.26 -38.36 7.86
CA GLN K 51 56.17 -37.83 6.85
C GLN K 51 56.79 -36.52 7.32
N LYS K 52 58.03 -36.29 6.89
CA LYS K 52 58.78 -35.09 7.24
C LYS K 52 58.95 -34.12 6.08
N ILE K 53 58.75 -34.57 4.85
CA ILE K 53 58.87 -33.73 3.66
C ILE K 53 57.48 -33.56 3.06
N SER K 54 57.13 -32.32 2.72
CA SER K 54 55.78 -32.03 2.24
C SER K 54 55.83 -30.93 1.19
N GLU K 55 54.69 -30.72 0.55
CA GLU K 55 54.51 -29.69 -0.46
C GLU K 55 53.67 -28.56 0.12
N LEU K 56 54.12 -27.32 -0.09
CA LEU K 56 53.40 -26.14 0.39
C LEU K 56 52.55 -25.51 -0.70
N TYR K 57 53.08 -25.37 -1.90
CA TYR K 57 52.35 -24.78 -3.01
C TYR K 57 52.85 -25.42 -4.30
N ASP K 58 52.58 -24.77 -5.43
CA ASP K 58 52.90 -25.36 -6.73
C ASP K 58 54.39 -25.61 -6.89
N ARG K 59 55.23 -24.66 -6.48
CA ARG K 59 56.68 -24.77 -6.64
C ARG K 59 57.43 -24.60 -5.32
N VAL K 60 56.79 -24.88 -4.19
CA VAL K 60 57.39 -24.69 -2.87
C VAL K 60 57.38 -26.03 -2.13
N GLY K 61 58.48 -26.34 -1.48
CA GLY K 61 58.59 -27.57 -0.71
C GLY K 61 59.09 -27.28 0.70
N PHE K 62 58.64 -28.12 1.63
CA PHE K 62 58.86 -27.91 3.06
C PHE K 62 59.53 -29.15 3.64
N ALA K 63 60.57 -28.93 4.45
CA ALA K 63 61.23 -30.01 5.18
C ALA K 63 61.43 -29.57 6.63
N ALA K 64 61.40 -30.53 7.55
CA ALA K 64 61.48 -30.23 8.96
C ALA K 64 62.20 -31.34 9.70
N ALA K 65 62.87 -30.95 10.79
CA ALA K 65 63.53 -31.88 11.69
C ALA K 65 63.16 -31.54 13.13
N GLY K 66 62.86 -32.58 13.91
CA GLY K 66 62.49 -32.38 15.31
C GLY K 66 61.29 -33.21 15.74
N LYS K 67 60.42 -32.62 16.55
CA LYS K 67 59.23 -33.31 17.04
C LYS K 67 58.12 -33.22 16.01
N PHE K 68 57.50 -34.36 15.70
CA PHE K 68 56.53 -34.43 14.60
C PHE K 68 55.33 -33.52 14.87
N ASN K 69 54.75 -33.63 16.07
CA ASN K 69 53.58 -32.84 16.40
C ASN K 69 53.88 -31.34 16.49
N GLU K 70 55.15 -30.95 16.54
CA GLU K 70 55.51 -29.54 16.61
C GLU K 70 55.61 -28.90 15.24
N PHE K 71 56.18 -29.58 14.24
CA PHE K 71 56.25 -29.01 12.90
C PHE K 71 55.06 -29.36 12.03
N ASP K 72 54.22 -30.32 12.43
CA ASP K 72 53.00 -30.58 11.68
C ASP K 72 52.08 -29.36 11.70
N ASN K 73 51.96 -28.71 12.86
CA ASN K 73 51.15 -27.50 12.96
C ASN K 73 51.72 -26.38 12.09
N LEU K 74 53.04 -26.24 12.07
CA LEU K 74 53.68 -25.22 11.23
C LEU K 74 53.40 -25.49 9.74
N ARG K 75 53.49 -26.76 9.33
CA ARG K 75 53.18 -27.11 7.94
C ARG K 75 51.74 -26.76 7.58
N ARG K 76 50.80 -27.10 8.46
CA ARG K 76 49.40 -26.77 8.19
C ARG K 76 49.18 -25.27 8.08
N GLY K 77 49.80 -24.50 8.98
CA GLY K 77 49.69 -23.05 8.91
C GLY K 77 50.25 -22.47 7.63
N GLY K 78 51.39 -23.01 7.19
CA GLY K 78 51.97 -22.54 5.93
C GLY K 78 51.08 -22.81 4.74
N ILE K 79 50.46 -24.00 4.69
CA ILE K 79 49.53 -24.30 3.62
C ILE K 79 48.35 -23.33 3.64
N GLN K 80 47.83 -23.04 4.82
CA GLN K 80 46.72 -22.09 4.93
C GLN K 80 47.10 -20.72 4.40
N PHE K 81 48.27 -20.21 4.80
CA PHE K 81 48.73 -18.91 4.33
C PHE K 81 48.85 -18.89 2.81
N ALA K 82 49.46 -19.93 2.24
CA ALA K 82 49.68 -19.96 0.80
C ALA K 82 48.37 -20.00 0.02
N ASP K 83 47.41 -20.81 0.45
CA ASP K 83 46.15 -20.89 -0.28
C ASP K 83 45.35 -19.60 -0.16
N THR K 84 45.33 -18.98 1.03
CA THR K 84 44.60 -17.73 1.16
C THR K 84 45.24 -16.62 0.35
N ARG K 85 46.58 -16.55 0.30
CA ARG K 85 47.22 -15.52 -0.52
C ARG K 85 47.02 -15.79 -2.01
N GLY K 86 47.07 -17.05 -2.44
CA GLY K 86 46.84 -17.36 -3.83
C GLY K 86 45.45 -16.99 -4.29
N TYR K 87 44.44 -17.26 -3.45
CA TYR K 87 43.09 -16.82 -3.80
C TYR K 87 42.94 -15.31 -3.68
N ALA K 88 43.72 -14.67 -2.81
CA ALA K 88 43.59 -13.22 -2.61
C ALA K 88 44.02 -12.44 -3.84
N TYR K 89 45.21 -12.73 -4.38
CA TYR K 89 45.74 -12.00 -5.52
C TYR K 89 45.87 -12.86 -6.77
N ASP K 90 46.66 -13.92 -6.71
CA ASP K 90 46.92 -14.80 -7.85
C ASP K 90 47.82 -15.94 -7.39
N ARG K 91 47.87 -16.99 -8.21
CA ARG K 91 48.74 -18.12 -7.92
C ARG K 91 50.21 -17.80 -8.16
N ARG K 92 50.50 -16.92 -9.12
CA ARG K 92 51.87 -16.59 -9.47
C ARG K 92 52.47 -15.50 -8.57
N ASP K 93 51.72 -14.98 -7.61
CA ASP K 93 52.20 -13.96 -6.69
C ASP K 93 52.67 -14.56 -5.36
N VAL K 94 52.82 -15.88 -5.28
CA VAL K 94 53.23 -16.56 -4.06
C VAL K 94 54.66 -17.03 -4.24
N THR K 95 55.52 -16.66 -3.28
CA THR K 95 56.93 -17.02 -3.32
C THR K 95 57.33 -17.63 -1.98
N GLY K 96 58.48 -18.30 -1.97
CA GLY K 96 58.96 -18.96 -0.77
C GLY K 96 59.52 -18.01 0.28
N ARG K 97 59.95 -16.82 -0.13
CA ARG K 97 60.51 -15.87 0.83
C ARG K 97 59.45 -15.40 1.82
N GLN K 98 58.22 -15.17 1.34
CA GLN K 98 57.14 -14.78 2.23
C GLN K 98 56.84 -15.88 3.25
N LEU K 99 56.82 -17.14 2.80
CA LEU K 99 56.59 -18.25 3.72
C LEU K 99 57.71 -18.36 4.74
N ALA K 100 58.96 -18.18 4.30
CA ALA K 100 60.08 -18.21 5.22
C ALA K 100 59.99 -17.09 6.26
N ASN K 101 59.60 -15.89 5.83
CA ASN K 101 59.44 -14.78 6.77
C ASN K 101 58.33 -15.06 7.78
N VAL K 102 57.21 -15.63 7.31
CA VAL K 102 56.11 -15.96 8.23
C VAL K 102 56.56 -17.00 9.24
N TYR K 103 57.29 -18.02 8.78
CA TYR K 103 57.80 -19.04 9.68
C TYR K 103 58.76 -18.46 10.70
N ALA K 104 59.64 -17.55 10.26
CA ALA K 104 60.58 -16.92 11.19
C ALA K 104 59.86 -16.11 12.24
N GLN K 105 58.84 -15.34 11.84
CA GLN K 105 58.09 -14.56 12.81
C GLN K 105 57.37 -15.46 13.81
N THR K 106 56.73 -16.53 13.31
CA THR K 106 56.02 -17.44 14.21
C THR K 106 56.97 -18.11 15.19
N LEU K 107 58.12 -18.57 14.70
CA LEU K 107 59.08 -19.24 15.57
C LEU K 107 59.66 -18.28 16.60
N GLY K 108 59.94 -17.04 16.21
CA GLY K 108 60.41 -16.06 17.17
C GLY K 108 59.39 -15.76 18.24
N THR K 109 58.12 -15.61 17.85
CA THR K 109 57.07 -15.35 18.83
C THR K 109 56.91 -16.53 19.78
N ILE K 110 56.99 -17.76 19.26
CA ILE K 110 56.89 -18.94 20.11
C ILE K 110 58.06 -19.01 21.08
N PHE K 111 59.29 -18.76 20.59
CA PHE K 111 60.46 -18.82 21.44
C PHE K 111 60.43 -17.73 22.51
N THR K 112 59.80 -16.59 22.22
CA THR K 112 59.80 -15.49 23.17
C THR K 112 58.71 -15.66 24.22
N GLU K 113 57.48 -15.96 23.80
CA GLU K 113 56.32 -15.92 24.69
C GLU K 113 55.95 -17.26 25.29
N GLN K 114 56.00 -18.35 24.53
CA GLN K 114 55.53 -19.64 25.01
C GLN K 114 56.41 -20.16 26.14
N ALA K 115 55.80 -20.97 27.01
CA ALA K 115 56.53 -21.51 28.16
C ALA K 115 57.67 -22.43 27.72
N LYS K 116 57.42 -23.27 26.73
CA LYS K 116 58.43 -24.21 26.24
C LYS K 116 58.72 -23.91 24.78
N PRO K 117 59.99 -23.68 24.40
CA PRO K 117 60.31 -23.41 23.00
C PRO K 117 60.14 -24.64 22.13
N TYR K 118 59.90 -24.40 20.85
CA TYR K 118 59.75 -25.48 19.88
C TYR K 118 61.12 -26.03 19.50
N GLU K 119 61.24 -27.35 19.49
CA GLU K 119 62.48 -28.03 19.09
C GLU K 119 62.37 -28.48 17.64
N VAL K 120 62.46 -27.51 16.73
CA VAL K 120 62.28 -27.74 15.30
C VAL K 120 63.36 -27.01 14.51
N GLU K 121 63.61 -27.52 13.30
CA GLU K 121 64.46 -26.87 12.33
C GLU K 121 63.78 -26.98 10.97
N LEU K 122 63.57 -25.86 10.29
CA LEU K 122 62.77 -25.83 9.08
C LEU K 122 63.59 -25.44 7.87
N CYS K 123 63.20 -25.98 6.71
CA CYS K 123 63.82 -25.64 5.44
C CYS K 123 62.74 -25.46 4.39
N VAL K 124 62.83 -24.37 3.63
CA VAL K 124 61.89 -24.05 2.56
C VAL K 124 62.66 -23.99 1.25
N ALA K 125 62.17 -24.71 0.24
CA ALA K 125 62.82 -24.75 -1.06
C ALA K 125 61.87 -24.27 -2.14
N GLU K 126 62.40 -23.51 -3.10
CA GLU K 126 61.61 -22.99 -4.21
C GLU K 126 62.36 -23.17 -5.52
N VAL K 127 61.63 -23.53 -6.58
CA VAL K 127 62.19 -23.70 -7.91
C VAL K 127 61.52 -22.72 -8.86
N ALA K 128 62.00 -22.66 -10.10
CA ALA K 128 61.48 -21.73 -11.08
C ALA K 128 60.20 -22.25 -11.72
N HIS K 129 59.48 -21.35 -12.37
CA HIS K 129 58.25 -21.72 -13.07
C HIS K 129 58.57 -22.45 -14.36
N TYR K 130 57.54 -23.06 -14.95
CA TYR K 130 57.73 -23.83 -16.17
C TYR K 130 58.16 -22.92 -17.32
N GLY K 131 59.12 -23.40 -18.11
CA GLY K 131 59.60 -22.63 -19.23
C GLY K 131 60.52 -21.48 -18.88
N GLU K 132 61.13 -21.50 -17.69
CA GLU K 132 61.99 -20.42 -17.24
C GLU K 132 63.26 -21.01 -16.63
N THR K 133 64.31 -20.19 -16.60
CA THR K 133 65.60 -20.56 -16.04
C THR K 133 65.88 -19.69 -14.83
N LYS K 134 66.11 -20.31 -13.68
CA LYS K 134 66.38 -19.58 -12.44
C LYS K 134 66.99 -20.55 -11.43
N ARG K 135 67.89 -20.01 -10.62
CA ARG K 135 68.51 -20.82 -9.57
C ARG K 135 67.51 -21.14 -8.47
N PRO K 136 67.43 -22.39 -8.02
CA PRO K 136 66.56 -22.70 -6.87
C PRO K 136 67.02 -21.99 -5.61
N GLU K 137 66.06 -21.67 -4.75
CA GLU K 137 66.32 -20.96 -3.51
C GLU K 137 66.04 -21.85 -2.31
N LEU K 138 66.94 -21.85 -1.34
CA LEU K 138 66.82 -22.63 -0.12
C LEU K 138 66.98 -21.72 1.09
N TYR K 139 66.00 -21.76 1.99
CA TYR K 139 66.02 -20.97 3.21
C TYR K 139 65.94 -21.89 4.43
N ARG K 140 66.76 -21.59 5.43
CA ARG K 140 66.83 -22.35 6.67
C ARG K 140 66.37 -21.49 7.82
N ILE K 141 65.48 -22.03 8.66
CA ILE K 141 64.93 -21.31 9.80
C ILE K 141 65.17 -22.15 11.06
N THR K 142 65.66 -21.49 12.11
CA THR K 142 65.99 -22.13 13.37
C THR K 142 64.91 -21.87 14.40
N TYR K 143 65.13 -22.40 15.61
CA TYR K 143 64.11 -22.33 16.65
C TYR K 143 63.90 -20.91 17.16
N ASP K 144 64.97 -20.11 17.24
CA ASP K 144 64.87 -18.77 17.79
C ASP K 144 64.29 -17.76 16.80
N GLY K 145 64.14 -18.13 15.53
CA GLY K 145 63.60 -17.23 14.52
C GLY K 145 64.60 -16.74 13.51
N SER K 146 65.86 -17.14 13.61
CA SER K 146 66.86 -16.72 12.64
C SER K 146 66.58 -17.38 11.29
N ILE K 147 66.75 -16.60 10.22
CA ILE K 147 66.51 -17.05 8.86
C ILE K 147 67.77 -16.82 8.04
N ALA K 148 68.19 -17.84 7.30
CA ALA K 148 69.39 -17.77 6.48
C ALA K 148 69.10 -18.34 5.09
N ASP K 149 69.90 -17.89 4.12
CA ASP K 149 69.81 -18.35 2.74
C ASP K 149 71.02 -19.20 2.40
N GLU K 150 70.77 -20.40 1.89
CA GLU K 150 71.82 -21.35 1.55
C GLU K 150 71.83 -21.61 0.04
N PRO K 151 72.97 -21.44 -0.62
CA PRO K 151 72.99 -21.56 -2.08
C PRO K 151 73.13 -22.99 -2.59
N HIS K 152 73.72 -23.88 -1.79
CA HIS K 152 74.09 -25.21 -2.27
C HIS K 152 73.28 -26.33 -1.61
N PHE K 153 73.32 -26.43 -0.28
CA PHE K 153 72.65 -27.54 0.39
C PHE K 153 72.30 -27.14 1.81
N VAL K 154 71.35 -27.88 2.39
CA VAL K 154 70.94 -27.70 3.78
C VAL K 154 70.97 -29.05 4.49
N VAL K 155 71.57 -29.10 5.66
CA VAL K 155 71.61 -30.30 6.50
C VAL K 155 71.09 -29.90 7.87
N MET K 156 70.05 -30.59 8.36
CA MET K 156 69.46 -30.30 9.66
C MET K 156 69.32 -31.56 10.48
N GLY K 157 69.37 -31.38 11.81
CA GLY K 157 69.09 -32.46 12.73
C GLY K 157 70.27 -33.35 13.04
N GLY K 158 70.38 -33.78 14.29
CA GLY K 158 71.47 -34.63 14.74
C GLY K 158 72.83 -33.96 14.67
N THR K 159 73.85 -34.79 14.50
CA THR K 159 75.23 -34.31 14.34
C THR K 159 75.48 -34.06 12.86
N THR K 160 75.45 -32.78 12.48
CA THR K 160 75.53 -32.41 11.08
C THR K 160 76.95 -32.16 10.59
N GLU K 161 77.93 -32.07 11.50
CA GLU K 161 79.29 -31.74 11.08
C GLU K 161 79.90 -32.76 10.13
N PRO K 162 79.90 -34.07 10.42
CA PRO K 162 80.45 -35.01 9.42
C PRO K 162 79.66 -35.00 8.13
N ILE K 163 78.34 -34.88 8.19
CA ILE K 163 77.54 -34.86 6.97
C ILE K 163 77.85 -33.61 6.16
N ALA K 164 77.99 -32.47 6.84
CA ALA K 164 78.30 -31.23 6.15
C ALA K 164 79.67 -31.29 5.49
N ASN K 165 80.65 -31.86 6.20
CA ASN K 165 81.99 -31.99 5.62
C ASN K 165 81.98 -32.90 4.41
N ALA K 166 81.29 -34.04 4.50
CA ALA K 166 81.23 -34.97 3.38
C ALA K 166 80.54 -34.32 2.18
N LEU K 167 79.43 -33.62 2.41
CA LEU K 167 78.74 -32.94 1.33
C LEU K 167 79.60 -31.86 0.70
N LYS K 168 80.32 -31.09 1.53
CA LYS K 168 81.17 -30.02 0.99
C LYS K 168 82.29 -30.61 0.15
N GLU K 169 82.89 -31.72 0.60
CA GLU K 169 83.96 -32.31 -0.19
C GLU K 169 83.45 -33.00 -1.44
N SER K 170 82.20 -33.48 -1.43
CA SER K 170 81.67 -34.27 -2.53
C SER K 170 80.65 -33.55 -3.40
N TYR K 171 80.29 -32.31 -3.07
CA TYR K 171 79.26 -31.61 -3.84
C TYR K 171 79.76 -31.30 -5.25
N ALA K 172 78.89 -31.53 -6.22
CA ALA K 172 79.16 -31.22 -7.62
C ALA K 172 77.95 -30.53 -8.23
N GLU K 173 78.17 -29.38 -8.85
CA GLU K 173 77.09 -28.60 -9.44
C GLU K 173 76.60 -29.24 -10.73
N ASN K 174 75.32 -29.01 -11.04
CA ASN K 174 74.69 -29.52 -12.26
C ASN K 174 74.80 -31.03 -12.36
N ALA K 175 74.65 -31.72 -11.23
CA ALA K 175 74.72 -33.17 -11.20
C ALA K 175 73.39 -33.78 -11.64
N SER K 176 73.43 -35.08 -11.94
CA SER K 176 72.23 -35.80 -12.32
C SER K 176 71.47 -36.26 -11.08
N LEU K 177 70.28 -36.82 -11.31
CA LEU K 177 69.44 -37.28 -10.20
C LEU K 177 70.07 -38.46 -9.48
N THR K 178 70.53 -39.47 -10.24
CA THR K 178 71.10 -40.65 -9.61
C THR K 178 72.39 -40.32 -8.87
N ASP K 179 73.25 -39.51 -9.49
CA ASP K 179 74.51 -39.14 -8.84
C ASP K 179 74.27 -38.34 -7.57
N ALA K 180 73.34 -37.38 -7.62
CA ALA K 180 73.02 -36.59 -6.43
C ALA K 180 72.43 -37.47 -5.33
N LEU K 181 71.55 -38.40 -5.70
CA LEU K 181 70.97 -39.30 -4.70
C LEU K 181 72.03 -40.16 -4.05
N ARG K 182 72.95 -40.72 -4.85
CA ARG K 182 74.01 -41.55 -4.30
C ARG K 182 74.93 -40.74 -3.40
N ILE K 183 75.25 -39.50 -3.82
CA ILE K 183 76.12 -38.65 -3.01
C ILE K 183 75.46 -38.31 -1.68
N ALA K 184 74.16 -37.97 -1.72
CA ALA K 184 73.44 -37.67 -0.49
C ALA K 184 73.37 -38.88 0.43
N VAL K 185 73.14 -40.06 -0.13
CA VAL K 185 73.07 -41.28 0.68
C VAL K 185 74.42 -41.57 1.32
N ALA K 186 75.51 -41.43 0.55
CA ALA K 186 76.84 -41.64 1.11
C ALA K 186 77.14 -40.64 2.22
N ALA K 187 76.77 -39.37 2.01
CA ALA K 187 77.02 -38.36 3.04
C ALA K 187 76.22 -38.64 4.29
N LEU K 188 74.96 -39.08 4.15
CA LEU K 188 74.14 -39.37 5.31
C LEU K 188 74.61 -40.61 6.06
N ARG K 189 75.17 -41.60 5.33
CA ARG K 189 75.67 -42.79 6.00
C ARG K 189 76.81 -42.47 6.94
N ALA K 190 77.71 -41.59 6.53
CA ALA K 190 78.84 -41.21 7.35
C ALA K 190 78.41 -40.29 8.49
N LEU K 203 70.82 -48.34 4.75
CA LEU K 203 69.83 -47.40 4.22
C LEU K 203 69.29 -47.91 2.88
N GLY K 204 68.36 -48.85 2.95
CA GLY K 204 67.77 -49.45 1.77
C GLY K 204 66.45 -48.79 1.41
N VAL K 205 65.54 -49.59 0.86
CA VAL K 205 64.19 -49.09 0.58
C VAL K 205 63.51 -48.66 1.86
N ALA K 206 63.66 -49.45 2.91
CA ALA K 206 63.10 -49.10 4.22
C ALA K 206 63.94 -48.00 4.89
N SER K 207 63.29 -47.28 5.79
CA SER K 207 63.93 -46.20 6.56
C SER K 207 64.52 -45.13 5.65
N LEU K 208 63.86 -44.84 4.54
CA LEU K 208 64.30 -43.82 3.61
C LEU K 208 63.10 -43.07 3.05
N GLU K 209 63.18 -41.74 3.02
CA GLU K 209 62.15 -40.90 2.44
C GLU K 209 62.80 -39.94 1.45
N VAL K 210 62.41 -40.05 0.18
CA VAL K 210 63.00 -39.28 -0.91
C VAL K 210 61.90 -38.52 -1.64
N ALA K 211 62.10 -37.23 -1.85
CA ALA K 211 61.16 -36.41 -2.59
C ALA K 211 61.91 -35.47 -3.51
N VAL K 212 61.25 -35.01 -4.57
CA VAL K 212 61.86 -34.12 -5.54
C VAL K 212 60.88 -33.03 -5.94
N LEU K 213 61.42 -31.87 -6.29
CA LEU K 213 60.67 -30.77 -6.87
C LEU K 213 61.05 -30.70 -8.34
N ASP K 214 60.19 -31.24 -9.21
CA ASP K 214 60.53 -31.36 -10.63
C ASP K 214 60.25 -30.04 -11.34
N ALA K 215 61.32 -29.33 -11.71
CA ALA K 215 61.15 -28.05 -12.40
C ALA K 215 60.60 -28.22 -13.81
N ASN K 216 60.63 -29.43 -14.37
CA ASN K 216 60.12 -29.69 -15.70
C ASN K 216 58.63 -29.97 -15.72
N ARG K 217 58.00 -30.16 -14.56
CA ARG K 217 56.57 -30.41 -14.52
C ARG K 217 55.79 -29.13 -14.84
N PRO K 218 54.63 -29.24 -15.49
CA PRO K 218 53.89 -28.03 -15.91
C PRO K 218 53.46 -27.12 -14.77
N ARG K 219 52.67 -27.64 -13.82
CA ARG K 219 52.09 -26.81 -12.78
C ARG K 219 52.58 -27.19 -11.39
N ARG K 220 52.43 -28.45 -10.98
CA ARG K 220 52.85 -28.91 -9.67
C ARG K 220 54.16 -29.69 -9.79
N ALA K 221 55.13 -29.34 -8.96
CA ALA K 221 56.49 -29.86 -9.10
C ALA K 221 56.86 -30.92 -8.08
N PHE K 222 56.12 -31.05 -6.99
CA PHE K 222 56.48 -31.97 -5.93
C PHE K 222 56.05 -33.39 -6.28
N ARG K 223 56.96 -34.34 -6.08
CA ARG K 223 56.62 -35.75 -6.28
C ARG K 223 57.55 -36.62 -5.45
N ARG K 224 57.00 -37.74 -4.95
CA ARG K 224 57.73 -38.70 -4.13
C ARG K 224 58.24 -39.85 -4.99
N ILE K 225 59.39 -40.38 -4.60
CA ILE K 225 59.99 -41.55 -5.25
C ILE K 225 60.08 -42.65 -4.20
N THR K 226 59.16 -43.61 -4.27
CA THR K 226 59.12 -44.72 -3.32
C THR K 226 58.78 -46.00 -4.06
N GLY K 227 59.23 -47.13 -3.51
CA GLY K 227 58.93 -48.42 -4.07
C GLY K 227 60.01 -48.98 -4.96
N SER K 228 59.61 -49.59 -6.09
CA SER K 228 60.58 -50.19 -6.99
C SER K 228 61.46 -49.15 -7.65
N ALA K 229 60.90 -47.97 -7.93
CA ALA K 229 61.68 -46.91 -8.56
C ALA K 229 62.84 -46.46 -7.68
N LEU K 230 62.61 -46.37 -6.37
CA LEU K 230 63.68 -45.96 -5.46
C LEU K 230 64.81 -46.97 -5.46
N GLN K 231 64.48 -48.27 -5.45
CA GLN K 231 65.52 -49.29 -5.50
C GLN K 231 66.25 -49.27 -6.84
N ALA K 232 65.51 -49.05 -7.93
CA ALA K 232 66.15 -48.96 -9.24
C ALA K 232 67.11 -47.79 -9.32
N LEU K 233 66.75 -46.66 -8.72
CA LEU K 233 67.63 -45.50 -8.71
C LEU K 233 68.71 -45.57 -7.64
N LEU K 234 68.64 -46.53 -6.72
CA LEU K 234 69.62 -46.67 -5.66
C LEU K 234 70.73 -47.63 -6.07
N SER L 8 64.60 -5.41 42.06
CA SER L 8 64.86 -3.98 41.91
C SER L 8 64.78 -3.57 40.44
N PRO L 9 64.08 -2.46 40.17
CA PRO L 9 64.00 -1.97 38.78
C PRO L 9 65.34 -1.65 38.18
N GLU L 10 66.29 -1.14 38.97
CA GLU L 10 67.61 -0.78 38.44
C GLU L 10 68.29 -1.99 37.81
N GLN L 11 68.29 -3.13 38.50
CA GLN L 11 68.97 -4.30 37.99
C GLN L 11 68.31 -4.80 36.70
N ALA L 12 66.97 -4.78 36.65
CA ALA L 12 66.27 -5.21 35.45
C ALA L 12 66.61 -4.31 34.26
N MET L 13 66.57 -2.99 34.47
CA MET L 13 66.89 -2.07 33.38
C MET L 13 68.33 -2.24 32.93
N ARG L 14 69.26 -2.41 33.88
CA ARG L 14 70.67 -2.59 33.53
C ARG L 14 70.87 -3.88 32.73
N GLU L 15 70.22 -4.98 33.15
CA GLU L 15 70.37 -6.23 32.43
C GLU L 15 69.78 -6.15 31.03
N ARG L 16 68.61 -5.52 30.89
CA ARG L 16 68.02 -5.37 29.56
C ARG L 16 68.88 -4.51 28.66
N SER L 17 69.41 -3.40 29.19
CA SER L 17 70.30 -2.55 28.42
C SER L 17 71.56 -3.29 28.00
N GLU L 18 72.10 -4.12 28.90
CA GLU L 18 73.30 -4.89 28.55
C GLU L 18 73.00 -5.91 27.46
N LEU L 19 71.83 -6.57 27.53
CA LEU L 19 71.44 -7.51 26.48
C LEU L 19 71.32 -6.80 25.14
N ALA L 20 70.66 -5.64 25.13
CA ALA L 20 70.52 -4.89 23.88
C ALA L 20 71.87 -4.43 23.35
N ARG L 21 72.77 -4.00 24.25
CA ARG L 21 74.10 -3.57 23.83
C ARG L 21 74.89 -4.71 23.21
N LYS L 22 74.84 -5.90 23.82
CA LYS L 22 75.52 -7.05 23.23
C LYS L 22 74.94 -7.41 21.87
N GLY L 23 73.61 -7.41 21.77
CA GLY L 23 72.98 -7.72 20.49
C GLY L 23 73.36 -6.75 19.39
N ILE L 24 73.43 -5.46 19.73
CA ILE L 24 73.88 -4.46 18.76
C ILE L 24 75.35 -4.68 18.41
N ALA L 25 76.17 -4.99 19.42
CA ALA L 25 77.61 -5.09 19.20
C ALA L 25 77.99 -6.28 18.33
N ARG L 26 77.20 -7.36 18.37
CA ARG L 26 77.50 -8.55 17.59
C ARG L 26 76.91 -8.50 16.19
N ALA L 27 76.64 -7.31 15.65
CA ALA L 27 76.02 -7.14 14.34
C ALA L 27 76.97 -6.43 13.38
N LYS L 28 76.53 -6.29 12.14
CA LYS L 28 77.32 -5.62 11.11
C LYS L 28 77.10 -4.11 11.18
N SER L 29 77.71 -3.37 10.25
CA SER L 29 77.72 -1.92 10.28
C SER L 29 76.97 -1.36 9.07
N VAL L 30 76.18 -0.31 9.32
CA VAL L 30 75.46 0.42 8.29
C VAL L 30 75.84 1.89 8.41
N VAL L 31 76.05 2.55 7.27
CA VAL L 31 76.53 3.93 7.24
C VAL L 31 75.64 4.75 6.32
N ALA L 32 75.18 5.90 6.81
CA ALA L 32 74.36 6.80 6.02
C ALA L 32 75.05 8.15 5.95
N LEU L 33 75.25 8.65 4.73
CA LEU L 33 75.96 9.89 4.47
C LEU L 33 75.07 10.86 3.70
N ALA L 34 75.39 12.13 3.80
CA ALA L 34 74.69 13.19 3.08
C ALA L 34 75.65 13.82 2.08
N TYR L 35 75.27 13.81 0.80
CA TYR L 35 76.05 14.40 -0.27
C TYR L 35 75.17 15.35 -1.07
N ALA L 36 75.77 15.99 -2.07
CA ALA L 36 75.07 17.02 -2.84
C ALA L 36 73.79 16.50 -3.48
N GLY L 37 73.79 15.24 -3.94
CA GLY L 37 72.60 14.68 -4.55
C GLY L 37 71.56 14.16 -3.58
N GLY L 38 71.88 14.06 -2.31
CA GLY L 38 70.92 13.60 -1.33
C GLY L 38 71.52 12.77 -0.21
N VAL L 39 70.99 11.57 -0.01
CA VAL L 39 71.43 10.66 1.04
C VAL L 39 71.87 9.34 0.44
N LEU L 40 72.97 8.81 0.94
CA LEU L 40 73.55 7.55 0.47
C LEU L 40 73.63 6.56 1.63
N PHE L 41 73.10 5.36 1.41
CA PHE L 41 73.15 4.27 2.40
C PHE L 41 74.08 3.18 1.90
N VAL L 42 75.03 2.77 2.76
CA VAL L 42 75.98 1.72 2.45
C VAL L 42 75.98 0.71 3.59
N ALA L 43 75.79 -0.57 3.24
CA ALA L 43 75.80 -1.65 4.22
C ALA L 43 76.58 -2.82 3.66
N GLU L 44 77.08 -3.66 4.56
CA GLU L 44 77.78 -4.89 4.19
C GLU L 44 76.82 -6.06 4.36
N ASN L 45 76.25 -6.51 3.25
CA ASN L 45 75.27 -7.60 3.28
C ASN L 45 75.54 -8.58 2.14
N PRO L 46 75.93 -9.82 2.45
CA PRO L 46 76.20 -10.77 1.36
C PRO L 46 74.94 -11.28 0.68
N SER L 47 73.86 -11.47 1.42
CA SER L 47 72.64 -12.03 0.86
C SER L 47 71.98 -11.06 -0.11
N ARG L 48 71.47 -11.58 -1.22
CA ARG L 48 70.75 -10.79 -2.21
C ARG L 48 69.25 -10.82 -2.03
N SER L 49 68.74 -11.58 -1.06
CA SER L 49 67.30 -11.67 -0.83
C SER L 49 66.84 -10.90 0.39
N LEU L 50 67.68 -10.78 1.41
CA LEU L 50 67.34 -10.04 2.62
C LEU L 50 68.03 -8.68 2.57
N GLN L 51 67.24 -7.62 2.73
CA GLN L 51 67.71 -6.26 2.56
C GLN L 51 67.58 -5.49 3.87
N LYS L 52 68.52 -4.56 4.09
CA LYS L 52 68.53 -3.72 5.27
C LYS L 52 68.16 -2.27 5.02
N ILE L 53 68.20 -1.82 3.75
CA ILE L 53 67.85 -0.46 3.37
C ILE L 53 66.57 -0.51 2.55
N SER L 54 65.62 0.35 2.88
CA SER L 54 64.32 0.32 2.23
C SER L 54 63.78 1.73 2.08
N GLU L 55 62.68 1.83 1.34
CA GLU L 55 61.98 3.09 1.10
C GLU L 55 60.69 3.09 1.90
N LEU L 56 60.42 4.20 2.59
CA LEU L 56 59.20 4.36 3.37
C LEU L 56 58.12 5.13 2.62
N TYR L 57 58.49 6.22 1.97
CA TYR L 57 57.55 7.04 1.22
C TYR L 57 58.30 7.67 0.05
N ASP L 58 57.72 8.73 -0.52
CA ASP L 58 58.28 9.33 -1.72
C ASP L 58 59.69 9.86 -1.49
N ARG L 59 59.91 10.54 -0.36
CA ARG L 59 61.21 11.14 -0.06
C ARG L 59 61.76 10.69 1.28
N VAL L 60 61.38 9.52 1.76
CA VAL L 60 61.81 9.01 3.06
C VAL L 60 62.50 7.67 2.86
N GLY L 61 63.62 7.48 3.55
CA GLY L 61 64.36 6.24 3.47
C GLY L 61 64.65 5.69 4.85
N PHE L 62 64.71 4.36 4.94
CA PHE L 62 64.82 3.66 6.21
C PHE L 62 66.03 2.74 6.18
N ALA L 63 66.82 2.77 7.25
CA ALA L 63 67.95 1.86 7.42
C ALA L 63 67.90 1.28 8.82
N ALA L 64 68.40 0.05 8.96
CA ALA L 64 68.32 -0.67 10.22
C ALA L 64 69.53 -1.56 10.40
N ALA L 65 69.91 -1.77 11.67
CA ALA L 65 70.96 -2.68 12.04
C ALA L 65 70.49 -3.57 13.19
N GLY L 66 70.78 -4.86 13.10
CA GLY L 66 70.38 -5.81 14.12
C GLY L 66 69.79 -7.10 13.59
N LYS L 67 68.75 -7.60 14.25
CA LYS L 67 68.11 -8.83 13.83
C LYS L 67 67.10 -8.54 12.72
N PHE L 68 67.17 -9.31 11.64
CA PHE L 68 66.35 -9.03 10.46
C PHE L 68 64.86 -9.11 10.77
N ASN L 69 64.44 -10.19 11.41
CA ASN L 69 63.02 -10.37 11.73
C ASN L 69 62.51 -9.35 12.74
N GLU L 70 63.39 -8.63 13.42
CA GLU L 70 62.96 -7.63 14.39
C GLU L 70 62.70 -6.27 13.76
N PHE L 71 63.53 -5.83 12.81
CA PHE L 71 63.27 -4.55 12.16
C PHE L 71 62.43 -4.68 10.88
N ASP L 72 62.23 -5.89 10.37
CA ASP L 72 61.30 -6.06 9.25
C ASP L 72 59.88 -5.66 9.64
N ASN L 73 59.46 -6.05 10.84
CA ASN L 73 58.13 -5.67 11.34
C ASN L 73 58.03 -4.15 11.50
N LEU L 74 59.08 -3.51 12.01
CA LEU L 74 59.09 -2.06 12.16
C LEU L 74 58.97 -1.37 10.80
N ARG L 75 59.70 -1.87 9.80
CA ARG L 75 59.60 -1.31 8.46
C ARG L 75 58.19 -1.43 7.89
N ARG L 76 57.57 -2.60 8.06
CA ARG L 76 56.21 -2.77 7.56
C ARG L 76 55.23 -1.82 8.26
N GLY L 77 55.37 -1.67 9.59
CA GLY L 77 54.52 -0.74 10.30
C GLY L 77 54.69 0.69 9.86
N GLY L 78 55.93 1.10 9.59
CA GLY L 78 56.17 2.44 9.11
C GLY L 78 55.53 2.71 7.76
N ILE L 79 55.63 1.72 6.85
CA ILE L 79 54.97 1.87 5.55
C ILE L 79 53.46 2.00 5.71
N GLN L 80 52.88 1.20 6.62
CA GLN L 80 51.43 1.29 6.85
C GLN L 80 51.04 2.68 7.36
N PHE L 81 51.79 3.20 8.33
CA PHE L 81 51.49 4.53 8.88
C PHE L 81 51.57 5.59 7.77
N ALA L 82 52.62 5.54 6.95
CA ALA L 82 52.80 6.56 5.93
C ALA L 82 51.70 6.52 4.88
N ASP L 83 51.31 5.32 4.43
CA ASP L 83 50.26 5.26 3.41
C ASP L 83 48.92 5.68 3.97
N THR L 84 48.60 5.30 5.21
CA THR L 84 47.31 5.71 5.77
C THR L 84 47.27 7.22 5.99
N ARG L 85 48.38 7.83 6.44
CA ARG L 85 48.39 9.28 6.62
C ARG L 85 48.33 10.00 5.28
N GLY L 86 49.02 9.49 4.26
CA GLY L 86 48.98 10.12 2.96
C GLY L 86 47.59 10.10 2.35
N TYR L 87 46.88 8.98 2.50
CA TYR L 87 45.49 8.95 2.03
C TYR L 87 44.58 9.78 2.93
N ALA L 88 44.92 9.93 4.21
CA ALA L 88 44.06 10.67 5.13
C ALA L 88 44.01 12.15 4.79
N TYR L 89 45.16 12.79 4.61
CA TYR L 89 45.22 14.22 4.35
C TYR L 89 45.76 14.54 2.96
N ASP L 90 47.00 14.15 2.67
CA ASP L 90 47.67 14.43 1.40
C ASP L 90 49.03 13.77 1.40
N ARG L 91 49.62 13.64 0.21
CA ARG L 91 50.95 13.07 0.08
C ARG L 91 52.03 14.03 0.56
N ARG L 92 51.80 15.34 0.44
CA ARG L 92 52.80 16.32 0.83
C ARG L 92 52.76 16.67 2.31
N ASP L 93 51.85 16.07 3.08
CA ASP L 93 51.75 16.31 4.51
C ASP L 93 52.47 15.25 5.33
N VAL L 94 53.29 14.41 4.70
CA VAL L 94 54.01 13.34 5.37
C VAL L 94 55.47 13.72 5.45
N THR L 95 56.04 13.68 6.66
CA THR L 95 57.42 14.03 6.90
C THR L 95 58.09 12.93 7.71
N GLY L 96 59.42 12.96 7.72
CA GLY L 96 60.19 11.93 8.42
C GLY L 96 60.19 12.07 9.92
N ARG L 97 59.94 13.28 10.44
CA ARG L 97 59.92 13.48 11.88
C ARG L 97 58.78 12.71 12.54
N GLN L 98 57.61 12.68 11.89
CA GLN L 98 56.50 11.90 12.43
C GLN L 98 56.82 10.41 12.47
N LEU L 99 57.45 9.89 11.42
CA LEU L 99 57.85 8.50 11.40
C LEU L 99 58.87 8.20 12.49
N ALA L 100 59.84 9.11 12.68
CA ALA L 100 60.83 8.93 13.74
C ALA L 100 60.18 8.93 15.12
N ASN L 101 59.22 9.82 15.34
CA ASN L 101 58.51 9.84 16.63
C ASN L 101 57.73 8.56 16.86
N VAL L 102 57.07 8.06 15.81
CA VAL L 102 56.31 6.82 15.94
C VAL L 102 57.25 5.66 16.27
N TYR L 103 58.39 5.61 15.58
CA TYR L 103 59.37 4.56 15.86
C TYR L 103 59.91 4.65 17.28
N ALA L 104 60.16 5.87 17.76
CA ALA L 104 60.66 6.04 19.12
C ALA L 104 59.62 5.58 20.14
N GLN L 105 58.36 5.93 19.94
CA GLN L 105 57.31 5.49 20.85
C GLN L 105 57.18 3.97 20.86
N THR L 106 57.19 3.35 19.67
CA THR L 106 57.06 1.90 19.59
C THR L 106 58.24 1.20 20.26
N LEU L 107 59.46 1.69 20.03
CA LEU L 107 60.64 1.07 20.62
C LEU L 107 60.65 1.24 22.14
N GLY L 108 60.23 2.42 22.63
CA GLY L 108 60.13 2.60 24.07
C GLY L 108 59.12 1.67 24.70
N THR L 109 57.95 1.53 24.07
CA THR L 109 56.94 0.62 24.60
C THR L 109 57.42 -0.82 24.61
N ILE L 110 58.13 -1.24 23.54
CA ILE L 110 58.67 -2.59 23.49
C ILE L 110 59.72 -2.80 24.57
N PHE L 111 60.61 -1.83 24.74
CA PHE L 111 61.67 -1.96 25.75
C PHE L 111 61.09 -1.97 27.16
N THR L 112 59.95 -1.30 27.37
CA THR L 112 59.38 -1.22 28.71
C THR L 112 58.55 -2.46 29.04
N GLU L 113 57.66 -2.87 28.15
CA GLU L 113 56.65 -3.88 28.45
C GLU L 113 57.05 -5.29 28.03
N GLN L 114 57.65 -5.46 26.85
CA GLN L 114 57.92 -6.79 26.32
C GLN L 114 58.96 -7.52 27.19
N ALA L 115 58.87 -8.85 27.17
CA ALA L 115 59.78 -9.66 27.98
C ALA L 115 61.23 -9.51 27.52
N LYS L 116 61.45 -9.48 26.20
CA LYS L 116 62.78 -9.37 25.64
C LYS L 116 62.88 -8.10 24.80
N PRO L 117 63.83 -7.21 25.08
CA PRO L 117 63.93 -5.98 24.28
C PRO L 117 64.43 -6.27 22.87
N TYR L 118 64.08 -5.36 21.96
CA TYR L 118 64.52 -5.48 20.57
C TYR L 118 65.96 -5.04 20.44
N GLU L 119 66.75 -5.82 19.71
CA GLU L 119 68.15 -5.50 19.45
C GLU L 119 68.27 -4.89 18.05
N VAL L 120 67.84 -3.63 17.96
CA VAL L 120 67.79 -2.91 16.68
C VAL L 120 68.31 -1.49 16.86
N GLU L 121 68.78 -0.93 15.75
CA GLU L 121 69.17 0.47 15.66
C GLU L 121 68.63 1.02 14.35
N LEU L 122 67.85 2.10 14.41
CA LEU L 122 67.13 2.59 13.24
C LEU L 122 67.62 3.97 12.81
N CYS L 123 67.56 4.22 11.51
CA CYS L 123 67.89 5.52 10.94
C CYS L 123 66.87 5.90 9.89
N VAL L 124 66.37 7.13 9.97
CA VAL L 124 65.38 7.66 9.03
C VAL L 124 65.99 8.86 8.33
N ALA L 125 65.93 8.87 7.00
CA ALA L 125 66.50 9.96 6.21
C ALA L 125 65.42 10.60 5.35
N GLU L 126 65.46 11.92 5.23
CA GLU L 126 64.51 12.66 4.42
C GLU L 126 65.23 13.71 3.58
N VAL L 127 64.77 13.88 2.34
CA VAL L 127 65.33 14.88 1.43
C VAL L 127 64.24 15.86 1.04
N ALA L 128 64.61 16.90 0.29
CA ALA L 128 63.66 17.94 -0.09
C ALA L 128 62.83 17.50 -1.30
N HIS L 129 61.74 18.22 -1.52
CA HIS L 129 60.87 17.96 -2.65
C HIS L 129 61.52 18.46 -3.95
N TYR L 130 60.94 18.05 -5.07
CA TYR L 130 61.49 18.43 -6.37
C TYR L 130 61.38 19.94 -6.58
N GLY L 131 62.43 20.53 -7.13
CA GLY L 131 62.43 21.96 -7.38
C GLY L 131 62.62 22.83 -6.16
N GLU L 132 63.17 22.27 -5.07
CA GLU L 132 63.35 23.01 -3.83
C GLU L 132 64.74 22.75 -3.27
N THR L 133 65.21 23.68 -2.44
CA THR L 133 66.51 23.57 -1.79
C THR L 133 66.30 23.46 -0.29
N LYS L 134 66.84 22.39 0.30
CA LYS L 134 66.71 22.16 1.73
C LYS L 134 67.74 21.12 2.15
N ARG L 135 68.24 21.27 3.37
CA ARG L 135 69.21 20.34 3.91
C ARG L 135 68.53 19.01 4.23
N PRO L 136 69.12 17.87 3.83
CA PRO L 136 68.56 16.58 4.23
C PRO L 136 68.60 16.39 5.74
N GLU L 137 67.63 15.65 6.24
CA GLU L 137 67.48 15.40 7.67
C GLU L 137 67.72 13.92 7.98
N LEU L 138 68.50 13.65 9.02
CA LEU L 138 68.82 12.29 9.45
C LEU L 138 68.50 12.15 10.93
N TYR L 139 67.69 11.13 11.27
CA TYR L 139 67.30 10.85 12.63
C TYR L 139 67.74 9.44 13.00
N ARG L 140 68.30 9.30 14.21
CA ARG L 140 68.77 8.02 14.73
C ARG L 140 67.93 7.64 15.95
N ILE L 141 67.47 6.39 15.97
CA ILE L 141 66.63 5.86 17.05
C ILE L 141 67.29 4.61 17.61
N THR L 142 67.38 4.54 18.93
CA THR L 142 68.01 3.43 19.63
C THR L 142 66.96 2.49 20.20
N TYR L 143 67.44 1.44 20.88
CA TYR L 143 66.54 0.40 21.37
C TYR L 143 65.63 0.89 22.48
N ASP L 144 66.14 1.78 23.34
CA ASP L 144 65.37 2.23 24.49
C ASP L 144 64.33 3.29 24.13
N GLY L 145 64.37 3.83 22.91
CA GLY L 145 63.43 4.85 22.48
C GLY L 145 64.02 6.23 22.33
N SER L 146 65.31 6.42 22.61
CA SER L 146 65.93 7.72 22.43
C SER L 146 66.02 8.08 20.95
N ILE L 147 65.74 9.35 20.64
CA ILE L 147 65.75 9.85 19.27
C ILE L 147 66.70 11.04 19.21
N ALA L 148 67.58 11.05 18.21
CA ALA L 148 68.56 12.10 18.04
C ALA L 148 68.59 12.53 16.58
N ASP L 149 69.04 13.77 16.36
CA ASP L 149 69.18 14.34 15.03
C ASP L 149 70.65 14.51 14.70
N GLU L 150 71.05 13.99 13.55
CA GLU L 150 72.44 14.01 13.11
C GLU L 150 72.56 14.84 11.83
N PRO L 151 73.44 15.84 11.80
CA PRO L 151 73.51 16.73 10.64
C PRO L 151 74.36 16.21 9.49
N HIS L 152 75.34 15.35 9.79
CA HIS L 152 76.33 14.95 8.79
C HIS L 152 76.24 13.49 8.40
N PHE L 153 76.35 12.56 9.35
CA PHE L 153 76.36 11.15 9.01
C PHE L 153 75.87 10.33 10.19
N VAL L 154 75.46 9.10 9.89
CA VAL L 154 75.02 8.15 10.91
C VAL L 154 75.76 6.83 10.69
N VAL L 155 76.31 6.26 11.76
CA VAL L 155 76.97 4.96 11.71
C VAL L 155 76.35 4.10 12.81
N MET L 156 75.82 2.93 12.42
CA MET L 156 75.18 2.03 13.38
C MET L 156 75.73 0.62 13.25
N GLY L 157 75.70 -0.12 14.36
CA GLY L 157 76.03 -1.52 14.36
C GLY L 157 77.51 -1.82 14.49
N GLY L 158 77.84 -2.89 15.22
CA GLY L 158 79.21 -3.28 15.44
C GLY L 158 80.02 -2.26 16.21
N THR L 159 81.33 -2.27 15.96
CA THR L 159 82.26 -1.33 16.57
C THR L 159 82.32 -0.09 15.69
N THR L 160 81.62 0.98 16.10
CA THR L 160 81.48 2.17 15.29
C THR L 160 82.55 3.22 15.54
N GLU L 161 83.36 3.07 16.60
CA GLU L 161 84.34 4.10 16.92
C GLU L 161 85.38 4.31 15.83
N PRO L 162 86.06 3.28 15.31
CA PRO L 162 87.01 3.56 14.21
C PRO L 162 86.32 4.10 12.98
N ILE L 163 85.13 3.59 12.65
CA ILE L 163 84.44 4.10 11.47
C ILE L 163 84.04 5.55 11.68
N ALA L 164 83.55 5.89 12.88
CA ALA L 164 83.17 7.27 13.17
C ALA L 164 84.37 8.20 13.09
N ASN L 165 85.51 7.77 13.63
CA ASN L 165 86.71 8.59 13.58
C ASN L 165 87.16 8.81 12.13
N ALA L 166 87.17 7.74 11.34
CA ALA L 166 87.58 7.87 9.94
C ALA L 166 86.65 8.78 9.16
N LEU L 167 85.34 8.64 9.38
CA LEU L 167 84.38 9.50 8.70
C LEU L 167 84.55 10.96 9.13
N LYS L 168 84.77 11.19 10.43
CA LYS L 168 84.93 12.55 10.91
C LYS L 168 86.18 13.20 10.32
N GLU L 169 87.28 12.43 10.23
CA GLU L 169 88.49 12.99 9.66
C GLU L 169 88.39 13.17 8.15
N SER L 170 87.58 12.36 7.47
CA SER L 170 87.52 12.36 6.02
C SER L 170 86.27 12.99 5.44
N TYR L 171 85.31 13.42 6.26
CA TYR L 171 84.07 13.96 5.73
C TYR L 171 84.32 15.28 5.01
N ALA L 172 83.69 15.43 3.84
CA ALA L 172 83.74 16.65 3.07
C ALA L 172 82.33 17.00 2.59
N GLU L 173 81.93 18.24 2.84
CA GLU L 173 80.59 18.68 2.48
C GLU L 173 80.49 18.93 0.98
N ASN L 174 79.27 18.77 0.45
CA ASN L 174 78.98 18.99 -0.97
C ASN L 174 79.86 18.14 -1.86
N ALA L 175 80.10 16.90 -1.44
CA ALA L 175 80.92 15.97 -2.22
C ALA L 175 80.10 15.34 -3.34
N SER L 176 80.80 14.72 -4.29
CA SER L 176 80.15 14.04 -5.39
C SER L 176 79.76 12.62 -4.96
N LEU L 177 79.03 11.94 -5.86
CA LEU L 177 78.56 10.59 -5.55
C LEU L 177 79.72 9.60 -5.47
N THR L 178 80.62 9.63 -6.45
CA THR L 178 81.75 8.69 -6.46
C THR L 178 82.68 8.95 -5.28
N ASP L 179 82.99 10.21 -5.00
CA ASP L 179 83.88 10.52 -3.89
C ASP L 179 83.27 10.11 -2.56
N ALA L 180 81.98 10.37 -2.36
CA ALA L 180 81.31 9.97 -1.13
C ALA L 180 81.27 8.46 -0.99
N LEU L 181 81.00 7.75 -2.09
CA LEU L 181 80.98 6.30 -2.03
C LEU L 181 82.36 5.73 -1.68
N ARG L 182 83.41 6.27 -2.29
CA ARG L 182 84.76 5.80 -1.99
C ARG L 182 85.13 6.11 -0.55
N ILE L 183 84.76 7.29 -0.06
CA ILE L 183 85.07 7.65 1.33
C ILE L 183 84.34 6.74 2.30
N ALA L 184 83.06 6.46 2.03
CA ALA L 184 82.29 5.56 2.88
C ALA L 184 82.88 4.15 2.88
N VAL L 185 83.28 3.67 1.70
CA VAL L 185 83.88 2.33 1.60
C VAL L 185 85.19 2.26 2.38
N ALA L 186 86.03 3.29 2.24
CA ALA L 186 87.28 3.32 2.99
C ALA L 186 87.03 3.37 4.49
N ALA L 187 86.06 4.17 4.92
CA ALA L 187 85.75 4.23 6.36
C ALA L 187 85.24 2.90 6.88
N LEU L 188 84.39 2.22 6.10
CA LEU L 188 83.84 0.94 6.53
C LEU L 188 84.91 -0.15 6.55
N ARG L 189 85.88 -0.09 5.65
CA ARG L 189 86.94 -1.10 5.63
C ARG L 189 87.77 -1.05 6.91
N ALA L 190 88.06 0.15 7.40
CA ALA L 190 88.85 0.30 8.61
C ALA L 190 88.01 -0.03 9.83
N LEU L 203 85.68 -5.75 -0.06
CA LEU L 203 84.34 -5.21 -0.27
C LEU L 203 84.13 -4.87 -1.73
N GLY L 204 83.82 -5.89 -2.53
CA GLY L 204 83.61 -5.73 -3.95
C GLY L 204 82.14 -5.60 -4.30
N VAL L 205 81.78 -6.11 -5.47
CA VAL L 205 80.37 -6.15 -5.85
C VAL L 205 79.57 -6.99 -4.86
N ALA L 206 80.12 -8.13 -4.46
CA ALA L 206 79.48 -8.97 -3.47
C ALA L 206 79.63 -8.39 -2.07
N SER L 207 78.71 -8.76 -1.18
CA SER L 207 78.71 -8.33 0.21
C SER L 207 78.63 -6.81 0.33
N LEU L 208 77.90 -6.16 -0.57
CA LEU L 208 77.74 -4.71 -0.55
C LEU L 208 76.32 -4.35 -0.95
N GLU L 209 75.71 -3.45 -0.19
CA GLU L 209 74.37 -2.94 -0.50
C GLU L 209 74.42 -1.42 -0.49
N VAL L 210 74.13 -0.81 -1.64
CA VAL L 210 74.22 0.64 -1.82
C VAL L 210 72.88 1.15 -2.32
N ALA L 211 72.38 2.20 -1.67
CA ALA L 211 71.13 2.84 -2.08
C ALA L 211 71.28 4.34 -1.99
N VAL L 212 70.46 5.07 -2.77
CA VAL L 212 70.50 6.51 -2.78
C VAL L 212 69.09 7.09 -2.80
N LEU L 213 68.96 8.27 -2.22
CA LEU L 213 67.72 9.06 -2.29
C LEU L 213 68.00 10.23 -3.24
N ASP L 214 67.53 10.11 -4.48
CA ASP L 214 67.87 11.09 -5.51
C ASP L 214 66.93 12.28 -5.40
N ALA L 215 67.47 13.41 -4.92
CA ALA L 215 66.66 14.62 -4.76
C ALA L 215 66.26 15.21 -6.11
N ASN L 216 66.91 14.82 -7.20
CA ASN L 216 66.58 15.33 -8.52
C ASN L 216 65.46 14.56 -9.20
N ARG L 217 65.03 13.43 -8.64
CA ARG L 217 63.94 12.67 -9.23
C ARG L 217 62.62 13.39 -9.00
N PRO L 218 61.67 13.28 -9.95
CA PRO L 218 60.42 14.03 -9.83
C PRO L 218 59.58 13.69 -8.61
N ARG L 219 59.19 12.43 -8.45
CA ARG L 219 58.27 12.04 -7.38
C ARG L 219 58.91 11.08 -6.38
N ARG L 220 59.43 9.95 -6.84
CA ARG L 220 60.06 8.96 -5.96
C ARG L 220 61.57 9.07 -6.06
N ALA L 221 62.23 9.14 -4.92
CA ALA L 221 63.65 9.44 -4.86
C ALA L 221 64.54 8.24 -4.57
N PHE L 222 63.98 7.14 -4.06
CA PHE L 222 64.79 6.00 -3.65
C PHE L 222 65.16 5.15 -4.86
N ARG L 223 66.43 4.77 -4.96
CA ARG L 223 66.87 3.86 -6.01
C ARG L 223 68.13 3.13 -5.57
N ARG L 224 68.25 1.87 -6.00
CA ARG L 224 69.37 1.02 -5.69
C ARG L 224 70.40 1.05 -6.81
N ILE L 225 71.67 0.90 -6.44
CA ILE L 225 72.78 0.83 -7.39
C ILE L 225 73.44 -0.53 -7.18
N THR L 226 73.16 -1.48 -8.09
CA THR L 226 73.71 -2.81 -8.01
C THR L 226 74.08 -3.29 -9.41
N GLY L 227 75.06 -4.19 -9.48
CA GLY L 227 75.46 -4.77 -10.74
C GLY L 227 76.67 -4.11 -11.37
N SER L 228 76.62 -3.93 -12.69
CA SER L 228 77.76 -3.34 -13.39
C SER L 228 77.96 -1.87 -13.01
N ALA L 229 76.87 -1.16 -12.73
CA ALA L 229 76.97 0.25 -12.35
C ALA L 229 77.74 0.41 -11.05
N LEU L 230 77.50 -0.48 -10.08
CA LEU L 230 78.22 -0.39 -8.81
C LEU L 230 79.72 -0.59 -9.00
N GLN L 231 80.11 -1.55 -9.83
CA GLN L 231 81.53 -1.76 -10.10
C GLN L 231 82.12 -0.58 -10.87
N ALA L 232 81.36 0.00 -11.80
CA ALA L 232 81.84 1.15 -12.54
C ALA L 232 82.06 2.34 -11.60
N LEU L 233 81.18 2.53 -10.63
CA LEU L 233 81.32 3.62 -9.67
C LEU L 233 82.29 3.30 -8.54
N LEU L 234 82.73 2.05 -8.43
CA LEU L 234 83.66 1.66 -7.37
C LEU L 234 85.11 1.77 -7.86
N SER M 8 58.46 -5.30 50.26
CA SER M 8 57.95 -4.18 51.04
C SER M 8 57.64 -2.99 50.15
N PRO M 9 56.46 -2.38 50.33
CA PRO M 9 56.12 -1.19 49.53
C PRO M 9 57.09 -0.04 49.71
N GLU M 10 57.65 0.13 50.91
CA GLU M 10 58.58 1.24 51.15
C GLU M 10 59.78 1.16 50.23
N GLN M 11 60.38 -0.03 50.11
CA GLN M 11 61.57 -0.17 49.27
C GLN M 11 61.25 0.08 47.81
N ALA M 12 60.10 -0.39 47.33
CA ALA M 12 59.71 -0.16 45.95
C ALA M 12 59.50 1.33 45.67
N MET M 13 58.79 2.02 46.56
CA MET M 13 58.58 3.45 46.37
C MET M 13 59.90 4.21 46.42
N ARG M 14 60.78 3.86 47.35
CA ARG M 14 62.07 4.53 47.44
C ARG M 14 62.91 4.31 46.19
N GLU M 15 62.94 3.08 45.67
CA GLU M 15 63.70 2.79 44.47
C GLU M 15 63.14 3.54 43.26
N ARG M 16 61.82 3.57 43.12
CA ARG M 16 61.21 4.30 42.00
C ARG M 16 61.48 5.80 42.10
N SER M 17 61.37 6.35 43.31
CA SER M 17 61.67 7.77 43.50
C SER M 17 63.13 8.07 43.18
N GLU M 18 64.04 7.17 43.58
CA GLU M 18 65.46 7.38 43.28
C GLU M 18 65.72 7.32 41.78
N LEU M 19 65.07 6.40 41.07
CA LEU M 19 65.21 6.34 39.62
C LEU M 19 64.72 7.62 38.96
N ALA M 20 63.55 8.11 39.40
CA ALA M 20 63.02 9.35 38.83
C ALA M 20 63.93 10.52 39.14
N ARG M 21 64.49 10.57 40.36
CA ARG M 21 65.38 11.65 40.73
C ARG M 21 66.65 11.64 39.88
N LYS M 22 67.24 10.46 39.66
CA LYS M 22 68.41 10.38 38.80
C LYS M 22 68.08 10.82 37.36
N GLY M 23 66.94 10.35 36.85
CA GLY M 23 66.56 10.74 35.49
C GLY M 23 66.37 12.24 35.35
N ILE M 24 65.76 12.87 36.35
CA ILE M 24 65.61 14.32 36.33
C ILE M 24 66.97 15.00 36.44
N ALA M 25 67.85 14.47 37.29
CA ALA M 25 69.13 15.13 37.55
C ALA M 25 70.06 15.07 36.36
N ARG M 26 69.95 14.04 35.52
CA ARG M 26 70.82 13.93 34.36
C ARG M 26 70.27 14.64 33.12
N ALA M 27 69.42 15.65 33.30
CA ALA M 27 68.78 16.36 32.20
C ALA M 27 69.21 17.83 32.21
N LYS M 28 68.74 18.57 31.20
CA LYS M 28 69.06 19.99 31.07
C LYS M 28 68.09 20.82 31.91
N SER M 29 68.21 22.14 31.82
CA SER M 29 67.46 23.05 32.67
C SER M 29 66.51 23.91 31.83
N VAL M 30 65.30 24.09 32.35
CA VAL M 30 64.28 24.96 31.74
C VAL M 30 63.85 25.97 32.79
N VAL M 31 63.67 27.22 32.37
CA VAL M 31 63.36 28.32 33.29
C VAL M 31 62.17 29.09 32.75
N ALA M 32 61.18 29.32 33.62
CA ALA M 32 60.00 30.09 33.26
C ALA M 32 59.90 31.28 34.21
N LEU M 33 59.78 32.47 33.64
CA LEU M 33 59.74 33.71 34.38
C LEU M 33 58.47 34.49 34.05
N ALA M 34 58.08 35.36 34.96
CA ALA M 34 56.92 36.23 34.77
C ALA M 34 57.40 37.68 34.69
N TYR M 35 57.06 38.36 33.60
CA TYR M 35 57.41 39.75 33.39
C TYR M 35 56.15 40.53 33.03
N ALA M 36 56.32 41.84 32.83
CA ALA M 36 55.17 42.73 32.60
C ALA M 36 54.34 42.30 31.40
N GLY M 37 55.00 41.80 30.35
CA GLY M 37 54.28 41.37 29.17
C GLY M 37 53.66 39.98 29.25
N GLY M 38 54.00 39.21 30.27
CA GLY M 38 53.43 37.89 30.43
C GLY M 38 54.40 36.87 31.00
N VAL M 39 54.58 35.75 30.29
CA VAL M 39 55.43 34.65 30.72
C VAL M 39 56.48 34.39 29.66
N LEU M 40 57.72 34.15 30.10
CA LEU M 40 58.84 33.88 29.23
C LEU M 40 59.45 32.53 29.57
N PHE M 41 59.63 31.68 28.56
CA PHE M 41 60.24 30.37 28.70
C PHE M 41 61.60 30.36 28.02
N VAL M 42 62.63 29.93 28.75
CA VAL M 42 63.99 29.83 28.24
C VAL M 42 64.53 28.44 28.52
N ALA M 43 65.04 27.77 27.48
CA ALA M 43 65.61 26.45 27.62
C ALA M 43 66.88 26.37 26.78
N GLU M 44 67.76 25.44 27.15
CA GLU M 44 68.99 25.19 26.42
C GLU M 44 68.78 23.94 25.57
N ASN M 45 68.51 24.14 24.27
CA ASN M 45 68.26 23.04 23.36
C ASN M 45 68.97 23.27 22.03
N PRO M 46 69.96 22.44 21.69
CA PRO M 46 70.67 22.64 20.42
C PRO M 46 69.85 22.27 19.21
N SER M 47 69.03 21.22 19.29
CA SER M 47 68.28 20.75 18.14
C SER M 47 67.19 21.75 17.75
N ARG M 48 67.02 21.94 16.44
CA ARG M 48 65.98 22.81 15.90
C ARG M 48 64.72 22.07 15.52
N SER M 49 64.69 20.75 15.65
CA SER M 49 63.52 19.96 15.29
C SER M 49 62.73 19.46 16.49
N LEU M 50 63.40 19.20 17.61
CA LEU M 50 62.76 18.75 18.83
C LEU M 50 62.62 19.93 19.79
N GLN M 51 61.39 20.19 20.24
CA GLN M 51 61.09 21.36 21.05
C GLN M 51 60.59 20.93 22.43
N LYS M 52 60.91 21.76 23.43
CA LYS M 52 60.50 21.52 24.80
C LYS M 52 59.42 22.47 25.30
N ILE M 53 59.21 23.60 24.63
CA ILE M 53 58.20 24.58 24.99
C ILE M 53 57.13 24.57 23.91
N SER M 54 55.87 24.54 24.33
CA SER M 54 54.76 24.42 23.39
C SER M 54 53.56 25.22 23.88
N GLU M 55 52.56 25.32 23.02
CA GLU M 55 51.31 26.00 23.32
C GLU M 55 50.21 24.97 23.49
N LEU M 56 49.42 25.11 24.54
CA LEU M 56 48.30 24.20 24.82
C LEU M 56 46.97 24.76 24.33
N TYR M 57 46.71 26.04 24.58
CA TYR M 57 45.47 26.68 24.16
C TYR M 57 45.76 28.14 23.89
N ASP M 58 44.71 28.97 23.85
CA ASP M 58 44.86 30.37 23.48
C ASP M 58 45.79 31.12 24.43
N ARG M 59 45.64 30.89 25.74
CA ARG M 59 46.43 31.61 26.74
C ARG M 59 47.16 30.66 27.68
N VAL M 60 47.45 29.43 27.25
CA VAL M 60 48.11 28.43 28.09
C VAL M 60 49.38 27.98 27.41
N GLY M 61 50.45 27.85 28.19
CA GLY M 61 51.73 27.41 27.68
C GLY M 61 52.27 26.27 28.51
N PHE M 62 53.03 25.39 27.85
CA PHE M 62 53.50 24.14 28.43
C PHE M 62 55.01 24.06 28.30
N ALA M 63 55.68 23.69 29.39
CA ALA M 63 57.12 23.44 29.38
C ALA M 63 57.41 22.13 30.09
N ALA M 64 58.46 21.45 29.66
CA ALA M 64 58.79 20.14 30.20
C ALA M 64 60.29 19.93 30.22
N ALA M 65 60.73 19.13 31.19
CA ALA M 65 62.12 18.71 31.30
C ALA M 65 62.19 17.21 31.51
N GLY M 66 63.11 16.55 30.81
CA GLY M 66 63.27 15.11 30.92
C GLY M 66 63.43 14.40 29.59
N LYS M 67 62.81 13.23 29.45
CA LYS M 67 62.91 12.47 28.22
C LYS M 67 61.88 12.98 27.22
N PHE M 68 62.32 13.22 25.98
CA PHE M 68 61.47 13.85 24.98
C PHE M 68 60.23 13.00 24.67
N ASN M 69 60.44 11.71 24.40
CA ASN M 69 59.33 10.83 24.07
C ASN M 69 58.38 10.61 25.23
N GLU M 70 58.76 10.98 26.45
CA GLU M 70 57.88 10.81 27.60
C GLU M 70 56.94 11.99 27.80
N PHE M 71 57.41 13.22 27.61
CA PHE M 71 56.52 14.37 27.75
C PHE M 71 55.86 14.78 26.45
N ASP M 72 56.31 14.26 25.30
CA ASP M 72 55.58 14.53 24.06
C ASP M 72 54.17 13.96 24.10
N ASN M 73 54.03 12.74 24.65
CA ASN M 73 52.71 12.14 24.80
C ASN M 73 51.83 12.96 25.74
N LEU M 74 52.40 13.46 26.83
CA LEU M 74 51.65 14.29 27.77
C LEU M 74 51.18 15.57 27.09
N ARG M 75 52.05 16.20 26.30
CA ARG M 75 51.66 17.41 25.57
C ARG M 75 50.51 17.14 24.61
N ARG M 76 50.58 16.03 23.87
CA ARG M 76 49.50 15.70 22.94
C ARG M 76 48.19 15.47 23.68
N GLY M 77 48.25 14.75 24.81
CA GLY M 77 47.05 14.52 25.59
C GLY M 77 46.43 15.80 26.12
N GLY M 78 47.29 16.73 26.57
CA GLY M 78 46.78 18.01 27.05
C GLY M 78 46.09 18.81 25.97
N ILE M 79 46.66 18.82 24.75
CA ILE M 79 46.01 19.50 23.64
C ILE M 79 44.66 18.86 23.34
N GLN M 80 44.59 17.54 23.36
CA GLN M 80 43.31 16.86 23.11
C GLN M 80 42.26 17.26 24.14
N PHE M 81 42.63 17.25 25.43
CA PHE M 81 41.69 17.62 26.48
C PHE M 81 41.20 19.05 26.28
N ALA M 82 42.12 19.98 25.98
CA ALA M 82 41.73 21.38 25.85
C ALA M 82 40.79 21.60 24.66
N ASP M 83 41.07 20.98 23.52
CA ASP M 83 40.21 21.19 22.37
C ASP M 83 38.84 20.55 22.57
N THR M 84 38.78 19.37 23.18
CA THR M 84 37.48 18.76 23.41
C THR M 84 36.66 19.56 24.42
N ARG M 85 37.29 20.09 25.48
CA ARG M 85 36.55 20.90 26.43
C ARG M 85 36.11 22.23 25.81
N GLY M 86 36.96 22.85 24.99
CA GLY M 86 36.56 24.08 24.34
C GLY M 86 35.38 23.91 23.40
N TYR M 87 35.37 22.82 22.65
CA TYR M 87 34.19 22.54 21.82
C TYR M 87 32.99 22.13 22.65
N ALA M 88 33.23 21.52 23.82
CA ALA M 88 32.12 21.05 24.65
C ALA M 88 31.29 22.20 25.21
N TYR M 89 31.95 23.18 25.83
CA TYR M 89 31.25 24.29 26.45
C TYR M 89 31.52 25.63 25.78
N ASP M 90 32.78 26.05 25.74
CA ASP M 90 33.18 27.34 25.17
C ASP M 90 34.70 27.46 25.25
N ARG M 91 35.24 28.41 24.48
CA ARG M 91 36.68 28.65 24.50
C ARG M 91 37.12 29.37 25.77
N ARG M 92 36.24 30.20 26.34
CA ARG M 92 36.58 30.98 27.53
C ARG M 92 36.38 30.21 28.83
N ASP M 93 35.93 28.96 28.76
CA ASP M 93 35.73 28.13 29.94
C ASP M 93 36.91 27.20 30.21
N VAL M 94 38.03 27.40 29.53
CA VAL M 94 39.22 26.57 29.66
C VAL M 94 40.27 27.34 30.43
N THR M 95 40.78 26.75 31.51
CA THR M 95 41.79 27.36 32.35
C THR M 95 42.95 26.40 32.56
N GLY M 96 44.07 26.94 33.03
CA GLY M 96 45.27 26.14 33.23
C GLY M 96 45.20 25.23 34.45
N ARG M 97 44.37 25.57 35.43
CA ARG M 97 44.27 24.74 36.63
C ARG M 97 43.70 23.36 36.31
N GLN M 98 42.72 23.29 35.42
CA GLN M 98 42.17 22.00 35.01
C GLN M 98 43.23 21.15 34.31
N LEU M 99 44.02 21.77 33.43
CA LEU M 99 45.10 21.04 32.76
C LEU M 99 46.13 20.55 33.76
N ALA M 100 46.49 21.39 34.73
CA ALA M 100 47.44 20.97 35.76
C ALA M 100 46.90 19.80 36.58
N ASN M 101 45.61 19.85 36.93
CA ASN M 101 45.02 18.74 37.68
C ASN M 101 45.01 17.45 36.86
N VAL M 102 44.70 17.55 35.56
CA VAL M 102 44.71 16.37 34.72
C VAL M 102 46.11 15.79 34.62
N TYR M 103 47.11 16.66 34.46
CA TYR M 103 48.49 16.20 34.40
C TYR M 103 48.91 15.54 35.70
N ALA M 104 48.52 16.11 36.84
CA ALA M 104 48.86 15.52 38.13
C ALA M 104 48.24 14.14 38.28
N GLN M 105 46.96 14.00 37.91
CA GLN M 105 46.32 12.69 38.00
C GLN M 105 46.99 11.67 37.10
N THR M 106 47.30 12.05 35.86
CA THR M 106 47.96 11.13 34.93
C THR M 106 49.33 10.71 35.44
N LEU M 107 50.11 11.67 35.95
CA LEU M 107 51.44 11.35 36.44
C LEU M 107 51.38 10.47 37.68
N GLY M 108 50.42 10.72 38.58
CA GLY M 108 50.26 9.86 39.73
C GLY M 108 49.88 8.45 39.35
N THR M 109 48.97 8.30 38.39
CA THR M 109 48.57 6.97 37.94
C THR M 109 49.74 6.24 37.29
N ILE M 110 50.54 6.95 36.50
CA ILE M 110 51.71 6.34 35.87
C ILE M 110 52.72 5.91 36.91
N PHE M 111 52.99 6.78 37.90
CA PHE M 111 53.96 6.45 38.93
C PHE M 111 53.50 5.28 39.80
N THR M 112 52.18 5.12 39.95
CA THR M 112 51.67 4.06 40.82
C THR M 112 51.61 2.72 40.09
N GLU M 113 51.04 2.70 38.89
CA GLU M 113 50.72 1.44 38.21
C GLU M 113 51.78 0.99 37.22
N GLN M 114 52.37 1.89 36.45
CA GLN M 114 53.29 1.49 35.39
C GLN M 114 54.56 0.87 35.97
N ALA M 115 55.18 0.00 35.18
CA ALA M 115 56.40 -0.69 35.63
C ALA M 115 57.54 0.29 35.85
N LYS M 116 57.71 1.26 34.95
CA LYS M 116 58.78 2.24 35.04
C LYS M 116 58.18 3.63 35.15
N PRO M 117 58.53 4.40 36.18
CA PRO M 117 57.98 5.75 36.32
C PRO M 117 58.54 6.70 35.25
N TYR M 118 57.76 7.73 34.96
CA TYR M 118 58.17 8.74 33.99
C TYR M 118 59.17 9.70 34.63
N GLU M 119 60.25 9.98 33.90
CA GLU M 119 61.27 10.92 34.35
C GLU M 119 61.03 12.28 33.68
N VAL M 120 60.01 12.97 34.19
CA VAL M 120 59.58 14.24 33.61
C VAL M 120 59.29 15.24 34.72
N GLU M 121 59.38 16.52 34.36
CA GLU M 121 58.98 17.63 35.21
C GLU M 121 58.22 18.63 34.35
N LEU M 122 57.00 18.97 34.75
CA LEU M 122 56.11 19.77 33.91
C LEU M 122 55.81 21.12 34.53
N CYS M 123 55.60 22.12 33.66
CA CYS M 123 55.21 23.46 34.09
C CYS M 123 54.12 23.97 33.16
N VAL M 124 53.05 24.51 33.75
CA VAL M 124 51.93 25.07 33.02
C VAL M 124 51.81 26.54 33.38
N ALA M 125 51.75 27.41 32.36
CA ALA M 125 51.65 28.84 32.57
C ALA M 125 50.38 29.39 31.91
N GLU M 126 49.73 30.33 32.59
CA GLU M 126 48.52 30.96 32.08
C GLU M 126 48.58 32.46 32.29
N VAL M 127 48.09 33.20 31.30
CA VAL M 127 48.03 34.66 31.34
C VAL M 127 46.58 35.10 31.25
N ALA M 128 46.35 36.40 31.40
CA ALA M 128 45.00 36.95 31.38
C ALA M 128 44.50 37.13 29.95
N HIS M 129 43.18 37.30 29.82
CA HIS M 129 42.57 37.54 28.52
C HIS M 129 42.84 38.96 28.05
N TYR M 130 42.56 39.21 26.78
CA TYR M 130 42.81 40.52 26.20
C TYR M 130 41.93 41.58 26.86
N GLY M 131 42.51 42.74 27.13
CA GLY M 131 41.77 43.82 27.75
C GLY M 131 41.49 43.64 29.22
N GLU M 132 42.25 42.79 29.91
CA GLU M 132 42.04 42.52 31.33
C GLU M 132 43.37 42.55 32.06
N THR M 133 43.30 42.78 33.37
CA THR M 133 44.47 42.81 34.24
C THR M 133 44.38 41.67 35.24
N LYS M 134 45.39 40.81 35.25
CA LYS M 134 45.42 39.67 36.16
C LYS M 134 46.85 39.14 36.23
N ARG M 135 47.21 38.64 37.41
CA ARG M 135 48.54 38.08 37.61
C ARG M 135 48.65 36.75 36.87
N PRO M 136 49.74 36.51 36.13
CA PRO M 136 49.93 35.20 35.50
C PRO M 136 50.09 34.10 36.55
N GLU M 137 49.65 32.90 36.19
CA GLU M 137 49.67 31.75 37.08
C GLU M 137 50.64 30.70 36.54
N LEU M 138 51.48 30.16 37.44
CA LEU M 138 52.45 29.12 37.11
C LEU M 138 52.26 27.94 38.03
N TYR M 139 52.11 26.75 37.44
CA TYR M 139 51.95 25.51 38.18
C TYR M 139 53.06 24.54 37.81
N ARG M 140 53.63 23.88 38.82
CA ARG M 140 54.69 22.91 38.65
C ARG M 140 54.20 21.53 39.06
N ILE M 141 54.46 20.53 38.23
CA ILE M 141 54.02 19.16 38.46
C ILE M 141 55.25 18.25 38.40
N THR M 142 55.37 17.37 39.38
CA THR M 142 56.51 16.46 39.50
C THR M 142 56.10 15.05 39.05
N TYR M 143 57.06 14.13 39.12
CA TYR M 143 56.85 12.79 38.60
C TYR M 143 55.83 12.01 39.42
N ASP M 144 55.81 12.21 40.73
CA ASP M 144 54.92 11.44 41.60
C ASP M 144 53.48 11.94 41.58
N GLY M 145 53.23 13.10 40.98
CA GLY M 145 51.89 13.65 40.91
C GLY M 145 51.66 14.88 41.77
N SER M 146 52.67 15.33 42.51
CA SER M 146 52.53 16.52 43.33
C SER M 146 52.39 17.77 42.45
N ILE M 147 51.50 18.67 42.84
CA ILE M 147 51.23 19.89 42.10
C ILE M 147 51.42 21.07 43.05
N ALA M 148 52.16 22.08 42.59
CA ALA M 148 52.43 23.26 43.38
C ALA M 148 52.22 24.51 42.54
N ASP M 149 51.95 25.62 43.22
CA ASP M 149 51.75 26.92 42.58
C ASP M 149 52.92 27.84 42.93
N GLU M 150 53.53 28.42 41.90
CA GLU M 150 54.69 29.28 42.03
C GLU M 150 54.35 30.69 41.59
N PRO M 151 54.57 31.70 42.43
CA PRO M 151 54.16 33.06 42.08
C PRO M 151 55.15 33.82 41.21
N HIS M 152 56.43 33.47 41.26
CA HIS M 152 57.47 34.27 40.63
C HIS M 152 58.16 33.55 39.47
N PHE M 153 58.74 32.38 39.70
CA PHE M 153 59.48 31.70 38.65
C PHE M 153 59.50 30.21 38.91
N VAL M 154 59.79 29.44 37.85
CA VAL M 154 59.93 28.00 37.93
C VAL M 154 61.23 27.59 37.26
N VAL M 155 62.02 26.75 37.93
CA VAL M 155 63.26 26.21 37.38
C VAL M 155 63.19 24.69 37.52
N MET M 156 63.34 23.98 36.40
CA MET M 156 63.28 22.53 36.39
C MET M 156 64.48 21.93 35.67
N GLY M 157 64.84 20.72 36.09
CA GLY M 157 65.86 19.96 35.40
C GLY M 157 67.28 20.27 35.82
N GLY M 158 68.12 19.24 35.89
CA GLY M 158 69.51 19.39 36.28
C GLY M 158 69.67 19.86 37.71
N THR M 159 70.79 20.55 37.96
CA THR M 159 71.10 21.11 39.27
C THR M 159 70.49 22.51 39.32
N THR M 160 69.36 22.63 40.00
CA THR M 160 68.60 23.88 40.02
C THR M 160 68.98 24.81 41.16
N GLU M 161 69.75 24.35 42.13
CA GLU M 161 70.06 25.18 43.29
C GLU M 161 70.82 26.45 42.93
N PRO M 162 71.94 26.41 42.20
CA PRO M 162 72.59 27.68 41.83
C PRO M 162 71.71 28.57 40.99
N ILE M 163 70.94 27.98 40.05
CA ILE M 163 70.07 28.80 39.21
C ILE M 163 68.98 29.44 40.06
N ALA M 164 68.40 28.67 40.99
CA ALA M 164 67.37 29.21 41.86
C ALA M 164 67.90 30.33 42.74
N ASN M 165 69.11 30.16 43.28
CA ASN M 165 69.70 31.21 44.10
C ASN M 165 69.96 32.46 43.29
N ALA M 166 70.51 32.31 42.09
CA ALA M 166 70.79 33.48 41.25
C ALA M 166 69.49 34.20 40.87
N LEU M 167 68.45 33.44 40.51
CA LEU M 167 67.18 34.07 40.16
C LEU M 167 66.57 34.77 41.37
N LYS M 168 66.65 34.16 42.55
CA LYS M 168 66.09 34.78 43.74
C LYS M 168 66.82 36.07 44.08
N GLU M 169 68.14 36.08 43.94
CA GLU M 169 68.89 37.30 44.24
C GLU M 169 68.69 38.37 43.16
N SER M 170 68.40 37.96 41.92
CA SER M 170 68.35 38.90 40.81
C SER M 170 66.93 39.18 40.31
N TYR M 171 65.92 38.53 40.86
CA TYR M 171 64.56 38.74 40.35
C TYR M 171 64.07 40.15 40.62
N ALA M 172 63.44 40.76 39.62
CA ALA M 172 62.84 42.08 39.75
C ALA M 172 61.45 42.04 39.13
N GLU M 173 60.46 42.51 39.87
CA GLU M 173 59.09 42.50 39.41
C GLU M 173 58.86 43.60 38.38
N ASN M 174 57.90 43.37 37.49
CA ASN M 174 57.51 44.31 36.44
C ASN M 174 58.71 44.71 35.57
N ALA M 175 59.55 43.74 35.27
CA ALA M 175 60.72 43.99 34.43
C ALA M 175 60.33 43.99 32.96
N SER M 176 61.25 44.50 32.13
CA SER M 176 61.05 44.51 30.70
C SER M 176 61.44 43.18 30.08
N LEU M 177 61.18 43.04 28.78
CA LEU M 177 61.47 41.80 28.09
C LEU M 177 62.98 41.57 27.98
N THR M 178 63.73 42.59 27.57
CA THR M 178 65.17 42.45 27.40
C THR M 178 65.86 42.21 28.74
N ASP M 179 65.45 42.95 29.78
CA ASP M 179 66.07 42.77 31.09
C ASP M 179 65.78 41.39 31.65
N ALA M 180 64.54 40.92 31.51
CA ALA M 180 64.19 39.59 31.99
C ALA M 180 64.95 38.51 31.24
N LEU M 181 65.08 38.67 29.92
CA LEU M 181 65.82 37.70 29.12
C LEU M 181 67.29 37.66 29.53
N ARG M 182 67.90 38.82 29.72
CA ARG M 182 69.30 38.86 30.14
C ARG M 182 69.48 38.26 31.53
N ILE M 183 68.55 38.54 32.44
CA ILE M 183 68.64 37.99 33.79
C ILE M 183 68.50 36.47 33.76
N ALA M 184 67.55 35.97 32.97
CA ALA M 184 67.39 34.52 32.85
C ALA M 184 68.62 33.86 32.25
N VAL M 185 69.21 34.48 31.23
CA VAL M 185 70.40 33.93 30.60
C VAL M 185 71.56 33.91 31.58
N ALA M 186 71.75 34.99 32.34
CA ALA M 186 72.81 35.02 33.34
C ALA M 186 72.59 33.96 34.40
N ALA M 187 71.35 33.79 34.86
CA ALA M 187 71.06 32.77 35.87
C ALA M 187 71.32 31.37 35.34
N LEU M 188 70.95 31.11 34.09
CA LEU M 188 71.15 29.80 33.50
C LEU M 188 72.63 29.51 33.27
N ARG M 189 73.42 30.53 32.95
CA ARG M 189 74.84 30.32 32.71
C ARG M 189 75.54 29.85 33.98
N ALA M 190 75.17 30.41 35.12
CA ALA M 190 75.78 30.02 36.39
C ALA M 190 75.26 28.66 36.85
N LEU M 203 76.13 30.57 25.36
CA LEU M 203 74.70 30.53 25.07
C LEU M 203 74.32 31.62 24.09
N GLY M 204 74.58 31.38 22.81
CA GLY M 204 74.30 32.32 21.76
C GLY M 204 72.98 32.04 21.07
N VAL M 205 72.92 32.34 19.78
CA VAL M 205 71.73 32.01 19.01
C VAL M 205 71.50 30.50 19.01
N ALA M 206 72.56 29.73 18.85
CA ALA M 206 72.47 28.29 18.90
C ALA M 206 72.31 27.80 20.34
N SER M 207 71.74 26.61 20.48
CA SER M 207 71.52 25.97 21.78
C SER M 207 70.67 26.83 22.71
N LEU M 208 69.70 27.54 22.15
CA LEU M 208 68.81 28.39 22.94
C LEU M 208 67.40 28.32 22.36
N GLU M 209 66.42 28.16 23.23
CA GLU M 209 65.01 28.14 22.85
C GLU M 209 64.26 29.13 23.73
N VAL M 210 63.68 30.15 23.12
CA VAL M 210 63.00 31.24 23.82
C VAL M 210 61.58 31.36 23.29
N ALA M 211 60.61 31.41 24.20
CA ALA M 211 59.21 31.59 23.83
C ALA M 211 58.55 32.56 24.81
N VAL M 212 57.47 33.19 24.35
CA VAL M 212 56.75 34.16 25.17
C VAL M 212 55.25 33.95 25.02
N LEU M 213 54.52 34.28 26.08
CA LEU M 213 53.06 34.34 26.06
C LEU M 213 52.67 35.82 26.10
N ASP M 214 52.33 36.37 24.93
CA ASP M 214 52.09 37.81 24.83
C ASP M 214 50.67 38.13 25.28
N ALA M 215 50.54 38.75 26.46
CA ALA M 215 49.23 39.10 26.98
C ALA M 215 48.55 40.20 26.17
N ASN M 216 49.31 40.93 25.34
CA ASN M 216 48.75 41.99 24.52
C ASN M 216 48.17 41.50 23.20
N ARG M 217 48.40 40.24 22.85
CA ARG M 217 47.87 39.70 21.61
C ARG M 217 46.36 39.48 21.74
N PRO M 218 45.61 39.65 20.65
CA PRO M 218 44.14 39.56 20.75
C PRO M 218 43.61 38.20 21.19
N ARG M 219 43.94 37.14 20.46
CA ARG M 219 43.38 35.82 20.75
C ARG M 219 44.43 34.80 21.17
N ARG M 220 45.47 34.58 20.37
CA ARG M 220 46.52 33.63 20.67
C ARG M 220 47.76 34.37 21.15
N ALA M 221 48.30 33.92 22.29
CA ALA M 221 49.36 34.65 22.98
C ALA M 221 50.74 34.04 22.82
N PHE M 222 50.84 32.78 22.39
CA PHE M 222 52.13 32.10 22.32
C PHE M 222 52.87 32.51 21.05
N ARG M 223 54.16 32.84 21.19
CA ARG M 223 54.99 33.11 20.03
C ARG M 223 56.46 32.86 20.37
N ARG M 224 57.20 32.39 19.37
CA ARG M 224 58.62 32.09 19.50
C ARG M 224 59.46 33.26 19.01
N ILE M 225 60.62 33.43 19.64
CA ILE M 225 61.60 34.44 19.25
C ILE M 225 62.87 33.71 18.85
N THR M 226 63.11 33.59 17.55
CA THR M 226 64.29 32.90 17.03
C THR M 226 64.83 33.66 15.83
N GLY M 227 66.13 33.52 15.60
CA GLY M 227 66.76 34.14 14.45
C GLY M 227 67.44 35.45 14.76
N SER M 228 67.30 36.43 13.85
CA SER M 228 67.95 37.72 14.04
C SER M 228 67.37 38.48 15.22
N ALA M 229 66.06 38.32 15.47
CA ALA M 229 65.43 39.01 16.59
C ALA M 229 66.01 38.57 17.92
N LEU M 230 66.28 37.27 18.07
CA LEU M 230 66.86 36.76 19.31
C LEU M 230 68.24 37.37 19.55
N GLN M 231 69.07 37.46 18.52
CA GLN M 231 70.39 38.07 18.66
C GLN M 231 70.27 39.56 18.96
N ALA M 232 69.30 40.24 18.33
CA ALA M 232 69.11 41.66 18.60
C ALA M 232 68.68 41.90 20.04
N LEU M 233 67.84 41.02 20.58
CA LEU M 233 67.41 41.15 21.96
C LEU M 233 68.42 40.59 22.96
N LEU M 234 69.44 39.88 22.49
CA LEU M 234 70.46 39.31 23.37
C LEU M 234 71.63 40.27 23.55
N SER N 8 53.25 -13.04 54.46
CA SER N 8 52.24 -13.05 55.51
C SER N 8 51.35 -11.82 55.41
N PRO N 9 50.03 -12.02 55.49
CA PRO N 9 49.11 -10.88 55.45
C PRO N 9 49.34 -9.87 56.56
N GLU N 10 49.74 -10.32 57.75
CA GLU N 10 49.96 -9.40 58.86
C GLU N 10 51.02 -8.36 58.52
N GLN N 11 52.14 -8.81 57.96
CA GLN N 11 53.23 -7.87 57.65
C GLN N 11 52.81 -6.88 56.59
N ALA N 12 52.07 -7.33 55.57
CA ALA N 12 51.60 -6.43 54.53
C ALA N 12 50.64 -5.37 55.10
N MET N 13 49.68 -5.80 55.92
CA MET N 13 48.75 -4.85 56.51
C MET N 13 49.48 -3.86 57.42
N ARG N 14 50.43 -4.35 58.21
CA ARG N 14 51.18 -3.47 59.10
C ARG N 14 52.00 -2.45 58.31
N GLU N 15 52.66 -2.89 57.23
CA GLU N 15 53.44 -1.97 56.42
C GLU N 15 52.56 -0.93 55.75
N ARG N 16 51.41 -1.34 55.22
CA ARG N 16 50.51 -0.38 54.58
C ARG N 16 49.95 0.61 55.59
N SER N 17 49.58 0.14 56.78
CA SER N 17 49.11 1.04 57.83
C SER N 17 50.20 2.02 58.24
N GLU N 18 51.45 1.56 58.34
CA GLU N 18 52.54 2.44 58.70
C GLU N 18 52.77 3.50 57.63
N LEU N 19 52.70 3.11 56.36
CA LEU N 19 52.83 4.08 55.27
C LEU N 19 51.74 5.14 55.34
N ALA N 20 50.49 4.70 55.54
CA ALA N 20 49.39 5.65 55.65
C ALA N 20 49.55 6.57 56.85
N ARG N 21 50.02 6.01 57.97
CA ARG N 21 50.23 6.82 59.18
C ARG N 21 51.30 7.88 58.95
N LYS N 22 52.41 7.51 58.31
CA LYS N 22 53.45 8.49 58.01
C LYS N 22 52.92 9.58 57.07
N GLY N 23 52.19 9.17 56.03
CA GLY N 23 51.64 10.15 55.10
C GLY N 23 50.70 11.12 55.77
N ILE N 24 49.86 10.62 56.68
CA ILE N 24 48.97 11.51 57.44
C ILE N 24 49.78 12.41 58.36
N ALA N 25 50.82 11.87 59.00
CA ALA N 25 51.57 12.62 60.00
C ALA N 25 52.39 13.75 59.37
N ARG N 26 52.81 13.60 58.12
CA ARG N 26 53.60 14.64 57.47
C ARG N 26 52.75 15.68 56.76
N ALA N 27 51.50 15.87 57.18
CA ALA N 27 50.57 16.79 56.54
C ALA N 27 50.17 17.90 57.53
N LYS N 28 49.38 18.84 57.02
CA LYS N 28 48.90 19.97 57.82
C LYS N 28 47.65 19.55 58.60
N SER N 29 47.07 20.51 59.31
CA SER N 29 45.97 20.24 60.23
C SER N 29 44.70 20.95 59.77
N VAL N 30 43.57 20.25 59.85
CA VAL N 30 42.25 20.80 59.55
C VAL N 30 41.36 20.58 60.77
N VAL N 31 40.55 21.58 61.09
CA VAL N 31 39.74 21.57 62.30
C VAL N 31 38.30 21.92 61.94
N ALA N 32 37.35 21.11 62.39
CA ALA N 32 35.94 21.37 62.17
C ALA N 32 35.23 21.47 63.51
N LEU N 33 34.51 22.57 63.72
CA LEU N 33 33.84 22.85 64.97
C LEU N 33 32.35 23.05 64.72
N ALA N 34 31.57 22.86 65.78
CA ALA N 34 30.13 23.08 65.75
C ALA N 34 29.78 24.24 66.66
N TYR N 35 29.13 25.26 66.11
CA TYR N 35 28.69 26.43 66.86
C TYR N 35 27.20 26.66 66.60
N ALA N 36 26.67 27.70 67.25
CA ALA N 36 25.23 27.96 67.20
C ALA N 36 24.73 28.15 65.77
N GLY N 37 25.53 28.77 64.91
CA GLY N 37 25.13 28.99 63.53
C GLY N 37 25.33 27.80 62.61
N GLY N 38 26.04 26.78 63.06
CA GLY N 38 26.24 25.60 62.23
C GLY N 38 27.60 24.95 62.41
N VAL N 39 28.32 24.77 61.30
CA VAL N 39 29.62 24.13 61.29
C VAL N 39 30.66 25.08 60.70
N LEU N 40 31.83 25.13 61.31
CA LEU N 40 32.93 25.99 60.88
C LEU N 40 34.15 25.13 60.57
N PHE N 41 34.73 25.33 59.38
CA PHE N 41 35.94 24.64 58.96
C PHE N 41 37.09 25.63 58.90
N VAL N 42 38.21 25.28 59.55
CA VAL N 42 39.42 26.09 59.56
C VAL N 42 40.61 25.23 59.17
N ALA N 43 41.37 25.70 58.17
CA ALA N 43 42.56 24.99 57.72
C ALA N 43 43.67 25.99 57.47
N GLU N 44 44.90 25.50 57.52
CA GLU N 44 46.09 26.31 57.23
C GLU N 44 46.55 25.99 55.81
N ASN N 45 46.20 26.87 54.87
CA ASN N 45 46.53 26.66 53.46
C ASN N 45 47.01 27.96 52.84
N PRO N 46 48.28 28.04 52.44
CA PRO N 46 48.77 29.30 51.85
C PRO N 46 48.26 29.53 50.43
N SER N 47 48.10 28.48 49.64
CA SER N 47 47.69 28.63 48.25
C SER N 47 46.24 29.09 48.15
N ARG N 48 45.98 30.01 47.22
CA ARG N 48 44.64 30.51 46.95
C ARG N 48 43.93 29.77 45.83
N SER N 49 44.60 28.83 45.17
CA SER N 49 44.01 28.10 44.06
C SER N 49 43.61 26.68 44.43
N LEU N 50 44.33 26.04 45.34
CA LEU N 50 44.02 24.69 45.79
C LEU N 50 43.31 24.76 47.14
N GLN N 51 42.13 24.14 47.21
CA GLN N 51 41.27 24.23 48.37
C GLN N 51 41.08 22.86 49.01
N LYS N 52 40.94 22.86 50.34
CA LYS N 52 40.72 21.64 51.10
C LYS N 52 39.32 21.49 51.66
N ILE N 53 38.54 22.58 51.71
CA ILE N 53 37.18 22.56 52.21
C ILE N 53 36.24 22.83 51.03
N SER N 54 35.19 22.03 50.90
CA SER N 54 34.30 22.13 49.76
C SER N 54 32.87 21.84 50.18
N GLU N 55 31.95 22.08 49.26
CA GLU N 55 30.53 21.81 49.45
C GLU N 55 30.14 20.60 48.62
N LEU N 56 29.40 19.68 49.23
CA LEU N 56 28.92 18.48 48.56
C LEU N 56 27.48 18.63 48.06
N TYR N 57 26.59 19.17 48.88
CA TYR N 57 25.21 19.35 48.51
C TYR N 57 24.69 20.60 49.23
N ASP N 58 23.36 20.72 49.31
CA ASP N 58 22.76 21.92 49.88
C ASP N 58 23.17 22.15 51.33
N ARG N 59 23.18 21.09 52.14
CA ARG N 59 23.49 21.21 53.56
C ARG N 59 24.62 20.27 53.98
N VAL N 60 25.49 19.89 53.06
CA VAL N 60 26.58 18.96 53.34
C VAL N 60 27.91 19.62 53.00
N GLY N 61 28.89 19.46 53.89
CA GLY N 61 30.21 20.02 53.67
C GLY N 61 31.28 18.96 53.83
N PHE N 62 32.36 19.13 53.08
CA PHE N 62 33.43 18.14 52.99
C PHE N 62 34.76 18.78 53.35
N ALA N 63 35.54 18.10 54.18
CA ALA N 63 36.89 18.52 54.52
C ALA N 63 37.82 17.32 54.40
N ALA N 64 39.08 17.59 54.06
CA ALA N 64 40.04 16.54 53.81
C ALA N 64 41.44 16.99 54.22
N ALA N 65 42.24 16.01 54.65
CA ALA N 65 43.66 16.23 54.96
C ALA N 65 44.49 15.15 54.29
N GLY N 66 45.61 15.57 53.69
CA GLY N 66 46.51 14.63 53.02
C GLY N 66 46.99 15.12 51.67
N LYS N 67 47.07 14.21 50.70
CA LYS N 67 47.53 14.57 49.36
C LYS N 67 46.38 15.14 48.56
N PHE N 68 46.62 16.28 47.91
CA PHE N 68 45.55 17.00 47.22
C PHE N 68 44.94 16.17 46.10
N ASN N 69 45.78 15.61 45.24
CA ASN N 69 45.29 14.82 44.12
C ASN N 69 44.60 13.53 44.55
N GLU N 70 44.75 13.13 45.80
CA GLU N 70 44.11 11.91 46.28
C GLU N 70 42.69 12.16 46.79
N PHE N 71 42.45 13.26 47.50
CA PHE N 71 41.09 13.54 47.95
C PHE N 71 40.30 14.40 46.98
N ASP N 72 40.93 15.00 45.98
CA ASP N 72 40.16 15.70 44.95
C ASP N 72 39.26 14.74 44.18
N ASN N 73 39.77 13.55 43.86
CA ASN N 73 38.96 12.54 43.20
C ASN N 73 37.80 12.08 44.07
N LEU N 74 38.04 11.91 45.37
CA LEU N 74 36.98 11.54 46.30
C LEU N 74 35.90 12.61 46.36
N ARG N 75 36.30 13.88 46.40
CA ARG N 75 35.33 14.97 46.41
C ARG N 75 34.48 14.98 45.14
N ARG N 76 35.11 14.79 43.98
CA ARG N 76 34.35 14.75 42.73
C ARG N 76 33.37 13.59 42.72
N GLY N 77 33.79 12.41 43.18
CA GLY N 77 32.90 11.28 43.24
C GLY N 77 31.71 11.51 44.17
N GLY N 78 31.97 12.14 45.31
CA GLY N 78 30.87 12.44 46.22
C GLY N 78 29.85 13.39 45.63
N ILE N 79 30.33 14.41 44.91
CA ILE N 79 29.40 15.33 44.23
C ILE N 79 28.57 14.59 43.20
N GLN N 80 29.20 13.69 42.44
CA GLN N 80 28.47 12.91 41.45
C GLN N 80 27.37 12.07 42.10
N PHE N 81 27.71 11.37 43.18
CA PHE N 81 26.72 10.55 43.88
C PHE N 81 25.56 11.38 44.37
N ALA N 82 25.85 12.54 44.97
CA ALA N 82 24.79 13.37 45.54
C ALA N 82 23.86 13.91 44.46
N ASP N 83 24.41 14.38 43.34
CA ASP N 83 23.55 14.92 42.29
C ASP N 83 22.71 13.84 41.63
N THR N 84 23.29 12.66 41.40
CA THR N 84 22.50 11.59 40.80
C THR N 84 21.39 11.12 41.73
N ARG N 85 21.68 11.02 43.04
CA ARG N 85 20.63 10.62 43.97
C ARG N 85 19.55 11.69 44.11
N GLY N 86 19.94 12.96 44.12
CA GLY N 86 18.96 14.03 44.20
C GLY N 86 18.03 14.05 43.01
N TYR N 87 18.57 13.85 41.80
CA TYR N 87 17.71 13.75 40.64
C TYR N 87 16.90 12.46 40.63
N ALA N 88 17.44 11.39 41.24
CA ALA N 88 16.74 10.10 41.23
C ALA N 88 15.44 10.14 42.02
N TYR N 89 15.50 10.63 43.26
CA TYR N 89 14.32 10.65 44.13
C TYR N 89 13.87 12.06 44.46
N ASP N 90 14.71 12.85 45.10
CA ASP N 90 14.39 14.22 45.53
C ASP N 90 15.62 14.84 46.17
N ARG N 91 15.58 16.17 46.30
CA ARG N 91 16.68 16.88 46.94
C ARG N 91 16.68 16.69 48.45
N ARG N 92 15.52 16.49 49.06
CA ARG N 92 15.41 16.34 50.50
C ARG N 92 15.66 14.92 50.99
N ASP N 93 15.93 13.99 50.08
CA ASP N 93 16.21 12.60 50.43
C ASP N 93 17.69 12.31 50.50
N VAL N 94 18.54 13.34 50.48
CA VAL N 94 19.99 13.17 50.50
C VAL N 94 20.50 13.59 51.88
N THR N 95 21.25 12.70 52.52
CA THR N 95 21.80 12.94 53.84
C THR N 95 23.29 12.66 53.84
N GLY N 96 23.97 13.14 54.88
CA GLY N 96 25.41 12.97 54.97
C GLY N 96 25.85 11.58 55.36
N ARG N 97 24.98 10.81 56.01
CA ARG N 97 25.33 9.45 56.42
C ARG N 97 25.57 8.56 55.21
N GLN N 98 24.76 8.70 54.16
CA GLN N 98 24.95 7.93 52.95
C GLN N 98 26.29 8.27 52.29
N LEU N 99 26.63 9.55 52.24
CA LEU N 99 27.92 9.95 51.69
C LEU N 99 29.07 9.40 52.51
N ALA N 100 28.95 9.44 53.84
CA ALA N 100 29.99 8.88 54.69
C ALA N 100 30.15 7.38 54.47
N ASN N 101 29.03 6.65 54.32
CA ASN N 101 29.10 5.22 54.06
C ASN N 101 29.77 4.94 52.72
N VAL N 102 29.44 5.72 51.69
CA VAL N 102 30.05 5.52 50.39
C VAL N 102 31.54 5.78 50.46
N TYR N 103 31.95 6.84 51.16
CA TYR N 103 33.36 7.14 51.32
C TYR N 103 34.08 6.03 52.07
N ALA N 104 33.46 5.50 53.12
CA ALA N 104 34.07 4.40 53.87
C ALA N 104 34.26 3.16 53.00
N GLN N 105 33.25 2.82 52.20
CA GLN N 105 33.37 1.66 51.31
C GLN N 105 34.48 1.86 50.29
N THR N 106 34.52 3.05 49.67
CA THR N 106 35.55 3.33 48.68
C THR N 106 36.95 3.28 49.28
N LEU N 107 37.12 3.87 50.46
CA LEU N 107 38.43 3.87 51.10
C LEU N 107 38.85 2.47 51.52
N GLY N 108 37.92 1.66 52.02
CA GLY N 108 38.24 0.29 52.35
C GLY N 108 38.65 -0.51 51.13
N THR N 109 37.92 -0.35 50.03
CA THR N 109 38.28 -1.06 48.80
C THR N 109 39.65 -0.64 48.28
N ILE N 110 39.95 0.67 48.36
CA ILE N 110 41.26 1.15 47.92
C ILE N 110 42.36 0.59 48.81
N PHE N 111 42.15 0.61 50.14
CA PHE N 111 43.16 0.11 51.06
C PHE N 111 43.38 -1.39 50.89
N THR N 112 42.35 -2.12 50.48
CA THR N 112 42.47 -3.57 50.36
C THR N 112 43.11 -3.99 49.04
N GLU N 113 42.63 -3.42 47.92
CA GLU N 113 42.99 -3.91 46.60
C GLU N 113 44.13 -3.13 45.94
N GLN N 114 44.15 -1.81 46.07
CA GLN N 114 45.13 -1.00 45.36
C GLN N 114 46.54 -1.27 45.87
N ALA N 115 47.53 -1.06 44.99
CA ALA N 115 48.92 -1.32 45.35
C ALA N 115 49.39 -0.37 46.44
N LYS N 116 49.02 0.90 46.37
CA LYS N 116 49.42 1.89 47.35
C LYS N 116 48.19 2.48 48.02
N PRO N 117 48.10 2.43 49.35
CA PRO N 117 46.93 2.99 50.03
C PRO N 117 46.89 4.51 49.95
N TYR N 118 45.69 5.06 50.06
CA TYR N 118 45.50 6.50 50.03
C TYR N 118 45.86 7.10 51.39
N GLU N 119 46.63 8.18 51.36
CA GLU N 119 47.02 8.90 52.57
C GLU N 119 46.10 10.11 52.76
N VAL N 120 44.87 9.82 53.19
CA VAL N 120 43.84 10.83 53.33
C VAL N 120 43.08 10.63 54.63
N GLU N 121 42.49 11.72 55.11
CA GLU N 121 41.58 11.72 56.25
C GLU N 121 40.40 12.61 55.90
N LEU N 122 39.18 12.08 56.00
CA LEU N 122 38.00 12.78 55.51
C LEU N 122 37.04 13.13 56.64
N CYS N 123 36.34 14.25 56.48
CA CYS N 123 35.32 14.67 57.43
C CYS N 123 34.10 15.18 56.66
N VAL N 124 32.93 14.70 57.05
CA VAL N 124 31.66 15.09 56.44
C VAL N 124 30.79 15.76 57.50
N ALA N 125 30.28 16.95 57.20
CA ALA N 125 29.44 17.70 58.14
C ALA N 125 28.08 17.97 57.53
N GLU N 126 27.03 17.86 58.36
CA GLU N 126 25.68 18.11 57.92
C GLU N 126 24.94 18.97 58.95
N VAL N 127 24.13 19.91 58.45
CA VAL N 127 23.32 20.77 59.30
C VAL N 127 21.85 20.54 59.00
N ALA N 128 20.97 21.18 59.76
CA ALA N 128 19.53 21.00 59.60
C ALA N 128 19.00 21.86 58.45
N HIS N 129 17.79 21.53 58.02
CA HIS N 129 17.13 22.28 56.97
C HIS N 129 16.62 23.62 57.51
N TYR N 130 16.22 24.50 56.59
CA TYR N 130 15.75 25.82 56.99
C TYR N 130 14.45 25.71 57.78
N GLY N 131 14.35 26.50 58.84
CA GLY N 131 13.16 26.49 59.66
C GLY N 131 13.03 25.30 60.58
N GLU N 132 14.14 24.61 60.88
CA GLU N 132 14.11 23.41 61.72
C GLU N 132 15.24 23.48 62.74
N THR N 133 15.07 22.74 63.83
CA THR N 133 16.06 22.67 64.89
C THR N 133 16.59 21.25 64.97
N LYS N 134 17.91 21.08 64.84
CA LYS N 134 18.54 19.77 64.88
C LYS N 134 20.03 19.95 65.12
N ARG N 135 20.61 19.01 65.84
CA ARG N 135 22.04 19.04 66.11
C ARG N 135 22.83 18.72 64.85
N PRO N 136 23.87 19.50 64.51
CA PRO N 136 24.71 19.14 63.37
C PRO N 136 25.42 17.82 63.59
N GLU N 137 25.67 17.12 62.49
CA GLU N 137 26.30 15.80 62.51
C GLU N 137 27.68 15.87 61.85
N LEU N 138 28.67 15.27 62.50
CA LEU N 138 30.03 15.22 61.99
C LEU N 138 30.51 13.77 61.95
N TYR N 139 31.00 13.34 60.79
CA TYR N 139 31.50 11.99 60.59
C TYR N 139 32.96 12.05 60.14
N ARG N 140 33.79 11.20 60.71
CA ARG N 140 35.21 11.12 60.39
C ARG N 140 35.51 9.76 59.76
N ILE N 141 36.24 9.77 58.64
CA ILE N 141 36.59 8.57 57.91
C ILE N 141 38.11 8.52 57.75
N THR N 142 38.69 7.36 58.04
CA THR N 142 40.12 7.17 57.98
C THR N 142 40.51 6.39 56.72
N TYR N 143 41.81 6.14 56.57
CA TYR N 143 42.33 5.54 55.35
C TYR N 143 41.86 4.10 55.18
N ASP N 144 41.76 3.34 56.28
CA ASP N 144 41.42 1.93 56.20
C ASP N 144 39.93 1.70 55.99
N GLY N 145 39.10 2.73 56.11
CA GLY N 145 37.66 2.60 55.93
C GLY N 145 36.85 2.72 57.19
N SER N 146 37.48 2.92 58.35
CA SER N 146 36.74 3.09 59.59
C SER N 146 35.97 4.41 59.57
N ILE N 147 34.74 4.37 60.08
CA ILE N 147 33.86 5.54 60.13
C ILE N 147 33.43 5.75 61.57
N ALA N 148 33.52 6.99 62.04
CA ALA N 148 33.15 7.33 63.40
C ALA N 148 32.31 8.60 63.40
N ASP N 149 31.51 8.76 64.46
CA ASP N 149 30.66 9.92 64.64
C ASP N 149 31.17 10.75 65.81
N GLU N 150 31.39 12.04 65.57
CA GLU N 150 31.93 12.96 66.54
C GLU N 150 30.90 14.03 66.89
N PRO N 151 30.58 14.21 68.17
CA PRO N 151 29.50 15.15 68.53
C PRO N 151 29.95 16.60 68.64
N HIS N 152 31.23 16.85 68.91
CA HIS N 152 31.70 18.19 69.23
C HIS N 152 32.63 18.77 68.18
N PHE N 153 33.74 18.10 67.89
CA PHE N 153 34.71 18.66 66.96
C PHE N 153 35.52 17.53 66.32
N VAL N 154 36.15 17.86 65.18
CA VAL N 154 37.02 16.94 64.48
C VAL N 154 38.34 17.64 64.18
N VAL N 155 39.45 16.97 64.47
CA VAL N 155 40.79 17.48 64.17
C VAL N 155 41.52 16.40 63.39
N MET N 156 42.00 16.74 62.19
CA MET N 156 42.70 15.79 61.33
C MET N 156 44.04 16.35 60.86
N GLY N 157 44.99 15.45 60.61
CA GLY N 157 46.24 15.82 60.01
C GLY N 157 47.30 16.32 60.98
N GLY N 158 48.55 15.95 60.72
CA GLY N 158 49.66 16.34 61.57
C GLY N 158 49.57 15.77 62.97
N THR N 159 50.18 16.49 63.91
CA THR N 159 50.16 16.11 65.33
C THR N 159 48.91 16.73 65.96
N THR N 160 47.88 15.91 66.16
CA THR N 160 46.59 16.40 66.62
C THR N 160 46.44 16.39 68.13
N GLU N 161 47.37 15.77 68.86
CA GLU N 161 47.19 15.66 70.31
C GLU N 161 47.18 17.01 71.02
N PRO N 162 48.15 17.91 70.81
CA PRO N 162 48.04 19.23 71.48
C PRO N 162 46.81 20.01 71.04
N ILE N 163 46.45 19.93 69.75
CA ILE N 163 45.27 20.65 69.29
C ILE N 163 44.02 20.08 69.92
N ALA N 164 43.94 18.74 70.00
CA ALA N 164 42.78 18.10 70.61
C ALA N 164 42.66 18.46 72.08
N ASN N 165 43.79 18.47 72.80
CA ASN N 165 43.76 18.83 74.21
C ASN N 165 43.32 20.28 74.40
N ALA N 166 43.86 21.20 73.59
CA ALA N 166 43.47 22.60 73.70
C ALA N 166 42.00 22.80 73.40
N LEU N 167 41.49 22.13 72.35
CA LEU N 167 40.08 22.24 72.01
C LEU N 167 39.20 21.67 73.12
N LYS N 168 39.61 20.53 73.68
CA LYS N 168 38.82 19.91 74.75
C LYS N 168 38.76 20.81 75.97
N GLU N 169 39.89 21.44 76.32
CA GLU N 169 39.90 22.33 77.48
C GLU N 169 39.16 23.63 77.21
N SER N 170 39.12 24.07 75.96
CA SER N 170 38.56 25.38 75.62
C SER N 170 37.21 25.33 74.94
N TYR N 171 36.67 24.14 74.63
CA TYR N 171 35.41 24.06 73.92
C TYR N 171 34.26 24.59 74.77
N ALA N 172 33.40 25.39 74.14
CA ALA N 172 32.20 25.92 74.78
C ALA N 172 31.02 25.75 73.82
N GLU N 173 29.94 25.16 74.32
CA GLU N 173 28.76 24.91 73.50
C GLU N 173 27.98 26.20 73.28
N ASN N 174 27.28 26.25 72.14
CA ASN N 174 26.43 27.39 71.77
C ASN N 174 27.24 28.69 71.73
N ALA N 175 28.47 28.60 71.24
CA ALA N 175 29.33 29.78 71.14
C ALA N 175 28.98 30.59 69.90
N SER N 176 29.48 31.83 69.87
CA SER N 176 29.28 32.70 68.73
C SER N 176 30.31 32.40 67.65
N LEU N 177 30.14 33.06 66.50
CA LEU N 177 31.04 32.84 65.37
C LEU N 177 32.45 33.37 65.66
N THR N 178 32.53 34.60 66.18
CA THR N 178 33.84 35.19 66.45
C THR N 178 34.57 34.42 67.56
N ASP N 179 33.86 34.06 68.63
CA ASP N 179 34.48 33.33 69.72
C ASP N 179 34.96 31.96 69.26
N ALA N 180 34.15 31.26 68.49
CA ALA N 180 34.56 29.95 67.98
C ALA N 180 35.75 30.07 67.04
N LEU N 181 35.76 31.09 66.18
CA LEU N 181 36.90 31.28 65.29
C LEU N 181 38.17 31.57 66.05
N ARG N 182 38.10 32.44 67.07
CA ARG N 182 39.27 32.75 67.88
C ARG N 182 39.76 31.52 68.64
N ILE N 183 38.83 30.73 69.18
CA ILE N 183 39.20 29.53 69.92
C ILE N 183 39.88 28.53 68.99
N ALA N 184 39.32 28.33 67.79
CA ALA N 184 39.93 27.42 66.82
C ALA N 184 41.32 27.89 66.42
N VAL N 185 41.48 29.20 66.19
CA VAL N 185 42.78 29.73 65.80
C VAL N 185 43.80 29.53 66.92
N ALA N 186 43.40 29.81 68.16
CA ALA N 186 44.30 29.59 69.29
C ALA N 186 44.68 28.12 69.42
N ALA N 187 43.71 27.22 69.25
CA ALA N 187 44.02 25.79 69.35
C ALA N 187 44.96 25.34 68.24
N LEU N 188 44.76 25.85 67.02
CA LEU N 188 45.62 25.48 65.91
C LEU N 188 47.02 26.03 66.05
N ARG N 189 47.16 27.22 66.66
CA ARG N 189 48.48 27.81 66.84
C ARG N 189 49.34 26.95 67.76
N ALA N 190 48.75 26.41 68.82
CA ALA N 190 49.48 25.58 69.76
C ALA N 190 49.74 24.19 69.16
N LEU N 203 49.36 33.30 61.88
CA LEU N 203 48.16 32.90 61.16
C LEU N 203 47.26 34.09 60.90
N GLY N 204 47.59 34.88 59.89
CA GLY N 204 46.85 36.07 59.53
C GLY N 204 45.86 35.80 58.42
N VAL N 205 45.63 36.82 57.58
CA VAL N 205 44.78 36.64 56.41
C VAL N 205 45.37 35.58 55.49
N ALA N 206 46.68 35.62 55.30
CA ALA N 206 47.35 34.62 54.49
C ALA N 206 47.49 33.31 55.25
N SER N 207 47.62 32.22 54.48
CA SER N 207 47.79 30.87 55.03
C SER N 207 46.62 30.48 55.93
N LEU N 208 45.41 30.91 55.59
CA LEU N 208 44.21 30.58 56.36
C LEU N 208 43.05 30.35 55.41
N GLU N 209 42.31 29.28 55.65
CA GLU N 209 41.10 28.97 54.89
C GLU N 209 39.95 28.71 55.86
N VAL N 210 38.92 29.54 55.78
CA VAL N 210 37.79 29.50 56.69
C VAL N 210 36.50 29.36 55.89
N ALA N 211 35.67 28.40 56.28
CA ALA N 211 34.37 28.20 55.63
C ALA N 211 33.32 27.92 56.69
N VAL N 212 32.05 28.19 56.35
CA VAL N 212 30.95 27.98 57.27
C VAL N 212 29.77 27.36 56.53
N LEU N 213 28.99 26.58 57.28
CA LEU N 213 27.71 26.04 56.82
C LEU N 213 26.62 26.81 57.55
N ASP N 214 26.02 27.79 56.86
CA ASP N 214 25.06 28.69 57.52
C ASP N 214 23.68 28.02 57.57
N ALA N 215 23.27 27.61 58.76
CA ALA N 215 21.98 26.96 58.92
C ALA N 215 20.82 27.92 58.70
N ASN N 216 21.08 29.23 58.74
CA ASN N 216 20.03 30.23 58.54
C ASN N 216 19.79 30.54 57.07
N ARG N 217 20.64 30.07 56.17
CA ARG N 217 20.44 30.32 54.74
C ARG N 217 19.28 29.49 54.22
N PRO N 218 18.53 30.02 53.24
CA PRO N 218 17.32 29.31 52.77
C PRO N 218 17.58 27.93 52.16
N ARG N 219 18.41 27.87 51.12
CA ARG N 219 18.62 26.61 50.40
C ARG N 219 20.06 26.11 50.50
N ARG N 220 21.04 26.91 50.11
CA ARG N 220 22.44 26.52 50.16
C ARG N 220 23.12 27.17 51.36
N ALA N 221 23.83 26.36 52.13
CA ALA N 221 24.36 26.79 53.42
C ALA N 221 25.85 27.06 53.41
N PHE N 222 26.58 26.57 52.43
CA PHE N 222 28.05 26.70 52.41
C PHE N 222 28.45 28.09 51.94
N ARG N 223 29.38 28.72 52.65
CA ARG N 223 29.94 30.00 52.22
C ARG N 223 31.31 30.20 52.82
N ARG N 224 32.19 30.85 52.05
CA ARG N 224 33.55 31.13 52.45
C ARG N 224 33.66 32.54 53.03
N ILE N 225 34.57 32.70 53.98
CA ILE N 225 34.87 34.00 54.59
C ILE N 225 36.33 34.29 54.30
N THR N 226 36.59 35.16 53.33
CA THR N 226 37.95 35.54 52.95
C THR N 226 38.00 37.03 52.65
N GLY N 227 39.18 37.61 52.83
CA GLY N 227 39.38 39.01 52.53
C GLY N 227 39.28 39.92 53.73
N SER N 228 38.64 41.08 53.55
CA SER N 228 38.53 42.05 54.64
C SER N 228 37.64 41.53 55.76
N ALA N 229 36.62 40.74 55.42
CA ALA N 229 35.72 40.19 56.44
C ALA N 229 36.47 39.26 57.39
N LEU N 230 37.38 38.45 56.86
CA LEU N 230 38.15 37.54 57.71
C LEU N 230 39.02 38.32 58.70
N GLN N 231 39.66 39.39 58.24
CA GLN N 231 40.47 40.20 59.13
C GLN N 231 39.60 40.92 60.16
N ALA N 232 38.42 41.38 59.75
CA ALA N 232 37.51 42.04 60.68
C ALA N 232 37.04 41.07 61.76
N LEU N 233 36.79 39.82 61.40
CA LEU N 233 36.38 38.82 62.37
C LEU N 233 37.54 38.21 63.14
N LEU N 234 38.77 38.48 62.73
CA LEU N 234 39.95 37.94 63.42
C LEU N 234 40.45 38.90 64.48
N THR O 1 -14.97 1.38 34.31
CA THR O 1 -14.10 1.60 35.45
C THR O 1 -14.10 3.08 35.84
N THR O 2 -14.30 3.35 37.13
CA THR O 2 -14.27 4.71 37.65
C THR O 2 -13.74 4.70 39.07
N ILE O 3 -12.71 5.49 39.33
CA ILE O 3 -12.12 5.64 40.65
C ILE O 3 -12.14 7.12 41.01
N VAL O 4 -12.68 7.44 42.19
CA VAL O 4 -12.79 8.82 42.63
C VAL O 4 -11.97 9.01 43.90
N ALA O 5 -11.49 10.23 44.09
CA ALA O 5 -10.76 10.59 45.29
C ALA O 5 -11.09 12.04 45.64
N LEU O 6 -11.22 12.32 46.93
CA LEU O 6 -11.55 13.67 47.35
C LEU O 6 -10.98 13.94 48.74
N LYS O 7 -10.94 15.24 49.08
CA LYS O 7 -10.34 15.74 50.30
C LYS O 7 -11.43 16.23 51.25
N TYR O 8 -11.23 15.99 52.54
CA TYR O 8 -12.06 16.55 53.60
C TYR O 8 -11.14 17.07 54.69
N PRO O 9 -11.62 18.01 55.51
CA PRO O 9 -10.76 18.51 56.58
C PRO O 9 -10.35 17.40 57.54
N GLY O 10 -9.08 17.03 57.49
CA GLY O 10 -8.55 15.91 58.25
C GLY O 10 -7.92 14.82 57.40
N GLY O 11 -8.27 14.70 56.12
CA GLY O 11 -7.67 13.65 55.32
C GLY O 11 -8.32 13.51 53.95
N VAL O 12 -8.20 12.29 53.40
CA VAL O 12 -8.65 11.99 52.06
C VAL O 12 -9.47 10.70 52.07
N VAL O 13 -10.32 10.55 51.05
CA VAL O 13 -11.11 9.34 50.86
C VAL O 13 -11.08 8.97 49.37
N MET O 14 -10.88 7.68 49.11
CA MET O 14 -10.81 7.15 47.74
C MET O 14 -11.79 5.99 47.60
N ALA O 15 -12.48 5.93 46.47
CA ALA O 15 -13.51 4.92 46.24
C ALA O 15 -13.43 4.38 44.82
N GLY O 16 -13.87 3.14 44.65
CA GLY O 16 -13.82 2.49 43.34
C GLY O 16 -14.89 1.42 43.21
N ASP O 17 -15.21 1.11 41.95
CA ASP O 17 -16.23 0.15 41.60
C ASP O 17 -15.63 -1.25 41.39
N ARG O 18 -16.47 -2.21 40.97
CA ARG O 18 -16.09 -3.61 40.97
C ARG O 18 -16.36 -4.35 39.67
N ARG O 19 -16.71 -3.66 38.58
CA ARG O 19 -17.05 -4.32 37.33
C ARG O 19 -15.84 -4.49 36.44
N SER O 20 -15.71 -5.67 35.83
CA SER O 20 -14.69 -5.94 34.83
C SER O 20 -15.36 -6.51 33.58
N THR O 21 -15.06 -5.93 32.43
CA THR O 21 -15.72 -6.30 31.18
C THR O 21 -14.70 -6.65 30.12
N GLN O 22 -15.13 -7.47 29.16
CA GLN O 22 -14.33 -7.85 27.99
C GLN O 22 -15.17 -7.49 26.77
N GLY O 23 -15.04 -6.25 26.30
CA GLY O 23 -15.89 -5.76 25.24
C GLY O 23 -17.26 -5.36 25.77
N ASN O 24 -18.30 -6.05 25.30
CA ASN O 24 -19.65 -5.87 25.83
C ASN O 24 -20.09 -7.02 26.71
N MET O 25 -19.21 -7.96 27.00
CA MET O 25 -19.49 -9.10 27.87
C MET O 25 -18.96 -8.83 29.27
N ILE O 26 -19.78 -9.11 30.28
CA ILE O 26 -19.38 -8.94 31.67
C ILE O 26 -18.55 -10.15 32.09
N SER O 27 -17.35 -9.90 32.58
CA SER O 27 -16.41 -10.95 32.97
C SER O 27 -16.21 -11.06 34.47
N GLY O 28 -16.21 -9.94 35.19
CA GLY O 28 -15.97 -9.96 36.62
C GLY O 28 -16.90 -9.04 37.39
N ARG O 29 -17.35 -9.49 38.56
CA ARG O 29 -18.35 -8.78 39.34
C ARG O 29 -17.85 -8.24 40.67
N ASP O 30 -16.73 -8.76 41.19
CA ASP O 30 -16.23 -8.36 42.50
C ASP O 30 -14.73 -8.08 42.45
N VAL O 31 -14.31 -7.33 41.44
CA VAL O 31 -12.90 -6.96 41.32
C VAL O 31 -12.60 -5.80 42.26
N ARG O 32 -11.43 -5.86 42.89
CA ARG O 32 -10.97 -4.81 43.79
C ARG O 32 -9.93 -3.96 43.06
N LYS O 33 -10.16 -2.65 43.01
CA LYS O 33 -9.33 -1.75 42.22
C LYS O 33 -8.58 -0.71 43.05
N VAL O 34 -8.65 -0.79 44.37
CA VAL O 34 -8.02 0.18 45.26
C VAL O 34 -7.08 -0.57 46.20
N TYR O 35 -5.85 -0.08 46.31
CA TYR O 35 -4.82 -0.74 47.11
C TYR O 35 -4.24 0.23 48.13
N ILE O 36 -3.75 -0.32 49.23
CA ILE O 36 -3.07 0.44 50.26
C ILE O 36 -1.57 0.21 50.08
N THR O 37 -0.88 1.20 49.54
CA THR O 37 0.54 1.04 49.24
C THR O 37 1.37 1.02 50.51
N ASP O 38 1.13 1.96 51.42
CA ASP O 38 1.84 2.02 52.69
C ASP O 38 0.92 2.64 53.72
N ASP O 39 1.49 3.08 54.85
CA ASP O 39 0.69 3.54 55.97
C ASP O 39 -0.06 4.83 55.68
N TYR O 40 0.34 5.59 54.66
CA TYR O 40 -0.27 6.89 54.43
C TYR O 40 -0.55 7.17 52.95
N THR O 41 -0.57 6.14 52.10
CA THR O 41 -0.72 6.36 50.67
C THR O 41 -1.61 5.27 50.07
N ALA O 42 -2.50 5.67 49.16
CA ALA O 42 -3.36 4.75 48.43
C ALA O 42 -3.28 5.04 46.94
N THR O 43 -3.41 4.00 46.13
CA THR O 43 -3.30 4.10 44.68
C THR O 43 -4.46 3.38 44.02
N GLY O 44 -4.94 3.95 42.92
CA GLY O 44 -5.98 3.31 42.12
C GLY O 44 -5.67 3.39 40.64
N ILE O 45 -5.60 2.24 39.97
CA ILE O 45 -5.16 2.16 38.58
C ILE O 45 -6.32 1.70 37.71
N ALA O 46 -6.47 2.33 36.55
CA ALA O 46 -7.49 1.97 35.57
C ALA O 46 -6.84 1.52 34.27
N GLY O 47 -7.51 0.61 33.57
CA GLY O 47 -7.00 0.10 32.31
C GLY O 47 -6.95 -1.41 32.24
N THR O 48 -5.88 -1.95 31.67
CA THR O 48 -5.70 -3.40 31.63
C THR O 48 -5.45 -3.92 33.04
N ALA O 49 -6.15 -5.00 33.39
CA ALA O 49 -6.10 -5.51 34.77
C ALA O 49 -4.70 -6.00 35.14
N ALA O 50 -4.11 -6.83 34.28
CA ALA O 50 -2.81 -7.42 34.60
C ALA O 50 -1.74 -6.35 34.80
N VAL O 51 -1.72 -5.34 33.93
CA VAL O 51 -0.76 -4.25 34.07
C VAL O 51 -1.00 -3.51 35.38
N ALA O 52 -2.27 -3.32 35.76
CA ALA O 52 -2.58 -2.61 36.99
C ALA O 52 -2.08 -3.36 38.21
N VAL O 53 -2.33 -4.67 38.29
CA VAL O 53 -1.86 -5.45 39.44
C VAL O 53 -0.35 -5.49 39.47
N GLU O 54 0.30 -5.65 38.31
CA GLU O 54 1.75 -5.66 38.24
C GLU O 54 2.33 -4.33 38.74
N PHE O 55 1.75 -3.22 38.28
CA PHE O 55 2.20 -1.90 38.70
C PHE O 55 2.04 -1.71 40.20
N ALA O 56 0.91 -2.15 40.74
CA ALA O 56 0.66 -1.97 42.17
C ALA O 56 1.65 -2.78 43.01
N ARG O 57 1.83 -4.06 42.67
CA ARG O 57 2.71 -4.90 43.46
C ARG O 57 4.15 -4.40 43.36
N LEU O 58 4.56 -3.96 42.17
CA LEU O 58 5.90 -3.42 41.97
C LEU O 58 6.12 -2.15 42.78
N TYR O 59 5.13 -1.23 42.76
CA TYR O 59 5.26 0.01 43.50
C TYR O 59 5.38 -0.24 45.00
N ALA O 60 4.54 -1.15 45.53
CA ALA O 60 4.62 -1.49 46.95
C ALA O 60 5.98 -2.08 47.30
N VAL O 61 6.48 -3.01 46.48
CA VAL O 61 7.77 -3.63 46.76
C VAL O 61 8.88 -2.58 46.72
N GLU O 62 8.84 -1.67 45.75
CA GLU O 62 9.89 -0.65 45.65
C GLU O 62 9.88 0.26 46.88
N LEU O 63 8.71 0.69 47.32
CA LEU O 63 8.63 1.55 48.50
C LEU O 63 9.16 0.83 49.74
N GLU O 64 8.75 -0.42 49.92
CA GLU O 64 9.23 -1.18 51.09
C GLU O 64 10.72 -1.41 51.02
N HIS O 65 11.25 -1.68 49.82
CA HIS O 65 12.68 -1.91 49.66
C HIS O 65 13.48 -0.67 50.03
N TYR O 66 13.04 0.51 49.57
CA TYR O 66 13.74 1.73 49.95
C TYR O 66 13.67 1.96 51.45
N GLU O 67 12.49 1.76 52.04
CA GLU O 67 12.34 1.99 53.48
C GLU O 67 13.26 1.08 54.28
N LYS O 68 13.37 -0.20 53.87
CA LYS O 68 14.25 -1.12 54.58
C LYS O 68 15.72 -0.78 54.36
N LEU O 69 16.09 -0.37 53.15
CA LEU O 69 17.48 -0.09 52.85
C LEU O 69 17.98 1.14 53.59
N GLU O 70 17.24 2.25 53.52
CA GLU O 70 17.73 3.50 54.08
C GLU O 70 17.32 3.75 55.52
N GLY O 71 16.41 2.94 56.06
CA GLY O 71 16.00 3.14 57.44
C GLY O 71 15.06 4.31 57.66
N VAL O 72 14.60 4.95 56.59
CA VAL O 72 13.72 6.11 56.68
C VAL O 72 12.81 6.08 55.46
N PRO O 73 11.52 6.40 55.59
CA PRO O 73 10.64 6.40 54.43
C PRO O 73 10.90 7.58 53.49
N LEU O 74 10.48 7.40 52.24
CA LEU O 74 10.61 8.44 51.24
C LEU O 74 9.64 9.59 51.52
N THR O 75 9.99 10.75 50.99
CA THR O 75 9.07 11.89 51.03
C THR O 75 8.04 11.77 49.90
N PHE O 76 7.04 12.64 49.95
CA PHE O 76 5.95 12.57 48.99
C PHE O 76 6.43 12.82 47.57
N ALA O 77 7.33 13.79 47.39
CA ALA O 77 7.85 14.09 46.06
C ALA O 77 8.62 12.92 45.48
N GLY O 78 9.37 12.20 46.33
CA GLY O 78 10.09 11.03 45.86
C GLY O 78 9.15 9.93 45.38
N LYS O 79 8.06 9.69 46.11
CA LYS O 79 7.07 8.72 45.69
C LYS O 79 6.42 9.12 44.37
N ILE O 80 6.11 10.42 44.22
CA ILE O 80 5.54 10.90 42.98
C ILE O 80 6.51 10.69 41.83
N ASN O 81 7.79 10.97 42.06
CA ASN O 81 8.80 10.77 41.01
C ASN O 81 8.92 9.30 40.62
N ARG O 82 8.92 8.41 41.62
CA ARG O 82 9.02 6.98 41.31
C ARG O 82 7.81 6.51 40.50
N LEU O 83 6.60 6.93 40.90
CA LEU O 83 5.41 6.55 40.15
C LEU O 83 5.43 7.11 38.74
N ALA O 84 5.89 8.35 38.58
CA ALA O 84 5.98 8.95 37.26
C ALA O 84 6.97 8.22 36.37
N ILE O 85 8.10 7.80 36.93
CA ILE O 85 9.07 7.02 36.17
C ILE O 85 8.47 5.70 35.75
N MET O 86 7.76 5.03 36.67
CA MET O 86 7.13 3.75 36.33
C MET O 86 6.11 3.92 35.21
N VAL O 87 5.32 4.99 35.26
CA VAL O 87 4.34 5.24 34.21
C VAL O 87 5.03 5.56 32.89
N ARG O 88 6.08 6.39 32.92
CA ARG O 88 6.78 6.78 31.70
C ARG O 88 7.43 5.58 31.03
N GLY O 89 7.88 4.59 31.81
CA GLY O 89 8.53 3.43 31.22
C GLY O 89 7.61 2.52 30.42
N ASN O 90 6.29 2.69 30.53
CA ASN O 90 5.33 1.81 29.87
C ASN O 90 4.70 2.46 28.65
N LEU O 91 5.28 3.56 28.17
CA LEU O 91 4.74 4.30 27.03
C LEU O 91 4.64 3.42 25.78
N ALA O 92 5.71 2.67 25.49
CA ALA O 92 5.70 1.80 24.32
C ALA O 92 4.64 0.72 24.44
N ALA O 93 4.49 0.13 25.63
CA ALA O 93 3.41 -0.82 25.87
C ALA O 93 2.07 -0.14 26.05
N ALA O 94 2.05 1.13 26.48
CA ALA O 94 0.79 1.87 26.52
C ALA O 94 0.19 1.99 25.13
N MET O 95 1.02 2.29 24.15
CA MET O 95 0.59 2.13 22.76
C MET O 95 0.45 0.64 22.45
N GLN O 96 -0.35 0.35 21.42
CA GLN O 96 -0.66 -0.98 20.91
C GLN O 96 -1.55 -1.81 21.83
N GLY O 97 -1.91 -1.29 23.02
CA GLY O 97 -3.00 -1.88 23.76
C GLY O 97 -2.72 -2.45 25.16
N LEU O 98 -1.73 -1.91 25.87
CA LEU O 98 -1.49 -2.26 27.28
C LEU O 98 -1.31 -0.95 28.05
N LEU O 99 -2.44 -0.35 28.46
CA LEU O 99 -2.44 0.97 29.07
C LEU O 99 -2.90 0.90 30.52
N ALA O 100 -2.19 1.61 31.39
CA ALA O 100 -2.55 1.73 32.80
C ALA O 100 -2.39 3.16 33.24
N LEU O 101 -3.44 3.71 33.86
CA LEU O 101 -3.44 5.10 34.33
C LEU O 101 -3.68 5.11 35.83
N PRO O 102 -2.73 5.60 36.64
CA PRO O 102 -2.93 5.60 38.09
C PRO O 102 -3.46 6.92 38.65
N LEU O 103 -3.93 6.87 39.89
CA LEU O 103 -4.32 8.03 40.67
C LEU O 103 -3.86 7.81 42.10
N LEU O 104 -3.28 8.84 42.71
CA LEU O 104 -2.63 8.70 44.01
C LEU O 104 -3.29 9.61 45.04
N ALA O 105 -3.48 9.08 46.25
CA ALA O 105 -3.99 9.86 47.36
C ALA O 105 -3.09 9.63 48.56
N GLY O 106 -2.87 10.68 49.36
CA GLY O 106 -1.95 10.53 50.48
C GLY O 106 -2.13 11.59 51.54
N TYR O 107 -1.48 11.36 52.67
CA TYR O 107 -1.48 12.27 53.81
C TYR O 107 -0.03 12.60 54.14
N ASP O 108 0.31 13.89 54.15
CA ASP O 108 1.67 14.34 54.40
C ASP O 108 1.84 14.60 55.89
N ILE O 109 2.77 13.86 56.52
CA ILE O 109 3.03 14.03 57.95
C ILE O 109 4.04 15.13 58.24
N HIS O 110 4.75 15.62 57.23
CA HIS O 110 5.72 16.70 57.41
C HIS O 110 5.11 18.08 57.18
N ALA O 111 3.82 18.16 56.87
CA ALA O 111 3.18 19.46 56.65
C ALA O 111 3.03 20.21 57.97
N SER O 112 3.20 21.52 57.91
CA SER O 112 3.08 22.35 59.11
C SER O 112 1.66 22.33 59.65
N ASP O 113 0.66 22.43 58.77
CA ASP O 113 -0.73 22.48 59.19
C ASP O 113 -1.35 21.10 59.00
N PRO O 114 -1.74 20.40 60.07
CA PRO O 114 -2.34 19.07 59.90
C PRO O 114 -3.66 19.06 59.15
N GLN O 115 -4.40 20.16 59.15
CA GLN O 115 -5.69 20.19 58.46
C GLN O 115 -5.51 20.07 56.95
N SER O 116 -4.57 20.82 56.38
CA SER O 116 -4.31 20.79 54.95
C SER O 116 -3.10 19.90 54.65
N ALA O 117 -3.27 18.61 54.93
CA ALA O 117 -2.23 17.63 54.70
C ALA O 117 -2.61 16.57 53.68
N GLY O 118 -3.84 16.59 53.15
CA GLY O 118 -4.26 15.61 52.17
C GLY O 118 -3.86 16.04 50.77
N ARG O 119 -3.33 15.09 50.00
CA ARG O 119 -2.82 15.36 48.66
C ARG O 119 -3.41 14.36 47.68
N ILE O 120 -3.77 14.85 46.50
CA ILE O 120 -4.29 14.04 45.40
C ILE O 120 -3.46 14.34 44.16
N VAL O 121 -2.94 13.29 43.52
CA VAL O 121 -2.05 13.43 42.37
C VAL O 121 -2.63 12.62 41.21
N SER O 122 -2.68 13.24 40.03
CA SER O 122 -3.13 12.59 38.81
C SER O 122 -1.98 12.50 37.82
N PHE O 123 -2.08 11.55 36.90
CA PHE O 123 -1.02 11.26 35.95
C PHE O 123 -1.58 11.16 34.54
N ASP O 124 -0.72 11.34 33.56
CA ASP O 124 -1.08 11.19 32.16
C ASP O 124 -0.26 10.08 31.51
N ALA O 125 -0.64 9.73 30.28
CA ALA O 125 -0.05 8.58 29.60
C ALA O 125 1.43 8.76 29.28
N ALA O 126 1.92 9.99 29.24
CA ALA O 126 3.32 10.25 28.94
C ALA O 126 4.19 10.34 30.19
N GLY O 127 3.61 10.26 31.37
CA GLY O 127 4.36 10.33 32.61
C GLY O 127 4.29 11.66 33.33
N GLY O 128 3.52 12.62 32.82
CA GLY O 128 3.37 13.89 33.52
C GLY O 128 2.37 13.79 34.65
N TRP O 129 2.69 14.46 35.76
CA TRP O 129 1.88 14.41 36.97
C TRP O 129 1.40 15.81 37.34
N ASN O 130 0.24 15.86 38.00
CA ASN O 130 -0.34 17.12 38.44
C ASN O 130 -0.92 16.95 39.84
N ILE O 131 -0.69 17.95 40.68
CA ILE O 131 -1.21 17.98 42.04
C ILE O 131 -2.50 18.79 42.03
N GLU O 132 -3.60 18.15 42.46
CA GLU O 132 -4.90 18.81 42.43
C GLU O 132 -5.02 19.85 43.52
N GLU O 133 -5.74 20.93 43.20
CA GLU O 133 -6.00 21.99 44.16
C GLU O 133 -7.49 22.33 44.30
N GLU O 134 -8.37 21.63 43.58
CA GLU O 134 -9.80 21.89 43.68
C GLU O 134 -10.49 21.01 44.72
N GLY O 135 -9.87 19.89 45.11
CA GLY O 135 -10.39 19.05 46.17
C GLY O 135 -10.92 17.70 45.75
N TYR O 136 -10.99 17.40 44.45
CA TYR O 136 -11.50 16.12 44.00
C TYR O 136 -10.91 15.78 42.64
N GLN O 137 -10.92 14.47 42.33
CA GLN O 137 -10.43 13.99 41.05
C GLN O 137 -11.05 12.63 40.77
N ALA O 138 -11.16 12.30 39.48
CA ALA O 138 -11.70 11.02 39.05
C ALA O 138 -10.91 10.51 37.85
N VAL O 139 -10.78 9.19 37.77
CA VAL O 139 -10.09 8.54 36.67
C VAL O 139 -10.95 7.38 36.17
N GLY O 140 -10.78 7.04 34.90
CA GLY O 140 -11.51 5.97 34.26
C GLY O 140 -12.35 6.48 33.10
N SER O 141 -13.15 5.57 32.54
CA SER O 141 -14.00 5.91 31.41
C SER O 141 -15.24 6.71 31.80
N GLY O 142 -15.65 6.66 33.07
CA GLY O 142 -16.80 7.41 33.53
C GLY O 142 -16.40 8.59 34.41
N SER O 143 -15.16 9.07 34.23
CA SER O 143 -14.64 10.12 35.10
C SER O 143 -15.33 11.46 34.88
N LEU O 144 -15.78 11.73 33.66
CA LEU O 144 -16.41 13.02 33.38
C LEU O 144 -17.72 13.19 34.14
N PHE O 145 -18.55 12.15 34.15
CA PHE O 145 -19.82 12.22 34.88
C PHE O 145 -19.58 12.37 36.38
N ALA O 146 -18.63 11.61 36.93
CA ALA O 146 -18.33 11.71 38.34
C ALA O 146 -17.80 13.10 38.70
N LYS O 147 -16.93 13.66 37.85
CA LYS O 147 -16.42 15.00 38.11
C LYS O 147 -17.52 16.03 38.06
N SER O 148 -18.44 15.92 37.09
CA SER O 148 -19.54 16.86 37.00
C SER O 148 -20.50 16.73 38.17
N SER O 149 -20.65 15.53 38.72
CA SER O 149 -21.48 15.35 39.92
C SER O 149 -20.81 15.95 41.15
N MET O 150 -19.50 15.71 41.30
CA MET O 150 -18.78 16.28 42.44
C MET O 150 -18.73 17.80 42.38
N LYS O 151 -18.65 18.37 41.18
CA LYS O 151 -18.64 19.83 41.04
C LYS O 151 -19.87 20.46 41.70
N LYS O 152 -20.99 19.75 41.71
CA LYS O 152 -22.20 20.25 42.34
C LYS O 152 -22.39 19.77 43.77
N LEU O 153 -21.86 18.59 44.11
CA LEU O 153 -22.06 18.01 45.43
C LEU O 153 -20.92 18.30 46.42
N TYR O 154 -19.90 19.07 46.02
CA TYR O 154 -18.76 19.29 46.91
C TYR O 154 -19.04 20.27 48.03
N SER O 155 -20.09 21.10 47.91
CA SER O 155 -20.36 22.08 48.96
C SER O 155 -20.88 21.46 50.25
N GLN O 156 -21.27 20.19 50.22
CA GLN O 156 -21.83 19.53 51.39
C GLN O 156 -20.78 18.82 52.25
N VAL O 157 -19.54 18.71 51.77
CA VAL O 157 -18.53 17.95 52.49
C VAL O 157 -18.05 18.75 53.69
N THR O 158 -18.13 18.15 54.87
CA THR O 158 -17.66 18.74 56.11
C THR O 158 -16.69 17.83 56.85
N ASP O 159 -16.89 16.52 56.80
CA ASP O 159 -16.04 15.58 57.51
C ASP O 159 -15.98 14.29 56.69
N GLY O 160 -15.52 13.20 57.31
CA GLY O 160 -15.32 11.96 56.58
C GLY O 160 -16.63 11.34 56.09
N ASP O 161 -17.67 11.39 56.91
CA ASP O 161 -18.94 10.81 56.52
C ASP O 161 -19.53 11.52 55.30
N SER O 162 -19.49 12.85 55.31
CA SER O 162 -20.00 13.63 54.18
C SER O 162 -19.22 13.31 52.90
N GLY O 163 -17.89 13.23 53.01
CA GLY O 163 -17.08 12.91 51.85
C GLY O 163 -17.34 11.52 51.31
N LEU O 164 -17.51 10.55 52.19
CA LEU O 164 -17.83 9.19 51.76
C LEU O 164 -19.18 9.14 51.05
N ARG O 165 -20.18 9.83 51.60
CA ARG O 165 -21.49 9.87 50.94
C ARG O 165 -21.38 10.51 49.55
N VAL O 166 -20.62 11.60 49.44
CA VAL O 166 -20.46 12.27 48.15
C VAL O 166 -19.75 11.35 47.16
N ALA O 167 -18.74 10.62 47.61
CA ALA O 167 -18.02 9.69 46.73
C ALA O 167 -18.94 8.59 46.23
N VAL O 168 -19.76 8.03 47.13
CA VAL O 168 -20.70 6.98 46.71
C VAL O 168 -21.71 7.53 45.71
N GLU O 169 -22.20 8.75 45.95
CA GLU O 169 -23.15 9.35 45.00
C GLU O 169 -22.51 9.59 43.64
N ALA O 170 -21.25 10.04 43.63
CA ALA O 170 -20.55 10.24 42.36
C ALA O 170 -20.37 8.94 41.61
N LEU O 171 -20.00 7.87 42.32
CA LEU O 171 -19.88 6.56 41.69
C LEU O 171 -21.23 6.09 41.15
N TYR O 172 -22.31 6.34 41.89
CA TYR O 172 -23.64 5.96 41.41
C TYR O 172 -24.00 6.71 40.13
N ASP O 173 -23.70 8.01 40.07
CA ASP O 173 -23.98 8.76 38.85
C ASP O 173 -23.15 8.26 37.68
N ALA O 174 -21.86 7.95 37.93
CA ALA O 174 -21.01 7.43 36.87
C ALA O 174 -21.54 6.10 36.34
N ALA O 175 -21.99 5.22 37.24
CA ALA O 175 -22.59 3.95 36.81
C ALA O 175 -23.90 4.17 36.07
N ASP O 176 -24.66 5.20 36.47
CA ASP O 176 -25.90 5.51 35.76
C ASP O 176 -25.63 5.96 34.33
N ASP O 177 -24.57 6.74 34.11
CA ASP O 177 -24.30 7.27 32.78
C ASP O 177 -23.42 6.38 31.93
N ASP O 178 -22.65 5.46 32.53
CA ASP O 178 -21.72 4.61 31.80
C ASP O 178 -22.08 3.14 32.00
N SER O 179 -22.00 2.36 30.93
CA SER O 179 -22.32 0.94 30.98
C SER O 179 -21.12 0.08 31.34
N ALA O 180 -19.90 0.62 31.31
CA ALA O 180 -18.71 -0.11 31.71
C ALA O 180 -18.41 0.03 33.20
N THR O 181 -19.27 0.70 33.94
CA THR O 181 -19.11 0.89 35.38
C THR O 181 -20.20 0.12 36.10
N GLY O 182 -19.83 -0.59 37.16
CA GLY O 182 -20.78 -1.41 37.90
C GLY O 182 -21.45 -0.62 39.00
N GLY O 183 -22.78 -0.70 39.05
CA GLY O 183 -23.55 -0.08 40.10
C GLY O 183 -23.74 -1.01 41.28
N PRO O 184 -24.43 -0.52 42.32
CA PRO O 184 -24.70 -1.39 43.47
C PRO O 184 -25.57 -2.58 43.06
N ASP O 185 -25.24 -3.74 43.63
CA ASP O 185 -25.98 -4.98 43.40
C ASP O 185 -26.69 -5.35 44.68
N LEU O 186 -28.02 -5.32 44.67
CA LEU O 186 -28.81 -5.69 45.84
C LEU O 186 -29.21 -7.16 45.82
N VAL O 187 -29.33 -7.76 44.64
CA VAL O 187 -29.60 -9.19 44.56
C VAL O 187 -28.44 -10.00 45.14
N ARG O 188 -27.21 -9.62 44.78
CA ARG O 188 -26.03 -10.35 45.22
C ARG O 188 -25.38 -9.76 46.46
N GLY O 189 -25.46 -8.44 46.65
CA GLY O 189 -24.86 -7.81 47.81
C GLY O 189 -23.41 -7.42 47.59
N ILE O 190 -23.14 -6.74 46.49
CA ILE O 190 -21.79 -6.27 46.15
C ILE O 190 -21.84 -4.75 46.02
N PHE O 191 -20.91 -4.07 46.69
CA PHE O 191 -20.88 -2.63 46.78
C PHE O 191 -19.47 -2.13 46.51
N PRO O 192 -19.31 -0.86 46.15
CA PRO O 192 -17.97 -0.31 45.90
C PRO O 192 -17.09 -0.39 47.13
N THR O 193 -15.78 -0.21 46.91
CA THR O 193 -14.78 -0.28 47.96
C THR O 193 -14.16 1.09 48.20
N ALA O 194 -13.91 1.41 49.46
CA ALA O 194 -13.41 2.72 49.86
C ALA O 194 -12.27 2.59 50.87
N VAL O 195 -11.37 3.57 50.83
CA VAL O 195 -10.24 3.67 51.75
C VAL O 195 -10.19 5.11 52.26
N ILE O 196 -10.01 5.26 53.57
CA ILE O 196 -9.96 6.57 54.21
C ILE O 196 -8.59 6.74 54.84
N ILE O 197 -7.92 7.85 54.52
CA ILE O 197 -6.59 8.15 55.04
C ILE O 197 -6.66 9.42 55.87
N ASP O 198 -6.14 9.34 57.09
CA ASP O 198 -6.12 10.48 58.00
C ASP O 198 -4.83 10.42 58.82
N ALA O 199 -4.74 11.25 59.86
CA ALA O 199 -3.53 11.34 60.66
C ALA O 199 -3.14 10.03 61.31
N ASP O 200 -4.09 9.11 61.50
CA ASP O 200 -3.80 7.82 62.11
C ASP O 200 -3.38 6.76 61.09
N GLY O 201 -3.46 7.05 59.80
CA GLY O 201 -3.06 6.12 58.77
C GLY O 201 -4.18 5.91 57.77
N ALA O 202 -4.07 4.81 57.02
CA ALA O 202 -5.04 4.45 55.99
C ALA O 202 -5.81 3.21 56.42
N VAL O 203 -7.13 3.29 56.40
CA VAL O 203 -8.01 2.22 56.87
C VAL O 203 -9.04 1.90 55.80
N ASP O 204 -9.31 0.62 55.60
CA ASP O 204 -10.38 0.19 54.73
C ASP O 204 -11.73 0.41 55.39
N VAL O 205 -12.70 0.87 54.61
CA VAL O 205 -14.04 1.13 55.12
C VAL O 205 -14.83 -0.18 55.15
N PRO O 206 -15.50 -0.52 56.26
CA PRO O 206 -16.32 -1.72 56.28
C PRO O 206 -17.50 -1.62 55.32
N GLU O 207 -17.95 -2.78 54.83
CA GLU O 207 -18.97 -2.81 53.79
C GLU O 207 -20.35 -2.43 54.29
N SER O 208 -20.61 -2.54 55.60
CA SER O 208 -21.93 -2.22 56.12
C SER O 208 -22.26 -0.73 55.94
N ARG O 209 -21.30 0.14 56.22
CA ARG O 209 -21.52 1.57 56.05
C ARG O 209 -21.81 1.92 54.60
N ILE O 210 -21.05 1.34 53.67
CA ILE O 210 -21.26 1.62 52.25
C ILE O 210 -22.60 1.08 51.80
N ALA O 211 -23.01 -0.09 52.29
CA ALA O 211 -24.32 -0.63 51.95
C ALA O 211 -25.43 0.29 52.46
N GLU O 212 -25.31 0.80 53.69
CA GLU O 212 -26.30 1.71 54.22
C GLU O 212 -26.38 2.99 53.40
N LEU O 213 -25.23 3.56 53.05
CA LEU O 213 -25.22 4.78 52.25
C LEU O 213 -25.83 4.55 50.87
N ALA O 214 -25.50 3.42 50.23
CA ALA O 214 -26.05 3.12 48.92
C ALA O 214 -27.56 2.93 48.99
N ARG O 215 -28.06 2.24 50.03
CA ARG O 215 -29.49 2.07 50.19
C ARG O 215 -30.18 3.40 50.39
N ALA O 216 -29.59 4.29 51.20
CA ALA O 216 -30.17 5.61 51.40
C ALA O 216 -30.22 6.41 50.10
N ILE O 217 -29.14 6.35 49.32
CA ILE O 217 -29.12 7.08 48.04
C ILE O 217 -30.16 6.52 47.09
N ILE O 218 -30.28 5.19 47.02
CA ILE O 218 -31.26 4.57 46.12
C ILE O 218 -32.68 4.96 46.54
N GLU O 219 -32.95 4.95 47.85
CA GLU O 219 -34.26 5.37 48.33
C GLU O 219 -34.53 6.84 47.98
N SER O 220 -33.52 7.69 48.12
CA SER O 220 -33.69 9.10 47.79
C SER O 220 -34.00 9.30 46.32
N ARG O 221 -33.30 8.56 45.44
CA ARG O 221 -33.53 8.73 44.01
C ARG O 221 -34.88 8.18 43.58
N SER O 222 -35.38 7.15 44.25
CA SER O 222 -36.66 6.56 43.90
C SER O 222 -37.82 7.51 44.20
N THR P 1 -29.14 -5.48 22.88
CA THR P 1 -30.45 -5.74 22.30
C THR P 1 -30.74 -7.23 22.25
N THR P 2 -31.90 -7.63 22.76
CA THR P 2 -32.31 -9.03 22.73
C THR P 2 -33.82 -9.10 22.58
N ILE P 3 -34.28 -9.85 21.58
CA ILE P 3 -35.70 -10.08 21.33
C ILE P 3 -35.94 -11.57 21.30
N VAL P 4 -36.91 -12.03 22.09
CA VAL P 4 -37.22 -13.45 22.19
C VAL P 4 -38.63 -13.69 21.69
N ALA P 5 -38.85 -14.90 21.17
CA ALA P 5 -40.18 -15.32 20.73
C ALA P 5 -40.34 -16.80 21.01
N LEU P 6 -41.53 -17.20 21.43
CA LEU P 6 -41.76 -18.61 21.73
C LEU P 6 -43.22 -18.97 21.50
N LYS P 7 -43.47 -20.28 21.43
CA LYS P 7 -44.77 -20.84 21.12
C LYS P 7 -45.37 -21.49 22.37
N TYR P 8 -46.68 -21.36 22.52
CA TYR P 8 -47.44 -22.06 23.53
C TYR P 8 -48.70 -22.62 22.87
N PRO P 9 -49.31 -23.65 23.46
CA PRO P 9 -50.53 -24.20 22.85
C PRO P 9 -51.63 -23.15 22.79
N GLY P 10 -51.94 -22.68 21.58
CA GLY P 10 -52.87 -21.60 21.36
C GLY P 10 -52.30 -20.39 20.64
N GLY P 11 -50.98 -20.19 20.67
CA GLY P 11 -50.43 -19.03 19.99
C GLY P 11 -48.95 -18.81 20.28
N VAL P 12 -48.55 -17.55 20.15
CA VAL P 12 -47.15 -17.15 20.26
C VAL P 12 -47.04 -15.94 21.17
N VAL P 13 -45.84 -15.76 21.74
CA VAL P 13 -45.54 -14.60 22.56
C VAL P 13 -44.14 -14.09 22.21
N MET P 14 -44.03 -12.77 22.06
CA MET P 14 -42.77 -12.11 21.70
C MET P 14 -42.46 -11.02 22.71
N ALA P 15 -41.19 -10.90 23.10
CA ALA P 15 -40.78 -9.95 24.12
C ALA P 15 -39.47 -9.28 23.74
N GLY P 16 -39.28 -8.06 24.23
CA GLY P 16 -38.08 -7.30 23.93
C GLY P 16 -37.75 -6.30 25.01
N ASP P 17 -36.47 -5.90 25.03
CA ASP P 17 -35.93 -4.98 26.02
C ASP P 17 -35.98 -3.54 25.52
N ARG P 18 -35.43 -2.60 26.30
CA ARG P 18 -35.63 -1.18 26.06
C ARG P 18 -34.35 -0.36 26.06
N ARG P 19 -33.17 -0.97 26.06
CA ARG P 19 -31.92 -0.23 26.14
C ARG P 19 -31.38 0.11 24.76
N SER P 20 -30.91 1.34 24.59
CA SER P 20 -30.22 1.77 23.38
C SER P 20 -28.89 2.40 23.78
N THR P 21 -27.81 1.95 23.14
CA THR P 21 -26.47 2.38 23.50
C THR P 21 -25.73 2.90 22.27
N GLN P 22 -24.75 3.76 22.52
CA GLN P 22 -23.85 4.29 21.50
C GLN P 22 -22.43 4.00 21.96
N GLY P 23 -21.92 2.82 21.61
CA GLY P 23 -20.66 2.36 22.13
C GLY P 23 -20.78 1.84 23.55
N ASN P 24 -20.12 2.49 24.50
CA ASN P 24 -20.26 2.16 25.91
C ASN P 24 -21.08 3.19 26.66
N MET P 25 -21.65 4.17 25.95
CA MET P 25 -22.49 5.20 26.55
C MET P 25 -23.96 4.84 26.37
N ILE P 26 -24.74 4.99 27.44
CA ILE P 26 -26.17 4.72 27.38
C ILE P 26 -26.88 5.93 26.80
N SER P 27 -27.65 5.72 25.73
CA SER P 27 -28.33 6.80 25.03
C SER P 27 -29.84 6.78 25.21
N GLY P 28 -30.46 5.61 25.29
CA GLY P 28 -31.90 5.52 25.42
C GLY P 28 -32.33 4.48 26.44
N ARG P 29 -33.39 4.79 27.20
CA ARG P 29 -33.82 3.94 28.30
C ARG P 29 -35.20 3.33 28.09
N ASP P 30 -36.02 3.86 27.20
CA ASP P 30 -37.39 3.39 27.00
C ASP P 30 -37.71 3.21 25.52
N VAL P 31 -36.79 2.59 24.78
CA VAL P 31 -37.01 2.33 23.36
C VAL P 31 -37.91 1.12 23.20
N ARG P 32 -38.83 1.20 22.25
CA ARG P 32 -39.74 0.10 21.94
C ARG P 32 -39.25 -0.60 20.67
N LYS P 33 -39.04 -1.91 20.76
CA LYS P 33 -38.43 -2.68 19.69
C LYS P 33 -39.35 -3.73 19.08
N VAL P 34 -40.62 -3.78 19.49
CA VAL P 34 -41.57 -4.77 19.01
C VAL P 34 -42.77 -4.05 18.41
N TYR P 35 -43.16 -4.45 17.21
CA TYR P 35 -44.23 -3.80 16.47
C TYR P 35 -45.30 -4.81 16.09
N ILE P 36 -46.52 -4.33 15.93
CA ILE P 36 -47.64 -5.15 15.46
C ILE P 36 -47.86 -4.78 14.00
N THR P 37 -47.45 -5.68 13.10
CA THR P 37 -47.54 -5.39 11.67
C THR P 37 -48.99 -5.43 11.19
N ASP P 38 -49.73 -6.46 11.57
CA ASP P 38 -51.13 -6.58 11.19
C ASP P 38 -51.85 -7.36 12.29
N ASP P 39 -53.06 -7.85 11.97
CA ASP P 39 -53.90 -8.47 12.98
C ASP P 39 -53.34 -9.78 13.53
N TYR P 40 -52.40 -10.41 12.82
CA TYR P 40 -51.93 -11.72 13.23
C TYR P 40 -50.42 -11.89 13.12
N THR P 41 -49.67 -10.80 13.01
CA THR P 41 -48.23 -10.89 12.78
C THR P 41 -47.51 -9.82 13.58
N ALA P 42 -46.36 -10.20 14.17
CA ALA P 42 -45.51 -9.28 14.90
C ALA P 42 -44.07 -9.44 14.43
N THR P 43 -43.33 -8.34 14.44
CA THR P 43 -41.96 -8.30 13.96
C THR P 43 -41.06 -7.61 14.99
N GLY P 44 -39.84 -8.10 15.12
CA GLY P 44 -38.85 -7.47 15.97
C GLY P 44 -37.49 -7.39 15.30
N ILE P 45 -36.94 -6.19 15.18
CA ILE P 45 -35.72 -5.96 14.41
C ILE P 45 -34.62 -5.51 15.36
N ALA P 46 -33.41 -6.02 15.15
CA ALA P 46 -32.24 -5.65 15.92
C ALA P 46 -31.18 -5.05 15.01
N GLY P 47 -30.40 -4.13 15.56
CA GLY P 47 -29.35 -3.48 14.80
C GLY P 47 -29.39 -1.97 14.87
N THR P 48 -29.16 -1.30 13.75
CA THR P 48 -29.26 0.15 13.69
C THR P 48 -30.72 0.57 13.85
N ALA P 49 -30.96 1.56 14.71
CA ALA P 49 -32.33 1.93 15.04
C ALA P 49 -33.08 2.49 13.84
N ALA P 50 -32.46 3.43 13.12
CA ALA P 50 -33.15 4.08 12.00
C ALA P 50 -33.54 3.07 10.93
N VAL P 51 -32.62 2.15 10.60
CA VAL P 51 -32.94 1.12 9.62
C VAL P 51 -34.09 0.24 10.10
N ALA P 52 -34.12 -0.05 11.40
CA ALA P 52 -35.18 -0.89 11.95
C ALA P 52 -36.55 -0.23 11.83
N VAL P 53 -36.64 1.06 12.22
CA VAL P 53 -37.92 1.76 12.12
C VAL P 53 -38.34 1.90 10.66
N GLU P 54 -37.39 2.21 9.78
CA GLU P 54 -37.71 2.32 8.36
C GLU P 54 -38.24 1.00 7.81
N PHE P 55 -37.57 -0.11 8.15
CA PHE P 55 -38.00 -1.43 7.70
C PHE P 55 -39.39 -1.75 8.21
N ALA P 56 -39.66 -1.45 9.48
CA ALA P 56 -40.96 -1.76 10.07
C ALA P 56 -42.08 -0.97 9.40
N ARG P 57 -41.89 0.35 9.25
CA ARG P 57 -42.93 1.17 8.67
C ARG P 57 -43.16 0.79 7.21
N LEU P 58 -42.09 0.49 6.48
CA LEU P 58 -42.22 0.06 5.09
C LEU P 58 -42.95 -1.28 4.97
N TYR P 59 -42.62 -2.24 5.82
CA TYR P 59 -43.29 -3.55 5.78
C TYR P 59 -44.78 -3.40 6.07
N ALA P 60 -45.14 -2.61 7.08
CA ALA P 60 -46.55 -2.41 7.39
C ALA P 60 -47.28 -1.75 6.23
N VAL P 61 -46.68 -0.73 5.62
CA VAL P 61 -47.32 -0.04 4.50
C VAL P 61 -47.50 -0.99 3.33
N GLU P 62 -46.49 -1.82 3.05
CA GLU P 62 -46.60 -2.75 1.92
C GLU P 62 -47.71 -3.77 2.14
N LEU P 63 -47.80 -4.32 3.36
CA LEU P 63 -48.87 -5.28 3.64
C LEU P 63 -50.24 -4.64 3.50
N GLU P 64 -50.40 -3.44 4.06
CA GLU P 64 -51.70 -2.76 3.96
C GLU P 64 -52.04 -2.41 2.51
N HIS P 65 -51.03 -2.02 1.74
CA HIS P 65 -51.25 -1.67 0.34
C HIS P 65 -51.74 -2.88 -0.45
N TYR P 66 -51.10 -4.04 -0.25
CA TYR P 66 -51.56 -5.24 -0.95
C TYR P 66 -52.97 -5.61 -0.51
N GLU P 67 -53.25 -5.53 0.79
CA GLU P 67 -54.58 -5.90 1.27
C GLU P 67 -55.65 -5.00 0.67
N LYS P 68 -55.38 -3.70 0.57
CA LYS P 68 -56.36 -2.78 -0.01
C LYS P 68 -56.50 -2.99 -1.51
N LEU P 69 -55.39 -3.27 -2.21
CA LEU P 69 -55.44 -3.42 -3.66
C LEU P 69 -56.20 -4.68 -4.06
N GLU P 70 -55.87 -5.82 -3.46
CA GLU P 70 -56.43 -7.09 -3.90
C GLU P 70 -57.71 -7.49 -3.17
N GLY P 71 -58.07 -6.79 -2.09
CA GLY P 71 -59.26 -7.14 -1.35
C GLY P 71 -59.16 -8.39 -0.52
N VAL P 72 -57.97 -8.97 -0.40
CA VAL P 72 -57.75 -10.18 0.38
C VAL P 72 -56.33 -10.11 0.95
N PRO P 73 -56.11 -10.53 2.19
CA PRO P 73 -54.76 -10.49 2.76
C PRO P 73 -53.85 -11.56 2.16
N LEU P 74 -52.55 -11.30 2.27
CA LEU P 74 -51.54 -12.23 1.80
C LEU P 74 -51.48 -13.46 2.70
N THR P 75 -50.98 -14.55 2.14
CA THR P 75 -50.71 -15.75 2.92
C THR P 75 -49.37 -15.60 3.65
N PHE P 76 -49.10 -16.54 4.55
CA PHE P 76 -47.89 -16.45 5.38
C PHE P 76 -46.63 -16.54 4.53
N ALA P 77 -46.62 -17.44 3.54
CA ALA P 77 -45.45 -17.58 2.67
C ALA P 77 -45.17 -16.30 1.89
N GLY P 78 -46.23 -15.62 1.43
CA GLY P 78 -46.05 -14.36 0.74
C GLY P 78 -45.42 -13.30 1.62
N LYS P 79 -45.86 -13.20 2.87
CA LYS P 79 -45.26 -12.25 3.80
C LYS P 79 -43.80 -12.59 4.06
N ILE P 80 -43.49 -13.88 4.22
CA ILE P 80 -42.11 -14.30 4.41
C ILE P 80 -41.27 -13.91 3.21
N ASN P 81 -41.79 -14.11 2.00
CA ASN P 81 -41.06 -13.76 0.79
C ASN P 81 -40.81 -12.26 0.70
N ARG P 82 -41.82 -11.47 1.03
CA ARG P 82 -41.65 -10.01 0.99
C ARG P 82 -40.60 -9.54 1.99
N LEU P 83 -40.65 -10.09 3.22
CA LEU P 83 -39.65 -9.72 4.21
C LEU P 83 -38.26 -10.16 3.79
N ALA P 84 -38.14 -11.35 3.20
CA ALA P 84 -36.84 -11.82 2.73
C ALA P 84 -36.29 -10.95 1.63
N ILE P 85 -37.15 -10.50 0.70
CA ILE P 85 -36.72 -9.59 -0.35
C ILE P 85 -36.24 -8.27 0.24
N MET P 86 -36.99 -7.74 1.21
CA MET P 86 -36.60 -6.49 1.85
C MET P 86 -35.25 -6.63 2.54
N VAL P 87 -35.01 -7.75 3.23
CA VAL P 87 -33.73 -7.97 3.88
C VAL P 87 -32.62 -8.12 2.86
N ARG P 88 -32.86 -8.87 1.78
CA ARG P 88 -31.84 -9.11 0.77
C ARG P 88 -31.44 -7.81 0.07
N GLY P 89 -32.36 -6.86 -0.06
CA GLY P 89 -32.05 -5.61 -0.74
C GLY P 89 -31.11 -4.71 0.03
N ASN P 90 -30.85 -4.98 1.31
CA ASN P 90 -30.04 -4.11 2.15
C ASN P 90 -28.65 -4.69 2.39
N LEU P 91 -28.26 -5.70 1.61
CA LEU P 91 -26.97 -6.37 1.79
C LEU P 91 -25.81 -5.39 1.66
N ALA P 92 -25.85 -4.55 0.61
CA ALA P 92 -24.78 -3.58 0.40
C ALA P 92 -24.70 -2.59 1.56
N ALA P 93 -25.86 -2.12 2.05
CA ALA P 93 -25.87 -1.27 3.23
C ALA P 93 -25.65 -2.06 4.51
N ALA P 94 -25.98 -3.35 4.53
CA ALA P 94 -25.65 -4.18 5.69
C ALA P 94 -24.14 -4.22 5.90
N MET P 95 -23.38 -4.38 4.83
CA MET P 95 -21.95 -4.12 4.91
C MET P 95 -21.71 -2.62 5.10
N GLN P 96 -20.54 -2.30 5.65
CA GLN P 96 -20.06 -0.95 5.93
C GLN P 96 -20.78 -0.28 7.10
N GLY P 97 -21.79 -0.91 7.69
CA GLY P 97 -22.27 -0.47 8.98
C GLY P 97 -23.72 -0.02 9.11
N LEU P 98 -24.62 -0.54 8.28
CA LEU P 98 -26.06 -0.31 8.45
C LEU P 98 -26.77 -1.66 8.35
N LEU P 99 -26.84 -2.37 9.47
CA LEU P 99 -27.33 -3.74 9.51
C LEU P 99 -28.62 -3.83 10.33
N ALA P 100 -29.59 -4.56 9.79
CA ALA P 100 -30.85 -4.82 10.49
C ALA P 100 -31.21 -6.29 10.32
N LEU P 101 -31.51 -6.96 11.43
CA LEU P 101 -31.87 -8.38 11.42
C LEU P 101 -33.25 -8.55 12.03
N PRO P 102 -34.24 -9.03 11.27
CA PRO P 102 -35.59 -9.18 11.82
C PRO P 102 -35.90 -10.57 12.35
N LEU P 103 -36.98 -10.66 13.13
CA LEU P 103 -37.55 -11.91 13.61
C LEU P 103 -39.06 -11.79 13.53
N LEU P 104 -39.73 -12.83 13.03
CA LEU P 104 -41.16 -12.76 12.75
C LEU P 104 -41.91 -13.79 13.56
N ALA P 105 -43.07 -13.40 14.09
CA ALA P 105 -43.97 -14.31 14.79
C ALA P 105 -45.37 -14.13 14.23
N GLY P 106 -46.13 -15.22 14.13
CA GLY P 106 -47.44 -15.11 13.54
C GLY P 106 -48.35 -16.27 13.89
N TYR P 107 -49.62 -16.09 13.56
CA TYR P 107 -50.66 -17.10 13.75
C TYR P 107 -51.33 -17.36 12.41
N ASP P 108 -51.33 -18.61 11.98
CA ASP P 108 -51.89 -19.00 10.69
C ASP P 108 -53.36 -19.37 10.87
N ILE P 109 -54.25 -18.64 10.20
CA ILE P 109 -55.68 -18.91 10.29
C ILE P 109 -56.16 -19.95 9.30
N HIS P 110 -55.33 -20.31 8.32
CA HIS P 110 -55.67 -21.32 7.34
C HIS P 110 -55.20 -22.72 7.73
N ALA P 111 -54.56 -22.86 8.89
CA ALA P 111 -54.10 -24.16 9.34
C ALA P 111 -55.28 -25.04 9.74
N SER P 112 -55.18 -26.34 9.44
CA SER P 112 -56.24 -27.27 9.79
C SER P 112 -56.41 -27.40 11.30
N ASP P 113 -55.29 -27.49 12.03
CA ASP P 113 -55.34 -27.67 13.47
C ASP P 113 -55.09 -26.33 14.15
N PRO P 114 -56.07 -25.76 14.86
CA PRO P 114 -55.84 -24.45 15.51
C PRO P 114 -54.78 -24.48 16.59
N GLN P 115 -54.52 -25.63 17.22
CA GLN P 115 -53.52 -25.68 18.28
C GLN P 115 -52.13 -25.40 17.73
N SER P 116 -51.77 -26.04 16.62
CA SER P 116 -50.44 -25.86 16.02
C SER P 116 -50.53 -24.87 14.85
N ALA P 117 -50.84 -23.62 15.21
CA ALA P 117 -50.96 -22.55 14.23
C ALA P 117 -49.94 -21.43 14.44
N GLY P 118 -49.13 -21.49 15.49
CA GLY P 118 -48.13 -20.47 15.74
C GLY P 118 -46.86 -20.74 14.97
N ARG P 119 -46.32 -19.70 14.34
CA ARG P 119 -45.14 -19.81 13.49
C ARG P 119 -44.11 -18.76 13.91
N ILE P 120 -42.84 -19.18 13.92
CA ILE P 120 -41.71 -18.31 14.21
C ILE P 120 -40.70 -18.44 13.09
N VAL P 121 -40.30 -17.31 12.51
CA VAL P 121 -39.40 -17.27 11.36
C VAL P 121 -38.20 -16.41 11.70
N SER P 122 -37.00 -16.92 11.39
CA SER P 122 -35.75 -16.20 11.58
C SER P 122 -35.10 -15.94 10.23
N PHE P 123 -34.25 -14.92 10.18
CA PHE P 123 -33.63 -14.47 8.95
C PHE P 123 -32.13 -14.28 9.15
N ASP P 124 -31.39 -14.32 8.06
CA ASP P 124 -29.96 -14.08 8.06
C ASP P 124 -29.62 -12.85 7.21
N ALA P 125 -28.36 -12.43 7.29
CA ALA P 125 -27.94 -11.18 6.67
C ALA P 125 -27.99 -11.23 5.15
N ALA P 126 -28.00 -12.41 4.55
CA ALA P 126 -28.05 -12.55 3.10
C ALA P 126 -29.47 -12.69 2.56
N GLY P 127 -30.47 -12.75 3.43
CA GLY P 127 -31.85 -12.89 3.00
C GLY P 127 -32.43 -14.28 3.14
N GLY P 128 -31.68 -15.24 3.68
CA GLY P 128 -32.22 -16.58 3.87
C GLY P 128 -33.07 -16.64 5.13
N TRP P 129 -34.17 -17.38 5.04
CA TRP P 129 -35.13 -17.50 6.13
C TRP P 129 -35.28 -18.95 6.55
N ASN P 130 -35.61 -19.15 7.83
CA ASN P 130 -35.80 -20.46 8.40
C ASN P 130 -37.01 -20.47 9.32
N ILE P 131 -37.81 -21.52 9.21
CA ILE P 131 -38.98 -21.70 10.05
C ILE P 131 -38.59 -22.59 11.23
N GLU P 132 -38.77 -22.09 12.44
CA GLU P 132 -38.35 -22.81 13.63
C GLU P 132 -39.31 -23.96 13.93
N GLU P 133 -38.75 -25.06 14.45
CA GLU P 133 -39.53 -26.21 14.85
C GLU P 133 -39.26 -26.66 16.28
N GLU P 134 -38.39 -25.96 17.01
CA GLU P 134 -38.11 -26.33 18.39
C GLU P 134 -38.99 -25.59 19.40
N GLY P 135 -39.59 -24.48 19.00
CA GLY P 135 -40.54 -23.78 19.84
C GLY P 135 -40.09 -22.43 20.38
N TYR P 136 -38.84 -22.02 20.14
CA TYR P 136 -38.37 -20.74 20.63
C TYR P 136 -37.24 -20.24 19.75
N GLN P 137 -37.02 -18.93 19.80
CA GLN P 137 -35.94 -18.29 19.05
C GLN P 137 -35.61 -16.96 19.70
N ALA P 138 -34.37 -16.53 19.51
CA ALA P 138 -33.89 -15.25 20.05
C ALA P 138 -32.98 -14.58 19.02
N VAL P 139 -33.02 -13.25 19.00
CA VAL P 139 -32.19 -12.45 18.12
C VAL P 139 -31.56 -11.32 18.92
N GLY P 140 -30.40 -10.87 18.48
CA GLY P 140 -29.67 -9.79 19.11
C GLY P 140 -28.30 -10.26 19.59
N SER P 141 -27.62 -9.36 20.31
CA SER P 141 -26.29 -9.65 20.81
C SER P 141 -26.30 -10.57 22.03
N GLY P 142 -27.41 -10.65 22.75
CA GLY P 142 -27.52 -11.53 23.90
C GLY P 142 -28.38 -12.74 23.63
N SER P 143 -28.50 -13.12 22.36
CA SER P 143 -29.40 -14.20 21.97
C SER P 143 -28.91 -15.56 22.47
N LEU P 144 -27.60 -15.76 22.57
CA LEU P 144 -27.08 -17.06 22.99
C LEU P 144 -27.48 -17.38 24.42
N PHE P 145 -27.34 -16.42 25.32
CA PHE P 145 -27.71 -16.64 26.72
C PHE P 145 -29.21 -16.90 26.86
N ALA P 146 -30.03 -16.12 26.14
CA ALA P 146 -31.47 -16.33 26.19
C ALA P 146 -31.85 -17.70 25.65
N LYS P 147 -31.22 -18.12 24.55
CA LYS P 147 -31.50 -19.45 24.00
C LYS P 147 -31.10 -20.55 24.96
N SER P 148 -29.94 -20.40 25.62
CA SER P 148 -29.51 -21.41 26.57
C SER P 148 -30.40 -21.45 27.80
N SER P 149 -30.98 -20.31 28.20
CA SER P 149 -31.93 -20.31 29.30
C SER P 149 -33.25 -20.96 28.91
N MET P 150 -33.75 -20.65 27.71
CA MET P 150 -34.99 -21.26 27.25
C MET P 150 -34.84 -22.76 27.05
N LYS P 151 -33.66 -23.23 26.62
CA LYS P 151 -33.43 -24.65 26.45
C LYS P 151 -33.70 -25.43 27.73
N LYS P 152 -33.48 -24.81 28.89
CA LYS P 152 -33.74 -25.44 30.17
C LYS P 152 -35.11 -25.10 30.75
N LEU P 153 -35.65 -23.92 30.42
CA LEU P 153 -36.92 -23.47 30.99
C LEU P 153 -38.14 -23.78 30.12
N TYR P 154 -37.95 -24.43 28.97
CA TYR P 154 -39.09 -24.65 28.08
C TYR P 154 -40.04 -25.74 28.55
N SER P 155 -39.61 -26.62 29.44
CA SER P 155 -40.47 -27.72 29.88
C SER P 155 -41.62 -27.26 30.76
N GLN P 156 -41.58 -26.02 31.25
CA GLN P 156 -42.61 -25.50 32.13
C GLN P 156 -43.76 -24.81 31.39
N VAL P 157 -43.62 -24.56 30.09
CA VAL P 157 -44.62 -23.79 29.37
C VAL P 157 -45.85 -24.66 29.13
N THR P 158 -47.01 -24.19 29.56
CA THR P 158 -48.29 -24.85 29.36
C THR P 158 -49.31 -23.95 28.70
N ASP P 159 -49.30 -22.66 29.00
CA ASP P 159 -50.27 -21.72 28.44
C ASP P 159 -49.58 -20.36 28.28
N GLY P 160 -50.37 -19.31 28.09
CA GLY P 160 -49.79 -18.00 27.83
C GLY P 160 -49.04 -17.43 29.02
N ASP P 161 -49.56 -17.62 30.23
CA ASP P 161 -48.90 -17.09 31.42
C ASP P 161 -47.53 -17.73 31.61
N SER P 162 -47.45 -19.05 31.45
CA SER P 162 -46.18 -19.75 31.59
C SER P 162 -45.17 -19.27 30.55
N GLY P 163 -45.62 -19.11 29.30
CA GLY P 163 -44.72 -18.63 28.25
C GLY P 163 -44.24 -17.23 28.50
N LEU P 164 -45.12 -16.35 28.98
CA LEU P 164 -44.70 -14.99 29.30
C LEU P 164 -43.67 -14.97 30.42
N ARG P 165 -43.90 -15.77 31.46
CA ARG P 165 -42.92 -15.84 32.55
C ARG P 165 -41.58 -16.35 32.04
N VAL P 166 -41.58 -17.37 31.19
CA VAL P 166 -40.34 -17.91 30.65
C VAL P 166 -39.63 -16.86 29.80
N ALA P 167 -40.37 -16.10 29.00
CA ALA P 167 -39.77 -15.06 28.18
C ALA P 167 -39.14 -13.97 29.04
N VAL P 168 -39.82 -13.55 30.10
CA VAL P 168 -39.26 -12.54 30.99
C VAL P 168 -37.99 -13.06 31.66
N GLU P 169 -38.01 -14.33 32.09
CA GLU P 169 -36.82 -14.91 32.72
C GLU P 169 -35.65 -14.98 31.73
N ALA P 170 -35.93 -15.35 30.48
CA ALA P 170 -34.87 -15.38 29.47
C ALA P 170 -34.28 -14.00 29.22
N LEU P 171 -35.15 -12.98 29.15
CA LEU P 171 -34.65 -11.62 28.99
C LEU P 171 -33.81 -11.19 30.20
N TYR P 172 -34.23 -11.58 31.40
CA TYR P 172 -33.46 -11.26 32.60
C TYR P 172 -32.08 -11.91 32.56
N ASP P 173 -32.01 -13.18 32.14
CA ASP P 173 -30.71 -13.84 32.03
C ASP P 173 -29.83 -13.17 30.98
N ALA P 174 -30.42 -12.80 29.84
CA ALA P 174 -29.65 -12.13 28.80
C ALA P 174 -29.10 -10.79 29.30
N ALA P 175 -29.91 -10.03 30.03
CA ALA P 175 -29.43 -8.78 30.60
C ALA P 175 -28.37 -9.02 31.67
N ASP P 176 -28.48 -10.12 32.41
CA ASP P 176 -27.46 -10.46 33.40
C ASP P 176 -26.12 -10.75 32.74
N ASP P 177 -26.13 -11.44 31.60
CA ASP P 177 -24.88 -11.83 30.96
C ASP P 177 -24.35 -10.80 29.97
N ASP P 178 -25.18 -9.90 29.47
CA ASP P 178 -24.77 -8.92 28.47
C ASP P 178 -24.99 -7.51 28.98
N SER P 179 -24.02 -6.63 28.72
CA SER P 179 -24.08 -5.24 29.15
C SER P 179 -24.79 -4.33 28.17
N ALA P 180 -25.04 -4.79 26.95
CA ALA P 180 -25.78 -4.01 25.96
C ALA P 180 -27.28 -4.26 26.03
N THR P 181 -27.74 -5.08 26.98
CA THR P 181 -29.16 -5.37 27.17
C THR P 181 -29.63 -4.75 28.48
N GLY P 182 -30.79 -4.10 28.45
CA GLY P 182 -31.31 -3.42 29.62
C GLY P 182 -32.14 -4.35 30.46
N GLY P 183 -31.86 -4.37 31.77
CA GLY P 183 -32.64 -5.13 32.71
C GLY P 183 -33.78 -4.32 33.29
N PRO P 184 -34.58 -4.94 34.15
CA PRO P 184 -35.67 -4.20 34.79
C PRO P 184 -35.15 -3.04 35.63
N ASP P 185 -35.86 -1.92 35.55
CA ASP P 185 -35.52 -0.73 36.32
C ASP P 185 -36.62 -0.51 37.36
N LEU P 186 -36.25 -0.64 38.63
CA LEU P 186 -37.20 -0.42 39.71
C LEU P 186 -37.18 1.01 40.24
N VAL P 187 -36.06 1.71 40.10
CA VAL P 187 -36.00 3.11 40.48
C VAL P 187 -36.91 3.94 39.58
N ARG P 188 -36.86 3.68 38.27
CA ARG P 188 -37.64 4.45 37.30
C ARG P 188 -38.96 3.79 36.94
N GLY P 189 -39.04 2.47 36.95
CA GLY P 189 -40.26 1.78 36.60
C GLY P 189 -40.39 1.51 35.12
N ILE P 190 -39.35 0.95 34.51
CA ILE P 190 -39.34 0.60 33.09
C ILE P 190 -39.10 -0.89 32.97
N PHE P 191 -39.93 -1.56 32.18
CA PHE P 191 -39.93 -3.01 32.04
C PHE P 191 -40.00 -3.38 30.57
N PRO P 192 -39.61 -4.61 30.21
CA PRO P 192 -39.67 -5.03 28.81
C PRO P 192 -41.09 -5.01 28.27
N THR P 193 -41.20 -5.08 26.94
CA THR P 193 -42.47 -5.03 26.25
C THR P 193 -42.77 -6.36 25.59
N ALA P 194 -44.03 -6.79 25.64
CA ALA P 194 -44.45 -8.07 25.13
C ALA P 194 -45.71 -7.96 24.30
N VAL P 195 -45.85 -8.87 23.33
CA VAL P 195 -47.02 -8.97 22.47
C VAL P 195 -47.43 -10.44 22.41
N ILE P 196 -48.73 -10.70 22.55
CA ILE P 196 -49.26 -12.06 22.55
C ILE P 196 -50.21 -12.19 21.37
N ILE P 197 -50.00 -13.22 20.54
CA ILE P 197 -50.82 -13.46 19.37
C ILE P 197 -51.52 -14.80 19.54
N ASP P 198 -52.83 -14.81 19.34
CA ASP P 198 -53.64 -16.02 19.44
C ASP P 198 -54.76 -15.94 18.41
N ALA P 199 -55.72 -16.84 18.51
CA ALA P 199 -56.80 -16.93 17.53
C ALA P 199 -57.62 -15.66 17.44
N ASP P 200 -57.62 -14.83 18.48
CA ASP P 200 -58.37 -13.58 18.46
C ASP P 200 -57.58 -12.41 17.91
N GLY P 201 -56.28 -12.58 17.63
CA GLY P 201 -55.46 -11.53 17.08
C GLY P 201 -54.22 -11.31 17.93
N ALA P 202 -53.60 -10.16 17.73
CA ALA P 202 -52.38 -9.77 18.44
C ALA P 202 -52.69 -8.63 19.40
N VAL P 203 -52.33 -8.80 20.67
CA VAL P 203 -52.63 -7.84 21.72
C VAL P 203 -51.35 -7.50 22.47
N ASP P 204 -51.18 -6.22 22.80
CA ASP P 204 -50.09 -5.79 23.65
C ASP P 204 -50.37 -6.16 25.10
N VAL P 205 -49.34 -6.61 25.80
CA VAL P 205 -49.47 -7.01 27.20
C VAL P 205 -49.38 -5.77 28.08
N PRO P 206 -50.31 -5.58 29.03
CA PRO P 206 -50.19 -4.44 29.94
C PRO P 206 -48.97 -4.54 30.82
N GLU P 207 -48.46 -3.38 31.24
CA GLU P 207 -47.20 -3.31 31.96
C GLU P 207 -47.29 -3.84 33.39
N SER P 208 -48.50 -3.86 33.98
CA SER P 208 -48.63 -4.32 35.35
C SER P 208 -48.29 -5.79 35.50
N ARG P 209 -48.73 -6.63 34.56
CA ARG P 209 -48.42 -8.05 34.60
C ARG P 209 -46.92 -8.29 34.49
N ILE P 210 -46.26 -7.57 33.58
CA ILE P 210 -44.82 -7.74 33.39
C ILE P 210 -44.07 -7.26 34.63
N ALA P 211 -44.52 -6.16 35.25
CA ALA P 211 -43.90 -5.69 36.47
C ALA P 211 -44.04 -6.73 37.59
N GLU P 212 -45.23 -7.33 37.73
CA GLU P 212 -45.43 -8.36 38.74
C GLU P 212 -44.52 -9.56 38.50
N LEU P 213 -44.44 -10.02 37.25
CA LEU P 213 -43.59 -11.16 36.93
C LEU P 213 -42.12 -10.85 37.20
N ALA P 214 -41.67 -9.65 36.82
CA ALA P 214 -40.28 -9.27 37.05
C ALA P 214 -39.97 -9.18 38.54
N ARG P 215 -40.89 -8.63 39.33
CA ARG P 215 -40.68 -8.57 40.77
C ARG P 215 -40.62 -9.96 41.37
N ALA P 216 -41.49 -10.87 40.92
CA ALA P 216 -41.45 -12.25 41.41
C ALA P 216 -40.13 -12.92 41.07
N ILE P 217 -39.64 -12.72 39.85
CA ILE P 217 -38.38 -13.33 39.44
C ILE P 217 -37.22 -12.76 40.25
N ILE P 218 -37.21 -11.45 40.46
CA ILE P 218 -36.14 -10.82 41.24
C ILE P 218 -36.16 -11.33 42.68
N GLU P 219 -37.35 -11.46 43.27
CA GLU P 219 -37.44 -12.02 44.62
C GLU P 219 -36.94 -13.46 44.66
N SER P 220 -37.28 -14.25 43.64
CA SER P 220 -36.82 -15.64 43.60
C SER P 220 -35.31 -15.73 43.51
N ARG P 221 -34.69 -14.87 42.69
CA ARG P 221 -33.24 -14.92 42.53
C ARG P 221 -32.51 -14.43 43.77
N SER P 222 -33.10 -13.51 44.51
CA SER P 222 -32.47 -12.96 45.72
C SER P 222 -32.40 -14.02 46.82
N THR Q 1 -19.41 24.61 20.50
CA THR Q 1 -20.83 24.80 20.22
C THR Q 1 -21.68 23.97 21.17
N THR Q 2 -22.67 24.61 21.80
CA THR Q 2 -23.59 23.91 22.69
C THR Q 2 -24.96 24.56 22.60
N ILE Q 3 -25.98 23.76 22.33
CA ILE Q 3 -27.36 24.21 22.27
C ILE Q 3 -28.18 23.37 23.24
N VAL Q 4 -28.92 24.02 24.12
CA VAL Q 4 -29.72 23.33 25.13
C VAL Q 4 -31.19 23.63 24.89
N ALA Q 5 -32.04 22.68 25.28
CA ALA Q 5 -33.48 22.85 25.21
C ALA Q 5 -34.11 22.14 26.40
N LEU Q 6 -35.15 22.75 26.97
CA LEU Q 6 -35.81 22.14 28.12
C LEU Q 6 -37.28 22.55 28.16
N LYS Q 7 -38.03 21.80 28.96
CA LYS Q 7 -39.47 21.93 29.09
C LYS Q 7 -39.83 22.54 30.44
N TYR Q 8 -40.84 23.39 30.45
CA TYR Q 8 -41.44 23.92 31.67
C TYR Q 8 -42.95 23.84 31.53
N PRO Q 9 -43.69 23.82 32.64
CA PRO Q 9 -45.15 23.77 32.52
C PRO Q 9 -45.69 24.98 31.77
N GLY Q 10 -46.17 24.75 30.56
CA GLY Q 10 -46.61 25.82 29.68
C GLY Q 10 -45.88 25.87 28.35
N GLY Q 11 -44.67 25.34 28.25
CA GLY Q 11 -43.96 25.40 26.98
C GLY Q 11 -42.52 24.95 27.07
N VAL Q 12 -41.71 25.45 26.14
CA VAL Q 12 -40.32 25.04 25.99
C VAL Q 12 -39.44 26.28 25.88
N VAL Q 13 -38.15 26.10 26.20
CA VAL Q 13 -37.15 27.15 26.06
C VAL Q 13 -35.88 26.54 25.48
N MET Q 14 -35.30 27.24 24.49
CA MET Q 14 -34.09 26.81 23.82
C MET Q 14 -33.04 27.91 23.86
N ALA Q 15 -31.79 27.55 24.09
CA ALA Q 15 -30.72 28.53 24.24
C ALA Q 15 -29.46 28.05 23.53
N GLY Q 16 -28.65 29.01 23.10
CA GLY Q 16 -27.42 28.69 22.37
C GLY Q 16 -26.37 29.77 22.53
N ASP Q 17 -25.12 29.38 22.31
CA ASP Q 17 -23.96 30.24 22.46
C ASP Q 17 -23.60 30.91 21.13
N ARG Q 18 -22.48 31.65 21.12
CA ARG Q 18 -22.16 32.53 20.00
C ARG Q 18 -20.74 32.40 19.47
N ARG Q 19 -19.99 31.39 19.88
CA ARG Q 19 -18.59 31.26 19.47
C ARG Q 19 -18.46 30.41 18.21
N SER Q 20 -17.63 30.86 17.28
CA SER Q 20 -17.27 30.09 16.10
C SER Q 20 -15.76 30.03 15.99
N THR Q 21 -15.23 28.82 15.83
CA THR Q 21 -13.79 28.60 15.83
C THR Q 21 -13.36 27.84 14.58
N GLN Q 22 -12.10 28.03 14.21
CA GLN Q 22 -11.46 27.32 13.09
C GLN Q 22 -10.21 26.65 13.66
N GLY Q 23 -10.37 25.45 14.18
CA GLY Q 23 -9.28 24.78 14.89
C GLY Q 23 -9.14 25.31 16.29
N ASN Q 24 -7.99 25.91 16.60
CA ASN Q 24 -7.77 26.58 17.87
C ASN Q 24 -7.81 28.10 17.75
N MET Q 25 -8.14 28.62 16.57
CA MET Q 25 -8.24 30.05 16.33
C MET Q 25 -9.69 30.48 16.41
N ILE Q 26 -9.96 31.58 17.11
CA ILE Q 26 -11.31 32.13 17.23
C ILE Q 26 -11.61 32.94 15.98
N SER Q 27 -12.71 32.61 15.31
CA SER Q 27 -13.10 33.25 14.06
C SER Q 27 -14.32 34.14 14.19
N GLY Q 28 -15.30 33.75 15.01
CA GLY Q 28 -16.52 34.52 15.17
C GLY Q 28 -16.97 34.65 16.60
N ARG Q 29 -17.48 35.83 16.96
CA ARG Q 29 -17.83 36.13 18.33
C ARG Q 29 -19.32 36.35 18.57
N ASP Q 30 -20.11 36.62 17.53
CA ASP Q 30 -21.53 36.92 17.67
C ASP Q 30 -22.37 36.13 16.67
N VAL Q 31 -22.09 34.84 16.54
CA VAL Q 31 -22.84 33.98 15.64
C VAL Q 31 -24.16 33.58 16.30
N ARG Q 32 -25.23 33.57 15.52
CA ARG Q 32 -26.55 33.16 15.99
C ARG Q 32 -26.83 31.74 15.51
N LYS Q 33 -27.15 30.86 16.44
CA LYS Q 33 -27.28 29.43 16.14
C LYS Q 33 -28.70 28.90 16.37
N VAL Q 34 -29.66 29.76 16.69
CA VAL Q 34 -31.03 29.35 16.98
C VAL Q 34 -31.96 30.09 16.03
N TYR Q 35 -32.86 29.35 15.39
CA TYR Q 35 -33.77 29.92 14.40
C TYR Q 35 -35.21 29.61 14.76
N ILE Q 36 -36.12 30.47 14.31
CA ILE Q 36 -37.55 30.27 14.48
C ILE Q 36 -38.09 29.78 13.13
N THR Q 37 -38.39 28.49 13.04
CA THR Q 37 -38.83 27.91 11.78
C THR Q 37 -40.25 28.37 11.43
N ASP Q 38 -41.16 28.30 12.38
CA ASP Q 38 -42.54 28.74 12.15
C ASP Q 38 -43.09 29.25 13.49
N ASP Q 39 -44.42 29.39 13.55
CA ASP Q 39 -45.06 30.00 14.72
C ASP Q 39 -44.91 29.18 15.99
N TYR Q 40 -44.60 27.88 15.89
CA TYR Q 40 -44.58 27.03 17.06
C TYR Q 40 -43.40 26.07 17.10
N THR Q 41 -42.36 26.32 16.32
CA THR Q 41 -41.24 25.38 16.22
C THR Q 41 -39.94 26.14 16.13
N ALA Q 42 -38.91 25.64 16.83
CA ALA Q 42 -37.56 26.19 16.79
C ALA Q 42 -36.56 25.07 16.56
N THR Q 43 -35.48 25.40 15.85
CA THR Q 43 -34.46 24.44 15.48
C THR Q 43 -33.08 25.00 15.80
N GLY Q 44 -32.18 24.12 16.25
CA GLY Q 44 -30.81 24.49 16.49
C GLY Q 44 -29.84 23.45 15.95
N ILE Q 45 -28.94 23.86 15.06
CA ILE Q 45 -28.05 22.94 14.35
C ILE Q 45 -26.61 23.20 14.79
N ALA Q 46 -25.86 22.12 14.99
CA ALA Q 46 -24.46 22.18 15.34
C ALA Q 46 -23.62 21.49 14.27
N GLY Q 47 -22.40 21.99 14.09
CA GLY Q 47 -21.49 21.43 13.10
C GLY Q 47 -20.91 22.46 12.15
N THR Q 48 -20.82 22.12 10.87
CA THR Q 48 -20.34 23.08 9.88
C THR Q 48 -21.38 24.19 9.70
N ALA Q 49 -20.90 25.43 9.69
CA ALA Q 49 -21.79 26.58 9.69
C ALA Q 49 -22.62 26.64 8.41
N ALA Q 50 -21.96 26.52 7.25
CA ALA Q 50 -22.65 26.65 5.98
C ALA Q 50 -23.75 25.60 5.82
N VAL Q 51 -23.46 24.36 6.19
CA VAL Q 51 -24.46 23.30 6.13
C VAL Q 51 -25.62 23.62 7.05
N ALA Q 52 -25.33 24.19 8.23
CA ALA Q 52 -26.40 24.50 9.18
C ALA Q 52 -27.33 25.58 8.64
N VAL Q 53 -26.77 26.67 8.08
CA VAL Q 53 -27.61 27.72 7.54
C VAL Q 53 -28.41 27.21 6.34
N GLU Q 54 -27.77 26.41 5.48
CA GLU Q 54 -28.47 25.85 4.34
C GLU Q 54 -29.63 24.97 4.78
N PHE Q 55 -29.40 24.10 5.77
CA PHE Q 55 -30.44 23.23 6.29
C PHE Q 55 -31.59 24.05 6.87
N ALA Q 56 -31.26 25.09 7.64
CA ALA Q 56 -32.31 25.89 8.26
C ALA Q 56 -33.16 26.61 7.23
N ARG Q 57 -32.52 27.26 6.25
CA ARG Q 57 -33.28 28.01 5.26
C ARG Q 57 -34.13 27.07 4.41
N LEU Q 58 -33.57 25.89 4.07
CA LEU Q 58 -34.31 24.90 3.30
C LEU Q 58 -35.51 24.36 4.07
N TYR Q 59 -35.34 24.05 5.36
CA TYR Q 59 -36.44 23.55 6.18
C TYR Q 59 -37.56 24.57 6.27
N ALA Q 60 -37.21 25.83 6.52
CA ALA Q 60 -38.23 26.88 6.61
C ALA Q 60 -38.98 27.02 5.29
N VAL Q 61 -38.26 27.02 4.17
CA VAL Q 61 -38.91 27.16 2.87
C VAL Q 61 -39.84 25.98 2.60
N GLU Q 62 -39.40 24.76 2.95
CA GLU Q 62 -40.24 23.58 2.71
C GLU Q 62 -41.52 23.64 3.53
N LEU Q 63 -41.41 24.02 4.81
CA LEU Q 63 -42.61 24.12 5.63
C LEU Q 63 -43.57 25.18 5.09
N GLU Q 64 -43.05 26.35 4.72
CA GLU Q 64 -43.91 27.40 4.19
C GLU Q 64 -44.55 26.97 2.87
N HIS Q 65 -43.79 26.27 2.03
CA HIS Q 65 -44.32 25.81 0.75
C HIS Q 65 -45.47 24.84 0.94
N TYR Q 66 -45.32 23.89 1.86
CA TYR Q 66 -46.42 22.96 2.12
C TYR Q 66 -47.63 23.70 2.68
N GLU Q 67 -47.40 24.64 3.60
CA GLU Q 67 -48.53 25.37 4.19
C GLU Q 67 -49.29 26.16 3.14
N LYS Q 68 -48.56 26.79 2.21
CA LYS Q 68 -49.23 27.56 1.15
C LYS Q 68 -49.93 26.65 0.16
N LEU Q 69 -49.33 25.50 -0.17
CA LEU Q 69 -49.93 24.61 -1.16
C LEU Q 69 -51.21 23.97 -0.65
N GLU Q 70 -51.18 23.41 0.56
CA GLU Q 70 -52.31 22.65 1.05
C GLU Q 70 -53.31 23.47 1.85
N GLY Q 71 -52.98 24.71 2.20
CA GLY Q 71 -53.90 25.52 2.97
C GLY Q 71 -54.03 25.15 4.42
N VAL Q 72 -53.20 24.23 4.91
CA VAL Q 72 -53.23 23.78 6.30
C VAL Q 72 -51.81 23.41 6.69
N PRO Q 73 -51.37 23.72 7.91
CA PRO Q 73 -50.01 23.37 8.32
C PRO Q 73 -49.85 21.88 8.59
N LEU Q 74 -48.61 21.43 8.52
CA LEU Q 74 -48.29 20.04 8.79
C LEU Q 74 -48.43 19.73 10.28
N THR Q 75 -48.62 18.46 10.58
CA THR Q 75 -48.60 18.00 11.96
C THR Q 75 -47.16 17.81 12.42
N PHE Q 76 -47.00 17.57 13.72
CA PHE Q 76 -45.66 17.47 14.30
C PHE Q 76 -44.90 16.27 13.74
N ALA Q 77 -45.58 15.13 13.58
CA ALA Q 77 -44.92 13.94 13.04
C ALA Q 77 -44.45 14.17 11.61
N GLY Q 78 -45.23 14.90 10.81
CA GLY Q 78 -44.79 15.21 9.46
C GLY Q 78 -43.55 16.06 9.42
N LYS Q 79 -43.47 17.07 10.30
CA LYS Q 79 -42.26 17.89 10.39
C LYS Q 79 -41.06 17.06 10.82
N ILE Q 80 -41.26 16.16 11.80
CA ILE Q 80 -40.18 15.28 12.22
C ILE Q 80 -39.71 14.41 11.07
N ASN Q 81 -40.65 13.86 10.29
CA ASN Q 81 -40.27 13.02 9.16
C ASN Q 81 -39.51 13.81 8.11
N ARG Q 82 -39.94 15.03 7.82
CA ARG Q 82 -39.22 15.85 6.84
C ARG Q 82 -37.81 16.17 7.30
N LEU Q 83 -37.66 16.53 8.58
CA LEU Q 83 -36.33 16.82 9.10
C LEU Q 83 -35.44 15.57 9.09
N ALA Q 84 -36.02 14.41 9.42
CA ALA Q 84 -35.25 13.17 9.41
C ALA Q 84 -34.81 12.82 7.99
N ILE Q 85 -35.68 13.03 6.99
CA ILE Q 85 -35.29 12.79 5.60
C ILE Q 85 -34.17 13.72 5.20
N MET Q 86 -34.27 15.00 5.57
CA MET Q 86 -33.22 15.95 5.23
C MET Q 86 -31.89 15.56 5.86
N VAL Q 87 -31.91 15.10 7.12
CA VAL Q 87 -30.68 14.67 7.77
C VAL Q 87 -30.14 13.40 7.11
N ARG Q 88 -31.01 12.44 6.79
CA ARG Q 88 -30.56 11.19 6.19
C ARG Q 88 -29.93 11.42 4.82
N GLY Q 89 -30.39 12.42 4.08
CA GLY Q 89 -29.85 12.68 2.76
C GLY Q 89 -28.43 13.20 2.74
N ASN Q 90 -27.89 13.62 3.90
CA ASN Q 90 -26.57 14.23 3.97
C ASN Q 90 -25.53 13.26 4.54
N LEU Q 91 -25.87 11.97 4.63
CA LEU Q 91 -24.98 10.98 5.22
C LEU Q 91 -23.64 10.93 4.49
N ALA Q 92 -23.69 10.89 3.15
CA ALA Q 92 -22.46 10.85 2.37
C ALA Q 92 -21.61 12.08 2.59
N ALA Q 93 -22.24 13.26 2.63
CA ALA Q 93 -21.51 14.48 2.97
C ALA Q 93 -21.21 14.60 4.46
N ALA Q 94 -22.01 13.94 5.32
CA ALA Q 94 -21.67 13.89 6.73
C ALA Q 94 -20.33 13.21 6.94
N MET Q 95 -20.09 12.10 6.24
CA MET Q 95 -18.74 11.58 6.15
C MET Q 95 -17.88 12.51 5.32
N GLN Q 96 -16.57 12.42 5.53
CA GLN Q 96 -15.52 13.18 4.86
C GLN Q 96 -15.48 14.65 5.29
N GLY Q 97 -16.40 15.11 6.14
CA GLY Q 97 -16.20 16.38 6.82
C GLY Q 97 -17.21 17.49 6.60
N LEU Q 98 -18.47 17.15 6.32
CA LEU Q 98 -19.55 18.15 6.26
C LEU Q 98 -20.73 17.60 7.08
N LEU Q 99 -20.69 17.82 8.38
CA LEU Q 99 -21.65 17.22 9.30
C LEU Q 99 -22.50 18.29 9.96
N ALA Q 100 -23.81 18.04 10.04
CA ALA Q 100 -24.75 18.92 10.71
C ALA Q 100 -25.71 18.07 11.54
N LEU Q 101 -25.85 18.42 12.81
CA LEU Q 101 -26.73 17.70 13.74
C LEU Q 101 -27.78 18.65 14.29
N PRO Q 102 -29.06 18.43 14.02
CA PRO Q 102 -30.10 19.35 14.53
C PRO Q 102 -30.74 18.93 15.84
N LEU Q 103 -31.43 19.86 16.47
CA LEU Q 103 -32.26 19.64 17.64
C LEU Q 103 -33.53 20.46 17.49
N LEU Q 104 -34.68 19.86 17.79
CA LEU Q 104 -35.97 20.49 17.51
C LEU Q 104 -36.76 20.67 18.79
N ALA Q 105 -37.40 21.83 18.92
CA ALA Q 105 -38.31 22.11 20.03
C ALA Q 105 -39.62 22.65 19.47
N GLY Q 106 -40.72 22.28 20.11
CA GLY Q 106 -42.00 22.70 19.58
C GLY Q 106 -43.12 22.64 20.59
N TYR Q 107 -44.25 23.22 20.21
CA TYR Q 107 -45.47 23.23 21.00
C TYR Q 107 -46.60 22.65 20.15
N ASP Q 108 -47.24 21.60 20.66
CA ASP Q 108 -48.30 20.93 19.93
C ASP Q 108 -49.65 21.56 20.30
N ILE Q 109 -50.34 22.11 19.30
CA ILE Q 109 -51.64 22.73 19.52
C ILE Q 109 -52.79 21.75 19.46
N HIS Q 110 -52.56 20.53 18.96
CA HIS Q 110 -53.59 19.51 18.89
C HIS Q 110 -53.61 18.59 20.10
N ALA Q 111 -52.73 18.83 21.08
CA ALA Q 111 -52.71 18.01 22.28
C ALA Q 111 -53.92 18.29 23.15
N SER Q 112 -54.46 17.24 23.77
CA SER Q 112 -55.63 17.40 24.64
C SER Q 112 -55.32 18.25 25.86
N ASP Q 113 -54.15 18.03 26.48
CA ASP Q 113 -53.78 18.75 27.69
C ASP Q 113 -52.80 19.86 27.32
N PRO Q 114 -53.18 21.14 27.46
CA PRO Q 114 -52.25 22.22 27.10
C PRO Q 114 -50.99 22.27 27.94
N GLN Q 115 -51.01 21.75 29.17
CA GLN Q 115 -49.82 21.79 30.02
C GLN Q 115 -48.71 20.94 29.44
N SER Q 116 -49.02 19.71 29.04
CA SER Q 116 -48.03 18.80 28.47
C SER Q 116 -48.10 18.82 26.94
N ALA Q 117 -47.75 19.98 26.39
CA ALA Q 117 -47.74 20.17 24.94
C ALA Q 117 -46.36 20.48 24.38
N GLY Q 118 -45.35 20.61 25.22
CA GLY Q 118 -44.00 20.88 24.74
C GLY Q 118 -43.27 19.61 24.36
N ARG Q 119 -42.61 19.64 23.20
CA ARG Q 119 -41.93 18.48 22.66
C ARG Q 119 -40.49 18.84 22.30
N ILE Q 120 -39.57 17.92 22.59
CA ILE Q 120 -38.16 18.05 22.26
C ILE Q 120 -37.73 16.80 21.50
N VAL Q 121 -37.13 17.00 20.33
CA VAL Q 121 -36.73 15.90 19.45
C VAL Q 121 -35.24 16.01 19.14
N SER Q 122 -34.53 14.90 19.27
CA SER Q 122 -33.12 14.81 18.95
C SER Q 122 -32.91 13.87 17.77
N PHE Q 123 -31.79 14.06 17.08
CA PHE Q 123 -31.50 13.31 15.85
C PHE Q 123 -30.07 12.78 15.91
N ASP Q 124 -29.82 11.74 15.12
CA ASP Q 124 -28.50 11.16 14.98
C ASP Q 124 -28.01 11.29 13.53
N ALA Q 125 -26.73 10.95 13.34
CA ALA Q 125 -26.09 11.17 12.05
C ALA Q 125 -26.66 10.30 10.93
N ALA Q 126 -27.34 9.21 11.26
CA ALA Q 126 -27.93 8.33 10.27
C ALA Q 126 -29.37 8.68 9.92
N GLY Q 127 -29.97 9.65 10.61
CA GLY Q 127 -31.34 10.05 10.37
C GLY Q 127 -32.34 9.53 11.37
N GLY Q 128 -31.91 8.83 12.41
CA GLY Q 128 -32.83 8.37 13.44
C GLY Q 128 -33.17 9.48 14.41
N TRP Q 129 -34.43 9.53 14.82
CA TRP Q 129 -34.93 10.57 15.71
C TRP Q 129 -35.49 9.96 16.98
N ASN Q 130 -35.43 10.73 18.06
CA ASN Q 130 -35.92 10.30 19.36
C ASN Q 130 -36.65 11.45 20.03
N ILE Q 131 -37.79 11.14 20.65
CA ILE Q 131 -38.59 12.12 21.39
C ILE Q 131 -38.22 12.00 22.86
N GLU Q 132 -37.75 13.11 23.44
CA GLU Q 132 -37.29 13.09 24.82
C GLU Q 132 -38.46 13.03 25.78
N GLU Q 133 -38.24 12.33 26.90
CA GLU Q 133 -39.24 12.22 27.95
C GLU Q 133 -38.72 12.61 29.33
N GLU Q 134 -37.45 13.01 29.44
CA GLU Q 134 -36.89 13.42 30.72
C GLU Q 134 -37.01 14.92 30.97
N GLY Q 135 -37.22 15.72 29.94
CA GLY Q 135 -37.47 17.14 30.10
C GLY Q 135 -36.36 18.06 29.62
N TYR Q 136 -35.22 17.54 29.19
CA TYR Q 136 -34.13 18.39 28.73
C TYR Q 136 -33.27 17.63 27.75
N GLN Q 137 -32.53 18.38 26.92
CA GLN Q 137 -31.61 17.80 25.96
C GLN Q 137 -30.58 18.84 25.56
N ALA Q 138 -29.41 18.37 25.16
CA ALA Q 138 -28.32 19.24 24.73
C ALA Q 138 -27.62 18.61 23.54
N VAL Q 139 -27.13 19.47 22.64
CA VAL Q 139 -26.39 19.04 21.46
C VAL Q 139 -25.13 19.90 21.33
N GLY Q 140 -24.11 19.33 20.70
CA GLY Q 140 -22.84 20.00 20.49
C GLY Q 140 -21.70 19.26 21.17
N SER Q 141 -20.53 19.88 21.14
CA SER Q 141 -19.33 19.29 21.72
C SER Q 141 -19.30 19.39 23.25
N GLY Q 142 -20.04 20.33 23.82
CA GLY Q 142 -20.10 20.47 25.26
C GLY Q 142 -21.41 20.00 25.85
N SER Q 143 -22.09 19.09 25.14
CA SER Q 143 -23.42 18.66 25.55
C SER Q 143 -23.38 17.81 26.82
N LEU Q 144 -22.30 17.07 27.05
CA LEU Q 144 -22.24 16.20 28.21
C LEU Q 144 -22.23 17.01 29.50
N PHE Q 145 -21.42 18.07 29.55
CA PHE Q 145 -21.35 18.91 30.75
C PHE Q 145 -22.69 19.59 31.00
N ALA Q 146 -23.32 20.12 29.95
CA ALA Q 146 -24.62 20.76 30.10
C ALA Q 146 -25.68 19.77 30.59
N LYS Q 147 -25.68 18.56 30.05
CA LYS Q 147 -26.63 17.55 30.49
C LYS Q 147 -26.40 17.18 31.95
N SER Q 148 -25.14 17.03 32.36
CA SER Q 148 -24.85 16.70 33.75
C SER Q 148 -25.22 17.84 34.69
N SER Q 149 -25.12 19.09 34.23
CA SER Q 149 -25.56 20.22 35.06
C SER Q 149 -27.08 20.26 35.17
N MET Q 150 -27.79 20.04 34.06
CA MET Q 150 -29.25 20.04 34.10
C MET Q 150 -29.78 18.89 34.94
N LYS Q 151 -29.10 17.74 34.93
CA LYS Q 151 -29.53 16.61 35.74
C LYS Q 151 -29.65 16.98 37.21
N LYS Q 152 -28.82 17.91 37.68
CA LYS Q 152 -28.87 18.38 39.06
C LYS Q 152 -29.70 19.63 39.25
N LEU Q 153 -29.81 20.48 38.23
CA LEU Q 153 -30.52 21.75 38.36
C LEU Q 153 -31.97 21.70 37.87
N TYR Q 154 -32.46 20.53 37.44
CA TYR Q 154 -33.82 20.47 36.89
C TYR Q 154 -34.91 20.54 37.96
N SER Q 155 -34.60 20.25 39.22
CA SER Q 155 -35.62 20.26 40.26
C SER Q 155 -36.12 21.65 40.60
N GLN Q 156 -35.43 22.70 40.16
CA GLN Q 156 -35.81 24.07 40.48
C GLN Q 156 -36.75 24.69 39.45
N VAL Q 157 -36.97 24.03 38.30
CA VAL Q 157 -37.77 24.64 37.25
C VAL Q 157 -39.24 24.58 37.62
N THR Q 158 -39.89 25.74 37.62
CA THR Q 158 -41.31 25.87 37.89
C THR Q 158 -42.06 26.60 36.78
N ASP Q 159 -41.43 27.59 36.16
CA ASP Q 159 -42.07 28.38 35.11
C ASP Q 159 -40.99 28.80 34.12
N GLY Q 160 -41.31 29.78 33.26
CA GLY Q 160 -40.38 30.18 32.22
C GLY Q 160 -39.11 30.81 32.74
N ASP Q 161 -39.23 31.64 33.77
CA ASP Q 161 -38.06 32.30 34.33
C ASP Q 161 -37.07 31.29 34.91
N SER Q 162 -37.59 30.32 35.66
CA SER Q 162 -36.73 29.28 36.24
C SER Q 162 -36.03 28.48 35.16
N GLY Q 163 -36.77 28.11 34.10
CA GLY Q 163 -36.17 27.36 33.01
C GLY Q 163 -35.10 28.14 32.28
N LEU Q 164 -35.35 29.43 32.05
CA LEU Q 164 -34.35 30.27 31.39
C LEU Q 164 -33.09 30.39 32.24
N ARG Q 165 -33.24 30.58 33.55
CA ARG Q 165 -32.08 30.63 34.44
C ARG Q 165 -31.30 29.32 34.40
N VAL Q 166 -32.00 28.20 34.43
CA VAL Q 166 -31.33 26.90 34.39
C VAL Q 166 -30.58 26.72 33.07
N ALA Q 167 -31.19 27.14 31.95
CA ALA Q 167 -30.54 27.02 30.67
C ALA Q 167 -29.27 27.87 30.60
N VAL Q 168 -29.33 29.10 31.12
CA VAL Q 168 -28.14 29.96 31.13
C VAL Q 168 -27.06 29.34 32.00
N GLU Q 169 -27.43 28.78 33.16
CA GLU Q 169 -26.43 28.14 34.02
C GLU Q 169 -25.79 26.93 33.34
N ALA Q 170 -26.60 26.14 32.63
CA ALA Q 170 -26.05 24.99 31.91
C ALA Q 170 -25.08 25.43 30.83
N LEU Q 171 -25.43 26.50 30.09
CA LEU Q 171 -24.52 27.02 29.08
C LEU Q 171 -23.24 27.54 29.71
N TYR Q 172 -23.34 28.18 30.88
CA TYR Q 172 -22.15 28.66 31.57
C TYR Q 172 -21.25 27.51 31.99
N ASP Q 173 -21.83 26.42 32.51
CA ASP Q 173 -21.02 25.27 32.88
C ASP Q 173 -20.36 24.64 31.66
N ALA Q 174 -21.10 24.53 30.54
CA ALA Q 174 -20.52 23.98 29.33
C ALA Q 174 -19.36 24.82 28.83
N ALA Q 175 -19.49 26.15 28.88
CA ALA Q 175 -18.38 27.01 28.49
C ALA Q 175 -17.22 26.92 29.46
N ASP Q 176 -17.51 26.68 30.74
CA ASP Q 176 -16.44 26.51 31.73
C ASP Q 176 -15.63 25.24 31.44
N ASP Q 177 -16.30 24.17 31.03
CA ASP Q 177 -15.62 22.90 30.81
C ASP Q 177 -15.07 22.72 29.40
N ASP Q 178 -15.59 23.45 28.42
CA ASP Q 178 -15.20 23.29 27.02
C ASP Q 178 -14.64 24.60 26.49
N SER Q 179 -13.54 24.51 25.72
CA SER Q 179 -12.90 25.67 25.13
C SER Q 179 -13.48 26.08 23.78
N ALA Q 180 -14.28 25.22 23.16
CA ALA Q 180 -14.93 25.54 21.90
C ALA Q 180 -16.29 26.20 22.09
N THR Q 181 -16.69 26.46 23.34
CA THR Q 181 -17.95 27.12 23.66
C THR Q 181 -17.65 28.50 24.23
N GLY Q 182 -18.40 29.50 23.77
CA GLY Q 182 -18.19 30.86 24.20
C GLY Q 182 -18.99 31.18 25.45
N GLY Q 183 -18.31 31.77 26.44
CA GLY Q 183 -18.96 32.22 27.64
C GLY Q 183 -19.43 33.65 27.53
N PRO Q 184 -20.06 34.16 28.58
CA PRO Q 184 -20.49 35.57 28.56
C PRO Q 184 -19.30 36.51 28.43
N ASP Q 185 -19.48 37.55 27.63
CA ASP Q 185 -18.46 38.58 27.43
C ASP Q 185 -18.96 39.88 28.07
N LEU Q 186 -18.27 40.33 29.11
CA LEU Q 186 -18.63 41.57 29.77
C LEU Q 186 -17.88 42.76 29.23
N VAL Q 187 -16.68 42.55 28.68
CA VAL Q 187 -15.95 43.63 28.04
C VAL Q 187 -16.69 44.13 26.81
N ARG Q 188 -17.19 43.20 25.98
CA ARG Q 188 -17.87 43.54 24.75
C ARG Q 188 -19.38 43.61 24.88
N GLY Q 189 -19.97 42.81 25.76
CA GLY Q 189 -21.42 42.80 25.94
C GLY Q 189 -22.13 41.86 24.99
N ILE Q 190 -21.67 40.62 24.92
CA ILE Q 190 -22.27 39.59 24.08
C ILE Q 190 -22.70 38.43 24.98
N PHE Q 191 -23.94 38.00 24.81
CA PHE Q 191 -24.58 37.00 25.65
C PHE Q 191 -25.27 35.96 24.78
N PRO Q 192 -25.54 34.77 25.33
CA PRO Q 192 -26.23 33.74 24.55
C PRO Q 192 -27.62 34.19 24.11
N THR Q 193 -28.17 33.45 23.16
CA THR Q 193 -29.48 33.76 22.58
C THR Q 193 -30.49 32.67 22.96
N ALA Q 194 -31.72 33.10 23.25
CA ALA Q 194 -32.76 32.20 23.72
C ALA Q 194 -34.08 32.46 23.00
N VAL Q 195 -34.87 31.41 22.87
CA VAL Q 195 -36.20 31.46 22.27
C VAL Q 195 -37.15 30.70 23.19
N ILE Q 196 -38.32 31.30 23.46
CA ILE Q 196 -39.32 30.70 24.34
C ILE Q 196 -40.58 30.44 23.53
N ILE Q 197 -41.09 29.21 23.58
CA ILE Q 197 -42.28 28.81 22.84
C ILE Q 197 -43.35 28.41 23.84
N ASP Q 198 -44.54 28.99 23.68
CA ASP Q 198 -45.68 28.69 24.55
C ASP Q 198 -46.95 28.74 23.70
N ALA Q 199 -48.10 28.73 24.37
CA ALA Q 199 -49.38 28.68 23.67
C ALA Q 199 -49.60 29.86 22.75
N ASP Q 200 -48.93 30.99 22.99
CA ASP Q 200 -49.07 32.16 22.15
C ASP Q 200 -48.11 32.18 20.97
N GLY Q 201 -47.17 31.24 20.90
CA GLY Q 201 -46.23 31.17 19.79
C GLY Q 201 -44.80 31.15 20.30
N ALA Q 202 -43.88 31.45 19.40
CA ALA Q 202 -42.45 31.46 19.70
C ALA Q 202 -41.93 32.90 19.67
N VAL Q 203 -41.27 33.32 20.74
CA VAL Q 203 -40.78 34.68 20.89
C VAL Q 203 -39.31 34.66 21.26
N ASP Q 204 -38.55 35.57 20.67
CA ASP Q 204 -37.15 35.77 21.04
C ASP Q 204 -37.06 36.49 22.37
N VAL Q 205 -36.12 36.06 23.20
CA VAL Q 205 -35.93 36.67 24.52
C VAL Q 205 -35.06 37.92 24.37
N PRO Q 206 -35.45 39.05 24.95
CA PRO Q 206 -34.60 40.24 24.88
C PRO Q 206 -33.29 40.03 25.64
N GLU Q 207 -32.26 40.75 25.19
CA GLU Q 207 -30.91 40.54 25.71
C GLU Q 207 -30.73 41.07 27.13
N SER Q 208 -31.57 42.00 27.57
CA SER Q 208 -31.42 42.57 28.91
C SER Q 208 -31.65 41.51 29.99
N ARG Q 209 -32.69 40.69 29.82
CA ARG Q 209 -32.97 39.64 30.80
C ARG Q 209 -31.83 38.64 30.88
N ILE Q 210 -31.28 38.24 29.74
CA ILE Q 210 -30.18 37.29 29.72
C ILE Q 210 -28.94 37.90 30.35
N ALA Q 211 -28.68 39.18 30.08
CA ALA Q 211 -27.55 39.85 30.72
C ALA Q 211 -27.70 39.90 32.23
N GLU Q 212 -28.90 40.21 32.71
CA GLU Q 212 -29.15 40.23 34.15
C GLU Q 212 -28.94 38.85 34.77
N LEU Q 213 -29.46 37.81 34.12
CA LEU Q 213 -29.30 36.46 34.65
C LEU Q 213 -27.84 36.04 34.66
N ALA Q 214 -27.10 36.36 33.60
CA ALA Q 214 -25.68 36.02 33.54
C ALA Q 214 -24.89 36.74 34.61
N ARG Q 215 -25.19 38.02 34.83
CA ARG Q 215 -24.51 38.77 35.88
C ARG Q 215 -24.81 38.19 37.26
N ALA Q 216 -26.06 37.80 37.49
CA ALA Q 216 -26.41 37.19 38.78
C ALA Q 216 -25.67 35.86 38.97
N ILE Q 217 -25.59 35.05 37.92
CA ILE Q 217 -24.89 33.77 38.03
C ILE Q 217 -23.41 33.99 38.28
N ILE Q 218 -22.80 34.95 37.58
CA ILE Q 218 -21.37 35.24 37.76
C ILE Q 218 -21.11 35.72 39.19
N GLU Q 219 -21.98 36.60 39.70
CA GLU Q 219 -21.83 37.06 41.08
C GLU Q 219 -21.96 35.89 42.07
N SER Q 220 -22.91 34.99 41.81
CA SER Q 220 -23.09 33.84 42.70
C SER Q 220 -21.86 32.94 42.71
N ARG Q 221 -21.27 32.70 41.54
CA ARG Q 221 -20.10 31.82 41.46
C ARG Q 221 -18.87 32.47 42.09
N SER Q 222 -18.76 33.78 42.04
CA SER Q 222 -17.60 34.48 42.60
C SER Q 222 -17.60 34.40 44.12
N THR R 1 0.12 37.44 -0.95
CA THR R 1 -1.11 38.15 -1.29
C THR R 1 -1.85 38.59 -0.05
N THR R 2 -2.23 39.87 0.00
CA THR R 2 -2.99 40.40 1.11
C THR R 2 -3.94 41.49 0.61
N ILE R 3 -5.22 41.35 0.92
CA ILE R 3 -6.23 42.33 0.56
C ILE R 3 -6.95 42.76 1.84
N VAL R 4 -7.02 44.07 2.06
CA VAL R 4 -7.64 44.61 3.26
C VAL R 4 -8.86 45.43 2.88
N ALA R 5 -9.83 45.49 3.79
CA ALA R 5 -11.02 46.32 3.60
C ALA R 5 -11.44 46.86 4.95
N LEU R 6 -11.90 48.11 4.97
CA LEU R 6 -12.31 48.71 6.23
C LEU R 6 -13.39 49.76 5.97
N LYS R 7 -14.06 50.13 7.07
CA LYS R 7 -15.20 51.04 7.06
C LYS R 7 -14.81 52.38 7.67
N TYR R 8 -15.33 53.45 7.11
CA TYR R 8 -15.22 54.78 7.67
C TYR R 8 -16.59 55.43 7.60
N PRO R 9 -16.86 56.44 8.44
CA PRO R 9 -18.17 57.11 8.37
C PRO R 9 -18.39 57.74 7.00
N GLY R 10 -19.29 57.16 6.23
CA GLY R 10 -19.55 57.57 4.86
C GLY R 10 -19.34 56.47 3.83
N GLY R 11 -18.55 55.44 4.12
CA GLY R 11 -18.35 54.40 3.13
C GLY R 11 -17.27 53.40 3.52
N VAL R 12 -16.69 52.78 2.50
CA VAL R 12 -15.71 51.72 2.66
C VAL R 12 -14.51 51.97 1.78
N VAL R 13 -13.38 51.38 2.16
CA VAL R 13 -12.15 51.45 1.37
C VAL R 13 -11.50 50.07 1.34
N MET R 14 -11.06 49.66 0.16
CA MET R 14 -10.42 48.36 -0.06
C MET R 14 -9.08 48.56 -0.74
N ALA R 15 -8.08 47.80 -0.31
CA ALA R 15 -6.72 47.95 -0.82
C ALA R 15 -6.07 46.59 -1.03
N GLY R 16 -5.14 46.53 -1.99
CA GLY R 16 -4.45 45.28 -2.30
C GLY R 16 -3.07 45.52 -2.88
N ASP R 17 -2.25 44.49 -2.78
CA ASP R 17 -0.86 44.52 -3.22
C ASP R 17 -0.73 44.01 -4.65
N ARG R 18 0.52 43.91 -5.14
CA ARG R 18 0.77 43.67 -6.56
C ARG R 18 1.75 42.54 -6.85
N ARG R 19 2.14 41.73 -5.87
CA ARG R 19 3.14 40.69 -6.08
C ARG R 19 2.48 39.37 -6.47
N SER R 20 3.06 38.70 -7.46
CA SER R 20 2.67 37.35 -7.83
C SER R 20 3.90 36.45 -7.86
N THR R 21 3.81 35.31 -7.18
CA THR R 21 4.96 34.42 -7.01
C THR R 21 4.60 33.02 -7.46
N GLN R 22 5.62 32.26 -7.85
CA GLN R 22 5.51 30.85 -8.22
C GLN R 22 6.51 30.10 -7.34
N GLY R 23 6.06 29.69 -6.15
CA GLY R 23 6.96 29.10 -5.17
C GLY R 23 7.77 30.16 -4.45
N ASN R 24 9.08 30.12 -4.61
CA ASN R 24 9.96 31.16 -4.08
C ASN R 24 10.49 32.07 -5.17
N MET R 25 10.03 31.91 -6.41
CA MET R 25 10.44 32.75 -7.53
C MET R 25 9.39 33.83 -7.77
N ILE R 26 9.84 35.07 -7.97
CA ILE R 26 8.94 36.18 -8.25
C ILE R 26 8.59 36.15 -9.73
N SER R 27 7.30 36.13 -10.03
CA SER R 27 6.80 36.05 -11.40
C SER R 27 6.15 37.33 -11.89
N GLY R 28 5.45 38.05 -11.04
CA GLY R 28 4.76 39.26 -11.44
C GLY R 28 4.91 40.39 -10.45
N ARG R 29 5.06 41.62 -10.96
CA ARG R 29 5.34 42.77 -10.13
C ARG R 29 4.23 43.82 -10.11
N ASP R 30 3.32 43.81 -11.07
CA ASP R 30 2.28 44.82 -11.17
C ASP R 30 0.91 44.19 -11.43
N VAL R 31 0.59 43.14 -10.67
CA VAL R 31 -0.69 42.48 -10.80
C VAL R 31 -1.75 43.28 -10.06
N ARG R 32 -2.93 43.39 -10.65
CA ARG R 32 -4.06 44.08 -10.04
C ARG R 32 -5.03 43.05 -9.48
N LYS R 33 -5.35 43.17 -8.19
CA LYS R 33 -6.13 42.16 -7.48
C LYS R 33 -7.47 42.69 -6.98
N VAL R 34 -7.85 43.92 -7.32
CA VAL R 34 -9.09 44.53 -6.85
C VAL R 34 -9.90 44.97 -8.06
N TYR R 35 -11.17 44.60 -8.07
CA TYR R 35 -12.06 44.87 -9.20
C TYR R 35 -13.29 45.62 -8.74
N ILE R 36 -13.88 46.39 -9.65
CA ILE R 36 -15.12 47.11 -9.41
C ILE R 36 -16.22 46.31 -10.12
N THR R 37 -17.03 45.60 -9.33
CA THR R 37 -18.06 44.74 -9.91
C THR R 37 -19.20 45.56 -10.50
N ASP R 38 -19.69 46.55 -9.75
CA ASP R 38 -20.76 47.41 -10.23
C ASP R 38 -20.58 48.77 -9.56
N ASP R 39 -21.64 49.60 -9.61
CA ASP R 39 -21.55 50.98 -9.15
C ASP R 39 -21.33 51.10 -7.65
N TYR R 40 -21.62 50.04 -6.87
CA TYR R 40 -21.55 50.16 -5.42
C TYR R 40 -20.91 48.95 -4.75
N THR R 41 -20.19 48.11 -5.49
CA THR R 41 -19.64 46.88 -4.93
C THR R 41 -18.25 46.63 -5.49
N ALA R 42 -17.34 46.19 -4.62
CA ALA R 42 -15.99 45.82 -4.99
C ALA R 42 -15.65 44.45 -4.42
N THR R 43 -14.84 43.69 -5.16
CA THR R 43 -14.47 42.33 -4.79
C THR R 43 -12.96 42.16 -4.89
N GLY R 44 -12.40 41.37 -3.98
CA GLY R 44 -11.00 41.03 -4.02
C GLY R 44 -10.77 39.57 -3.74
N ILE R 45 -10.13 38.86 -4.67
CA ILE R 45 -9.97 37.41 -4.58
C ILE R 45 -8.51 37.05 -4.41
N ALA R 46 -8.23 36.09 -3.54
CA ALA R 46 -6.89 35.60 -3.30
C ALA R 46 -6.80 34.12 -3.65
N GLY R 47 -5.62 33.69 -4.10
CA GLY R 47 -5.40 32.31 -4.46
C GLY R 47 -4.81 32.13 -5.85
N THR R 48 -5.29 31.14 -6.59
CA THR R 48 -4.84 30.94 -7.95
C THR R 48 -5.33 32.09 -8.83
N ALA R 49 -4.42 32.63 -9.65
CA ALA R 49 -4.74 33.83 -10.42
C ALA R 49 -5.85 33.58 -11.44
N ALA R 50 -5.73 32.50 -12.21
CA ALA R 50 -6.69 32.23 -13.27
C ALA R 50 -8.09 32.04 -12.71
N VAL R 51 -8.22 31.30 -11.62
CA VAL R 51 -9.52 31.11 -10.98
C VAL R 51 -10.07 32.44 -10.51
N ALA R 52 -9.21 33.32 -9.99
CA ALA R 52 -9.67 34.61 -9.49
C ALA R 52 -10.22 35.48 -10.62
N VAL R 53 -9.49 35.57 -11.74
CA VAL R 53 -9.97 36.38 -12.86
C VAL R 53 -11.26 35.78 -13.43
N GLU R 54 -11.31 34.45 -13.55
CA GLU R 54 -12.53 33.81 -14.05
C GLU R 54 -13.72 34.10 -13.15
N PHE R 55 -13.53 33.99 -11.84
CA PHE R 55 -14.60 34.28 -10.88
C PHE R 55 -15.06 35.72 -10.99
N ALA R 56 -14.10 36.64 -11.10
CA ALA R 56 -14.46 38.06 -11.16
C ALA R 56 -15.26 38.38 -12.42
N ARG R 57 -14.78 37.91 -13.58
CA ARG R 57 -15.46 38.22 -14.84
C ARG R 57 -16.85 37.57 -14.87
N LEU R 58 -16.95 36.34 -14.35
CA LEU R 58 -18.24 35.67 -14.28
C LEU R 58 -19.22 36.38 -13.36
N TYR R 59 -18.76 36.82 -12.18
CA TYR R 59 -19.63 37.53 -11.25
C TYR R 59 -20.14 38.83 -11.85
N ALA R 60 -19.26 39.59 -12.50
CA ALA R 60 -19.68 40.83 -13.14
C ALA R 60 -20.71 40.57 -14.24
N VAL R 61 -20.46 39.56 -15.08
CA VAL R 61 -21.40 39.25 -16.14
C VAL R 61 -22.75 38.83 -15.58
N GLU R 62 -22.75 38.03 -14.51
CA GLU R 62 -24.02 37.58 -13.93
C GLU R 62 -24.81 38.74 -13.37
N LEU R 63 -24.14 39.65 -12.66
CA LEU R 63 -24.85 40.81 -12.11
C LEU R 63 -25.43 41.68 -13.22
N GLU R 64 -24.64 41.95 -14.26
CA GLU R 64 -25.13 42.77 -15.36
C GLU R 64 -26.29 42.08 -16.08
N HIS R 65 -26.20 40.75 -16.26
CA HIS R 65 -27.26 40.01 -16.92
C HIS R 65 -28.58 40.11 -16.15
N TYR R 66 -28.52 39.93 -14.82
CA TYR R 66 -29.74 40.07 -14.04
C TYR R 66 -30.29 41.48 -14.12
N GLU R 67 -29.42 42.49 -14.03
CA GLU R 67 -29.88 43.87 -14.09
C GLU R 67 -30.57 44.18 -15.41
N LYS R 68 -30.01 43.68 -16.52
CA LYS R 68 -30.63 43.92 -17.82
C LYS R 68 -31.92 43.14 -17.98
N LEU R 69 -31.98 41.91 -17.46
CA LEU R 69 -33.17 41.09 -17.64
C LEU R 69 -34.35 41.64 -16.85
N GLU R 70 -34.14 41.95 -15.57
CA GLU R 70 -35.25 42.32 -14.71
C GLU R 70 -35.51 43.82 -14.66
N GLY R 71 -34.62 44.65 -15.20
CA GLY R 71 -34.81 46.07 -15.17
C GLY R 71 -34.58 46.72 -13.82
N VAL R 72 -34.09 45.98 -12.85
CA VAL R 72 -33.83 46.50 -11.50
C VAL R 72 -32.63 45.74 -10.95
N PRO R 73 -31.73 46.40 -10.24
CA PRO R 73 -30.57 45.70 -9.67
C PRO R 73 -30.94 44.82 -8.48
N LEU R 74 -30.08 43.84 -8.23
CA LEU R 74 -30.26 42.93 -7.11
C LEU R 74 -30.01 43.65 -5.79
N THR R 75 -30.59 43.10 -4.73
CA THR R 75 -30.30 43.58 -3.38
C THR R 75 -28.99 42.97 -2.89
N PHE R 76 -28.51 43.46 -1.76
CA PHE R 76 -27.21 43.04 -1.24
C PHE R 76 -27.23 41.55 -0.86
N ALA R 77 -28.32 41.09 -0.25
CA ALA R 77 -28.41 39.69 0.13
C ALA R 77 -28.40 38.77 -1.09
N GLY R 78 -29.04 39.20 -2.18
CA GLY R 78 -28.99 38.40 -3.40
C GLY R 78 -27.60 38.28 -3.97
N LYS R 79 -26.84 39.38 -3.96
CA LYS R 79 -25.45 39.32 -4.42
C LYS R 79 -24.61 38.42 -3.54
N ILE R 80 -24.82 38.50 -2.21
CA ILE R 80 -24.10 37.61 -1.30
C ILE R 80 -24.43 36.16 -1.60
N ASN R 81 -25.71 35.86 -1.84
CA ASN R 81 -26.11 34.49 -2.13
C ASN R 81 -25.49 33.99 -3.43
N ARG R 82 -25.47 34.84 -4.46
CA ARG R 82 -24.86 34.44 -5.73
C ARG R 82 -23.37 34.16 -5.57
N LEU R 83 -22.67 35.04 -4.84
CA LEU R 83 -21.24 34.82 -4.62
C LEU R 83 -20.99 33.55 -3.80
N ALA R 84 -21.84 33.30 -2.80
CA ALA R 84 -21.68 32.10 -1.98
C ALA R 84 -21.91 30.84 -2.81
N ILE R 85 -22.90 30.87 -3.72
CA ILE R 85 -23.14 29.74 -4.60
C ILE R 85 -21.94 29.51 -5.50
N MET R 86 -21.39 30.59 -6.07
CA MET R 86 -20.22 30.46 -6.94
C MET R 86 -19.04 29.86 -6.19
N VAL R 87 -18.82 30.30 -4.94
CA VAL R 87 -17.74 29.75 -4.14
C VAL R 87 -17.99 28.28 -3.81
N ARG R 88 -19.22 27.95 -3.43
CA ARG R 88 -19.54 26.58 -3.06
C ARG R 88 -19.38 25.62 -4.23
N GLY R 89 -19.61 26.08 -5.45
CA GLY R 89 -19.49 25.22 -6.61
C GLY R 89 -18.07 24.81 -6.94
N ASN R 90 -17.06 25.45 -6.34
CA ASN R 90 -15.66 25.18 -6.68
C ASN R 90 -14.97 24.36 -5.59
N LEU R 91 -15.74 23.76 -4.69
CA LEU R 91 -15.18 22.99 -3.58
C LEU R 91 -14.31 21.84 -4.08
N ALA R 92 -14.81 21.08 -5.06
CA ALA R 92 -14.04 19.97 -5.61
C ALA R 92 -12.74 20.45 -6.25
N ALA R 93 -12.80 21.56 -6.99
CA ALA R 93 -11.58 22.14 -7.54
C ALA R 93 -10.79 22.90 -6.48
N ALA R 94 -11.43 23.39 -5.42
CA ALA R 94 -10.69 23.98 -4.31
C ALA R 94 -9.75 22.96 -3.69
N MET R 95 -10.23 21.74 -3.49
CA MET R 95 -9.32 20.65 -3.19
C MET R 95 -8.48 20.32 -4.43
N GLN R 96 -7.33 19.70 -4.19
CA GLN R 96 -6.35 19.27 -5.19
C GLN R 96 -5.58 20.42 -5.83
N GLY R 97 -5.90 21.68 -5.49
CA GLY R 97 -5.00 22.77 -5.81
C GLY R 97 -5.49 23.89 -6.73
N LEU R 98 -6.79 24.17 -6.74
CA LEU R 98 -7.34 25.34 -7.43
C LEU R 98 -8.29 26.05 -6.48
N LEU R 99 -7.74 26.91 -5.63
CA LEU R 99 -8.48 27.55 -4.56
C LEU R 99 -8.56 29.06 -4.77
N ALA R 100 -9.76 29.61 -4.57
CA ALA R 100 -9.99 31.05 -4.64
C ALA R 100 -10.86 31.48 -3.48
N LEU R 101 -10.42 32.50 -2.75
CA LEU R 101 -11.15 33.01 -1.59
C LEU R 101 -11.47 34.49 -1.81
N PRO R 102 -12.76 34.86 -1.88
CA PRO R 102 -13.10 36.27 -2.12
C PRO R 102 -13.38 37.07 -0.86
N LEU R 103 -13.39 38.39 -1.01
CA LEU R 103 -13.80 39.33 0.02
C LEU R 103 -14.59 40.43 -0.66
N LEU R 104 -15.72 40.83 -0.05
CA LEU R 104 -16.66 41.74 -0.69
C LEU R 104 -16.83 42.99 0.15
N ALA R 105 -16.88 44.15 -0.52
CA ALA R 105 -17.17 45.42 0.12
C ALA R 105 -18.25 46.13 -0.67
N GLY R 106 -19.13 46.83 0.04
CA GLY R 106 -20.24 47.47 -0.66
C GLY R 106 -20.88 48.58 0.14
N TYR R 107 -21.73 49.33 -0.55
CA TYR R 107 -22.51 50.42 0.03
C TYR R 107 -23.99 50.16 -0.24
N ASP R 108 -24.78 50.10 0.82
CA ASP R 108 -26.20 49.82 0.70
C ASP R 108 -26.98 51.12 0.56
N ILE R 109 -27.68 51.27 -0.58
CA ILE R 109 -28.47 52.47 -0.83
C ILE R 109 -29.87 52.40 -0.24
N HIS R 110 -30.32 51.22 0.18
CA HIS R 110 -31.63 51.07 0.79
C HIS R 110 -31.61 51.17 2.31
N ALA R 111 -30.44 51.42 2.90
CA ALA R 111 -30.34 51.56 4.34
C ALA R 111 -30.97 52.88 4.80
N SER R 112 -31.65 52.83 5.95
CA SER R 112 -32.29 54.03 6.48
C SER R 112 -31.28 55.10 6.85
N ASP R 113 -30.17 54.70 7.48
CA ASP R 113 -29.16 55.66 7.91
C ASP R 113 -28.00 55.65 6.92
N PRO R 114 -27.76 56.74 6.19
CA PRO R 114 -26.66 56.74 5.21
C PRO R 114 -25.28 56.60 5.83
N GLN R 115 -25.10 56.97 7.10
CA GLN R 115 -23.79 56.86 7.72
C GLN R 115 -23.37 55.41 7.86
N SER R 116 -24.26 54.55 8.36
CA SER R 116 -23.96 53.14 8.54
C SER R 116 -24.52 52.32 7.38
N ALA R 117 -23.95 52.56 6.20
CA ALA R 117 -24.35 51.87 4.99
C ALA R 117 -23.24 51.02 4.38
N GLY R 118 -22.03 51.05 4.94
CA GLY R 118 -20.93 50.26 4.41
C GLY R 118 -20.96 48.85 4.97
N ARG R 119 -20.77 47.88 4.08
CA ARG R 119 -20.83 46.47 4.44
C ARG R 119 -19.58 45.75 3.96
N ILE R 120 -19.06 44.84 4.79
CA ILE R 120 -17.92 44.01 4.47
C ILE R 120 -18.30 42.56 4.71
N VAL R 121 -18.10 41.70 3.71
CA VAL R 121 -18.49 40.30 3.78
C VAL R 121 -17.28 39.42 3.49
N SER R 122 -17.08 38.41 4.33
CA SER R 122 -16.01 37.43 4.16
C SER R 122 -16.61 36.06 3.89
N PHE R 123 -15.81 35.20 3.26
CA PHE R 123 -16.26 33.89 2.83
C PHE R 123 -15.24 32.83 3.24
N ASP R 124 -15.71 31.59 3.32
CA ASP R 124 -14.86 30.44 3.62
C ASP R 124 -14.87 29.46 2.45
N ALA R 125 -13.98 28.47 2.54
CA ALA R 125 -13.77 27.55 1.43
C ALA R 125 -14.97 26.66 1.15
N ALA R 126 -15.89 26.50 2.11
CA ALA R 126 -17.07 25.67 1.93
C ALA R 126 -18.28 26.46 1.42
N GLY R 127 -18.17 27.78 1.30
CA GLY R 127 -19.27 28.60 0.84
C GLY R 127 -19.99 29.37 1.92
N GLY R 128 -19.55 29.28 3.17
CA GLY R 128 -20.19 30.05 4.23
C GLY R 128 -19.70 31.49 4.24
N TRP R 129 -20.62 32.41 4.50
CA TRP R 129 -20.34 33.83 4.48
C TRP R 129 -20.64 34.45 5.83
N ASN R 130 -19.91 35.53 6.14
CA ASN R 130 -20.07 36.24 7.40
C ASN R 130 -20.00 37.74 7.15
N ILE R 131 -20.90 38.48 7.79
CA ILE R 131 -20.94 39.94 7.70
C ILE R 131 -20.18 40.50 8.89
N GLU R 132 -19.15 41.29 8.61
CA GLU R 132 -18.30 41.83 9.66
C GLU R 132 -19.00 42.95 10.42
N GLU R 133 -18.72 43.01 11.72
CA GLU R 133 -19.26 44.06 12.58
C GLU R 133 -18.20 44.81 13.36
N GLU R 134 -16.92 44.46 13.20
CA GLU R 134 -15.85 45.16 13.91
C GLU R 134 -15.26 46.33 13.12
N GLY R 135 -15.48 46.36 11.80
CA GLY R 135 -15.06 47.50 10.99
C GLY R 135 -13.92 47.23 10.04
N TYR R 136 -13.29 46.07 10.07
CA TYR R 136 -12.18 45.79 9.17
C TYR R 136 -12.07 44.29 8.94
N GLN R 137 -11.42 43.93 7.83
CA GLN R 137 -11.19 42.52 7.50
C GLN R 137 -10.02 42.43 6.53
N ALA R 138 -9.35 41.29 6.55
CA ALA R 138 -8.21 41.04 5.67
C ALA R 138 -8.26 39.60 5.18
N VAL R 139 -7.80 39.39 3.96
CA VAL R 139 -7.74 38.06 3.35
C VAL R 139 -6.37 37.88 2.71
N GLY R 140 -5.93 36.63 2.63
CA GLY R 140 -4.65 36.27 2.04
C GLY R 140 -3.75 35.60 3.05
N SER R 141 -2.51 35.36 2.63
CA SER R 141 -1.53 34.69 3.47
C SER R 141 -0.95 35.59 4.55
N GLY R 142 -1.02 36.91 4.37
CA GLY R 142 -0.53 37.85 5.36
C GLY R 142 -1.64 38.55 6.10
N SER R 143 -2.81 37.93 6.14
CA SER R 143 -3.99 38.58 6.72
C SER R 143 -3.87 38.74 8.24
N LEU R 144 -3.18 37.82 8.92
CA LEU R 144 -3.07 37.90 10.37
C LEU R 144 -2.31 39.14 10.81
N PHE R 145 -1.18 39.42 10.15
CA PHE R 145 -0.39 40.60 10.50
C PHE R 145 -1.17 41.89 10.23
N ALA R 146 -1.86 41.95 9.08
CA ALA R 146 -2.66 43.12 8.76
C ALA R 146 -3.78 43.32 9.77
N LYS R 147 -4.46 42.23 10.16
CA LYS R 147 -5.52 42.33 11.15
C LYS R 147 -4.98 42.81 12.49
N SER R 148 -3.82 42.28 12.91
CA SER R 148 -3.25 42.71 14.17
C SER R 148 -2.80 44.16 14.14
N SER R 149 -2.36 44.65 12.97
CA SER R 149 -2.02 46.06 12.85
C SER R 149 -3.25 46.95 12.88
N MET R 150 -4.31 46.55 12.18
CA MET R 150 -5.55 47.33 12.20
C MET R 150 -6.19 47.35 13.57
N LYS R 151 -6.07 46.25 14.34
CA LYS R 151 -6.62 46.21 15.69
C LYS R 151 -6.07 47.35 16.55
N LYS R 152 -4.84 47.77 16.30
CA LYS R 152 -4.24 48.87 17.04
C LYS R 152 -4.39 50.22 16.35
N LEU R 153 -4.48 50.24 15.02
CA LEU R 153 -4.53 51.49 14.27
C LEU R 153 -5.95 51.94 13.92
N TYR R 154 -6.98 51.20 14.35
CA TYR R 154 -8.35 51.57 13.97
C TYR R 154 -8.89 52.78 14.70
N SER R 155 -8.31 53.14 15.86
CA SER R 155 -8.85 54.27 16.62
C SER R 155 -8.61 55.61 15.96
N GLN R 156 -7.75 55.68 14.94
CA GLN R 156 -7.41 56.93 14.28
C GLN R 156 -8.32 57.24 13.09
N VAL R 157 -9.15 56.29 12.65
CA VAL R 157 -9.94 56.49 11.45
C VAL R 157 -11.10 57.44 11.75
N THR R 158 -11.18 58.50 10.98
CA THR R 158 -12.25 59.49 11.08
C THR R 158 -12.97 59.71 9.76
N ASP R 159 -12.25 59.67 8.64
CA ASP R 159 -12.83 59.91 7.32
C ASP R 159 -12.08 59.06 6.32
N GLY R 160 -12.24 59.37 5.03
CA GLY R 160 -11.64 58.54 3.99
C GLY R 160 -10.13 58.59 3.99
N ASP R 161 -9.55 59.77 4.21
CA ASP R 161 -8.09 59.89 4.21
C ASP R 161 -7.47 59.07 5.33
N SER R 162 -8.04 59.13 6.52
CA SER R 162 -7.53 58.35 7.65
C SER R 162 -7.61 56.86 7.36
N GLY R 163 -8.75 56.41 6.81
CA GLY R 163 -8.90 55.01 6.50
C GLY R 163 -7.92 54.54 5.44
N LEU R 164 -7.69 55.36 4.41
CA LEU R 164 -6.72 54.99 3.38
C LEU R 164 -5.31 54.90 3.96
N ARG R 165 -4.94 55.84 4.82
CA ARG R 165 -3.63 55.77 5.46
C ARG R 165 -3.49 54.51 6.30
N VAL R 166 -4.54 54.17 7.06
CA VAL R 166 -4.49 52.97 7.89
C VAL R 166 -4.37 51.72 7.02
N ALA R 167 -5.09 51.67 5.90
CA ALA R 167 -5.01 50.52 5.00
C ALA R 167 -3.61 50.37 4.42
N VAL R 168 -3.01 51.49 4.00
CA VAL R 168 -1.64 51.42 3.46
C VAL R 168 -0.67 50.96 4.53
N GLU R 169 -0.83 51.44 5.77
CA GLU R 169 0.06 51.01 6.85
C GLU R 169 -0.10 49.52 7.14
N ALA R 170 -1.35 49.02 7.12
CA ALA R 170 -1.58 47.59 7.33
C ALA R 170 -0.94 46.75 6.24
N LEU R 171 -1.06 47.19 4.98
CA LEU R 171 -0.41 46.49 3.88
C LEU R 171 1.11 46.51 4.04
N TYR R 172 1.66 47.64 4.49
CA TYR R 172 3.10 47.73 4.72
C TYR R 172 3.55 46.75 5.79
N ASP R 173 2.79 46.65 6.89
CA ASP R 173 3.14 45.70 7.94
C ASP R 173 3.05 44.26 7.44
N ALA R 174 2.01 43.95 6.66
CA ALA R 174 1.87 42.60 6.11
C ALA R 174 3.03 42.26 5.20
N ALA R 175 3.47 43.21 4.36
CA ALA R 175 4.63 42.97 3.51
C ALA R 175 5.91 42.86 4.33
N ASP R 176 6.00 43.57 5.44
CA ASP R 176 7.17 43.46 6.32
C ASP R 176 7.26 42.07 6.93
N ASP R 177 6.12 41.49 7.32
CA ASP R 177 6.13 40.20 8.00
C ASP R 177 6.04 39.01 7.06
N ASP R 178 5.57 39.19 5.83
CA ASP R 178 5.38 38.09 4.90
C ASP R 178 6.20 38.33 3.63
N SER R 179 6.83 37.27 3.13
CA SER R 179 7.65 37.36 1.93
C SER R 179 6.87 37.14 0.64
N ALA R 180 5.64 36.67 0.73
CA ALA R 180 4.79 36.50 -0.45
C ALA R 180 3.95 37.74 -0.75
N THR R 181 4.14 38.81 0.01
CA THR R 181 3.43 40.07 -0.19
C THR R 181 4.42 41.12 -0.66
N GLY R 182 4.03 41.89 -1.68
CA GLY R 182 4.90 42.90 -2.24
C GLY R 182 4.76 44.23 -1.52
N GLY R 183 5.90 44.80 -1.16
CA GLY R 183 5.93 46.11 -0.54
C GLY R 183 6.07 47.21 -1.58
N PRO R 184 6.08 48.47 -1.13
CA PRO R 184 6.27 49.57 -2.07
C PRO R 184 7.63 49.49 -2.77
N ASP R 185 7.62 49.79 -4.06
CA ASP R 185 8.83 49.81 -4.88
C ASP R 185 9.13 51.25 -5.26
N LEU R 186 10.25 51.77 -4.75
CA LEU R 186 10.66 53.13 -5.08
C LEU R 186 11.60 53.20 -6.26
N VAL R 187 12.35 52.12 -6.53
CA VAL R 187 13.19 52.07 -7.71
C VAL R 187 12.34 52.07 -8.98
N ARG R 188 11.28 51.28 -8.99
CA ARG R 188 10.41 51.15 -10.16
C ARG R 188 9.20 52.06 -10.11
N GLY R 189 8.67 52.35 -8.93
CA GLY R 189 7.50 53.19 -8.81
C GLY R 189 6.19 52.44 -8.92
N ILE R 190 6.07 51.36 -8.15
CA ILE R 190 4.85 50.54 -8.11
C ILE R 190 4.33 50.53 -6.69
N PHE R 191 3.04 50.81 -6.54
CA PHE R 191 2.39 50.97 -5.25
C PHE R 191 1.09 50.18 -5.23
N PRO R 192 0.56 49.86 -4.05
CA PRO R 192 -0.70 49.12 -3.97
C PRO R 192 -1.85 49.88 -4.60
N THR R 193 -2.94 49.16 -4.85
CA THR R 193 -4.13 49.72 -5.50
C THR R 193 -5.29 49.76 -4.52
N ALA R 194 -6.07 50.84 -4.58
CA ALA R 194 -7.17 51.06 -3.65
C ALA R 194 -8.42 51.52 -4.39
N VAL R 195 -9.57 51.19 -3.80
CA VAL R 195 -10.89 51.57 -4.29
C VAL R 195 -11.70 52.10 -3.12
N ILE R 196 -12.37 53.24 -3.33
CA ILE R 196 -13.16 53.88 -2.29
C ILE R 196 -14.61 53.91 -2.74
N ILE R 197 -15.52 53.41 -1.90
CA ILE R 197 -16.94 53.36 -2.21
C ILE R 197 -17.68 54.23 -1.21
N ASP R 198 -18.52 55.13 -1.71
CA ASP R 198 -19.32 56.02 -0.88
C ASP R 198 -20.66 56.23 -1.57
N ALA R 199 -21.43 57.20 -1.08
CA ALA R 199 -22.78 57.44 -1.58
C ALA R 199 -22.80 57.80 -3.06
N ASP R 200 -21.70 58.30 -3.60
CA ASP R 200 -21.63 58.65 -5.01
C ASP R 200 -21.20 57.50 -5.90
N GLY R 201 -20.79 56.36 -5.33
CA GLY R 201 -20.39 55.20 -6.09
C GLY R 201 -19.01 54.74 -5.68
N ALA R 202 -18.40 53.94 -6.56
CA ALA R 202 -17.07 53.37 -6.32
C ALA R 202 -16.07 54.01 -7.28
N VAL R 203 -14.98 54.53 -6.74
CA VAL R 203 -13.97 55.24 -7.51
C VAL R 203 -12.60 54.66 -7.20
N ASP R 204 -11.78 54.51 -8.25
CA ASP R 204 -10.39 54.12 -8.07
C ASP R 204 -9.57 55.29 -7.54
N VAL R 205 -8.67 55.00 -6.62
CA VAL R 205 -7.82 56.04 -6.03
C VAL R 205 -6.63 56.29 -6.95
N PRO R 206 -6.32 57.55 -7.26
CA PRO R 206 -5.14 57.84 -8.07
C PRO R 206 -3.86 57.44 -7.36
N GLU R 207 -2.83 57.11 -8.16
CA GLU R 207 -1.60 56.56 -7.61
C GLU R 207 -0.76 57.61 -6.88
N SER R 208 -0.95 58.90 -7.18
CA SER R 208 -0.14 59.93 -6.53
C SER R 208 -0.41 59.99 -5.04
N ARG R 209 -1.68 59.91 -4.63
CA ARG R 209 -2.01 59.94 -3.21
C ARG R 209 -1.40 58.75 -2.47
N ILE R 210 -1.48 57.56 -3.07
CA ILE R 210 -0.92 56.37 -2.44
C ILE R 210 0.59 56.47 -2.36
N ALA R 211 1.23 57.02 -3.40
CA ALA R 211 2.67 57.20 -3.34
C ALA R 211 3.07 58.17 -2.24
N GLU R 212 2.33 59.27 -2.09
CA GLU R 212 2.61 60.23 -1.03
C GLU R 212 2.44 59.58 0.35
N LEU R 213 1.36 58.83 0.55
CA LEU R 213 1.14 58.17 1.82
C LEU R 213 2.23 57.15 2.13
N ALA R 214 2.63 56.37 1.13
CA ALA R 214 3.68 55.37 1.33
C ALA R 214 5.01 56.04 1.66
N ARG R 215 5.34 57.14 0.98
CA ARG R 215 6.57 57.86 1.30
C ARG R 215 6.54 58.41 2.71
N ALA R 216 5.39 58.96 3.13
CA ALA R 216 5.28 59.46 4.50
C ALA R 216 5.45 58.34 5.52
N ILE R 217 4.84 57.19 5.26
CA ILE R 217 4.97 56.06 6.20
C ILE R 217 6.41 55.57 6.26
N ILE R 218 7.08 55.47 5.10
CA ILE R 218 8.46 55.02 5.08
C ILE R 218 9.36 56.00 5.83
N GLU R 219 9.13 57.30 5.64
CA GLU R 219 9.91 58.30 6.38
C GLU R 219 9.66 58.19 7.88
N SER R 220 8.40 57.95 8.27
CA SER R 220 8.09 57.82 9.69
C SER R 220 8.79 56.60 10.30
N ARG R 221 8.80 55.48 9.58
CA ARG R 221 9.42 54.27 10.12
C ARG R 221 10.94 54.39 10.18
N SER R 222 11.55 55.15 9.28
CA SER R 222 13.00 55.31 9.27
C SER R 222 13.48 56.10 10.46
N THR S 1 14.73 23.35 -25.31
CA THR S 1 13.85 24.24 -26.05
C THR S 1 13.82 25.63 -25.40
N THR S 2 14.02 26.66 -26.21
CA THR S 2 13.95 28.04 -25.73
C THR S 2 13.41 28.93 -26.84
N ILE S 3 12.37 29.69 -26.52
CA ILE S 3 11.77 30.64 -27.45
C ILE S 3 11.76 32.01 -26.78
N VAL S 4 12.29 33.02 -27.48
CA VAL S 4 12.38 34.36 -26.93
C VAL S 4 11.54 35.30 -27.78
N ALA S 5 11.04 36.36 -27.15
CA ALA S 5 10.29 37.40 -27.84
C ALA S 5 10.60 38.73 -27.18
N LEU S 6 10.71 39.78 -28.00
CA LEU S 6 11.02 41.09 -27.45
C LEU S 6 10.44 42.18 -28.33
N LYS S 7 10.38 43.39 -27.77
CA LYS S 7 9.76 44.55 -28.39
C LYS S 7 10.83 45.56 -28.80
N TYR S 8 10.63 46.20 -29.94
CA TYR S 8 11.45 47.31 -30.37
C TYR S 8 10.52 48.40 -30.89
N PRO S 9 10.97 49.65 -30.92
CA PRO S 9 10.10 50.72 -31.41
C PRO S 9 9.71 50.47 -32.87
N GLY S 10 8.44 50.13 -33.08
CA GLY S 10 7.93 49.75 -34.38
C GLY S 10 7.32 48.36 -34.44
N GLY S 11 7.68 47.46 -33.53
CA GLY S 11 7.11 46.12 -33.59
C GLY S 11 7.76 45.15 -32.64
N VAL S 12 7.67 43.87 -32.99
CA VAL S 12 8.13 42.77 -32.15
C VAL S 12 8.97 41.80 -32.98
N VAL S 13 9.82 41.05 -32.28
CA VAL S 13 10.63 40.01 -32.91
C VAL S 13 10.62 38.78 -32.02
N MET S 14 10.44 37.61 -32.63
CA MET S 14 10.39 36.34 -31.94
C MET S 14 11.39 35.38 -32.57
N ALA S 15 12.09 34.61 -31.73
CA ALA S 15 13.13 33.70 -32.20
C ALA S 15 13.08 32.38 -31.45
N GLY S 16 13.53 31.32 -32.12
CA GLY S 16 13.51 29.99 -31.54
C GLY S 16 14.59 29.09 -32.11
N ASP S 17 14.92 28.06 -31.34
CA ASP S 17 15.97 27.11 -31.68
C ASP S 17 15.39 25.90 -32.42
N ARG S 18 16.25 24.91 -32.70
CA ARG S 18 15.90 23.83 -33.61
C ARG S 18 16.19 22.42 -33.08
N ARG S 19 16.53 22.27 -31.80
CA ARG S 19 16.89 20.96 -31.27
C ARG S 19 15.68 20.24 -30.70
N SER S 20 15.57 18.94 -31.00
CA SER S 20 14.57 18.07 -30.40
C SER S 20 15.26 16.86 -29.82
N THR S 21 14.95 16.54 -28.56
CA THR S 21 15.63 15.48 -27.84
C THR S 21 14.61 14.50 -27.26
N GLN S 22 15.06 13.28 -27.04
CA GLN S 22 14.28 12.22 -26.39
C GLN S 22 15.11 11.71 -25.21
N GLY S 23 14.98 12.37 -24.07
CA GLY S 23 15.82 12.08 -22.93
C GLY S 23 17.18 12.74 -23.07
N ASN S 24 18.24 11.93 -23.15
CA ASN S 24 19.58 12.43 -23.41
C ASN S 24 20.03 12.13 -24.84
N MET S 25 19.16 11.57 -25.67
CA MET S 25 19.47 11.27 -27.06
C MET S 25 18.93 12.36 -27.96
N ILE S 26 19.74 12.80 -28.92
CA ILE S 26 19.33 13.82 -29.87
C ILE S 26 18.51 13.15 -30.97
N SER S 27 17.31 13.64 -31.20
CA SER S 27 16.38 13.07 -32.18
C SER S 27 16.18 13.95 -33.40
N GLY S 28 16.15 15.26 -33.25
CA GLY S 28 15.92 16.17 -34.35
C GLY S 28 16.82 17.38 -34.35
N ARG S 29 17.27 17.79 -35.53
CA ARG S 29 18.25 18.85 -35.66
C ARG S 29 17.74 20.11 -36.34
N ASP S 30 16.62 20.03 -37.08
CA ASP S 30 16.11 21.17 -37.84
C ASP S 30 14.61 21.33 -37.62
N VAL S 31 14.17 21.24 -36.37
CA VAL S 31 12.76 21.42 -36.05
C VAL S 31 12.43 22.91 -36.03
N ARG S 32 11.26 23.26 -36.56
CA ARG S 32 10.78 24.63 -36.57
C ARG S 32 9.73 24.80 -35.49
N LYS S 33 9.94 25.77 -34.60
CA LYS S 33 9.11 25.94 -33.42
C LYS S 33 8.33 27.25 -33.39
N VAL S 34 8.40 28.04 -34.45
CA VAL S 34 7.74 29.34 -34.52
C VAL S 34 6.81 29.36 -35.73
N TYR S 35 5.57 29.78 -35.51
CA TYR S 35 4.55 29.78 -36.55
C TYR S 35 3.95 31.17 -36.72
N ILE S 36 3.46 31.43 -37.92
CA ILE S 36 2.75 32.68 -38.23
C ILE S 36 1.27 32.34 -38.25
N THR S 37 0.56 32.75 -37.19
CA THR S 37 -0.86 32.41 -37.08
C THR S 37 -1.70 33.21 -38.08
N ASP S 38 -1.47 34.51 -38.16
CA ASP S 38 -2.20 35.35 -39.10
C ASP S 38 -1.29 36.52 -39.50
N ASP S 39 -1.88 37.56 -40.09
CA ASP S 39 -1.09 38.65 -40.65
C ASP S 39 -0.36 39.47 -39.58
N TYR S 40 -0.77 39.38 -38.31
CA TYR S 40 -0.18 40.25 -37.29
C TYR S 40 0.11 39.52 -35.99
N THR S 41 0.15 38.19 -35.98
CA THR S 41 0.31 37.43 -34.75
C THR S 41 1.21 36.23 -34.99
N ALA S 42 2.09 35.96 -34.03
CA ALA S 42 2.98 34.81 -34.06
C ALA S 42 2.91 34.08 -32.73
N THR S 43 3.06 32.76 -32.78
CA THR S 43 2.95 31.90 -31.60
C THR S 43 4.13 30.95 -31.54
N GLY S 44 4.60 30.68 -30.33
CA GLY S 44 5.66 29.70 -30.12
C GLY S 44 5.35 28.80 -28.94
N ILE S 45 5.31 27.49 -29.16
CA ILE S 45 4.88 26.54 -28.14
C ILE S 45 6.07 25.64 -27.77
N ALA S 46 6.20 25.37 -26.47
CA ALA S 46 7.24 24.49 -25.95
C ALA S 46 6.60 23.31 -25.24
N GLY S 47 7.29 22.16 -25.29
CA GLY S 47 6.80 20.96 -24.65
C GLY S 47 6.77 19.76 -25.57
N THR S 48 5.72 18.95 -25.48
CA THR S 48 5.56 17.82 -26.38
C THR S 48 5.31 18.31 -27.80
N ALA S 49 6.02 17.72 -28.77
CA ALA S 49 5.98 18.23 -30.13
C ALA S 49 4.59 18.07 -30.74
N ALA S 50 4.01 16.87 -30.62
CA ALA S 50 2.72 16.59 -31.26
C ALA S 50 1.64 17.53 -30.73
N VAL S 51 1.60 17.73 -29.41
CA VAL S 51 0.62 18.65 -28.83
C VAL S 51 0.84 20.06 -29.35
N ALA S 52 2.10 20.47 -29.53
CA ALA S 52 2.39 21.81 -30.01
C ALA S 52 1.90 22.01 -31.43
N VAL S 53 2.18 21.06 -32.33
CA VAL S 53 1.72 21.19 -33.71
C VAL S 53 0.19 21.15 -33.78
N GLU S 54 -0.43 20.27 -32.98
CA GLU S 54 -1.89 20.20 -32.95
C GLU S 54 -2.49 21.53 -32.49
N PHE S 55 -1.94 22.10 -31.41
CA PHE S 55 -2.42 23.37 -30.89
C PHE S 55 -2.26 24.48 -31.93
N ALA S 56 -1.12 24.52 -32.61
CA ALA S 56 -0.88 25.57 -33.60
C ALA S 56 -1.86 25.47 -34.76
N ARG S 57 -2.02 24.27 -35.32
CA ARG S 57 -2.90 24.11 -36.48
C ARG S 57 -4.34 24.41 -36.09
N LEU S 58 -4.76 23.97 -34.90
CA LEU S 58 -6.10 24.24 -34.41
C LEU S 58 -6.34 25.73 -34.21
N TYR S 59 -5.38 26.44 -33.60
CA TYR S 59 -5.52 27.87 -33.38
C TYR S 59 -5.65 28.62 -34.69
N ALA S 60 -4.80 28.28 -35.66
CA ALA S 60 -4.89 28.94 -36.97
C ALA S 60 -6.23 28.69 -37.63
N VAL S 61 -6.71 27.44 -37.59
CA VAL S 61 -7.99 27.12 -38.22
C VAL S 61 -9.12 27.88 -37.53
N GLU S 62 -9.09 27.97 -36.20
CA GLU S 62 -10.15 28.67 -35.48
C GLU S 62 -10.19 30.14 -35.83
N LEU S 63 -9.00 30.78 -35.89
CA LEU S 63 -8.95 32.20 -36.24
C LEU S 63 -9.48 32.43 -37.65
N GLU S 64 -9.05 31.60 -38.60
CA GLU S 64 -9.51 31.75 -39.99
C GLU S 64 -11.01 31.51 -40.09
N HIS S 65 -11.52 30.52 -39.34
CA HIS S 65 -12.95 30.22 -39.37
C HIS S 65 -13.77 31.40 -38.88
N TYR S 66 -13.35 32.01 -37.76
CA TYR S 66 -14.08 33.18 -37.26
C TYR S 66 -14.01 34.33 -38.27
N GLU S 67 -12.84 34.56 -38.85
CA GLU S 67 -12.70 35.66 -39.81
C GLU S 67 -13.61 35.46 -41.01
N LYS S 68 -13.70 34.23 -41.51
CA LYS S 68 -14.56 33.96 -42.66
C LYS S 68 -16.03 34.05 -42.29
N LEU S 69 -16.40 33.58 -41.09
CA LEU S 69 -17.80 33.57 -40.69
C LEU S 69 -18.33 34.99 -40.48
N GLU S 70 -17.60 35.81 -39.71
CA GLU S 70 -18.11 37.12 -39.33
C GLU S 70 -17.72 38.24 -40.27
N GLY S 71 -16.81 37.99 -41.21
CA GLY S 71 -16.39 39.02 -42.13
C GLY S 71 -15.48 40.08 -41.54
N VAL S 72 -15.03 39.89 -40.30
CA VAL S 72 -14.16 40.85 -39.63
C VAL S 72 -13.25 40.07 -38.70
N PRO S 73 -11.97 40.41 -38.58
CA PRO S 73 -11.07 39.68 -37.68
C PRO S 73 -11.35 39.98 -36.22
N LEU S 74 -10.93 39.05 -35.37
CA LEU S 74 -11.07 39.21 -33.93
C LEU S 74 -10.12 40.27 -33.40
N THR S 75 -10.48 40.83 -32.25
CA THR S 75 -9.60 41.74 -31.55
C THR S 75 -8.56 40.95 -30.76
N PHE S 76 -7.57 41.66 -30.22
CA PHE S 76 -6.46 41.00 -29.53
C PHE S 76 -6.94 40.27 -28.28
N ALA S 77 -7.85 40.89 -27.52
CA ALA S 77 -8.36 40.26 -26.31
C ALA S 77 -9.12 38.97 -26.64
N GLY S 78 -9.86 38.97 -27.75
CA GLY S 78 -10.55 37.75 -28.15
C GLY S 78 -9.60 36.61 -28.48
N LYS S 79 -8.51 36.92 -29.19
CA LYS S 79 -7.50 35.91 -29.48
C LYS S 79 -6.85 35.40 -28.20
N ILE S 80 -6.56 36.29 -27.26
CA ILE S 80 -5.98 35.87 -25.98
C ILE S 80 -6.95 34.96 -25.25
N ASN S 81 -8.24 35.29 -25.25
CA ASN S 81 -9.23 34.46 -24.58
C ASN S 81 -9.34 33.08 -25.22
N ARG S 82 -9.32 33.03 -26.56
CA ARG S 82 -9.39 31.73 -27.24
C ARG S 82 -8.18 30.88 -26.92
N LEU S 83 -6.98 31.47 -26.94
CA LEU S 83 -5.78 30.72 -26.62
C LEU S 83 -5.79 30.25 -25.17
N ALA S 84 -6.29 31.09 -24.25
CA ALA S 84 -6.36 30.70 -22.85
C ALA S 84 -7.33 29.55 -22.65
N ILE S 85 -8.47 29.58 -23.36
CA ILE S 85 -9.42 28.47 -23.28
C ILE S 85 -8.79 27.19 -23.80
N MET S 86 -8.09 27.28 -24.93
CA MET S 86 -7.43 26.10 -25.48
C MET S 86 -6.39 25.52 -24.51
N VAL S 87 -5.62 26.39 -23.85
CA VAL S 87 -4.64 25.92 -22.88
C VAL S 87 -5.33 25.31 -21.67
N ARG S 88 -6.40 25.95 -21.18
CA ARG S 88 -7.10 25.45 -20.00
C ARG S 88 -7.73 24.09 -20.25
N GLY S 89 -8.15 23.83 -21.48
CA GLY S 89 -8.77 22.55 -21.78
C GLY S 89 -7.85 21.35 -21.75
N ASN S 90 -6.53 21.57 -21.70
CA ASN S 90 -5.56 20.50 -21.76
C ASN S 90 -4.93 20.22 -20.40
N LEU S 91 -5.53 20.74 -19.33
CA LEU S 91 -4.99 20.58 -17.99
C LEU S 91 -4.86 19.11 -17.59
N ALA S 92 -5.92 18.34 -17.85
CA ALA S 92 -5.90 16.92 -17.52
C ALA S 92 -4.81 16.19 -18.30
N ALA S 93 -4.67 16.50 -19.59
CA ALA S 93 -3.57 15.94 -20.37
C ALA S 93 -2.23 16.61 -20.06
N ALA S 94 -2.24 17.85 -19.59
CA ALA S 94 -0.99 18.47 -19.14
C ALA S 94 -0.39 17.68 -17.99
N MET S 95 -1.22 17.26 -17.04
CA MET S 95 -0.78 16.26 -16.08
C MET S 95 -0.61 14.92 -16.79
N GLN S 96 0.20 14.05 -16.19
CA GLN S 96 0.53 12.70 -16.65
C GLN S 96 1.44 12.68 -17.88
N GLY S 97 1.78 13.84 -18.46
CA GLY S 97 2.87 13.89 -19.41
C GLY S 97 2.60 14.33 -20.82
N LEU S 98 1.59 15.19 -21.03
CA LEU S 98 1.36 15.83 -22.34
C LEU S 98 1.16 17.33 -22.10
N LEU S 99 2.26 18.06 -22.02
CA LEU S 99 2.24 19.47 -21.63
C LEU S 99 2.69 20.35 -22.79
N ALA S 100 1.96 21.44 -23.01
CA ALA S 100 2.32 22.44 -24.02
C ALA S 100 2.13 23.83 -23.42
N LEU S 101 3.16 24.66 -23.54
CA LEU S 101 3.14 26.02 -23.01
C LEU S 101 3.37 27.01 -24.15
N PRO S 102 2.41 27.88 -24.47
CA PRO S 102 2.60 28.82 -25.58
C PRO S 102 3.10 30.19 -25.16
N LEU S 103 3.56 30.96 -26.14
CA LEU S 103 3.93 32.35 -25.99
C LEU S 103 3.46 33.10 -27.23
N LEU S 104 2.86 34.27 -27.04
CA LEU S 104 2.21 34.98 -28.14
C LEU S 104 2.85 36.35 -28.33
N ALA S 105 3.05 36.73 -29.59
CA ALA S 105 3.53 38.06 -29.95
C ALA S 105 2.62 38.64 -31.02
N GLY S 106 2.38 39.94 -30.96
CA GLY S 106 1.47 40.53 -31.92
C GLY S 106 1.63 42.02 -32.05
N TYR S 107 0.97 42.56 -33.08
CA TYR S 107 0.93 43.99 -33.36
C TYR S 107 -0.52 44.44 -33.41
N ASP S 108 -0.88 45.42 -32.59
CA ASP S 108 -2.24 45.91 -32.51
C ASP S 108 -2.43 47.06 -33.49
N ILE S 109 -3.35 46.88 -34.44
CA ILE S 109 -3.62 47.92 -35.43
C ILE S 109 -4.65 48.94 -34.96
N HIS S 110 -5.36 48.66 -33.88
CA HIS S 110 -6.35 49.58 -33.33
C HIS S 110 -5.77 50.50 -32.26
N ALA S 111 -4.48 50.38 -31.96
CA ALA S 111 -3.85 51.24 -30.96
C ALA S 111 -3.72 52.67 -31.49
N SER S 112 -3.92 53.64 -30.59
CA SER S 112 -3.83 55.04 -30.99
C SER S 112 -2.40 55.40 -31.40
N ASP S 113 -1.41 54.94 -30.66
CA ASP S 113 -0.02 55.26 -30.95
C ASP S 113 0.63 54.09 -31.68
N PRO S 114 1.03 54.25 -32.94
CA PRO S 114 1.64 53.12 -33.66
C PRO S 114 2.97 52.66 -33.08
N GLN S 115 3.70 53.53 -32.38
CA GLN S 115 4.98 53.13 -31.81
C GLN S 115 4.81 52.05 -30.74
N SER S 116 3.87 52.26 -29.83
CA SER S 116 3.62 51.30 -28.74
C SER S 116 2.43 50.41 -29.10
N ALA S 117 2.62 49.60 -30.14
CA ALA S 117 1.59 48.68 -30.60
C ALA S 117 2.00 47.22 -30.50
N GLY S 118 3.23 46.93 -30.08
CA GLY S 118 3.67 45.55 -29.94
C GLY S 118 3.28 44.97 -28.60
N ARG S 119 2.76 43.75 -28.62
CA ARG S 119 2.26 43.08 -27.42
C ARG S 119 2.88 41.70 -27.31
N ILE S 120 3.23 41.32 -26.08
CA ILE S 120 3.76 40.00 -25.76
C ILE S 120 2.95 39.42 -24.62
N VAL S 121 2.44 38.20 -24.80
CA VAL S 121 1.57 37.55 -23.85
C VAL S 121 2.15 36.20 -23.47
N SER S 122 2.20 35.92 -22.18
CA SER S 122 2.67 34.64 -21.65
C SER S 122 1.52 33.92 -20.96
N PHE S 123 1.65 32.59 -20.86
CA PHE S 123 0.60 31.75 -20.32
C PHE S 123 1.18 30.77 -19.31
N ASP S 124 0.31 30.27 -18.43
CA ASP S 124 0.68 29.26 -17.44
C ASP S 124 -0.12 27.98 -17.68
N ALA S 125 0.27 26.93 -16.95
CA ALA S 125 -0.29 25.60 -17.18
C ALA S 125 -1.76 25.50 -16.82
N ALA S 126 -2.28 26.42 -16.01
CA ALA S 126 -3.68 26.41 -15.62
C ALA S 126 -4.57 27.26 -16.53
N GLY S 127 -3.99 27.96 -17.49
CA GLY S 127 -4.75 28.81 -18.39
C GLY S 127 -4.70 30.29 -18.09
N GLY S 128 -3.94 30.71 -17.08
CA GLY S 128 -3.82 32.13 -16.79
C GLY S 128 -2.83 32.80 -17.72
N TRP S 129 -3.16 34.02 -18.14
CA TRP S 129 -2.35 34.76 -19.09
C TRP S 129 -1.91 36.08 -18.49
N ASN S 130 -0.76 36.57 -18.94
CA ASN S 130 -0.18 37.82 -18.47
C ASN S 130 0.38 38.60 -19.65
N ILE S 131 0.13 39.91 -19.65
CA ILE S 131 0.64 40.82 -20.68
C ILE S 131 1.92 41.44 -20.14
N GLU S 132 3.02 41.25 -20.86
CA GLU S 132 4.31 41.75 -20.42
C GLU S 132 4.41 43.26 -20.58
N GLU S 133 5.11 43.90 -19.64
CA GLU S 133 5.35 45.33 -19.70
C GLU S 133 6.83 45.70 -19.57
N GLU S 134 7.73 44.73 -19.46
CA GLU S 134 9.15 45.00 -19.37
C GLU S 134 9.85 45.00 -20.72
N GLY S 135 9.24 44.39 -21.74
CA GLY S 135 9.77 44.44 -23.09
C GLY S 135 10.33 43.14 -23.63
N TYR S 136 10.41 42.08 -22.83
CA TYR S 136 10.95 40.81 -23.30
C TYR S 136 10.37 39.67 -22.48
N GLN S 137 10.41 38.48 -23.08
CA GLN S 137 9.94 37.27 -22.41
C GLN S 137 10.58 36.05 -23.07
N ALA S 138 10.70 34.98 -22.29
CA ALA S 138 11.28 33.73 -22.78
C ALA S 138 10.49 32.56 -22.19
N VAL S 139 10.38 31.49 -22.97
CA VAL S 139 9.71 30.27 -22.56
C VAL S 139 10.59 29.08 -22.91
N GLY S 140 10.43 28.01 -22.15
CA GLY S 140 11.20 26.78 -22.34
C GLY S 140 12.02 26.44 -21.13
N SER S 141 12.85 25.41 -21.28
CA SER S 141 13.71 24.95 -20.18
C SER S 141 14.92 25.84 -19.97
N GLY S 142 15.32 26.61 -20.97
CA GLY S 142 16.45 27.51 -20.82
C GLY S 142 16.03 28.97 -20.75
N SER S 143 14.80 29.21 -20.30
CA SER S 143 14.25 30.55 -20.31
C SER S 143 14.91 31.45 -19.28
N LEU S 144 15.36 30.89 -18.16
CA LEU S 144 15.97 31.70 -17.11
C LEU S 144 17.27 32.35 -17.58
N PHE S 145 18.13 31.57 -18.25
CA PHE S 145 19.39 32.12 -18.75
C PHE S 145 19.14 33.18 -19.81
N ALA S 146 18.19 32.94 -20.72
CA ALA S 146 17.88 33.92 -21.75
C ALA S 146 17.34 35.20 -21.13
N LYS S 147 16.46 35.07 -20.13
CA LYS S 147 15.91 36.26 -19.47
C LYS S 147 17.00 37.04 -18.76
N SER S 148 17.93 36.34 -18.09
CA SER S 148 19.02 37.02 -17.40
C SER S 148 19.98 37.69 -18.38
N SER S 149 20.14 37.13 -19.58
CA SER S 149 20.97 37.77 -20.59
C SER S 149 20.27 39.02 -21.17
N MET S 150 18.97 38.91 -21.44
CA MET S 150 18.24 40.06 -21.96
C MET S 150 18.15 41.19 -20.93
N LYS S 151 18.08 40.85 -19.65
CA LYS S 151 18.04 41.88 -18.61
C LYS S 151 19.25 42.81 -18.70
N LYS S 152 20.39 42.30 -19.15
CA LYS S 152 21.60 43.11 -19.30
C LYS S 152 21.77 43.65 -20.72
N LEU S 153 21.26 42.96 -21.73
CA LEU S 153 21.46 43.37 -23.11
C LEU S 153 20.31 44.20 -23.69
N TYR S 154 19.28 44.51 -22.90
CA TYR S 154 18.14 45.23 -23.44
C TYR S 154 18.40 46.71 -23.68
N SER S 155 19.43 47.29 -23.05
CA SER S 155 19.68 48.72 -23.22
C SER S 155 20.20 49.07 -24.60
N GLN S 156 20.62 48.10 -25.40
CA GLN S 156 21.18 48.35 -26.71
C GLN S 156 20.13 48.35 -27.82
N VAL S 157 18.90 47.92 -27.54
CA VAL S 157 17.90 47.78 -28.58
C VAL S 157 17.39 49.16 -28.99
N THR S 158 17.49 49.46 -30.29
CA THR S 158 17.00 50.70 -30.87
C THR S 158 16.04 50.47 -32.02
N ASP S 159 16.26 49.43 -32.81
CA ASP S 159 15.43 49.15 -33.98
C ASP S 159 15.39 47.63 -34.17
N GLY S 160 14.94 47.19 -35.35
CA GLY S 160 14.77 45.77 -35.59
C GLY S 160 16.09 45.00 -35.60
N ASP S 161 17.13 45.58 -36.20
CA ASP S 161 18.41 44.90 -36.26
C ASP S 161 18.99 44.69 -34.86
N SER S 162 18.93 45.70 -34.01
CA SER S 162 19.43 45.58 -32.65
C SER S 162 18.67 44.50 -31.88
N GLY S 163 17.34 44.49 -32.02
CA GLY S 163 16.54 43.49 -31.34
C GLY S 163 16.83 42.08 -31.82
N LEU S 164 17.01 41.91 -33.12
CA LEU S 164 17.35 40.59 -33.66
C LEU S 164 18.70 40.12 -33.14
N ARG S 165 19.69 41.01 -33.10
CA ARG S 165 21.00 40.65 -32.56
C ARG S 165 20.90 40.25 -31.09
N VAL S 166 20.12 41.00 -30.31
CA VAL S 166 19.95 40.68 -28.89
C VAL S 166 19.27 39.33 -28.73
N ALA S 167 18.26 39.05 -29.56
CA ALA S 167 17.57 37.76 -29.47
C ALA S 167 18.51 36.60 -29.79
N VAL S 168 19.33 36.76 -30.84
CA VAL S 168 20.29 35.71 -31.18
C VAL S 168 21.29 35.51 -30.06
N GLU S 169 21.76 36.59 -29.45
CA GLU S 169 22.70 36.47 -28.33
C GLU S 169 22.07 35.77 -27.14
N ALA S 170 20.80 36.08 -26.84
CA ALA S 170 20.11 35.41 -25.75
C ALA S 170 19.95 33.92 -26.02
N LEU S 171 19.60 33.56 -27.25
CA LEU S 171 19.51 32.15 -27.61
C LEU S 171 20.86 31.46 -27.49
N TYR S 172 21.94 32.14 -27.88
CA TYR S 172 23.28 31.58 -27.75
C TYR S 172 23.63 31.33 -26.29
N ASP S 173 23.32 32.29 -25.41
CA ASP S 173 23.59 32.09 -23.99
C ASP S 173 22.77 30.94 -23.42
N ALA S 174 21.49 30.84 -23.82
CA ALA S 174 20.65 29.75 -23.35
C ALA S 174 21.20 28.39 -23.80
N ALA S 175 21.67 28.30 -25.04
CA ALA S 175 22.29 27.06 -25.52
C ALA S 175 23.60 26.78 -24.81
N ASP S 176 24.34 27.83 -24.44
CA ASP S 176 25.58 27.64 -23.69
C ASP S 176 25.31 27.05 -22.31
N ASP S 177 24.24 27.50 -21.66
CA ASP S 177 23.96 27.05 -20.30
C ASP S 177 23.10 25.80 -20.22
N ASP S 178 22.35 25.47 -21.27
CA ASP S 178 21.44 24.33 -21.27
C ASP S 178 21.81 23.35 -22.36
N SER S 179 21.76 22.06 -22.03
CA SER S 179 22.09 21.00 -22.99
C SER S 179 20.91 20.55 -23.83
N ALA S 180 19.69 20.93 -23.47
CA ALA S 180 18.51 20.61 -24.25
C ALA S 180 18.19 21.66 -25.30
N THR S 181 19.04 22.68 -25.44
CA THR S 181 18.86 23.74 -26.42
C THR S 181 19.97 23.63 -27.45
N GLY S 182 19.61 23.75 -28.73
CA GLY S 182 20.56 23.62 -29.81
C GLY S 182 21.22 24.95 -30.14
N GLY S 183 22.54 24.94 -30.22
CA GLY S 183 23.29 26.10 -30.62
C GLY S 183 23.51 26.14 -32.12
N PRO S 184 24.16 27.19 -32.61
CA PRO S 184 24.46 27.27 -34.05
C PRO S 184 25.34 26.11 -34.50
N ASP S 185 25.03 25.59 -35.68
CA ASP S 185 25.80 24.49 -36.28
C ASP S 185 26.50 25.05 -37.52
N LEU S 186 27.83 25.09 -37.46
CA LEU S 186 28.61 25.56 -38.59
C LEU S 186 29.05 24.44 -39.52
N VAL S 187 29.18 23.22 -39.00
CA VAL S 187 29.49 22.08 -39.85
C VAL S 187 28.34 21.81 -40.82
N ARG S 188 27.10 21.85 -40.32
CA ARG S 188 25.93 21.55 -41.13
C ARG S 188 25.26 22.79 -41.70
N GLY S 189 25.32 23.93 -41.01
CA GLY S 189 24.70 25.14 -41.49
C GLY S 189 23.25 25.28 -41.08
N ILE S 190 22.96 25.08 -39.80
CA ILE S 190 21.62 25.20 -39.25
C ILE S 190 21.64 26.29 -38.18
N PHE S 191 20.70 27.21 -38.26
CA PHE S 191 20.64 28.39 -37.41
C PHE S 191 19.22 28.57 -36.89
N PRO S 192 19.04 29.31 -35.80
CA PRO S 192 17.69 29.54 -35.26
C PRO S 192 16.80 30.27 -36.26
N THR S 193 15.50 30.24 -35.98
CA THR S 193 14.49 30.84 -36.84
C THR S 193 13.85 32.03 -36.15
N ALA S 194 13.59 33.09 -36.91
CA ALA S 194 13.05 34.34 -36.38
C ALA S 194 11.92 34.86 -37.25
N VAL S 195 11.00 35.58 -36.60
CA VAL S 195 9.86 36.22 -37.24
C VAL S 195 9.78 37.65 -36.72
N ILE S 196 9.59 38.61 -37.62
CA ILE S 196 9.52 40.02 -37.26
C ILE S 196 8.14 40.55 -37.65
N ILE S 197 7.45 41.17 -36.70
CA ILE S 197 6.12 41.71 -36.91
C ILE S 197 6.17 43.22 -36.74
N ASP S 198 5.64 43.94 -37.72
CA ASP S 198 5.59 45.39 -37.69
C ASP S 198 4.30 45.84 -38.36
N ALA S 199 4.19 47.14 -38.64
CA ALA S 199 2.97 47.71 -39.19
C ALA S 199 2.60 47.12 -40.54
N ASP S 200 3.57 46.56 -41.27
CA ASP S 200 3.29 45.95 -42.56
C ASP S 200 2.90 44.48 -42.47
N GLY S 201 2.98 43.87 -41.28
CA GLY S 201 2.61 42.49 -41.10
C GLY S 201 3.73 41.70 -40.47
N ALA S 202 3.65 40.38 -40.59
CA ALA S 202 4.63 39.46 -40.03
C ALA S 202 5.41 38.79 -41.15
N VAL S 203 6.74 38.87 -41.08
CA VAL S 203 7.62 38.36 -42.11
C VAL S 203 8.67 37.45 -41.49
N ASP S 204 8.96 36.34 -42.16
CA ASP S 204 10.05 35.46 -41.76
C ASP S 204 11.39 36.09 -42.12
N VAL S 205 12.35 35.95 -41.22
CA VAL S 205 13.69 36.51 -41.44
C VAL S 205 14.50 35.54 -42.29
N PRO S 206 15.16 36.00 -43.35
CA PRO S 206 16.01 35.10 -44.13
C PRO S 206 17.18 34.59 -43.32
N GLU S 207 17.66 33.39 -43.69
CA GLU S 207 18.69 32.71 -42.91
C GLU S 207 20.07 33.34 -43.03
N SER S 208 20.32 34.11 -44.10
CA SER S 208 21.63 34.72 -44.29
C SER S 208 21.93 35.74 -43.21
N ARG S 209 20.95 36.58 -42.86
CA ARG S 209 21.15 37.58 -41.82
C ARG S 209 21.44 36.92 -40.47
N ILE S 210 20.70 35.85 -40.14
CA ILE S 210 20.91 35.16 -38.87
C ILE S 210 22.27 34.48 -38.86
N ALA S 211 22.69 33.90 -39.99
CA ALA S 211 24.01 33.30 -40.06
C ALA S 211 25.11 34.34 -39.85
N GLU S 212 24.96 35.52 -40.48
CA GLU S 212 25.94 36.58 -40.29
C GLU S 212 26.00 37.04 -38.83
N LEU S 213 24.84 37.23 -38.21
CA LEU S 213 24.81 37.65 -36.81
C LEU S 213 25.44 36.60 -35.90
N ALA S 214 25.13 35.32 -36.14
CA ALA S 214 25.70 34.26 -35.33
C ALA S 214 27.21 34.18 -35.49
N ARG S 215 27.70 34.32 -36.72
CA ARG S 215 29.15 34.32 -36.95
C ARG S 215 29.82 35.49 -36.24
N ALA S 216 29.20 36.68 -36.29
CA ALA S 216 29.75 37.83 -35.60
C ALA S 216 29.80 37.60 -34.10
N ILE S 217 28.74 37.03 -33.53
CA ILE S 217 28.70 36.77 -32.09
C ILE S 217 29.76 35.75 -31.70
N ILE S 218 29.90 34.69 -32.50
CA ILE S 218 30.89 33.66 -32.20
C ILE S 218 32.30 34.24 -32.27
N GLU S 219 32.57 35.09 -33.27
CA GLU S 219 33.87 35.74 -33.36
C GLU S 219 34.11 36.64 -32.16
N SER S 220 33.09 37.38 -31.73
CA SER S 220 33.23 38.26 -30.56
C SER S 220 33.55 37.46 -29.30
N ARG S 221 32.87 36.32 -29.11
CA ARG S 221 33.09 35.54 -27.90
C ARG S 221 34.46 34.86 -27.91
N SER S 222 34.98 34.50 -29.07
CA SER S 222 36.28 33.85 -29.18
C SER S 222 37.41 34.78 -28.80
N THR T 1 13.44 -7.05 -34.24
CA THR T 1 12.80 -6.44 -35.40
C THR T 1 13.53 -5.18 -35.83
N THR T 2 13.85 -5.07 -37.11
CA THR T 2 14.50 -3.89 -37.65
C THR T 2 14.02 -3.67 -39.07
N ILE T 3 13.54 -2.46 -39.35
CA ILE T 3 13.10 -2.06 -40.69
C ILE T 3 13.86 -0.80 -41.08
N VAL T 4 14.49 -0.83 -42.25
CA VAL T 4 15.28 0.29 -42.73
C VAL T 4 14.66 0.86 -44.00
N ALA T 5 14.86 2.15 -44.22
CA ALA T 5 14.41 2.82 -45.43
C ALA T 5 15.43 3.88 -45.81
N LEU T 6 15.67 4.02 -47.10
CA LEU T 6 16.64 5.02 -47.56
C LEU T 6 16.28 5.51 -48.95
N LYS T 7 16.90 6.64 -49.31
CA LYS T 7 16.62 7.35 -50.55
C LYS T 7 17.80 7.21 -51.50
N TYR T 8 17.51 7.08 -52.79
CA TYR T 8 18.51 7.12 -53.84
C TYR T 8 17.98 8.01 -54.95
N PRO T 9 18.85 8.56 -55.79
CA PRO T 9 18.37 9.41 -56.88
C PRO T 9 17.44 8.65 -57.81
N GLY T 10 16.15 8.97 -57.77
CA GLY T 10 15.13 8.25 -58.50
C GLY T 10 14.04 7.65 -57.64
N GLY T 11 14.29 7.39 -56.36
CA GLY T 11 13.25 6.80 -55.53
C GLY T 11 13.74 6.38 -54.16
N VAL T 12 13.03 5.40 -53.59
CA VAL T 12 13.27 4.94 -52.23
C VAL T 12 13.32 3.42 -52.21
N VAL T 13 13.98 2.89 -51.18
CA VAL T 13 14.05 1.44 -50.96
C VAL T 13 13.84 1.17 -49.48
N MET T 14 13.02 0.16 -49.19
CA MET T 14 12.70 -0.23 -47.82
C MET T 14 12.96 -1.72 -47.64
N ALA T 15 13.53 -2.11 -46.51
CA ALA T 15 13.89 -3.50 -46.26
C ALA T 15 13.57 -3.89 -44.82
N GLY T 16 13.31 -5.18 -44.63
CA GLY T 16 12.96 -5.69 -43.32
C GLY T 16 13.33 -7.15 -43.15
N ASP T 17 13.46 -7.56 -41.88
CA ASP T 17 13.86 -8.90 -41.50
C ASP T 17 12.64 -9.79 -41.27
N ARG T 18 12.88 -11.03 -40.82
CA ARG T 18 11.84 -12.06 -40.81
C ARG T 18 11.71 -12.80 -39.48
N ARG T 19 12.36 -12.36 -38.41
CA ARG T 19 12.32 -13.08 -37.15
C ARG T 19 11.19 -12.58 -36.26
N SER T 20 10.49 -13.53 -35.64
CA SER T 20 9.48 -13.23 -34.62
C SER T 20 9.78 -14.04 -33.38
N THR T 21 9.82 -13.37 -32.22
CA THR T 21 10.22 -13.99 -30.96
C THR T 21 9.15 -13.75 -29.91
N GLN T 22 9.11 -14.66 -28.93
CA GLN T 22 8.24 -14.55 -27.76
C GLN T 22 9.15 -14.65 -26.53
N GLY T 23 9.67 -13.51 -26.09
CA GLY T 23 10.67 -13.50 -25.03
C GLY T 23 12.04 -13.86 -25.56
N ASN T 24 12.59 -14.96 -25.08
CA ASN T 24 13.84 -15.50 -25.59
C ASN T 24 13.64 -16.73 -26.46
N MET T 25 12.39 -17.10 -26.73
CA MET T 25 12.07 -18.25 -27.57
C MET T 25 11.74 -17.78 -28.98
N ILE T 26 12.29 -18.46 -29.98
CA ILE T 26 12.02 -18.13 -31.38
C ILE T 26 10.70 -18.76 -31.78
N SER T 27 9.78 -17.94 -32.28
CA SER T 27 8.44 -18.38 -32.66
C SER T 27 8.21 -18.41 -34.16
N GLY T 28 8.76 -17.45 -34.90
CA GLY T 28 8.55 -17.39 -36.33
C GLY T 28 9.81 -17.08 -37.11
N ARG T 29 9.96 -17.72 -38.27
CA ARG T 29 11.18 -17.62 -39.06
C ARG T 29 11.01 -16.93 -40.41
N ASP T 30 9.79 -16.82 -40.92
CA ASP T 30 9.55 -16.25 -42.24
C ASP T 30 8.40 -15.25 -42.21
N VAL T 31 8.41 -14.36 -41.22
CA VAL T 31 7.39 -13.33 -41.10
C VAL T 31 7.70 -12.20 -42.07
N ARG T 32 6.68 -11.67 -42.71
CA ARG T 32 6.81 -10.55 -43.63
C ARG T 32 6.34 -9.28 -42.92
N LYS T 33 7.20 -8.26 -42.89
CA LYS T 33 6.95 -7.05 -42.12
C LYS T 33 6.83 -5.80 -42.98
N VAL T 34 6.84 -5.92 -44.30
CA VAL T 34 6.78 -4.79 -45.21
C VAL T 34 5.59 -4.97 -46.14
N TYR T 35 4.77 -3.94 -46.27
CA TYR T 35 3.54 -3.99 -47.06
C TYR T 35 3.54 -2.90 -48.11
N ILE T 36 2.82 -3.13 -49.19
CA ILE T 36 2.62 -2.15 -50.25
C ILE T 36 1.21 -1.60 -50.07
N THR T 37 1.12 -0.38 -49.55
CA THR T 37 -0.19 0.21 -49.26
C THR T 37 -0.93 0.59 -50.54
N ASP T 38 -0.24 1.26 -51.45
CA ASP T 38 -0.84 1.65 -52.73
C ASP T 38 0.26 1.69 -53.77
N ASP T 39 -0.01 2.34 -54.91
CA ASP T 39 0.91 2.31 -56.04
C ASP T 39 2.21 3.05 -55.77
N TYR T 40 2.26 3.92 -54.76
CA TYR T 40 3.44 4.74 -54.55
C TYR T 40 3.83 4.87 -53.08
N THR T 41 3.34 4.00 -52.21
CA THR T 41 3.59 4.13 -50.78
C THR T 41 3.80 2.75 -50.16
N ALA T 42 4.76 2.67 -49.25
CA ALA T 42 5.06 1.45 -48.50
C ALA T 42 5.15 1.78 -47.01
N THR T 43 4.72 0.83 -46.19
CA THR T 43 4.70 1.00 -44.75
C THR T 43 5.33 -0.20 -44.06
N GLY T 44 6.04 0.07 -42.97
CA GLY T 44 6.61 -0.99 -42.14
C GLY T 44 6.40 -0.74 -40.67
N ILE T 45 5.76 -1.67 -39.97
CA ILE T 45 5.35 -1.50 -38.59
C ILE T 45 6.12 -2.47 -37.70
N ALA T 46 6.58 -1.97 -36.54
CA ALA T 46 7.28 -2.78 -35.57
C ALA T 46 6.50 -2.82 -34.26
N GLY T 47 6.61 -3.92 -33.54
CA GLY T 47 5.93 -4.09 -32.27
C GLY T 47 5.12 -5.36 -32.18
N THR T 48 3.92 -5.27 -31.59
CA THR T 48 3.04 -6.43 -31.53
C THR T 48 2.54 -6.78 -32.93
N ALA T 49 2.59 -8.07 -33.26
CA ALA T 49 2.31 -8.50 -34.62
C ALA T 49 0.85 -8.23 -34.99
N ALA T 50 -0.09 -8.63 -34.12
CA ALA T 50 -1.50 -8.48 -34.44
C ALA T 50 -1.88 -7.03 -34.66
N VAL T 51 -1.39 -6.13 -33.81
CA VAL T 51 -1.66 -4.70 -33.98
C VAL T 51 -1.09 -4.21 -35.29
N ALA T 52 0.09 -4.72 -35.67
CA ALA T 52 0.71 -4.28 -36.92
C ALA T 52 -0.10 -4.69 -38.14
N VAL T 53 -0.55 -5.96 -38.18
CA VAL T 53 -1.35 -6.41 -39.31
C VAL T 53 -2.69 -5.67 -39.35
N GLU T 54 -3.31 -5.47 -38.19
CA GLU T 54 -4.56 -4.73 -38.14
C GLU T 54 -4.39 -3.31 -38.66
N PHE T 55 -3.34 -2.63 -38.22
CA PHE T 55 -3.06 -1.27 -38.67
C PHE T 55 -2.84 -1.22 -40.18
N ALA T 56 -2.07 -2.18 -40.70
CA ALA T 56 -1.78 -2.19 -42.14
C ALA T 56 -3.04 -2.40 -42.96
N ARG T 57 -3.84 -3.40 -42.60
CA ARG T 57 -5.04 -3.70 -43.37
C ARG T 57 -6.03 -2.54 -43.30
N LEU T 58 -6.16 -1.93 -42.10
CA LEU T 58 -7.04 -0.78 -41.94
C LEU T 58 -6.57 0.41 -42.76
N TYR T 59 -5.27 0.70 -42.76
CA TYR T 59 -4.75 1.83 -43.53
C TYR T 59 -5.00 1.64 -45.02
N ALA T 60 -4.74 0.43 -45.52
CA ALA T 60 -4.97 0.15 -46.94
C ALA T 60 -6.45 0.32 -47.29
N VAL T 61 -7.34 -0.21 -46.45
CA VAL T 61 -8.77 -0.10 -46.72
C VAL T 61 -9.21 1.36 -46.71
N GLU T 62 -8.70 2.15 -45.76
CA GLU T 62 -9.09 3.56 -45.69
C GLU T 62 -8.64 4.32 -46.93
N LEU T 63 -7.40 4.09 -47.38
CA LEU T 63 -6.91 4.76 -48.57
C LEU T 63 -7.74 4.39 -49.80
N GLU T 64 -8.02 3.09 -49.96
CA GLU T 64 -8.81 2.66 -51.11
C GLU T 64 -10.23 3.22 -51.04
N HIS T 65 -10.81 3.28 -49.84
CA HIS T 65 -12.16 3.81 -49.69
C HIS T 65 -12.22 5.28 -50.09
N TYR T 66 -11.24 6.08 -49.64
CA TYR T 66 -11.23 7.48 -50.05
C TYR T 66 -11.05 7.62 -51.56
N GLU T 67 -10.14 6.83 -52.14
CA GLU T 67 -9.91 6.91 -53.57
C GLU T 67 -11.17 6.57 -54.36
N LYS T 68 -11.90 5.56 -53.93
CA LYS T 68 -13.13 5.19 -54.64
C LYS T 68 -14.23 6.21 -54.43
N LEU T 69 -14.33 6.78 -53.22
CA LEU T 69 -15.40 7.74 -52.94
C LEU T 69 -15.20 9.04 -53.71
N GLU T 70 -14.00 9.62 -53.66
CA GLU T 70 -13.79 10.93 -54.23
C GLU T 70 -13.32 10.91 -55.68
N GLY T 71 -12.96 9.75 -56.21
CA GLY T 71 -12.50 9.68 -57.58
C GLY T 71 -11.11 10.21 -57.83
N VAL T 72 -10.38 10.55 -56.77
CA VAL T 72 -9.03 11.10 -56.87
C VAL T 72 -8.25 10.64 -55.64
N PRO T 73 -6.98 10.27 -55.77
CA PRO T 73 -6.22 9.84 -54.59
C PRO T 73 -5.84 11.01 -53.69
N LEU T 74 -5.56 10.67 -52.44
CA LEU T 74 -5.14 11.65 -51.46
C LEU T 74 -3.73 12.15 -51.75
N THR T 75 -3.42 13.34 -51.25
CA THR T 75 -2.07 13.85 -51.30
C THR T 75 -1.24 13.25 -50.18
N PHE T 76 0.07 13.50 -50.23
CA PHE T 76 0.98 12.89 -49.26
C PHE T 76 0.70 13.38 -47.85
N ALA T 77 0.43 14.67 -47.69
CA ALA T 77 0.13 15.23 -46.37
C ALA T 77 -1.13 14.62 -45.78
N GLY T 78 -2.14 14.37 -46.61
CA GLY T 78 -3.35 13.72 -46.14
C GLY T 78 -3.09 12.32 -45.63
N LYS T 79 -2.28 11.54 -46.35
CA LYS T 79 -1.93 10.21 -45.89
C LYS T 79 -1.15 10.25 -44.58
N ILE T 80 -0.22 11.22 -44.46
CA ILE T 80 0.52 11.37 -43.22
C ILE T 80 -0.42 11.69 -42.07
N ASN T 81 -1.39 12.58 -42.31
CA ASN T 81 -2.34 12.95 -41.27
C ASN T 81 -3.19 11.75 -40.85
N ARG T 82 -3.65 10.95 -41.82
CA ARG T 82 -4.46 9.78 -41.49
C ARG T 82 -3.65 8.77 -40.67
N LEU T 83 -2.40 8.52 -41.06
CA LEU T 83 -1.56 7.60 -40.31
C LEU T 83 -1.29 8.13 -38.91
N ALA T 84 -1.05 9.44 -38.78
CA ALA T 84 -0.81 10.02 -37.47
C ALA T 84 -2.04 9.91 -36.57
N ILE T 85 -3.23 10.11 -37.13
CA ILE T 85 -4.45 9.95 -36.36
C ILE T 85 -4.60 8.51 -35.90
N MET T 86 -4.34 7.55 -36.80
CA MET T 86 -4.43 6.14 -36.44
C MET T 86 -3.46 5.79 -35.32
N VAL T 87 -2.24 6.31 -35.39
CA VAL T 87 -1.26 6.05 -34.33
C VAL T 87 -1.69 6.71 -33.02
N ARG T 88 -2.18 7.95 -33.08
CA ARG T 88 -2.58 8.66 -31.87
C ARG T 88 -3.74 7.97 -31.18
N GLY T 89 -4.63 7.34 -31.94
CA GLY T 89 -5.77 6.67 -31.33
C GLY T 89 -5.44 5.43 -30.51
N ASN T 90 -4.22 4.92 -30.61
CA ASN T 90 -3.83 3.68 -29.93
C ASN T 90 -2.96 3.96 -28.71
N LEU T 91 -2.90 5.21 -28.26
CA LEU T 91 -2.05 5.59 -27.13
C LEU T 91 -2.40 4.80 -25.87
N ALA T 92 -3.70 4.71 -25.56
CA ALA T 92 -4.14 3.97 -24.38
C ALA T 92 -3.76 2.50 -24.48
N ALA T 93 -3.94 1.90 -25.65
CA ALA T 93 -3.49 0.52 -25.87
C ALA T 93 -1.98 0.43 -26.06
N ALA T 94 -1.33 1.50 -26.51
CA ALA T 94 0.13 1.50 -26.56
C ALA T 94 0.72 1.34 -25.17
N MET T 95 0.16 2.03 -24.19
CA MET T 95 0.46 1.70 -22.81
C MET T 95 -0.17 0.36 -22.47
N GLN T 96 0.37 -0.29 -21.43
CA GLN T 96 -0.04 -1.58 -20.88
C GLN T 96 0.31 -2.76 -21.79
N GLY T 97 0.87 -2.52 -22.98
CA GLY T 97 1.51 -3.60 -23.71
C GLY T 97 0.98 -3.96 -25.09
N LEU T 98 0.40 -3.02 -25.82
CA LEU T 98 0.01 -3.23 -27.22
C LEU T 98 0.52 -2.03 -28.03
N LEU T 99 1.77 -2.08 -28.44
CA LEU T 99 2.45 -0.95 -29.07
C LEU T 99 2.80 -1.28 -30.51
N ALA T 100 2.54 -0.32 -31.41
CA ALA T 100 2.91 -0.44 -32.82
C ALA T 100 3.50 0.87 -33.28
N LEU T 101 4.67 0.81 -33.91
CA LEU T 101 5.37 1.99 -34.41
C LEU T 101 5.58 1.85 -35.91
N PRO T 102 5.00 2.74 -36.73
CA PRO T 102 5.17 2.61 -38.18
C PRO T 102 6.29 3.46 -38.76
N LEU T 103 6.66 3.16 -40.00
CA LEU T 103 7.59 3.94 -40.80
C LEU T 103 7.07 3.96 -42.22
N LEU T 104 7.09 5.13 -42.85
CA LEU T 104 6.45 5.30 -44.16
C LEU T 104 7.48 5.74 -45.20
N ALA T 105 7.37 5.17 -46.40
CA ALA T 105 8.19 5.56 -47.53
C ALA T 105 7.29 5.80 -48.73
N GLY T 106 7.63 6.79 -49.55
CA GLY T 106 6.76 7.11 -50.67
C GLY T 106 7.45 7.91 -51.74
N TYR T 107 6.76 8.01 -52.88
CA TYR T 107 7.20 8.78 -54.03
C TYR T 107 6.12 9.80 -54.38
N ASP T 108 6.49 11.07 -54.41
CA ASP T 108 5.54 12.15 -54.69
C ASP T 108 5.51 12.43 -56.19
N ILE T 109 4.34 12.25 -56.80
CA ILE T 109 4.19 12.50 -58.23
C ILE T 109 3.88 13.95 -58.56
N HIS T 110 3.53 14.76 -57.56
CA HIS T 110 3.24 16.17 -57.76
C HIS T 110 4.45 17.07 -57.55
N ALA T 111 5.61 16.48 -57.23
CA ALA T 111 6.82 17.28 -57.05
C ALA T 111 7.32 17.82 -58.37
N SER T 112 7.84 19.05 -58.34
CA SER T 112 8.35 19.67 -59.56
C SER T 112 9.57 18.93 -60.10
N ASP T 113 10.49 18.53 -59.21
CA ASP T 113 11.71 17.85 -59.62
C ASP T 113 11.55 16.36 -59.39
N PRO T 114 11.53 15.54 -60.45
CA PRO T 114 11.36 14.08 -60.25
C PRO T 114 12.50 13.43 -59.49
N GLN T 115 13.71 14.01 -59.52
CA GLN T 115 14.83 13.39 -58.81
C GLN T 115 14.61 13.40 -57.31
N SER T 116 14.19 14.54 -56.76
CA SER T 116 13.96 14.67 -55.32
C SER T 116 12.47 14.52 -55.02
N ALA T 117 11.96 13.31 -55.27
CA ALA T 117 10.56 13.01 -55.02
C ALA T 117 10.37 11.91 -53.98
N GLY T 118 11.43 11.32 -53.46
CA GLY T 118 11.32 10.29 -52.44
C GLY T 118 11.20 10.88 -51.06
N ARG T 119 10.26 10.36 -50.28
CA ARG T 119 9.96 10.87 -48.94
C ARG T 119 9.97 9.72 -47.93
N ILE T 120 10.54 9.99 -46.76
CA ILE T 120 10.58 9.05 -45.65
C ILE T 120 10.03 9.75 -44.41
N VAL T 121 9.05 9.13 -43.77
CA VAL T 121 8.36 9.71 -42.61
C VAL T 121 8.45 8.75 -41.44
N SER T 122 8.81 9.28 -40.28
CA SER T 122 8.88 8.52 -39.03
C SER T 122 7.84 9.04 -38.05
N PHE T 123 7.46 8.19 -37.11
CA PHE T 123 6.39 8.50 -36.16
C PHE T 123 6.84 8.14 -34.75
N ASP T 124 6.19 8.77 -33.76
CA ASP T 124 6.43 8.49 -32.36
C ASP T 124 5.17 7.95 -31.70
N ALA T 125 5.32 7.48 -30.46
CA ALA T 125 4.24 6.80 -29.77
C ALA T 125 3.06 7.71 -29.45
N ALA T 126 3.25 9.02 -29.45
CA ALA T 126 2.18 9.96 -29.16
C ALA T 126 1.46 10.46 -30.41
N GLY T 127 1.92 10.06 -31.59
CA GLY T 127 1.31 10.49 -32.84
C GLY T 127 2.04 11.58 -33.58
N GLY T 128 3.19 12.03 -33.09
CA GLY T 128 3.96 13.04 -33.81
C GLY T 128 4.76 12.42 -34.93
N TRP T 129 4.82 13.13 -36.05
CA TRP T 129 5.49 12.65 -37.25
C TRP T 129 6.60 13.61 -37.65
N ASN T 130 7.62 13.07 -38.30
CA ASN T 130 8.76 13.84 -38.77
C ASN T 130 9.17 13.37 -40.15
N ILE T 131 9.47 14.34 -41.02
CA ILE T 131 9.93 14.07 -42.38
C ILE T 131 11.45 14.11 -42.38
N GLU T 132 12.07 13.01 -42.79
CA GLU T 132 13.53 12.90 -42.75
C GLU T 132 14.15 13.73 -43.87
N GLU T 133 15.32 14.31 -43.58
CA GLU T 133 16.09 15.06 -44.55
C GLU T 133 17.53 14.60 -44.69
N GLU T 134 17.94 13.57 -43.95
CA GLU T 134 19.31 13.07 -44.05
C GLU T 134 19.45 11.93 -45.07
N GLY T 135 18.35 11.28 -45.43
CA GLY T 135 18.37 10.27 -46.48
C GLY T 135 18.15 8.84 -46.02
N TYR T 136 18.06 8.58 -44.72
CA TYR T 136 17.85 7.22 -44.25
C TYR T 136 17.17 7.25 -42.89
N GLN T 137 16.54 6.13 -42.55
CA GLN T 137 15.87 5.98 -41.26
C GLN T 137 15.71 4.50 -40.95
N ALA T 138 15.65 4.19 -39.66
CA ALA T 138 15.48 2.82 -39.19
C ALA T 138 14.53 2.81 -37.99
N VAL T 139 13.76 1.74 -37.88
CA VAL T 139 12.83 1.54 -36.78
C VAL T 139 12.99 0.12 -36.25
N GLY T 140 12.69 -0.05 -34.97
CA GLY T 140 12.79 -1.34 -34.31
C GLY T 140 13.77 -1.30 -33.15
N SER T 141 14.01 -2.49 -32.58
CA SER T 141 14.92 -2.60 -31.45
C SER T 141 16.38 -2.54 -31.84
N GLY T 142 16.70 -2.83 -33.10
CA GLY T 142 18.07 -2.75 -33.58
C GLY T 142 18.31 -1.56 -34.48
N SER T 143 17.50 -0.52 -34.32
CA SER T 143 17.57 0.63 -35.22
C SER T 143 18.85 1.44 -35.02
N LEU T 144 19.39 1.48 -33.80
CA LEU T 144 20.57 2.27 -33.53
C LEU T 144 21.78 1.74 -34.30
N PHE T 145 21.98 0.42 -34.29
CA PHE T 145 23.10 -0.17 -35.01
C PHE T 145 22.96 0.04 -36.50
N ALA T 146 21.76 -0.14 -37.04
CA ALA T 146 21.53 0.08 -38.46
C ALA T 146 21.79 1.53 -38.85
N LYS T 147 21.32 2.47 -38.03
CA LYS T 147 21.56 3.88 -38.30
C LYS T 147 23.04 4.21 -38.27
N SER T 148 23.77 3.67 -37.29
CA SER T 148 25.20 3.92 -37.21
C SER T 148 25.95 3.31 -38.38
N SER T 149 25.47 2.18 -38.91
CA SER T 149 26.10 1.59 -40.09
C SER T 149 25.82 2.42 -41.34
N MET T 150 24.57 2.87 -41.50
CA MET T 150 24.22 3.70 -42.66
C MET T 150 24.95 5.04 -42.62
N LYS T 151 25.18 5.60 -41.43
CA LYS T 151 25.90 6.86 -41.32
C LYS T 151 27.28 6.78 -41.98
N LYS T 152 27.90 5.60 -41.98
CA LYS T 152 29.19 5.40 -42.61
C LYS T 152 29.09 4.85 -44.03
N LEU T 153 28.04 4.11 -44.35
CA LEU T 153 27.90 3.49 -45.66
C LEU T 153 27.06 4.29 -46.65
N TYR T 154 26.58 5.48 -46.27
CA TYR T 154 25.71 6.22 -47.17
C TYR T 154 26.44 6.90 -48.32
N SER T 155 27.75 7.09 -48.21
CA SER T 155 28.49 7.78 -49.27
C SER T 155 28.62 6.96 -50.54
N GLN T 156 28.31 5.66 -50.49
CA GLN T 156 28.45 4.78 -51.65
C GLN T 156 27.19 4.70 -52.49
N VAL T 157 26.06 5.23 -52.01
CA VAL T 157 24.80 5.07 -52.73
C VAL T 157 24.78 5.98 -53.95
N THR T 158 24.54 5.40 -55.11
CA THR T 158 24.43 6.12 -56.37
C THR T 158 23.13 5.82 -57.10
N ASP T 159 22.65 4.59 -57.02
CA ASP T 159 21.43 4.18 -57.72
C ASP T 159 20.73 3.12 -56.87
N GLY T 160 19.78 2.41 -57.47
CA GLY T 160 18.99 1.46 -56.72
C GLY T 160 19.79 0.27 -56.20
N ASP T 161 20.71 -0.23 -57.03
CA ASP T 161 21.52 -1.37 -56.61
C ASP T 161 22.40 -1.03 -55.41
N SER T 162 23.03 0.14 -55.44
CA SER T 162 23.86 0.57 -54.32
C SER T 162 23.04 0.70 -53.04
N GLY T 163 21.86 1.31 -53.16
CA GLY T 163 21.00 1.48 -52.00
C GLY T 163 20.53 0.16 -51.43
N LEU T 164 20.18 -0.79 -52.30
CA LEU T 164 19.76 -2.11 -51.83
C LEU T 164 20.90 -2.82 -51.11
N ARG T 165 22.12 -2.74 -51.67
CA ARG T 165 23.27 -3.35 -51.00
C ARG T 165 23.51 -2.72 -49.63
N VAL T 166 23.41 -1.40 -49.54
CA VAL T 166 23.62 -0.71 -48.27
C VAL T 166 22.54 -1.13 -47.26
N ALA T 167 21.29 -1.25 -47.72
CA ALA T 167 20.22 -1.67 -46.82
C ALA T 167 20.45 -3.08 -46.29
N VAL T 168 20.87 -4.00 -47.16
CA VAL T 168 21.15 -5.36 -46.72
C VAL T 168 22.30 -5.39 -45.73
N GLU T 169 23.34 -4.58 -45.98
CA GLU T 169 24.47 -4.53 -45.05
C GLU T 169 24.05 -3.97 -43.70
N ALA T 170 23.19 -2.95 -43.70
CA ALA T 170 22.70 -2.40 -42.44
C ALA T 170 21.88 -3.42 -41.66
N LEU T 171 21.02 -4.16 -42.36
CA LEU T 171 20.25 -5.22 -41.70
C LEU T 171 21.18 -6.29 -41.15
N TYR T 172 22.24 -6.64 -41.88
CA TYR T 172 23.20 -7.63 -41.39
C TYR T 172 23.89 -7.15 -40.12
N ASP T 173 24.30 -5.87 -40.09
CA ASP T 173 24.92 -5.33 -38.88
C ASP T 173 23.95 -5.33 -37.71
N ALA T 174 22.69 -4.95 -37.96
CA ALA T 174 21.70 -4.95 -36.89
C ALA T 174 21.47 -6.35 -36.34
N ALA T 175 21.42 -7.35 -37.22
CA ALA T 175 21.29 -8.73 -36.75
C ALA T 175 22.54 -9.20 -36.02
N ASP T 176 23.72 -8.71 -36.42
CA ASP T 176 24.95 -9.05 -35.72
C ASP T 176 24.95 -8.50 -34.30
N ASP T 177 24.43 -7.29 -34.10
CA ASP T 177 24.46 -6.67 -32.79
C ASP T 177 23.25 -6.98 -31.92
N ASP T 178 22.14 -7.39 -32.50
CA ASP T 178 20.90 -7.63 -31.76
C ASP T 178 20.46 -9.08 -31.94
N SER T 179 20.01 -9.70 -30.85
CA SER T 179 19.56 -11.08 -30.87
C SER T 179 18.08 -11.23 -31.22
N ALA T 180 17.31 -10.15 -31.21
CA ALA T 180 15.92 -10.18 -31.60
C ALA T 180 15.71 -9.94 -33.09
N THR T 181 16.79 -9.80 -33.85
CA THR T 181 16.75 -9.58 -35.29
C THR T 181 17.30 -10.82 -35.99
N GLY T 182 16.61 -11.27 -37.03
CA GLY T 182 17.02 -12.47 -37.75
C GLY T 182 18.00 -12.14 -38.87
N GLY T 183 19.09 -12.89 -38.90
CA GLY T 183 20.06 -12.76 -39.96
C GLY T 183 19.76 -13.69 -41.12
N PRO T 184 20.58 -13.64 -42.17
CA PRO T 184 20.38 -14.55 -43.30
C PRO T 184 20.52 -16.01 -42.86
N ASP T 185 19.65 -16.85 -43.41
CA ASP T 185 19.66 -18.29 -43.15
C ASP T 185 20.08 -19.00 -44.42
N LEU T 186 21.25 -19.64 -44.40
CA LEU T 186 21.73 -20.38 -45.55
C LEU T 186 21.34 -21.85 -45.51
N VAL T 187 21.13 -22.40 -44.32
CA VAL T 187 20.64 -23.78 -44.20
C VAL T 187 19.24 -23.89 -44.77
N ARG T 188 18.38 -22.95 -44.43
CA ARG T 188 16.98 -22.98 -44.86
C ARG T 188 16.72 -22.17 -46.12
N GLY T 189 17.45 -21.07 -46.33
CA GLY T 189 17.24 -20.25 -47.50
C GLY T 189 16.19 -19.17 -47.31
N ILE T 190 16.30 -18.42 -46.21
CA ILE T 190 15.39 -17.34 -45.90
C ILE T 190 16.20 -16.05 -45.80
N PHE T 191 15.73 -15.01 -46.48
CA PHE T 191 16.44 -13.74 -46.60
C PHE T 191 15.48 -12.60 -46.35
N PRO T 192 15.99 -11.42 -46.02
CA PRO T 192 15.11 -10.25 -45.79
C PRO T 192 14.29 -9.90 -47.03
N THR T 193 13.27 -9.09 -46.81
CA THR T 193 12.36 -8.66 -47.87
C THR T 193 12.52 -7.17 -48.14
N ALA T 194 12.46 -6.79 -49.41
CA ALA T 194 12.69 -5.42 -49.83
C ALA T 194 11.63 -4.97 -50.83
N VAL T 195 11.36 -3.67 -50.83
CA VAL T 195 10.43 -3.03 -51.76
C VAL T 195 11.11 -1.77 -52.30
N ILE T 196 11.02 -1.57 -53.61
CA ILE T 196 11.64 -0.44 -54.27
C ILE T 196 10.54 0.40 -54.92
N ILE T 197 10.53 1.70 -54.63
CA ILE T 197 9.53 2.61 -55.15
C ILE T 197 10.23 3.65 -56.01
N ASP T 198 9.74 3.84 -57.23
CA ASP T 198 10.29 4.81 -58.16
C ASP T 198 9.14 5.39 -58.98
N ALA T 199 9.48 6.12 -60.04
CA ALA T 199 8.48 6.82 -60.85
C ALA T 199 7.47 5.86 -61.48
N ASP T 200 7.83 4.59 -61.65
CA ASP T 200 6.92 3.61 -62.23
C ASP T 200 6.03 2.92 -61.20
N GLY T 201 6.25 3.17 -59.90
CA GLY T 201 5.44 2.58 -58.86
C GLY T 201 6.30 1.84 -57.85
N ALA T 202 5.66 0.97 -57.08
CA ALA T 202 6.32 0.19 -56.04
C ALA T 202 6.35 -1.28 -56.45
N VAL T 203 7.54 -1.87 -56.43
CA VAL T 203 7.74 -3.24 -56.85
C VAL T 203 8.47 -4.02 -55.77
N ASP T 204 8.06 -5.26 -55.56
CA ASP T 204 8.77 -6.16 -54.66
C ASP T 204 10.04 -6.67 -55.32
N VAL T 205 11.11 -6.75 -54.54
CA VAL T 205 12.40 -7.21 -55.06
C VAL T 205 12.42 -8.73 -55.05
N PRO T 206 12.82 -9.38 -56.15
CA PRO T 206 12.91 -10.85 -56.15
C PRO T 206 13.99 -11.32 -55.18
N GLU T 207 13.80 -12.55 -54.67
CA GLU T 207 14.65 -13.08 -53.61
C GLU T 207 16.05 -13.45 -54.12
N SER T 208 16.21 -13.70 -55.42
CA SER T 208 17.51 -14.11 -55.94
C SER T 208 18.54 -13.00 -55.79
N ARG T 209 18.15 -11.75 -56.09
CA ARG T 209 19.07 -10.63 -55.95
C ARG T 209 19.50 -10.44 -54.51
N ILE T 210 18.56 -10.55 -53.57
CA ILE T 210 18.88 -10.39 -52.16
C ILE T 210 19.78 -11.52 -51.68
N ALA T 211 19.53 -12.74 -52.15
CA ALA T 211 20.40 -13.86 -51.80
C ALA T 211 21.81 -13.65 -52.31
N GLU T 212 21.95 -13.17 -53.55
CA GLU T 212 23.27 -12.90 -54.11
C GLU T 212 23.99 -11.82 -53.30
N LEU T 213 23.29 -10.74 -52.97
CA LEU T 213 23.90 -9.66 -52.19
C LEU T 213 24.32 -10.14 -50.81
N ALA T 214 23.47 -10.94 -50.15
CA ALA T 214 23.80 -11.46 -48.83
C ALA T 214 25.00 -12.38 -48.89
N ARG T 215 25.07 -13.25 -49.91
CA ARG T 215 26.23 -14.13 -50.05
C ARG T 215 27.50 -13.32 -50.29
N ALA T 216 27.42 -12.28 -51.11
CA ALA T 216 28.60 -11.44 -51.34
C ALA T 216 29.05 -10.75 -50.05
N ILE T 217 28.10 -10.24 -49.27
CA ILE T 217 28.45 -9.58 -48.02
C ILE T 217 29.07 -10.56 -47.04
N ILE T 218 28.50 -11.77 -46.94
CA ILE T 218 29.04 -12.78 -46.03
C ILE T 218 30.46 -13.18 -46.45
N GLU T 219 30.68 -13.34 -47.76
CA GLU T 219 32.03 -13.65 -48.23
C GLU T 219 33.00 -12.52 -47.91
N SER T 220 32.56 -11.27 -48.08
CA SER T 220 33.42 -10.13 -47.78
C SER T 220 33.79 -10.09 -46.30
N ARG T 221 32.83 -10.36 -45.42
CA ARG T 221 33.11 -10.30 -43.99
C ARG T 221 34.00 -11.44 -43.53
N SER T 222 33.91 -12.60 -44.18
CA SER T 222 34.71 -13.76 -43.81
C SER T 222 36.19 -13.53 -44.12
N THR U 1 -2.80 -30.87 -21.03
CA THR U 1 -3.49 -30.80 -22.30
C THR U 1 -2.50 -30.61 -23.45
N THR U 2 -2.62 -31.43 -24.48
CA THR U 2 -1.77 -31.32 -25.65
C THR U 2 -2.57 -31.74 -26.88
N ILE U 3 -2.59 -30.88 -27.89
CA ILE U 3 -3.26 -31.15 -29.16
C ILE U 3 -2.23 -30.97 -30.27
N VAL U 4 -2.10 -31.97 -31.14
CA VAL U 4 -1.13 -31.93 -32.23
C VAL U 4 -1.87 -31.96 -33.55
N ALA U 5 -1.25 -31.37 -34.57
CA ALA U 5 -1.77 -31.40 -35.92
C ALA U 5 -0.61 -31.46 -36.90
N LEU U 6 -0.77 -32.23 -37.97
CA LEU U 6 0.29 -32.35 -38.95
C LEU U 6 -0.28 -32.63 -40.33
N LYS U 7 0.58 -32.44 -41.33
CA LYS U 7 0.22 -32.55 -42.74
C LYS U 7 0.84 -33.79 -43.35
N TYR U 8 0.11 -34.45 -44.24
CA TYR U 8 0.62 -35.55 -45.04
C TYR U 8 0.15 -35.32 -46.47
N PRO U 9 0.84 -35.90 -47.45
CA PRO U 9 0.39 -35.72 -48.85
C PRO U 9 -1.01 -36.27 -49.05
N GLY U 10 -1.96 -35.35 -49.24
CA GLY U 10 -3.36 -35.70 -49.34
C GLY U 10 -4.26 -35.03 -48.31
N GLY U 11 -3.71 -34.60 -47.16
CA GLY U 11 -4.56 -33.95 -46.17
C GLY U 11 -3.85 -33.71 -44.86
N VAL U 12 -4.65 -33.64 -43.79
CA VAL U 12 -4.18 -33.29 -42.47
C VAL U 12 -4.74 -34.28 -41.44
N VAL U 13 -4.04 -34.38 -40.31
CA VAL U 13 -4.49 -35.22 -39.20
C VAL U 13 -4.27 -34.45 -37.90
N MET U 14 -5.28 -34.49 -37.03
CA MET U 14 -5.26 -33.81 -35.74
C MET U 14 -5.57 -34.80 -34.63
N ALA U 15 -4.86 -34.70 -33.51
CA ALA U 15 -5.01 -35.63 -32.41
C ALA U 15 -4.97 -34.90 -31.07
N GLY U 16 -5.64 -35.48 -30.08
CA GLY U 16 -5.70 -34.88 -28.76
C GLY U 16 -5.91 -35.91 -27.66
N ASP U 17 -5.55 -35.52 -26.45
CA ASP U 17 -5.61 -36.37 -25.27
C ASP U 17 -6.93 -36.18 -24.53
N ARG U 18 -7.07 -36.84 -23.38
CA ARG U 18 -8.36 -36.94 -22.70
C ARG U 18 -8.33 -36.61 -21.21
N ARG U 19 -7.23 -36.06 -20.69
CA ARG U 19 -7.13 -35.79 -19.26
C ARG U 19 -7.59 -34.37 -18.92
N SER U 20 -8.36 -34.26 -17.84
CA SER U 20 -8.77 -32.97 -17.30
C SER U 20 -8.42 -32.93 -15.81
N THR U 21 -7.72 -31.87 -15.40
CA THR U 21 -7.23 -31.76 -14.03
C THR U 21 -7.69 -30.45 -13.40
N GLN U 22 -7.75 -30.47 -12.07
CA GLN U 22 -8.05 -29.29 -11.26
C GLN U 22 -6.91 -29.12 -10.27
N GLY U 23 -5.86 -28.42 -10.68
CA GLY U 23 -4.66 -28.33 -9.88
C GLY U 23 -3.80 -29.57 -10.02
N ASN U 24 -3.61 -30.29 -8.92
CA ASN U 24 -2.93 -31.58 -8.95
C ASN U 24 -3.89 -32.76 -8.79
N MET U 25 -5.19 -32.49 -8.77
CA MET U 25 -6.21 -33.53 -8.66
C MET U 25 -6.77 -33.86 -10.03
N ILE U 26 -6.90 -35.15 -10.32
CA ILE U 26 -7.47 -35.58 -11.59
C ILE U 26 -8.99 -35.53 -11.51
N SER U 27 -9.62 -34.81 -12.43
CA SER U 27 -11.06 -34.61 -12.44
C SER U 27 -11.78 -35.35 -13.56
N GLY U 28 -11.16 -35.46 -14.73
CA GLY U 28 -11.80 -36.10 -15.87
C GLY U 28 -10.86 -37.01 -16.63
N ARG U 29 -11.37 -38.15 -17.08
CA ARG U 29 -10.55 -39.17 -17.73
C ARG U 29 -10.88 -39.40 -19.20
N ASP U 30 -12.05 -38.98 -19.67
CA ASP U 30 -12.47 -39.25 -21.05
C ASP U 30 -13.04 -37.99 -21.70
N VAL U 31 -12.35 -36.87 -21.52
CA VAL U 31 -12.77 -35.60 -22.13
C VAL U 31 -12.36 -35.60 -23.60
N ARG U 32 -13.25 -35.09 -24.45
CA ARG U 32 -13.00 -34.95 -25.88
C ARG U 32 -12.66 -33.50 -26.18
N LYS U 33 -11.50 -33.28 -26.82
CA LYS U 33 -10.97 -31.94 -27.04
C LYS U 33 -10.87 -31.56 -28.51
N VAL U 34 -11.35 -32.40 -29.42
CA VAL U 34 -11.25 -32.15 -30.85
C VAL U 34 -12.66 -32.19 -31.44
N TYR U 35 -12.98 -31.17 -32.24
CA TYR U 35 -14.32 -31.01 -32.81
C TYR U 35 -14.23 -30.89 -34.32
N ILE U 36 -15.31 -31.29 -34.99
CA ILE U 36 -15.44 -31.16 -36.43
C ILE U 36 -16.36 -29.96 -36.68
N THR U 37 -15.78 -28.83 -37.09
CA THR U 37 -16.56 -27.62 -37.27
C THR U 37 -17.46 -27.72 -38.50
N ASP U 38 -16.92 -28.16 -39.61
CA ASP U 38 -17.70 -28.33 -40.84
C ASP U 38 -17.09 -29.46 -41.65
N ASP U 39 -17.46 -29.55 -42.93
CA ASP U 39 -17.06 -30.69 -43.75
C ASP U 39 -15.56 -30.74 -44.01
N TYR U 40 -14.83 -29.63 -43.82
CA TYR U 40 -13.42 -29.61 -44.20
C TYR U 40 -12.55 -28.90 -43.17
N THR U 41 -13.02 -28.71 -41.94
CA THR U 41 -12.28 -27.95 -40.95
C THR U 41 -12.44 -28.58 -39.58
N ALA U 42 -11.35 -28.63 -38.82
CA ALA U 42 -11.33 -29.13 -37.45
C ALA U 42 -10.63 -28.12 -36.54
N THR U 43 -11.09 -28.05 -35.31
CA THR U 43 -10.57 -27.11 -34.33
C THR U 43 -10.27 -27.81 -33.02
N GLY U 44 -9.19 -27.40 -32.36
CA GLY U 44 -8.85 -27.91 -31.05
C GLY U 44 -8.44 -26.80 -30.10
N ILE U 45 -9.13 -26.68 -28.96
CA ILE U 45 -8.94 -25.56 -28.04
C ILE U 45 -8.37 -26.09 -26.73
N ALA U 46 -7.40 -25.35 -26.18
CA ALA U 46 -6.80 -25.68 -24.90
C ALA U 46 -7.04 -24.55 -23.90
N GLY U 47 -7.15 -24.91 -22.62
CA GLY U 47 -7.36 -23.94 -21.58
C GLY U 47 -8.52 -24.28 -20.67
N THR U 48 -9.32 -23.28 -20.31
CA THR U 48 -10.51 -23.51 -19.51
C THR U 48 -11.54 -24.28 -20.33
N ALA U 49 -12.13 -25.31 -19.73
CA ALA U 49 -13.01 -26.21 -20.49
C ALA U 49 -14.27 -25.48 -20.96
N ALA U 50 -14.92 -24.75 -20.05
CA ALA U 50 -16.19 -24.10 -20.40
C ALA U 50 -16.01 -23.10 -21.54
N VAL U 51 -14.93 -22.30 -21.47
CA VAL U 51 -14.66 -21.35 -22.54
C VAL U 51 -14.42 -22.08 -23.85
N ALA U 52 -13.74 -23.23 -23.80
CA ALA U 52 -13.45 -23.97 -25.02
C ALA U 52 -14.72 -24.50 -25.67
N VAL U 53 -15.61 -25.11 -24.88
CA VAL U 53 -16.86 -25.61 -25.44
C VAL U 53 -17.72 -24.47 -25.97
N GLU U 54 -17.78 -23.36 -25.24
CA GLU U 54 -18.55 -22.21 -25.70
C GLU U 54 -18.01 -21.68 -27.02
N PHE U 55 -16.68 -21.55 -27.13
CA PHE U 55 -16.05 -21.08 -28.36
C PHE U 55 -16.35 -22.02 -29.52
N ALA U 56 -16.25 -23.33 -29.27
CA ALA U 56 -16.48 -24.30 -30.34
C ALA U 56 -17.92 -24.24 -30.84
N ARG U 57 -18.89 -24.25 -29.92
CA ARG U 57 -20.29 -24.26 -30.32
C ARG U 57 -20.64 -22.96 -31.03
N LEU U 58 -20.11 -21.83 -30.54
CA LEU U 58 -20.35 -20.54 -31.18
C LEU U 58 -19.75 -20.48 -32.59
N TYR U 59 -18.52 -20.97 -32.76
CA TYR U 59 -17.89 -20.97 -34.08
C TYR U 59 -18.67 -21.81 -35.07
N ALA U 60 -19.10 -23.00 -34.65
CA ALA U 60 -19.89 -23.85 -35.54
C ALA U 60 -21.20 -23.18 -35.93
N VAL U 61 -21.89 -22.57 -34.96
CA VAL U 61 -23.16 -21.91 -35.26
C VAL U 61 -22.95 -20.74 -36.21
N GLU U 62 -21.88 -19.97 -36.01
CA GLU U 62 -21.62 -18.82 -36.89
C GLU U 62 -21.34 -19.28 -38.32
N LEU U 63 -20.53 -20.32 -38.49
CA LEU U 63 -20.25 -20.82 -39.83
C LEU U 63 -21.51 -21.32 -40.51
N GLU U 64 -22.33 -22.10 -39.79
CA GLU U 64 -23.56 -22.61 -40.37
C GLU U 64 -24.52 -21.48 -40.72
N HIS U 65 -24.59 -20.46 -39.86
CA HIS U 65 -25.48 -19.32 -40.10
C HIS U 65 -25.08 -18.58 -41.38
N TYR U 66 -23.78 -18.33 -41.55
CA TYR U 66 -23.35 -17.66 -42.77
C TYR U 66 -23.64 -18.53 -44.00
N GLU U 67 -23.38 -19.83 -43.90
CA GLU U 67 -23.62 -20.71 -45.05
C GLU U 67 -25.09 -20.72 -45.43
N LYS U 68 -25.99 -20.75 -44.44
CA LYS U 68 -27.42 -20.75 -44.75
C LYS U 68 -27.88 -19.38 -45.28
N LEU U 69 -27.32 -18.29 -44.75
CA LEU U 69 -27.76 -16.97 -45.18
C LEU U 69 -27.34 -16.67 -46.60
N GLU U 70 -26.07 -16.90 -46.93
CA GLU U 70 -25.55 -16.50 -48.23
C GLU U 70 -25.65 -17.57 -49.30
N GLY U 71 -25.97 -18.81 -48.93
CA GLY U 71 -26.07 -19.87 -49.92
C GLY U 71 -24.75 -20.39 -50.43
N VAL U 72 -23.64 -19.94 -49.85
CA VAL U 72 -22.31 -20.36 -50.27
C VAL U 72 -21.41 -20.36 -49.03
N PRO U 73 -20.52 -21.34 -48.87
CA PRO U 73 -19.64 -21.35 -47.70
C PRO U 73 -18.56 -20.29 -47.78
N LEU U 74 -18.03 -19.94 -46.61
CA LEU U 74 -16.95 -18.97 -46.51
C LEU U 74 -15.65 -19.56 -47.04
N THR U 75 -14.75 -18.67 -47.45
CA THR U 75 -13.40 -19.08 -47.81
C THR U 75 -12.55 -19.26 -46.54
N PHE U 76 -11.35 -19.82 -46.73
CA PHE U 76 -10.50 -20.13 -45.60
C PHE U 76 -10.07 -18.87 -44.85
N ALA U 77 -9.73 -17.81 -45.60
CA ALA U 77 -9.32 -16.56 -44.97
C ALA U 77 -10.44 -15.96 -44.13
N GLY U 78 -11.69 -16.06 -44.62
CA GLY U 78 -12.81 -15.58 -43.83
C GLY U 78 -12.99 -16.32 -42.52
N LYS U 79 -12.84 -17.64 -42.55
CA LYS U 79 -12.92 -18.43 -41.33
C LYS U 79 -11.80 -18.06 -40.36
N ILE U 80 -10.58 -17.87 -40.89
CA ILE U 80 -9.47 -17.44 -40.05
C ILE U 80 -9.76 -16.10 -39.41
N ASN U 81 -10.31 -15.16 -40.18
CA ASN U 81 -10.64 -13.83 -39.64
C ASN U 81 -11.69 -13.92 -38.56
N ARG U 82 -12.73 -14.74 -38.77
CA ARG U 82 -13.77 -14.89 -37.76
C ARG U 82 -13.22 -15.48 -36.47
N LEU U 83 -12.38 -16.52 -36.59
CA LEU U 83 -11.78 -17.12 -35.40
C LEU U 83 -10.86 -16.13 -34.69
N ALA U 84 -10.10 -15.35 -35.45
CA ALA U 84 -9.22 -14.35 -34.84
C ALA U 84 -10.01 -13.28 -34.11
N ILE U 85 -11.13 -12.85 -34.68
CA ILE U 85 -11.99 -11.88 -34.00
C ILE U 85 -12.54 -12.46 -32.71
N MET U 86 -13.00 -13.71 -32.76
CA MET U 86 -13.52 -14.36 -31.56
C MET U 86 -12.46 -14.46 -30.48
N VAL U 87 -11.23 -14.80 -30.85
CA VAL U 87 -10.14 -14.88 -29.88
C VAL U 87 -9.81 -13.50 -29.32
N ARG U 88 -9.75 -12.49 -30.19
CA ARG U 88 -9.40 -11.14 -29.75
C ARG U 88 -10.44 -10.58 -28.79
N GLY U 89 -11.70 -10.95 -28.96
CA GLY U 89 -12.74 -10.44 -28.08
C GLY U 89 -12.67 -10.93 -26.65
N ASN U 90 -11.87 -11.96 -26.37
CA ASN U 90 -11.81 -12.57 -25.03
C ASN U 90 -10.55 -12.16 -24.29
N LEU U 91 -9.84 -11.14 -24.76
CA LEU U 91 -8.59 -10.70 -24.16
C LEU U 91 -8.78 -10.31 -22.69
N ALA U 92 -9.82 -9.52 -22.42
CA ALA U 92 -10.09 -9.09 -21.05
C ALA U 92 -10.39 -10.28 -20.15
N ALA U 93 -11.18 -11.23 -20.64
CA ALA U 93 -11.42 -12.47 -19.89
C ALA U 93 -10.23 -13.42 -19.95
N ALA U 94 -9.39 -13.33 -21.00
CA ALA U 94 -8.16 -14.12 -21.02
C ALA U 94 -7.27 -13.75 -19.85
N MET U 95 -7.14 -12.46 -19.57
CA MET U 95 -6.56 -12.04 -18.31
C MET U 95 -7.51 -12.37 -17.18
N GLN U 96 -6.96 -12.49 -15.97
CA GLN U 96 -7.63 -12.79 -14.72
C GLN U 96 -8.11 -14.24 -14.62
N GLY U 97 -7.94 -15.05 -15.67
CA GLY U 97 -8.07 -16.49 -15.50
C GLY U 97 -9.13 -17.22 -16.30
N LEU U 98 -9.50 -16.73 -17.48
CA LEU U 98 -10.38 -17.46 -18.41
C LEU U 98 -9.74 -17.41 -19.79
N LEU U 99 -8.82 -18.33 -20.06
CA LEU U 99 -8.01 -18.31 -21.26
C LEU U 99 -8.32 -19.53 -22.13
N ALA U 100 -8.46 -19.29 -23.44
CA ALA U 100 -8.67 -20.34 -24.42
C ALA U 100 -7.79 -20.09 -25.63
N LEU U 101 -7.03 -21.09 -26.04
CA LEU U 101 -6.13 -20.98 -27.19
C LEU U 101 -6.50 -22.03 -28.22
N PRO U 102 -6.92 -21.63 -29.43
CA PRO U 102 -7.32 -22.61 -30.44
C PRO U 102 -6.21 -22.97 -31.42
N LEU U 103 -6.44 -24.06 -32.15
CA LEU U 103 -5.59 -24.51 -33.26
C LEU U 103 -6.52 -25.02 -34.36
N LEU U 104 -6.25 -24.64 -35.60
CA LEU U 104 -7.15 -24.94 -36.70
C LEU U 104 -6.45 -25.78 -37.76
N ALA U 105 -7.17 -26.77 -38.28
CA ALA U 105 -6.69 -27.59 -39.39
C ALA U 105 -7.77 -27.64 -40.46
N GLY U 106 -7.35 -27.65 -41.73
CA GLY U 106 -8.34 -27.62 -42.78
C GLY U 106 -7.80 -28.09 -44.11
N TYR U 107 -8.73 -28.30 -45.04
CA TYR U 107 -8.42 -28.69 -46.42
C TYR U 107 -9.06 -27.68 -47.35
N ASP U 108 -8.25 -27.08 -48.21
CA ASP U 108 -8.71 -26.05 -49.14
C ASP U 108 -9.13 -26.70 -50.46
N ILE U 109 -10.40 -26.55 -50.82
CA ILE U 109 -10.91 -27.13 -52.06
C ILE U 109 -10.72 -26.22 -53.26
N HIS U 110 -10.37 -24.95 -53.04
CA HIS U 110 -10.12 -24.01 -54.13
C HIS U 110 -8.64 -23.96 -54.54
N ALA U 111 -7.78 -24.75 -53.91
CA ALA U 111 -6.37 -24.77 -54.27
C ALA U 111 -6.17 -25.44 -55.62
N SER U 112 -5.22 -24.90 -56.40
CA SER U 112 -4.95 -25.46 -57.73
C SER U 112 -4.38 -26.87 -57.62
N ASP U 113 -3.47 -27.10 -56.69
CA ASP U 113 -2.84 -28.41 -56.54
C ASP U 113 -3.49 -29.15 -55.39
N PRO U 114 -4.18 -30.26 -55.64
CA PRO U 114 -4.85 -30.99 -54.54
C PRO U 114 -3.88 -31.57 -53.53
N GLN U 115 -2.63 -31.85 -53.91
CA GLN U 115 -1.68 -32.43 -52.96
C GLN U 115 -1.35 -31.45 -51.83
N SER U 116 -1.07 -30.20 -52.17
CA SER U 116 -0.74 -29.19 -51.17
C SER U 116 -1.97 -28.33 -50.87
N ALA U 117 -2.97 -28.97 -50.27
CA ALA U 117 -4.20 -28.31 -49.90
C ALA U 117 -4.47 -28.31 -48.39
N GLY U 118 -3.61 -28.95 -47.60
CA GLY U 118 -3.79 -28.98 -46.16
C GLY U 118 -3.19 -27.75 -45.51
N ARG U 119 -3.93 -27.15 -44.59
CA ARG U 119 -3.53 -25.92 -43.92
C ARG U 119 -3.64 -26.09 -42.40
N ILE U 120 -2.67 -25.54 -41.69
CA ILE U 120 -2.63 -25.54 -40.24
C ILE U 120 -2.41 -24.11 -39.77
N VAL U 121 -3.28 -23.62 -38.88
CA VAL U 121 -3.24 -22.24 -38.41
C VAL U 121 -3.16 -22.24 -36.89
N SER U 122 -2.24 -21.43 -36.36
CA SER U 122 -2.08 -21.25 -34.92
C SER U 122 -2.42 -19.82 -34.54
N PHE U 123 -2.78 -19.64 -33.27
CA PHE U 123 -3.24 -18.34 -32.78
C PHE U 123 -2.54 -18.00 -31.47
N ASP U 124 -2.51 -16.72 -31.15
CA ASP U 124 -1.94 -16.22 -29.90
C ASP U 124 -3.02 -15.54 -29.07
N ALA U 125 -2.65 -15.21 -27.82
CA ALA U 125 -3.62 -14.69 -26.87
C ALA U 125 -4.16 -13.31 -27.24
N ALA U 126 -3.47 -12.58 -28.09
CA ALA U 126 -3.90 -11.25 -28.51
C ALA U 126 -4.74 -11.27 -29.78
N GLY U 127 -4.91 -12.42 -30.42
CA GLY U 127 -5.68 -12.54 -31.64
C GLY U 127 -4.86 -12.65 -32.91
N GLY U 128 -3.54 -12.68 -32.82
CA GLY U 128 -2.72 -12.84 -34.00
C GLY U 128 -2.66 -14.30 -34.44
N TRP U 129 -2.70 -14.50 -35.76
CA TRP U 129 -2.72 -15.83 -36.34
C TRP U 129 -1.52 -16.03 -37.26
N ASN U 130 -1.09 -17.28 -37.37
CA ASN U 130 0.04 -17.64 -38.22
C ASN U 130 -0.26 -18.93 -38.96
N ILE U 131 0.08 -18.97 -40.24
CA ILE U 131 -0.08 -20.15 -41.08
C ILE U 131 1.23 -20.91 -41.09
N GLU U 132 1.18 -22.17 -40.66
CA GLU U 132 2.39 -22.97 -40.56
C GLU U 132 2.89 -23.41 -41.93
N GLU U 133 4.21 -23.48 -42.07
CA GLU U 133 4.84 -23.95 -43.30
C GLU U 133 5.85 -25.07 -43.08
N GLU U 134 6.03 -25.53 -41.84
CA GLU U 134 6.96 -26.62 -41.57
C GLU U 134 6.29 -27.99 -41.58
N GLY U 135 4.96 -28.04 -41.45
CA GLY U 135 4.23 -29.29 -41.57
C GLY U 135 3.62 -29.83 -40.29
N TYR U 136 3.87 -29.21 -39.14
CA TYR U 136 3.31 -29.71 -37.89
C TYR U 136 3.21 -28.57 -36.89
N GLN U 137 2.32 -28.76 -35.90
CA GLN U 137 2.14 -27.77 -34.85
C GLN U 137 1.50 -28.47 -33.64
N ALA U 138 1.76 -27.91 -32.46
CA ALA U 138 1.22 -28.42 -31.22
C ALA U 138 0.82 -27.26 -30.32
N VAL U 139 -0.24 -27.48 -29.54
CA VAL U 139 -0.73 -26.49 -28.59
C VAL U 139 -0.99 -27.19 -27.25
N GLY U 140 -0.89 -26.42 -26.18
CA GLY U 140 -1.10 -26.91 -24.83
C GLY U 140 0.14 -26.75 -23.98
N SER U 141 0.06 -27.30 -22.76
CA SER U 141 1.18 -27.21 -21.82
C SER U 141 2.32 -28.16 -22.14
N GLY U 142 2.05 -29.23 -22.90
CA GLY U 142 3.09 -30.16 -23.29
C GLY U 142 3.48 -30.04 -24.75
N SER U 143 3.25 -28.85 -25.33
CA SER U 143 3.47 -28.67 -26.76
C SER U 143 4.95 -28.69 -27.12
N LEU U 144 5.83 -28.26 -26.22
CA LEU U 144 7.25 -28.23 -26.53
C LEU U 144 7.81 -29.62 -26.74
N PHE U 145 7.47 -30.56 -25.87
CA PHE U 145 7.94 -31.93 -26.01
C PHE U 145 7.41 -32.58 -27.27
N ALA U 146 6.13 -32.37 -27.58
CA ALA U 146 5.55 -32.92 -28.80
C ALA U 146 6.21 -32.34 -30.04
N LYS U 147 6.47 -31.03 -30.04
CA LYS U 147 7.14 -30.40 -31.17
C LYS U 147 8.55 -30.95 -31.35
N SER U 148 9.28 -31.12 -30.25
CA SER U 148 10.63 -31.66 -30.33
C SER U 148 10.63 -33.11 -30.80
N SER U 149 9.59 -33.88 -30.47
CA SER U 149 9.50 -35.24 -30.96
C SER U 149 9.17 -35.27 -32.45
N MET U 150 8.22 -34.42 -32.88
CA MET U 150 7.88 -34.37 -34.30
C MET U 150 9.04 -33.87 -35.15
N LYS U 151 9.87 -32.97 -34.61
CA LYS U 151 11.03 -32.48 -35.35
C LYS U 151 11.94 -33.62 -35.78
N LYS U 152 12.00 -34.69 -34.99
CA LYS U 152 12.82 -35.85 -35.32
C LYS U 152 12.03 -36.95 -36.04
N LEU U 153 10.73 -37.06 -35.80
CA LEU U 153 9.93 -38.13 -36.38
C LEU U 153 9.21 -37.74 -37.66
N TYR U 154 9.38 -36.52 -38.16
CA TYR U 154 8.64 -36.09 -39.34
C TYR U 154 9.16 -36.69 -40.64
N SER U 155 10.39 -37.19 -40.67
CA SER U 155 10.94 -37.73 -41.91
C SER U 155 10.29 -39.04 -42.32
N GLN U 156 9.53 -39.69 -41.45
CA GLN U 156 8.91 -40.97 -41.74
C GLN U 156 7.51 -40.85 -42.33
N VAL U 157 6.93 -39.65 -42.34
CA VAL U 157 5.55 -39.50 -42.78
C VAL U 157 5.49 -39.60 -44.30
N THR U 158 4.66 -40.50 -44.79
CA THR U 158 4.43 -40.70 -46.22
C THR U 158 2.96 -40.63 -46.59
N ASP U 159 2.08 -41.10 -45.73
CA ASP U 159 0.64 -41.13 -46.00
C ASP U 159 -0.09 -40.96 -44.67
N GLY U 160 -1.39 -41.26 -44.67
CA GLY U 160 -2.20 -41.04 -43.49
C GLY U 160 -1.80 -41.92 -42.31
N ASP U 161 -1.50 -43.19 -42.59
CA ASP U 161 -1.12 -44.11 -41.52
C ASP U 161 0.16 -43.67 -40.82
N SER U 162 1.17 -43.26 -41.61
CA SER U 162 2.42 -42.79 -41.03
C SER U 162 2.20 -41.55 -40.18
N GLY U 163 1.39 -40.61 -40.68
CA GLY U 163 1.12 -39.40 -39.92
C GLY U 163 0.38 -39.68 -38.62
N LEU U 164 -0.59 -40.59 -38.66
CA LEU U 164 -1.32 -40.95 -37.45
C LEU U 164 -0.39 -41.59 -36.43
N ARG U 165 0.50 -42.49 -36.88
CA ARG U 165 1.46 -43.10 -35.96
C ARG U 165 2.37 -42.05 -35.34
N VAL U 166 2.85 -41.11 -36.15
CA VAL U 166 3.72 -40.05 -35.64
C VAL U 166 2.97 -39.19 -34.62
N ALA U 167 1.70 -38.87 -34.89
CA ALA U 167 0.93 -38.07 -33.95
C ALA U 167 0.73 -38.80 -32.62
N VAL U 168 0.43 -40.10 -32.68
CA VAL U 168 0.27 -40.87 -31.44
C VAL U 168 1.58 -40.92 -30.67
N GLU U 169 2.70 -41.10 -31.37
CA GLU U 169 4.00 -41.11 -30.69
C GLU U 169 4.31 -39.77 -30.04
N ALA U 170 4.00 -38.67 -30.72
CA ALA U 170 4.22 -37.35 -30.15
C ALA U 170 3.37 -37.13 -28.91
N LEU U 171 2.10 -37.57 -28.95
CA LEU U 171 1.25 -37.47 -27.77
C LEU U 171 1.80 -38.32 -26.63
N TYR U 172 2.32 -39.51 -26.94
CA TYR U 172 2.91 -40.37 -25.92
C TYR U 172 4.12 -39.71 -25.27
N ASP U 173 4.98 -39.08 -26.07
CA ASP U 173 6.13 -38.38 -25.51
C ASP U 173 5.70 -37.20 -24.65
N ALA U 174 4.69 -36.45 -25.09
CA ALA U 174 4.20 -35.33 -24.30
C ALA U 174 3.64 -35.79 -22.97
N ALA U 175 2.90 -36.91 -22.97
CA ALA U 175 2.39 -37.45 -21.71
C ALA U 175 3.51 -37.99 -20.84
N ASP U 176 4.58 -38.51 -21.45
CA ASP U 176 5.73 -38.98 -20.68
C ASP U 176 6.42 -37.82 -19.97
N ASP U 177 6.53 -36.67 -20.63
CA ASP U 177 7.25 -35.54 -20.05
C ASP U 177 6.39 -34.62 -19.21
N ASP U 178 5.07 -34.63 -19.38
CA ASP U 178 4.18 -33.73 -18.68
C ASP U 178 3.16 -34.52 -17.87
N SER U 179 2.89 -34.06 -16.64
CA SER U 179 1.95 -34.73 -15.76
C SER U 179 0.52 -34.25 -15.94
N ALA U 180 0.30 -33.15 -16.66
CA ALA U 180 -1.05 -32.66 -16.94
C ALA U 180 -1.61 -33.24 -18.23
N THR U 181 -0.89 -34.15 -18.88
CA THR U 181 -1.34 -34.80 -20.10
C THR U 181 -1.59 -36.27 -19.82
N GLY U 182 -2.71 -36.79 -20.31
CA GLY U 182 -3.08 -38.17 -20.07
C GLY U 182 -2.49 -39.10 -21.10
N GLY U 183 -1.87 -40.19 -20.63
CA GLY U 183 -1.34 -41.20 -21.50
C GLY U 183 -2.35 -42.30 -21.76
N PRO U 184 -1.98 -43.28 -22.58
CA PRO U 184 -2.90 -44.40 -22.83
C PRO U 184 -3.22 -45.16 -21.55
N ASP U 185 -4.48 -45.55 -21.42
CA ASP U 185 -4.95 -46.33 -20.27
C ASP U 185 -5.32 -47.72 -20.77
N LEU U 186 -4.57 -48.72 -20.31
CA LEU U 186 -4.84 -50.10 -20.69
C LEU U 186 -5.74 -50.81 -19.69
N VAL U 187 -5.74 -50.38 -18.43
CA VAL U 187 -6.66 -50.95 -17.45
C VAL U 187 -8.10 -50.61 -17.81
N ARG U 188 -8.35 -49.35 -18.19
CA ARG U 188 -9.69 -48.90 -18.51
C ARG U 188 -10.02 -48.95 -20.00
N GLY U 189 -9.03 -48.77 -20.87
CA GLY U 189 -9.27 -48.79 -22.30
C GLY U 189 -9.66 -47.45 -22.86
N ILE U 190 -8.91 -46.40 -22.53
CA ILE U 190 -9.14 -45.05 -23.02
C ILE U 190 -7.91 -44.60 -23.79
N PHE U 191 -8.12 -44.08 -24.98
CA PHE U 191 -7.05 -43.70 -25.90
C PHE U 191 -7.33 -42.32 -26.48
N PRO U 192 -6.31 -41.65 -27.00
CA PRO U 192 -6.52 -40.31 -27.60
C PRO U 192 -7.48 -40.37 -28.77
N THR U 193 -7.96 -39.18 -29.16
CA THR U 193 -8.93 -39.05 -30.24
C THR U 193 -8.28 -38.32 -31.42
N ALA U 194 -8.60 -38.77 -32.63
CA ALA U 194 -8.01 -38.25 -33.85
C ALA U 194 -9.07 -37.99 -34.91
N VAL U 195 -8.78 -37.01 -35.77
CA VAL U 195 -9.62 -36.64 -36.90
C VAL U 195 -8.73 -36.50 -38.12
N ILE U 196 -9.16 -37.07 -39.24
CA ILE U 196 -8.40 -37.03 -40.49
C ILE U 196 -9.22 -36.30 -41.53
N ILE U 197 -8.62 -35.29 -42.16
CA ILE U 197 -9.28 -34.48 -43.18
C ILE U 197 -8.55 -34.67 -44.49
N ASP U 198 -9.31 -34.99 -45.54
CA ASP U 198 -8.76 -35.18 -46.88
C ASP U 198 -9.79 -34.67 -47.89
N ALA U 199 -9.56 -34.98 -49.17
CA ALA U 199 -10.41 -34.47 -50.24
C ALA U 199 -11.86 -34.91 -50.10
N ASP U 200 -12.12 -36.01 -49.39
CA ASP U 200 -13.49 -36.49 -49.20
C ASP U 200 -14.17 -35.88 -47.98
N GLY U 201 -13.45 -35.11 -47.15
CA GLY U 201 -14.03 -34.48 -46.00
C GLY U 201 -13.25 -34.82 -44.75
N ALA U 202 -13.89 -34.61 -43.59
CA ALA U 202 -13.28 -34.86 -42.29
C ALA U 202 -13.98 -36.05 -41.63
N VAL U 203 -13.20 -37.03 -41.21
CA VAL U 203 -13.72 -38.27 -40.63
C VAL U 203 -13.04 -38.53 -39.29
N ASP U 204 -13.82 -38.98 -38.32
CA ASP U 204 -13.27 -39.42 -37.04
C ASP U 204 -12.60 -40.78 -37.20
N VAL U 205 -11.46 -40.95 -36.55
CA VAL U 205 -10.72 -42.20 -36.61
C VAL U 205 -11.32 -43.19 -35.61
N PRO U 206 -11.60 -44.43 -36.01
CA PRO U 206 -12.09 -45.42 -35.03
C PRO U 206 -11.05 -45.73 -33.98
N GLU U 207 -11.53 -46.12 -32.80
CA GLU U 207 -10.66 -46.31 -31.65
C GLU U 207 -9.79 -47.56 -31.76
N SER U 208 -10.19 -48.54 -32.57
CA SER U 208 -9.41 -49.78 -32.68
C SER U 208 -8.04 -49.51 -33.29
N ARG U 209 -7.97 -48.69 -34.34
CA ARG U 209 -6.70 -48.38 -34.96
C ARG U 209 -5.76 -47.66 -33.99
N ILE U 210 -6.30 -46.71 -33.23
CA ILE U 210 -5.48 -45.97 -32.27
C ILE U 210 -5.01 -46.89 -31.15
N ALA U 211 -5.87 -47.81 -30.71
CA ALA U 211 -5.46 -48.77 -29.69
C ALA U 211 -4.34 -49.66 -30.20
N GLU U 212 -4.45 -50.13 -31.45
CA GLU U 212 -3.40 -50.97 -32.03
C GLU U 212 -2.08 -50.19 -32.13
N LEU U 213 -2.14 -48.95 -32.59
CA LEU U 213 -0.92 -48.14 -32.71
C LEU U 213 -0.30 -47.88 -31.35
N ALA U 214 -1.12 -47.58 -30.34
CA ALA U 214 -0.60 -47.33 -29.00
C ALA U 214 0.04 -48.58 -28.41
N ARG U 215 -0.59 -49.74 -28.62
CA ARG U 215 0.00 -50.99 -28.14
C ARG U 215 1.32 -51.28 -28.82
N ALA U 216 1.40 -51.03 -30.14
CA ALA U 216 2.66 -51.24 -30.84
C ALA U 216 3.75 -50.31 -30.32
N ILE U 217 3.40 -49.05 -30.08
CA ILE U 217 4.39 -48.10 -29.56
C ILE U 217 4.86 -48.50 -28.16
N ILE U 218 3.92 -48.92 -27.31
CA ILE U 218 4.28 -49.33 -25.96
C ILE U 218 5.19 -50.55 -25.99
N GLU U 219 4.87 -51.51 -26.86
CA GLU U 219 5.74 -52.68 -27.00
C GLU U 219 7.13 -52.29 -27.50
N SER U 220 7.20 -51.35 -28.45
CA SER U 220 8.49 -50.90 -28.95
C SER U 220 9.32 -50.24 -27.87
N ARG U 221 8.69 -49.40 -27.04
CA ARG U 221 9.43 -48.70 -26.00
C ARG U 221 9.88 -49.64 -24.89
N SER U 222 9.13 -50.71 -24.62
CA SER U 222 9.49 -51.65 -23.57
C SER U 222 10.73 -52.45 -23.94
N THR V 1 -21.75 -30.17 4.39
CA THR V 1 -22.74 -30.48 3.38
C THR V 1 -22.21 -31.53 2.40
N THR V 2 -22.98 -32.58 2.16
CA THR V 2 -22.60 -33.61 1.21
C THR V 2 -23.85 -34.16 0.56
N ILE V 3 -23.87 -34.16 -0.78
CA ILE V 3 -24.97 -34.71 -1.56
C ILE V 3 -24.39 -35.76 -2.51
N VAL V 4 -24.97 -36.95 -2.50
CA VAL V 4 -24.49 -38.04 -3.33
C VAL V 4 -25.58 -38.44 -4.32
N ALA V 5 -25.16 -38.95 -5.47
CA ALA V 5 -26.07 -39.46 -6.48
C ALA V 5 -25.43 -40.66 -7.16
N LEU V 6 -26.23 -41.67 -7.46
CA LEU V 6 -25.70 -42.86 -8.11
C LEU V 6 -26.76 -43.52 -8.98
N LYS V 7 -26.30 -44.41 -9.84
CA LYS V 7 -27.11 -45.09 -10.84
C LYS V 7 -27.28 -46.56 -10.47
N TYR V 8 -28.46 -47.09 -10.72
CA TYR V 8 -28.73 -48.51 -10.60
C TYR V 8 -29.52 -48.94 -11.84
N PRO V 9 -29.50 -50.22 -12.19
CA PRO V 9 -30.27 -50.67 -13.36
C PRO V 9 -31.75 -50.39 -13.17
N GLY V 10 -32.27 -49.42 -13.92
CA GLY V 10 -33.63 -48.97 -13.78
C GLY V 10 -33.78 -47.49 -13.47
N GLY V 11 -32.77 -46.86 -12.88
CA GLY V 11 -32.89 -45.44 -12.56
C GLY V 11 -31.76 -44.91 -11.72
N VAL V 12 -32.05 -43.84 -10.98
CA VAL V 12 -31.07 -43.12 -10.19
C VAL V 12 -31.60 -42.89 -8.79
N VAL V 13 -30.67 -42.68 -7.86
CA VAL V 13 -31.01 -42.34 -6.47
C VAL V 13 -30.09 -41.23 -5.99
N MET V 14 -30.67 -40.24 -5.31
CA MET V 14 -29.95 -39.09 -4.80
C MET V 14 -30.24 -38.93 -3.31
N ALA V 15 -29.21 -38.60 -2.53
CA ALA V 15 -29.34 -38.50 -1.08
C ALA V 15 -28.57 -37.30 -0.56
N GLY V 16 -29.03 -36.76 0.56
CA GLY V 16 -28.41 -35.60 1.17
C GLY V 16 -28.64 -35.53 2.67
N ASP V 17 -27.75 -34.78 3.33
CA ASP V 17 -27.76 -34.63 4.78
C ASP V 17 -28.56 -33.40 5.19
N ARG V 18 -28.57 -33.09 6.50
CA ARG V 18 -29.48 -32.10 7.05
C ARG V 18 -28.81 -31.06 7.96
N ARG V 19 -27.49 -30.98 8.00
CA ARG V 19 -26.82 -30.06 8.90
C ARG V 19 -26.54 -28.73 8.23
N SER V 20 -26.79 -27.64 8.95
CA SER V 20 -26.44 -26.29 8.51
C SER V 20 -25.62 -25.62 9.61
N THR V 21 -24.47 -25.05 9.25
CA THR V 21 -23.55 -24.48 10.20
C THR V 21 -23.20 -23.05 9.82
N GLN V 22 -22.81 -22.27 10.82
CA GLN V 22 -22.33 -20.90 10.65
C GLN V 22 -20.96 -20.83 11.31
N GLY V 23 -19.92 -21.15 10.54
CA GLY V 23 -18.59 -21.28 11.10
C GLY V 23 -18.41 -22.60 11.82
N ASN V 24 -18.16 -22.54 13.13
CA ASN V 24 -18.10 -23.73 13.97
C ASN V 24 -19.34 -23.89 14.84
N MET V 25 -20.34 -23.03 14.67
CA MET V 25 -21.58 -23.11 15.43
C MET V 25 -22.65 -23.79 14.60
N ILE V 26 -23.38 -24.72 15.22
CA ILE V 26 -24.47 -25.43 14.54
C ILE V 26 -25.70 -24.54 14.56
N SER V 27 -26.26 -24.28 13.38
CA SER V 27 -27.42 -23.41 13.23
C SER V 27 -28.70 -24.14 12.87
N GLY V 28 -28.61 -25.19 12.04
CA GLY V 28 -29.79 -25.90 11.62
C GLY V 28 -29.61 -27.41 11.64
N ARG V 29 -30.66 -28.14 12.04
CA ARG V 29 -30.58 -29.58 12.24
C ARG V 29 -31.44 -30.39 11.28
N ASP V 30 -32.43 -29.77 10.64
CA ASP V 30 -33.36 -30.50 9.76
C ASP V 30 -33.55 -29.76 8.44
N VAL V 31 -32.46 -29.32 7.84
CA VAL V 31 -32.52 -28.63 6.55
C VAL V 31 -32.66 -29.67 5.44
N ARG V 32 -33.50 -29.36 4.45
CA ARG V 32 -33.71 -30.21 3.30
C ARG V 32 -32.94 -29.63 2.11
N LYS V 33 -32.08 -30.45 1.51
CA LYS V 33 -31.16 -30.00 0.47
C LYS V 33 -31.42 -30.64 -0.89
N VAL V 34 -32.47 -31.43 -1.03
CA VAL V 34 -32.76 -32.14 -2.28
C VAL V 34 -34.17 -31.76 -2.71
N TYR V 35 -34.31 -31.39 -3.99
CA TYR V 35 -35.58 -30.92 -4.53
C TYR V 35 -35.97 -31.74 -5.75
N ILE V 36 -37.26 -31.81 -6.01
CA ILE V 36 -37.80 -32.47 -7.19
C ILE V 36 -38.20 -31.37 -8.16
N THR V 37 -37.39 -31.18 -9.21
CA THR V 37 -37.63 -30.11 -10.15
C THR V 37 -38.84 -30.39 -11.02
N ASP V 38 -38.94 -31.59 -11.57
CA ASP V 38 -40.09 -31.98 -12.39
C ASP V 38 -40.28 -33.48 -12.24
N ASP V 39 -41.06 -34.08 -13.16
CA ASP V 39 -41.45 -35.48 -13.03
C ASP V 39 -40.28 -36.43 -13.17
N TYR V 40 -39.15 -36.00 -13.75
CA TYR V 40 -38.07 -36.93 -14.02
C TYR V 40 -36.69 -36.36 -13.71
N THR V 41 -36.61 -35.29 -12.92
CA THR V 41 -35.34 -34.62 -12.66
C THR V 41 -35.27 -34.17 -11.21
N ALA V 42 -34.09 -34.34 -10.59
CA ALA V 42 -33.84 -33.89 -9.23
C ALA V 42 -32.53 -33.11 -9.20
N THR V 43 -32.47 -32.12 -8.31
CA THR V 43 -31.33 -31.24 -8.20
C THR V 43 -30.91 -31.11 -6.74
N GLY V 44 -29.60 -31.03 -6.51
CA GLY V 44 -29.08 -30.79 -5.18
C GLY V 44 -27.97 -29.76 -5.19
N ILE V 45 -28.13 -28.68 -4.42
CA ILE V 45 -27.21 -27.54 -4.45
C ILE V 45 -26.50 -27.43 -3.11
N ALA V 46 -25.20 -27.15 -3.17
CA ALA V 46 -24.38 -26.95 -1.98
C ALA V 46 -23.81 -25.55 -1.97
N GLY V 47 -23.61 -25.00 -0.77
CA GLY V 47 -23.06 -23.68 -0.63
C GLY V 47 -23.89 -22.78 0.26
N THR V 48 -24.04 -21.51 -0.13
CA THR V 48 -24.89 -20.59 0.61
C THR V 48 -26.35 -21.00 0.48
N ALA V 49 -27.06 -21.03 1.60
CA ALA V 49 -28.43 -21.56 1.62
C ALA V 49 -29.36 -20.71 0.77
N ALA V 50 -29.33 -19.39 0.96
CA ALA V 50 -30.26 -18.51 0.27
C ALA V 50 -30.09 -18.61 -1.24
N VAL V 51 -28.84 -18.61 -1.72
CA VAL V 51 -28.58 -18.76 -3.14
C VAL V 51 -29.10 -20.09 -3.65
N ALA V 52 -28.96 -21.16 -2.85
CA ALA V 52 -29.42 -22.48 -3.26
C ALA V 52 -30.93 -22.51 -3.43
N VAL V 53 -31.67 -21.99 -2.45
CA VAL V 53 -33.13 -21.97 -2.55
C VAL V 53 -33.58 -21.10 -3.71
N GLU V 54 -32.94 -19.95 -3.89
CA GLU V 54 -33.29 -19.07 -5.00
C GLU V 54 -33.06 -19.76 -6.34
N PHE V 55 -31.91 -20.43 -6.49
CA PHE V 55 -31.60 -21.15 -7.72
C PHE V 55 -32.62 -22.25 -7.98
N ALA V 56 -32.99 -23.00 -6.93
CA ALA V 56 -33.92 -24.10 -7.11
C ALA V 56 -35.30 -23.60 -7.54
N ARG V 57 -35.82 -22.58 -6.85
CA ARG V 57 -37.15 -22.09 -7.17
C ARG V 57 -37.17 -21.48 -8.56
N LEU V 58 -36.10 -20.75 -8.92
CA LEU V 58 -35.99 -20.16 -10.26
C LEU V 58 -35.94 -21.23 -11.34
N TYR V 59 -35.14 -22.28 -11.14
CA TYR V 59 -35.04 -23.35 -12.13
C TYR V 59 -36.37 -24.04 -12.33
N ALA V 60 -37.08 -24.34 -11.24
CA ALA V 60 -38.39 -24.98 -11.36
C ALA V 60 -39.37 -24.09 -12.11
N VAL V 61 -39.40 -22.79 -11.78
CA VAL V 61 -40.31 -21.88 -12.46
C VAL V 61 -39.98 -21.79 -13.94
N GLU V 62 -38.69 -21.73 -14.29
CA GLU V 62 -38.32 -21.63 -15.70
C GLU V 62 -38.73 -22.87 -16.48
N LEU V 63 -38.51 -24.06 -15.91
CA LEU V 63 -38.92 -25.29 -16.59
C LEU V 63 -40.43 -25.33 -16.79
N GLU V 64 -41.19 -25.00 -15.74
CA GLU V 64 -42.65 -25.01 -15.86
C GLU V 64 -43.12 -23.98 -16.87
N HIS V 65 -42.49 -22.81 -16.89
CA HIS V 65 -42.87 -21.76 -17.84
C HIS V 65 -42.66 -22.21 -19.27
N TYR V 66 -41.52 -22.82 -19.56
CA TYR V 66 -41.29 -23.31 -20.92
C TYR V 66 -42.29 -24.41 -21.28
N GLU V 67 -42.56 -25.32 -20.35
CA GLU V 67 -43.50 -26.40 -20.63
C GLU V 67 -44.89 -25.86 -20.94
N LYS V 68 -45.34 -24.85 -20.18
CA LYS V 68 -46.66 -24.27 -20.43
C LYS V 68 -46.69 -23.48 -21.73
N LEU V 69 -45.60 -22.76 -22.04
CA LEU V 69 -45.59 -21.92 -23.24
C LEU V 69 -45.58 -22.76 -24.51
N GLU V 70 -44.70 -23.76 -24.59
CA GLU V 70 -44.52 -24.51 -25.83
C GLU V 70 -45.40 -25.75 -25.92
N GLY V 71 -46.05 -26.15 -24.84
CA GLY V 71 -46.89 -27.33 -24.89
C GLY V 71 -46.14 -28.65 -24.92
N VAL V 72 -44.82 -28.62 -24.76
CA VAL V 72 -43.99 -29.82 -24.79
C VAL V 72 -42.81 -29.59 -23.84
N PRO V 73 -42.39 -30.58 -23.07
CA PRO V 73 -41.25 -30.38 -22.17
C PRO V 73 -39.92 -30.31 -22.92
N LEU V 74 -38.94 -29.70 -22.25
CA LEU V 74 -37.60 -29.59 -22.80
C LEU V 74 -36.90 -30.94 -22.80
N THR V 75 -35.91 -31.08 -23.67
CA THR V 75 -35.05 -32.25 -23.66
C THR V 75 -33.98 -32.09 -22.58
N PHE V 76 -33.24 -33.18 -22.34
CA PHE V 76 -32.26 -33.18 -21.28
C PHE V 76 -31.13 -32.18 -21.54
N ALA V 77 -30.68 -32.09 -22.79
CA ALA V 77 -29.61 -31.15 -23.13
C ALA V 77 -30.05 -29.71 -22.91
N GLY V 78 -31.31 -29.40 -23.21
CA GLY V 78 -31.82 -28.06 -22.97
C GLY V 78 -31.82 -27.71 -21.49
N LYS V 79 -32.24 -28.65 -20.64
CA LYS V 79 -32.21 -28.41 -19.21
C LYS V 79 -30.78 -28.22 -18.71
N ILE V 80 -29.84 -29.03 -19.22
CA ILE V 80 -28.44 -28.86 -18.85
C ILE V 80 -27.94 -27.48 -19.25
N ASN V 81 -28.29 -27.03 -20.46
CA ASN V 81 -27.86 -25.72 -20.93
C ASN V 81 -28.44 -24.61 -20.06
N ARG V 82 -29.72 -24.71 -19.70
CA ARG V 82 -30.33 -23.69 -18.85
C ARG V 82 -29.66 -23.63 -17.48
N LEU V 83 -29.40 -24.80 -16.88
CA LEU V 83 -28.73 -24.83 -15.59
C LEU V 83 -27.32 -24.27 -15.69
N ALA V 84 -26.60 -24.59 -16.77
CA ALA V 84 -25.25 -24.08 -16.95
C ALA V 84 -25.26 -22.56 -17.11
N ILE V 85 -26.24 -22.02 -17.83
CA ILE V 85 -26.35 -20.57 -17.97
C ILE V 85 -26.62 -19.93 -16.62
N MET V 86 -27.53 -20.52 -15.85
CA MET V 86 -27.83 -19.98 -14.52
C MET V 86 -26.60 -19.99 -13.62
N VAL V 87 -25.81 -21.06 -13.67
CA VAL V 87 -24.59 -21.12 -12.87
C VAL V 87 -23.57 -20.10 -13.36
N ARG V 88 -23.41 -19.98 -14.67
CA ARG V 88 -22.43 -19.05 -15.22
C ARG V 88 -22.76 -17.61 -14.88
N GLY V 89 -24.04 -17.27 -14.77
CA GLY V 89 -24.43 -15.92 -14.46
C GLY V 89 -24.10 -15.45 -13.05
N ASN V 90 -23.72 -16.36 -12.16
CA ASN V 90 -23.47 -16.04 -10.76
C ASN V 90 -21.98 -16.01 -10.44
N LEU V 91 -21.13 -16.00 -11.47
CA LEU V 91 -19.67 -16.03 -11.28
C LEU V 91 -19.19 -14.84 -10.45
N ALA V 92 -19.67 -13.65 -10.77
CA ALA V 92 -19.28 -12.45 -10.02
C ALA V 92 -19.71 -12.55 -8.56
N ALA V 93 -20.93 -13.03 -8.31
CA ALA V 93 -21.37 -13.27 -6.95
C ALA V 93 -20.77 -14.54 -6.35
N ALA V 94 -20.37 -15.50 -7.18
CA ALA V 94 -19.64 -16.66 -6.67
C ALA V 94 -18.34 -16.22 -6.02
N MET V 95 -17.61 -15.31 -6.66
CA MET V 95 -16.52 -14.63 -5.97
C MET V 95 -17.09 -13.71 -4.91
N GLN V 96 -16.27 -13.38 -3.92
CA GLN V 96 -16.54 -12.52 -2.77
C GLN V 96 -17.49 -13.14 -1.76
N GLY V 97 -18.02 -14.34 -2.01
CA GLY V 97 -18.66 -15.10 -0.95
C GLY V 97 -20.12 -15.47 -1.08
N LEU V 98 -20.63 -15.63 -2.31
CA LEU V 98 -21.98 -16.16 -2.53
C LEU V 98 -21.89 -17.25 -3.60
N LEU V 99 -21.55 -18.47 -3.18
CA LEU V 99 -21.26 -19.56 -4.09
C LEU V 99 -22.30 -20.67 -3.96
N ALA V 100 -22.76 -21.18 -5.10
CA ALA V 100 -23.70 -22.30 -5.14
C ALA V 100 -23.24 -23.27 -6.23
N LEU V 101 -23.12 -24.55 -5.86
CA LEU V 101 -22.70 -25.59 -6.78
C LEU V 101 -23.79 -26.65 -6.89
N PRO V 102 -24.38 -26.86 -8.06
CA PRO V 102 -25.46 -27.86 -8.19
C PRO V 102 -24.99 -29.22 -8.67
N LEU V 103 -25.85 -30.21 -8.50
CA LEU V 103 -25.68 -31.55 -9.04
C LEU V 103 -27.04 -32.02 -9.53
N LEU V 104 -27.08 -32.63 -10.72
CA LEU V 104 -28.34 -32.97 -11.37
C LEU V 104 -28.43 -34.47 -11.61
N ALA V 105 -29.62 -35.03 -11.36
CA ALA V 105 -29.91 -36.43 -11.66
C ALA V 105 -31.20 -36.50 -12.44
N GLY V 106 -31.28 -37.44 -13.38
CA GLY V 106 -32.47 -37.50 -14.20
C GLY V 106 -32.63 -38.84 -14.90
N TYR V 107 -33.82 -39.02 -15.48
CA TYR V 107 -34.17 -40.21 -16.25
C TYR V 107 -34.63 -39.75 -17.63
N ASP V 108 -33.98 -40.27 -18.66
CA ASP V 108 -34.28 -39.89 -20.04
C ASP V 108 -35.33 -40.84 -20.60
N ILE V 109 -36.48 -40.28 -20.99
CA ILE V 109 -37.56 -41.09 -21.55
C ILE V 109 -37.43 -41.29 -23.06
N HIS V 110 -36.55 -40.55 -23.72
CA HIS V 110 -36.33 -40.69 -25.16
C HIS V 110 -35.20 -41.65 -25.48
N ALA V 111 -34.57 -42.25 -24.48
CA ALA V 111 -33.48 -43.20 -24.72
C ALA V 111 -34.03 -44.50 -25.30
N SER V 112 -33.28 -45.09 -26.23
CA SER V 112 -33.71 -46.33 -26.85
C SER V 112 -33.75 -47.47 -25.84
N ASP V 113 -32.75 -47.57 -24.97
CA ASP V 113 -32.68 -48.64 -24.00
C ASP V 113 -33.15 -48.14 -22.64
N PRO V 114 -34.28 -48.63 -22.12
CA PRO V 114 -34.76 -48.13 -20.82
C PRO V 114 -33.83 -48.43 -19.66
N GLN V 115 -33.00 -49.47 -19.75
CA GLN V 115 -32.10 -49.81 -18.65
C GLN V 115 -31.05 -48.71 -18.43
N SER V 116 -30.43 -48.25 -19.51
CA SER V 116 -29.41 -47.21 -19.42
C SER V 116 -30.01 -45.85 -19.76
N ALA V 117 -30.92 -45.41 -18.90
CA ALA V 117 -31.58 -44.12 -19.07
C ALA V 117 -31.30 -43.13 -17.94
N GLY V 118 -30.56 -43.54 -16.91
CA GLY V 118 -30.25 -42.66 -15.81
C GLY V 118 -29.03 -41.81 -16.12
N ARG V 119 -29.11 -40.52 -15.82
CA ARG V 119 -28.06 -39.56 -16.12
C ARG V 119 -27.71 -38.75 -14.88
N ILE V 120 -26.42 -38.52 -14.69
CA ILE V 120 -25.91 -37.71 -13.59
C ILE V 120 -24.99 -36.64 -14.18
N VAL V 121 -25.24 -35.38 -13.83
CA VAL V 121 -24.50 -34.24 -14.38
C VAL V 121 -23.92 -33.43 -13.24
N SER V 122 -22.64 -33.09 -13.36
CA SER V 122 -21.94 -32.25 -12.39
C SER V 122 -21.54 -30.94 -13.05
N PHE V 123 -21.34 -29.92 -12.22
CA PHE V 123 -21.06 -28.57 -12.70
C PHE V 123 -19.87 -27.99 -11.93
N ASP V 124 -19.23 -26.99 -12.53
CA ASP V 124 -18.14 -26.26 -11.91
C ASP V 124 -18.50 -24.79 -11.75
N ALA V 125 -17.64 -24.07 -11.02
CA ALA V 125 -17.95 -22.70 -10.64
C ALA V 125 -17.98 -21.75 -11.84
N ALA V 126 -17.38 -22.12 -12.97
CA ALA V 126 -17.37 -21.28 -14.15
C ALA V 126 -18.51 -21.57 -15.11
N GLY V 127 -19.33 -22.58 -14.82
CA GLY V 127 -20.44 -22.94 -15.68
C GLY V 127 -20.21 -24.15 -16.56
N GLY V 128 -19.06 -24.82 -16.45
CA GLY V 128 -18.82 -26.02 -17.24
C GLY V 128 -19.50 -27.23 -16.61
N TRP V 129 -20.05 -28.08 -17.47
CA TRP V 129 -20.81 -29.25 -17.03
C TRP V 129 -20.16 -30.52 -17.58
N ASN V 130 -20.33 -31.61 -16.84
CA ASN V 130 -19.79 -32.90 -17.23
C ASN V 130 -20.82 -33.99 -16.94
N ILE V 131 -20.96 -34.92 -17.88
CA ILE V 131 -21.86 -36.06 -17.73
C ILE V 131 -21.04 -37.24 -17.22
N GLU V 132 -21.45 -37.78 -16.08
CA GLU V 132 -20.70 -38.87 -15.46
C GLU V 132 -20.91 -40.18 -16.20
N GLU V 133 -19.86 -40.99 -16.24
CA GLU V 133 -19.92 -42.31 -16.85
C GLU V 133 -19.43 -43.43 -15.94
N GLU V 134 -19.04 -43.13 -14.70
CA GLU V 134 -18.60 -44.14 -13.76
C GLU V 134 -19.72 -44.68 -12.89
N GLY V 135 -20.84 -43.95 -12.76
CA GLY V 135 -21.99 -44.43 -12.06
C GLY V 135 -22.30 -43.74 -10.74
N TYR V 136 -21.45 -42.83 -10.28
CA TYR V 136 -21.71 -42.14 -9.01
C TYR V 136 -21.01 -40.79 -9.01
N GLN V 137 -21.51 -39.89 -8.15
CA GLN V 137 -20.92 -38.57 -8.01
C GLN V 137 -21.34 -38.00 -6.65
N ALA V 138 -20.49 -37.11 -6.13
CA ALA V 138 -20.75 -36.46 -4.85
C ALA V 138 -20.33 -35.00 -4.94
N VAL V 139 -21.06 -34.15 -4.22
CA VAL V 139 -20.77 -32.72 -4.16
C VAL V 139 -20.81 -32.28 -2.70
N GLY V 140 -20.07 -31.23 -2.39
CA GLY V 140 -19.99 -30.68 -1.05
C GLY V 140 -18.58 -30.74 -0.51
N SER V 141 -18.46 -30.37 0.77
CA SER V 141 -17.16 -30.34 1.43
C SER V 141 -16.67 -31.74 1.83
N GLY V 142 -17.57 -32.71 1.95
CA GLY V 142 -17.20 -34.06 2.28
C GLY V 142 -17.30 -35.00 1.11
N SER V 143 -17.22 -34.46 -0.10
CA SER V 143 -17.44 -35.27 -1.30
C SER V 143 -16.31 -36.26 -1.54
N LEU V 144 -15.08 -35.93 -1.14
CA LEU V 144 -13.95 -36.83 -1.38
C LEU V 144 -14.11 -38.14 -0.61
N PHE V 145 -14.48 -38.06 0.66
CA PHE V 145 -14.67 -39.26 1.46
C PHE V 145 -15.81 -40.12 0.92
N ALA V 146 -16.91 -39.48 0.54
CA ALA V 146 -18.05 -40.22 -0.02
C ALA V 146 -17.66 -40.89 -1.33
N LYS V 147 -16.92 -40.19 -2.19
CA LYS V 147 -16.48 -40.78 -3.44
C LYS V 147 -15.54 -41.97 -3.21
N SER V 148 -14.63 -41.83 -2.25
CA SER V 148 -13.72 -42.94 -1.95
C SER V 148 -14.45 -44.13 -1.34
N SER V 149 -15.53 -43.88 -0.60
CA SER V 149 -16.32 -45.00 -0.07
C SER V 149 -17.13 -45.67 -1.18
N MET V 150 -17.73 -44.89 -2.08
CA MET V 150 -18.47 -45.47 -3.19
C MET V 150 -17.57 -46.24 -4.14
N LYS V 151 -16.32 -45.79 -4.33
CA LYS V 151 -15.39 -46.50 -5.19
C LYS V 151 -15.20 -47.94 -4.75
N LYS V 152 -15.32 -48.22 -3.46
CA LYS V 152 -15.20 -49.57 -2.93
C LYS V 152 -16.54 -50.27 -2.76
N LEU V 153 -17.62 -49.53 -2.53
CA LEU V 153 -18.92 -50.12 -2.26
C LEU V 153 -19.81 -50.22 -3.50
N TYR V 154 -19.34 -49.82 -4.68
CA TYR V 154 -20.20 -49.82 -5.85
C TYR V 154 -20.43 -51.21 -6.43
N SER V 155 -19.59 -52.19 -6.11
CA SER V 155 -19.75 -53.53 -6.69
C SER V 155 -20.97 -54.26 -6.15
N GLN V 156 -21.58 -53.77 -5.07
CA GLN V 156 -22.72 -54.44 -4.45
C GLN V 156 -24.07 -53.97 -5.00
N VAL V 157 -24.09 -52.90 -5.79
CA VAL V 157 -25.35 -52.33 -6.25
C VAL V 157 -25.95 -53.22 -7.32
N THR V 158 -27.18 -53.66 -7.11
CA THR V 158 -27.93 -54.47 -8.06
C THR V 158 -29.28 -53.87 -8.40
N ASP V 159 -29.94 -53.22 -7.45
CA ASP V 159 -31.26 -52.64 -7.65
C ASP V 159 -31.38 -51.40 -6.77
N GLY V 160 -32.61 -50.92 -6.59
CA GLY V 160 -32.81 -49.68 -5.85
C GLY V 160 -32.43 -49.79 -4.38
N ASP V 161 -32.77 -50.92 -3.75
CA ASP V 161 -32.47 -51.10 -2.33
C ASP V 161 -30.96 -51.08 -2.09
N SER V 162 -30.20 -51.79 -2.94
CA SER V 162 -28.75 -51.82 -2.80
C SER V 162 -28.15 -50.43 -2.97
N GLY V 163 -28.63 -49.70 -3.98
CA GLY V 163 -28.14 -48.35 -4.19
C GLY V 163 -28.45 -47.40 -3.05
N LEU V 164 -29.65 -47.51 -2.49
CA LEU V 164 -30.01 -46.68 -1.35
C LEU V 164 -29.13 -46.99 -0.14
N ARG V 165 -28.89 -48.28 0.12
CA ARG V 165 -28.01 -48.65 1.21
C ARG V 165 -26.60 -48.12 1.01
N VAL V 166 -26.08 -48.21 -0.22
CA VAL V 166 -24.74 -47.69 -0.51
C VAL V 166 -24.69 -46.18 -0.32
N ALA V 167 -25.74 -45.48 -0.75
CA ALA V 167 -25.77 -44.02 -0.57
C ALA V 167 -25.78 -43.64 0.90
N VAL V 168 -26.58 -44.34 1.71
CA VAL V 168 -26.61 -44.05 3.14
C VAL V 168 -25.25 -44.34 3.77
N GLU V 169 -24.60 -45.42 3.37
CA GLU V 169 -23.27 -45.73 3.92
C GLU V 169 -22.25 -44.67 3.52
N ALA V 170 -22.31 -44.18 2.29
CA ALA V 170 -21.40 -43.13 1.85
C ALA V 170 -21.62 -41.85 2.64
N LEU V 171 -22.89 -41.48 2.88
CA LEU V 171 -23.18 -40.32 3.69
C LEU V 171 -22.67 -40.50 5.12
N TYR V 172 -22.81 -41.71 5.67
CA TYR V 172 -22.31 -41.98 7.01
C TYR V 172 -20.79 -41.82 7.08
N ASP V 173 -20.08 -42.32 6.07
CA ASP V 173 -18.62 -42.17 6.05
C ASP V 173 -18.24 -40.70 5.93
N ALA V 174 -18.94 -39.95 5.07
CA ALA V 174 -18.65 -38.52 4.93
C ALA V 174 -18.86 -37.77 6.24
N ALA V 175 -19.95 -38.09 6.96
CA ALA V 175 -20.18 -37.48 8.26
C ALA V 175 -19.14 -37.91 9.28
N ASP V 176 -18.65 -39.14 9.18
CA ASP V 176 -17.59 -39.60 10.07
C ASP V 176 -16.30 -38.82 9.86
N ASP V 177 -15.97 -38.52 8.60
CA ASP V 177 -14.70 -37.85 8.32
C ASP V 177 -14.80 -36.32 8.33
N ASP V 178 -15.99 -35.74 8.19
CA ASP V 178 -16.15 -34.31 8.12
C ASP V 178 -17.06 -33.83 9.24
N SER V 179 -16.70 -32.70 9.85
CA SER V 179 -17.47 -32.13 10.95
C SER V 179 -18.57 -31.18 10.49
N ALA V 180 -18.56 -30.77 9.22
CA ALA V 180 -19.60 -29.92 8.67
C ALA V 180 -20.75 -30.73 8.08
N THR V 181 -20.71 -32.05 8.19
CA THR V 181 -21.76 -32.93 7.69
C THR V 181 -22.46 -33.57 8.87
N GLY V 182 -23.79 -33.60 8.83
CA GLY V 182 -24.58 -34.15 9.92
C GLY V 182 -24.81 -35.64 9.75
N GLY V 183 -24.54 -36.39 10.82
CA GLY V 183 -24.79 -37.81 10.84
C GLY V 183 -26.18 -38.12 11.35
N PRO V 184 -26.53 -39.40 11.38
CA PRO V 184 -27.84 -39.79 11.92
C PRO V 184 -27.99 -39.38 13.38
N ASP V 185 -29.18 -38.90 13.73
CA ASP V 185 -29.51 -38.51 15.09
C ASP V 185 -30.53 -39.49 15.63
N LEU V 186 -30.14 -40.27 16.65
CA LEU V 186 -31.05 -41.22 17.26
C LEU V 186 -31.78 -40.64 18.46
N VAL V 187 -31.18 -39.65 19.14
CA VAL V 187 -31.87 -38.97 20.23
C VAL V 187 -33.08 -38.22 19.72
N ARG V 188 -32.92 -37.50 18.60
CA ARG V 188 -33.99 -36.69 18.05
C ARG V 188 -34.79 -37.39 16.96
N GLY V 189 -34.15 -38.28 16.19
CA GLY V 189 -34.85 -38.97 15.13
C GLY V 189 -34.85 -38.24 13.81
N ILE V 190 -33.67 -37.77 13.39
CA ILE V 190 -33.50 -37.06 12.13
C ILE V 190 -32.52 -37.84 11.27
N PHE V 191 -32.89 -38.09 10.02
CA PHE V 191 -32.14 -38.92 9.09
C PHE V 191 -32.02 -38.21 7.75
N PRO V 192 -31.05 -38.61 6.92
CA PRO V 192 -30.90 -37.99 5.60
C PRO V 192 -32.13 -38.18 4.74
N THR V 193 -32.20 -37.39 3.66
CA THR V 193 -33.33 -37.42 2.74
C THR V 193 -32.89 -37.96 1.39
N ALA V 194 -33.75 -38.76 0.77
CA ALA V 194 -33.43 -39.42 -0.49
C ALA V 194 -34.59 -39.31 -1.47
N VAL V 195 -34.24 -39.31 -2.77
CA VAL V 195 -35.19 -39.28 -3.86
C VAL V 195 -34.78 -40.34 -4.87
N ILE V 196 -35.75 -41.12 -5.35
CA ILE V 196 -35.50 -42.20 -6.30
C ILE V 196 -36.26 -41.89 -7.58
N ILE V 197 -35.55 -41.91 -8.71
CA ILE V 197 -36.13 -41.62 -10.01
C ILE V 197 -36.03 -42.87 -10.88
N ASP V 198 -37.16 -43.27 -11.46
CA ASP V 198 -37.21 -44.44 -12.34
C ASP V 198 -38.22 -44.14 -13.44
N ALA V 199 -38.58 -45.19 -14.20
CA ALA V 199 -39.46 -45.03 -15.35
C ALA V 199 -40.83 -44.48 -14.98
N ASP V 200 -41.26 -44.64 -13.73
CA ASP V 200 -42.55 -44.12 -13.28
C ASP V 200 -42.47 -42.68 -12.77
N GLY V 201 -41.27 -42.10 -12.65
CA GLY V 201 -41.13 -40.74 -12.20
C GLY V 201 -40.19 -40.66 -11.02
N ALA V 202 -40.25 -39.54 -10.30
CA ALA V 202 -39.41 -39.28 -9.14
C ALA V 202 -40.25 -39.30 -7.88
N VAL V 203 -39.84 -40.10 -6.90
CA VAL V 203 -40.58 -40.29 -5.66
C VAL V 203 -39.66 -40.05 -4.48
N ASP V 204 -40.18 -39.39 -3.45
CA ASP V 204 -39.46 -39.24 -2.19
C ASP V 204 -39.49 -40.54 -1.40
N VAL V 205 -38.36 -40.88 -0.79
CA VAL V 205 -38.26 -42.11 0.00
C VAL V 205 -38.81 -41.86 1.39
N PRO V 206 -39.69 -42.73 1.90
CA PRO V 206 -40.18 -42.55 3.28
C PRO V 206 -39.06 -42.70 4.29
N GLU V 207 -39.23 -42.03 5.43
CA GLU V 207 -38.18 -41.96 6.43
C GLU V 207 -37.97 -43.27 7.18
N SER V 208 -38.97 -44.15 7.21
CA SER V 208 -38.84 -45.41 7.94
C SER V 208 -37.77 -46.30 7.33
N ARG V 209 -37.73 -46.40 6.00
CA ARG V 209 -36.73 -47.21 5.34
C ARG V 209 -35.32 -46.69 5.62
N ILE V 210 -35.14 -45.37 5.56
CA ILE V 210 -33.84 -44.78 5.81
C ILE V 210 -33.42 -44.99 7.26
N ALA V 211 -34.37 -44.88 8.19
CA ALA V 211 -34.07 -45.13 9.59
C ALA V 211 -33.64 -46.58 9.80
N GLU V 212 -34.34 -47.53 9.17
CA GLU V 212 -33.97 -48.93 9.29
C GLU V 212 -32.58 -49.18 8.73
N LEU V 213 -32.27 -48.62 7.56
CA LEU V 213 -30.96 -48.80 6.95
C LEU V 213 -29.86 -48.18 7.82
N ALA V 214 -30.10 -47.00 8.37
CA ALA V 214 -29.12 -46.35 9.22
C ALA V 214 -28.88 -47.15 10.49
N ARG V 215 -29.94 -47.68 11.09
CA ARG V 215 -29.78 -48.51 12.29
C ARG V 215 -28.99 -49.77 11.97
N ALA V 216 -29.27 -50.40 10.82
CA ALA V 216 -28.51 -51.59 10.44
C ALA V 216 -27.03 -51.27 10.23
N ILE V 217 -26.74 -50.14 9.58
CA ILE V 217 -25.34 -49.76 9.35
C ILE V 217 -24.64 -49.47 10.68
N ILE V 218 -25.32 -48.76 11.59
CA ILE V 218 -24.73 -48.45 12.88
C ILE V 218 -24.46 -49.72 13.67
N GLU V 219 -25.39 -50.67 13.64
CA GLU V 219 -25.17 -51.95 14.32
C GLU V 219 -23.99 -52.70 13.70
N SER V 220 -23.88 -52.67 12.37
CA SER V 220 -22.77 -53.35 11.71
C SER V 220 -21.43 -52.73 12.10
N ARG V 221 -21.36 -51.40 12.16
CA ARG V 221 -20.10 -50.76 12.50
C ARG V 221 -19.71 -50.97 13.96
N SER V 222 -20.69 -51.10 14.85
CA SER V 222 -20.42 -51.30 16.27
C SER V 222 -19.80 -52.67 16.53
N THR W 1 -13.11 -27.62 21.64
CA THR W 1 -12.46 -27.88 22.92
C THR W 1 -13.21 -27.20 24.05
N THR W 2 -13.52 -27.95 25.10
CA THR W 2 -14.19 -27.40 26.27
C THR W 2 -13.71 -28.14 27.51
N ILE W 3 -13.25 -27.39 28.50
CA ILE W 3 -12.81 -27.93 29.78
C ILE W 3 -13.59 -27.23 30.89
N VAL W 4 -14.20 -28.01 31.76
CA VAL W 4 -15.02 -27.47 32.84
C VAL W 4 -14.40 -27.84 34.19
N ALA W 5 -14.63 -27.00 35.18
CA ALA W 5 -14.18 -27.26 36.54
C ALA W 5 -15.20 -26.71 37.51
N LEU W 6 -15.45 -27.43 38.60
CA LEU W 6 -16.43 -26.97 39.57
C LEU W 6 -16.06 -27.49 40.96
N LYS W 7 -16.70 -26.86 41.96
CA LYS W 7 -16.44 -27.11 43.37
C LYS W 7 -17.61 -27.85 43.99
N TYR W 8 -17.31 -28.77 44.90
CA TYR W 8 -18.28 -29.44 45.72
C TYR W 8 -17.76 -29.45 47.15
N PRO W 9 -18.65 -29.59 48.15
CA PRO W 9 -18.17 -29.63 49.54
C PRO W 9 -17.23 -30.80 49.76
N GLY W 10 -15.95 -30.50 49.93
CA GLY W 10 -14.91 -31.51 50.05
C GLY W 10 -13.81 -31.39 49.00
N GLY W 11 -14.07 -30.77 47.86
CA GLY W 11 -13.02 -30.67 46.86
C GLY W 11 -13.51 -30.13 45.52
N VAL W 12 -12.78 -30.49 44.47
CA VAL W 12 -13.02 -29.98 43.13
C VAL W 12 -13.05 -31.13 42.14
N VAL W 13 -13.71 -30.89 41.00
CA VAL W 13 -13.75 -31.86 39.91
C VAL W 13 -13.56 -31.12 38.58
N MET W 14 -12.71 -31.68 37.72
CA MET W 14 -12.39 -31.10 36.42
C MET W 14 -12.63 -32.14 35.33
N ALA W 15 -13.20 -31.71 34.21
CA ALA W 15 -13.55 -32.62 33.13
C ALA W 15 -13.22 -31.99 31.78
N GLY W 16 -12.94 -32.85 30.80
CA GLY W 16 -12.59 -32.39 29.46
C GLY W 16 -12.94 -33.41 28.39
N ASP W 17 -13.06 -32.92 27.17
CA ASP W 17 -13.45 -33.71 26.01
C ASP W 17 -12.21 -34.22 25.27
N ARG W 18 -12.43 -34.89 24.13
CA ARG W 18 -11.37 -35.65 23.46
C ARG W 18 -11.24 -35.36 21.97
N ARG W 19 -11.91 -34.34 21.43
CA ARG W 19 -11.87 -34.09 19.99
C ARG W 19 -10.75 -33.12 19.64
N SER W 20 -10.03 -33.43 18.56
CA SER W 20 -9.04 -32.53 17.99
C SER W 20 -9.32 -32.35 16.50
N THR W 21 -9.39 -31.10 16.06
CA THR W 21 -9.78 -30.78 14.68
C THR W 21 -8.72 -29.90 14.04
N GLN W 22 -8.67 -29.96 12.71
CA GLN W 22 -7.81 -29.11 11.88
C GLN W 22 -8.73 -28.42 10.87
N GLY W 23 -9.27 -27.26 11.27
CA GLY W 23 -10.27 -26.59 10.45
C GLY W 23 -11.63 -27.23 10.61
N ASN W 24 -12.17 -27.79 9.53
CA ASN W 24 -13.42 -28.54 9.58
C ASN W 24 -13.18 -30.04 9.45
N MET W 25 -11.92 -30.49 9.43
CA MET W 25 -11.57 -31.89 9.34
C MET W 25 -11.25 -32.42 10.72
N ILE W 26 -11.78 -33.60 11.05
CA ILE W 26 -11.51 -34.24 12.34
C ILE W 26 -10.17 -34.96 12.25
N SER W 27 -9.26 -34.64 13.16
CA SER W 27 -7.92 -35.20 13.18
C SER W 27 -7.67 -36.17 14.31
N GLY W 28 -8.24 -35.93 15.49
CA GLY W 28 -8.02 -36.79 16.63
C GLY W 28 -9.28 -37.08 17.42
N ARG W 29 -9.41 -38.33 17.89
CA ARG W 29 -10.63 -38.77 18.55
C ARG W 29 -10.46 -39.11 20.03
N ASP W 30 -9.24 -39.33 20.50
CA ASP W 30 -9.00 -39.74 21.88
C ASP W 30 -7.87 -38.93 22.51
N VAL W 31 -7.90 -37.61 22.32
CA VAL W 31 -6.90 -36.73 22.90
C VAL W 31 -7.23 -36.48 24.37
N ARG W 32 -6.20 -36.48 25.20
CA ARG W 32 -6.35 -36.21 26.63
C ARG W 32 -5.91 -34.77 26.91
N LYS W 33 -6.79 -34.00 27.53
CA LYS W 33 -6.56 -32.57 27.72
C LYS W 33 -6.46 -32.16 29.18
N VAL W 34 -6.46 -33.10 30.11
CA VAL W 34 -6.41 -32.81 31.54
C VAL W 34 -5.21 -33.54 32.14
N TYR W 35 -4.41 -32.81 32.91
CA TYR W 35 -3.18 -33.34 33.49
C TYR W 35 -3.18 -33.16 34.99
N ILE W 36 -2.46 -34.03 35.68
CA ILE W 36 -2.27 -33.96 37.12
C ILE W 36 -0.86 -33.39 37.34
N THR W 37 -0.80 -32.12 37.74
CA THR W 37 0.50 -31.46 37.89
C THR W 37 1.24 -31.98 39.12
N ASP W 38 0.54 -32.06 40.26
CA ASP W 38 1.15 -32.58 41.48
C ASP W 38 0.04 -33.23 42.30
N ASP W 39 0.32 -33.47 43.59
CA ASP W 39 -0.60 -34.23 44.44
C ASP W 39 -1.92 -33.51 44.69
N TYR W 40 -1.98 -32.19 44.48
CA TYR W 40 -3.19 -31.45 44.84
C TYR W 40 -3.59 -30.42 43.79
N THR W 41 -3.08 -30.52 42.57
CA THR W 41 -3.34 -29.50 41.55
C THR W 41 -3.53 -30.16 40.20
N ALA W 42 -4.51 -29.66 39.43
CA ALA W 42 -4.78 -30.11 38.08
C ALA W 42 -4.88 -28.91 37.15
N THR W 43 -4.46 -29.10 35.90
CA THR W 43 -4.43 -28.04 34.91
C THR W 43 -5.06 -28.53 33.61
N GLY W 44 -5.77 -27.63 32.93
CA GLY W 44 -6.34 -27.93 31.64
C GLY W 44 -6.13 -26.78 30.66
N ILE W 45 -5.48 -27.05 29.53
CA ILE W 45 -5.09 -26.01 28.58
C ILE W 45 -5.85 -26.20 27.28
N ALA W 46 -6.31 -25.10 26.71
CA ALA W 46 -7.00 -25.09 25.43
C ALA W 46 -6.23 -24.26 24.41
N GLY W 47 -6.33 -24.65 23.15
CA GLY W 47 -5.66 -23.94 22.08
C GLY W 47 -4.82 -24.85 21.19
N THR W 48 -3.63 -24.39 20.81
CA THR W 48 -2.74 -25.22 20.03
C THR W 48 -2.23 -26.37 20.87
N ALA W 49 -2.25 -27.58 20.29
CA ALA W 49 -1.93 -28.78 21.06
C ALA W 49 -0.48 -28.78 21.53
N ALA W 50 0.45 -28.51 20.62
CA ALA W 50 1.87 -28.58 20.96
C ALA W 50 2.22 -27.60 22.07
N VAL W 51 1.71 -26.37 21.99
CA VAL W 51 1.95 -25.38 23.03
C VAL W 51 1.38 -25.87 24.36
N ALA W 52 0.21 -26.51 24.32
CA ALA W 52 -0.41 -26.99 25.56
C ALA W 52 0.43 -28.07 26.23
N VAL W 53 0.89 -29.06 25.45
CA VAL W 53 1.71 -30.12 26.03
C VAL W 53 3.03 -29.56 26.54
N GLU W 54 3.64 -28.65 25.78
CA GLU W 54 4.89 -28.03 26.23
C GLU W 54 4.69 -27.28 27.53
N PHE W 55 3.62 -26.49 27.63
CA PHE W 55 3.32 -25.75 28.85
C PHE W 55 3.11 -26.68 30.03
N ALA W 56 2.37 -27.76 29.81
CA ALA W 56 2.08 -28.69 30.90
C ALA W 56 3.35 -29.37 31.41
N ARG W 57 4.17 -29.88 30.49
CA ARG W 57 5.38 -30.60 30.90
C ARG W 57 6.35 -29.63 31.59
N LEU W 58 6.45 -28.40 31.07
CA LEU W 58 7.31 -27.40 31.69
C LEU W 58 6.84 -27.02 33.08
N TYR W 59 5.53 -26.81 33.26
CA TYR W 59 4.99 -26.46 34.57
C TYR W 59 5.24 -27.57 35.59
N ALA W 60 5.01 -28.82 35.20
CA ALA W 60 5.27 -29.93 36.10
C ALA W 60 6.74 -30.01 36.49
N VAL W 61 7.64 -29.86 35.51
CA VAL W 61 9.06 -29.92 35.81
C VAL W 61 9.48 -28.79 36.74
N GLU W 62 8.94 -27.58 36.52
CA GLU W 62 9.31 -26.45 37.37
C GLU W 62 8.85 -26.67 38.80
N LEU W 63 7.62 -27.16 38.98
CA LEU W 63 7.13 -27.41 40.34
C LEU W 63 7.97 -28.48 41.04
N GLU W 64 8.27 -29.57 40.34
CA GLU W 64 9.08 -30.63 40.94
C GLU W 64 10.49 -30.12 41.27
N HIS W 65 11.06 -29.30 40.38
CA HIS W 65 12.39 -28.77 40.61
C HIS W 65 12.44 -27.90 41.87
N TYR W 66 11.45 -27.02 42.03
CA TYR W 66 11.41 -26.21 43.24
C TYR W 66 11.24 -27.07 44.48
N GLU W 67 10.35 -28.07 44.41
CA GLU W 67 10.12 -28.92 45.57
C GLU W 67 11.39 -29.67 45.97
N LYS W 68 12.14 -30.16 44.98
CA LYS W 68 13.38 -30.88 45.30
C LYS W 68 14.46 -29.93 45.81
N LEU W 69 14.54 -28.72 45.25
CA LEU W 69 15.59 -27.80 45.65
C LEU W 69 15.38 -27.29 47.08
N GLU W 70 14.17 -26.84 47.40
CA GLU W 70 13.94 -26.20 48.68
C GLU W 70 13.48 -27.16 49.77
N GLY W 71 13.13 -28.40 49.44
CA GLY W 71 12.69 -29.34 50.43
C GLY W 71 11.28 -29.10 50.95
N VAL W 72 10.55 -28.18 50.36
CA VAL W 72 9.18 -27.85 50.78
C VAL W 72 8.42 -27.43 49.54
N PRO W 73 7.15 -27.82 49.39
CA PRO W 73 6.38 -27.41 48.22
C PRO W 73 5.98 -25.93 48.27
N LEU W 74 5.70 -25.40 47.09
CA LEU W 74 5.27 -24.02 46.96
C LEU W 74 3.85 -23.86 47.50
N THR W 75 3.52 -22.62 47.87
CA THR W 75 2.15 -22.29 48.24
C THR W 75 1.32 -22.04 46.98
N PHE W 76 0.01 -21.91 47.17
CA PHE W 76 -0.90 -21.77 46.03
C PHE W 76 -0.63 -20.48 45.27
N ALA W 77 -0.39 -19.38 45.99
CA ALA W 77 -0.12 -18.11 45.32
C ALA W 77 1.16 -18.17 44.49
N GLY W 78 2.18 -18.88 44.98
CA GLY W 78 3.40 -19.04 44.19
C GLY W 78 3.17 -19.80 42.90
N LYS W 79 2.37 -20.87 42.96
CA LYS W 79 2.03 -21.61 41.74
C LYS W 79 1.25 -20.75 40.77
N ILE W 80 0.30 -19.95 41.29
CA ILE W 80 -0.45 -19.04 40.43
C ILE W 80 0.48 -18.05 39.76
N ASN W 81 1.44 -17.50 40.52
CA ASN W 81 2.37 -16.54 39.96
C ASN W 81 3.25 -17.17 38.88
N ARG W 82 3.72 -18.39 39.12
CA ARG W 82 4.54 -19.07 38.11
C ARG W 82 3.75 -19.32 36.84
N LEU W 83 2.51 -19.79 36.97
CA LEU W 83 1.68 -20.03 35.79
C LEU W 83 1.38 -18.72 35.05
N ALA W 84 1.13 -17.64 35.79
CA ALA W 84 0.86 -16.35 35.16
C ALA W 84 2.09 -15.85 34.41
N ILE W 85 3.28 -16.03 34.98
CA ILE W 85 4.51 -15.64 34.29
C ILE W 85 4.68 -16.45 33.01
N MET W 86 4.44 -17.77 33.09
CA MET W 86 4.56 -18.61 31.90
C MET W 86 3.59 -18.17 30.82
N VAL W 87 2.35 -17.84 31.19
CA VAL W 87 1.37 -17.37 30.22
C VAL W 87 1.78 -16.02 29.63
N ARG W 88 2.24 -15.11 30.48
CA ARG W 88 2.63 -13.78 30.01
C ARG W 88 3.80 -13.84 29.05
N GLY W 89 4.70 -14.80 29.21
CA GLY W 89 5.84 -14.90 28.34
C GLY W 89 5.53 -15.32 26.92
N ASN W 90 4.32 -15.81 26.65
CA ASN W 90 3.95 -16.33 25.34
C ASN W 90 3.06 -15.35 24.57
N LEU W 91 2.98 -14.10 25.03
CA LEU W 91 2.11 -13.10 24.41
C LEU W 91 2.47 -12.89 22.94
N ALA W 92 3.77 -12.74 22.65
CA ALA W 92 4.22 -12.54 21.27
C ALA W 92 3.87 -13.73 20.40
N ALA W 93 4.06 -14.95 20.92
CA ALA W 93 3.64 -16.14 20.19
C ALA W 93 2.14 -16.36 20.26
N ALA W 94 1.47 -15.85 21.30
CA ALA W 94 0.01 -15.90 21.33
C ALA W 94 -0.58 -15.15 20.15
N MET W 95 -0.04 -13.97 19.85
CA MET W 95 -0.34 -13.35 18.58
C MET W 95 0.31 -14.15 17.45
N GLN W 96 -0.24 -13.98 16.25
CA GLN W 96 0.19 -14.61 15.00
C GLN W 96 -0.13 -16.10 14.93
N GLY W 97 -0.69 -16.69 15.99
CA GLY W 97 -1.30 -18.00 15.86
C GLY W 97 -0.75 -19.16 16.68
N LEU W 98 -0.18 -18.89 17.85
CA LEU W 98 0.21 -19.94 18.80
C LEU W 98 -0.30 -19.55 20.17
N LEU W 99 -1.56 -19.88 20.46
CA LEU W 99 -2.25 -19.43 21.66
C LEU W 99 -2.59 -20.62 22.55
N ALA W 100 -2.34 -20.46 23.85
CA ALA W 100 -2.69 -21.45 24.86
C ALA W 100 -3.31 -20.76 26.06
N LEU W 101 -4.47 -21.23 26.48
CA LEU W 101 -5.19 -20.66 27.62
C LEU W 101 -5.39 -21.73 28.69
N PRO W 102 -4.83 -21.56 29.88
CA PRO W 102 -4.97 -22.60 30.92
C PRO W 102 -6.11 -22.34 31.90
N LEU W 103 -6.47 -23.37 32.65
CA LEU W 103 -7.40 -23.30 33.76
C LEU W 103 -6.87 -24.20 34.86
N LEU W 104 -6.91 -23.71 36.11
CA LEU W 104 -6.27 -24.40 37.22
C LEU W 104 -7.29 -24.75 38.28
N ALA W 105 -7.17 -25.96 38.84
CA ALA W 105 -7.99 -26.39 39.96
C ALA W 105 -7.08 -26.97 41.03
N GLY W 106 -7.44 -26.73 42.30
CA GLY W 106 -6.56 -27.20 43.36
C GLY W 106 -7.26 -27.30 44.70
N TYR W 107 -6.56 -27.92 45.64
CA TYR W 107 -7.01 -28.09 47.01
C TYR W 107 -5.95 -27.51 47.94
N ASP W 108 -6.34 -26.57 48.78
CA ASP W 108 -5.42 -25.90 49.69
C ASP W 108 -5.39 -26.64 51.01
N ILE W 109 -4.20 -27.16 51.38
CA ILE W 109 -4.04 -27.89 52.64
C ILE W 109 -3.76 -26.97 53.82
N HIS W 110 -3.42 -25.71 53.57
CA HIS W 110 -3.16 -24.75 54.65
C HIS W 110 -4.39 -23.95 55.05
N ALA W 111 -5.54 -24.22 54.43
CA ALA W 111 -6.75 -23.51 54.78
C ALA W 111 -7.27 -23.95 56.14
N SER W 112 -7.80 -23.00 56.91
CA SER W 112 -8.32 -23.32 58.23
C SER W 112 -9.52 -24.24 58.16
N ASP W 113 -10.43 -24.00 57.22
CA ASP W 113 -11.64 -24.81 57.10
C ASP W 113 -11.46 -25.81 55.96
N PRO W 114 -11.42 -27.11 56.24
CA PRO W 114 -11.23 -28.08 55.16
C PRO W 114 -12.36 -28.13 54.15
N GLN W 115 -13.58 -27.72 54.53
CA GLN W 115 -14.69 -27.76 53.59
C GLN W 115 -14.48 -26.78 52.45
N SER W 116 -14.09 -25.54 52.75
CA SER W 116 -13.87 -24.53 51.74
C SER W 116 -12.37 -24.42 51.43
N ALA W 117 -11.85 -25.49 50.84
CA ALA W 117 -10.45 -25.55 50.46
C ALA W 117 -10.23 -25.71 48.96
N GLY W 118 -11.30 -25.84 48.17
CA GLY W 118 -11.16 -25.99 46.73
C GLY W 118 -11.06 -24.64 46.05
N ARG W 119 -10.12 -24.52 45.13
CA ARG W 119 -9.84 -23.27 44.43
C ARG W 119 -9.84 -23.50 42.93
N ILE W 120 -10.42 -22.54 42.20
CA ILE W 120 -10.45 -22.55 40.74
C ILE W 120 -9.92 -21.22 40.24
N VAL W 121 -8.93 -21.26 39.35
CA VAL W 121 -8.26 -20.07 38.85
C VAL W 121 -8.33 -20.05 37.33
N SER W 122 -8.71 -18.90 36.78
CA SER W 122 -8.78 -18.68 35.34
C SER W 122 -7.76 -17.64 34.93
N PHE W 123 -7.36 -17.68 33.66
CA PHE W 123 -6.31 -16.82 33.14
C PHE W 123 -6.77 -16.19 31.83
N ASP W 124 -6.13 -15.07 31.48
CA ASP W 124 -6.37 -14.38 30.22
C ASP W 124 -5.10 -14.35 29.38
N ALA W 125 -5.26 -13.91 28.13
CA ALA W 125 -4.17 -13.98 27.16
C ALA W 125 -3.01 -13.05 27.51
N ALA W 126 -3.23 -12.05 28.35
CA ALA W 126 -2.17 -11.12 28.74
C ALA W 126 -1.45 -11.54 30.01
N GLY W 127 -1.90 -12.61 30.67
CA GLY W 127 -1.28 -13.06 31.90
C GLY W 127 -2.02 -12.71 33.17
N GLY W 128 -3.19 -12.08 33.07
CA GLY W 128 -3.97 -11.78 34.26
C GLY W 128 -4.76 -12.99 34.73
N TRP W 129 -4.82 -13.17 36.04
CA TRP W 129 -5.48 -14.31 36.65
C TRP W 129 -6.60 -13.85 37.57
N ASN W 130 -7.61 -14.71 37.71
CA ASN W 130 -8.77 -14.43 38.54
C ASN W 130 -9.15 -15.69 39.32
N ILE W 131 -9.46 -15.51 40.59
CA ILE W 131 -9.91 -16.60 41.46
C ILE W 131 -11.43 -16.60 41.48
N GLU W 132 -12.03 -17.71 41.08
CA GLU W 132 -13.48 -17.79 40.98
C GLU W 132 -14.12 -17.90 42.36
N GLU W 133 -15.30 -17.28 42.49
CA GLU W 133 -16.07 -17.34 43.73
C GLU W 133 -17.50 -17.81 43.52
N GLU W 134 -17.91 -18.13 42.29
CA GLU W 134 -19.26 -18.61 42.03
C GLU W 134 -19.37 -20.13 42.09
N GLY W 135 -18.26 -20.85 41.95
CA GLY W 135 -18.26 -22.30 42.11
C GLY W 135 -18.02 -23.09 40.84
N TYR W 136 -17.93 -22.46 39.68
CA TYR W 136 -17.70 -23.19 38.44
C TYR W 136 -17.03 -22.28 37.43
N GLN W 137 -16.37 -22.91 36.45
CA GLN W 137 -15.71 -22.17 35.38
C GLN W 137 -15.52 -23.11 34.18
N ALA W 138 -15.47 -22.52 32.99
CA ALA W 138 -15.28 -23.27 31.76
C ALA W 138 -14.34 -22.50 30.84
N VAL W 139 -13.55 -23.24 30.07
CA VAL W 139 -12.63 -22.66 29.10
C VAL W 139 -12.77 -23.41 27.78
N GLY W 140 -12.46 -22.71 26.69
CA GLY W 140 -12.54 -23.27 25.35
C GLY W 140 -13.53 -22.52 24.49
N SER W 141 -13.76 -23.06 23.29
CA SER W 141 -14.67 -22.44 22.34
C SER W 141 -16.13 -22.67 22.67
N GLY W 142 -16.44 -23.70 23.45
CA GLY W 142 -17.81 -23.98 23.86
C GLY W 142 -18.07 -23.65 25.31
N SER W 143 -17.28 -22.73 25.87
CA SER W 143 -17.36 -22.43 27.29
C SER W 143 -18.65 -21.70 27.65
N LEU W 144 -19.20 -20.90 26.73
CA LEU W 144 -20.40 -20.14 27.04
C LEU W 144 -21.59 -21.06 27.28
N PHE W 145 -21.77 -22.06 26.41
CA PHE W 145 -22.88 -23.00 26.57
C PHE W 145 -22.74 -23.80 27.87
N ALA W 146 -21.52 -24.26 28.17
CA ALA W 146 -21.29 -25.01 29.40
C ALA W 146 -21.57 -24.15 30.63
N LYS W 147 -21.12 -22.89 30.60
CA LYS W 147 -21.38 -21.99 31.72
C LYS W 147 -22.87 -21.74 31.90
N SER W 148 -23.60 -21.54 30.79
CA SER W 148 -25.03 -21.32 30.89
C SER W 148 -25.77 -22.56 31.38
N SER W 149 -25.27 -23.76 31.06
CA SER W 149 -25.87 -24.97 31.59
C SER W 149 -25.59 -25.13 33.08
N MET W 150 -24.35 -24.87 33.50
CA MET W 150 -24.02 -24.97 34.92
C MET W 150 -24.76 -23.94 35.75
N LYS W 151 -25.01 -22.74 35.19
CA LYS W 151 -25.76 -21.72 35.92
C LYS W 151 -27.13 -22.24 36.36
N LYS W 152 -27.73 -23.14 35.60
CA LYS W 152 -29.01 -23.73 35.95
C LYS W 152 -28.90 -25.05 36.69
N LEU W 153 -27.83 -25.81 36.46
CA LEU W 153 -27.68 -27.13 37.06
C LEU W 153 -26.84 -27.14 38.34
N TYR W 154 -26.38 -25.97 38.81
CA TYR W 154 -25.51 -25.96 39.99
C TYR W 154 -26.25 -26.20 41.30
N SER W 155 -27.57 -26.00 41.33
CA SER W 155 -28.31 -26.17 42.59
C SER W 155 -28.41 -27.61 43.03
N GLN W 156 -28.09 -28.57 42.16
CA GLN W 156 -28.21 -29.99 42.48
C GLN W 156 -26.94 -30.58 43.09
N VAL W 157 -25.82 -29.85 43.07
CA VAL W 157 -24.55 -30.40 43.52
C VAL W 157 -24.54 -30.48 45.04
N THR W 158 -24.30 -31.67 45.55
CA THR W 158 -24.19 -31.93 46.98
C THR W 158 -22.87 -32.60 47.36
N ASP W 159 -22.36 -33.49 46.51
CA ASP W 159 -21.13 -34.23 46.79
C ASP W 159 -20.43 -34.48 45.47
N GLY W 160 -19.45 -35.40 45.48
CA GLY W 160 -18.66 -35.63 44.29
C GLY W 160 -19.45 -36.23 43.14
N ASP W 161 -20.35 -37.15 43.43
CA ASP W 161 -21.14 -37.78 42.38
C ASP W 161 -22.03 -36.76 41.67
N SER W 162 -22.68 -35.89 42.44
CA SER W 162 -23.53 -34.86 41.85
C SER W 162 -22.72 -33.92 40.97
N GLY W 163 -21.54 -33.50 41.46
CA GLY W 163 -20.70 -32.62 40.68
C GLY W 163 -20.21 -33.26 39.39
N LEU W 164 -19.84 -34.53 39.46
CA LEU W 164 -19.40 -35.24 38.24
C LEU W 164 -20.53 -35.35 37.24
N ARG W 165 -21.74 -35.66 37.70
CA ARG W 165 -22.89 -35.72 36.79
C ARG W 165 -23.15 -34.36 36.15
N VAL W 166 -23.07 -33.29 36.94
CA VAL W 166 -23.29 -31.95 36.39
C VAL W 166 -22.22 -31.60 35.36
N ALA W 167 -20.96 -31.96 35.63
CA ALA W 167 -19.89 -31.69 34.68
C ALA W 167 -20.10 -32.44 33.37
N VAL W 168 -20.50 -33.71 33.46
CA VAL W 168 -20.76 -34.48 32.24
C VAL W 168 -21.92 -33.87 31.46
N GLU W 169 -22.97 -33.44 32.16
CA GLU W 169 -24.10 -32.82 31.47
C GLU W 169 -23.70 -31.52 30.79
N ALA W 170 -22.86 -30.71 31.46
CA ALA W 170 -22.38 -29.47 30.85
C ALA W 170 -21.56 -29.75 29.60
N LEU W 171 -20.68 -30.75 29.66
CA LEU W 171 -19.90 -31.13 28.48
C LEU W 171 -20.82 -31.61 27.36
N TYR W 172 -21.86 -32.36 27.70
CA TYR W 172 -22.81 -32.82 26.69
C TYR W 172 -23.52 -31.65 26.02
N ASP W 173 -23.94 -30.66 26.81
CA ASP W 173 -24.58 -29.48 26.23
C ASP W 173 -23.62 -28.71 25.33
N ALA W 174 -22.37 -28.55 25.78
CA ALA W 174 -21.38 -27.86 24.97
C ALA W 174 -21.13 -28.57 23.65
N ALA W 175 -21.06 -29.90 23.68
CA ALA W 175 -20.91 -30.66 22.43
C ALA W 175 -22.15 -30.57 21.56
N ASP W 176 -23.33 -30.47 22.18
CA ASP W 176 -24.56 -30.30 21.41
C ASP W 176 -24.58 -28.97 20.67
N ASP W 177 -24.08 -27.91 21.30
CA ASP W 177 -24.15 -26.58 20.70
C ASP W 177 -22.93 -26.23 19.85
N ASP W 178 -21.80 -26.92 20.03
CA ASP W 178 -20.57 -26.60 19.31
C ASP W 178 -20.10 -27.82 18.52
N SER W 179 -19.65 -27.58 17.29
CA SER W 179 -19.17 -28.65 16.43
C SER W 179 -17.69 -28.96 16.60
N ALA W 180 -16.95 -28.11 17.30
CA ALA W 180 -15.55 -28.36 17.59
C ALA W 180 -15.33 -29.13 18.89
N THR W 181 -16.41 -29.53 19.55
CA THR W 181 -16.36 -30.29 20.79
C THR W 181 -16.89 -31.69 20.53
N GLY W 182 -16.18 -32.70 21.04
CA GLY W 182 -16.56 -34.08 20.82
C GLY W 182 -17.54 -34.57 21.88
N GLY W 183 -18.62 -35.18 21.42
CA GLY W 183 -19.59 -35.78 22.31
C GLY W 183 -19.26 -37.23 22.60
N PRO W 184 -20.08 -37.88 23.43
CA PRO W 184 -19.85 -39.30 23.72
C PRO W 184 -19.98 -40.14 22.45
N ASP W 185 -19.08 -41.12 22.33
CA ASP W 185 -19.07 -42.06 21.21
C ASP W 185 -19.47 -43.43 21.73
N LEU W 186 -20.62 -43.92 21.29
CA LEU W 186 -21.08 -45.24 21.69
C LEU W 186 -20.68 -46.33 20.72
N VAL W 187 -20.46 -45.99 19.45
CA VAL W 187 -19.95 -46.97 18.48
C VAL W 187 -18.54 -47.39 18.85
N ARG W 188 -17.69 -46.43 19.21
CA ARG W 188 -16.29 -46.70 19.52
C ARG W 188 -16.04 -46.88 21.01
N GLY W 189 -16.79 -46.21 21.88
CA GLY W 189 -16.59 -46.32 23.30
C GLY W 189 -15.56 -45.35 23.85
N ILE W 190 -15.69 -44.08 23.49
CA ILE W 190 -14.80 -43.02 23.96
C ILE W 190 -15.63 -41.99 24.70
N PHE W 191 -15.18 -41.62 25.89
CA PHE W 191 -15.91 -40.74 26.80
C PHE W 191 -14.97 -39.68 27.34
N PRO W 192 -15.50 -38.57 27.84
CA PRO W 192 -14.64 -37.52 28.42
C PRO W 192 -13.83 -38.02 29.60
N THR W 193 -12.82 -37.24 29.97
CA THR W 193 -11.91 -37.58 31.05
C THR W 193 -12.09 -36.61 32.21
N ALA W 194 -12.04 -37.14 33.44
CA ALA W 194 -12.27 -36.36 34.63
C ALA W 194 -11.22 -36.66 35.70
N VAL W 195 -10.97 -35.65 36.54
CA VAL W 195 -10.05 -35.73 37.66
C VAL W 195 -10.74 -35.13 38.88
N ILE W 196 -10.66 -35.82 40.01
CA ILE W 196 -11.29 -35.38 41.25
C ILE W 196 -10.21 -35.14 42.29
N ILE W 197 -10.21 -33.95 42.89
CA ILE W 197 -9.22 -33.57 43.89
C ILE W 197 -9.94 -33.34 45.22
N ASP W 198 -9.45 -33.98 46.27
CA ASP W 198 -10.01 -33.84 47.61
C ASP W 198 -8.86 -33.90 48.62
N ALA W 199 -9.21 -34.03 49.90
CA ALA W 199 -8.21 -34.00 50.96
C ALA W 199 -7.18 -35.12 50.84
N ASP W 200 -7.52 -36.20 50.16
CA ASP W 200 -6.59 -37.31 49.98
C ASP W 200 -5.69 -37.16 48.75
N GLY W 201 -5.93 -36.15 47.91
CA GLY W 201 -5.11 -35.91 46.74
C GLY W 201 -5.97 -35.84 45.49
N ALA W 202 -5.32 -36.01 44.34
CA ALA W 202 -5.97 -35.94 43.04
C ALA W 202 -5.97 -37.33 42.41
N VAL W 203 -7.14 -37.80 42.00
CA VAL W 203 -7.33 -39.13 41.45
C VAL W 203 -8.05 -39.04 40.12
N ASP W 204 -7.61 -39.84 39.15
CA ASP W 204 -8.32 -39.97 37.89
C ASP W 204 -9.58 -40.80 38.06
N VAL W 205 -10.65 -40.39 37.41
CA VAL W 205 -11.93 -41.10 37.49
C VAL W 205 -11.92 -42.26 36.51
N PRO W 206 -12.30 -43.46 36.93
CA PRO W 206 -12.38 -44.59 35.99
C PRO W 206 -13.44 -44.35 34.93
N GLU W 207 -13.23 -44.96 33.76
CA GLU W 207 -14.09 -44.69 32.61
C GLU W 207 -15.47 -45.34 32.74
N SER W 208 -15.62 -46.37 33.57
CA SER W 208 -16.91 -47.03 33.71
C SER W 208 -17.96 -46.11 34.30
N ARG W 209 -17.59 -45.34 35.33
CA ARG W 209 -18.53 -44.40 35.95
C ARG W 209 -18.97 -43.34 34.95
N ILE W 210 -18.04 -42.80 34.17
CA ILE W 210 -18.38 -41.77 33.20
C ILE W 210 -19.25 -42.35 32.10
N ALA W 211 -18.98 -43.59 31.67
CA ALA W 211 -19.83 -44.23 30.68
C ALA W 211 -21.24 -44.43 31.19
N GLU W 212 -21.38 -44.86 32.45
CA GLU W 212 -22.70 -45.03 33.04
C GLU W 212 -23.45 -43.70 33.12
N LEU W 213 -22.77 -42.64 33.56
CA LEU W 213 -23.40 -41.33 33.65
C LEU W 213 -23.82 -40.82 32.28
N ALA W 214 -22.96 -40.99 31.27
CA ALA W 214 -23.29 -40.54 29.92
C ALA W 214 -24.48 -41.31 29.36
N ARG W 215 -24.52 -42.63 29.59
CA ARG W 215 -25.67 -43.42 29.13
C ARG W 215 -26.95 -42.98 29.81
N ALA W 216 -26.89 -42.70 31.12
CA ALA W 216 -28.07 -42.22 31.83
C ALA W 216 -28.54 -40.88 31.28
N ILE W 217 -27.61 -39.97 31.01
CA ILE W 217 -27.98 -38.65 30.47
C ILE W 217 -28.59 -38.80 29.09
N ILE W 218 -28.00 -39.64 28.24
CA ILE W 218 -28.53 -39.85 26.89
C ILE W 218 -29.92 -40.44 26.95
N GLU W 219 -30.14 -41.41 27.84
CA GLU W 219 -31.48 -41.98 28.00
C GLU W 219 -32.48 -40.93 28.48
N SER W 220 -32.06 -40.07 29.42
CA SER W 220 -32.94 -39.02 29.90
C SER W 220 -33.32 -38.05 28.79
N ARG W 221 -32.36 -37.67 27.96
CA ARG W 221 -32.65 -36.70 26.90
C ARG W 221 -33.52 -37.31 25.81
N SER W 222 -33.41 -38.61 25.56
CA SER W 222 -34.20 -39.26 24.53
C SER W 222 -35.67 -39.33 24.91
N THR X 1 3.46 -37.11 -3.68
CA THR X 1 4.17 -37.86 -2.65
C THR X 1 3.17 -38.48 -1.66
N THR X 2 3.31 -39.76 -1.40
CA THR X 2 2.46 -40.45 -0.43
C THR X 2 3.28 -41.55 0.25
N ILE X 3 3.29 -41.53 1.58
CA ILE X 3 3.97 -42.54 2.38
C ILE X 3 2.94 -43.13 3.35
N VAL X 4 2.85 -44.46 3.37
CA VAL X 4 1.87 -45.14 4.21
C VAL X 4 2.62 -46.01 5.21
N ALA X 5 2.00 -46.22 6.37
CA ALA X 5 2.54 -47.10 7.40
C ALA X 5 1.38 -47.79 8.10
N LEU X 6 1.57 -49.07 8.43
CA LEU X 6 0.50 -49.81 9.09
C LEU X 6 1.08 -50.90 9.98
N LYS X 7 0.23 -51.41 10.86
CA LYS X 7 0.61 -52.39 11.87
C LYS X 7 0.00 -53.75 11.54
N TYR X 8 0.75 -54.81 11.80
CA TYR X 8 0.26 -56.16 11.72
C TYR X 8 0.73 -56.91 12.95
N PRO X 9 0.06 -58.00 13.33
CA PRO X 9 0.51 -58.74 14.52
C PRO X 9 1.92 -59.27 14.34
N GLY X 10 2.87 -58.68 15.07
CA GLY X 10 4.28 -58.97 14.93
C GLY X 10 5.15 -57.79 14.58
N GLY X 11 4.59 -56.74 13.98
CA GLY X 11 5.42 -55.60 13.63
C GLY X 11 4.71 -54.58 12.78
N VAL X 12 5.50 -53.82 12.01
CA VAL X 12 5.01 -52.70 11.21
C VAL X 12 5.58 -52.81 9.80
N VAL X 13 4.88 -52.17 8.86
CA VAL X 13 5.33 -52.08 7.48
C VAL X 13 5.10 -50.67 6.97
N MET X 14 6.10 -50.12 6.27
CA MET X 14 6.05 -48.77 5.74
C MET X 14 6.37 -48.81 4.24
N ALA X 15 5.65 -48.02 3.45
CA ALA X 15 5.82 -48.03 2.01
C ALA X 15 5.76 -46.62 1.45
N GLY X 16 6.43 -46.41 0.32
CA GLY X 16 6.48 -45.10 -0.31
C GLY X 16 6.70 -45.19 -1.81
N ASP X 17 6.31 -44.11 -2.49
CA ASP X 17 6.38 -44.01 -3.94
C ASP X 17 7.70 -43.36 -4.37
N ARG X 18 7.84 -43.13 -5.69
CA ARG X 18 9.13 -42.75 -6.26
C ARG X 18 9.08 -41.53 -7.19
N ARG X 19 7.97 -40.80 -7.24
CA ARG X 19 7.86 -39.67 -8.16
C ARG X 19 8.30 -38.37 -7.51
N SER X 20 9.07 -37.57 -8.26
CA SER X 20 9.44 -36.23 -7.85
C SER X 20 9.08 -35.26 -8.96
N THR X 21 8.37 -34.18 -8.61
CA THR X 21 7.86 -33.24 -9.59
C THR X 21 8.29 -31.82 -9.24
N GLN X 22 8.35 -30.98 -10.26
CA GLN X 22 8.63 -29.54 -10.12
C GLN X 22 7.47 -28.80 -10.78
N GLY X 23 6.42 -28.55 -10.02
CA GLY X 23 5.21 -27.98 -10.58
C GLY X 23 4.38 -29.04 -11.27
N ASN X 24 4.19 -28.90 -12.59
CA ASN X 24 3.52 -29.90 -13.40
C ASN X 24 4.51 -30.68 -14.27
N MET X 25 5.81 -30.45 -14.11
CA MET X 25 6.84 -31.16 -14.86
C MET X 25 7.41 -32.27 -14.00
N ILE X 26 7.57 -33.45 -14.60
CA ILE X 26 8.15 -34.60 -13.91
C ILE X 26 9.67 -34.46 -13.94
N SER X 27 10.28 -34.51 -12.76
CA SER X 27 11.73 -34.33 -12.62
C SER X 27 12.46 -35.60 -12.22
N GLY X 28 11.86 -36.45 -11.39
CA GLY X 28 12.51 -37.66 -10.94
C GLY X 28 11.60 -38.87 -10.93
N ARG X 29 12.13 -40.03 -11.32
CA ARG X 29 11.34 -41.23 -11.49
C ARG X 29 11.66 -42.35 -10.51
N ASP X 30 12.84 -42.31 -9.87
CA ASP X 30 13.27 -43.39 -8.98
C ASP X 30 13.82 -42.83 -7.67
N VAL X 31 13.10 -41.87 -7.09
CA VAL X 31 13.51 -41.29 -5.81
C VAL X 31 13.11 -42.23 -4.68
N ARG X 32 14.00 -42.37 -3.69
CA ARG X 32 13.75 -43.19 -2.52
C ARG X 32 13.39 -42.28 -1.35
N LYS X 33 12.24 -42.54 -0.74
CA LYS X 33 11.69 -41.66 0.29
C LYS X 33 11.58 -42.31 1.66
N VAL X 34 12.08 -43.53 1.83
CA VAL X 34 11.99 -44.26 3.08
C VAL X 34 13.40 -44.64 3.53
N TYR X 35 13.71 -44.37 4.79
CA TYR X 35 15.04 -44.59 5.33
C TYR X 35 14.97 -45.47 6.57
N ILE X 36 16.06 -46.19 6.83
CA ILE X 36 16.20 -47.01 8.03
C ILE X 36 17.10 -46.23 8.98
N THR X 37 16.50 -45.65 10.02
CA THR X 37 17.26 -44.82 10.94
C THR X 37 18.17 -45.67 11.83
N ASP X 38 17.64 -46.74 12.40
CA ASP X 38 18.44 -47.64 13.24
C ASP X 38 17.84 -49.04 13.12
N ASP X 39 18.22 -49.92 14.04
CA ASP X 39 17.85 -51.32 13.94
C ASP X 39 16.35 -51.56 14.11
N TYR X 40 15.60 -50.60 14.67
CA TYR X 40 14.19 -50.85 14.96
C TYR X 40 13.31 -49.66 14.62
N THR X 41 13.77 -48.71 13.81
CA THR X 41 13.01 -47.50 13.53
C THR X 41 13.17 -47.11 12.07
N ALA X 42 12.07 -46.68 11.46
CA ALA X 42 12.07 -46.19 10.09
C ALA X 42 11.34 -44.85 10.03
N THR X 43 11.79 -43.98 9.12
CA THR X 43 11.24 -42.63 8.98
C THR X 43 10.94 -42.35 7.52
N GLY X 44 9.86 -41.62 7.29
CA GLY X 44 9.51 -41.17 5.94
C GLY X 44 9.09 -39.72 5.93
N ILE X 45 9.76 -38.89 5.14
CA ILE X 45 9.55 -37.45 5.15
C ILE X 45 8.98 -37.02 3.80
N ALA X 46 8.01 -36.11 3.84
CA ALA X 46 7.39 -35.55 2.64
C ALA X 46 7.61 -34.05 2.61
N GLY X 47 7.71 -33.50 1.40
CA GLY X 47 7.91 -32.08 1.22
C GLY X 47 9.08 -31.74 0.31
N THR X 48 9.85 -30.72 0.68
CA THR X 48 11.04 -30.37 -0.07
C THR X 48 12.09 -31.47 0.08
N ALA X 49 12.69 -31.87 -1.05
CA ALA X 49 13.58 -33.02 -1.04
C ALA X 49 14.83 -32.75 -0.20
N ALA X 50 15.48 -31.60 -0.42
CA ALA X 50 16.73 -31.30 0.26
C ALA X 50 16.53 -31.26 1.78
N VAL X 51 15.46 -30.63 2.24
CA VAL X 51 15.17 -30.59 3.67
C VAL X 51 14.94 -32.00 4.21
N ALA X 52 14.28 -32.86 3.42
CA ALA X 52 14.01 -34.22 3.87
C ALA X 52 15.30 -35.01 4.04
N VAL X 53 16.20 -34.96 3.05
CA VAL X 53 17.46 -35.69 3.16
C VAL X 53 18.30 -35.14 4.31
N GLU X 54 18.33 -33.81 4.46
CA GLU X 54 19.08 -33.21 5.56
C GLU X 54 18.54 -33.67 6.91
N PHE X 55 17.22 -33.65 7.07
CA PHE X 55 16.59 -34.09 8.31
C PHE X 55 16.91 -35.55 8.59
N ALA X 56 16.84 -36.40 7.57
CA ALA X 56 17.09 -37.83 7.77
C ALA X 56 18.53 -38.08 8.20
N ARG X 57 19.49 -37.48 7.49
CA ARG X 57 20.90 -37.72 7.80
C ARG X 57 21.23 -37.18 9.18
N LEU X 58 20.68 -36.01 9.53
CA LEU X 58 20.89 -35.42 10.85
C LEU X 58 20.31 -36.29 11.95
N TYR X 59 19.08 -36.80 11.76
CA TYR X 59 18.45 -37.65 12.77
C TYR X 59 19.26 -38.92 13.00
N ALA X 60 19.71 -39.55 11.92
CA ALA X 60 20.52 -40.76 12.06
C ALA X 60 21.82 -40.48 12.80
N VAL X 61 22.49 -39.38 12.45
CA VAL X 61 23.76 -39.04 13.11
C VAL X 61 23.52 -38.77 14.58
N GLU X 62 22.44 -38.06 14.93
CA GLU X 62 22.17 -37.75 16.33
C GLU X 62 21.91 -39.02 17.14
N LEU X 63 21.12 -39.94 16.59
CA LEU X 63 20.84 -41.19 17.30
C LEU X 63 22.13 -41.99 17.50
N GLU X 64 22.94 -42.11 16.46
CA GLU X 64 24.20 -42.86 16.58
C GLU X 64 25.14 -42.19 17.58
N HIS X 65 25.19 -40.85 17.57
CA HIS X 65 26.05 -40.13 18.50
C HIS X 65 25.65 -40.39 19.94
N TYR X 66 24.35 -40.33 20.23
CA TYR X 66 23.91 -40.61 21.60
C TYR X 66 24.23 -42.06 21.99
N GLU X 67 23.99 -43.00 21.07
CA GLU X 67 24.26 -44.40 21.39
C GLU X 67 25.73 -44.63 21.69
N LYS X 68 26.62 -44.00 20.92
CA LYS X 68 28.05 -44.16 21.16
C LYS X 68 28.48 -43.47 22.44
N LEU X 69 27.92 -42.30 22.73
CA LEU X 69 28.33 -41.55 23.91
C LEU X 69 27.92 -42.24 25.20
N GLU X 70 26.65 -42.65 25.30
CA GLU X 70 26.13 -43.18 26.55
C GLU X 70 26.25 -44.69 26.68
N GLY X 71 26.60 -45.39 25.60
CA GLY X 71 26.72 -46.83 25.67
C GLY X 71 25.41 -47.58 25.73
N VAL X 72 24.28 -46.89 25.56
CA VAL X 72 22.96 -47.50 25.61
C VAL X 72 22.06 -46.73 24.66
N PRO X 73 21.18 -47.38 23.90
CA PRO X 73 20.30 -46.65 22.98
C PRO X 73 19.20 -45.91 23.72
N LEU X 74 18.66 -44.90 23.05
CA LEU X 74 17.56 -44.11 23.59
C LEU X 74 16.27 -44.93 23.60
N THR X 75 15.36 -44.52 24.48
CA THR X 75 14.03 -45.09 24.49
C THR X 75 13.17 -44.43 23.40
N PHE X 76 11.99 -45.00 23.18
CA PHE X 76 11.13 -44.53 22.10
C PHE X 76 10.67 -43.09 22.34
N ALA X 77 10.32 -42.76 23.58
CA ALA X 77 9.88 -41.41 23.89
C ALA X 77 10.99 -40.39 23.66
N GLY X 78 12.24 -40.76 23.96
CA GLY X 78 13.35 -39.86 23.68
C GLY X 78 13.54 -39.59 22.21
N LYS X 79 13.41 -40.63 21.38
CA LYS X 79 13.49 -40.44 19.94
C LYS X 79 12.36 -39.56 19.43
N ILE X 80 11.15 -39.76 19.95
CA ILE X 80 10.01 -38.92 19.56
C ILE X 80 10.29 -37.48 19.94
N ASN X 81 10.82 -37.24 21.13
CA ASN X 81 11.12 -35.88 21.58
C ASN X 81 12.18 -35.23 20.70
N ARG X 82 13.22 -35.98 20.34
CA ARG X 82 14.26 -35.42 19.48
C ARG X 82 13.71 -35.06 18.11
N LEU X 83 12.89 -35.94 17.53
CA LEU X 83 12.30 -35.65 16.23
C LEU X 83 11.35 -34.46 16.30
N ALA X 84 10.59 -34.34 17.40
CA ALA X 84 9.68 -33.21 17.55
C ALA X 84 10.45 -31.91 17.68
N ILE X 85 11.57 -31.93 18.41
CA ILE X 85 12.41 -30.73 18.52
C ILE X 85 12.96 -30.35 17.16
N MET X 86 13.44 -31.33 16.40
CA MET X 86 13.97 -31.04 15.06
C MET X 86 12.89 -30.44 14.15
N VAL X 87 11.67 -30.96 14.22
CA VAL X 87 10.58 -30.41 13.41
C VAL X 87 10.22 -29.01 13.87
N ARG X 88 10.16 -28.79 15.19
CA ARG X 88 9.78 -27.48 15.72
C ARG X 88 10.80 -26.42 15.35
N GLY X 89 12.07 -26.79 15.24
CA GLY X 89 13.10 -25.81 14.90
C GLY X 89 13.03 -25.28 13.48
N ASN X 90 12.24 -25.89 12.60
CA ASN X 90 12.18 -25.51 11.20
C ASN X 90 10.91 -24.74 10.88
N LEU X 91 10.20 -24.27 11.90
CA LEU X 91 8.93 -23.57 11.70
C LEU X 91 9.11 -22.32 10.84
N ALA X 92 10.13 -21.53 11.14
CA ALA X 92 10.38 -20.31 10.37
C ALA X 92 10.70 -20.64 8.92
N ALA X 93 11.51 -21.67 8.68
CA ALA X 93 11.76 -22.13 7.32
C ALA X 93 10.59 -22.93 6.75
N ALA X 94 9.77 -23.54 7.59
CA ALA X 94 8.55 -24.18 7.10
C ALA X 94 7.64 -23.16 6.44
N MET X 95 7.48 -21.99 7.06
CA MET X 95 6.89 -20.87 6.35
C MET X 95 7.84 -20.39 5.27
N GLN X 96 7.28 -19.71 4.27
CA GLN X 96 7.96 -19.12 3.11
C GLN X 96 8.45 -20.16 2.11
N GLY X 97 8.31 -21.46 2.39
CA GLY X 97 8.46 -22.46 1.35
C GLY X 97 9.53 -23.51 1.49
N LEU X 98 9.90 -23.88 2.72
CA LEU X 98 10.79 -25.02 2.97
C LEU X 98 10.17 -25.89 4.06
N LEU X 99 9.26 -26.77 3.66
CA LEU X 99 8.46 -27.55 4.59
C LEU X 99 8.80 -29.04 4.48
N ALA X 100 8.94 -29.68 5.64
CA ALA X 100 9.17 -31.13 5.71
C ALA X 100 8.30 -31.71 6.81
N LEU X 101 7.55 -32.76 6.47
CA LEU X 101 6.66 -33.42 7.41
C LEU X 101 7.05 -34.89 7.54
N PRO X 102 7.48 -35.35 8.72
CA PRO X 102 7.89 -36.75 8.87
C PRO X 102 6.80 -37.68 9.38
N LEU X 103 7.05 -38.97 9.24
CA LEU X 103 6.23 -40.04 9.80
C LEU X 103 7.15 -41.12 10.32
N LEU X 104 6.89 -41.64 11.51
CA LEU X 104 7.80 -42.56 12.17
C LEU X 104 7.13 -43.90 12.44
N ALA X 105 7.86 -44.98 12.21
CA ALA X 105 7.40 -46.32 12.53
C ALA X 105 8.49 -47.04 13.32
N GLY X 106 8.08 -47.86 14.29
CA GLY X 106 9.08 -48.50 15.12
C GLY X 106 8.55 -49.72 15.83
N TYR X 107 9.48 -50.47 16.42
CA TYR X 107 9.20 -51.65 17.22
C TYR X 107 9.82 -51.47 18.59
N ASP X 108 9.01 -51.57 19.64
CA ASP X 108 9.47 -51.37 21.01
C ASP X 108 9.90 -52.71 21.59
N ILE X 109 11.17 -52.80 21.98
CA ILE X 109 11.69 -54.03 22.56
C ILE X 109 11.49 -54.11 24.07
N HIS X 110 11.11 -53.01 24.71
CA HIS X 110 10.86 -52.99 26.15
C HIS X 110 9.39 -53.23 26.49
N ALA X 111 8.54 -53.45 25.49
CA ALA X 111 7.13 -53.72 25.75
C ALA X 111 6.95 -55.11 26.35
N SER X 112 6.00 -55.20 27.29
CA SER X 112 5.74 -56.49 27.95
C SER X 112 5.19 -57.51 26.96
N ASP X 113 4.28 -57.11 26.09
CA ASP X 113 3.67 -58.02 25.13
C ASP X 113 4.33 -57.84 23.77
N PRO X 114 5.04 -58.84 23.26
CA PRO X 114 5.71 -58.68 21.95
C PRO X 114 4.74 -58.49 20.79
N GLN X 115 3.50 -58.98 20.90
CA GLN X 115 2.55 -58.83 19.80
C GLN X 115 2.21 -57.36 19.55
N SER X 116 1.91 -56.63 20.62
CA SER X 116 1.55 -55.20 20.51
C SER X 116 2.76 -54.33 20.83
N ALA X 117 3.78 -54.43 19.96
CA ALA X 117 5.00 -53.66 20.10
C ALA X 117 5.25 -52.69 18.96
N GLY X 118 4.40 -52.69 17.93
CA GLY X 118 4.57 -51.78 16.82
C GLY X 118 3.94 -50.43 17.10
N ARG X 119 4.67 -49.37 16.78
CA ARG X 119 4.25 -48.00 17.05
C ARG X 119 4.36 -47.16 15.79
N ILE X 120 3.36 -46.30 15.58
CA ILE X 120 3.32 -45.36 14.47
C ILE X 120 3.07 -43.97 15.03
N VAL X 121 3.92 -43.01 14.67
CA VAL X 121 3.87 -41.66 15.19
C VAL X 121 3.77 -40.68 14.02
N SER X 122 2.85 -39.73 14.13
CA SER X 122 2.67 -38.67 13.14
C SER X 122 2.98 -37.32 13.77
N PHE X 123 3.33 -36.36 12.92
CA PHE X 123 3.76 -35.04 13.37
C PHE X 123 3.04 -33.96 12.58
N ASP X 124 2.99 -32.77 13.17
CA ASP X 124 2.41 -31.59 12.52
C ASP X 124 3.47 -30.51 12.34
N ALA X 125 3.09 -29.47 11.59
CA ALA X 125 4.05 -28.44 11.19
C ALA X 125 4.56 -27.62 12.36
N ALA X 126 3.86 -27.62 13.50
CA ALA X 126 4.28 -26.86 14.66
C ALA X 126 5.13 -27.68 15.63
N GLY X 127 5.32 -28.97 15.37
CA GLY X 127 6.10 -29.83 16.24
C GLY X 127 5.29 -30.74 17.15
N GLY X 128 3.96 -30.73 17.05
CA GLY X 128 3.16 -31.63 17.85
C GLY X 128 3.12 -33.03 17.25
N TRP X 129 3.17 -34.03 18.13
CA TRP X 129 3.22 -35.42 17.71
C TRP X 129 2.04 -36.18 18.29
N ASN X 130 1.62 -37.22 17.58
CA ASN X 130 0.49 -38.06 17.98
C ASN X 130 0.83 -39.52 17.71
N ILE X 131 0.48 -40.37 18.68
CA ILE X 131 0.69 -41.81 18.57
C ILE X 131 -0.62 -42.42 18.07
N GLU X 132 -0.55 -43.12 16.94
CA GLU X 132 -1.75 -43.69 16.33
C GLU X 132 -2.23 -44.91 17.10
N GLU X 133 -3.55 -45.08 17.16
CA GLU X 133 -4.16 -46.23 17.79
C GLU X 133 -5.15 -46.97 16.90
N GLU X 134 -5.34 -46.53 15.65
CA GLU X 134 -6.24 -47.20 14.73
C GLU X 134 -5.55 -48.25 13.87
N GLY X 135 -4.22 -48.19 13.74
CA GLY X 135 -3.47 -49.20 13.05
C GLY X 135 -2.86 -48.79 11.72
N TYR X 136 -3.13 -47.58 11.23
CA TYR X 136 -2.57 -47.15 9.96
C TYR X 136 -2.49 -45.63 9.93
N GLN X 137 -1.61 -45.13 9.06
CA GLN X 137 -1.44 -43.69 8.88
C GLN X 137 -0.81 -43.44 7.51
N ALA X 138 -1.09 -42.25 6.97
CA ALA X 138 -0.54 -41.85 5.68
C ALA X 138 -0.16 -40.37 5.74
N VAL X 139 0.89 -40.02 5.01
CA VAL X 139 1.36 -38.65 4.91
C VAL X 139 1.62 -38.32 3.45
N GLY X 140 1.51 -37.04 3.12
CA GLY X 140 1.71 -36.55 1.77
C GLY X 140 0.47 -35.89 1.21
N SER X 141 0.55 -35.54 -0.07
CA SER X 141 -0.57 -34.88 -0.75
C SER X 141 -1.69 -35.84 -1.11
N GLY X 142 -1.41 -37.14 -1.21
CA GLY X 142 -2.43 -38.12 -1.53
C GLY X 142 -2.80 -38.97 -0.32
N SER X 143 -2.60 -38.43 0.88
CA SER X 143 -2.81 -39.20 2.09
C SER X 143 -4.28 -39.49 2.35
N LEU X 144 -5.17 -38.59 1.92
CA LEU X 144 -6.60 -38.79 2.18
C LEU X 144 -7.14 -40.01 1.44
N PHE X 145 -6.78 -40.15 0.16
CA PHE X 145 -7.23 -41.31 -0.61
C PHE X 145 -6.68 -42.60 -0.04
N ALA X 146 -5.40 -42.61 0.33
CA ALA X 146 -4.80 -43.81 0.91
C ALA X 146 -5.47 -44.17 2.23
N LYS X 147 -5.75 -43.17 3.07
CA LYS X 147 -6.42 -43.44 4.35
C LYS X 147 -7.83 -43.99 4.12
N SER X 148 -8.56 -43.43 3.16
CA SER X 148 -9.90 -43.92 2.86
C SER X 148 -9.88 -45.33 2.29
N SER X 149 -8.83 -45.69 1.55
CA SER X 149 -8.71 -47.05 1.05
C SER X 149 -8.36 -48.03 2.18
N MET X 150 -7.44 -47.63 3.07
CA MET X 150 -7.08 -48.50 4.18
C MET X 150 -8.25 -48.68 5.15
N LYS X 151 -9.08 -47.65 5.31
CA LYS X 151 -10.25 -47.77 6.19
C LYS X 151 -11.14 -48.94 5.78
N LYS X 152 -11.19 -49.26 4.49
CA LYS X 152 -11.99 -50.37 3.99
C LYS X 152 -11.18 -51.66 3.85
N LEU X 153 -9.88 -51.57 3.59
CA LEU X 153 -9.06 -52.75 3.36
C LEU X 153 -8.33 -53.26 4.59
N TYR X 154 -8.53 -52.64 5.77
CA TYR X 154 -7.78 -53.06 6.94
C TYR X 154 -8.28 -54.36 7.55
N SER X 155 -9.50 -54.80 7.24
CA SER X 155 -10.04 -56.01 7.85
C SER X 155 -9.36 -57.27 7.32
N GLN X 156 -8.60 -57.19 6.25
CA GLN X 156 -7.96 -58.35 5.65
C GLN X 156 -6.56 -58.61 6.19
N VAL X 157 -5.99 -57.69 6.96
CA VAL X 157 -4.61 -57.83 7.41
C VAL X 157 -4.54 -58.88 8.52
N THR X 158 -3.70 -59.88 8.31
CA THR X 158 -3.45 -60.94 9.29
C THR X 158 -1.98 -61.10 9.62
N ASP X 159 -1.10 -60.90 8.66
CA ASP X 159 0.34 -61.07 8.86
C ASP X 159 1.06 -60.08 7.96
N GLY X 160 2.37 -60.28 7.77
CA GLY X 160 3.16 -59.34 7.01
C GLY X 160 2.78 -59.26 5.54
N ASP X 161 2.49 -60.42 4.93
CA ASP X 161 2.13 -60.44 3.52
C ASP X 161 0.83 -59.68 3.27
N SER X 162 -0.17 -59.89 4.12
CA SER X 162 -1.44 -59.18 3.98
C SER X 162 -1.25 -57.67 4.12
N GLY X 163 -0.45 -57.26 5.11
CA GLY X 163 -0.19 -55.85 5.30
C GLY X 163 0.54 -55.22 4.14
N LEU X 164 1.52 -55.92 3.59
CA LEU X 164 2.25 -55.41 2.43
C LEU X 164 1.32 -55.26 1.23
N ARG X 165 0.46 -56.25 0.99
CA ARG X 165 -0.50 -56.15 -0.11
C ARG X 165 -1.44 -54.97 0.08
N VAL X 166 -1.92 -54.76 1.31
CA VAL X 166 -2.82 -53.64 1.59
C VAL X 166 -2.09 -52.31 1.36
N ALA X 167 -0.83 -52.23 1.79
CA ALA X 167 -0.07 -51.00 1.59
C ALA X 167 0.13 -50.69 0.10
N VAL X 168 0.46 -51.72 -0.69
CA VAL X 168 0.62 -51.51 -2.13
C VAL X 168 -0.70 -51.08 -2.76
N GLU X 169 -1.81 -51.68 -2.35
CA GLU X 169 -3.11 -51.28 -2.88
C GLU X 169 -3.46 -49.84 -2.52
N ALA X 170 -3.15 -49.43 -1.29
CA ALA X 170 -3.39 -48.06 -0.89
C ALA X 170 -2.55 -47.08 -1.70
N LEU X 171 -1.28 -47.41 -1.93
CA LEU X 171 -0.44 -46.57 -2.77
C LEU X 171 -0.98 -46.50 -4.20
N TYR X 172 -1.48 -47.61 -4.72
CA TYR X 172 -2.06 -47.63 -6.06
C TYR X 172 -3.28 -46.72 -6.14
N ASP X 173 -4.15 -46.78 -5.13
CA ASP X 173 -5.32 -45.90 -5.12
C ASP X 173 -4.91 -44.44 -5.02
N ALA X 174 -3.92 -44.13 -4.19
CA ALA X 174 -3.44 -42.75 -4.06
C ALA X 174 -2.88 -42.24 -5.39
N ALA X 175 -2.12 -43.07 -6.10
CA ALA X 175 -1.62 -42.69 -7.41
C ALA X 175 -2.74 -42.56 -8.43
N ASP X 176 -3.79 -43.37 -8.30
CA ASP X 176 -4.94 -43.25 -9.20
C ASP X 176 -5.65 -41.91 -9.01
N ASP X 177 -5.78 -41.46 -7.77
CA ASP X 177 -6.52 -40.24 -7.49
C ASP X 177 -5.68 -38.97 -7.54
N ASP X 178 -4.36 -39.08 -7.40
CA ASP X 178 -3.47 -37.92 -7.35
C ASP X 178 -2.45 -37.99 -8.48
N SER X 179 -2.21 -36.84 -9.12
CA SER X 179 -1.25 -36.76 -10.22
C SER X 179 0.18 -36.49 -9.77
N ALA X 180 0.38 -36.11 -8.51
CA ALA X 180 1.72 -35.90 -7.97
C ALA X 180 2.31 -37.16 -7.36
N THR X 181 1.60 -38.29 -7.44
CA THR X 181 2.06 -39.56 -6.92
C THR X 181 2.33 -40.50 -8.09
N GLY X 182 3.46 -41.20 -8.03
CA GLY X 182 3.86 -42.09 -9.11
C GLY X 182 3.29 -43.49 -8.91
N GLY X 183 2.68 -44.01 -9.97
CA GLY X 183 2.18 -45.36 -9.96
C GLY X 183 3.21 -46.35 -10.46
N PRO X 184 2.86 -47.63 -10.46
CA PRO X 184 3.80 -48.64 -10.98
C PRO X 184 4.12 -48.39 -12.45
N ASP X 185 5.39 -48.59 -12.80
CA ASP X 185 5.87 -48.44 -14.17
C ASP X 185 6.26 -49.83 -14.68
N LEU X 186 5.52 -50.31 -15.68
CA LEU X 186 5.82 -51.60 -16.28
C LEU X 186 6.72 -51.50 -17.49
N VAL X 187 6.71 -50.35 -18.18
CA VAL X 187 7.63 -50.15 -19.29
C VAL X 187 9.07 -50.09 -18.78
N ARG X 188 9.30 -49.38 -17.68
CA ARG X 188 10.64 -49.21 -17.14
C ARG X 188 10.97 -50.20 -16.03
N GLY X 189 9.99 -50.62 -15.25
CA GLY X 189 10.23 -51.55 -14.17
C GLY X 189 10.61 -50.88 -12.86
N ILE X 190 9.84 -49.89 -12.46
CA ILE X 190 10.05 -49.16 -11.22
C ILE X 190 8.81 -49.32 -10.34
N PHE X 191 9.02 -49.69 -9.10
CA PHE X 191 7.96 -50.02 -8.16
C PHE X 191 8.21 -49.31 -6.83
N PRO X 192 7.19 -49.15 -6.00
CA PRO X 192 7.38 -48.51 -4.69
C PRO X 192 8.34 -49.29 -3.81
N THR X 193 8.81 -48.62 -2.75
CA THR X 193 9.77 -49.20 -1.82
C THR X 193 9.13 -49.40 -0.46
N ALA X 194 9.46 -50.53 0.18
CA ALA X 194 8.86 -50.91 1.45
C ALA X 194 9.93 -51.38 2.44
N VAL X 195 9.63 -51.18 3.72
CA VAL X 195 10.48 -51.60 4.83
C VAL X 195 9.59 -52.30 5.85
N ILE X 196 10.04 -53.45 6.35
CA ILE X 196 9.28 -54.23 7.32
C ILE X 196 10.09 -54.33 8.60
N ILE X 197 9.48 -53.97 9.73
CA ILE X 197 10.13 -53.99 11.03
C ILE X 197 9.42 -55.00 11.91
N ASP X 198 10.18 -55.90 12.51
CA ASP X 198 9.65 -56.92 13.41
C ASP X 198 10.67 -57.16 14.52
N ALA X 199 10.46 -58.22 15.30
CA ALA X 199 11.31 -58.50 16.45
C ALA X 199 12.76 -58.73 16.07
N ASP X 200 13.04 -59.11 14.82
CA ASP X 200 14.40 -59.33 14.38
C ASP X 200 15.08 -58.07 13.84
N GLY X 201 14.33 -56.96 13.70
CA GLY X 201 14.89 -55.72 13.22
C GLY X 201 14.12 -55.20 12.04
N ALA X 202 14.74 -54.28 11.30
CA ALA X 202 14.13 -53.65 10.13
C ALA X 202 14.85 -54.12 8.87
N VAL X 203 14.09 -54.62 7.90
CA VAL X 203 14.62 -55.18 6.67
C VAL X 203 13.93 -54.54 5.48
N ASP X 204 14.71 -54.25 4.44
CA ASP X 204 14.17 -53.77 3.18
C ASP X 204 13.52 -54.93 2.42
N VAL X 205 12.38 -54.66 1.80
CA VAL X 205 11.66 -55.68 1.05
C VAL X 205 12.26 -55.78 -0.36
N PRO X 206 12.58 -56.98 -0.85
CA PRO X 206 13.08 -57.10 -2.22
C PRO X 206 12.03 -56.68 -3.23
N GLU X 207 12.52 -56.21 -4.39
CA GLU X 207 11.64 -55.64 -5.40
C GLU X 207 10.79 -56.68 -6.13
N SER X 208 11.21 -57.95 -6.13
CA SER X 208 10.45 -58.98 -6.84
C SER X 208 9.08 -59.19 -6.21
N ARG X 209 9.00 -59.23 -4.88
CA ARG X 209 7.72 -59.41 -4.21
C ARG X 209 6.78 -58.26 -4.50
N ILE X 210 7.30 -57.02 -4.47
CA ILE X 210 6.47 -55.86 -4.74
C ILE X 210 6.00 -55.86 -6.19
N ALA X 211 6.87 -56.26 -7.12
CA ALA X 211 6.47 -56.36 -8.51
C ALA X 211 5.36 -57.38 -8.70
N GLU X 212 5.49 -58.55 -8.04
CA GLU X 212 4.45 -59.57 -8.14
C GLU X 212 3.13 -59.07 -7.58
N LEU X 213 3.17 -58.41 -6.42
CA LEU X 213 1.93 -57.88 -5.82
C LEU X 213 1.30 -56.82 -6.71
N ALA X 214 2.11 -55.92 -7.28
CA ALA X 214 1.59 -54.89 -8.15
C ALA X 214 0.96 -55.49 -9.40
N ARG X 215 1.62 -56.49 -9.99
CA ARG X 215 1.05 -57.15 -11.17
C ARG X 215 -0.28 -57.83 -10.84
N ALA X 216 -0.36 -58.49 -9.67
CA ALA X 216 -1.60 -59.12 -9.26
C ALA X 216 -2.70 -58.09 -9.08
N ILE X 217 -2.39 -56.96 -8.45
CA ILE X 217 -3.39 -55.91 -8.24
C ILE X 217 -3.86 -55.34 -9.57
N ILE X 218 -2.92 -55.09 -10.49
CA ILE X 218 -3.28 -54.54 -11.79
C ILE X 218 -4.17 -55.52 -12.55
N GLU X 219 -3.85 -56.81 -12.50
CA GLU X 219 -4.68 -57.81 -13.15
C GLU X 219 -6.07 -57.85 -12.53
N SER X 220 -6.15 -57.75 -11.20
CA SER X 220 -7.45 -57.75 -10.52
C SER X 220 -8.29 -56.56 -10.94
N ARG X 221 -7.68 -55.38 -11.03
CA ARG X 221 -8.44 -54.18 -11.38
C ARG X 221 -8.88 -54.20 -12.84
N SER X 222 -8.12 -54.83 -13.72
CA SER X 222 -8.46 -54.88 -15.14
C SER X 222 -9.68 -55.75 -15.38
N THR Y 1 22.24 -19.93 -22.61
CA THR Y 1 23.24 -20.81 -22.02
C THR Y 1 22.73 -22.24 -21.95
N THR Y 2 23.53 -23.19 -22.44
CA THR Y 2 23.17 -24.60 -22.38
C THR Y 2 24.44 -25.42 -22.21
N ILE Y 3 24.46 -26.27 -21.19
CA ILE Y 3 25.57 -27.19 -20.94
C ILE Y 3 25.02 -28.60 -20.88
N VAL Y 4 25.62 -29.50 -21.66
CA VAL Y 4 25.17 -30.89 -21.73
C VAL Y 4 26.27 -31.81 -21.21
N ALA Y 5 25.86 -32.94 -20.66
CA ALA Y 5 26.78 -33.97 -20.21
C ALA Y 5 26.16 -35.33 -20.46
N LEU Y 6 26.99 -36.28 -20.87
CA LEU Y 6 26.48 -37.63 -21.14
C LEU Y 6 27.56 -38.66 -20.90
N LYS Y 7 27.11 -39.91 -20.81
CA LYS Y 7 27.94 -41.06 -20.47
C LYS Y 7 28.13 -41.95 -21.69
N TYR Y 8 29.32 -42.50 -21.85
CA TYR Y 8 29.62 -43.51 -22.84
C TYR Y 8 30.42 -44.61 -22.16
N PRO Y 9 30.42 -45.82 -22.72
CA PRO Y 9 31.20 -46.90 -22.10
C PRO Y 9 32.68 -46.55 -22.05
N GLY Y 10 33.19 -46.28 -20.85
CA GLY Y 10 34.54 -45.82 -20.66
C GLY Y 10 34.66 -44.48 -19.96
N GLY Y 11 33.63 -43.63 -20.00
CA GLY Y 11 33.74 -42.34 -19.35
C GLY Y 11 32.58 -41.41 -19.65
N VAL Y 12 32.87 -40.11 -19.54
CA VAL Y 12 31.86 -39.07 -19.67
C VAL Y 12 32.38 -37.98 -20.61
N VAL Y 13 31.44 -37.23 -21.18
CA VAL Y 13 31.76 -36.09 -22.03
C VAL Y 13 30.82 -34.94 -21.69
N MET Y 14 31.39 -33.74 -21.57
CA MET Y 14 30.64 -32.54 -21.23
C MET Y 14 30.91 -31.46 -22.27
N ALA Y 15 29.88 -30.72 -22.67
CA ALA Y 15 30.01 -29.71 -23.70
C ALA Y 15 29.21 -28.46 -23.34
N GLY Y 16 29.67 -27.33 -23.85
CA GLY Y 16 29.02 -26.06 -23.57
C GLY Y 16 29.24 -25.04 -24.67
N ASP Y 17 28.34 -24.05 -24.71
CA ASP Y 17 28.33 -23.01 -25.73
C ASP Y 17 29.11 -21.78 -25.25
N ARG Y 18 29.09 -20.71 -26.05
CA ARG Y 18 29.99 -19.58 -25.85
C ARG Y 18 29.31 -18.21 -25.87
N ARG Y 19 27.97 -18.15 -25.86
CA ARG Y 19 27.28 -16.87 -25.96
C ARG Y 19 26.99 -16.29 -24.59
N SER Y 20 27.22 -14.99 -24.45
CA SER Y 20 26.84 -14.23 -23.25
C SER Y 20 26.02 -13.03 -23.66
N THR Y 21 24.86 -12.85 -23.03
CA THR Y 21 23.90 -11.81 -23.40
C THR Y 21 23.55 -10.98 -22.19
N GLN Y 22 23.14 -9.74 -22.46
CA GLN Y 22 22.64 -8.80 -21.45
C GLN Y 22 21.26 -8.35 -21.92
N GLY Y 23 20.23 -9.10 -21.55
CA GLY Y 23 18.90 -8.86 -22.07
C GLY Y 23 18.73 -9.41 -23.47
N ASN Y 24 18.48 -8.54 -24.43
CA ASN Y 24 18.43 -8.91 -25.84
C ASN Y 24 19.67 -8.45 -26.60
N MET Y 25 20.66 -7.89 -25.92
CA MET Y 25 21.90 -7.43 -26.54
C MET Y 25 22.98 -8.48 -26.34
N ILE Y 26 23.72 -8.78 -27.40
CA ILE Y 26 24.82 -9.73 -27.33
C ILE Y 26 26.05 -9.02 -26.77
N SER Y 27 26.61 -9.58 -25.70
CA SER Y 27 27.75 -8.98 -25.01
C SER Y 27 29.04 -9.76 -25.19
N GLY Y 28 28.98 -11.09 -25.23
CA GLY Y 28 30.17 -11.89 -25.36
C GLY Y 28 30.01 -13.04 -26.34
N ARG Y 29 31.07 -13.32 -27.11
CA ARG Y 29 31.02 -14.30 -28.19
C ARG Y 29 31.90 -15.52 -27.96
N ASP Y 30 32.88 -15.45 -27.07
CA ASP Y 30 33.82 -16.55 -26.87
C ASP Y 30 34.02 -16.83 -25.38
N VAL Y 31 32.92 -16.89 -24.64
CA VAL Y 31 32.97 -17.19 -23.22
C VAL Y 31 33.14 -18.69 -23.02
N ARG Y 32 33.97 -19.07 -22.06
CA ARG Y 32 34.21 -20.47 -21.72
C ARG Y 32 33.43 -20.80 -20.45
N LYS Y 33 32.59 -21.84 -20.51
CA LYS Y 33 31.68 -22.16 -19.43
C LYS Y 33 31.95 -23.53 -18.80
N VAL Y 34 33.01 -24.21 -19.20
CA VAL Y 34 33.33 -25.55 -18.70
C VAL Y 34 34.73 -25.51 -18.10
N TYR Y 35 34.87 -26.04 -16.89
CA TYR Y 35 36.13 -26.01 -16.16
C TYR Y 35 36.54 -27.42 -15.75
N ILE Y 36 37.84 -27.62 -15.60
CA ILE Y 36 38.40 -28.87 -15.11
C ILE Y 36 38.78 -28.64 -13.65
N THR Y 37 37.98 -29.19 -12.74
CA THR Y 37 38.20 -28.96 -11.32
C THR Y 37 39.44 -29.71 -10.82
N ASP Y 38 39.55 -30.98 -11.18
CA ASP Y 38 40.70 -31.79 -10.79
C ASP Y 38 40.93 -32.85 -11.86
N ASP Y 39 41.72 -33.87 -11.54
CA ASP Y 39 42.13 -34.85 -12.53
C ASP Y 39 40.97 -35.71 -13.04
N TYR Y 40 39.85 -35.76 -12.34
CA TYR Y 40 38.77 -36.67 -12.72
C TYR Y 40 37.39 -36.04 -12.60
N THR Y 41 37.29 -34.72 -12.53
CA THR Y 41 36.00 -34.07 -12.31
C THR Y 41 35.92 -32.79 -13.13
N ALA Y 42 34.75 -32.55 -13.72
CA ALA Y 42 34.47 -31.34 -14.48
C ALA Y 42 33.14 -30.74 -14.01
N THR Y 43 33.07 -29.41 -14.04
CA THR Y 43 31.91 -28.68 -13.58
C THR Y 43 31.49 -27.65 -14.61
N GLY Y 44 30.18 -27.46 -14.75
CA GLY Y 44 29.64 -26.43 -15.62
C GLY Y 44 28.51 -25.66 -14.96
N ILE Y 45 28.65 -24.34 -14.85
CA ILE Y 45 27.72 -23.51 -14.10
C ILE Y 45 26.99 -22.57 -15.06
N ALA Y 46 25.68 -22.42 -14.85
CA ALA Y 46 24.86 -21.52 -15.64
C ALA Y 46 24.26 -20.44 -14.75
N GLY Y 47 24.05 -19.26 -15.31
CA GLY Y 47 23.47 -18.15 -14.59
C GLY Y 47 24.29 -16.88 -14.68
N THR Y 48 24.42 -16.16 -13.56
CA THR Y 48 25.25 -14.96 -13.55
C THR Y 48 26.71 -15.35 -13.69
N ALA Y 49 27.42 -14.63 -14.57
CA ALA Y 49 28.79 -15.01 -14.92
C ALA Y 49 29.72 -14.89 -13.72
N ALA Y 50 29.67 -13.75 -13.02
CA ALA Y 50 30.59 -13.51 -11.91
C ALA Y 50 30.42 -14.55 -10.81
N VAL Y 51 29.18 -14.88 -10.47
CA VAL Y 51 28.92 -15.91 -9.47
C VAL Y 51 29.47 -17.25 -9.93
N ALA Y 52 29.34 -17.54 -11.23
CA ALA Y 52 29.83 -18.82 -11.74
C ALA Y 52 31.34 -18.94 -11.64
N VAL Y 53 32.07 -17.88 -12.05
CA VAL Y 53 33.53 -17.93 -11.96
C VAL Y 53 33.98 -17.99 -10.50
N GLU Y 54 33.31 -17.22 -9.63
CA GLU Y 54 33.65 -17.27 -8.21
C GLU Y 54 33.44 -18.66 -7.63
N PHE Y 55 32.31 -19.28 -7.94
CA PHE Y 55 32.02 -20.63 -7.47
C PHE Y 55 33.05 -21.63 -7.97
N ALA Y 56 33.42 -21.52 -9.25
CA ALA Y 56 34.38 -22.47 -9.81
C ALA Y 56 35.75 -22.33 -9.16
N ARG Y 57 36.25 -21.10 -9.04
CA ARG Y 57 37.57 -20.90 -8.47
C ARG Y 57 37.59 -21.33 -7.00
N LEU Y 58 36.51 -21.02 -6.26
CA LEU Y 58 36.41 -21.44 -4.87
C LEU Y 58 36.37 -22.95 -4.72
N TYR Y 59 35.59 -23.63 -5.56
CA TYR Y 59 35.51 -25.09 -5.48
C TYR Y 59 36.87 -25.74 -5.76
N ALA Y 60 37.56 -25.25 -6.79
CA ALA Y 60 38.88 -25.80 -7.10
C ALA Y 60 39.86 -25.58 -5.94
N VAL Y 61 39.85 -24.37 -5.36
CA VAL Y 61 40.76 -24.09 -4.25
C VAL Y 61 40.44 -24.98 -3.05
N GLU Y 62 39.15 -25.18 -2.76
CA GLU Y 62 38.78 -26.01 -1.62
C GLU Y 62 39.22 -27.45 -1.81
N LEU Y 63 39.02 -28.01 -3.01
CA LEU Y 63 39.45 -29.37 -3.28
C LEU Y 63 40.96 -29.51 -3.14
N GLU Y 64 41.71 -28.57 -3.73
CA GLU Y 64 43.16 -28.64 -3.64
C GLU Y 64 43.64 -28.49 -2.19
N HIS Y 65 42.99 -27.61 -1.43
CA HIS Y 65 43.36 -27.41 -0.03
C HIS Y 65 43.16 -28.68 0.78
N TYR Y 66 42.02 -29.35 0.60
CA TYR Y 66 41.81 -30.61 1.32
C TYR Y 66 42.84 -31.66 0.90
N GLU Y 67 43.12 -31.76 -0.40
CA GLU Y 67 44.08 -32.75 -0.87
C GLU Y 67 45.45 -32.51 -0.27
N LYS Y 68 45.87 -31.25 -0.20
CA LYS Y 68 47.19 -30.94 0.37
C LYS Y 68 47.22 -31.16 1.87
N LEU Y 69 46.12 -30.83 2.56
CA LEU Y 69 46.10 -30.96 4.02
C LEU Y 69 46.12 -32.42 4.45
N GLU Y 70 45.25 -33.25 3.87
CA GLU Y 70 45.10 -34.61 4.34
C GLU Y 70 45.99 -35.61 3.62
N GLY Y 71 46.64 -35.22 2.53
CA GLY Y 71 47.50 -36.14 1.82
C GLY Y 71 46.78 -37.18 0.99
N VAL Y 72 45.46 -37.08 0.88
CA VAL Y 72 44.65 -38.03 0.12
C VAL Y 72 43.45 -37.27 -0.46
N PRO Y 73 43.04 -37.54 -1.69
CA PRO Y 73 41.90 -36.82 -2.26
C PRO Y 73 40.58 -37.27 -1.65
N LEU Y 74 39.58 -36.40 -1.77
CA LEU Y 74 38.24 -36.69 -1.29
C LEU Y 74 37.56 -37.74 -2.16
N THR Y 75 36.58 -38.41 -1.58
CA THR Y 75 35.74 -39.31 -2.34
C THR Y 75 34.66 -38.53 -3.08
N PHE Y 76 33.94 -39.22 -3.96
CA PHE Y 76 32.94 -38.54 -4.79
C PHE Y 76 31.81 -37.96 -3.96
N ALA Y 77 31.35 -38.71 -2.95
CA ALA Y 77 30.28 -38.23 -2.08
C ALA Y 77 30.69 -36.97 -1.33
N GLY Y 78 31.95 -36.91 -0.88
CA GLY Y 78 32.44 -35.72 -0.21
C GLY Y 78 32.43 -34.50 -1.12
N LYS Y 79 32.86 -34.67 -2.37
CA LYS Y 79 32.81 -33.56 -3.32
C LYS Y 79 31.38 -33.12 -3.59
N ILE Y 80 30.46 -34.08 -3.72
CA ILE Y 80 29.05 -33.74 -3.91
C ILE Y 80 28.53 -32.94 -2.71
N ASN Y 81 28.88 -33.37 -1.50
CA ASN Y 81 28.43 -32.68 -0.30
C ASN Y 81 28.99 -31.25 -0.25
N ARG Y 82 30.26 -31.08 -0.59
CA ARG Y 82 30.85 -29.74 -0.57
C ARG Y 82 30.18 -28.83 -1.59
N LEU Y 83 29.93 -29.34 -2.80
CA LEU Y 83 29.25 -28.55 -3.81
C LEU Y 83 27.83 -28.21 -3.39
N ALA Y 84 27.13 -29.16 -2.78
CA ALA Y 84 25.77 -28.90 -2.31
C ALA Y 84 25.75 -27.84 -1.21
N ILE Y 85 26.72 -27.88 -0.31
CA ILE Y 85 26.81 -26.86 0.73
C ILE Y 85 27.06 -25.49 0.11
N MET Y 86 27.98 -25.43 -0.86
CA MET Y 86 28.27 -24.16 -1.53
C MET Y 86 27.03 -23.61 -2.23
N VAL Y 87 26.26 -24.48 -2.89
CA VAL Y 87 25.03 -24.03 -3.55
C VAL Y 87 24.00 -23.58 -2.52
N ARG Y 88 23.84 -24.33 -1.43
CA ARG Y 88 22.85 -23.99 -0.42
C ARG Y 88 23.16 -22.65 0.24
N GLY Y 89 24.44 -22.31 0.38
CA GLY Y 89 24.80 -21.06 1.02
C GLY Y 89 24.45 -19.81 0.22
N ASN Y 90 24.09 -19.94 -1.04
CA ASN Y 90 23.82 -18.80 -1.91
C ASN Y 90 22.32 -18.60 -2.14
N LEU Y 91 21.48 -19.26 -1.35
CA LEU Y 91 20.03 -19.18 -1.52
C LEU Y 91 19.52 -17.75 -1.41
N ALA Y 92 19.99 -17.02 -0.38
CA ALA Y 92 19.56 -15.64 -0.20
C ALA Y 92 19.99 -14.77 -1.38
N ALA Y 93 21.21 -14.96 -1.87
CA ALA Y 93 21.65 -14.26 -3.07
C ALA Y 93 21.06 -14.86 -4.34
N ALA Y 94 20.68 -16.13 -4.33
CA ALA Y 94 19.97 -16.70 -5.47
C ALA Y 94 18.66 -15.99 -5.70
N MET Y 95 17.92 -15.71 -4.62
CA MET Y 95 16.83 -14.77 -4.72
C MET Y 95 17.37 -13.36 -4.94
N GLN Y 96 16.52 -12.49 -5.50
CA GLN Y 96 16.79 -11.09 -5.81
C GLN Y 96 17.75 -10.90 -6.99
N GLY Y 97 18.29 -11.97 -7.56
CA GLY Y 97 18.93 -11.86 -8.86
C GLY Y 97 20.40 -12.21 -8.99
N LEU Y 98 20.92 -13.10 -8.15
CA LEU Y 98 22.28 -13.63 -8.31
C LEU Y 98 22.21 -15.16 -8.19
N LEU Y 99 21.90 -15.82 -9.29
CA LEU Y 99 21.63 -17.26 -9.29
C LEU Y 99 22.69 -17.99 -10.10
N ALA Y 100 23.16 -19.12 -9.55
CA ALA Y 100 24.11 -19.99 -10.23
C ALA Y 100 23.68 -21.43 -10.03
N LEU Y 101 23.59 -22.18 -11.12
CA LEU Y 101 23.18 -23.58 -11.09
C LEU Y 101 24.29 -24.44 -11.69
N PRO Y 102 24.90 -25.35 -10.91
CA PRO Y 102 25.98 -26.17 -11.46
C PRO Y 102 25.54 -27.54 -11.96
N LEU Y 103 26.43 -28.18 -12.72
CA LEU Y 103 26.28 -29.56 -13.17
C LEU Y 103 27.65 -30.21 -13.09
N LEU Y 104 27.69 -31.43 -12.57
CA LEU Y 104 28.97 -32.09 -12.28
C LEU Y 104 29.09 -33.40 -13.06
N ALA Y 105 30.28 -33.65 -13.60
CA ALA Y 105 30.60 -34.89 -14.27
C ALA Y 105 31.90 -35.44 -13.71
N GLY Y 106 32.00 -36.76 -13.59
CA GLY Y 106 33.19 -37.32 -12.99
C GLY Y 106 33.38 -38.79 -13.31
N TYR Y 107 34.57 -39.27 -12.98
CA TYR Y 107 34.96 -40.67 -13.15
C TYR Y 107 35.41 -41.20 -11.79
N ASP Y 108 34.77 -42.28 -11.34
CA ASP Y 108 35.08 -42.87 -10.04
C ASP Y 108 36.15 -43.94 -10.21
N ILE Y 109 37.29 -43.74 -9.55
CA ILE Y 109 38.39 -44.70 -9.62
C ILE Y 109 38.27 -45.82 -8.60
N HIS Y 110 37.38 -45.69 -7.62
CA HIS Y 110 37.16 -46.73 -6.62
C HIS Y 110 36.05 -47.69 -6.99
N ALA Y 111 35.42 -47.52 -8.15
CA ALA Y 111 34.37 -48.42 -8.57
C ALA Y 111 34.94 -49.77 -8.96
N SER Y 112 34.19 -50.84 -8.63
CA SER Y 112 34.64 -52.19 -8.95
C SER Y 112 34.71 -52.41 -10.46
N ASP Y 113 33.70 -51.94 -11.19
CA ASP Y 113 33.64 -52.14 -12.63
C ASP Y 113 34.09 -50.88 -13.33
N PRO Y 114 35.23 -50.90 -14.05
CA PRO Y 114 35.69 -49.66 -14.73
C PRO Y 114 34.76 -49.17 -15.81
N GLN Y 115 33.94 -50.05 -16.42
CA GLN Y 115 33.05 -49.60 -17.48
C GLN Y 115 31.99 -48.65 -16.95
N SER Y 116 31.36 -48.99 -15.83
CA SER Y 116 30.32 -48.16 -15.24
C SER Y 116 30.90 -47.32 -14.09
N ALA Y 117 31.80 -46.41 -14.47
CA ALA Y 117 32.45 -45.53 -13.51
C ALA Y 117 32.14 -44.06 -13.75
N GLY Y 118 31.41 -43.72 -14.80
CA GLY Y 118 31.06 -42.33 -15.08
C GLY Y 118 29.83 -41.91 -14.31
N ARG Y 119 29.90 -40.73 -13.71
CA ARG Y 119 28.83 -40.20 -12.86
C ARG Y 119 28.46 -38.79 -13.30
N ILE Y 120 27.16 -38.51 -13.31
CA ILE Y 120 26.62 -37.19 -13.64
C ILE Y 120 25.69 -36.77 -12.50
N VAL Y 121 25.92 -35.58 -11.95
CA VAL Y 121 25.17 -35.06 -10.81
C VAL Y 121 24.57 -33.71 -11.17
N SER Y 122 23.29 -33.55 -10.87
CA SER Y 122 22.57 -32.30 -11.07
C SER Y 122 22.14 -31.72 -9.73
N PHE Y 123 21.93 -30.41 -9.71
CA PHE Y 123 21.62 -29.68 -8.48
C PHE Y 123 20.43 -28.76 -8.71
N ASP Y 124 19.78 -28.40 -7.61
CA ASP Y 124 18.66 -27.47 -7.62
C ASP Y 124 19.00 -26.22 -6.80
N ALA Y 125 18.13 -25.21 -6.90
CA ALA Y 125 18.40 -23.92 -6.30
C ALA Y 125 18.42 -23.95 -4.78
N ALA Y 126 17.84 -24.97 -4.16
CA ALA Y 126 17.82 -25.09 -2.71
C ALA Y 126 18.97 -25.91 -2.16
N GLY Y 127 19.80 -26.49 -3.02
CA GLY Y 127 20.93 -27.30 -2.59
C GLY Y 127 20.73 -28.80 -2.69
N GLY Y 128 19.59 -29.25 -3.20
CA GLY Y 128 19.38 -30.68 -3.38
C GLY Y 128 20.07 -31.19 -4.63
N TRP Y 129 20.64 -32.38 -4.52
CA TRP Y 129 21.40 -32.99 -5.60
C TRP Y 129 20.79 -34.33 -5.99
N ASN Y 130 20.97 -34.69 -7.26
CA ASN Y 130 20.46 -35.94 -7.80
C ASN Y 130 21.50 -36.57 -8.71
N ILE Y 131 21.66 -37.88 -8.58
CA ILE Y 131 22.58 -38.65 -9.42
C ILE Y 131 21.78 -39.24 -10.57
N GLU Y 132 22.18 -38.92 -11.80
CA GLU Y 132 21.45 -39.35 -12.98
C GLU Y 132 21.69 -40.84 -13.24
N GLU Y 133 20.65 -41.51 -13.74
CA GLU Y 133 20.73 -42.91 -14.12
C GLU Y 133 20.27 -43.19 -15.54
N GLU Y 134 19.86 -42.17 -16.29
CA GLU Y 134 19.43 -42.36 -17.67
C GLU Y 134 20.56 -42.19 -18.68
N GLY Y 135 21.65 -41.53 -18.30
CA GLY Y 135 22.82 -41.42 -19.16
C GLY Y 135 23.11 -40.04 -19.72
N TYR Y 136 22.24 -39.05 -19.50
CA TYR Y 136 22.49 -37.72 -20.02
C TYR Y 136 21.76 -36.69 -19.15
N GLN Y 137 22.24 -35.45 -19.24
CA GLN Y 137 21.63 -34.34 -18.50
C GLN Y 137 22.02 -33.04 -19.17
N ALA Y 138 21.17 -32.03 -19.01
CA ALA Y 138 21.40 -30.71 -19.56
C ALA Y 138 20.96 -29.65 -18.56
N VAL Y 139 21.67 -28.52 -18.56
CA VAL Y 139 21.36 -27.39 -17.70
C VAL Y 139 21.38 -26.12 -18.53
N GLY Y 140 20.61 -25.13 -18.09
CA GLY Y 140 20.52 -23.85 -18.77
C GLY Y 140 19.11 -23.56 -19.23
N SER Y 141 18.98 -22.46 -19.98
CA SER Y 141 17.67 -22.05 -20.48
C SER Y 141 17.21 -22.86 -21.68
N GLY Y 142 18.13 -23.51 -22.40
CA GLY Y 142 17.77 -24.35 -23.52
C GLY Y 142 17.90 -25.82 -23.22
N SER Y 143 17.81 -26.18 -21.95
CA SER Y 143 18.05 -27.57 -21.54
C SER Y 143 16.94 -28.50 -22.01
N LEU Y 144 15.70 -28.01 -22.11
CA LEU Y 144 14.59 -28.86 -22.50
C LEU Y 144 14.77 -29.38 -23.93
N PHE Y 145 15.13 -28.49 -24.86
CA PHE Y 145 15.34 -28.90 -26.24
C PHE Y 145 16.49 -29.88 -26.37
N ALA Y 146 17.59 -29.62 -25.66
CA ALA Y 146 18.73 -30.53 -25.70
C ALA Y 146 18.37 -31.89 -25.13
N LYS Y 147 17.62 -31.92 -24.03
CA LYS Y 147 17.19 -33.19 -23.44
C LYS Y 147 16.29 -33.96 -24.40
N SER Y 148 15.35 -33.25 -25.05
CA SER Y 148 14.46 -33.92 -25.99
C SER Y 148 15.21 -34.43 -27.21
N SER Y 149 16.28 -33.76 -27.62
CA SER Y 149 17.09 -34.26 -28.73
C SER Y 149 17.90 -35.48 -28.32
N MET Y 150 18.50 -35.44 -27.12
CA MET Y 150 19.27 -36.59 -26.64
C MET Y 150 18.37 -37.80 -26.41
N LYS Y 151 17.12 -37.59 -25.99
CA LYS Y 151 16.21 -38.70 -25.78
C LYS Y 151 16.04 -39.54 -27.05
N LYS Y 152 16.15 -38.91 -28.22
CA LYS Y 152 16.06 -39.61 -29.49
C LYS Y 152 17.41 -40.02 -30.07
N LEU Y 153 18.47 -39.28 -29.76
CA LEU Y 153 19.79 -39.55 -30.33
C LEU Y 153 20.69 -40.40 -29.44
N TYR Y 154 20.20 -40.86 -28.28
CA TYR Y 154 21.08 -41.60 -27.38
C TYR Y 154 21.34 -43.03 -27.82
N SER Y 155 20.51 -43.59 -28.70
CA SER Y 155 20.70 -44.98 -29.12
C SER Y 155 21.93 -45.18 -30.00
N GLN Y 156 22.52 -44.10 -30.51
CA GLN Y 156 23.67 -44.20 -31.40
C GLN Y 156 25.00 -44.17 -30.67
N VAL Y 157 25.02 -43.86 -29.37
CA VAL Y 157 26.27 -43.70 -28.66
C VAL Y 157 26.89 -45.06 -28.40
N THR Y 158 28.13 -45.23 -28.82
CA THR Y 158 28.90 -46.45 -28.61
C THR Y 158 30.24 -46.18 -27.95
N ASP Y 159 30.88 -45.07 -28.28
CA ASP Y 159 32.20 -44.74 -27.74
C ASP Y 159 32.29 -43.22 -27.61
N GLY Y 160 33.51 -42.71 -27.44
CA GLY Y 160 33.69 -41.29 -27.21
C GLY Y 160 33.30 -40.43 -28.41
N ASP Y 161 33.66 -40.89 -29.61
CA ASP Y 161 33.34 -40.12 -30.81
C ASP Y 161 31.84 -39.98 -31.00
N SER Y 162 31.10 -41.08 -30.82
CA SER Y 162 29.65 -41.03 -30.95
C SER Y 162 29.03 -40.08 -29.93
N GLY Y 163 29.50 -40.16 -28.68
CA GLY Y 163 28.98 -39.28 -27.64
C GLY Y 163 29.27 -37.82 -27.93
N LEU Y 164 30.47 -37.51 -28.41
CA LEU Y 164 30.81 -36.13 -28.75
C LEU Y 164 29.93 -35.62 -29.88
N ARG Y 165 29.70 -36.45 -30.91
CA ARG Y 165 28.82 -36.04 -32.00
C ARG Y 165 27.41 -35.78 -31.50
N VAL Y 166 26.90 -36.64 -30.62
CA VAL Y 166 25.56 -36.47 -30.08
C VAL Y 166 25.48 -35.18 -29.25
N ALA Y 167 26.52 -34.90 -28.47
CA ALA Y 167 26.53 -33.68 -27.67
C ALA Y 167 26.52 -32.43 -28.55
N VAL Y 168 27.32 -32.44 -29.62
CA VAL Y 168 27.33 -31.30 -30.53
C VAL Y 168 25.98 -31.13 -31.20
N GLU Y 169 25.35 -32.24 -31.60
CA GLU Y 169 24.02 -32.14 -32.22
C GLU Y 169 22.99 -31.60 -31.25
N ALA Y 170 23.05 -32.02 -29.99
CA ALA Y 170 22.13 -31.50 -28.98
C ALA Y 170 22.32 -30.01 -28.77
N LEU Y 171 23.58 -29.57 -28.70
CA LEU Y 171 23.85 -28.13 -28.57
C LEU Y 171 23.34 -27.37 -29.79
N TYR Y 172 23.49 -27.94 -30.99
CA TYR Y 172 22.98 -27.30 -32.20
C TYR Y 172 21.46 -27.15 -32.15
N ASP Y 173 20.76 -28.20 -31.71
CA ASP Y 173 19.31 -28.12 -31.59
C ASP Y 173 18.90 -27.08 -30.56
N ALA Y 174 19.59 -27.03 -29.42
CA ALA Y 174 19.28 -26.04 -28.40
C ALA Y 174 19.48 -24.62 -28.92
N ALA Y 175 20.56 -24.40 -29.67
CA ALA Y 175 20.77 -23.07 -30.27
C ALA Y 175 19.73 -22.77 -31.34
N ASP Y 176 19.26 -23.80 -32.06
CA ASP Y 176 18.21 -23.58 -33.05
C ASP Y 176 16.91 -23.15 -32.39
N ASP Y 177 16.58 -23.72 -31.23
CA ASP Y 177 15.31 -23.41 -30.58
C ASP Y 177 15.38 -22.23 -29.63
N ASP Y 178 16.55 -21.86 -29.14
CA ASP Y 178 16.70 -20.80 -28.15
C ASP Y 178 17.59 -19.70 -28.70
N SER Y 179 17.21 -18.45 -28.46
CA SER Y 179 17.96 -17.29 -28.92
C SER Y 179 19.05 -16.85 -27.94
N ALA Y 180 19.04 -17.34 -26.71
CA ALA Y 180 20.07 -17.03 -25.74
C ALA Y 180 21.24 -18.01 -25.79
N THR Y 181 21.22 -18.95 -26.73
CA THR Y 181 22.28 -19.93 -26.90
C THR Y 181 22.99 -19.66 -28.22
N GLY Y 182 24.32 -19.68 -28.20
CA GLY Y 182 25.11 -19.39 -29.38
C GLY Y 182 25.36 -20.64 -30.21
N GLY Y 183 25.10 -20.53 -31.51
CA GLY Y 183 25.37 -21.60 -32.44
C GLY Y 183 26.77 -21.49 -33.02
N PRO Y 184 27.13 -22.44 -33.87
CA PRO Y 184 28.46 -22.38 -34.52
C PRO Y 184 28.58 -21.13 -35.38
N ASP Y 185 29.76 -20.52 -35.32
CA ASP Y 185 30.08 -19.33 -36.12
C ASP Y 185 31.12 -19.72 -37.15
N LEU Y 186 30.74 -19.67 -38.43
CA LEU Y 186 31.66 -19.99 -39.51
C LEU Y 186 32.36 -18.76 -40.06
N VAL Y 187 31.75 -17.59 -39.94
CA VAL Y 187 32.41 -16.35 -40.34
C VAL Y 187 33.62 -16.09 -39.46
N ARG Y 188 33.45 -16.25 -38.15
CA ARG Y 188 34.51 -15.96 -37.18
C ARG Y 188 35.33 -17.19 -36.81
N GLY Y 189 34.71 -18.37 -36.78
CA GLY Y 189 35.42 -19.58 -36.41
C GLY Y 189 35.42 -19.86 -34.92
N ILE Y 190 34.23 -19.79 -34.31
CA ILE Y 190 34.06 -20.06 -32.89
C ILE Y 190 33.09 -21.23 -32.74
N PHE Y 191 33.48 -22.21 -31.93
CA PHE Y 191 32.74 -23.45 -31.76
C PHE Y 191 32.62 -23.78 -30.29
N PRO Y 192 31.67 -24.62 -29.91
CA PRO Y 192 31.51 -25.00 -28.50
C PRO Y 192 32.76 -25.69 -27.95
N THR Y 193 32.82 -25.77 -26.62
CA THR Y 193 33.95 -26.36 -25.92
C THR Y 193 33.52 -27.65 -25.23
N ALA Y 194 34.41 -28.65 -25.26
CA ALA Y 194 34.11 -29.97 -24.73
C ALA Y 194 35.26 -30.49 -23.89
N VAL Y 195 34.93 -31.33 -22.92
CA VAL Y 195 35.88 -31.99 -22.04
C VAL Y 195 35.49 -33.47 -21.95
N ILE Y 196 36.48 -34.35 -22.08
CA ILE Y 196 36.26 -35.79 -22.05
C ILE Y 196 37.01 -36.36 -20.86
N ILE Y 197 36.32 -37.12 -20.02
CA ILE Y 197 36.90 -37.73 -18.83
C ILE Y 197 36.82 -39.24 -18.96
N ASP Y 198 37.95 -39.90 -18.76
CA ASP Y 198 38.04 -41.36 -18.84
C ASP Y 198 39.05 -41.83 -17.80
N ALA Y 199 39.43 -43.11 -17.88
CA ALA Y 199 40.31 -43.71 -16.89
C ALA Y 199 41.67 -43.02 -16.82
N ASP Y 200 42.08 -42.33 -17.88
CA ASP Y 200 43.36 -41.64 -17.88
C ASP Y 200 43.27 -40.21 -17.36
N GLY Y 201 42.06 -39.70 -17.08
CA GLY Y 201 41.89 -38.37 -16.55
C GLY Y 201 40.94 -37.56 -17.42
N ALA Y 202 40.99 -36.25 -17.25
CA ALA Y 202 40.13 -35.32 -17.97
C ALA Y 202 40.97 -34.50 -18.95
N VAL Y 203 40.56 -34.50 -20.21
CA VAL Y 203 41.29 -33.84 -21.28
C VAL Y 203 40.37 -32.91 -22.05
N ASP Y 204 40.87 -31.74 -22.40
CA ASP Y 204 40.13 -30.83 -23.27
C ASP Y 204 40.18 -31.31 -24.71
N VAL Y 205 39.06 -31.19 -25.40
CA VAL Y 205 38.97 -31.64 -26.80
C VAL Y 205 39.51 -30.54 -27.70
N PRO Y 206 40.40 -30.86 -28.65
CA PRO Y 206 40.89 -29.84 -29.58
C PRO Y 206 39.76 -29.32 -30.47
N GLU Y 207 39.91 -28.07 -30.91
CA GLU Y 207 38.85 -27.39 -31.64
C GLU Y 207 38.66 -27.92 -33.05
N SER Y 208 39.68 -28.56 -33.63
CA SER Y 208 39.56 -29.06 -35.00
C SER Y 208 38.51 -30.15 -35.12
N ARG Y 209 38.49 -31.08 -34.16
CA ARG Y 209 37.49 -32.14 -34.17
C ARG Y 209 36.08 -31.59 -34.06
N ILE Y 210 35.88 -30.62 -33.18
CA ILE Y 210 34.56 -30.03 -33.00
C ILE Y 210 34.15 -29.26 -34.24
N ALA Y 211 35.09 -28.57 -34.87
CA ALA Y 211 34.78 -27.87 -36.12
C ALA Y 211 34.37 -28.84 -37.22
N GLU Y 212 35.09 -29.97 -37.33
CA GLU Y 212 34.74 -30.97 -38.33
C GLU Y 212 33.35 -31.54 -38.06
N LEU Y 213 33.05 -31.87 -36.81
CA LEU Y 213 31.74 -32.42 -36.47
C LEU Y 213 30.63 -31.41 -36.75
N ALA Y 214 30.85 -30.14 -36.41
CA ALA Y 214 29.85 -29.12 -36.65
C ALA Y 214 29.61 -28.92 -38.14
N ARG Y 215 30.69 -28.92 -38.94
CA ARG Y 215 30.53 -28.80 -40.39
C ARG Y 215 29.76 -29.98 -40.96
N ALA Y 216 30.06 -31.19 -40.48
CA ALA Y 216 29.33 -32.36 -40.95
C ALA Y 216 27.84 -32.27 -40.59
N ILE Y 217 27.54 -31.83 -39.38
CA ILE Y 217 26.14 -31.71 -38.97
C ILE Y 217 25.43 -30.65 -39.80
N ILE Y 218 26.09 -29.51 -40.04
CA ILE Y 218 25.47 -28.44 -40.83
C ILE Y 218 25.22 -28.93 -42.26
N GLU Y 219 26.17 -29.66 -42.84
CA GLU Y 219 25.96 -30.21 -44.18
C GLU Y 219 24.81 -31.19 -44.19
N SER Y 220 24.70 -32.04 -43.16
CA SER Y 220 23.60 -32.99 -43.09
C SER Y 220 22.26 -32.29 -43.01
N ARG Y 221 22.16 -31.23 -42.21
CA ARG Y 221 20.89 -30.54 -42.05
C ARG Y 221 20.50 -29.77 -43.31
N SER Y 222 21.47 -29.28 -44.07
CA SER Y 222 21.20 -28.53 -45.28
C SER Y 222 20.60 -29.42 -46.36
N THR Z 1 29.09 10.98 -20.88
CA THR Z 1 30.41 10.44 -20.59
C THR Z 1 30.72 9.26 -21.52
N THR Z 2 31.89 9.30 -22.15
CA THR Z 2 32.32 8.22 -23.02
C THR Z 2 33.84 8.09 -22.94
N ILE Z 3 34.32 6.89 -22.66
CA ILE Z 3 35.74 6.59 -22.60
C ILE Z 3 36.01 5.43 -23.55
N VAL Z 4 36.98 5.59 -24.44
CA VAL Z 4 37.31 4.57 -25.42
C VAL Z 4 38.73 4.09 -25.19
N ALA Z 5 38.98 2.83 -25.55
CA ALA Z 5 40.31 2.25 -25.48
C ALA Z 5 40.49 1.30 -26.65
N LEU Z 6 41.69 1.28 -27.23
CA LEU Z 6 41.95 0.41 -28.35
C LEU Z 6 43.41 0.01 -28.40
N LYS Z 7 43.68 -1.03 -29.19
CA LYS Z 7 45.00 -1.64 -29.31
C LYS Z 7 45.61 -1.33 -30.66
N TYR Z 8 46.91 -1.12 -30.69
CA TYR Z 8 47.67 -0.99 -31.91
C TYR Z 8 48.94 -1.81 -31.76
N PRO Z 9 49.56 -2.22 -32.86
CA PRO Z 9 50.81 -3.00 -32.74
C PRO Z 9 51.88 -2.22 -32.01
N GLY Z 10 52.19 -2.63 -30.79
CA GLY Z 10 53.11 -1.92 -29.93
C GLY Z 10 52.52 -1.47 -28.60
N GLY Z 11 51.20 -1.32 -28.50
CA GLY Z 11 50.62 -0.88 -27.23
C GLY Z 11 49.16 -0.55 -27.33
N VAL Z 12 48.71 0.31 -26.42
CA VAL Z 12 47.31 0.67 -26.26
C VAL Z 12 47.17 2.19 -26.17
N VAL Z 13 45.97 2.67 -26.50
CA VAL Z 13 45.65 4.09 -26.39
C VAL Z 13 44.25 4.22 -25.80
N MET Z 14 44.10 5.13 -24.84
CA MET Z 14 42.85 5.38 -24.16
C MET Z 14 42.51 6.86 -24.23
N ALA Z 15 41.24 7.18 -24.46
CA ALA Z 15 40.81 8.56 -24.63
C ALA Z 15 39.48 8.80 -23.92
N GLY Z 16 39.27 10.05 -23.50
CA GLY Z 16 38.05 10.41 -22.80
C GLY Z 16 37.69 11.88 -22.98
N ASP Z 17 36.42 12.17 -22.75
CA ASP Z 17 35.85 13.50 -22.92
C ASP Z 17 35.89 14.29 -21.60
N ARG Z 18 35.31 15.49 -21.62
CA ARG Z 18 35.48 16.43 -20.51
C ARG Z 18 34.19 17.05 -20.00
N ARG Z 19 33.02 16.56 -20.40
CA ARG Z 19 31.76 17.16 -19.99
C ARG Z 19 31.22 16.51 -18.72
N SER Z 20 30.74 17.35 -17.80
CA SER Z 20 30.04 16.88 -16.60
C SER Z 20 28.70 17.59 -16.50
N THR Z 21 27.62 16.83 -16.31
CA THR Z 21 26.27 17.36 -16.32
C THR Z 21 25.54 16.96 -15.05
N GLN Z 22 24.54 17.77 -14.70
CA GLN Z 22 23.64 17.50 -13.57
C GLN Z 22 22.23 17.55 -14.13
N GLY Z 23 21.74 16.41 -14.63
CA GLY Z 23 20.48 16.37 -15.33
C GLY Z 23 20.60 16.87 -16.75
N ASN Z 24 19.92 17.97 -17.06
CA ASN Z 24 20.06 18.63 -18.35
C ASN Z 24 20.86 19.92 -18.26
N MET Z 25 21.42 20.23 -17.09
CA MET Z 25 22.24 21.41 -16.88
C MET Z 25 23.71 21.05 -16.96
N ILE Z 26 24.48 21.86 -17.68
CA ILE Z 26 25.92 21.63 -17.80
C ILE Z 26 26.61 22.21 -16.57
N SER Z 27 27.38 21.38 -15.88
CA SER Z 27 28.05 21.76 -14.65
C SER Z 27 29.56 21.90 -14.78
N GLY Z 28 30.20 21.06 -15.60
CA GLY Z 28 31.64 21.10 -15.76
C GLY Z 28 32.09 20.96 -17.19
N ARG Z 29 33.12 21.70 -17.57
CA ARG Z 29 33.58 21.76 -18.96
C ARG Z 29 34.96 21.19 -19.18
N ASP Z 30 35.78 21.04 -18.14
CA ASP Z 30 37.16 20.58 -18.29
C ASP Z 30 37.49 19.49 -17.27
N VAL Z 31 36.59 18.54 -17.11
CA VAL Z 31 36.82 17.42 -16.18
C VAL Z 31 37.74 16.40 -16.84
N ARG Z 32 38.67 15.87 -16.05
CA ARG Z 32 39.60 14.84 -16.50
C ARG Z 32 39.12 13.49 -15.99
N LYS Z 33 38.95 12.53 -16.91
CA LYS Z 33 38.35 11.24 -16.58
C LYS Z 33 39.29 10.07 -16.78
N VAL Z 34 40.56 10.32 -17.12
CA VAL Z 34 41.52 9.26 -17.38
C VAL Z 34 42.72 9.46 -16.45
N TYR Z 35 43.13 8.37 -15.79
CA TYR Z 35 44.19 8.42 -14.80
C TYR Z 35 45.28 7.41 -15.15
N ILE Z 36 46.50 7.71 -14.71
CA ILE Z 36 47.63 6.81 -14.87
C ILE Z 36 47.85 6.14 -13.51
N THR Z 37 47.46 4.87 -13.40
CA THR Z 37 47.55 4.18 -12.12
C THR Z 37 49.01 3.86 -11.77
N ASP Z 38 49.76 3.32 -12.71
CA ASP Z 38 51.17 3.02 -12.49
C ASP Z 38 51.90 3.14 -13.82
N ASP Z 39 53.11 2.59 -13.89
CA ASP Z 39 53.97 2.78 -15.06
C ASP Z 39 53.42 2.11 -16.31
N TYR Z 40 52.49 1.15 -16.19
CA TYR Z 40 52.05 0.40 -17.35
C TYR Z 40 50.54 0.17 -17.37
N THR Z 41 49.77 0.92 -16.60
CA THR Z 41 48.33 0.69 -16.50
C THR Z 41 47.59 2.00 -16.42
N ALA Z 42 46.45 2.08 -17.12
CA ALA Z 42 45.57 3.24 -17.10
C ALA Z 42 44.13 2.78 -16.85
N THR Z 43 43.39 3.63 -16.15
CA THR Z 43 42.01 3.33 -15.78
C THR Z 43 41.10 4.49 -16.11
N GLY Z 44 39.89 4.18 -16.55
CA GLY Z 44 38.88 5.20 -16.80
C GLY Z 44 37.53 4.80 -16.25
N ILE Z 45 36.96 5.63 -15.37
CA ILE Z 45 35.73 5.30 -14.65
C ILE Z 45 34.62 6.24 -15.09
N ALA Z 46 33.42 5.68 -15.28
CA ALA Z 46 32.24 6.44 -15.64
C ALA Z 46 31.17 6.30 -14.56
N GLY Z 47 30.38 7.35 -14.39
CA GLY Z 47 29.31 7.34 -13.40
C GLY Z 47 29.34 8.54 -12.49
N THR Z 48 29.10 8.33 -11.19
CA THR Z 48 29.18 9.40 -10.23
C THR Z 48 30.62 9.85 -10.07
N ALA Z 49 30.84 11.16 -10.08
CA ALA Z 49 32.21 11.70 -10.10
C ALA Z 49 32.95 11.36 -8.81
N ALA Z 50 32.31 11.60 -7.66
CA ALA Z 50 33.00 11.39 -6.38
C ALA Z 50 33.42 9.94 -6.20
N VAL Z 51 32.52 9.00 -6.55
CA VAL Z 51 32.86 7.59 -6.46
C VAL Z 51 34.02 7.26 -7.38
N ALA Z 52 34.05 7.87 -8.57
CA ALA Z 52 35.12 7.59 -9.52
C ALA Z 52 36.47 8.05 -8.99
N VAL Z 53 36.54 9.28 -8.46
CA VAL Z 53 37.81 9.78 -7.93
C VAL Z 53 38.24 8.95 -6.72
N GLU Z 54 37.29 8.61 -5.85
CA GLU Z 54 37.62 7.79 -4.69
C GLU Z 54 38.17 6.44 -5.11
N PHE Z 55 37.52 5.79 -6.08
CA PHE Z 55 37.98 4.49 -6.58
C PHE Z 55 39.38 4.61 -7.18
N ALA Z 56 39.62 5.66 -7.96
CA ALA Z 56 40.93 5.81 -8.60
C ALA Z 56 42.03 6.01 -7.57
N ARG Z 57 41.82 6.92 -6.61
CA ARG Z 57 42.85 7.20 -5.63
C ARG Z 57 43.10 5.98 -4.76
N LEU Z 58 42.04 5.25 -4.40
CA LEU Z 58 42.18 4.03 -3.60
C LEU Z 58 42.94 2.94 -4.36
N TYR Z 59 42.62 2.74 -5.64
CA TYR Z 59 43.32 1.74 -6.44
C TYR Z 59 44.80 2.05 -6.56
N ALA Z 60 45.13 3.31 -6.83
CA ALA Z 60 46.54 3.70 -6.93
C ALA Z 60 47.27 3.46 -5.61
N VAL Z 61 46.65 3.85 -4.49
CA VAL Z 61 47.29 3.67 -3.19
C VAL Z 61 47.49 2.18 -2.89
N GLU Z 62 46.50 1.35 -3.22
CA GLU Z 62 46.63 -0.08 -2.95
C GLU Z 62 47.76 -0.70 -3.77
N LEU Z 63 47.86 -0.35 -5.05
CA LEU Z 63 48.93 -0.87 -5.88
C LEU Z 63 50.30 -0.45 -5.35
N GLU Z 64 50.44 0.84 -5.01
CA GLU Z 64 51.71 1.32 -4.49
C GLU Z 64 52.06 0.66 -3.16
N HIS Z 65 51.06 0.45 -2.31
CA HIS Z 65 51.28 -0.18 -1.01
C HIS Z 65 51.79 -1.62 -1.19
N TYR Z 66 51.16 -2.38 -2.08
CA TYR Z 66 51.65 -3.74 -2.32
C TYR Z 66 53.06 -3.73 -2.89
N GLU Z 67 53.34 -2.82 -3.83
CA GLU Z 67 54.67 -2.77 -4.43
C GLU Z 67 55.73 -2.45 -3.38
N LYS Z 68 55.43 -1.52 -2.47
CA LYS Z 68 56.40 -1.17 -1.43
C LYS Z 68 56.55 -2.30 -0.41
N LEU Z 69 55.45 -2.98 -0.07
CA LEU Z 69 55.52 -4.02 0.95
C LEU Z 69 56.30 -5.23 0.46
N GLU Z 70 55.99 -5.72 -0.74
CA GLU Z 70 56.58 -6.97 -1.22
C GLU Z 70 57.86 -6.78 -2.02
N GLY Z 71 58.19 -5.56 -2.40
CA GLY Z 71 59.40 -5.33 -3.18
C GLY Z 71 59.31 -5.74 -4.63
N VAL Z 72 58.12 -6.14 -5.10
CA VAL Z 72 57.92 -6.57 -6.47
C VAL Z 72 56.49 -6.18 -6.88
N PRO Z 73 56.27 -5.70 -8.09
CA PRO Z 73 54.92 -5.32 -8.51
C PRO Z 73 54.03 -6.54 -8.74
N LEU Z 74 52.72 -6.30 -8.67
CA LEU Z 74 51.74 -7.34 -8.92
C LEU Z 74 51.70 -7.70 -10.40
N THR Z 75 51.22 -8.91 -10.67
CA THR Z 75 50.96 -9.33 -12.05
C THR Z 75 49.61 -8.77 -12.51
N PHE Z 76 49.35 -8.92 -13.81
CA PHE Z 76 48.14 -8.34 -14.38
C PHE Z 76 46.88 -8.97 -13.81
N ALA Z 77 46.90 -10.29 -13.62
CA ALA Z 77 45.74 -10.98 -13.06
C ALA Z 77 45.44 -10.51 -11.64
N GLY Z 78 46.50 -10.27 -10.85
CA GLY Z 78 46.29 -9.74 -9.51
C GLY Z 78 45.64 -8.37 -9.50
N LYS Z 79 46.07 -7.49 -10.40
CA LYS Z 79 45.45 -6.17 -10.51
C LYS Z 79 43.99 -6.29 -10.94
N ILE Z 80 43.71 -7.18 -11.89
CA ILE Z 80 42.32 -7.41 -12.31
C ILE Z 80 41.48 -7.89 -11.14
N ASN Z 81 42.02 -8.82 -10.35
CA ASN Z 81 41.28 -9.34 -9.19
C ASN Z 81 41.02 -8.25 -8.17
N ARG Z 82 42.02 -7.40 -7.89
CA ARG Z 82 41.82 -6.32 -6.93
C ARG Z 82 40.76 -5.34 -7.41
N LEU Z 83 40.80 -4.98 -8.69
CA LEU Z 83 39.79 -4.07 -9.23
C LEU Z 83 38.40 -4.70 -9.19
N ALA Z 84 38.31 -5.99 -9.51
CA ALA Z 84 37.03 -6.67 -9.47
C ALA Z 84 36.47 -6.73 -8.05
N ILE Z 85 37.32 -6.96 -7.06
CA ILE Z 85 36.89 -6.95 -5.67
C ILE Z 85 36.38 -5.57 -5.28
N MET Z 86 37.12 -4.52 -5.67
CA MET Z 86 36.69 -3.16 -5.36
C MET Z 86 35.34 -2.85 -5.99
N VAL Z 87 35.13 -3.27 -7.23
CA VAL Z 87 33.84 -3.05 -7.89
C VAL Z 87 32.73 -3.84 -7.21
N ARG Z 88 33.01 -5.10 -6.87
CA ARG Z 88 31.99 -5.94 -6.24
C ARG Z 88 31.57 -5.40 -4.89
N GLY Z 89 32.49 -4.76 -4.16
CA GLY Z 89 32.15 -4.24 -2.85
C GLY Z 89 31.19 -3.07 -2.86
N ASN Z 90 30.93 -2.45 -4.01
CA ASN Z 90 30.10 -1.26 -4.11
C ASN Z 90 28.72 -1.58 -4.67
N LEU Z 91 28.35 -2.86 -4.72
CA LEU Z 91 27.07 -3.28 -5.30
C LEU Z 91 25.89 -2.63 -4.58
N ALA Z 92 25.92 -2.66 -3.23
CA ALA Z 92 24.85 -2.07 -2.46
C ALA Z 92 24.74 -0.57 -2.71
N ALA Z 93 25.88 0.12 -2.78
CA ALA Z 93 25.87 1.54 -3.14
C ALA Z 93 25.66 1.76 -4.63
N ALA Z 94 26.01 0.77 -5.47
CA ALA Z 94 25.68 0.87 -6.89
C ALA Z 94 24.18 0.97 -7.09
N MET Z 95 23.42 0.14 -6.37
CA MET Z 95 22.00 0.37 -6.28
C MET Z 95 21.73 1.63 -5.47
N GLN Z 96 20.55 2.21 -5.69
CA GLN Z 96 20.03 3.42 -5.03
C GLN Z 96 20.74 4.70 -5.50
N GLY Z 97 21.76 4.60 -6.35
CA GLY Z 97 22.23 5.79 -7.06
C GLY Z 97 23.67 6.24 -6.85
N LEU Z 98 24.58 5.32 -6.55
CA LEU Z 98 26.01 5.63 -6.51
C LEU Z 98 26.75 4.55 -7.31
N LEU Z 99 26.82 4.72 -8.62
CA LEU Z 99 27.34 3.70 -9.53
C LEU Z 99 28.61 4.18 -10.20
N ALA Z 100 29.61 3.30 -10.26
CA ALA Z 100 30.87 3.56 -10.95
C ALA Z 100 31.26 2.34 -11.76
N LEU Z 101 31.56 2.54 -13.04
CA LEU Z 101 31.94 1.47 -13.94
C LEU Z 101 33.32 1.74 -14.51
N PRO Z 102 34.33 0.90 -14.23
CA PRO Z 102 35.68 1.17 -14.75
C PRO Z 102 36.00 0.45 -16.04
N LEU Z 103 37.08 0.88 -16.68
CA LEU Z 103 37.67 0.25 -17.85
C LEU Z 103 39.19 0.31 -17.70
N LEU Z 104 39.87 -0.79 -17.98
CA LEU Z 104 41.30 -0.89 -17.71
C LEU Z 104 42.07 -1.15 -19.00
N ALA Z 105 43.21 -0.48 -19.15
CA ALA Z 105 44.13 -0.71 -20.26
C ALA Z 105 45.53 -0.91 -19.70
N GLY Z 106 46.30 -1.80 -20.33
CA GLY Z 106 47.61 -2.08 -19.79
C GLY Z 106 48.53 -2.72 -20.80
N TYR Z 107 49.81 -2.77 -20.42
CA TYR Z 107 50.87 -3.41 -21.21
C TYR Z 107 51.55 -4.45 -20.34
N ASP Z 108 51.57 -5.69 -20.82
CA ASP Z 108 52.16 -6.81 -20.08
C ASP Z 108 53.62 -6.95 -20.45
N ILE Z 109 54.50 -6.80 -19.46
CA ILE Z 109 55.94 -6.92 -19.69
C ILE Z 109 56.44 -8.36 -19.59
N HIS Z 110 55.62 -9.27 -19.07
CA HIS Z 110 55.99 -10.68 -18.97
C HIS Z 110 55.53 -11.50 -20.18
N ALA Z 111 54.89 -10.87 -21.16
CA ALA Z 111 54.45 -11.60 -22.34
C ALA Z 111 55.65 -11.98 -23.22
N SER Z 112 55.57 -13.18 -23.82
CA SER Z 112 56.66 -13.65 -24.67
C SER Z 112 56.80 -12.78 -25.92
N ASP Z 113 55.70 -12.40 -26.54
CA ASP Z 113 55.74 -11.60 -27.76
C ASP Z 113 55.46 -10.15 -27.41
N PRO Z 114 56.41 -9.24 -27.59
CA PRO Z 114 56.17 -7.82 -27.24
C PRO Z 114 55.10 -7.17 -28.09
N GLN Z 115 54.85 -7.65 -29.31
CA GLN Z 115 53.85 -7.03 -30.17
C GLN Z 115 52.45 -7.19 -29.59
N SER Z 116 52.11 -8.39 -29.15
CA SER Z 116 50.79 -8.66 -28.58
C SER Z 116 50.87 -8.65 -27.05
N ALA Z 117 51.16 -7.47 -26.51
CA ALA Z 117 51.25 -7.28 -25.08
C ALA Z 117 50.22 -6.30 -24.52
N GLY Z 118 49.41 -5.68 -25.38
CA GLY Z 118 48.39 -4.75 -24.91
C GLY Z 118 47.12 -5.48 -24.50
N ARG Z 119 46.57 -5.10 -23.36
CA ARG Z 119 45.40 -5.74 -22.79
C ARG Z 119 44.34 -4.69 -22.45
N ILE Z 120 43.09 -5.03 -22.72
CA ILE Z 120 41.94 -4.19 -22.40
C ILE Z 120 40.94 -5.03 -21.62
N VAL Z 121 40.52 -4.54 -20.45
CA VAL Z 121 39.62 -5.27 -19.56
C VAL Z 121 38.40 -4.41 -19.27
N SER Z 122 37.22 -5.02 -19.38
CA SER Z 122 35.96 -4.37 -19.07
C SER Z 122 35.31 -5.05 -17.87
N PHE Z 123 34.44 -4.31 -17.18
CA PHE Z 123 33.82 -4.78 -15.95
C PHE Z 123 32.33 -4.52 -15.99
N ASP Z 124 31.59 -5.27 -15.18
CA ASP Z 124 30.15 -5.11 -15.04
C ASP Z 124 29.80 -4.72 -13.61
N ALA Z 125 28.53 -4.36 -13.40
CA ALA Z 125 28.09 -3.81 -12.12
C ALA Z 125 28.15 -4.83 -10.98
N ALA Z 126 28.19 -6.12 -11.29
CA ALA Z 126 28.25 -7.16 -10.28
C ALA Z 126 29.67 -7.58 -9.94
N GLY Z 127 30.68 -7.06 -10.63
CA GLY Z 127 32.06 -7.40 -10.39
C GLY Z 127 32.66 -8.38 -11.38
N GLY Z 128 31.92 -8.79 -12.40
CA GLY Z 128 32.48 -9.67 -13.42
C GLY Z 128 33.33 -8.90 -14.42
N TRP Z 129 34.44 -9.50 -14.82
CA TRP Z 129 35.39 -8.88 -15.72
C TRP Z 129 35.56 -9.71 -16.98
N ASN Z 130 35.89 -9.04 -18.08
CA ASN Z 130 36.09 -9.68 -19.36
C ASN Z 130 37.30 -9.08 -20.06
N ILE Z 131 38.13 -9.93 -20.65
CA ILE Z 131 39.30 -9.51 -21.41
C ILE Z 131 38.91 -9.45 -22.88
N GLU Z 132 39.07 -8.27 -23.48
CA GLU Z 132 38.66 -8.08 -24.86
C GLU Z 132 39.64 -8.74 -25.83
N GLU Z 133 39.09 -9.26 -26.93
CA GLU Z 133 39.89 -9.88 -27.97
C GLU Z 133 39.62 -9.31 -29.36
N GLU Z 134 38.73 -8.32 -29.49
CA GLU Z 134 38.45 -7.71 -30.78
C GLU Z 134 39.30 -6.49 -31.07
N GLY Z 135 39.90 -5.88 -30.04
CA GLY Z 135 40.83 -4.79 -30.23
C GLY Z 135 40.35 -3.43 -29.77
N TYR Z 136 39.10 -3.29 -29.34
CA TYR Z 136 38.60 -1.99 -28.90
C TYR Z 136 37.46 -2.19 -27.91
N GLN Z 137 37.22 -1.15 -27.11
CA GLN Z 137 36.14 -1.17 -26.13
C GLN Z 137 35.78 0.27 -25.77
N ALA Z 138 34.52 0.45 -25.36
CA ALA Z 138 34.03 1.76 -24.96
C ALA Z 138 33.11 1.60 -23.75
N VAL Z 139 33.13 2.60 -22.88
CA VAL Z 139 32.29 2.63 -21.69
C VAL Z 139 31.64 4.01 -21.58
N GLY Z 140 30.47 4.05 -20.96
CA GLY Z 140 29.72 5.27 -20.77
C GLY Z 140 28.35 5.20 -21.43
N SER Z 141 27.65 6.34 -21.41
CA SER Z 141 26.32 6.41 -22.00
C SER Z 141 26.34 6.49 -23.52
N GLY Z 142 27.45 6.92 -24.11
CA GLY Z 142 27.57 6.97 -25.56
C GLY Z 142 28.45 5.89 -26.13
N SER Z 143 28.58 4.78 -25.39
CA SER Z 143 29.51 3.73 -25.79
C SER Z 143 29.04 2.99 -27.04
N LEU Z 144 27.73 2.88 -27.25
CA LEU Z 144 27.23 2.15 -28.41
C LEU Z 144 27.62 2.83 -29.71
N PHE Z 145 27.46 4.15 -29.79
CA PHE Z 145 27.84 4.88 -31.00
C PHE Z 145 29.33 4.80 -31.26
N ALA Z 146 30.14 4.94 -30.22
CA ALA Z 146 31.59 4.84 -30.37
C ALA Z 146 31.99 3.44 -30.84
N LYS Z 147 31.38 2.41 -30.27
CA LYS Z 147 31.68 1.04 -30.69
C LYS Z 147 31.30 0.81 -32.15
N SER Z 148 30.13 1.32 -32.55
CA SER Z 148 29.71 1.16 -33.94
C SER Z 148 30.60 1.93 -34.90
N SER Z 149 31.15 3.06 -34.46
CA SER Z 149 32.09 3.79 -35.31
C SER Z 149 33.42 3.06 -35.42
N MET Z 150 33.93 2.54 -34.29
CA MET Z 150 35.18 1.80 -34.33
C MET Z 150 35.07 0.51 -35.14
N LYS Z 151 33.89 -0.12 -35.12
CA LYS Z 151 33.69 -1.34 -35.90
C LYS Z 151 33.98 -1.11 -37.38
N LYS Z 152 33.73 0.11 -37.88
CA LYS Z 152 33.99 0.45 -39.26
C LYS Z 152 35.35 1.11 -39.47
N LEU Z 153 35.87 1.81 -38.47
CA LEU Z 153 37.13 2.54 -38.61
C LEU Z 153 38.36 1.77 -38.13
N TYR Z 154 38.20 0.53 -37.66
CA TYR Z 154 39.34 -0.20 -37.11
C TYR Z 154 40.30 -0.71 -38.17
N SER Z 155 39.88 -0.82 -39.43
CA SER Z 155 40.76 -1.37 -40.46
C SER Z 155 41.89 -0.42 -40.82
N GLN Z 156 41.83 0.85 -40.40
CA GLN Z 156 42.86 1.82 -40.74
C GLN Z 156 43.99 1.90 -39.73
N VAL Z 157 43.85 1.25 -38.58
CA VAL Z 157 44.85 1.38 -37.52
C VAL Z 157 46.09 0.58 -37.89
N THR Z 158 47.23 1.26 -37.90
CA THR Z 158 48.53 0.65 -38.17
C THR Z 158 49.54 0.92 -37.08
N ASP Z 159 49.51 2.09 -36.46
CA ASP Z 159 50.46 2.48 -35.43
C ASP Z 159 49.75 3.41 -34.45
N GLY Z 160 50.52 4.11 -33.62
CA GLY Z 160 49.94 4.94 -32.59
C GLY Z 160 49.15 6.12 -33.13
N ASP Z 161 49.67 6.76 -34.18
CA ASP Z 161 48.99 7.91 -34.75
C ASP Z 161 47.63 7.52 -35.33
N SER Z 162 47.57 6.40 -36.05
CA SER Z 162 46.31 5.94 -36.61
C SER Z 162 45.30 5.62 -35.52
N GLY Z 163 45.76 4.95 -34.46
CA GLY Z 163 44.87 4.62 -33.36
C GLY Z 163 44.35 5.86 -32.64
N LEU Z 164 45.21 6.85 -32.43
CA LEU Z 164 44.78 8.09 -31.80
C LEU Z 164 43.74 8.81 -32.65
N ARG Z 165 43.97 8.87 -33.97
CA ARG Z 165 42.99 9.49 -34.86
C ARG Z 165 41.65 8.76 -34.81
N VAL Z 166 41.69 7.43 -34.80
CA VAL Z 166 40.45 6.65 -34.75
C VAL Z 166 39.73 6.90 -33.43
N ALA Z 167 40.47 6.97 -32.32
CA ALA Z 167 39.85 7.23 -31.03
C ALA Z 167 39.19 8.61 -30.99
N VAL Z 168 39.87 9.63 -31.53
CA VAL Z 168 39.27 10.96 -31.57
C VAL Z 168 38.02 10.97 -32.43
N GLU Z 169 38.05 10.27 -33.57
CA GLU Z 169 36.86 10.21 -34.43
C GLU Z 169 35.71 9.51 -33.73
N ALA Z 170 35.99 8.42 -32.99
CA ALA Z 170 34.95 7.72 -32.26
C ALA Z 170 34.34 8.62 -31.18
N LEU Z 171 35.18 9.37 -30.47
CA LEU Z 171 34.67 10.31 -29.47
C LEU Z 171 33.82 11.38 -30.12
N TYR Z 172 34.23 11.87 -31.30
CA TYR Z 172 33.45 12.87 -32.02
C TYR Z 172 32.08 12.33 -32.41
N ASP Z 173 32.03 11.09 -32.90
CA ASP Z 173 30.75 10.49 -33.26
C ASP Z 173 29.87 10.30 -32.03
N ALA Z 174 30.46 9.87 -30.91
CA ALA Z 174 29.68 9.70 -29.69
C ALA Z 174 29.11 11.03 -29.21
N ALA Z 175 29.90 12.10 -29.29
CA ALA Z 175 29.38 13.42 -28.92
C ALA Z 175 28.33 13.91 -29.90
N ASP Z 176 28.45 13.54 -31.17
CA ASP Z 176 27.43 13.90 -32.16
C ASP Z 176 26.10 13.23 -31.85
N ASP Z 177 26.13 11.97 -31.41
CA ASP Z 177 24.90 11.23 -31.17
C ASP Z 177 24.35 11.37 -29.77
N ASP Z 178 25.16 11.76 -28.79
CA ASP Z 178 24.75 11.86 -27.40
C ASP Z 178 24.94 13.28 -26.89
N SER Z 179 23.95 13.76 -26.12
CA SER Z 179 24.00 15.11 -25.58
C SER Z 179 24.69 15.19 -24.22
N ALA Z 180 24.96 14.06 -23.58
CA ALA Z 180 25.69 14.03 -22.32
C ALA Z 180 27.19 13.90 -22.53
N THR Z 181 27.65 13.91 -23.77
CA THR Z 181 29.08 13.83 -24.09
C THR Z 181 29.52 15.15 -24.70
N GLY Z 182 30.67 15.64 -24.25
CA GLY Z 182 31.18 16.92 -24.71
C GLY Z 182 32.03 16.77 -25.96
N GLY Z 183 31.74 17.60 -26.96
CA GLY Z 183 32.51 17.63 -28.17
C GLY Z 183 33.64 18.64 -28.09
N PRO Z 184 34.45 18.73 -29.15
CA PRO Z 184 35.52 19.73 -29.15
C PRO Z 184 34.97 21.15 -29.05
N ASP Z 185 35.66 21.97 -28.27
CA ASP Z 185 35.30 23.37 -28.09
C ASP Z 185 36.39 24.23 -28.74
N LEU Z 186 36.01 24.94 -29.80
CA LEU Z 186 36.96 25.81 -30.49
C LEU Z 186 36.91 27.24 -29.98
N VAL Z 187 35.77 27.67 -29.43
CA VAL Z 187 35.69 29.00 -28.81
C VAL Z 187 36.59 29.06 -27.58
N ARG Z 188 36.55 28.03 -26.74
CA ARG Z 188 37.32 28.01 -25.51
C ARG Z 188 38.66 27.29 -25.64
N GLY Z 189 38.76 26.28 -26.50
CA GLY Z 189 39.99 25.55 -26.66
C GLY Z 189 40.14 24.39 -25.70
N ILE Z 190 39.11 23.56 -25.60
CA ILE Z 190 39.12 22.38 -24.74
C ILE Z 190 38.91 21.16 -25.60
N PHE Z 191 39.75 20.16 -25.43
CA PHE Z 191 39.78 18.95 -26.25
C PHE Z 191 39.86 17.72 -25.36
N PRO Z 192 39.50 16.55 -25.88
CA PRO Z 192 39.58 15.32 -25.07
C PRO Z 192 41.00 15.02 -24.64
N THR Z 193 41.11 14.12 -23.66
CA THR Z 193 42.40 13.74 -23.09
C THR Z 193 42.71 12.28 -23.43
N ALA Z 194 43.98 12.02 -23.73
CA ALA Z 194 44.43 10.71 -24.18
C ALA Z 194 45.70 10.29 -23.45
N VAL Z 195 45.85 8.97 -23.30
CA VAL Z 195 47.03 8.35 -22.70
C VAL Z 195 47.46 7.21 -23.59
N ILE Z 196 48.77 7.12 -23.86
CA ILE Z 196 49.32 6.08 -24.73
C ILE Z 196 50.28 5.24 -23.90
N ILE Z 197 50.10 3.92 -23.93
CA ILE Z 197 50.92 2.99 -23.17
C ILE Z 197 51.64 2.08 -24.16
N ASP Z 198 52.96 1.98 -24.01
CA ASP Z 198 53.78 1.13 -24.86
C ASP Z 198 54.91 0.55 -24.00
N ALA Z 199 55.90 -0.06 -24.67
CA ALA Z 199 56.98 -0.74 -23.96
C ALA Z 199 57.77 0.19 -23.06
N ASP Z 200 57.76 1.50 -23.34
CA ASP Z 200 58.49 2.45 -22.51
C ASP Z 200 57.67 2.98 -21.34
N GLY Z 201 56.38 2.64 -21.25
CA GLY Z 201 55.54 3.08 -20.16
C GLY Z 201 54.31 3.77 -20.67
N ALA Z 202 53.66 4.53 -19.78
CA ALA Z 202 52.43 5.26 -20.09
C ALA Z 202 52.71 6.75 -20.09
N VAL Z 203 52.35 7.42 -21.17
CA VAL Z 203 52.62 8.85 -21.36
C VAL Z 203 51.33 9.57 -21.72
N ASP Z 204 51.14 10.75 -21.16
CA ASP Z 204 50.03 11.61 -21.54
C ASP Z 204 50.31 12.26 -22.89
N VAL Z 205 49.28 12.35 -23.72
CA VAL Z 205 49.42 12.94 -25.05
C VAL Z 205 49.30 14.46 -24.92
N PRO Z 206 50.22 15.22 -25.53
CA PRO Z 206 50.08 16.69 -25.49
C PRO Z 206 48.84 17.16 -26.24
N GLU Z 207 48.32 18.31 -25.81
CA GLU Z 207 47.04 18.79 -26.33
C GLU Z 207 47.15 19.31 -27.76
N SER Z 208 48.35 19.69 -28.22
CA SER Z 208 48.48 20.22 -29.57
C SER Z 208 48.16 19.18 -30.63
N ARG Z 209 48.62 17.95 -30.44
CA ARG Z 209 48.34 16.87 -31.39
C ARG Z 209 46.84 16.59 -31.47
N ILE Z 210 46.18 16.55 -30.32
CA ILE Z 210 44.74 16.28 -30.29
C ILE Z 210 43.97 17.43 -30.94
N ALA Z 211 44.41 18.66 -30.70
CA ALA Z 211 43.77 19.81 -31.34
C ALA Z 211 43.92 19.74 -32.86
N GLU Z 212 45.11 19.38 -33.34
CA GLU Z 212 45.33 19.25 -34.78
C GLU Z 212 44.45 18.15 -35.37
N LEU Z 213 44.37 17.01 -34.71
CA LEU Z 213 43.55 15.91 -35.20
C LEU Z 213 42.07 16.29 -35.22
N ALA Z 214 41.60 16.97 -34.17
CA ALA Z 214 40.20 17.38 -34.11
C ALA Z 214 39.88 18.39 -35.19
N ARG Z 215 40.79 19.34 -35.44
CA ARG Z 215 40.58 20.31 -36.51
C ARG Z 215 40.53 19.63 -37.87
N ALA Z 216 41.42 18.65 -38.09
CA ALA Z 216 41.39 17.92 -39.35
C ALA Z 216 40.09 17.16 -39.53
N ILE Z 217 39.61 16.51 -38.47
CA ILE Z 217 38.36 15.77 -38.56
C ILE Z 217 37.18 16.70 -38.82
N ILE Z 218 37.15 17.85 -38.14
CA ILE Z 218 36.07 18.81 -38.34
C ILE Z 218 36.08 19.33 -39.77
N GLU Z 219 37.28 19.64 -40.30
CA GLU Z 219 37.36 20.08 -41.69
C GLU Z 219 36.89 19.00 -42.65
N SER Z 220 37.25 17.74 -42.38
CA SER Z 220 36.82 16.64 -43.24
C SER Z 220 35.30 16.49 -43.24
N ARG Z 221 34.68 16.61 -42.06
CA ARG Z 221 33.23 16.44 -41.98
C ARG Z 221 32.48 17.60 -42.62
N SER Z 222 33.06 18.80 -42.60
CA SER Z 222 32.41 19.97 -43.18
C SER Z 222 32.35 19.88 -44.70
N THR AA 1 18.87 32.35 0.20
CA THR AA 1 20.28 32.34 0.55
C THR AA 1 21.14 32.33 -0.70
N THR AA 2 22.11 33.23 -0.78
CA THR AA 2 23.03 33.28 -1.90
C THR AA 2 24.39 33.76 -1.40
N ILE AA 3 25.43 32.99 -1.71
CA ILE AA 3 26.81 33.32 -1.36
C ILE AA 3 27.63 33.31 -2.64
N VAL AA 4 28.36 34.39 -2.89
CA VAL AA 4 29.16 34.52 -4.10
C VAL AA 4 30.63 34.63 -3.72
N ALA AA 5 31.49 34.16 -4.62
CA ALA AA 5 32.93 34.28 -4.45
C ALA AA 5 33.57 34.51 -5.81
N LEU AA 6 34.60 35.35 -5.84
CA LEU AA 6 35.26 35.63 -7.12
C LEU AA 6 36.71 36.00 -6.88
N LYS AA 7 37.48 35.96 -7.96
CA LYS AA 7 38.92 36.16 -7.97
C LYS AA 7 39.25 37.50 -8.61
N TYR AA 8 40.25 38.18 -8.07
CA TYR AA 8 40.82 39.37 -8.66
C TYR AA 8 42.34 39.24 -8.60
N PRO AA 9 43.07 39.96 -9.44
CA PRO AA 9 44.54 39.87 -9.38
C PRO AA 9 45.05 40.33 -8.03
N GLY AA 10 45.55 39.38 -7.24
CA GLY AA 10 45.97 39.64 -5.88
C GLY AA 10 45.26 38.81 -4.83
N GLY AA 11 44.05 38.32 -5.10
CA GLY AA 11 43.35 37.54 -4.10
C GLY AA 11 41.92 37.22 -4.47
N VAL AA 12 41.10 37.00 -3.44
CA VAL AA 12 39.72 36.58 -3.59
C VAL AA 12 38.82 37.43 -2.72
N VAL AA 13 37.54 37.48 -3.10
CA VAL AA 13 36.52 38.18 -2.31
C VAL AA 13 35.27 37.31 -2.26
N MET AA 14 34.68 37.21 -1.07
CA MET AA 14 33.48 36.42 -0.83
C MET AA 14 32.42 37.28 -0.16
N ALA AA 15 31.17 37.13 -0.58
CA ALA AA 15 30.07 37.95 -0.08
C ALA AA 15 28.83 37.11 0.15
N GLY AA 16 28.00 37.54 1.09
CA GLY AA 16 26.79 36.83 1.43
C GLY AA 16 25.71 37.75 2.00
N ASP AA 17 24.47 37.27 1.91
CA ASP AA 17 23.29 38.01 2.34
C ASP AA 17 22.93 37.66 3.78
N ARG AA 18 21.81 38.20 4.27
CA ARG AA 18 21.48 38.15 5.69
C ARG AA 18 20.06 37.69 6.00
N ARG AA 19 19.32 37.17 5.03
CA ARG AA 19 17.93 36.78 5.26
C ARG AA 19 17.82 35.32 5.67
N SER AA 20 16.99 35.06 6.67
CA SER AA 20 16.65 33.69 7.08
C SER AA 20 15.14 33.55 7.10
N THR AA 21 14.62 32.51 6.46
CA THR AA 21 13.19 32.32 6.30
C THR AA 21 12.78 30.93 6.78
N GLN AA 22 11.52 30.82 7.18
CA GLN AA 22 10.90 29.54 7.57
C GLN AA 22 9.66 29.38 6.70
N GLY AA 23 9.84 28.79 5.52
CA GLY AA 23 8.77 28.71 4.55
C GLY AA 23 8.60 30.01 3.80
N ASN AA 24 7.44 30.65 3.96
CA ASN AA 24 7.20 31.98 3.40
C ASN AA 24 7.21 33.06 4.47
N MET AA 25 7.54 32.71 5.71
CA MET AA 25 7.62 33.67 6.81
C MET AA 25 9.06 34.07 7.04
N ILE AA 26 9.30 35.36 7.21
CA ILE AA 26 10.65 35.88 7.48
C ILE AA 26 10.94 35.70 8.97
N SER AA 27 12.04 35.03 9.27
CA SER AA 27 12.44 34.74 10.65
C SER AA 27 13.64 35.52 11.12
N GLY AA 28 14.62 35.77 10.25
CA GLY AA 28 15.83 36.48 10.64
C GLY AA 28 16.27 37.51 9.62
N ARG AA 29 16.76 38.65 10.10
CA ARG AA 29 17.10 39.77 9.25
C ARG AA 29 18.58 40.11 9.21
N ASP AA 30 19.37 39.67 10.19
CA ASP AA 30 20.79 40.02 10.28
C ASP AA 30 21.64 38.77 10.55
N VAL AA 31 21.38 37.70 9.81
CA VAL AA 31 22.16 36.48 9.97
C VAL AA 31 23.47 36.62 9.21
N ARG AA 32 24.55 36.13 9.80
CA ARG AA 32 25.87 36.14 9.20
C ARG AA 32 26.18 34.75 8.66
N LYS AA 33 26.51 34.67 7.37
CA LYS AA 33 26.67 33.39 6.68
C LYS AA 33 28.09 33.15 6.18
N VAL AA 34 29.03 34.03 6.50
CA VAL AA 34 30.42 33.92 6.02
C VAL AA 34 31.33 33.91 7.22
N TYR AA 35 32.26 32.95 7.26
CA TYR AA 35 33.16 32.75 8.39
C TYR AA 35 34.61 32.77 7.92
N ILE AA 36 35.50 33.15 8.82
CA ILE AA 36 36.93 33.13 8.57
C ILE AA 36 37.49 31.91 9.30
N THR AA 37 37.81 30.86 8.53
CA THR AA 37 38.27 29.62 9.13
C THR AA 37 39.67 29.76 9.70
N ASP AA 38 40.59 30.34 8.95
CA ASP AA 38 41.96 30.57 9.41
C ASP AA 38 42.49 31.81 8.72
N ASP AA 39 43.82 31.99 8.76
CA ASP AA 39 44.44 33.22 8.27
C ASP AA 39 44.30 33.39 6.76
N TYR AA 40 44.01 32.33 6.01
CA TYR AA 40 44.00 32.44 4.56
C TYR AA 40 42.85 31.70 3.90
N THR AA 41 41.80 31.36 4.65
CA THR AA 41 40.69 30.57 4.12
C THR AA 41 39.38 31.07 4.67
N ALA AA 42 38.36 31.12 3.80
CA ALA AA 42 37.00 31.50 4.19
C ALA AA 42 36.02 30.47 3.64
N THR AA 43 34.94 30.25 4.39
CA THR AA 43 33.94 29.26 4.04
C THR AA 43 32.55 29.87 4.13
N GLY AA 44 31.66 29.47 3.23
CA GLY AA 44 30.28 29.89 3.28
C GLY AA 44 29.33 28.73 3.02
N ILE AA 45 28.42 28.46 3.95
CA ILE AA 45 27.56 27.29 3.90
C ILE AA 45 26.12 27.72 3.73
N ALA AA 46 25.39 27.01 2.87
CA ALA AA 46 23.97 27.26 2.63
C ALA AA 46 23.15 26.04 3.01
N GLY AA 47 21.92 26.28 3.46
CA GLY AA 47 21.04 25.21 3.85
C GLY AA 47 20.44 25.38 5.23
N THR AA 48 20.36 24.30 5.99
CA THR AA 48 19.88 24.38 7.37
C THR AA 48 20.89 25.14 8.23
N ALA AA 49 20.39 26.08 9.02
CA ALA AA 49 21.28 26.97 9.78
C ALA AA 49 22.10 26.21 10.80
N ALA AA 50 21.45 25.35 11.60
CA ALA AA 50 22.15 24.66 12.67
C ALA AA 50 23.26 23.77 12.12
N VAL AA 51 22.99 23.04 11.04
CA VAL AA 51 24.01 22.21 10.42
C VAL AA 51 25.16 23.07 9.92
N ALA AA 52 24.87 24.25 9.37
CA ALA AA 52 25.91 25.13 8.86
C ALA AA 52 26.82 25.62 9.97
N VAL AA 53 26.25 26.08 11.08
CA VAL AA 53 27.08 26.56 12.20
C VAL AA 53 27.88 25.41 12.79
N GLU AA 54 27.27 24.24 12.93
CA GLU AA 54 27.99 23.08 13.44
C GLU AA 54 29.16 22.71 12.55
N PHE AA 55 28.93 22.68 11.24
CA PHE AA 55 29.99 22.37 10.28
C PHE AA 55 31.12 23.38 10.37
N ALA AA 56 30.78 24.67 10.46
CA ALA AA 56 31.80 25.71 10.49
C ALA AA 56 32.65 25.60 11.75
N ARG AA 57 32.01 25.46 12.92
CA ARG AA 57 32.76 25.41 14.16
C ARG AA 57 33.62 24.16 14.21
N LEU AA 58 33.09 23.03 13.72
CA LEU AA 58 33.85 21.78 13.67
C LEU AA 58 35.06 21.90 12.74
N TYR AA 59 34.88 22.48 11.56
CA TYR AA 59 35.99 22.64 10.62
C TYR AA 59 37.08 23.51 11.20
N ALA AA 60 36.71 24.62 11.83
CA ALA AA 60 37.71 25.49 12.44
C ALA AA 60 38.47 24.77 13.54
N VAL AA 61 37.75 24.04 14.41
CA VAL AA 61 38.41 23.32 15.49
C VAL AA 61 39.35 22.26 14.94
N GLU AA 62 38.94 21.54 13.89
CA GLU AA 62 39.81 20.50 13.33
C GLU AA 62 41.08 21.09 12.74
N LEU AA 63 40.96 22.21 12.01
CA LEU AA 63 42.15 22.84 11.44
C LEU AA 63 43.10 23.32 12.54
N GLU AA 64 42.55 23.97 13.57
CA GLU AA 64 43.40 24.44 14.67
C GLU AA 64 44.05 23.28 15.40
N HIS AA 65 43.31 22.19 15.59
CA HIS AA 65 43.85 21.02 16.28
C HIS AA 65 45.02 20.43 15.52
N TYR AA 66 44.88 20.28 14.20
CA TYR AA 66 46.00 19.76 13.42
C TYR AA 66 47.20 20.70 13.47
N GLU AA 67 46.95 22.01 13.36
CA GLU AA 67 48.05 22.96 13.39
C GLU AA 67 48.80 22.90 14.72
N LYS AA 68 48.07 22.78 15.83
CA LYS AA 68 48.73 22.71 17.13
C LYS AA 68 49.46 21.38 17.32
N LEU AA 69 48.87 20.28 16.82
CA LEU AA 69 49.49 18.97 17.02
C LEU AA 69 50.78 18.83 16.23
N GLU AA 70 50.76 19.18 14.94
CA GLU AA 70 51.90 18.93 14.07
C GLU AA 70 52.88 20.09 14.00
N GLY AA 71 52.53 21.26 14.52
CA GLY AA 71 53.43 22.39 14.47
C GLY AA 71 53.55 23.05 13.10
N VAL AA 72 52.74 22.63 12.14
CA VAL AA 72 52.78 23.18 10.78
C VAL AA 72 51.35 23.13 10.23
N PRO AA 73 50.90 24.14 9.50
CA PRO AA 73 49.54 24.11 8.95
C PRO AA 73 49.42 23.13 7.78
N LEU AA 74 48.18 22.72 7.54
CA LEU AA 74 47.87 21.82 6.44
C LEU AA 74 48.01 22.55 5.10
N THR AA 75 48.23 21.77 4.04
CA THR AA 75 48.20 22.29 2.70
C THR AA 75 46.76 22.42 2.21
N PHE AA 76 46.60 23.08 1.06
CA PHE AA 76 45.27 23.34 0.55
C PHE AA 76 44.52 22.05 0.20
N ALA AA 77 45.22 21.09 -0.39
CA ALA AA 77 44.59 19.82 -0.75
C ALA AA 77 44.12 19.07 0.48
N GLY AA 78 44.89 19.13 1.57
CA GLY AA 78 44.47 18.49 2.81
C GLY AA 78 43.20 19.11 3.37
N LYS AA 79 43.10 20.43 3.34
CA LYS AA 79 41.89 21.10 3.79
C LYS AA 79 40.70 20.73 2.91
N ILE AA 80 40.90 20.66 1.60
CA ILE AA 80 39.84 20.25 0.69
C ILE AA 80 39.38 18.83 1.02
N ASN AA 81 40.34 17.93 1.27
CA ASN AA 81 40.00 16.55 1.60
C ASN AA 81 39.21 16.47 2.90
N ARG AA 82 39.63 17.22 3.92
CA ARG AA 82 38.90 17.21 5.19
C ARG AA 82 37.48 17.72 5.03
N LEU AA 83 37.31 18.82 4.28
CA LEU AA 83 35.97 19.36 4.05
C LEU AA 83 35.12 18.37 3.26
N ALA AA 84 35.71 17.71 2.26
CA ALA AA 84 34.97 16.73 1.47
C ALA AA 84 34.54 15.54 2.33
N ILE AA 85 35.40 15.09 3.23
CA ILE AA 85 35.03 14.00 4.14
C ILE AA 85 33.89 14.43 5.04
N MET AA 86 33.97 15.65 5.58
CA MET AA 86 32.90 16.15 6.44
C MET AA 86 31.57 16.23 5.70
N VAL AA 87 31.60 16.69 4.44
CA VAL AA 87 30.38 16.75 3.65
C VAL AA 87 29.85 15.35 3.34
N ARG AA 88 30.74 14.43 2.98
CA ARG AA 88 30.33 13.07 2.64
C ARG AA 88 29.70 12.36 3.81
N GLY AA 89 30.15 12.66 5.04
CA GLY AA 89 29.61 12.00 6.20
C GLY AA 89 28.18 12.37 6.55
N ASN AA 90 27.63 13.41 5.93
CA ASN AA 90 26.30 13.91 6.26
C ASN AA 90 25.27 13.52 5.19
N LEU AA 91 25.63 12.60 4.30
CA LEU AA 91 24.74 12.20 3.20
C LEU AA 91 23.42 11.65 3.72
N ALA AA 92 23.47 10.78 4.72
CA ALA AA 92 22.25 10.21 5.29
C ALA AA 92 21.38 11.29 5.91
N ALA AA 93 21.98 12.24 6.63
CA ALA AA 93 21.24 13.37 7.15
C ALA AA 93 20.93 14.41 6.08
N ALA AA 94 21.73 14.47 5.01
CA ALA AA 94 21.39 15.34 3.89
C ALA AA 94 20.05 14.92 3.29
N MET AA 95 19.84 13.63 3.11
CA MET AA 95 18.50 13.14 2.83
C MET AA 95 17.63 13.31 4.06
N GLN AA 96 16.31 13.35 3.84
CA GLN AA 96 15.25 13.50 4.83
C GLN AA 96 15.18 14.89 5.44
N GLY AA 97 16.09 15.80 5.09
CA GLY AA 97 15.88 17.21 5.39
C GLY AA 97 16.86 17.94 6.27
N LEU AA 98 18.14 17.52 6.28
CA LEU AA 98 19.20 18.27 6.97
C LEU AA 98 20.38 18.39 6.01
N LEU AA 99 20.33 19.40 5.13
CA LEU AA 99 21.28 19.54 4.06
C LEU AA 99 22.13 20.81 4.24
N ALA AA 100 23.43 20.67 4.03
CA ALA AA 100 24.36 21.80 4.09
C ALA AA 100 25.32 21.70 2.91
N LEU AA 101 25.45 22.79 2.15
CA LEU AA 101 26.33 22.85 0.99
C LEU AA 101 27.36 23.95 1.20
N PRO AA 102 28.65 23.63 1.26
CA PRO AA 102 29.67 24.67 1.48
C PRO AA 102 30.31 25.20 0.20
N LEU AA 103 30.98 26.33 0.33
CA LEU AA 103 31.81 26.92 -0.72
C LEU AA 103 33.06 27.47 -0.05
N LEU AA 104 34.22 27.23 -0.66
CA LEU AA 104 35.50 27.55 -0.04
C LEU AA 104 36.28 28.53 -0.90
N ALA AA 105 36.91 29.52 -0.25
CA ALA AA 105 37.79 30.46 -0.92
C ALA AA 105 39.10 30.54 -0.14
N GLY AA 106 40.21 30.69 -0.86
CA GLY AA 106 41.48 30.69 -0.16
C GLY AA 106 42.59 31.30 -0.98
N TYR AA 107 43.72 31.53 -0.30
CA TYR AA 107 44.94 32.07 -0.90
C TYR AA 107 46.07 31.10 -0.61
N ASP AA 108 46.74 30.63 -1.66
CA ASP AA 108 47.82 29.66 -1.53
C ASP AA 108 49.14 30.40 -1.40
N ILE AA 109 49.83 30.19 -0.27
CA ILE AA 109 51.12 30.84 -0.04
C ILE AA 109 52.29 30.06 -0.61
N HIS AA 110 52.08 28.81 -1.02
CA HIS AA 110 53.13 27.99 -1.61
C HIS AA 110 53.16 28.08 -3.12
N ALA AA 111 52.27 28.86 -3.73
CA ALA AA 111 52.26 29.01 -5.19
C ALA AA 111 53.46 29.80 -5.66
N SER AA 112 54.01 29.41 -6.81
CA SER AA 112 55.17 30.10 -7.35
C SER AA 112 54.83 31.53 -7.74
N ASP AA 113 53.68 31.74 -8.38
CA ASP AA 113 53.28 33.06 -8.83
C ASP AA 113 52.29 33.67 -7.85
N PRO AA 114 52.64 34.74 -7.14
CA PRO AA 114 51.69 35.32 -6.17
C PRO AA 114 50.43 35.88 -6.79
N GLN AA 115 50.46 36.27 -8.07
CA GLN AA 115 49.26 36.83 -8.70
C GLN AA 115 48.16 35.78 -8.82
N SER AA 116 48.50 34.59 -9.29
CA SER AA 116 47.53 33.50 -9.45
C SER AA 116 47.60 32.55 -8.26
N ALA AA 117 47.24 33.07 -7.09
CA ALA AA 117 47.24 32.29 -5.87
C ALA AA 117 45.85 32.13 -5.24
N GLY AA 118 44.82 32.75 -5.81
CA GLY AA 118 43.49 32.65 -5.28
C GLY AA 118 42.79 31.40 -5.80
N ARG AA 119 42.12 30.68 -4.91
CA ARG AA 119 41.47 29.43 -5.24
C ARG AA 119 40.02 29.45 -4.74
N ILE AA 120 39.13 28.91 -5.56
CA ILE AA 120 37.71 28.78 -5.22
C ILE AA 120 37.31 27.32 -5.45
N VAL AA 121 36.70 26.71 -4.43
CA VAL AA 121 36.33 25.30 -4.47
C VAL AA 121 34.85 25.17 -4.17
N SER AA 122 34.15 24.37 -4.99
CA SER AA 122 32.74 24.09 -4.82
C SER AA 122 32.56 22.61 -4.51
N PHE AA 123 31.44 22.28 -3.87
CA PHE AA 123 31.17 20.92 -3.41
C PHE AA 123 29.75 20.52 -3.81
N ASP AA 124 29.52 19.21 -3.86
CA ASP AA 124 28.21 18.65 -4.14
C ASP AA 124 27.73 17.81 -2.96
N ALA AA 125 26.46 17.41 -3.03
CA ALA AA 125 25.82 16.74 -1.90
C ALA AA 125 26.41 15.37 -1.60
N ALA AA 126 27.11 14.76 -2.55
CA ALA AA 126 27.71 13.45 -2.34
C ALA AA 126 29.15 13.52 -1.85
N GLY AA 127 29.72 14.72 -1.74
CA GLY AA 127 31.09 14.89 -1.30
C GLY AA 127 32.10 15.16 -2.39
N GLY AA 128 31.67 15.28 -3.65
CA GLY AA 128 32.60 15.60 -4.72
C GLY AA 128 32.91 17.09 -4.75
N TRP AA 129 34.17 17.41 -5.03
CA TRP AA 129 34.65 18.79 -5.02
C TRP AA 129 35.21 19.14 -6.40
N ASN AA 130 35.13 20.42 -6.74
CA ASN AA 130 35.62 20.93 -8.00
C ASN AA 130 36.33 22.26 -7.77
N ILE AA 131 37.47 22.44 -8.43
CA ILE AA 131 38.24 23.67 -8.37
C ILE AA 131 37.86 24.52 -9.57
N GLU AA 132 37.38 25.73 -9.31
CA GLU AA 132 36.92 26.61 -10.38
C GLU AA 132 38.08 27.19 -11.16
N GLU AA 133 37.87 27.37 -12.46
CA GLU AA 133 38.86 27.99 -13.33
C GLU AA 133 38.31 29.15 -14.15
N GLU AA 134 37.04 29.51 -13.98
CA GLU AA 134 36.46 30.64 -14.70
C GLU AA 134 36.56 31.95 -13.94
N GLY AA 135 36.77 31.91 -12.62
CA GLY AA 135 36.99 33.09 -11.83
C GLY AA 135 35.87 33.48 -10.88
N TYR AA 136 34.74 32.78 -10.90
CA TYR AA 136 33.64 33.12 -10.00
C TYR AA 136 32.78 31.89 -9.74
N GLN AA 137 32.05 31.92 -8.64
CA GLN AA 137 31.14 30.85 -8.28
C GLN AA 137 30.09 31.38 -7.31
N ALA AA 138 28.93 30.73 -7.31
CA ALA AA 138 27.83 31.11 -6.43
C ALA AA 138 27.15 29.84 -5.92
N VAL AA 139 26.65 29.92 -4.69
CA VAL AA 139 25.93 28.82 -4.06
C VAL AA 139 24.66 29.37 -3.43
N GLY AA 140 23.65 28.53 -3.32
CA GLY AA 140 22.37 28.88 -2.73
C GLY AA 140 21.24 28.72 -3.74
N SER AA 141 20.06 29.16 -3.31
CA SER AA 141 18.87 29.05 -4.15
C SER AA 141 18.82 30.11 -5.25
N GLY AA 142 19.55 31.22 -5.09
CA GLY AA 142 19.59 32.25 -6.10
C GLY AA 142 20.90 32.28 -6.85
N SER AA 143 21.60 31.15 -6.88
CA SER AA 143 22.94 31.11 -7.47
C SER AA 143 22.91 31.27 -8.98
N LEU AA 144 21.84 30.81 -9.64
CA LEU AA 144 21.79 30.91 -11.10
C LEU AA 144 21.75 32.36 -11.57
N PHE AA 145 20.93 33.19 -10.93
CA PHE AA 145 20.85 34.59 -11.30
C PHE AA 145 22.16 35.31 -11.04
N ALA AA 146 22.79 35.03 -9.91
CA ALA AA 146 24.08 35.66 -9.60
C ALA AA 146 25.15 35.23 -10.60
N LYS AA 147 25.17 33.95 -10.96
CA LYS AA 147 26.13 33.48 -11.95
C LYS AA 147 25.91 34.13 -13.31
N SER AA 148 24.65 34.26 -13.72
CA SER AA 148 24.35 34.90 -15.00
C SER AA 148 24.70 36.38 -14.99
N SER AA 149 24.59 37.04 -13.83
CA SER AA 149 25.00 38.44 -13.74
C SER AA 149 26.52 38.57 -13.79
N MET AA 150 27.24 37.70 -13.07
CA MET AA 150 28.69 37.75 -13.09
C MET AA 150 29.25 37.41 -14.47
N LYS AA 151 28.59 36.52 -15.21
CA LYS AA 151 29.03 36.18 -16.55
C LYS AA 151 29.13 37.41 -17.44
N LYS AA 152 28.29 38.41 -17.21
CA LYS AA 152 28.32 39.65 -17.97
C LYS AA 152 29.13 40.74 -17.30
N LEU AA 153 29.23 40.75 -15.97
CA LEU AA 153 29.91 41.81 -15.25
C LEU AA 153 31.36 41.49 -14.91
N TYR AA 154 31.89 40.33 -15.32
CA TYR AA 154 33.24 39.96 -14.93
C TYR AA 154 34.32 40.71 -15.70
N SER AA 155 34.00 41.29 -16.85
CA SER AA 155 35.02 41.98 -17.64
C SER AA 155 35.50 43.27 -17.00
N GLN AA 156 34.80 43.78 -15.99
CA GLN AA 156 35.15 45.04 -15.35
C GLN AA 156 36.09 44.88 -14.16
N VAL AA 157 36.32 43.65 -13.70
CA VAL AA 157 37.12 43.43 -12.50
C VAL AA 157 38.58 43.67 -12.81
N THR AA 158 39.21 44.56 -12.06
CA THR AA 158 40.63 44.86 -12.18
C THR AA 158 41.36 44.72 -10.85
N ASP AA 159 40.73 45.06 -9.74
CA ASP AA 159 41.35 45.01 -8.43
C ASP AA 159 40.28 44.67 -7.40
N GLY AA 160 40.59 44.89 -6.13
CA GLY AA 160 39.66 44.49 -5.07
C GLY AA 160 38.38 45.30 -5.07
N ASP AA 161 38.47 46.61 -5.33
CA ASP AA 161 37.28 47.46 -5.34
C ASP AA 161 36.31 47.03 -6.44
N SER AA 162 36.84 46.77 -7.64
CA SER AA 162 36.00 46.34 -8.75
C SER AA 162 35.31 45.01 -8.44
N GLY AA 163 36.07 44.07 -7.87
CA GLY AA 163 35.49 42.79 -7.52
C GLY AA 163 34.41 42.89 -6.46
N LEU AA 164 34.63 43.74 -5.45
CA LEU AA 164 33.63 43.94 -4.42
C LEU AA 164 32.36 44.55 -5.00
N ARG AA 165 32.51 45.54 -5.88
CA ARG AA 165 31.34 46.13 -6.53
C ARG AA 165 30.58 45.11 -7.36
N VAL AA 166 31.30 44.26 -8.09
CA VAL AA 166 30.65 43.23 -8.90
C VAL AA 166 29.92 42.23 -8.01
N ALA AA 167 30.53 41.85 -6.89
CA ALA AA 167 29.88 40.92 -5.96
C ALA AA 167 28.60 41.51 -5.39
N VAL AA 168 28.64 42.78 -4.99
CA VAL AA 168 27.43 43.43 -4.46
C VAL AA 168 26.35 43.50 -5.53
N GLU AA 169 26.73 43.81 -6.77
CA GLU AA 169 25.74 43.86 -7.84
C GLU AA 169 25.13 42.49 -8.11
N ALA AA 170 25.94 41.44 -8.07
CA ALA AA 170 25.42 40.08 -8.26
C ALA AA 170 24.45 39.71 -7.15
N LEU AA 171 24.79 40.05 -5.91
CA LEU AA 171 23.87 39.79 -4.79
C LEU AA 171 22.57 40.57 -4.96
N TYR AA 172 22.66 41.82 -5.43
CA TYR AA 172 21.47 42.62 -5.67
C TYR AA 172 20.58 41.98 -6.73
N ASP AA 173 21.17 41.49 -7.82
CA ASP AA 173 20.39 40.83 -8.86
C ASP AA 173 19.74 39.56 -8.33
N ALA AA 174 20.49 38.78 -7.54
CA ALA AA 174 19.93 37.55 -6.97
C ALA AA 174 18.75 37.87 -6.05
N ALA AA 175 18.86 38.91 -5.23
CA ALA AA 175 17.75 39.31 -4.39
C ALA AA 175 16.59 39.84 -5.21
N ASP AA 176 16.86 40.50 -6.33
CA ASP AA 176 15.79 40.96 -7.21
C ASP AA 176 15.01 39.80 -7.80
N ASP AA 177 15.70 38.72 -8.18
CA ASP AA 177 15.03 37.60 -8.83
C ASP AA 177 14.50 36.55 -7.86
N ASP AA 178 15.01 36.48 -6.64
CA ASP AA 178 14.62 35.46 -5.68
C ASP AA 178 14.05 36.11 -4.43
N SER AA 179 12.97 35.53 -3.91
CA SER AA 179 12.30 36.04 -2.72
C SER AA 179 12.88 35.48 -1.42
N ALA AA 180 13.70 34.44 -1.49
CA ALA AA 180 14.36 33.89 -0.30
C ALA AA 180 15.70 34.55 -0.03
N THR AA 181 16.08 35.55 -0.80
CA THR AA 181 17.33 36.28 -0.63
C THR AA 181 17.01 37.70 -0.18
N GLY AA 182 17.74 38.18 0.82
CA GLY AA 182 17.50 39.51 1.37
C GLY AA 182 18.30 40.57 0.63
N GLY AA 183 17.61 41.64 0.23
CA GLY AA 183 18.24 42.76 -0.40
C GLY AA 183 18.67 43.80 0.61
N PRO AA 184 19.30 44.87 0.14
CA PRO AA 184 19.69 45.95 1.06
C PRO AA 184 18.49 46.57 1.76
N ASP AA 185 18.65 46.86 3.04
CA ASP AA 185 17.62 47.50 3.85
C ASP AA 185 18.09 48.91 4.19
N LEU AA 186 17.39 49.91 3.68
CA LEU AA 186 17.73 51.30 3.96
C LEU AA 186 16.96 51.85 5.15
N VAL AA 187 15.77 51.31 5.42
CA VAL AA 187 15.02 51.72 6.61
C VAL AA 187 15.76 51.32 7.88
N ARG AA 188 16.28 50.09 7.91
CA ARG AA 188 16.97 49.57 9.08
C ARG AA 188 18.47 49.73 9.04
N GLY AA 189 19.08 49.69 7.85
CA GLY AA 189 20.51 49.82 7.73
C GLY AA 189 21.25 48.52 7.85
N ILE AA 190 20.81 47.50 7.11
CA ILE AA 190 21.43 46.18 7.09
C ILE AA 190 21.88 45.88 5.68
N PHE AA 191 23.13 45.47 5.52
CA PHE AA 191 23.77 45.25 4.24
C PHE AA 191 24.49 43.91 4.24
N PRO AA 192 24.78 43.35 3.06
CA PRO AA 192 25.50 42.07 3.00
C PRO AA 192 26.87 42.16 3.64
N THR AA 193 27.45 40.98 3.90
CA THR AA 193 28.76 40.88 4.54
C THR AA 193 29.78 40.31 3.57
N ALA AA 194 30.99 40.84 3.62
CA ALA AA 194 32.05 40.47 2.69
C ALA AA 194 33.36 40.23 3.42
N VAL AA 195 34.19 39.35 2.85
CA VAL AA 195 35.52 39.03 3.35
C VAL AA 195 36.48 39.06 2.17
N ILE AA 196 37.64 39.70 2.35
CA ILE AA 196 38.64 39.83 1.30
C ILE AA 196 39.91 39.13 1.77
N ILE AA 197 40.43 38.23 0.94
CA ILE AA 197 41.63 37.46 1.26
C ILE AA 197 42.71 37.82 0.24
N ASP AA 198 43.88 38.18 0.74
CA ASP AA 198 45.02 38.53 -0.11
C ASP AA 198 46.29 38.04 0.59
N ALA AA 199 47.45 38.49 0.07
CA ALA AA 199 48.73 38.02 0.58
C ALA AA 199 48.95 38.34 2.05
N ASP AA 200 48.25 39.35 2.58
CA ASP AA 200 48.38 39.71 3.98
C ASP AA 200 47.42 38.95 4.90
N GLY AA 201 46.49 38.16 4.34
CA GLY AA 201 45.57 37.39 5.12
C GLY AA 201 44.14 37.67 4.72
N ALA AA 202 43.20 37.31 5.60
CA ALA AA 202 41.78 37.49 5.37
C ALA AA 202 41.24 38.56 6.31
N VAL AA 203 40.56 39.56 5.75
CA VAL AA 203 40.05 40.69 6.51
C VAL AA 203 38.57 40.88 6.21
N ASP AA 204 37.80 41.19 7.24
CA ASP AA 204 36.40 41.55 7.07
C ASP AA 204 36.29 42.96 6.51
N VAL AA 205 35.35 43.15 5.59
CA VAL AA 205 35.14 44.46 4.96
C VAL AA 205 34.25 45.30 5.87
N PRO AA 206 34.63 46.56 6.16
CA PRO AA 206 33.75 47.42 6.97
C PRO AA 206 32.44 47.71 6.26
N GLU AA 207 31.40 47.96 7.05
CA GLU AA 207 30.06 48.10 6.51
C GLU AA 207 29.85 49.41 5.76
N SER AA 208 30.67 50.43 6.02
CA SER AA 208 30.50 51.72 5.36
C SER AA 208 30.75 51.61 3.86
N ARG AA 209 31.79 50.89 3.46
CA ARG AA 209 32.09 50.72 2.05
C ARG AA 209 30.96 49.99 1.33
N ILE AA 210 30.43 48.93 1.95
CA ILE AA 210 29.35 48.18 1.33
C ILE AA 210 28.09 49.02 1.24
N ALA AA 211 27.81 49.84 2.26
CA ALA AA 211 26.67 50.73 2.21
C ALA AA 211 26.82 51.75 1.08
N GLU AA 212 28.01 52.31 0.91
CA GLU AA 212 28.25 53.26 -0.17
C GLU AA 212 28.06 52.60 -1.53
N LEU AA 213 28.60 51.39 -1.71
CA LEU AA 213 28.46 50.69 -2.97
C LEU AA 213 27.00 50.35 -3.26
N ALA AA 214 26.26 49.90 -2.25
CA ALA AA 214 24.86 49.57 -2.43
C ALA AA 214 24.05 50.81 -2.79
N ARG AA 215 24.32 51.94 -2.13
CA ARG AA 215 23.62 53.17 -2.47
C ARG AA 215 23.93 53.62 -3.89
N ALA AA 216 25.18 53.49 -4.31
CA ALA AA 216 25.53 53.84 -5.69
C ALA AA 216 24.81 52.95 -6.70
N ILE AA 217 24.76 51.64 -6.42
CA ILE AA 217 24.07 50.72 -7.32
C ILE AA 217 22.58 51.03 -7.39
N ILE AA 218 21.96 51.30 -6.24
CA ILE AA 218 20.54 51.62 -6.20
C ILE AA 218 20.25 52.90 -6.98
N GLU AA 219 21.11 53.91 -6.81
CA GLU AA 219 20.94 55.15 -7.58
C GLU AA 219 21.09 54.89 -9.08
N SER AA 220 22.06 54.05 -9.46
CA SER AA 220 22.24 53.74 -10.87
C SER AA 220 21.03 53.04 -11.46
N ARG AA 221 20.45 52.09 -10.72
CA ARG AA 221 19.31 51.36 -11.24
C ARG AA 221 18.06 52.22 -11.32
N SER AA 222 17.92 53.20 -10.43
CA SER AA 222 16.75 54.08 -10.42
C SER AA 222 16.73 54.99 -11.64
N THR BA 1 -0.75 28.09 24.76
CA THR BA 1 0.47 28.42 25.49
C THR BA 1 1.20 29.58 24.82
N THR BA 2 1.55 30.59 25.61
CA THR BA 2 2.30 31.74 25.10
C THR BA 2 3.21 32.25 26.19
N ILE BA 3 4.50 32.37 25.88
CA ILE BA 3 5.51 32.91 26.79
C ILE BA 3 6.20 34.07 26.09
N VAL BA 4 6.26 35.22 26.76
CA VAL BA 4 6.86 36.42 26.19
C VAL BA 4 8.06 36.81 27.02
N ALA BA 5 9.03 37.46 26.37
CA ALA BA 5 10.20 37.99 27.04
C ALA BA 5 10.61 39.28 26.36
N LEU BA 6 11.04 40.26 27.15
CA LEU BA 6 11.44 41.54 26.57
C LEU BA 6 12.51 42.20 27.44
N LYS BA 7 13.16 43.19 26.85
CA LYS BA 7 14.29 43.90 27.45
C LYS BA 7 13.87 45.32 27.84
N TYR BA 8 14.37 45.79 28.96
CA TYR BA 8 14.24 47.17 29.38
C TYR BA 8 15.60 47.65 29.87
N PRO BA 9 15.84 48.97 29.87
CA PRO BA 9 17.14 49.45 30.36
C PRO BA 9 17.36 49.06 31.81
N GLY BA 10 18.29 48.14 32.05
CA GLY BA 10 18.53 47.56 33.35
C GLY BA 10 18.36 46.07 33.44
N GLY BA 11 17.58 45.45 32.55
CA GLY BA 11 17.40 44.01 32.64
C GLY BA 11 16.33 43.48 31.70
N VAL BA 12 15.77 42.34 32.08
CA VAL BA 12 14.81 41.61 31.26
C VAL BA 12 13.61 41.22 32.10
N VAL BA 13 12.48 40.99 31.42
CA VAL BA 13 11.27 40.52 32.06
C VAL BA 13 10.64 39.43 31.18
N MET BA 14 10.20 38.35 31.84
CA MET BA 14 9.59 37.20 31.16
C MET BA 14 8.25 36.90 31.80
N ALA BA 15 7.26 36.57 30.97
CA ALA BA 15 5.90 36.33 31.46
C ALA BA 15 5.28 35.14 30.74
N GLY BA 16 4.35 34.47 31.43
CA GLY BA 16 3.69 33.31 30.87
C GLY BA 16 2.31 33.09 31.45
N ASP BA 17 1.49 32.35 30.70
CA ASP BA 17 0.12 32.07 31.06
C ASP BA 17 0.01 30.75 31.83
N ARG BA 18 -1.24 30.33 32.12
CA ARG BA 18 -1.47 29.24 33.06
C ARG BA 18 -2.43 28.18 32.55
N ARG BA 19 -2.82 28.18 31.28
CA ARG BA 19 -3.79 27.23 30.76
C ARG BA 19 -3.12 25.98 30.21
N SER BA 20 -3.68 24.82 30.53
CA SER BA 20 -3.26 23.55 29.97
C SER BA 20 -4.48 22.84 29.40
N THR BA 21 -4.38 22.39 28.15
CA THR BA 21 -5.50 21.80 27.44
C THR BA 21 -5.11 20.43 26.88
N GLN BA 22 -6.14 19.59 26.69
CA GLN BA 22 -6.00 18.28 26.07
C GLN BA 22 -6.97 18.24 24.90
N GLY BA 23 -6.53 18.70 23.73
CA GLY BA 23 -7.42 18.87 22.60
C GLY BA 23 -8.26 20.13 22.73
N ASN BA 24 -9.58 19.97 22.81
CA ASN BA 24 -10.47 21.09 23.07
C ASN BA 24 -11.01 21.08 24.49
N MET BA 25 -10.54 20.18 25.33
CA MET BA 25 -10.95 20.09 26.73
C MET BA 25 -9.92 20.78 27.62
N ILE BA 26 -10.39 21.59 28.56
CA ILE BA 26 -9.52 22.28 29.49
C ILE BA 26 -9.15 21.32 30.62
N SER BA 27 -7.85 21.13 30.84
CA SER BA 27 -7.36 20.19 31.84
C SER BA 27 -6.71 20.87 33.04
N GLY BA 28 -6.03 21.99 32.85
CA GLY BA 28 -5.36 22.66 33.94
C GLY BA 28 -5.54 24.16 33.91
N ARG BA 29 -5.70 24.77 35.09
CA ARG BA 29 -6.02 26.19 35.19
C ARG BA 29 -4.93 27.02 35.85
N ASP BA 30 -4.01 26.41 36.59
CA ASP BA 30 -2.98 27.14 37.33
C ASP BA 30 -1.60 26.52 37.12
N VAL BA 31 -1.27 26.19 35.87
CA VAL BA 31 0.04 25.63 35.55
C VAL BA 31 1.07 26.74 35.50
N ARG BA 32 2.25 26.46 36.04
CA ARG BA 32 3.37 27.41 36.03
C ARG BA 32 4.35 27.00 34.94
N LYS BA 33 4.66 27.92 34.03
CA LYS BA 33 5.46 27.62 32.85
C LYS BA 33 6.79 28.36 32.80
N VAL BA 34 7.14 29.10 33.86
CA VAL BA 34 8.36 29.88 33.90
C VAL BA 34 9.18 29.45 35.11
N TYR BA 35 10.46 29.19 34.89
CA TYR BA 35 11.35 28.68 35.93
C TYR BA 35 12.56 29.58 36.08
N ILE BA 36 13.14 29.58 37.27
CA ILE BA 36 14.37 30.31 37.55
C ILE BA 36 15.49 29.27 37.59
N THR BA 37 16.30 29.24 36.54
CA THR BA 37 17.35 28.23 36.44
C THR BA 37 18.48 28.50 37.43
N ASP BA 38 18.94 29.74 37.48
CA ASP BA 38 20.00 30.12 38.42
C ASP BA 38 19.80 31.60 38.77
N ASP BA 39 20.85 32.20 39.35
CA ASP BA 39 20.73 33.56 39.88
C ASP BA 39 20.50 34.61 38.80
N TYR BA 40 20.80 34.31 37.53
CA TYR BA 40 20.72 35.33 36.50
C TYR BA 40 20.10 34.82 35.20
N THR BA 41 19.39 33.70 35.23
CA THR BA 41 18.86 33.10 34.01
C THR BA 41 17.48 32.53 34.27
N ALA BA 42 16.58 32.73 33.30
CA ALA BA 42 15.23 32.17 33.34
C ALA BA 42 14.92 31.49 32.02
N THR BA 43 14.12 30.43 32.10
CA THR BA 43 13.78 29.61 30.95
C THR BA 43 12.27 29.39 30.90
N GLY BA 44 11.71 29.37 29.69
CA GLY BA 44 10.32 29.05 29.50
C GLY BA 44 10.11 28.10 28.33
N ILE BA 45 9.48 26.96 28.58
CA ILE BA 45 9.36 25.89 27.59
C ILE BA 45 7.90 25.72 27.22
N ALA BA 46 7.63 25.53 25.94
CA ALA BA 46 6.29 25.28 25.43
C ALA BA 46 6.24 23.92 24.74
N GLY BA 47 5.07 23.29 24.81
CA GLY BA 47 4.87 21.99 24.19
C GLY BA 47 4.29 20.95 25.13
N THR BA 48 4.80 19.73 25.08
CA THR BA 48 4.36 18.68 26.00
C THR BA 48 4.83 19.01 27.41
N ALA BA 49 3.93 18.89 28.38
CA ALA BA 49 4.23 19.32 29.74
C ALA BA 49 5.34 18.49 30.36
N ALA BA 50 5.24 17.16 30.26
CA ALA BA 50 6.22 16.29 30.91
C ALA BA 50 7.62 16.54 30.37
N VAL BA 51 7.75 16.67 29.04
CA VAL BA 51 9.05 16.95 28.45
C VAL BA 51 9.58 18.29 28.94
N ALA BA 52 8.70 19.27 29.10
CA ALA BA 52 9.13 20.59 29.56
C ALA BA 52 9.68 20.55 30.98
N VAL BA 53 8.95 19.88 31.90
CA VAL BA 53 9.43 19.79 33.28
C VAL BA 53 10.72 18.99 33.35
N GLU BA 54 10.81 17.90 32.58
CA GLU BA 54 12.03 17.10 32.56
C GLU BA 54 13.21 17.92 32.07
N PHE BA 55 13.01 18.67 30.98
CA PHE BA 55 14.07 19.53 30.43
C PHE BA 55 14.51 20.57 31.44
N ALA BA 56 13.54 21.20 32.13
CA ALA BA 56 13.88 22.25 33.09
C ALA BA 56 14.68 21.69 34.26
N ARG BA 57 14.21 20.59 34.85
CA ARG BA 57 14.90 20.03 36.00
C ARG BA 57 16.28 19.54 35.62
N LEU BA 58 16.41 18.93 34.44
CA LEU BA 58 17.72 18.48 33.96
C LEU BA 58 18.68 19.64 33.72
N TYR BA 59 18.20 20.71 33.10
CA TYR BA 59 19.06 21.88 32.84
C TYR BA 59 19.54 22.49 34.14
N ALA BA 60 18.65 22.64 35.13
CA ALA BA 60 19.06 23.20 36.41
C ALA BA 60 20.09 22.31 37.09
N VAL BA 61 19.88 21.00 37.08
CA VAL BA 61 20.82 20.08 37.72
C VAL BA 61 22.18 20.14 37.02
N GLU BA 62 22.18 20.21 35.68
CA GLU BA 62 23.46 20.26 34.96
C GLU BA 62 24.23 21.53 35.28
N LEU BA 63 23.53 22.67 35.31
CA LEU BA 63 24.22 23.93 35.64
C LEU BA 63 24.80 23.89 37.05
N GLU BA 64 24.00 23.41 38.01
CA GLU BA 64 24.49 23.34 39.39
C GLU BA 64 25.66 22.37 39.51
N HIS BA 65 25.60 21.25 38.78
CA HIS BA 65 26.67 20.26 38.83
C HIS BA 65 27.98 20.85 38.32
N TYR BA 66 27.92 21.57 37.19
CA TYR BA 66 29.14 22.20 36.67
C TYR BA 66 29.66 23.24 37.65
N GLU BA 67 28.77 24.05 38.22
CA GLU BA 67 29.21 25.09 39.15
C GLU BA 67 29.90 24.48 40.37
N LYS BA 68 29.36 23.38 40.89
CA LYS BA 68 29.97 22.73 42.06
C LYS BA 68 31.29 22.06 41.69
N LEU BA 69 31.36 21.45 40.50
CA LEU BA 69 32.57 20.72 40.11
C LEU BA 69 33.73 21.67 39.87
N GLU BA 70 33.51 22.73 39.09
CA GLU BA 70 34.61 23.59 38.67
C GLU BA 70 34.84 24.78 39.60
N GLY BA 71 33.94 25.04 40.54
CA GLY BA 71 34.11 26.16 41.44
C GLY BA 71 33.87 27.52 40.82
N VAL BA 72 33.38 27.57 39.59
CA VAL BA 72 33.11 28.81 38.89
C VAL BA 72 31.91 28.58 37.97
N PRO BA 73 30.99 29.53 37.84
CA PRO BA 73 29.84 29.33 36.95
C PRO BA 73 30.23 29.42 35.48
N LEU BA 74 29.38 28.82 34.65
CA LEU BA 74 29.58 28.85 33.21
C LEU BA 74 29.30 30.24 32.65
N THR BA 75 29.88 30.53 31.49
CA THR BA 75 29.57 31.74 30.76
C THR BA 75 28.27 31.57 29.99
N PHE BA 76 27.77 32.67 29.43
CA PHE BA 76 26.48 32.65 28.75
C PHE BA 76 26.52 31.75 27.52
N ALA BA 77 27.61 31.81 26.75
CA ALA BA 77 27.74 30.98 25.56
C ALA BA 77 27.74 29.50 25.90
N GLY BA 78 28.38 29.13 27.02
CA GLY BA 78 28.36 27.75 27.46
C GLY BA 78 26.96 27.26 27.79
N LYS BA 79 26.18 28.08 28.49
CA LYS BA 79 24.81 27.72 28.80
C LYS BA 79 23.97 27.59 27.53
N ILE BA 80 24.17 28.50 26.57
CA ILE BA 80 23.46 28.40 25.30
C ILE BA 80 23.82 27.10 24.59
N ASN BA 81 25.10 26.74 24.59
CA ASN BA 81 25.53 25.50 23.95
C ASN BA 81 24.92 24.28 24.62
N ARG BA 82 24.90 24.27 25.94
CA ARG BA 82 24.30 23.13 26.65
C ARG BA 82 22.82 23.00 26.35
N LEU BA 83 22.09 24.12 26.35
CA LEU BA 83 20.67 24.08 26.03
C LEU BA 83 20.44 23.63 24.60
N ALA BA 84 21.28 24.10 23.66
CA ALA BA 84 21.15 23.69 22.27
C ALA BA 84 21.40 22.20 22.09
N ILE BA 85 22.39 21.66 22.81
CA ILE BA 85 22.65 20.22 22.76
C ILE BA 85 21.46 19.45 23.30
N MET BA 86 20.91 19.91 24.43
CA MET BA 86 19.75 19.23 25.00
C MET BA 86 18.57 19.24 24.04
N VAL BA 87 18.34 20.37 23.36
CA VAL BA 87 17.25 20.44 22.39
C VAL BA 87 17.52 19.54 21.19
N ARG BA 88 18.76 19.54 20.69
CA ARG BA 88 19.11 18.74 19.52
C ARG BA 88 18.96 17.25 19.81
N GLY BA 89 19.19 16.82 21.05
CA GLY BA 89 19.10 15.41 21.38
C GLY BA 89 17.68 14.85 21.36
N ASN BA 90 16.66 15.72 21.31
CA ASN BA 90 15.27 15.28 21.38
C ASN BA 90 14.58 15.33 20.02
N LEU BA 91 15.36 15.46 18.95
CA LEU BA 91 14.81 15.57 17.59
C LEU BA 91 13.95 14.36 17.24
N ALA BA 92 14.48 13.15 17.51
CA ALA BA 92 13.73 11.94 17.22
C ALA BA 92 12.43 11.87 18.00
N ALA BA 93 12.47 12.25 19.28
CA ALA BA 93 11.25 12.33 20.07
C ALA BA 93 10.43 13.57 19.74
N ALA BA 94 11.06 14.64 19.24
CA ALA BA 94 10.30 15.79 18.77
C ALA BA 94 9.38 15.39 17.63
N MET BA 95 9.87 14.59 16.69
CA MET BA 95 8.98 13.93 15.76
C MET BA 95 8.16 12.88 16.49
N GLN BA 96 7.02 12.53 15.90
CA GLN BA 96 6.05 11.54 16.39
C GLN BA 96 5.27 12.01 17.61
N GLY BA 97 5.56 13.18 18.17
CA GLY BA 97 4.65 13.80 19.11
C GLY BA 97 5.13 14.08 20.52
N LEU BA 98 6.42 14.31 20.72
CA LEU BA 98 6.95 14.77 22.01
C LEU BA 98 7.88 15.95 21.75
N LEU BA 99 7.31 17.14 21.65
CA LEU BA 99 8.04 18.33 21.24
C LEU BA 99 8.10 19.35 22.37
N ALA BA 100 9.28 19.92 22.57
CA ALA BA 100 9.49 20.98 23.56
C ALA BA 100 10.34 22.07 22.94
N LEU BA 101 9.88 23.32 23.04
CA LEU BA 101 10.59 24.47 22.48
C LEU BA 101 10.89 25.46 23.60
N PRO BA 102 12.17 25.73 23.90
CA PRO BA 102 12.49 26.65 24.99
C PRO BA 102 12.75 28.08 24.54
N LEU BA 103 12.73 29.00 25.51
CA LEU BA 103 13.12 30.39 25.33
C LEU BA 103 13.91 30.81 26.55
N LEU BA 104 15.02 31.52 26.34
CA LEU BA 104 15.95 31.83 27.43
C LEU BA 104 16.09 33.33 27.59
N ALA BA 105 16.12 33.79 28.85
CA ALA BA 105 16.38 35.17 29.18
C ALA BA 105 17.47 35.23 30.24
N GLY BA 106 18.33 36.25 30.16
CA GLY BA 106 19.43 36.30 31.10
C GLY BA 106 20.05 37.68 31.20
N TYR BA 107 20.89 37.82 32.23
CA TYR BA 107 21.65 39.04 32.48
C TYR BA 107 23.13 38.69 32.53
N ASP BA 108 23.91 39.34 31.70
CA ASP BA 108 25.35 39.07 31.60
C ASP BA 108 26.10 39.99 32.57
N ILE BA 109 26.81 39.39 33.53
CA ILE BA 109 27.57 40.17 34.50
C ILE BA 109 28.97 40.52 34.02
N HIS BA 110 29.43 39.90 32.94
CA HIS BA 110 30.74 40.18 32.38
C HIS BA 110 30.71 41.24 31.28
N ALA BA 111 29.53 41.79 30.99
CA ALA BA 111 29.43 42.82 29.97
C ALA BA 111 30.05 44.12 30.46
N SER BA 112 30.70 44.85 29.55
CA SER BA 112 31.33 46.11 29.92
C SER BA 112 30.29 47.15 30.32
N ASP BA 113 29.18 47.24 29.57
CA ASP BA 113 28.15 48.23 29.85
C ASP BA 113 27.01 47.57 30.60
N PRO BA 114 26.75 47.93 31.86
CA PRO BA 114 25.66 47.29 32.59
C PRO BA 114 24.27 47.55 32.02
N GLN BA 115 24.08 48.65 31.29
CA GLN BA 115 22.76 48.94 30.73
C GLN BA 115 22.37 47.91 29.69
N SER BA 116 23.28 47.59 28.77
CA SER BA 116 23.00 46.62 27.71
C SER BA 116 23.58 45.25 28.09
N ALA BA 117 23.01 44.67 29.15
CA ALA BA 117 23.44 43.37 29.63
C ALA BA 117 22.34 42.31 29.54
N GLY BA 118 21.13 42.67 29.14
CA GLY BA 118 20.05 41.71 29.01
C GLY BA 118 20.09 40.99 27.69
N ARG BA 119 19.92 39.67 27.74
CA ARG BA 119 20.01 38.82 26.56
C ARG BA 119 18.77 37.93 26.47
N ILE BA 120 18.27 37.76 25.24
CA ILE BA 120 17.14 36.89 24.94
C ILE BA 120 17.54 35.96 23.82
N VAL BA 121 17.36 34.65 24.04
CA VAL BA 121 17.78 33.63 23.09
C VAL BA 121 16.58 32.75 22.74
N SER BA 122 16.40 32.50 21.44
CA SER BA 122 15.34 31.64 20.94
C SER BA 122 15.96 30.42 20.27
N PHE BA 123 15.18 29.34 20.20
CA PHE BA 123 15.66 28.07 19.69
C PHE BA 123 14.66 27.50 18.68
N ASP BA 124 15.14 26.60 17.83
CA ASP BA 124 14.31 25.91 16.87
C ASP BA 124 14.35 24.40 17.12
N ALA BA 125 13.48 23.68 16.41
CA ALA BA 125 13.29 22.26 16.67
C ALA BA 125 14.51 21.42 16.32
N ALA BA 126 15.42 21.93 15.50
CA ALA BA 126 16.62 21.20 15.11
C ALA BA 126 17.82 21.50 16.01
N GLY BA 127 17.68 22.43 16.95
CA GLY BA 127 18.77 22.79 17.84
C GLY BA 127 19.47 24.08 17.51
N GLY BA 128 19.03 24.82 16.49
CA GLY BA 128 19.65 26.09 16.17
C GLY BA 128 19.13 27.19 17.09
N TRP BA 129 20.04 28.07 17.49
CA TRP BA 129 19.72 29.15 18.42
C TRP BA 129 20.01 30.50 17.78
N ASN BA 130 19.27 31.51 18.22
CA ASN BA 130 19.40 32.86 17.73
C ASN BA 130 19.31 33.85 18.88
N ILE BA 131 20.20 34.85 18.86
CA ILE BA 131 20.21 35.90 19.86
C ILE BA 131 19.43 37.09 19.31
N GLU BA 132 18.39 37.50 20.03
CA GLU BA 132 17.52 38.57 19.56
C GLU BA 132 18.20 39.92 19.71
N GLU BA 133 17.92 40.81 18.75
CA GLU BA 133 18.43 42.17 18.77
C GLU BA 133 17.35 43.23 18.63
N GLU BA 134 16.08 42.84 18.54
CA GLU BA 134 14.99 43.81 18.43
C GLU BA 134 14.40 44.19 19.79
N GLY BA 135 14.61 43.37 20.81
CA GLY BA 135 14.19 43.71 22.16
C GLY BA 135 13.04 42.89 22.72
N TYR BA 136 12.44 41.99 21.94
CA TYR BA 136 11.34 41.18 22.44
C TYR BA 136 11.26 39.89 21.65
N GLN BA 137 10.62 38.89 22.26
CA GLN BA 137 10.42 37.60 21.62
C GLN BA 137 9.26 36.89 22.30
N ALA BA 138 8.60 36.01 21.54
CA ALA BA 138 7.48 35.23 22.05
C ALA BA 138 7.56 33.81 21.50
N VAL BA 139 7.11 32.85 22.30
CA VAL BA 139 7.07 31.45 21.92
C VAL BA 139 5.71 30.88 22.28
N GLY BA 140 5.29 29.86 21.54
CA GLY BA 140 4.02 29.19 21.75
C GLY BA 140 3.12 29.30 20.54
N SER BA 141 1.88 28.82 20.70
CA SER BA 141 0.92 28.84 19.62
C SER BA 141 0.31 30.22 19.37
N GLY BA 142 0.36 31.10 20.35
CA GLY BA 142 -0.15 32.46 20.19
C GLY BA 142 0.95 33.49 20.09
N SER BA 143 2.13 33.06 19.66
CA SER BA 143 3.29 33.95 19.63
C SER BA 143 3.16 35.04 18.57
N LEU BA 144 2.47 34.76 17.47
CA LEU BA 144 2.36 35.75 16.40
C LEU BA 144 1.57 36.98 16.85
N PHE BA 145 0.44 36.76 17.53
CA PHE BA 145 -0.36 37.87 18.01
C PHE BA 145 0.40 38.69 19.06
N ALA BA 146 1.09 38.01 19.97
CA ALA BA 146 1.87 38.72 20.98
C ALA BA 146 2.99 39.53 20.34
N LYS BA 147 3.67 38.96 19.35
CA LYS BA 147 4.73 39.69 18.66
C LYS BA 147 4.18 40.91 17.93
N SER BA 148 3.02 40.76 17.28
CA SER BA 148 2.43 41.89 16.57
C SER BA 148 1.96 42.97 17.53
N SER BA 149 1.52 42.59 18.74
CA SER BA 149 1.15 43.59 19.74
C SER BA 149 2.37 44.31 20.29
N MET BA 150 3.44 43.57 20.57
CA MET BA 150 4.67 44.19 21.07
C MET BA 150 5.30 45.10 20.03
N LYS BA 151 5.19 44.76 18.74
CA LYS BA 151 5.73 45.60 17.69
C LYS BA 151 5.17 47.01 17.74
N LYS BA 152 3.92 47.16 18.20
CA LYS BA 152 3.30 48.47 18.34
C LYS BA 152 3.43 49.06 19.74
N LEU BA 153 3.52 48.22 20.77
CA LEU BA 153 3.57 48.70 22.15
C LEU BA 153 4.98 48.85 22.71
N TYR BA 154 6.02 48.58 21.91
CA TYR BA 154 7.38 48.64 22.46
C TYR BA 154 7.91 50.05 22.66
N SER BA 155 7.31 51.05 22.02
CA SER BA 155 7.82 52.41 22.15
C SER BA 155 7.56 53.02 23.52
N GLN BA 156 6.71 52.40 24.33
CA GLN BA 156 6.35 52.92 25.65
C GLN BA 156 7.26 52.41 26.76
N VAL BA 157 8.11 51.42 26.49
CA VAL BA 157 8.90 50.81 27.55
C VAL BA 157 10.04 51.75 27.94
N THR BA 158 10.12 52.08 29.21
CA THR BA 158 11.18 52.91 29.77
C THR BA 158 11.89 52.25 30.94
N ASP BA 159 11.18 51.49 31.75
CA ASP BA 159 11.76 50.84 32.93
C ASP BA 159 11.03 49.52 33.15
N GLY BA 160 11.20 48.94 34.34
CA GLY BA 160 10.61 47.63 34.60
C GLY BA 160 9.10 47.63 34.62
N ASP BA 161 8.50 48.67 35.21
CA ASP BA 161 7.05 48.75 35.28
C ASP BA 161 6.42 48.82 33.89
N SER BA 162 6.99 49.64 33.01
CA SER BA 162 6.49 49.77 31.65
C SER BA 162 6.60 48.44 30.90
N GLY BA 163 7.74 47.76 31.05
CA GLY BA 163 7.92 46.47 30.39
C GLY BA 163 6.96 45.42 30.90
N LEU BA 164 6.72 45.39 32.21
CA LEU BA 164 5.76 44.44 32.76
C LEU BA 164 4.35 44.70 32.24
N ARG BA 165 3.96 45.97 32.19
CA ARG BA 165 2.64 46.31 31.64
C ARG BA 165 2.53 45.88 30.18
N VAL BA 166 3.57 46.12 29.39
CA VAL BA 166 3.54 45.73 27.98
C VAL BA 166 3.45 44.22 27.85
N ALA BA 167 4.18 43.48 28.69
CA ALA BA 167 4.12 42.02 28.63
C ALA BA 167 2.73 41.51 28.98
N VAL BA 168 2.10 42.08 30.01
CA VAL BA 168 0.75 41.67 30.37
C VAL BA 168 -0.23 41.97 29.24
N GLU BA 169 -0.09 43.14 28.61
CA GLU BA 169 -0.97 43.49 27.50
C GLU BA 169 -0.78 42.53 26.32
N ALA BA 170 0.47 42.17 26.03
CA ALA BA 170 0.72 41.21 24.95
C ALA BA 170 0.10 39.85 25.24
N LEU BA 171 0.23 39.39 26.49
CA LEU BA 171 -0.40 38.13 26.87
C LEU BA 171 -1.93 38.22 26.75
N TYR BA 172 -2.50 39.36 27.13
CA TYR BA 172 -3.94 39.55 27.01
C TYR BA 172 -4.38 39.49 25.55
N ASP BA 173 -3.63 40.13 24.65
CA ASP BA 173 -3.97 40.07 23.23
C ASP BA 173 -3.85 38.65 22.69
N ALA BA 174 -2.80 37.93 23.10
CA ALA BA 174 -2.63 36.55 22.65
C ALA BA 174 -3.80 35.67 23.12
N ALA BA 175 -4.23 35.85 24.37
CA ALA BA 175 -5.38 35.10 24.86
C ALA BA 175 -6.66 35.52 24.16
N ASP BA 176 -6.77 36.79 23.77
CA ASP BA 176 -7.94 37.23 23.01
C ASP BA 176 -8.01 36.57 21.64
N ASP BA 177 -6.87 36.40 20.99
CA ASP BA 177 -6.87 35.85 19.64
C ASP BA 177 -6.75 34.32 19.59
N ASP BA 178 -6.27 33.69 20.65
CA ASP BA 178 -6.06 32.24 20.67
C ASP BA 178 -6.87 31.60 21.79
N SER BA 179 -7.48 30.46 21.49
CA SER BA 179 -8.30 29.74 22.45
C SER BA 179 -7.51 28.77 23.31
N ALA BA 180 -6.26 28.47 22.94
CA ALA BA 180 -5.41 27.60 23.74
C ALA BA 180 -4.60 28.37 24.77
N THR BA 181 -4.80 29.69 24.88
CA THR BA 181 -4.11 30.53 25.85
C THR BA 181 -5.11 31.02 26.88
N GLY BA 182 -4.73 30.97 28.15
CA GLY BA 182 -5.62 31.36 29.23
C GLY BA 182 -5.51 32.83 29.53
N GLY BA 183 -6.66 33.50 29.61
CA GLY BA 183 -6.71 34.89 29.99
C GLY BA 183 -6.87 35.06 31.48
N PRO BA 184 -6.90 36.31 31.94
CA PRO BA 184 -7.11 36.56 33.37
C PRO BA 184 -8.45 36.02 33.85
N ASP BA 185 -8.44 35.42 35.04
CA ASP BA 185 -9.65 34.89 35.65
C ASP BA 185 -9.97 35.75 36.87
N LEU BA 186 -11.10 36.45 36.81
CA LEU BA 186 -11.53 37.28 37.93
C LEU BA 186 -12.47 36.55 38.88
N VAL BA 187 -13.20 35.54 38.38
CA VAL BA 187 -14.04 34.73 39.26
C VAL BA 187 -13.18 33.95 40.23
N ARG BA 188 -12.10 33.34 39.74
CA ARG BA 188 -11.23 32.51 40.56
C ARG BA 188 -10.02 33.25 41.12
N GLY BA 189 -9.50 34.24 40.40
CA GLY BA 189 -8.35 34.98 40.86
C GLY BA 189 -7.03 34.36 40.46
N ILE BA 190 -6.89 34.02 39.18
CA ILE BA 190 -5.67 33.44 38.63
C ILE BA 190 -5.15 34.36 37.54
N PHE BA 191 -3.87 34.68 37.61
CA PHE BA 191 -3.23 35.66 36.74
C PHE BA 191 -1.91 35.08 36.22
N PRO BA 192 -1.39 35.61 35.11
CA PRO BA 192 -0.11 35.12 34.58
C PRO BA 192 1.03 35.31 35.57
N THR BA 193 2.14 34.62 35.30
CA THR BA 193 3.31 34.64 36.15
C THR BA 193 4.46 35.32 35.45
N ALA BA 194 5.23 36.13 36.18
CA ALA BA 194 6.31 36.92 35.63
C ALA BA 194 7.57 36.81 36.48
N VAL BA 195 8.72 36.95 35.83
CA VAL BA 195 10.03 36.95 36.47
C VAL BA 195 10.82 38.13 35.92
N ILE BA 196 11.48 38.87 36.80
CA ILE BA 196 12.25 40.05 36.42
C ILE BA 196 13.71 39.80 36.80
N ILE BA 197 14.62 39.98 35.84
CA ILE BA 197 16.04 39.77 36.06
C ILE BA 197 16.76 41.09 35.85
N ASP BA 198 17.58 41.46 36.82
CA ASP BA 198 18.36 42.69 36.76
C ASP BA 198 19.71 42.44 37.44
N ALA BA 199 20.46 43.51 37.68
CA ALA BA 199 21.81 43.39 38.23
C ALA BA 199 21.83 42.73 39.59
N ASP BA 200 20.72 42.74 40.32
CA ASP BA 200 20.66 42.10 41.63
C ASP BA 200 20.25 40.64 41.57
N GLY BA 201 19.86 40.13 40.40
CA GLY BA 201 19.48 38.74 40.25
C GLY BA 201 18.11 38.62 39.62
N ALA BA 202 17.52 37.45 39.77
CA ALA BA 202 16.20 37.13 39.22
C ALA BA 202 15.19 36.99 40.35
N VAL BA 203 14.09 37.73 40.27
CA VAL BA 203 13.07 37.75 41.31
C VAL BA 203 11.71 37.48 40.70
N ASP BA 204 10.90 36.69 41.39
CA ASP BA 204 9.51 36.47 41.00
C ASP BA 204 8.67 37.69 41.34
N VAL BA 205 7.77 38.05 40.44
CA VAL BA 205 6.90 39.21 40.64
C VAL BA 205 5.71 38.80 41.50
N PRO BA 206 5.38 39.56 42.55
CA PRO BA 206 4.20 39.23 43.35
C PRO BA 206 2.92 39.37 42.55
N GLU BA 207 1.91 38.58 42.93
CA GLU BA 207 0.68 38.50 42.16
C GLU BA 207 -0.18 39.74 42.27
N SER BA 208 -0.01 40.55 43.33
CA SER BA 208 -0.84 41.74 43.49
C SER BA 208 -0.59 42.76 42.39
N ARG BA 209 0.68 42.98 42.02
CA ARG BA 209 1.01 43.91 40.96
C ARG BA 209 0.41 43.47 39.62
N ILE BA 210 0.51 42.17 39.32
CA ILE BA 210 -0.02 41.66 38.06
C ILE BA 210 -1.54 41.76 38.05
N ALA BA 211 -2.19 41.50 39.19
CA ALA BA 211 -3.63 41.64 39.27
C ALA BA 211 -4.05 43.10 39.04
N GLU BA 212 -3.33 44.05 39.64
CA GLU BA 212 -3.63 45.46 39.43
C GLU BA 212 -3.47 45.86 37.97
N LEU BA 213 -2.37 45.41 37.34
CA LEU BA 213 -2.14 45.74 35.94
C LEU BA 213 -3.21 45.13 35.04
N ALA BA 214 -3.60 43.88 35.31
CA ALA BA 214 -4.63 43.23 34.51
C ALA BA 214 -5.97 43.93 34.67
N ARG BA 215 -6.32 44.33 35.90
CA ARG BA 215 -7.56 45.06 36.11
C ARG BA 215 -7.55 46.39 35.38
N ALA BA 216 -6.42 47.11 35.42
CA ALA BA 216 -6.31 48.37 34.69
C ALA BA 216 -6.48 48.17 33.19
N ILE BA 217 -5.85 47.13 32.64
CA ILE BA 217 -5.96 46.86 31.21
C ILE BA 217 -7.40 46.50 30.84
N ILE BA 218 -8.05 45.68 31.65
CA ILE BA 218 -9.43 45.29 31.38
C ILE BA 218 -10.35 46.50 31.43
N GLU BA 219 -10.14 47.38 32.41
CA GLU BA 219 -10.94 48.61 32.48
C GLU BA 219 -10.70 49.49 31.26
N SER BA 220 -9.44 49.59 30.81
CA SER BA 220 -9.13 50.40 29.63
C SER BA 220 -9.81 49.85 28.39
N ARG BA 221 -9.81 48.52 28.22
CA ARG BA 221 -10.41 47.93 27.03
C ARG BA 221 -11.92 48.04 27.04
N SER BA 222 -12.54 48.02 28.21
CA SER BA 222 -14.00 48.11 28.33
C SER BA 222 -14.50 49.50 27.91
#